data_8J73
#
_entry.id   8J73
#
_entity_poly.entity_id   1
_entity_poly.type   'polypeptide(L)'
_entity_poly.pdbx_seq_one_letter_code
;MWAVLRLALRPCARASPAGPRAYHGDSVASLGTQPDLGSALYQENYKQMKALVNQLHERVEHIKLGGGEKARALHISRGK
LLPRERIDNLIDPGSPFLELSQFAGYQLYDNEEVPGGGIITGIGRVSGVECMIIANDATVKGGAYYPVTVKKQLRAQEIA
MQNRLPCIYLVDSGGAYLPRQADVFPDRDHFGRTFYNQAIMSSKNIAQIAVVMGSCTAGGAYVPAMADENIIVRKQGTIF
LAGPPLVKAATGEEVSAEDLGGADLHCRKSGVSDHWALDDHHALHLTRKVVRNLNYQKKLDVTIEPSEEPLFPADELYGI
VGANLKRSFDVREVIARIVDGSRFTEFKAFYGDTLVTGFARIFGYPVGIVGNNGVLFSESAKKGTHFVQLCCQRNIPLLF
LQNITGFMVGREYEAEGIAKDGAKMVAAVACAQVPKITLIIGGSYGAGNYGMCGRAYSPRFLYIWPNARISVMGGEQAAN
VLATITKDQRAREGKQFSSADEAALKEPIIKKFEEEGNPYYSSARVWDDGIIDPADTRLVLGLSFSAALNAPIEKTDFGI
FRM
;
_entity_poly.pdbx_strand_id   G,H,I,J,K,L,M,N,O,P,Q,R
#
# COMPACT_ATOMS: atom_id res chain seq x y z
N LEU A 31 22.16 -17.76 -17.47
CA LEU A 31 23.38 -18.54 -17.38
C LEU A 31 23.07 -20.01 -17.11
N GLY A 32 24.09 -20.83 -17.23
CA GLY A 32 24.00 -22.22 -16.84
C GLY A 32 23.68 -23.13 -18.01
N THR A 33 24.13 -24.38 -17.91
CA THR A 33 23.82 -25.43 -18.86
C THR A 33 23.51 -26.70 -18.08
N GLN A 34 22.75 -27.59 -18.71
CA GLN A 34 22.40 -28.84 -18.07
C GLN A 34 23.61 -29.79 -18.10
N PRO A 35 24.10 -30.23 -16.94
CA PRO A 35 25.26 -31.12 -16.93
C PRO A 35 24.89 -32.53 -17.41
N ASP A 36 25.91 -33.25 -17.85
CA ASP A 36 25.74 -34.61 -18.34
C ASP A 36 25.76 -35.55 -17.13
N LEU A 37 24.57 -35.94 -16.66
CA LEU A 37 24.49 -36.80 -15.49
C LEU A 37 25.09 -38.17 -15.76
N GLY A 38 25.03 -38.63 -17.01
CA GLY A 38 25.55 -39.95 -17.34
C GLY A 38 27.06 -40.00 -17.41
N SER A 39 27.71 -38.85 -17.58
CA SER A 39 29.16 -38.82 -17.72
C SER A 39 29.84 -39.39 -16.47
N ALA A 40 30.93 -40.12 -16.69
CA ALA A 40 31.66 -40.71 -15.57
C ALA A 40 32.22 -39.63 -14.65
N LEU A 41 32.72 -38.54 -15.23
CA LEU A 41 33.28 -37.46 -14.42
C LEU A 41 32.23 -36.92 -13.45
N TYR A 42 31.02 -36.67 -13.95
CA TYR A 42 29.96 -36.17 -13.08
C TYR A 42 29.61 -37.18 -11.99
N GLN A 43 29.54 -38.47 -12.35
CA GLN A 43 29.24 -39.50 -11.36
C GLN A 43 30.32 -39.54 -10.27
N GLU A 44 31.60 -39.48 -10.68
CA GLU A 44 32.67 -39.49 -9.69
C GLU A 44 32.66 -38.25 -8.83
N ASN A 45 32.47 -37.07 -9.44
CA ASN A 45 32.47 -35.83 -8.68
C ASN A 45 31.33 -35.81 -7.66
N TYR A 46 30.14 -36.23 -8.08
CA TYR A 46 29.00 -36.26 -7.16
C TYR A 46 29.27 -37.19 -5.97
N LYS A 47 29.85 -38.36 -6.24
CA LYS A 47 30.11 -39.31 -5.18
C LYS A 47 31.09 -38.75 -4.16
N GLN A 48 32.18 -38.13 -4.63
CA GLN A 48 33.18 -37.60 -3.72
C GLN A 48 32.63 -36.45 -2.90
N MET A 49 31.98 -35.49 -3.56
CA MET A 49 31.43 -34.34 -2.83
C MET A 49 30.36 -34.77 -1.84
N LYS A 50 29.50 -35.71 -2.23
CA LYS A 50 28.47 -36.19 -1.31
C LYS A 50 29.10 -36.77 -0.05
N ALA A 51 30.19 -37.53 -0.19
CA ALA A 51 30.85 -38.09 0.97
C ALA A 51 31.36 -36.99 1.90
N LEU A 52 31.92 -35.93 1.33
CA LEU A 52 32.40 -34.82 2.15
C LEU A 52 31.26 -34.16 2.92
N VAL A 53 30.11 -33.98 2.26
CA VAL A 53 28.96 -33.37 2.93
C VAL A 53 28.46 -34.27 4.06
N ASN A 54 28.38 -35.57 3.81
CA ASN A 54 27.94 -36.50 4.85
C ASN A 54 28.90 -36.46 6.04
N GLN A 55 30.20 -36.39 5.77
CA GLN A 55 31.17 -36.26 6.85
C GLN A 55 30.93 -34.98 7.64
N LEU A 56 30.67 -33.88 6.95
CA LEU A 56 30.42 -32.62 7.63
C LEU A 56 29.16 -32.70 8.50
N HIS A 57 28.10 -33.32 7.99
CA HIS A 57 26.84 -33.36 8.72
C HIS A 57 26.97 -34.13 10.03
N GLU A 58 27.59 -35.31 9.98
CA GLU A 58 27.64 -36.15 11.18
C GLU A 58 28.55 -35.55 12.25
N ARG A 59 29.62 -34.89 11.83
CA ARG A 59 30.49 -34.24 12.81
C ARG A 59 29.76 -33.13 13.54
N VAL A 60 28.93 -32.37 12.83
CA VAL A 60 28.12 -31.34 13.49
C VAL A 60 27.15 -31.98 14.47
N GLU A 61 26.61 -33.15 14.13
CA GLU A 61 25.72 -33.85 15.05
C GLU A 61 26.41 -34.12 16.37
N HIS A 62 27.67 -34.56 16.33
CA HIS A 62 28.42 -34.79 17.56
C HIS A 62 28.64 -33.48 18.31
N ILE A 63 29.01 -32.41 17.60
CA ILE A 63 29.21 -31.11 18.23
C ILE A 63 27.90 -30.59 18.82
N LYS A 64 26.77 -30.98 18.22
CA LYS A 64 25.48 -30.54 18.73
C LYS A 64 25.27 -30.98 20.17
N LEU A 65 25.91 -32.08 20.57
CA LEU A 65 25.69 -32.64 21.91
C LEU A 65 26.52 -31.96 23.00
N GLY A 66 27.44 -31.08 22.63
CA GLY A 66 28.19 -30.34 23.63
C GLY A 66 29.01 -31.25 24.53
N GLY A 67 28.92 -31.01 25.84
CA GLY A 67 29.77 -31.71 26.78
C GLY A 67 29.52 -33.21 26.81
N GLY A 68 28.26 -33.61 26.72
CA GLY A 68 27.94 -35.02 26.76
C GLY A 68 26.70 -35.34 27.57
N GLU A 69 26.34 -36.63 27.64
CA GLU A 69 25.12 -37.02 28.33
C GLU A 69 25.21 -36.71 29.82
N LYS A 70 26.35 -37.03 30.45
CA LYS A 70 26.49 -36.78 31.88
C LYS A 70 26.41 -35.29 32.19
N ALA A 71 27.13 -34.47 31.42
CA ALA A 71 27.08 -33.03 31.64
C ALA A 71 25.69 -32.48 31.33
N ARG A 72 25.05 -32.97 30.26
CA ARG A 72 23.72 -32.50 29.92
C ARG A 72 22.70 -32.87 30.98
N ALA A 73 22.79 -34.10 31.51
CA ALA A 73 21.88 -34.51 32.58
C ALA A 73 22.06 -33.65 33.81
N LEU A 74 23.31 -33.37 34.19
CA LEU A 74 23.56 -32.48 35.32
C LEU A 74 23.01 -31.08 35.06
N HIS A 75 23.20 -30.57 33.84
CA HIS A 75 22.70 -29.24 33.50
C HIS A 75 21.19 -29.16 33.67
N ILE A 76 20.46 -30.15 33.16
CA ILE A 76 19.00 -30.13 33.27
C ILE A 76 18.57 -30.32 34.71
N SER A 77 19.29 -31.14 35.47
CA SER A 77 18.92 -31.41 36.85
C SER A 77 18.85 -30.14 37.69
N ARG A 78 19.57 -29.09 37.30
CA ARG A 78 19.52 -27.82 38.01
C ARG A 78 18.38 -26.93 37.54
N GLY A 79 17.49 -27.43 36.67
CA GLY A 79 16.38 -26.66 36.16
C GLY A 79 16.73 -25.74 35.02
N LYS A 80 17.96 -25.77 34.51
CA LYS A 80 18.38 -24.87 33.45
C LYS A 80 18.11 -25.49 32.09
N LEU A 81 17.80 -24.64 31.12
CA LEU A 81 17.63 -25.10 29.75
C LEU A 81 18.99 -25.37 29.11
N LEU A 82 19.00 -26.27 28.14
CA LEU A 82 20.21 -26.51 27.38
C LEU A 82 20.52 -25.30 26.50
N PRO A 83 21.81 -25.04 26.24
CA PRO A 83 22.15 -23.80 25.54
C PRO A 83 21.45 -23.61 24.21
N ARG A 84 21.28 -24.70 23.43
CA ARG A 84 20.64 -24.56 22.13
C ARG A 84 19.13 -24.44 22.24
N GLU A 85 18.55 -25.00 23.31
CA GLU A 85 17.12 -24.82 23.53
C GLU A 85 16.82 -23.38 23.92
N ARG A 86 17.75 -22.72 24.59
CA ARG A 86 17.57 -21.30 24.91
C ARG A 86 17.44 -20.46 23.64
N ILE A 87 18.32 -20.72 22.66
CA ILE A 87 18.26 -19.98 21.41
C ILE A 87 16.96 -20.25 20.68
N ASP A 88 16.53 -21.52 20.65
CA ASP A 88 15.28 -21.86 19.99
C ASP A 88 14.11 -21.08 20.59
N ASN A 89 14.08 -20.94 21.92
CA ASN A 89 12.99 -20.21 22.56
C ASN A 89 13.16 -18.71 22.39
N LEU A 90 14.39 -18.24 22.23
CA LEU A 90 14.63 -16.81 22.12
C LEU A 90 14.19 -16.26 20.77
N ILE A 91 14.50 -16.97 19.69
CA ILE A 91 14.25 -16.43 18.36
C ILE A 91 12.79 -16.61 17.98
N ASP A 92 12.39 -15.89 16.92
CA ASP A 92 11.01 -15.93 16.49
C ASP A 92 10.64 -17.34 16.03
N PRO A 93 9.39 -17.77 16.24
CA PRO A 93 9.01 -19.15 15.90
C PRO A 93 9.22 -19.43 14.43
N GLY A 94 9.98 -20.49 14.15
CA GLY A 94 10.21 -20.95 12.79
C GLY A 94 11.23 -20.17 12.00
N SER A 95 11.84 -19.14 12.59
CA SER A 95 12.81 -18.34 11.85
C SER A 95 14.13 -19.11 11.72
N PRO A 96 14.81 -18.98 10.58
CA PRO A 96 16.12 -19.62 10.43
C PRO A 96 17.15 -18.97 11.35
N PHE A 97 18.13 -19.78 11.75
CA PHE A 97 19.21 -19.33 12.62
C PHE A 97 20.54 -19.59 11.92
N LEU A 98 21.33 -18.53 11.76
CA LEU A 98 22.62 -18.62 11.06
C LEU A 98 23.72 -18.76 12.10
N GLU A 99 24.04 -20.01 12.46
CA GLU A 99 25.12 -20.25 13.40
C GLU A 99 26.47 -20.02 12.72
N LEU A 100 27.45 -19.60 13.52
CA LEU A 100 28.77 -19.25 13.03
C LEU A 100 29.84 -20.05 13.75
N SER A 101 30.87 -20.47 13.00
CA SER A 101 32.04 -21.13 13.58
C SER A 101 31.63 -22.34 14.42
N GLN A 102 30.88 -23.26 13.81
CA GLN A 102 30.48 -24.46 14.53
C GLN A 102 31.67 -25.34 14.88
N PHE A 103 32.75 -25.27 14.10
CA PHE A 103 33.88 -26.17 14.26
C PHE A 103 35.04 -25.53 15.03
N ALA A 104 34.82 -24.40 15.69
CA ALA A 104 35.88 -23.80 16.49
C ALA A 104 36.32 -24.77 17.58
N GLY A 105 37.64 -24.92 17.71
CA GLY A 105 38.20 -25.83 18.68
C GLY A 105 38.16 -27.29 18.31
N TYR A 106 37.79 -27.62 17.08
CA TYR A 106 37.76 -29.01 16.63
C TYR A 106 39.19 -29.54 16.54
N GLN A 107 39.56 -30.41 17.46
CA GLN A 107 40.90 -30.99 17.54
C GLN A 107 41.98 -29.93 17.69
N LEU A 108 41.63 -28.77 18.25
CA LEU A 108 42.61 -27.70 18.43
C LEU A 108 43.57 -28.01 19.57
N TYR A 109 43.06 -28.61 20.64
CA TYR A 109 43.86 -28.91 21.82
C TYR A 109 44.11 -30.42 21.90
N ASP A 110 45.29 -30.78 22.39
CA ASP A 110 45.81 -32.13 22.17
C ASP A 110 44.87 -33.20 22.71
N ASN A 111 44.47 -33.09 23.99
CA ASN A 111 43.68 -34.13 24.64
C ASN A 111 42.35 -33.62 25.16
N GLU A 112 42.01 -32.36 24.92
CA GLU A 112 40.77 -31.78 25.42
C GLU A 112 39.81 -31.58 24.25
N GLU A 113 38.58 -32.04 24.43
CA GLU A 113 37.53 -31.85 23.44
C GLU A 113 36.67 -30.67 23.88
N VAL A 114 36.58 -29.65 23.02
CA VAL A 114 35.84 -28.44 23.33
C VAL A 114 34.84 -28.19 22.21
N PRO A 115 33.72 -28.91 22.17
CA PRO A 115 32.78 -28.77 21.05
C PRO A 115 32.32 -27.34 20.89
N GLY A 116 32.45 -26.82 19.67
CA GLY A 116 32.03 -25.47 19.37
C GLY A 116 32.81 -24.38 20.07
N GLY A 117 33.93 -24.72 20.71
CA GLY A 117 34.69 -23.75 21.46
C GLY A 117 34.11 -23.38 22.81
N GLY A 118 33.08 -24.09 23.26
CA GLY A 118 32.41 -23.75 24.50
C GLY A 118 31.45 -22.60 24.43
N ILE A 119 31.10 -22.15 23.23
CA ILE A 119 30.22 -21.00 23.04
C ILE A 119 29.49 -21.16 21.71
N ILE A 120 28.25 -20.69 21.68
CA ILE A 120 27.40 -20.75 20.49
C ILE A 120 27.08 -19.33 20.07
N THR A 121 27.41 -19.00 18.82
CA THR A 121 27.16 -17.67 18.27
C THR A 121 26.46 -17.79 16.92
N GLY A 122 25.58 -16.85 16.64
CA GLY A 122 24.84 -16.86 15.39
C GLY A 122 23.94 -15.65 15.30
N ILE A 123 23.27 -15.54 14.15
CA ILE A 123 22.38 -14.43 13.85
C ILE A 123 20.97 -14.97 13.69
N GLY A 124 20.02 -14.40 14.42
CA GLY A 124 18.64 -14.78 14.31
C GLY A 124 17.75 -13.57 14.48
N ARG A 125 16.44 -13.81 14.32
CA ARG A 125 15.46 -12.74 14.43
C ARG A 125 14.76 -12.83 15.77
N VAL A 126 14.81 -11.73 16.54
CA VAL A 126 14.13 -11.62 17.82
C VAL A 126 13.18 -10.44 17.73
N SER A 127 11.88 -10.70 17.90
CA SER A 127 10.86 -9.66 17.80
C SER A 127 10.96 -8.93 16.47
N GLY A 128 11.29 -9.66 15.42
CA GLY A 128 11.40 -9.09 14.09
C GLY A 128 12.67 -8.32 13.82
N VAL A 129 13.64 -8.37 14.72
CA VAL A 129 14.90 -7.63 14.56
C VAL A 129 16.04 -8.64 14.49
N GLU A 130 16.92 -8.46 13.52
CA GLU A 130 18.09 -9.32 13.39
C GLU A 130 19.10 -9.00 14.48
N CYS A 131 19.42 -9.99 15.30
CA CYS A 131 20.28 -9.80 16.45
C CYS A 131 21.39 -10.85 16.45
N MET A 132 22.52 -10.50 17.06
CA MET A 132 23.62 -11.42 17.25
C MET A 132 23.53 -12.04 18.64
N ILE A 133 23.51 -13.36 18.71
CA ILE A 133 23.29 -14.09 19.95
C ILE A 133 24.60 -14.77 20.33
N ILE A 134 25.02 -14.56 21.58
CA ILE A 134 26.25 -15.11 22.12
C ILE A 134 25.89 -15.84 23.41
N ALA A 135 25.92 -17.17 23.37
CA ALA A 135 25.54 -18.00 24.51
C ALA A 135 26.69 -18.90 24.91
N ASN A 136 27.04 -18.87 26.20
CA ASN A 136 28.02 -19.80 26.73
C ASN A 136 27.41 -21.19 26.87
N ASP A 137 28.22 -22.22 26.62
CA ASP A 137 27.79 -23.60 26.74
C ASP A 137 28.35 -24.16 28.05
N ALA A 138 27.52 -24.15 29.10
CA ALA A 138 27.97 -24.59 30.40
C ALA A 138 28.31 -26.07 30.44
N THR A 139 27.78 -26.87 29.51
CA THR A 139 28.06 -28.29 29.52
C THR A 139 29.51 -28.59 29.12
N VAL A 140 30.14 -27.66 28.40
CA VAL A 140 31.50 -27.86 27.91
C VAL A 140 32.47 -27.25 28.91
N LYS A 141 33.18 -28.11 29.64
CA LYS A 141 34.20 -27.67 30.59
C LYS A 141 33.63 -26.65 31.58
N GLY A 142 32.37 -26.82 31.94
CA GLY A 142 31.72 -25.91 32.85
C GLY A 142 31.66 -24.48 32.38
N GLY A 143 31.75 -24.26 31.06
CA GLY A 143 31.69 -22.91 30.52
C GLY A 143 32.96 -22.11 30.64
N ALA A 144 34.10 -22.76 30.81
CA ALA A 144 35.37 -22.05 30.90
C ALA A 144 35.73 -21.43 29.56
N TYR A 145 36.52 -20.37 29.61
CA TYR A 145 36.94 -19.63 28.40
C TYR A 145 38.31 -20.12 27.96
N TYR A 146 38.33 -20.97 26.94
CA TYR A 146 39.57 -21.35 26.28
C TYR A 146 39.99 -20.25 25.32
N PRO A 147 41.26 -20.26 24.89
CA PRO A 147 41.72 -19.20 23.98
C PRO A 147 40.87 -19.10 22.72
N VAL A 148 40.40 -20.23 22.19
CA VAL A 148 39.52 -20.18 21.02
C VAL A 148 38.18 -19.56 21.40
N THR A 149 37.72 -19.81 22.62
CA THR A 149 36.43 -19.26 23.04
C THR A 149 36.45 -17.74 22.97
N VAL A 150 37.52 -17.11 23.42
CA VAL A 150 37.62 -15.65 23.34
C VAL A 150 37.63 -15.21 21.89
N LYS A 151 38.39 -15.89 21.03
CA LYS A 151 38.47 -15.49 19.63
C LYS A 151 37.11 -15.60 18.95
N LYS A 152 36.37 -16.68 19.22
CA LYS A 152 35.05 -16.83 18.60
C LYS A 152 34.11 -15.71 19.05
N GLN A 153 34.12 -15.37 20.34
CA GLN A 153 33.28 -14.29 20.82
C GLN A 153 33.68 -12.96 20.21
N LEU A 154 34.98 -12.67 20.12
CA LEU A 154 35.43 -11.42 19.53
C LEU A 154 35.02 -11.30 18.08
N ARG A 155 35.09 -12.41 17.33
CA ARG A 155 34.61 -12.41 15.95
C ARG A 155 33.12 -12.10 15.89
N ALA A 156 32.34 -12.69 16.81
CA ALA A 156 30.91 -12.41 16.83
C ALA A 156 30.64 -10.94 17.13
N GLN A 157 31.36 -10.36 18.09
CA GLN A 157 31.19 -8.94 18.38
C GLN A 157 31.59 -8.08 17.19
N GLU A 158 32.66 -8.46 16.50
CA GLU A 158 33.09 -7.71 15.32
C GLU A 158 32.00 -7.71 14.24
N ILE A 159 31.36 -8.85 14.02
CA ILE A 159 30.30 -8.93 13.03
C ILE A 159 29.14 -8.03 13.43
N ALA A 160 28.75 -8.04 14.70
CA ALA A 160 27.63 -7.22 15.15
C ALA A 160 27.94 -5.73 14.97
N MET A 161 29.15 -5.30 15.32
CA MET A 161 29.49 -3.90 15.20
C MET A 161 29.46 -3.43 13.75
N GLN A 162 30.01 -4.23 12.84
CA GLN A 162 30.08 -3.81 11.44
C GLN A 162 28.71 -3.73 10.81
N ASN A 163 27.78 -4.59 11.24
CA ASN A 163 26.45 -4.66 10.67
C ASN A 163 25.39 -4.03 11.56
N ARG A 164 25.79 -3.43 12.68
CA ARG A 164 24.85 -2.79 13.59
C ARG A 164 23.76 -3.76 14.06
N LEU A 165 24.20 -4.89 14.57
CA LEU A 165 23.24 -5.87 15.08
C LEU A 165 23.23 -5.85 16.60
N PRO A 166 22.07 -5.73 17.22
CA PRO A 166 22.02 -5.80 18.69
C PRO A 166 22.59 -7.11 19.19
N CYS A 167 23.31 -7.04 20.31
CA CYS A 167 24.00 -8.19 20.87
C CYS A 167 23.24 -8.68 22.09
N ILE A 168 22.99 -9.99 22.14
CA ILE A 168 22.33 -10.64 23.27
C ILE A 168 23.28 -11.68 23.83
N TYR A 169 23.64 -11.53 25.10
CA TYR A 169 24.56 -12.43 25.78
C TYR A 169 23.79 -13.30 26.74
N LEU A 170 23.76 -14.60 26.46
CA LEU A 170 23.21 -15.59 27.39
C LEU A 170 24.36 -16.10 28.26
N VAL A 171 24.57 -15.45 29.39
CA VAL A 171 25.78 -15.63 30.17
C VAL A 171 25.61 -16.82 31.11
N ASP A 172 26.40 -17.87 30.87
CA ASP A 172 26.57 -18.97 31.82
C ASP A 172 28.00 -19.49 31.67
N SER A 173 28.91 -18.99 32.51
CA SER A 173 30.33 -19.18 32.30
C SER A 173 31.03 -19.51 33.62
N GLY A 174 32.18 -20.17 33.51
CA GLY A 174 33.02 -20.51 34.63
C GLY A 174 34.34 -19.75 34.71
N GLY A 175 34.48 -18.66 33.97
CA GLY A 175 35.71 -17.89 33.99
C GLY A 175 36.77 -18.40 33.04
N ALA A 176 37.94 -17.80 33.15
CA ALA A 176 39.05 -18.12 32.27
C ALA A 176 39.67 -19.46 32.62
N TYR A 177 40.26 -20.11 31.62
CA TYR A 177 40.94 -21.38 31.81
C TYR A 177 42.37 -21.10 32.24
N LEU A 178 42.66 -21.32 33.52
CA LEU A 178 43.95 -20.91 34.07
C LEU A 178 45.14 -21.54 33.37
N PRO A 179 45.15 -22.83 33.03
CA PRO A 179 46.35 -23.42 32.42
C PRO A 179 46.80 -22.71 31.15
N ARG A 180 45.92 -21.93 30.52
CA ARG A 180 46.25 -21.21 29.30
C ARG A 180 45.95 -19.72 29.46
N GLN A 181 46.23 -19.18 30.65
CA GLN A 181 45.89 -17.78 30.93
C GLN A 181 46.68 -16.83 30.03
N ALA A 182 47.93 -17.19 29.71
CA ALA A 182 48.77 -16.32 28.92
C ALA A 182 48.17 -16.04 27.54
N ASP A 183 47.30 -16.92 27.05
CA ASP A 183 46.64 -16.73 25.77
C ASP A 183 45.20 -16.25 25.89
N VAL A 184 44.80 -15.80 27.07
CA VAL A 184 43.42 -15.38 27.31
C VAL A 184 43.37 -13.94 27.85
N PHE A 185 44.17 -13.67 28.87
CA PHE A 185 44.10 -12.41 29.61
C PHE A 185 44.80 -11.22 28.94
N PRO A 186 46.09 -11.34 28.63
CA PRO A 186 46.92 -10.11 28.54
C PRO A 186 46.71 -9.26 27.31
N ASP A 187 46.66 -9.87 26.12
CA ASP A 187 46.89 -9.12 24.89
C ASP A 187 45.66 -8.31 24.49
N ARG A 188 45.82 -7.53 23.42
CA ARG A 188 44.72 -6.68 22.95
C ARG A 188 43.53 -7.49 22.50
N ASP A 189 43.75 -8.58 21.76
CA ASP A 189 42.68 -9.44 21.30
C ASP A 189 42.37 -10.56 22.28
N HIS A 190 42.66 -10.34 23.55
CA HIS A 190 42.38 -11.31 24.60
C HIS A 190 41.10 -10.89 25.33
N PHE A 191 40.80 -11.58 26.43
CA PHE A 191 39.50 -11.44 27.07
C PHE A 191 39.12 -9.99 27.32
N GLY A 192 40.10 -9.16 27.70
CA GLY A 192 39.78 -7.77 28.01
C GLY A 192 39.09 -7.05 26.87
N ARG A 193 39.37 -7.44 25.63
CA ARG A 193 38.77 -6.79 24.48
C ARG A 193 37.25 -6.97 24.44
N THR A 194 36.72 -7.98 25.11
CA THR A 194 35.28 -8.21 25.09
C THR A 194 34.53 -7.04 25.69
N PHE A 195 35.01 -6.52 26.83
CA PHE A 195 34.34 -5.38 27.46
C PHE A 195 34.55 -4.11 26.65
N TYR A 196 35.72 -3.97 26.02
CA TYR A 196 35.95 -2.81 25.15
C TYR A 196 34.94 -2.77 24.02
N ASN A 197 34.66 -3.93 23.41
CA ASN A 197 33.68 -3.97 22.32
C ASN A 197 32.29 -3.58 22.82
N GLN A 198 31.90 -4.05 24.00
CA GLN A 198 30.59 -3.70 24.53
C GLN A 198 30.46 -2.19 24.71
N ALA A 199 31.47 -1.55 25.30
CA ALA A 199 31.40 -0.12 25.53
C ALA A 199 31.33 0.66 24.22
N ILE A 200 32.12 0.26 23.23
CA ILE A 200 32.11 0.97 21.95
C ILE A 200 30.76 0.80 21.25
N MET A 201 30.25 -0.43 21.21
CA MET A 201 28.94 -0.65 20.58
C MET A 201 27.85 0.14 21.28
N SER A 202 27.91 0.21 22.61
CA SER A 202 26.91 0.97 23.35
C SER A 202 26.95 2.45 22.96
N SER A 203 28.15 3.01 22.81
CA SER A 203 28.27 4.42 22.47
C SER A 203 27.72 4.71 21.08
N LYS A 204 27.57 3.69 20.24
CA LYS A 204 27.05 3.85 18.89
C LYS A 204 25.57 3.48 18.79
N ASN A 205 24.91 3.25 19.92
CA ASN A 205 23.49 2.91 19.96
C ASN A 205 23.21 1.53 19.39
N ILE A 206 24.15 0.61 19.55
CA ILE A 206 23.94 -0.79 19.23
C ILE A 206 23.66 -1.51 20.55
N ALA A 207 22.39 -1.86 20.76
CA ALA A 207 21.95 -2.32 22.07
C ALA A 207 22.75 -3.53 22.54
N GLN A 208 23.11 -3.52 23.82
CA GLN A 208 23.77 -4.64 24.47
C GLN A 208 22.85 -5.16 25.57
N ILE A 209 22.43 -6.41 25.46
CA ILE A 209 21.52 -7.03 26.40
C ILE A 209 22.18 -8.28 26.97
N ALA A 210 22.23 -8.37 28.29
CA ALA A 210 22.84 -9.51 28.98
C ALA A 210 21.78 -10.27 29.75
N VAL A 211 21.76 -11.59 29.57
CA VAL A 211 20.83 -12.47 30.27
C VAL A 211 21.67 -13.43 31.11
N VAL A 212 21.73 -13.17 32.42
CA VAL A 212 22.52 -13.98 33.33
C VAL A 212 21.67 -15.21 33.69
N MET A 213 21.94 -16.32 33.03
CA MET A 213 21.22 -17.57 33.26
C MET A 213 22.07 -18.58 34.02
N GLY A 214 23.06 -18.08 34.75
CA GLY A 214 23.96 -18.95 35.47
C GLY A 214 24.99 -18.13 36.24
N SER A 215 26.10 -18.78 36.54
CA SER A 215 27.16 -18.12 37.29
C SER A 215 28.07 -17.33 36.36
N CYS A 216 28.46 -16.14 36.80
CA CYS A 216 29.46 -15.33 36.12
C CYS A 216 30.38 -14.74 37.18
N THR A 217 31.68 -14.97 37.03
CA THR A 217 32.66 -14.64 38.06
C THR A 217 33.82 -13.88 37.46
N ALA A 218 34.45 -13.04 38.28
CA ALA A 218 35.63 -12.26 37.89
C ALA A 218 35.26 -11.43 36.66
N GLY A 219 35.90 -11.63 35.51
CA GLY A 219 35.55 -10.84 34.34
C GLY A 219 34.11 -11.04 33.91
N GLY A 220 33.58 -12.24 34.10
CA GLY A 220 32.21 -12.52 33.68
C GLY A 220 31.21 -11.59 34.32
N ALA A 221 31.43 -11.21 35.58
CA ALA A 221 30.51 -10.31 36.26
C ALA A 221 30.43 -8.95 35.56
N TYR A 222 31.46 -8.59 34.79
CA TYR A 222 31.45 -7.30 34.10
C TYR A 222 30.44 -7.29 32.96
N VAL A 223 30.23 -8.43 32.31
CA VAL A 223 29.33 -8.48 31.16
C VAL A 223 27.94 -7.97 31.50
N PRO A 224 27.27 -8.47 32.55
CA PRO A 224 25.98 -7.87 32.92
C PRO A 224 26.09 -6.40 33.32
N ALA A 225 27.22 -6.02 33.92
CA ALA A 225 27.39 -4.63 34.34
C ALA A 225 27.59 -3.70 33.15
N MET A 226 28.25 -4.18 32.10
CA MET A 226 28.51 -3.35 30.92
C MET A 226 27.31 -3.24 30.00
N ALA A 227 26.29 -4.06 30.20
CA ALA A 227 25.16 -4.08 29.28
C ALA A 227 24.23 -2.89 29.52
N ASP A 228 23.53 -2.48 28.46
CA ASP A 228 22.54 -1.42 28.59
C ASP A 228 21.35 -1.87 29.43
N GLU A 229 20.82 -3.05 29.16
CA GLU A 229 19.75 -3.65 29.95
C GLU A 229 20.17 -5.06 30.33
N ASN A 230 19.80 -5.50 31.53
CA ASN A 230 20.31 -6.73 32.10
C ASN A 230 19.17 -7.53 32.71
N ILE A 231 19.20 -8.84 32.50
CA ILE A 231 18.21 -9.76 33.04
C ILE A 231 18.94 -10.89 33.76
N ILE A 232 18.48 -11.20 34.97
CA ILE A 232 19.10 -12.21 35.82
C ILE A 232 18.01 -13.15 36.33
N VAL A 233 18.29 -14.46 36.28
CA VAL A 233 17.37 -15.45 36.79
C VAL A 233 17.44 -15.48 38.31
N ARG A 234 16.34 -15.89 38.94
CA ARG A 234 16.19 -15.68 40.38
C ARG A 234 17.29 -16.39 41.17
N LYS A 235 17.49 -17.68 40.92
CA LYS A 235 18.47 -18.44 41.70
C LYS A 235 19.66 -18.92 40.89
N GLN A 236 19.49 -19.18 39.59
CA GLN A 236 20.62 -19.64 38.79
C GLN A 236 21.69 -18.56 38.64
N GLY A 237 21.27 -17.32 38.43
CA GLY A 237 22.22 -16.25 38.15
C GLY A 237 22.97 -15.75 39.37
N THR A 238 24.30 -15.72 39.26
CA THR A 238 25.16 -15.18 40.31
C THR A 238 26.19 -14.26 39.68
N ILE A 239 26.38 -13.09 40.27
CA ILE A 239 27.32 -12.09 39.78
C ILE A 239 28.17 -11.60 40.95
N PHE A 240 29.49 -11.72 40.82
CA PHE A 240 30.42 -11.24 41.89
C PHE A 240 31.82 -11.04 41.31
N LEU A 241 32.43 -9.89 41.53
CA LEU A 241 33.81 -9.68 41.08
C LEU A 241 34.73 -10.74 41.64
N ALA A 242 34.60 -11.04 42.93
CA ALA A 242 35.40 -12.06 43.60
C ALA A 242 34.49 -13.18 44.05
N GLY A 243 34.81 -14.41 43.68
CA GLY A 243 34.03 -15.55 44.06
C GLY A 243 34.19 -15.88 45.53
N PRO A 244 33.32 -16.75 46.02
CA PRO A 244 33.39 -17.16 47.43
C PRO A 244 34.77 -17.72 47.78
N PRO A 245 35.37 -18.52 46.90
CA PRO A 245 36.73 -19.02 47.20
C PRO A 245 37.74 -17.90 47.44
N LEU A 246 37.69 -16.82 46.66
CA LEU A 246 38.61 -15.72 46.88
C LEU A 246 38.25 -14.93 48.13
N VAL A 247 36.95 -14.79 48.40
CA VAL A 247 36.52 -14.06 49.60
C VAL A 247 37.04 -14.76 50.85
N LYS A 248 36.92 -16.09 50.90
CA LYS A 248 37.41 -16.84 52.05
C LYS A 248 38.91 -16.68 52.22
N ALA A 249 39.67 -16.80 51.13
CA ALA A 249 41.12 -16.68 51.22
C ALA A 249 41.53 -15.27 51.64
N ALA A 250 40.88 -14.25 51.07
CA ALA A 250 41.28 -12.88 51.36
C ALA A 250 40.83 -12.44 52.75
N THR A 251 39.60 -12.79 53.15
CA THR A 251 39.03 -12.31 54.40
C THR A 251 38.57 -13.42 55.33
N GLY A 252 38.70 -14.68 54.94
CA GLY A 252 38.32 -15.77 55.83
C GLY A 252 36.85 -15.78 56.19
N GLU A 253 35.98 -15.55 55.21
CA GLU A 253 34.54 -15.55 55.41
C GLU A 253 33.90 -16.58 54.48
N GLU A 254 32.97 -17.36 55.01
CA GLU A 254 32.24 -18.36 54.24
C GLU A 254 30.87 -17.81 53.87
N VAL A 255 30.63 -17.64 52.57
CA VAL A 255 29.36 -17.14 52.08
C VAL A 255 29.00 -17.91 50.81
N SER A 256 27.71 -18.23 50.67
CA SER A 256 27.25 -18.93 49.48
C SER A 256 27.23 -17.99 48.28
N ALA A 257 27.27 -18.60 47.10
CA ALA A 257 27.27 -17.81 45.87
C ALA A 257 26.00 -16.98 45.75
N GLU A 258 24.86 -17.56 46.11
CA GLU A 258 23.60 -16.82 46.02
C GLU A 258 23.63 -15.58 46.91
N ASP A 259 24.11 -15.72 48.14
CA ASP A 259 24.18 -14.57 49.05
C ASP A 259 25.17 -13.53 48.54
N LEU A 260 26.35 -13.97 48.10
CA LEU A 260 27.31 -13.04 47.55
C LEU A 260 26.78 -12.36 46.28
N GLY A 261 26.15 -13.13 45.40
CA GLY A 261 25.52 -12.59 44.22
C GLY A 261 24.02 -12.77 44.26
N GLY A 262 23.49 -13.53 43.31
CA GLY A 262 22.06 -13.84 43.34
C GLY A 262 21.23 -12.72 42.75
N ALA A 263 20.07 -13.11 42.21
CA ALA A 263 19.17 -12.12 41.61
C ALA A 263 18.64 -11.15 42.65
N ASP A 264 18.24 -11.66 43.82
CA ASP A 264 17.64 -10.80 44.82
C ASP A 264 18.58 -9.71 45.30
N LEU A 265 19.84 -10.06 45.56
CA LEU A 265 20.82 -9.06 45.99
C LEU A 265 21.02 -8.00 44.92
N HIS A 266 21.24 -8.43 43.68
CA HIS A 266 21.51 -7.47 42.61
C HIS A 266 20.23 -6.76 42.19
N CYS A 267 19.12 -7.49 42.08
CA CYS A 267 17.86 -6.89 41.65
C CYS A 267 17.38 -5.83 42.63
N ARG A 268 17.44 -6.13 43.93
CA ARG A 268 16.79 -5.30 44.93
C ARG A 268 17.76 -4.44 45.75
N LYS A 269 19.00 -4.88 45.93
CA LYS A 269 19.94 -4.16 46.80
C LYS A 269 21.11 -3.57 46.02
N SER A 270 21.84 -4.38 45.25
CA SER A 270 22.97 -3.85 44.50
C SER A 270 22.49 -2.99 43.34
N GLY A 271 21.34 -3.32 42.77
CA GLY A 271 20.82 -2.61 41.61
C GLY A 271 21.48 -2.97 40.30
N VAL A 272 22.35 -3.99 40.28
CA VAL A 272 23.00 -4.37 39.03
C VAL A 272 22.01 -4.98 38.05
N SER A 273 20.90 -5.51 38.54
CA SER A 273 19.93 -6.21 37.72
C SER A 273 18.80 -5.27 37.33
N ASP A 274 18.47 -5.26 36.04
CA ASP A 274 17.37 -4.42 35.56
C ASP A 274 16.06 -5.19 35.52
N HIS A 275 16.10 -6.49 35.31
CA HIS A 275 14.90 -7.33 35.31
C HIS A 275 15.17 -8.61 36.09
N TRP A 276 14.13 -9.10 36.75
CA TRP A 276 14.22 -10.29 37.59
C TRP A 276 13.34 -11.37 36.99
N ALA A 277 13.91 -12.55 36.78
CA ALA A 277 13.25 -13.64 36.07
C ALA A 277 13.14 -14.87 36.96
N LEU A 278 12.00 -15.55 36.87
CA LEU A 278 11.78 -16.74 37.68
C LEU A 278 12.59 -17.92 37.19
N ASP A 279 12.61 -18.17 35.88
CA ASP A 279 13.33 -19.30 35.31
C ASP A 279 13.84 -18.91 33.93
N ASP A 280 14.43 -19.89 33.24
CA ASP A 280 14.98 -19.63 31.92
C ASP A 280 13.91 -19.20 30.92
N HIS A 281 12.74 -19.86 30.96
CA HIS A 281 11.67 -19.49 30.06
C HIS A 281 11.22 -18.06 30.28
N HIS A 282 11.09 -17.66 31.56
CA HIS A 282 10.72 -16.28 31.86
C HIS A 282 11.78 -15.31 31.38
N ALA A 283 13.05 -15.63 31.59
CA ALA A 283 14.13 -14.74 31.17
C ALA A 283 14.12 -14.54 29.66
N LEU A 284 13.94 -15.62 28.90
CA LEU A 284 13.88 -15.49 27.45
C LEU A 284 12.67 -14.69 27.01
N HIS A 285 11.54 -14.88 27.68
CA HIS A 285 10.35 -14.08 27.38
C HIS A 285 10.61 -12.60 27.63
N LEU A 286 11.27 -12.28 28.75
CA LEU A 286 11.61 -10.89 29.03
C LEU A 286 12.57 -10.32 27.99
N THR A 287 13.53 -11.13 27.55
CA THR A 287 14.49 -10.66 26.55
C THR A 287 13.78 -10.22 25.27
N ARG A 288 12.77 -10.97 24.84
CA ARG A 288 12.05 -10.60 23.63
C ARG A 288 11.32 -9.26 23.81
N LYS A 289 10.81 -9.01 25.02
CA LYS A 289 10.16 -7.73 25.29
C LYS A 289 11.17 -6.59 25.23
N VAL A 290 12.38 -6.81 25.73
CA VAL A 290 13.40 -5.75 25.74
C VAL A 290 13.75 -5.35 24.31
N VAL A 291 13.92 -6.34 23.43
CA VAL A 291 14.28 -6.04 22.05
C VAL A 291 13.16 -5.27 21.35
N ARG A 292 11.91 -5.59 21.67
CA ARG A 292 10.79 -4.90 21.05
C ARG A 292 10.72 -3.43 21.41
N ASN A 293 11.38 -3.02 22.50
CA ASN A 293 11.36 -1.64 22.96
C ASN A 293 12.57 -0.85 22.49
N LEU A 294 13.38 -1.41 21.60
CA LEU A 294 14.57 -0.72 21.10
C LEU A 294 14.23 0.44 20.18
N ASN A 295 12.99 0.51 19.67
CA ASN A 295 12.58 1.60 18.80
C ASN A 295 13.44 1.66 17.54
N TYR A 296 13.69 0.50 16.96
CA TYR A 296 14.51 0.37 15.77
C TYR A 296 13.67 -0.16 14.62
N GLN A 297 13.86 0.41 13.43
CA GLN A 297 13.22 -0.06 12.22
C GLN A 297 14.27 -0.15 11.11
N LYS A 298 14.32 -1.29 10.43
CA LYS A 298 15.34 -1.51 9.42
C LYS A 298 15.01 -0.72 8.16
N LYS A 299 16.00 -0.03 7.62
CA LYS A 299 15.87 0.74 6.38
C LYS A 299 16.91 0.25 5.39
N LEU A 300 16.51 0.12 4.13
CA LEU A 300 17.38 -0.40 3.07
C LEU A 300 17.88 0.74 2.19
N ASP A 301 19.18 0.73 1.92
CA ASP A 301 19.80 1.72 1.04
C ASP A 301 19.85 1.26 -0.42
N VAL A 302 19.47 0.02 -0.70
CA VAL A 302 19.64 -0.56 -2.03
C VAL A 302 18.27 -0.78 -2.66
N THR A 303 18.25 -0.74 -3.99
CA THR A 303 17.04 -1.08 -4.73
C THR A 303 16.71 -2.56 -4.58
N ILE A 304 15.43 -2.87 -4.61
CA ILE A 304 14.94 -4.23 -4.38
C ILE A 304 14.04 -4.64 -5.53
N GLU A 305 14.13 -5.89 -5.94
CA GLU A 305 13.29 -6.49 -6.95
C GLU A 305 12.76 -7.81 -6.43
N PRO A 306 11.62 -8.27 -6.94
CA PRO A 306 11.05 -9.53 -6.45
C PRO A 306 12.01 -10.68 -6.65
N SER A 307 12.03 -11.59 -5.67
CA SER A 307 12.97 -12.70 -5.70
C SER A 307 12.52 -13.77 -6.70
N GLU A 308 13.49 -14.56 -7.16
CA GLU A 308 13.24 -15.68 -8.04
C GLU A 308 14.25 -16.77 -7.72
N GLU A 309 13.82 -18.02 -7.86
CA GLU A 309 14.71 -19.15 -7.64
C GLU A 309 15.61 -19.37 -8.86
N PRO A 310 16.80 -19.91 -8.64
CA PRO A 310 17.67 -20.22 -9.78
C PRO A 310 17.04 -21.28 -10.67
N LEU A 311 17.41 -21.24 -11.96
CA LEU A 311 16.82 -22.13 -12.94
C LEU A 311 17.41 -23.54 -12.90
N PHE A 312 18.41 -23.78 -12.06
CA PHE A 312 19.03 -25.09 -12.01
C PHE A 312 19.12 -25.56 -10.56
N PRO A 313 19.03 -26.87 -10.33
CA PRO A 313 19.10 -27.39 -8.96
C PRO A 313 20.46 -27.12 -8.33
N ALA A 314 20.46 -26.91 -7.01
CA ALA A 314 21.70 -26.63 -6.31
C ALA A 314 22.55 -27.88 -6.14
N ASP A 315 21.91 -29.04 -5.92
CA ASP A 315 22.65 -30.26 -5.67
C ASP A 315 23.50 -30.69 -6.87
N GLU A 316 23.21 -30.15 -8.06
CA GLU A 316 24.08 -30.43 -9.21
C GLU A 316 25.49 -29.91 -8.99
N LEU A 317 25.68 -28.98 -8.05
CA LEU A 317 27.02 -28.47 -7.76
C LEU A 317 27.94 -29.58 -7.31
N TYR A 318 27.40 -30.66 -6.75
CA TYR A 318 28.24 -31.79 -6.34
C TYR A 318 28.97 -32.38 -7.53
N GLY A 319 28.22 -32.71 -8.59
CA GLY A 319 28.84 -33.28 -9.77
C GLY A 319 29.74 -32.31 -10.50
N ILE A 320 29.35 -31.03 -10.54
CA ILE A 320 30.11 -30.05 -11.31
C ILE A 320 31.48 -29.81 -10.68
N VAL A 321 31.53 -29.66 -9.36
CA VAL A 321 32.74 -29.25 -8.65
C VAL A 321 33.58 -30.43 -8.21
N GLY A 322 32.96 -31.39 -7.53
CA GLY A 322 33.72 -32.53 -7.05
C GLY A 322 34.67 -32.14 -5.91
N ALA A 323 35.67 -32.99 -5.70
CA ALA A 323 36.64 -32.79 -4.62
C ALA A 323 38.08 -32.71 -5.12
N ASN A 324 38.31 -32.82 -6.43
CA ASN A 324 39.65 -32.77 -6.99
C ASN A 324 39.94 -31.35 -7.46
N LEU A 325 40.89 -30.69 -6.80
CA LEU A 325 41.21 -29.31 -7.14
C LEU A 325 42.04 -29.20 -8.41
N LYS A 326 42.69 -30.28 -8.84
CA LYS A 326 43.48 -30.23 -10.06
C LYS A 326 42.60 -30.03 -11.28
N ARG A 327 41.44 -30.69 -11.31
CA ARG A 327 40.47 -30.47 -12.37
C ARG A 327 39.89 -29.06 -12.24
N SER A 328 39.51 -28.49 -13.37
CA SER A 328 38.95 -27.15 -13.44
C SER A 328 37.50 -27.20 -13.90
N PHE A 329 36.72 -26.23 -13.45
CA PHE A 329 35.33 -26.10 -13.83
C PHE A 329 35.03 -24.63 -14.14
N ASP A 330 33.89 -24.38 -14.76
CA ASP A 330 33.47 -23.04 -15.09
C ASP A 330 32.72 -22.43 -13.91
N VAL A 331 33.25 -21.33 -13.38
CA VAL A 331 32.61 -20.66 -12.25
C VAL A 331 31.23 -20.16 -12.61
N ARG A 332 30.96 -19.94 -13.89
CA ARG A 332 29.63 -19.50 -14.31
C ARG A 332 28.57 -20.54 -13.93
N GLU A 333 28.95 -21.82 -13.95
CA GLU A 333 28.01 -22.86 -13.55
C GLU A 333 27.63 -22.71 -12.09
N VAL A 334 28.59 -22.35 -11.23
CA VAL A 334 28.27 -22.09 -9.83
C VAL A 334 27.36 -20.88 -9.70
N ILE A 335 27.65 -19.83 -10.44
CA ILE A 335 26.83 -18.62 -10.38
C ILE A 335 25.41 -18.92 -10.85
N ALA A 336 25.27 -19.75 -11.88
CA ALA A 336 23.95 -20.01 -12.46
C ALA A 336 23.02 -20.65 -11.44
N ARG A 337 23.56 -21.26 -10.40
CA ARG A 337 22.75 -22.03 -9.46
C ARG A 337 22.56 -21.35 -8.11
N ILE A 338 22.92 -20.07 -7.98
CA ILE A 338 22.70 -19.35 -6.73
C ILE A 338 22.02 -18.00 -6.92
N VAL A 339 22.02 -17.42 -8.12
CA VAL A 339 21.47 -16.10 -8.34
C VAL A 339 20.01 -16.23 -8.77
N ASP A 340 19.26 -15.15 -8.57
CA ASP A 340 17.83 -15.14 -8.91
C ASP A 340 17.63 -15.36 -10.40
N GLY A 341 16.86 -16.38 -10.75
CA GLY A 341 16.55 -16.65 -12.14
C GLY A 341 17.72 -17.00 -13.01
N SER A 342 18.89 -17.26 -12.42
CA SER A 342 20.10 -17.55 -13.18
C SER A 342 20.38 -16.46 -14.20
N ARG A 343 20.13 -15.21 -13.81
CA ARG A 343 20.36 -14.05 -14.66
C ARG A 343 21.65 -13.37 -14.21
N PHE A 344 22.51 -13.06 -15.18
CA PHE A 344 23.84 -12.53 -14.90
C PHE A 344 24.30 -11.66 -16.06
N THR A 345 24.75 -10.46 -15.74
CA THR A 345 25.24 -9.51 -16.73
C THR A 345 26.75 -9.41 -16.61
N GLU A 346 27.47 -10.12 -17.47
CA GLU A 346 28.91 -10.17 -17.39
C GLU A 346 29.52 -8.86 -17.86
N PHE A 347 30.60 -8.46 -17.20
CA PHE A 347 31.30 -7.22 -17.49
C PHE A 347 32.69 -7.55 -18.02
N LYS A 348 33.04 -6.99 -19.17
CA LYS A 348 34.32 -7.26 -19.83
C LYS A 348 34.51 -8.77 -20.00
N ALA A 349 33.56 -9.39 -20.69
CA ALA A 349 33.53 -10.85 -20.76
C ALA A 349 34.78 -11.40 -21.45
N PHE A 350 35.22 -10.78 -22.52
CA PHE A 350 36.31 -11.31 -23.33
C PHE A 350 37.67 -10.75 -22.95
N TYR A 351 37.75 -9.92 -21.92
CA TYR A 351 39.01 -9.33 -21.47
C TYR A 351 39.36 -9.89 -20.11
N GLY A 352 40.57 -10.43 -19.99
CA GLY A 352 40.98 -11.08 -18.75
C GLY A 352 40.06 -12.23 -18.39
N ASP A 353 39.87 -13.16 -19.33
CA ASP A 353 38.83 -14.18 -19.20
C ASP A 353 39.06 -15.08 -17.99
N THR A 354 40.26 -15.10 -17.42
CA THR A 354 40.49 -15.94 -16.25
C THR A 354 39.74 -15.43 -15.02
N LEU A 355 39.18 -14.23 -15.09
CA LEU A 355 38.37 -13.66 -14.02
C LEU A 355 36.99 -13.33 -14.56
N VAL A 356 35.96 -13.63 -13.77
CA VAL A 356 34.58 -13.40 -14.16
C VAL A 356 33.97 -12.40 -13.20
N THR A 357 33.40 -11.33 -13.76
CA THR A 357 32.72 -10.29 -12.98
C THR A 357 31.43 -9.92 -13.68
N GLY A 358 30.39 -9.62 -12.89
CA GLY A 358 29.12 -9.25 -13.45
C GLY A 358 28.13 -8.89 -12.37
N PHE A 359 26.96 -8.43 -12.80
CA PHE A 359 25.90 -7.98 -11.91
C PHE A 359 24.78 -9.02 -11.87
N ALA A 360 24.33 -9.34 -10.66
CA ALA A 360 23.24 -10.28 -10.47
C ALA A 360 22.43 -9.83 -9.26
N ARG A 361 21.46 -10.66 -8.87
CA ARG A 361 20.62 -10.39 -7.72
C ARG A 361 20.38 -11.68 -6.94
N ILE A 362 20.50 -11.60 -5.61
CA ILE A 362 20.26 -12.72 -4.72
C ILE A 362 19.13 -12.31 -3.76
N PHE A 363 18.02 -13.04 -3.83
CA PHE A 363 16.85 -12.73 -3.02
C PHE A 363 16.39 -11.29 -3.22
N GLY A 364 16.60 -10.76 -4.42
CA GLY A 364 16.23 -9.39 -4.74
C GLY A 364 17.29 -8.36 -4.44
N TYR A 365 18.37 -8.73 -3.75
CA TYR A 365 19.44 -7.78 -3.48
C TYR A 365 20.37 -7.67 -4.68
N PRO A 366 20.86 -6.47 -4.98
CA PRO A 366 21.86 -6.33 -6.06
C PRO A 366 23.24 -6.70 -5.55
N VAL A 367 23.96 -7.51 -6.31
CA VAL A 367 25.27 -7.99 -5.92
C VAL A 367 26.19 -7.98 -7.13
N GLY A 368 27.44 -7.55 -6.92
CA GLY A 368 28.49 -7.69 -7.90
C GLY A 368 29.36 -8.88 -7.54
N ILE A 369 29.56 -9.77 -8.51
CA ILE A 369 30.21 -11.05 -8.30
C ILE A 369 31.57 -11.04 -8.96
N VAL A 370 32.60 -11.44 -8.22
CA VAL A 370 33.96 -11.60 -8.73
C VAL A 370 34.39 -13.03 -8.43
N GLY A 371 34.70 -13.78 -9.48
CA GLY A 371 35.07 -15.18 -9.30
C GLY A 371 36.25 -15.60 -10.16
N ASN A 372 37.11 -16.45 -9.62
CA ASN A 372 38.28 -16.92 -10.36
C ASN A 372 37.88 -17.98 -11.38
N ASN A 373 38.55 -17.96 -12.52
CA ASN A 373 38.34 -18.97 -13.56
C ASN A 373 39.68 -19.40 -14.14
N GLY A 374 40.71 -19.38 -13.33
CA GLY A 374 42.05 -19.72 -13.79
C GLY A 374 43.08 -18.83 -13.14
N VAL A 375 44.30 -18.92 -13.68
CA VAL A 375 45.41 -18.14 -13.13
C VAL A 375 45.16 -16.66 -13.36
N LEU A 376 45.54 -15.84 -12.37
CA LEU A 376 45.39 -14.41 -12.50
C LEU A 376 46.47 -13.83 -13.40
N PHE A 377 46.07 -12.91 -14.28
CA PHE A 377 46.98 -12.25 -15.20
C PHE A 377 46.93 -10.75 -14.95
N SER A 378 47.75 -10.02 -15.70
CA SER A 378 47.70 -8.56 -15.64
C SER A 378 46.34 -8.05 -16.10
N GLU A 379 45.81 -8.62 -17.18
CA GLU A 379 44.50 -8.21 -17.66
C GLU A 379 43.42 -8.52 -16.64
N SER A 380 43.50 -9.68 -16.00
CA SER A 380 42.49 -10.03 -15.01
C SER A 380 42.48 -9.06 -13.83
N ALA A 381 43.66 -8.69 -13.33
CA ALA A 381 43.72 -7.76 -12.22
C ALA A 381 43.16 -6.40 -12.61
N LYS A 382 43.52 -5.91 -13.80
CA LYS A 382 42.98 -4.63 -14.26
C LYS A 382 41.47 -4.70 -14.39
N LYS A 383 40.96 -5.81 -14.93
CA LYS A 383 39.51 -5.97 -15.07
C LYS A 383 38.84 -5.97 -13.70
N GLY A 384 39.42 -6.67 -12.73
CA GLY A 384 38.85 -6.68 -11.39
C GLY A 384 38.86 -5.30 -10.75
N THR A 385 39.98 -4.57 -10.89
CA THR A 385 40.07 -3.25 -10.29
C THR A 385 39.02 -2.30 -10.87
N HIS A 386 38.80 -2.37 -12.18
CA HIS A 386 37.76 -1.54 -12.79
C HIS A 386 36.39 -1.89 -12.24
N PHE A 387 36.09 -3.18 -12.11
CA PHE A 387 34.78 -3.60 -11.67
C PHE A 387 34.50 -3.13 -10.24
N VAL A 388 35.49 -3.24 -9.35
CA VAL A 388 35.28 -2.88 -7.95
C VAL A 388 34.92 -1.41 -7.83
N GLN A 389 35.55 -0.56 -8.63
CA GLN A 389 35.21 0.86 -8.61
C GLN A 389 33.75 1.07 -9.01
N LEU A 390 33.29 0.34 -10.02
CA LEU A 390 31.90 0.46 -10.45
C LEU A 390 30.94 0.11 -9.32
N CYS A 391 31.18 -1.01 -8.63
CA CYS A 391 30.30 -1.41 -7.54
C CYS A 391 30.34 -0.40 -6.40
N CYS A 392 31.53 0.09 -6.06
CA CYS A 392 31.63 1.07 -4.98
C CYS A 392 30.91 2.37 -5.34
N GLN A 393 30.98 2.78 -6.60
CA GLN A 393 30.32 4.02 -7.01
C GLN A 393 28.81 3.93 -6.83
N ARG A 394 28.23 2.79 -7.18
CA ARG A 394 26.78 2.60 -7.13
C ARG A 394 26.31 2.01 -5.81
N ASN A 395 27.22 1.75 -4.87
CA ASN A 395 26.86 1.20 -3.57
C ASN A 395 26.21 -0.18 -3.71
N ILE A 396 26.90 -1.07 -4.40
CA ILE A 396 26.41 -2.42 -4.68
C ILE A 396 27.26 -3.41 -3.88
N PRO A 397 26.65 -4.32 -3.12
CA PRO A 397 27.44 -5.30 -2.37
C PRO A 397 28.26 -6.17 -3.30
N LEU A 398 29.38 -6.67 -2.76
CA LEU A 398 30.35 -7.45 -3.52
C LEU A 398 30.42 -8.86 -2.96
N LEU A 399 30.42 -9.86 -3.85
CA LEU A 399 30.59 -11.25 -3.47
C LEU A 399 31.78 -11.82 -4.22
N PHE A 400 32.72 -12.41 -3.48
CA PHE A 400 33.93 -12.98 -4.05
C PHE A 400 33.87 -14.51 -3.97
N LEU A 401 34.19 -15.16 -5.07
CA LEU A 401 34.27 -16.61 -5.15
C LEU A 401 35.70 -17.00 -5.43
N GLN A 402 36.41 -17.45 -4.40
CA GLN A 402 37.83 -17.76 -4.51
C GLN A 402 38.02 -19.21 -4.92
N ASN A 403 38.57 -19.41 -6.13
CA ASN A 403 39.19 -20.66 -6.51
C ASN A 403 40.46 -20.28 -7.29
N ILE A 404 41.55 -20.17 -6.56
CA ILE A 404 42.79 -19.64 -7.11
C ILE A 404 43.79 -20.75 -7.31
N THR A 405 44.74 -20.52 -8.21
CA THR A 405 45.89 -21.40 -8.41
C THR A 405 47.20 -20.62 -8.49
N GLY A 406 47.17 -19.32 -8.23
CA GLY A 406 48.36 -18.49 -8.23
C GLY A 406 48.28 -17.39 -9.28
N PHE A 407 49.39 -16.66 -9.39
CA PHE A 407 49.57 -15.62 -10.40
C PHE A 407 50.38 -16.18 -11.57
N MET A 408 50.22 -15.55 -12.73
CA MET A 408 51.02 -15.93 -13.87
C MET A 408 52.49 -15.68 -13.59
N VAL A 409 53.33 -16.65 -13.95
CA VAL A 409 54.77 -16.61 -13.68
C VAL A 409 55.50 -16.52 -15.01
N GLY A 410 56.32 -15.50 -15.16
CA GLY A 410 57.10 -15.34 -16.38
C GLY A 410 57.92 -14.08 -16.33
N ARG A 411 59.04 -14.11 -17.05
CA ARG A 411 59.92 -12.93 -17.11
C ARG A 411 59.20 -11.74 -17.74
N GLU A 412 58.45 -11.99 -18.82
CA GLU A 412 57.75 -10.91 -19.50
C GLU A 412 56.68 -10.29 -18.59
N TYR A 413 55.95 -11.13 -17.85
CA TYR A 413 54.87 -10.62 -17.01
C TYR A 413 55.41 -9.69 -15.93
N GLU A 414 56.54 -10.06 -15.31
CA GLU A 414 57.15 -9.17 -14.33
C GLU A 414 57.62 -7.88 -14.98
N ALA A 415 58.16 -7.98 -16.20
CA ALA A 415 58.63 -6.79 -16.89
C ALA A 415 57.47 -5.82 -17.16
N GLU A 416 56.26 -6.36 -17.34
CA GLU A 416 55.08 -5.55 -17.56
C GLU A 416 54.38 -5.16 -16.27
N GLY A 417 54.98 -5.44 -15.12
CA GLY A 417 54.41 -5.04 -13.84
C GLY A 417 53.19 -5.82 -13.41
N ILE A 418 53.25 -7.16 -13.48
CA ILE A 418 52.17 -7.97 -12.94
C ILE A 418 51.99 -7.68 -11.46
N ALA A 419 53.08 -7.54 -10.71
CA ALA A 419 52.99 -7.13 -9.33
C ALA A 419 52.31 -5.78 -9.20
N LYS A 420 52.65 -4.84 -10.09
CA LYS A 420 51.98 -3.55 -10.08
C LYS A 420 50.49 -3.69 -10.37
N ASP A 421 50.12 -4.65 -11.23
CA ASP A 421 48.71 -4.88 -11.52
C ASP A 421 48.01 -5.60 -10.36
N GLY A 422 48.65 -6.65 -9.82
CA GLY A 422 48.07 -7.35 -8.70
C GLY A 422 47.86 -6.44 -7.51
N ALA A 423 48.79 -5.53 -7.26
CA ALA A 423 48.64 -4.58 -6.16
C ALA A 423 47.42 -3.70 -6.36
N LYS A 424 47.13 -3.32 -7.61
CA LYS A 424 45.96 -2.48 -7.87
C LYS A 424 44.69 -3.10 -7.32
N MET A 425 44.48 -4.38 -7.58
CA MET A 425 43.27 -5.05 -7.08
C MET A 425 43.26 -5.08 -5.57
N VAL A 426 44.40 -5.35 -4.95
CA VAL A 426 44.46 -5.40 -3.49
C VAL A 426 44.10 -4.05 -2.89
N ALA A 427 44.66 -2.97 -3.44
CA ALA A 427 44.36 -1.64 -2.92
C ALA A 427 42.87 -1.31 -3.06
N ALA A 428 42.29 -1.63 -4.22
CA ALA A 428 40.87 -1.33 -4.42
C ALA A 428 39.99 -2.15 -3.49
N VAL A 429 40.30 -3.43 -3.33
CA VAL A 429 39.46 -4.30 -2.51
C VAL A 429 39.50 -3.86 -1.06
N ALA A 430 40.68 -3.47 -0.57
CA ALA A 430 40.80 -3.07 0.83
C ALA A 430 39.98 -1.81 1.12
N CYS A 431 40.00 -0.84 0.22
CA CYS A 431 39.35 0.45 0.48
C CYS A 431 37.83 0.38 0.28
N ALA A 432 37.34 -0.62 -0.45
CA ALA A 432 35.91 -0.69 -0.72
C ALA A 432 35.11 -0.71 0.57
N GLN A 433 34.08 0.12 0.64
CA GLN A 433 33.25 0.25 1.83
C GLN A 433 31.90 -0.43 1.67
N VAL A 434 31.62 -1.04 0.52
CA VAL A 434 30.38 -1.78 0.34
C VAL A 434 30.51 -3.10 1.10
N PRO A 435 29.41 -3.72 1.52
CA PRO A 435 29.51 -5.03 2.18
C PRO A 435 30.17 -6.04 1.26
N LYS A 436 31.09 -6.82 1.83
CA LYS A 436 31.83 -7.82 1.06
C LYS A 436 31.69 -9.17 1.75
N ILE A 437 31.34 -10.20 0.96
CA ILE A 437 31.25 -11.56 1.44
C ILE A 437 32.14 -12.44 0.57
N THR A 438 32.94 -13.29 1.20
CA THR A 438 33.88 -14.14 0.50
C THR A 438 33.50 -15.60 0.71
N LEU A 439 33.52 -16.37 -0.37
CA LEU A 439 33.22 -17.78 -0.36
C LEU A 439 34.33 -18.53 -1.10
N ILE A 440 35.08 -19.34 -0.36
CA ILE A 440 36.18 -20.11 -0.94
C ILE A 440 35.62 -21.45 -1.40
N ILE A 441 35.53 -21.63 -2.72
CA ILE A 441 35.00 -22.86 -3.31
C ILE A 441 36.12 -23.76 -3.82
N GLY A 442 37.38 -23.43 -3.51
CA GLY A 442 38.51 -24.20 -3.99
C GLY A 442 39.81 -23.78 -3.36
N GLY A 443 40.88 -23.69 -4.16
CA GLY A 443 42.17 -23.32 -3.62
C GLY A 443 42.22 -21.85 -3.25
N SER A 444 43.07 -21.54 -2.27
CA SER A 444 43.33 -20.17 -1.84
C SER A 444 44.78 -20.09 -1.41
N TYR A 445 45.64 -19.57 -2.29
CA TYR A 445 47.08 -19.62 -2.08
C TYR A 445 47.69 -18.25 -2.32
N GLY A 446 48.75 -17.96 -1.58
CA GLY A 446 49.60 -16.80 -1.79
C GLY A 446 48.82 -15.49 -1.90
N ALA A 447 49.40 -14.55 -2.65
CA ALA A 447 48.81 -13.23 -2.82
C ALA A 447 47.46 -13.27 -3.52
N GLY A 448 47.13 -14.37 -4.19
CA GLY A 448 45.80 -14.48 -4.77
C GLY A 448 44.71 -14.42 -3.72
N ASN A 449 45.01 -14.93 -2.52
CA ASN A 449 44.07 -14.83 -1.41
C ASN A 449 43.79 -13.37 -1.07
N TYR A 450 44.84 -12.55 -0.99
CA TYR A 450 44.66 -11.14 -0.66
C TYR A 450 43.84 -10.42 -1.72
N GLY A 451 44.13 -10.68 -2.99
CA GLY A 451 43.45 -9.98 -4.06
C GLY A 451 41.95 -10.26 -4.10
N MET A 452 41.54 -11.43 -3.62
CA MET A 452 40.14 -11.83 -3.65
C MET A 452 39.47 -11.71 -2.28
N CYS A 453 39.84 -10.69 -1.50
CA CYS A 453 39.22 -10.39 -0.22
C CYS A 453 39.33 -11.56 0.75
N GLY A 454 40.56 -11.80 1.17
CA GLY A 454 40.84 -12.79 2.19
C GLY A 454 40.37 -12.31 3.55
N ARG A 455 40.64 -13.15 4.56
CA ARG A 455 40.24 -12.81 5.92
C ARG A 455 40.87 -11.50 6.38
N ALA A 456 42.10 -11.23 5.94
CA ALA A 456 42.80 -10.04 6.38
C ALA A 456 42.17 -8.75 5.85
N TYR A 457 41.27 -8.84 4.88
CA TYR A 457 40.69 -7.67 4.25
C TYR A 457 39.28 -7.39 4.73
N SER A 458 38.88 -7.95 5.87
CA SER A 458 37.65 -7.63 6.57
C SER A 458 36.39 -7.78 5.72
N PRO A 459 36.19 -8.92 5.06
CA PRO A 459 34.86 -9.21 4.51
C PRO A 459 33.85 -9.37 5.64
N ARG A 460 32.61 -8.99 5.37
CA ARG A 460 31.58 -9.10 6.39
C ARG A 460 31.44 -10.54 6.86
N PHE A 461 31.51 -11.50 5.93
CA PHE A 461 31.50 -12.92 6.26
C PHE A 461 32.48 -13.64 5.34
N LEU A 462 32.98 -14.77 5.82
CA LEU A 462 33.85 -15.62 5.02
C LEU A 462 33.45 -17.07 5.23
N TYR A 463 33.11 -17.76 4.14
CA TYR A 463 32.70 -19.15 4.19
C TYR A 463 33.58 -19.98 3.27
N ILE A 464 33.67 -21.27 3.56
CA ILE A 464 34.48 -22.19 2.77
C ILE A 464 33.69 -23.47 2.54
N TRP A 465 33.83 -24.03 1.35
CA TRP A 465 33.21 -25.31 1.04
C TRP A 465 34.05 -26.46 1.59
N PRO A 466 33.46 -27.64 1.72
CA PRO A 466 34.18 -28.74 2.37
C PRO A 466 35.40 -29.22 1.61
N ASN A 467 35.55 -28.83 0.34
CA ASN A 467 36.67 -29.28 -0.49
C ASN A 467 37.78 -28.24 -0.61
N ALA A 468 37.69 -27.14 0.13
CA ALA A 468 38.64 -26.04 -0.05
C ALA A 468 40.00 -26.37 0.55
N ARG A 469 41.00 -25.59 0.14
CA ARG A 469 42.36 -25.66 0.67
C ARG A 469 42.94 -24.26 0.70
N ILE A 470 43.58 -23.91 1.81
CA ILE A 470 44.16 -22.58 1.99
C ILE A 470 45.53 -22.72 2.63
N SER A 471 46.50 -21.98 2.09
CA SER A 471 47.86 -21.97 2.62
C SER A 471 48.66 -20.93 1.86
N VAL A 472 49.88 -20.68 2.34
CA VAL A 472 50.73 -19.66 1.71
C VAL A 472 51.00 -20.03 0.25
N MET A 473 51.17 -21.31 -0.03
CA MET A 473 51.33 -21.80 -1.39
C MET A 473 50.80 -23.23 -1.46
N GLY A 474 50.59 -23.70 -2.67
CA GLY A 474 50.17 -25.08 -2.85
C GLY A 474 51.19 -26.04 -2.27
N GLY A 475 50.70 -27.16 -1.74
CA GLY A 475 51.58 -28.14 -1.14
C GLY A 475 52.65 -28.62 -2.10
N GLU A 476 52.26 -28.85 -3.36
CA GLU A 476 53.23 -29.29 -4.35
C GLU A 476 54.29 -28.24 -4.62
N GLN A 477 53.90 -26.96 -4.72
CA GLN A 477 54.87 -25.91 -4.99
C GLN A 477 55.93 -25.85 -3.89
N ALA A 478 55.52 -25.95 -2.63
CA ALA A 478 56.48 -25.96 -1.54
C ALA A 478 57.42 -27.15 -1.65
N ALA A 479 56.88 -28.32 -2.02
CA ALA A 479 57.72 -29.50 -2.19
C ALA A 479 58.70 -29.31 -3.34
N ASN A 480 58.20 -28.88 -4.50
CA ASN A 480 59.07 -28.70 -5.65
C ASN A 480 60.13 -27.62 -5.39
N VAL A 481 59.74 -26.52 -4.74
CA VAL A 481 60.69 -25.46 -4.45
C VAL A 481 61.83 -25.98 -3.59
N LEU A 482 61.50 -26.74 -2.54
CA LEU A 482 62.54 -27.31 -1.69
C LEU A 482 63.38 -28.32 -2.46
N ALA A 483 62.75 -29.09 -3.35
CA ALA A 483 63.50 -30.05 -4.15
C ALA A 483 64.53 -29.34 -5.03
N THR A 484 64.13 -28.24 -5.67
CA THR A 484 65.07 -27.48 -6.49
C THR A 484 66.17 -26.86 -5.64
N ILE A 485 65.80 -26.27 -4.49
CA ILE A 485 66.79 -25.61 -3.65
C ILE A 485 67.80 -26.61 -3.12
N THR A 486 67.32 -27.72 -2.56
CA THR A 486 68.22 -28.72 -2.01
C THR A 486 69.11 -29.33 -3.10
N LYS A 487 68.54 -29.61 -4.27
CA LYS A 487 69.32 -30.21 -5.34
C LYS A 487 70.47 -29.30 -5.76
N ASP A 488 70.21 -28.00 -5.92
CA ASP A 488 71.28 -27.07 -6.22
C ASP A 488 72.28 -26.97 -5.09
N GLN A 489 71.80 -26.94 -3.84
CA GLN A 489 72.69 -26.82 -2.70
C GLN A 489 73.62 -28.04 -2.61
N ARG A 490 73.09 -29.23 -2.87
CA ARG A 490 73.93 -30.43 -2.87
C ARG A 490 75.02 -30.33 -3.93
N ALA A 491 74.68 -29.83 -5.11
CA ALA A 491 75.68 -29.66 -6.16
C ALA A 491 76.77 -28.69 -5.73
N ARG A 492 76.38 -27.57 -5.09
CA ARG A 492 77.37 -26.63 -4.60
C ARG A 492 78.31 -27.27 -3.58
N GLU A 493 77.75 -28.05 -2.65
CA GLU A 493 78.59 -28.78 -1.71
C GLU A 493 79.34 -29.91 -2.39
N GLY A 494 78.96 -30.26 -3.62
CA GLY A 494 79.52 -31.39 -4.32
C GLY A 494 78.84 -32.71 -4.02
N LYS A 495 77.99 -32.76 -3.01
CA LYS A 495 77.27 -33.99 -2.68
C LYS A 495 76.13 -34.22 -3.66
N GLN A 496 75.63 -35.45 -3.67
CA GLN A 496 74.60 -35.88 -4.60
C GLN A 496 73.28 -36.08 -3.87
N PHE A 497 72.21 -35.54 -4.44
CA PHE A 497 70.86 -35.73 -3.92
C PHE A 497 70.11 -36.65 -4.88
N SER A 498 69.83 -37.87 -4.44
CA SER A 498 69.25 -38.88 -5.31
C SER A 498 67.74 -38.67 -5.46
N SER A 499 67.15 -39.43 -6.39
CA SER A 499 65.70 -39.40 -6.56
C SER A 499 64.99 -39.83 -5.29
N ALA A 500 65.49 -40.89 -4.64
CA ALA A 500 64.96 -41.27 -3.34
C ALA A 500 65.15 -40.15 -2.33
N ASP A 501 66.28 -39.45 -2.41
CA ASP A 501 66.49 -38.29 -1.56
C ASP A 501 65.45 -37.21 -1.83
N GLU A 502 65.09 -37.03 -3.11
CA GLU A 502 64.05 -36.06 -3.44
C GLU A 502 62.72 -36.43 -2.79
N ALA A 503 62.32 -37.70 -2.88
CA ALA A 503 61.05 -38.12 -2.31
C ALA A 503 61.04 -37.96 -0.80
N ALA A 504 62.14 -38.28 -0.14
CA ALA A 504 62.20 -38.14 1.32
C ALA A 504 61.97 -36.70 1.75
N LEU A 505 62.55 -35.76 1.01
CA LEU A 505 62.34 -34.35 1.31
C LEU A 505 60.89 -33.93 1.05
N LYS A 506 60.36 -34.32 -0.10
CA LYS A 506 59.03 -33.84 -0.49
C LYS A 506 57.93 -34.35 0.43
N GLU A 507 58.00 -35.63 0.82
CA GLU A 507 56.86 -36.24 1.50
C GLU A 507 56.44 -35.49 2.76
N PRO A 508 57.33 -35.18 3.70
CA PRO A 508 56.88 -34.47 4.91
C PRO A 508 56.27 -33.11 4.61
N ILE A 509 56.77 -32.41 3.59
CA ILE A 509 56.22 -31.10 3.24
C ILE A 509 54.79 -31.24 2.73
N ILE A 510 54.56 -32.19 1.83
CA ILE A 510 53.23 -32.37 1.26
C ILE A 510 52.25 -32.76 2.36
N LYS A 511 52.68 -33.60 3.29
CA LYS A 511 51.79 -33.97 4.40
C LYS A 511 51.46 -32.76 5.27
N LYS A 512 52.45 -31.90 5.53
CA LYS A 512 52.21 -30.76 6.40
C LYS A 512 51.20 -29.81 5.79
N PHE A 513 51.32 -29.53 4.49
CA PHE A 513 50.42 -28.58 3.86
C PHE A 513 49.01 -29.15 3.70
N GLU A 514 48.90 -30.48 3.61
CA GLU A 514 47.59 -31.11 3.52
C GLU A 514 46.84 -30.99 4.83
N GLU A 515 47.54 -31.19 5.96
CA GLU A 515 46.88 -31.11 7.26
C GLU A 515 46.50 -29.67 7.62
N GLU A 516 47.38 -28.71 7.33
CA GLU A 516 47.14 -27.34 7.72
C GLU A 516 46.33 -26.55 6.70
N GLY A 517 46.10 -27.10 5.52
CA GLY A 517 45.26 -26.45 4.53
C GLY A 517 43.85 -27.01 4.52
N ASN A 518 43.61 -28.04 5.33
CA ASN A 518 42.31 -28.68 5.36
C ASN A 518 41.25 -27.71 5.89
N PRO A 519 40.03 -27.76 5.38
CA PRO A 519 38.98 -26.86 5.88
C PRO A 519 38.75 -26.98 7.37
N TYR A 520 38.81 -28.19 7.92
CA TYR A 520 38.60 -28.36 9.36
C TYR A 520 39.71 -27.69 10.16
N TYR A 521 40.96 -27.82 9.70
CA TYR A 521 42.06 -27.12 10.34
C TYR A 521 41.84 -25.61 10.29
N SER A 522 41.43 -25.10 9.12
CA SER A 522 41.20 -23.66 8.98
C SER A 522 40.02 -23.21 9.84
N SER A 523 38.97 -24.04 9.91
CA SER A 523 37.77 -23.66 10.65
C SER A 523 37.88 -23.93 12.15
N ALA A 524 38.69 -24.91 12.57
CA ALA A 524 38.88 -25.15 13.99
C ALA A 524 39.38 -23.89 14.68
N ARG A 525 40.45 -23.30 14.16
CA ARG A 525 40.76 -21.91 14.43
C ARG A 525 39.76 -21.04 13.68
N VAL A 526 39.53 -19.83 14.18
CA VAL A 526 38.54 -18.99 13.51
C VAL A 526 39.24 -18.21 12.40
N TRP A 527 39.42 -18.87 11.25
CA TRP A 527 39.82 -18.21 10.02
C TRP A 527 38.65 -17.94 9.10
N ASP A 528 37.55 -18.65 9.30
CA ASP A 528 36.34 -18.47 8.51
C ASP A 528 35.15 -18.54 9.45
N ASP A 529 33.98 -18.14 8.93
CA ASP A 529 32.76 -18.13 9.72
C ASP A 529 31.98 -19.43 9.65
N GLY A 530 32.48 -20.43 8.94
CA GLY A 530 31.84 -21.73 8.94
C GLY A 530 32.10 -22.48 7.67
N ILE A 531 31.94 -23.80 7.76
CA ILE A 531 31.98 -24.70 6.62
C ILE A 531 30.54 -25.02 6.25
N ILE A 532 30.18 -24.79 4.99
CA ILE A 532 28.79 -24.86 4.56
C ILE A 532 28.65 -25.87 3.43
N ASP A 533 27.52 -26.57 3.43
CA ASP A 533 27.20 -27.47 2.34
C ASP A 533 26.95 -26.67 1.07
N PRO A 534 27.54 -27.06 -0.05
CA PRO A 534 27.32 -26.32 -1.30
C PRO A 534 25.86 -26.15 -1.66
N ALA A 535 25.00 -27.11 -1.29
CA ALA A 535 23.58 -26.97 -1.60
C ALA A 535 22.94 -25.84 -0.79
N ASP A 536 23.57 -25.42 0.30
CA ASP A 536 23.05 -24.36 1.15
C ASP A 536 23.66 -23.00 0.84
N THR A 537 24.43 -22.89 -0.24
CA THR A 537 25.14 -21.65 -0.51
C THR A 537 24.19 -20.48 -0.70
N ARG A 538 23.12 -20.67 -1.48
CA ARG A 538 22.19 -19.58 -1.75
C ARG A 538 21.52 -19.11 -0.46
N LEU A 539 21.08 -20.03 0.38
CA LEU A 539 20.42 -19.65 1.63
C LEU A 539 21.38 -18.90 2.55
N VAL A 540 22.62 -19.39 2.67
CA VAL A 540 23.58 -18.75 3.56
C VAL A 540 23.88 -17.33 3.07
N LEU A 541 24.11 -17.18 1.77
CA LEU A 541 24.38 -15.86 1.22
C LEU A 541 23.20 -14.92 1.41
N GLY A 542 21.98 -15.43 1.21
CA GLY A 542 20.81 -14.59 1.41
C GLY A 542 20.68 -14.09 2.83
N LEU A 543 20.88 -14.99 3.81
CA LEU A 543 20.83 -14.57 5.20
C LEU A 543 21.96 -13.60 5.53
N SER A 544 23.15 -13.86 5.01
CA SER A 544 24.29 -13.01 5.33
C SER A 544 24.13 -11.61 4.75
N PHE A 545 23.77 -11.52 3.47
CA PHE A 545 23.59 -10.21 2.85
C PHE A 545 22.46 -9.44 3.51
N SER A 546 21.39 -10.14 3.90
CA SER A 546 20.29 -9.48 4.59
C SER A 546 20.75 -8.86 5.89
N ALA A 547 21.54 -9.58 6.67
CA ALA A 547 22.06 -9.03 7.93
C ALA A 547 23.02 -7.87 7.67
N ALA A 548 23.86 -7.99 6.64
CA ALA A 548 24.85 -6.95 6.38
C ALA A 548 24.20 -5.64 5.96
N LEU A 549 22.93 -5.67 5.57
CA LEU A 549 22.24 -4.47 5.12
C LEU A 549 21.63 -3.68 6.26
N ASN A 550 21.75 -4.15 7.51
CA ASN A 550 21.27 -3.36 8.64
C ASN A 550 22.06 -2.08 8.84
N ALA A 551 23.29 -2.03 8.32
CA ALA A 551 24.03 -0.79 8.49
C ALA A 551 24.04 0.02 7.20
N PRO A 552 23.96 1.34 7.30
CA PRO A 552 24.01 2.17 6.09
C PRO A 552 25.34 2.01 5.37
N ILE A 553 25.29 2.09 4.04
CA ILE A 553 26.47 1.95 3.21
C ILE A 553 27.16 3.30 3.11
N GLU A 554 28.46 3.33 3.45
CA GLU A 554 29.23 4.56 3.44
C GLU A 554 29.88 4.78 2.09
N LYS A 555 30.28 6.01 1.83
CA LYS A 555 31.01 6.34 0.61
C LYS A 555 32.44 5.82 0.71
N THR A 556 32.95 5.37 -0.44
CA THR A 556 34.28 4.76 -0.52
C THR A 556 35.31 5.80 -0.88
N ASP A 557 36.40 5.86 -0.11
CA ASP A 557 37.53 6.72 -0.39
C ASP A 557 38.73 5.84 -0.75
N PHE A 558 39.28 6.04 -1.94
CA PHE A 558 40.37 5.23 -2.44
C PHE A 558 41.71 5.94 -2.25
N GLY A 559 42.77 5.14 -2.19
CA GLY A 559 44.12 5.66 -2.20
C GLY A 559 44.58 5.97 -3.61
N ILE A 560 45.90 6.14 -3.76
CA ILE A 560 46.46 6.44 -5.07
C ILE A 560 46.53 5.17 -5.89
N PHE A 561 45.96 5.21 -7.08
CA PHE A 561 46.03 4.11 -8.04
C PHE A 561 47.34 4.21 -8.80
N ARG A 562 48.26 3.29 -8.51
CA ARG A 562 49.54 3.25 -9.21
C ARG A 562 49.31 2.77 -10.63
N MET A 563 49.15 3.71 -11.55
CA MET A 563 48.75 3.39 -12.92
C MET A 563 49.89 2.75 -13.70
N LEU B 31 -0.95 -4.27 33.08
CA LEU B 31 -1.04 -3.60 34.36
C LEU B 31 -2.51 -3.37 34.74
N GLY B 32 -2.71 -2.94 35.98
CA GLY B 32 -4.02 -2.54 36.43
C GLY B 32 -4.74 -3.64 37.17
N THR B 33 -5.58 -3.24 38.12
CA THR B 33 -6.45 -4.13 38.86
C THR B 33 -7.82 -3.48 39.00
N GLN B 34 -8.84 -4.31 39.16
CA GLN B 34 -10.19 -3.78 39.32
C GLN B 34 -10.36 -3.21 40.72
N PRO B 35 -10.70 -1.93 40.84
CA PRO B 35 -10.87 -1.34 42.17
C PRO B 35 -12.15 -1.82 42.84
N ASP B 36 -12.20 -1.63 44.15
CA ASP B 36 -13.37 -2.02 44.93
C ASP B 36 -14.36 -0.87 44.93
N LEU B 37 -15.35 -0.94 44.04
CA LEU B 37 -16.32 0.15 43.91
C LEU B 37 -17.15 0.29 45.18
N GLY B 38 -17.39 -0.80 45.89
CA GLY B 38 -18.19 -0.74 47.10
C GLY B 38 -17.46 -0.13 48.29
N SER B 39 -16.13 -0.10 48.24
CA SER B 39 -15.35 0.40 49.36
C SER B 39 -15.69 1.86 49.64
N ALA B 40 -15.73 2.20 50.93
CA ALA B 40 -16.04 3.57 51.32
C ALA B 40 -14.99 4.56 50.80
N LEU B 41 -13.72 4.16 50.83
CA LEU B 41 -12.66 5.04 50.34
C LEU B 41 -12.88 5.38 48.87
N TYR B 42 -13.19 4.38 48.05
CA TYR B 42 -13.44 4.64 46.64
C TYR B 42 -14.65 5.55 46.46
N GLN B 43 -15.73 5.28 47.21
CA GLN B 43 -16.91 6.13 47.12
C GLN B 43 -16.58 7.56 47.51
N GLU B 44 -15.84 7.75 48.60
CA GLU B 44 -15.47 9.11 49.01
C GLU B 44 -14.56 9.77 47.99
N ASN B 45 -13.55 9.05 47.51
CA ASN B 45 -12.62 9.64 46.56
C ASN B 45 -13.32 10.03 45.26
N TYR B 46 -14.20 9.17 44.77
CA TYR B 46 -14.94 9.49 43.55
C TYR B 46 -15.78 10.74 43.73
N LYS B 47 -16.48 10.85 44.86
CA LYS B 47 -17.35 12.01 45.10
C LYS B 47 -16.55 13.30 45.13
N GLN B 48 -15.41 13.29 45.82
CA GLN B 48 -14.61 14.51 45.93
C GLN B 48 -14.03 14.91 44.58
N MET B 49 -13.51 13.96 43.82
CA MET B 49 -12.87 14.35 42.54
C MET B 49 -13.97 14.79 41.57
N LYS B 50 -15.11 14.12 41.59
CA LYS B 50 -16.19 14.53 40.70
C LYS B 50 -16.58 15.98 40.93
N ALA B 51 -16.65 16.40 42.20
CA ALA B 51 -16.99 17.79 42.50
C ALA B 51 -15.96 18.74 41.91
N LEU B 52 -14.67 18.38 41.99
CA LEU B 52 -13.63 19.22 41.41
C LEU B 52 -13.80 19.34 39.90
N VAL B 53 -14.12 18.23 39.23
CA VAL B 53 -14.28 18.27 37.78
C VAL B 53 -15.48 19.11 37.40
N ASN B 54 -16.58 18.96 38.13
CA ASN B 54 -17.77 19.78 37.86
C ASN B 54 -17.46 21.25 38.03
N GLN B 55 -16.71 21.60 39.09
CA GLN B 55 -16.31 22.98 39.28
C GLN B 55 -15.46 23.48 38.11
N LEU B 56 -14.53 22.64 37.65
CA LEU B 56 -13.69 23.03 36.51
C LEU B 56 -14.53 23.26 35.26
N HIS B 57 -15.50 22.38 35.00
CA HIS B 57 -16.29 22.50 33.77
C HIS B 57 -17.11 23.78 33.74
N GLU B 58 -17.77 24.12 34.85
CA GLU B 58 -18.66 25.27 34.84
C GLU B 58 -17.89 26.58 34.77
N ARG B 59 -16.69 26.62 35.34
CA ARG B 59 -15.88 27.83 35.22
C ARG B 59 -15.42 28.05 33.79
N VAL B 60 -15.08 26.98 33.08
CA VAL B 60 -14.70 27.11 31.67
C VAL B 60 -15.89 27.59 30.85
N GLU B 61 -17.11 27.17 31.22
CA GLU B 61 -18.29 27.65 30.53
C GLU B 61 -18.41 29.16 30.64
N HIS B 62 -18.16 29.71 31.84
CA HIS B 62 -18.19 31.16 32.00
C HIS B 62 -17.09 31.83 31.20
N ILE B 63 -15.88 31.26 31.20
CA ILE B 63 -14.80 31.83 30.41
C ILE B 63 -15.11 31.76 28.93
N LYS B 64 -15.89 30.75 28.51
CA LYS B 64 -16.24 30.62 27.10
C LYS B 64 -16.97 31.84 26.58
N LEU B 65 -17.64 32.58 27.46
CA LEU B 65 -18.47 33.71 27.04
C LEU B 65 -17.68 34.98 26.84
N GLY B 66 -16.39 35.00 27.17
CA GLY B 66 -15.57 36.17 26.90
C GLY B 66 -16.06 37.41 27.61
N GLY B 67 -16.13 38.52 26.86
CA GLY B 67 -16.45 39.79 27.47
C GLY B 67 -17.85 39.85 28.06
N GLY B 68 -18.80 39.17 27.42
CA GLY B 68 -20.17 39.18 27.89
C GLY B 68 -21.19 39.39 26.80
N GLU B 69 -22.47 39.44 27.17
CA GLU B 69 -23.54 39.55 26.19
C GLU B 69 -23.48 40.89 25.47
N LYS B 70 -23.34 41.99 26.21
CA LYS B 70 -23.30 43.31 25.59
C LYS B 70 -22.11 43.43 24.65
N ALA B 71 -20.93 42.99 25.11
CA ALA B 71 -19.75 43.02 24.25
C ALA B 71 -19.90 42.08 23.06
N ARG B 72 -20.45 40.89 23.30
CA ARG B 72 -20.63 39.93 22.21
C ARG B 72 -21.64 40.46 21.19
N ALA B 73 -22.72 41.08 21.65
CA ALA B 73 -23.71 41.63 20.74
C ALA B 73 -23.10 42.74 19.89
N LEU B 74 -22.29 43.62 20.49
CA LEU B 74 -21.65 44.67 19.72
C LEU B 74 -20.70 44.09 18.69
N HIS B 75 -19.92 43.07 19.08
CA HIS B 75 -18.99 42.45 18.14
C HIS B 75 -19.73 41.92 16.91
N ILE B 76 -20.82 41.18 17.12
CA ILE B 76 -21.57 40.62 16.00
C ILE B 76 -22.21 41.73 15.17
N SER B 77 -22.66 42.80 15.83
CA SER B 77 -23.30 43.89 15.12
C SER B 77 -22.41 44.50 14.05
N ARG B 78 -21.09 44.38 14.20
CA ARG B 78 -20.16 44.89 13.21
C ARG B 78 -19.89 43.90 12.09
N GLY B 79 -20.63 42.80 12.03
CA GLY B 79 -20.43 41.80 11.01
C GLY B 79 -19.28 40.85 11.23
N LYS B 80 -18.65 40.91 12.40
CA LYS B 80 -17.49 40.08 12.69
C LYS B 80 -17.91 38.79 13.39
N LEU B 81 -17.18 37.71 13.10
CA LEU B 81 -17.40 36.46 13.79
C LEU B 81 -16.83 36.51 15.20
N LEU B 82 -17.45 35.75 16.10
CA LEU B 82 -16.92 35.65 17.45
C LEU B 82 -15.61 34.86 17.43
N PRO B 83 -14.68 35.18 18.33
CA PRO B 83 -13.34 34.58 18.23
C PRO B 83 -13.33 33.06 18.19
N ARG B 84 -14.19 32.41 18.96
CA ARG B 84 -14.21 30.95 18.98
C ARG B 84 -14.92 30.38 17.77
N GLU B 85 -15.86 31.14 17.19
CA GLU B 85 -16.47 30.73 15.93
C GLU B 85 -15.46 30.80 14.80
N ARG B 86 -14.55 31.79 14.85
CA ARG B 86 -13.51 31.87 13.83
C ARG B 86 -12.64 30.62 13.83
N ILE B 87 -12.24 30.14 15.01
CA ILE B 87 -11.41 28.95 15.08
C ILE B 87 -12.16 27.74 14.55
N ASP B 88 -13.44 27.62 14.90
CA ASP B 88 -14.22 26.48 14.42
C ASP B 88 -14.26 26.44 12.89
N ASN B 89 -14.38 27.60 12.25
CA ASN B 89 -14.44 27.64 10.80
C ASN B 89 -13.06 27.48 10.18
N LEU B 90 -12.01 27.72 10.97
CA LEU B 90 -10.65 27.63 10.44
C LEU B 90 -10.16 26.18 10.38
N ILE B 91 -10.39 25.42 11.46
CA ILE B 91 -9.82 24.08 11.52
C ILE B 91 -10.67 23.11 10.70
N ASP B 92 -10.10 21.94 10.45
CA ASP B 92 -10.76 20.95 9.62
C ASP B 92 -12.06 20.50 10.29
N PRO B 93 -13.09 20.17 9.50
CA PRO B 93 -14.39 19.82 10.09
C PRO B 93 -14.27 18.60 11.00
N GLY B 94 -14.75 18.76 12.23
CA GLY B 94 -14.77 17.68 13.20
C GLY B 94 -13.45 17.39 13.87
N SER B 95 -12.39 18.10 13.52
CA SER B 95 -11.09 17.85 14.13
C SER B 95 -11.05 18.37 15.56
N PRO B 96 -10.42 17.64 16.47
CA PRO B 96 -10.27 18.14 17.84
C PRO B 96 -9.37 19.35 17.89
N PHE B 97 -9.65 20.23 18.84
CA PHE B 97 -8.86 21.45 19.05
C PHE B 97 -8.32 21.44 20.46
N LEU B 98 -7.00 21.52 20.60
CA LEU B 98 -6.33 21.48 21.90
C LEU B 98 -6.09 22.91 22.38
N GLU B 99 -7.02 23.44 23.17
CA GLU B 99 -6.84 24.77 23.71
C GLU B 99 -5.86 24.76 24.87
N LEU B 100 -5.15 25.87 25.04
CA LEU B 100 -4.09 25.99 26.03
C LEU B 100 -4.35 27.18 26.95
N SER B 101 -4.04 27.01 28.23
CA SER B 101 -4.11 28.09 29.21
C SER B 101 -5.47 28.78 29.20
N GLN B 102 -6.52 27.97 29.34
CA GLN B 102 -7.87 28.52 29.37
C GLN B 102 -8.07 29.44 30.57
N PHE B 103 -7.33 29.22 31.65
CA PHE B 103 -7.54 29.94 32.90
C PHE B 103 -6.57 31.08 33.11
N ALA B 104 -5.84 31.49 32.08
CA ALA B 104 -4.95 32.63 32.22
C ALA B 104 -5.74 33.87 32.60
N GLY B 105 -5.22 34.62 33.57
CA GLY B 105 -5.88 35.83 34.04
C GLY B 105 -7.07 35.60 34.96
N TYR B 106 -7.31 34.36 35.38
CA TYR B 106 -8.42 34.06 36.27
C TYR B 106 -8.14 34.64 37.64
N GLN B 107 -8.86 35.70 38.01
CA GLN B 107 -8.69 36.39 39.28
C GLN B 107 -7.28 36.94 39.46
N LEU B 108 -6.57 37.18 38.35
CA LEU B 108 -5.20 37.67 38.44
C LEU B 108 -5.17 39.14 38.83
N TYR B 109 -6.12 39.93 38.33
CA TYR B 109 -6.16 41.35 38.56
C TYR B 109 -7.33 41.69 39.48
N ASP B 110 -7.09 42.64 40.40
CA ASP B 110 -7.95 42.78 41.57
C ASP B 110 -9.42 42.94 41.21
N ASN B 111 -9.74 43.89 40.33
CA ASN B 111 -11.12 44.21 40.03
C ASN B 111 -11.45 44.05 38.54
N GLU B 112 -10.51 43.57 37.74
CA GLU B 112 -10.72 43.41 36.30
C GLU B 112 -10.84 41.94 35.97
N GLU B 113 -11.89 41.57 35.25
CA GLU B 113 -12.09 40.21 34.77
C GLU B 113 -11.59 40.12 33.34
N VAL B 114 -10.66 39.22 33.09
CA VAL B 114 -10.04 39.07 31.78
C VAL B 114 -10.16 37.61 31.35
N PRO B 115 -11.35 37.17 30.93
CA PRO B 115 -11.54 35.76 30.59
C PRO B 115 -10.51 35.26 29.60
N GLY B 116 -9.79 34.21 29.99
CA GLY B 116 -8.79 33.61 29.13
C GLY B 116 -7.59 34.48 28.82
N GLY B 117 -7.42 35.60 29.53
CA GLY B 117 -6.33 36.51 29.24
C GLY B 117 -6.58 37.43 28.07
N GLY B 118 -7.76 37.41 27.48
CA GLY B 118 -8.03 38.20 26.30
C GLY B 118 -7.51 37.62 25.01
N ILE B 119 -7.10 36.36 25.01
CA ILE B 119 -6.53 35.71 23.83
C ILE B 119 -6.79 34.22 23.91
N ILE B 120 -7.02 33.61 22.75
CA ILE B 120 -7.29 32.18 22.64
C ILE B 120 -6.16 31.54 21.85
N THR B 121 -5.52 30.54 22.44
CA THR B 121 -4.42 29.83 21.81
C THR B 121 -4.66 28.33 21.92
N GLY B 122 -4.23 27.60 20.89
CA GLY B 122 -4.40 26.16 20.87
C GLY B 122 -3.81 25.58 19.60
N ILE B 123 -3.83 24.26 19.53
CA ILE B 123 -3.30 23.50 18.41
C ILE B 123 -4.45 22.78 17.72
N GLY B 124 -4.56 22.96 16.40
CA GLY B 124 -5.57 22.27 15.63
C GLY B 124 -5.04 21.95 14.24
N ARG B 125 -5.85 21.23 13.48
CA ARG B 125 -5.47 20.79 12.15
C ARG B 125 -6.11 21.70 11.11
N VAL B 126 -5.28 22.28 10.24
CA VAL B 126 -5.73 23.11 9.14
C VAL B 126 -5.20 22.50 7.86
N SER B 127 -6.11 22.08 6.96
CA SER B 127 -5.71 21.47 5.70
C SER B 127 -4.80 20.27 5.93
N GLY B 128 -5.07 19.51 6.99
CA GLY B 128 -4.28 18.35 7.32
C GLY B 128 -2.95 18.63 7.98
N VAL B 129 -2.71 19.87 8.43
CA VAL B 129 -1.45 20.26 9.04
C VAL B 129 -1.74 20.79 10.43
N GLU B 130 -0.94 20.37 11.40
CA GLU B 130 -1.10 20.86 12.76
C GLU B 130 -0.50 22.26 12.89
N CYS B 131 -1.30 23.21 13.35
CA CYS B 131 -0.88 24.60 13.42
C CYS B 131 -1.24 25.18 14.78
N MET B 132 -0.40 26.09 15.26
CA MET B 132 -0.70 26.89 16.44
C MET B 132 -1.56 28.08 16.03
N ILE B 133 -2.69 28.26 16.71
CA ILE B 133 -3.64 29.32 16.40
C ILE B 133 -3.65 30.30 17.56
N ILE B 134 -3.43 31.57 17.26
CA ILE B 134 -3.39 32.64 18.27
C ILE B 134 -4.39 33.69 17.84
N ALA B 135 -5.50 33.79 18.58
CA ALA B 135 -6.59 34.70 18.25
C ALA B 135 -6.84 35.66 19.40
N ASN B 136 -6.85 36.96 19.09
CA ASN B 136 -7.24 37.96 20.07
C ASN B 136 -8.74 37.91 20.28
N ASP B 137 -9.17 38.16 21.53
CA ASP B 137 -10.58 38.18 21.88
C ASP B 137 -11.01 39.64 22.01
N ALA B 138 -11.56 40.20 20.93
CA ALA B 138 -11.92 41.60 20.92
C ALA B 138 -13.02 41.93 21.93
N THR B 139 -13.80 40.94 22.36
CA THR B 139 -14.88 41.22 23.30
C THR B 139 -14.33 41.45 24.71
N VAL B 140 -13.09 41.07 24.95
CA VAL B 140 -12.47 41.20 26.27
C VAL B 140 -11.63 42.47 26.29
N LYS B 141 -12.10 43.49 27.01
CA LYS B 141 -11.38 44.76 27.14
C LYS B 141 -10.98 45.30 25.76
N GLY B 142 -11.82 45.05 24.76
CA GLY B 142 -11.52 45.51 23.42
C GLY B 142 -10.26 44.92 22.82
N GLY B 143 -9.81 43.76 23.32
CA GLY B 143 -8.62 43.13 22.80
C GLY B 143 -7.31 43.71 23.28
N ALA B 144 -7.35 44.51 24.35
CA ALA B 144 -6.12 45.11 24.86
C ALA B 144 -5.20 44.04 25.43
N TYR B 145 -3.90 44.33 25.41
CA TYR B 145 -2.88 43.38 25.85
C TYR B 145 -2.55 43.64 27.31
N TYR B 146 -3.07 42.80 28.20
CA TYR B 146 -2.66 42.79 29.59
C TYR B 146 -1.35 42.03 29.73
N PRO B 147 -0.65 42.20 30.85
CA PRO B 147 0.62 41.48 31.03
C PRO B 147 0.48 39.97 30.87
N VAL B 148 -0.63 39.40 31.35
CA VAL B 148 -0.85 37.96 31.18
C VAL B 148 -1.08 37.64 29.72
N THR B 149 -1.72 38.54 28.98
CA THR B 149 -1.95 38.31 27.56
C THR B 149 -0.64 38.14 26.80
N VAL B 150 0.36 38.97 27.11
CA VAL B 150 1.66 38.84 26.48
C VAL B 150 2.30 37.50 26.83
N LYS B 151 2.23 37.11 28.11
CA LYS B 151 2.85 35.86 28.52
C LYS B 151 2.18 34.67 27.84
N LYS B 152 0.85 34.69 27.72
CA LYS B 152 0.16 33.59 27.05
C LYS B 152 0.58 33.46 25.60
N GLN B 153 0.68 34.59 24.89
CA GLN B 153 1.10 34.55 23.49
C GLN B 153 2.52 34.04 23.35
N LEU B 154 3.43 34.51 24.21
CA LEU B 154 4.82 34.07 24.13
C LEU B 154 4.94 32.58 24.39
N ARG B 155 4.14 32.05 25.32
CA ARG B 155 4.14 30.62 25.57
C ARG B 155 3.70 29.85 24.33
N ALA B 156 2.68 30.35 23.64
CA ALA B 156 2.21 29.70 22.42
C ALA B 156 3.28 29.72 21.33
N GLN B 157 3.96 30.85 21.16
CA GLN B 157 5.04 30.93 20.18
C GLN B 157 6.16 29.96 20.52
N GLU B 158 6.49 29.85 21.81
CA GLU B 158 7.52 28.91 22.21
C GLU B 158 7.14 27.48 21.86
N ILE B 159 5.87 27.12 22.09
CA ILE B 159 5.41 25.78 21.75
C ILE B 159 5.53 25.53 20.25
N ALA B 160 5.10 26.51 19.44
CA ALA B 160 5.17 26.35 17.99
C ALA B 160 6.62 26.21 17.52
N MET B 161 7.51 27.03 18.06
CA MET B 161 8.91 26.97 17.64
C MET B 161 9.53 25.62 17.98
N GLN B 162 9.29 25.11 19.18
CA GLN B 162 9.93 23.87 19.60
C GLN B 162 9.41 22.67 18.80
N ASN B 163 8.15 22.73 18.36
CA ASN B 163 7.54 21.63 17.64
C ASN B 163 7.36 21.92 16.16
N ARG B 164 7.88 23.04 15.67
CA ARG B 164 7.81 23.39 14.25
C ARG B 164 6.36 23.41 13.77
N LEU B 165 5.53 24.13 14.50
CA LEU B 165 4.12 24.26 14.10
C LEU B 165 3.91 25.61 13.43
N PRO B 166 3.33 25.66 12.23
CA PRO B 166 3.04 26.95 11.62
C PRO B 166 2.10 27.75 12.51
N CYS B 167 2.34 29.06 12.56
CA CYS B 167 1.60 29.97 13.43
C CYS B 167 0.58 30.75 12.60
N ILE B 168 -0.66 30.79 13.08
CA ILE B 168 -1.73 31.55 12.45
C ILE B 168 -2.24 32.56 13.48
N TYR B 169 -2.11 33.85 13.16
CA TYR B 169 -2.52 34.93 14.04
C TYR B 169 -3.82 35.52 13.51
N LEU B 170 -4.90 35.34 14.27
CA LEU B 170 -6.18 35.98 13.99
C LEU B 170 -6.20 37.31 14.74
N VAL B 171 -5.71 38.36 14.09
CA VAL B 171 -5.38 39.61 14.76
C VAL B 171 -6.64 40.46 14.87
N ASP B 172 -7.06 40.72 16.12
CA ASP B 172 -8.06 41.72 16.42
C ASP B 172 -7.76 42.31 17.79
N SER B 173 -7.04 43.42 17.82
CA SER B 173 -6.42 43.91 19.04
C SER B 173 -6.63 45.41 19.19
N GLY B 174 -6.57 45.88 20.45
CA GLY B 174 -6.68 47.28 20.78
C GLY B 174 -5.41 47.90 21.32
N GLY B 175 -4.28 47.22 21.24
CA GLY B 175 -3.03 47.76 21.74
C GLY B 175 -2.75 47.38 23.17
N ALA B 176 -1.63 47.92 23.68
CA ALA B 176 -1.19 47.62 25.03
C ALA B 176 -2.08 48.33 26.06
N TYR B 177 -2.14 47.74 27.25
CA TYR B 177 -2.92 48.31 28.34
C TYR B 177 -2.03 49.32 29.07
N LEU B 178 -2.27 50.61 28.81
CA LEU B 178 -1.39 51.65 29.33
C LEU B 178 -1.22 51.62 30.84
N PRO B 179 -2.27 51.42 31.65
CA PRO B 179 -2.08 51.47 33.11
C PRO B 179 -1.03 50.50 33.62
N ARG B 180 -0.74 49.43 32.88
CA ARG B 180 0.25 48.44 33.27
C ARG B 180 1.36 48.32 32.22
N GLN B 181 1.78 49.46 31.69
CA GLN B 181 2.75 49.45 30.59
C GLN B 181 4.09 48.88 31.05
N ALA B 182 4.49 49.17 32.28
CA ALA B 182 5.80 48.73 32.76
C ALA B 182 5.96 47.22 32.72
N ASP B 183 4.85 46.47 32.75
CA ASP B 183 4.89 45.01 32.72
C ASP B 183 4.55 44.46 31.34
N VAL B 184 4.58 45.28 30.29
CA VAL B 184 4.20 44.85 28.96
C VAL B 184 5.28 45.17 27.95
N PHE B 185 5.77 46.41 27.96
CA PHE B 185 6.67 46.93 26.93
C PHE B 185 8.14 46.54 27.08
N PRO B 186 8.78 46.84 28.22
CA PRO B 186 10.24 47.02 28.21
C PRO B 186 11.05 45.74 28.14
N ASP B 187 10.73 44.73 28.94
CA ASP B 187 11.68 43.67 29.23
C ASP B 187 11.79 42.68 28.07
N ARG B 188 12.70 41.72 28.21
CA ARG B 188 12.95 40.75 27.15
C ARG B 188 11.72 39.89 26.88
N ASP B 189 11.03 39.43 27.92
CA ASP B 189 9.82 38.64 27.77
C ASP B 189 8.57 39.50 27.71
N HIS B 190 8.72 40.75 27.29
CA HIS B 190 7.60 41.65 27.14
C HIS B 190 7.18 41.71 25.67
N PHE B 191 6.26 42.63 25.34
CA PHE B 191 5.61 42.59 24.04
C PHE B 191 6.59 42.55 22.89
N GLY B 192 7.74 43.21 23.02
CA GLY B 192 8.70 43.23 21.92
C GLY B 192 9.15 41.86 21.50
N ARG B 193 9.16 40.90 22.42
CA ARG B 193 9.59 39.54 22.09
C ARG B 193 8.67 38.88 21.07
N THR B 194 7.43 39.34 20.94
CA THR B 194 6.49 38.72 20.00
C THR B 194 7.02 38.83 18.57
N PHE B 195 7.53 40.00 18.19
CA PHE B 195 8.05 40.17 16.85
C PHE B 195 9.38 39.43 16.67
N TYR B 196 10.18 39.37 17.72
CA TYR B 196 11.43 38.61 17.65
C TYR B 196 11.17 37.14 17.36
N ASN B 197 10.16 36.56 18.01
CA ASN B 197 9.82 35.16 17.75
C ASN B 197 9.36 34.96 16.32
N GLN B 198 8.56 35.89 15.79
CA GLN B 198 8.11 35.77 14.41
C GLN B 198 9.28 35.77 13.43
N ALA B 199 10.25 36.67 13.65
CA ALA B 199 11.41 36.73 12.77
C ALA B 199 12.22 35.44 12.84
N ILE B 200 12.43 34.90 14.03
CA ILE B 200 13.23 33.69 14.17
C ILE B 200 12.53 32.50 13.54
N MET B 201 11.23 32.34 13.80
CA MET B 201 10.49 31.23 13.21
C MET B 201 10.50 31.32 11.69
N SER B 202 10.35 32.53 11.15
CA SER B 202 10.39 32.70 9.70
C SER B 202 11.72 32.27 9.13
N SER B 203 12.82 32.57 9.83
CA SER B 203 14.14 32.20 9.33
C SER B 203 14.34 30.70 9.33
N LYS B 204 13.55 29.96 10.11
CA LYS B 204 13.66 28.51 10.20
C LYS B 204 12.62 27.80 9.33
N ASN B 205 11.90 28.52 8.50
CA ASN B 205 10.88 27.96 7.62
C ASN B 205 9.68 27.42 8.41
N ILE B 206 9.36 28.07 9.52
CA ILE B 206 8.12 27.81 10.25
C ILE B 206 7.14 28.91 9.85
N ALA B 207 6.19 28.57 9.00
CA ALA B 207 5.38 29.59 8.34
C ALA B 207 4.66 30.46 9.36
N GLN B 208 4.65 31.77 9.10
CA GLN B 208 3.92 32.74 9.90
C GLN B 208 2.84 33.36 9.03
N ILE B 209 1.58 33.16 9.41
CA ILE B 209 0.43 33.65 8.65
C ILE B 209 -0.39 34.56 9.56
N ALA B 210 -0.64 35.78 9.10
CA ALA B 210 -1.41 36.76 9.85
C ALA B 210 -2.72 37.03 9.13
N VAL B 211 -3.82 36.97 9.88
CA VAL B 211 -5.14 37.25 9.36
C VAL B 211 -5.68 38.45 10.13
N VAL B 212 -5.63 39.63 9.49
CA VAL B 212 -6.09 40.87 10.12
C VAL B 212 -7.60 40.91 9.99
N MET B 213 -8.31 40.58 11.08
CA MET B 213 -9.76 40.51 11.09
C MET B 213 -10.36 41.67 11.87
N GLY B 214 -9.56 42.70 12.13
CA GLY B 214 -10.00 43.82 12.92
C GLY B 214 -8.96 44.91 12.93
N SER B 215 -8.99 45.71 13.98
CA SER B 215 -8.04 46.81 14.13
C SER B 215 -6.75 46.32 14.77
N CYS B 216 -5.62 46.81 14.26
CA CYS B 216 -4.31 46.59 14.85
C CYS B 216 -3.53 47.89 14.78
N THR B 217 -3.07 48.37 15.94
CA THR B 217 -2.48 49.69 16.04
C THR B 217 -1.13 49.60 16.75
N ALA B 218 -0.24 50.52 16.41
CA ALA B 218 1.09 50.63 17.04
C ALA B 218 1.81 49.31 16.83
N GLY B 219 2.17 48.58 17.89
CA GLY B 219 2.87 47.31 17.70
C GLY B 219 2.04 46.30 16.93
N GLY B 220 0.72 46.34 17.11
CA GLY B 220 -0.14 45.40 16.41
C GLY B 220 0.04 45.43 14.90
N ALA B 221 0.32 46.63 14.36
CA ALA B 221 0.51 46.74 12.92
C ALA B 221 1.74 45.96 12.44
N TYR B 222 2.66 45.66 13.36
CA TYR B 222 3.87 44.94 12.97
C TYR B 222 3.57 43.48 12.68
N VAL B 223 2.60 42.89 13.40
CA VAL B 223 2.30 41.47 13.22
C VAL B 223 1.97 41.15 11.77
N PRO B 224 1.03 41.84 11.11
CA PRO B 224 0.81 41.56 9.68
C PRO B 224 2.03 41.83 8.83
N ALA B 225 2.86 42.81 9.21
CA ALA B 225 4.04 43.13 8.41
C ALA B 225 5.13 42.08 8.59
N MET B 226 5.23 41.49 9.79
CA MET B 226 6.27 40.51 10.07
C MET B 226 5.95 39.13 9.50
N ALA B 227 4.71 38.87 9.13
CA ALA B 227 4.31 37.54 8.69
C ALA B 227 4.78 37.25 7.27
N ASP B 228 4.97 35.96 6.98
CA ASP B 228 5.35 35.55 5.62
C ASP B 228 4.23 35.85 4.63
N GLU B 229 3.01 35.44 4.95
CA GLU B 229 1.86 35.76 4.13
C GLU B 229 0.79 36.39 5.01
N ASN B 230 0.02 37.31 4.44
CA ASN B 230 -0.86 38.17 5.21
C ASN B 230 -2.22 38.27 4.51
N ILE B 231 -3.29 38.31 5.31
CA ILE B 231 -4.65 38.41 4.82
C ILE B 231 -5.38 39.47 5.63
N ILE B 232 -6.11 40.35 4.95
CA ILE B 232 -6.81 41.46 5.58
C ILE B 232 -8.24 41.50 5.05
N VAL B 233 -9.18 41.77 5.96
CA VAL B 233 -10.59 41.86 5.59
C VAL B 233 -10.87 43.26 5.05
N ARG B 234 -11.91 43.37 4.22
CA ARG B 234 -12.12 44.58 3.42
C ARG B 234 -12.24 45.81 4.30
N LYS B 235 -13.14 45.79 5.28
CA LYS B 235 -13.41 46.99 6.08
C LYS B 235 -13.08 46.85 7.55
N GLN B 236 -13.19 45.65 8.12
CA GLN B 236 -12.86 45.48 9.53
C GLN B 236 -11.37 45.71 9.78
N GLY B 237 -10.52 45.21 8.90
CA GLY B 237 -9.08 45.29 9.10
C GLY B 237 -8.49 46.67 8.90
N THR B 238 -7.75 47.14 9.89
CA THR B 238 -7.04 48.41 9.80
C THR B 238 -5.63 48.23 10.35
N ILE B 239 -4.64 48.78 9.64
CA ILE B 239 -3.24 48.66 10.03
C ILE B 239 -2.60 50.04 9.90
N PHE B 240 -1.96 50.50 10.98
CA PHE B 240 -1.26 51.76 10.98
C PHE B 240 -0.31 51.81 12.17
N LEU B 241 0.91 52.28 11.93
CA LEU B 241 1.86 52.45 13.03
C LEU B 241 1.33 53.46 14.04
N ALA B 242 0.79 54.58 13.56
CA ALA B 242 0.21 55.60 14.42
C ALA B 242 -1.27 55.70 14.14
N GLY B 243 -2.08 55.62 15.19
CA GLY B 243 -3.51 55.71 15.05
C GLY B 243 -3.96 57.12 14.74
N PRO B 244 -5.23 57.24 14.36
CA PRO B 244 -5.79 58.56 14.04
C PRO B 244 -5.61 59.53 15.20
N PRO B 245 -5.83 59.09 16.44
CA PRO B 245 -5.62 60.01 17.57
C PRO B 245 -4.21 60.58 17.64
N LEU B 246 -3.20 59.77 17.34
CA LEU B 246 -1.82 60.28 17.35
C LEU B 246 -1.54 61.17 16.15
N VAL B 247 -2.12 60.83 15.00
CA VAL B 247 -1.93 61.64 13.80
C VAL B 247 -2.48 63.05 14.03
N LYS B 248 -3.67 63.16 14.62
CA LYS B 248 -4.26 64.46 14.89
C LYS B 248 -3.39 65.27 15.85
N ALA B 249 -2.92 64.63 16.93
CA ALA B 249 -2.09 65.34 17.90
C ALA B 249 -0.76 65.75 17.28
N ALA B 250 -0.15 64.87 16.50
CA ALA B 250 1.18 65.15 15.95
C ALA B 250 1.11 66.16 14.81
N THR B 251 0.11 66.03 13.92
CA THR B 251 0.04 66.87 12.73
C THR B 251 -1.29 67.60 12.58
N GLY B 252 -2.23 67.43 13.50
CA GLY B 252 -3.49 68.15 13.42
C GLY B 252 -4.31 67.82 12.19
N GLU B 253 -4.39 66.54 11.83
CA GLU B 253 -5.18 66.09 10.68
C GLU B 253 -6.19 65.07 11.15
N GLU B 254 -7.41 65.18 10.64
CA GLU B 254 -8.49 64.25 10.97
C GLU B 254 -8.66 63.26 9.82
N VAL B 255 -8.43 61.98 10.09
CA VAL B 255 -8.55 60.93 9.10
C VAL B 255 -9.18 59.71 9.74
N SER B 256 -10.07 59.05 9.01
CA SER B 256 -10.71 57.83 9.51
C SER B 256 -9.71 56.68 9.52
N ALA B 257 -10.00 55.69 10.36
CA ALA B 257 -9.11 54.52 10.45
C ALA B 257 -9.03 53.79 9.12
N GLU B 258 -10.16 53.65 8.42
CA GLU B 258 -10.16 52.97 7.13
C GLU B 258 -9.24 53.66 6.13
N ASP B 259 -9.30 54.99 6.06
CA ASP B 259 -8.45 55.73 5.13
C ASP B 259 -6.98 55.61 5.54
N LEU B 260 -6.69 55.76 6.83
CA LEU B 260 -5.32 55.62 7.29
C LEU B 260 -4.81 54.21 7.07
N GLY B 261 -5.64 53.21 7.36
CA GLY B 261 -5.29 51.82 7.09
C GLY B 261 -6.21 51.20 6.07
N GLY B 262 -6.96 50.19 6.49
CA GLY B 262 -7.93 49.59 5.59
C GLY B 262 -7.31 48.58 4.64
N ALA B 263 -8.13 47.62 4.22
CA ALA B 263 -7.64 46.59 3.30
C ALA B 263 -7.26 47.19 1.95
N ASP B 264 -8.08 48.11 1.44
CA ASP B 264 -7.82 48.68 0.12
C ASP B 264 -6.49 49.42 0.09
N LEU B 265 -6.21 50.23 1.10
CA LEU B 265 -4.96 50.98 1.12
C LEU B 265 -3.77 50.04 1.15
N HIS B 266 -3.80 49.03 2.02
CA HIS B 266 -2.66 48.12 2.13
C HIS B 266 -2.64 47.13 0.97
N CYS B 267 -3.81 46.67 0.53
CA CYS B 267 -3.86 45.69 -0.55
C CYS B 267 -3.36 46.28 -1.87
N ARG B 268 -3.77 47.52 -2.18
CA ARG B 268 -3.56 48.06 -3.51
C ARG B 268 -2.46 49.12 -3.60
N LYS B 269 -2.29 49.96 -2.57
CA LYS B 269 -1.28 51.01 -2.62
C LYS B 269 -0.12 50.75 -1.67
N SER B 270 -0.38 50.52 -0.38
CA SER B 270 0.72 50.29 0.54
C SER B 270 1.43 48.97 0.24
N GLY B 271 0.68 47.97 -0.21
CA GLY B 271 1.25 46.67 -0.50
C GLY B 271 1.50 45.79 0.70
N VAL B 272 1.07 46.22 1.90
CA VAL B 272 1.29 45.41 3.09
C VAL B 272 0.44 44.15 3.06
N SER B 273 -0.68 44.18 2.36
CA SER B 273 -1.63 43.08 2.33
C SER B 273 -1.35 42.17 1.14
N ASP B 274 -1.28 40.86 1.39
CA ASP B 274 -1.05 39.90 0.32
C ASP B 274 -2.37 39.36 -0.24
N HIS B 275 -3.38 39.19 0.61
CA HIS B 275 -4.68 38.71 0.17
C HIS B 275 -5.76 39.62 0.73
N TRP B 276 -6.77 39.88 -0.10
CA TRP B 276 -7.88 40.77 0.24
C TRP B 276 -9.14 39.93 0.39
N ALA B 277 -9.78 40.03 1.56
CA ALA B 277 -10.93 39.21 1.90
C ALA B 277 -12.17 40.07 2.04
N LEU B 278 -13.32 39.49 1.69
CA LEU B 278 -14.58 40.23 1.76
C LEU B 278 -15.10 40.28 3.19
N ASP B 279 -15.12 39.14 3.88
CA ASP B 279 -15.62 39.08 5.25
C ASP B 279 -14.82 38.04 6.01
N ASP B 280 -15.25 37.76 7.24
CA ASP B 280 -14.54 36.82 8.10
C ASP B 280 -14.54 35.42 7.49
N HIS B 281 -15.67 35.00 6.94
CA HIS B 281 -15.73 33.67 6.33
C HIS B 281 -14.78 33.56 5.15
N HIS B 282 -14.73 34.59 4.31
CA HIS B 282 -13.80 34.58 3.19
C HIS B 282 -12.36 34.56 3.67
N ALA B 283 -12.04 35.33 4.71
CA ALA B 283 -10.68 35.36 5.23
C ALA B 283 -10.26 33.98 5.74
N LEU B 284 -11.15 33.31 6.46
CA LEU B 284 -10.83 31.98 6.96
C LEU B 284 -10.65 30.98 5.83
N HIS B 285 -11.47 31.11 4.78
CA HIS B 285 -11.33 30.23 3.62
C HIS B 285 -9.99 30.43 2.95
N LEU B 286 -9.55 31.68 2.80
CA LEU B 286 -8.25 31.95 2.19
C LEU B 286 -7.12 31.39 3.05
N THR B 287 -7.27 31.46 4.37
CA THR B 287 -6.22 30.96 5.25
C THR B 287 -5.97 29.48 5.02
N ARG B 288 -7.04 28.69 4.89
CA ARG B 288 -6.88 27.26 4.64
C ARG B 288 -6.15 27.01 3.32
N LYS B 289 -6.40 27.84 2.31
CA LYS B 289 -5.69 27.72 1.05
C LYS B 289 -4.21 28.01 1.23
N VAL B 290 -3.87 29.05 2.02
CA VAL B 290 -2.48 29.41 2.21
C VAL B 290 -1.71 28.27 2.86
N VAL B 291 -2.30 27.63 3.87
CA VAL B 291 -1.63 26.53 4.54
C VAL B 291 -1.43 25.36 3.60
N ARG B 292 -2.39 25.11 2.71
CA ARG B 292 -2.27 23.99 1.78
C ARG B 292 -1.12 24.15 0.80
N ASN B 293 -0.61 25.37 0.64
CA ASN B 293 0.48 25.64 -0.30
C ASN B 293 1.84 25.69 0.38
N LEU B 294 1.92 25.28 1.65
CA LEU B 294 3.18 25.30 2.38
C LEU B 294 4.15 24.23 1.91
N ASN B 295 3.67 23.22 1.18
CA ASN B 295 4.55 22.15 0.68
C ASN B 295 5.22 21.41 1.82
N TYR B 296 4.46 21.13 2.86
CA TYR B 296 4.95 20.44 4.05
C TYR B 296 4.30 19.08 4.16
N GLN B 297 5.10 18.08 4.51
CA GLN B 297 4.62 16.72 4.76
C GLN B 297 5.24 16.21 6.05
N LYS B 298 4.40 15.70 6.95
CA LYS B 298 4.88 15.24 8.25
C LYS B 298 5.59 13.89 8.11
N LYS B 299 6.76 13.80 8.72
CA LYS B 299 7.55 12.57 8.75
C LYS B 299 7.86 12.18 10.18
N LEU B 300 7.64 10.92 10.52
CA LEU B 300 7.83 10.42 11.88
C LEU B 300 9.20 9.78 12.02
N ASP B 301 9.90 10.12 13.11
CA ASP B 301 11.20 9.54 13.40
C ASP B 301 11.11 8.28 14.26
N VAL B 302 9.93 7.96 14.77
CA VAL B 302 9.78 6.87 15.73
C VAL B 302 9.01 5.72 15.07
N THR B 303 9.23 4.52 15.60
CA THR B 303 8.47 3.36 15.16
C THR B 303 7.03 3.45 15.65
N ILE B 304 6.11 2.92 14.84
CA ILE B 304 4.68 3.03 15.11
C ILE B 304 4.08 1.64 15.15
N GLU B 305 3.13 1.44 16.06
CA GLU B 305 2.37 0.21 16.17
C GLU B 305 0.89 0.54 16.27
N PRO B 306 0.02 -0.38 15.89
CA PRO B 306 -1.41 -0.09 15.92
C PRO B 306 -1.88 0.28 17.31
N SER B 307 -2.80 1.24 17.38
CA SER B 307 -3.29 1.74 18.66
C SER B 307 -4.26 0.76 19.30
N GLU B 308 -4.34 0.81 20.63
CA GLU B 308 -5.28 0.01 21.39
C GLU B 308 -5.76 0.82 22.59
N GLU B 309 -7.01 0.63 22.96
CA GLU B 309 -7.56 1.32 24.12
C GLU B 309 -7.09 0.63 25.40
N PRO B 310 -7.01 1.38 26.50
CA PRO B 310 -6.64 0.79 27.79
C PRO B 310 -7.69 -0.21 28.24
N LEU B 311 -7.26 -1.18 29.05
CA LEU B 311 -8.13 -2.26 29.50
C LEU B 311 -9.05 -1.85 30.64
N PHE B 312 -8.91 -0.64 31.18
CA PHE B 312 -9.72 -0.21 32.30
C PHE B 312 -10.34 1.15 32.00
N PRO B 313 -11.51 1.43 32.55
CA PRO B 313 -12.15 2.73 32.32
C PRO B 313 -11.32 3.87 32.88
N ALA B 314 -11.38 5.01 32.19
CA ALA B 314 -10.62 6.19 32.63
C ALA B 314 -11.28 6.84 33.84
N ASP B 315 -12.61 6.82 33.91
CA ASP B 315 -13.31 7.51 35.00
C ASP B 315 -13.03 6.87 36.35
N GLU B 316 -12.54 5.63 36.38
CA GLU B 316 -12.15 5.02 37.65
C GLU B 316 -11.04 5.78 38.33
N LEU B 317 -10.30 6.62 37.59
CA LEU B 317 -9.26 7.42 38.20
C LEU B 317 -9.81 8.35 39.28
N TYR B 318 -11.11 8.69 39.20
CA TYR B 318 -11.71 9.51 40.24
C TYR B 318 -11.64 8.82 41.59
N GLY B 319 -12.10 7.57 41.66
CA GLY B 319 -12.07 6.85 42.92
C GLY B 319 -10.66 6.53 43.38
N ILE B 320 -9.78 6.17 42.44
CA ILE B 320 -8.44 5.75 42.81
C ILE B 320 -7.65 6.91 43.42
N VAL B 321 -7.74 8.09 42.83
CA VAL B 321 -6.90 9.22 43.20
C VAL B 321 -7.55 10.08 44.26
N GLY B 322 -8.82 10.47 44.06
CA GLY B 322 -9.45 11.33 45.02
C GLY B 322 -8.88 12.74 45.02
N ALA B 323 -9.12 13.45 46.11
CA ALA B 323 -8.66 14.82 46.27
C ALA B 323 -7.78 15.03 47.49
N ASN B 324 -7.50 13.99 48.27
CA ASN B 324 -6.70 14.09 49.47
C ASN B 324 -5.26 13.69 49.15
N LEU B 325 -4.33 14.64 49.28
CA LEU B 325 -2.94 14.35 48.94
C LEU B 325 -2.23 13.57 50.04
N LYS B 326 -2.77 13.54 51.25
CA LYS B 326 -2.12 12.77 52.31
C LYS B 326 -2.24 11.27 52.07
N ARG B 327 -3.36 10.84 51.51
CA ARG B 327 -3.48 9.44 51.10
C ARG B 327 -2.60 9.17 49.90
N SER B 328 -2.16 7.92 49.78
CA SER B 328 -1.27 7.51 48.71
C SER B 328 -1.95 6.46 47.84
N PHE B 329 -1.56 6.44 46.56
CA PHE B 329 -2.07 5.46 45.60
C PHE B 329 -0.92 4.97 44.74
N ASP B 330 -1.12 3.82 44.11
CA ASP B 330 -0.13 3.24 43.22
C ASP B 330 -0.22 3.90 41.86
N VAL B 331 0.87 4.55 41.44
CA VAL B 331 0.89 5.23 40.16
C VAL B 331 0.69 4.24 39.01
N ARG B 332 1.01 2.96 39.22
CA ARG B 332 0.77 1.97 38.19
C ARG B 332 -0.69 1.91 37.80
N GLU B 333 -1.59 2.18 38.75
CA GLU B 333 -3.02 2.22 38.43
C GLU B 333 -3.33 3.34 37.45
N VAL B 334 -2.70 4.50 37.62
CA VAL B 334 -2.89 5.60 36.67
C VAL B 334 -2.35 5.20 35.30
N ILE B 335 -1.17 4.59 35.26
CA ILE B 335 -0.58 4.18 33.99
C ILE B 335 -1.47 3.18 33.28
N ALA B 336 -2.04 2.24 34.02
CA ALA B 336 -2.83 1.17 33.41
C ALA B 336 -4.02 1.71 32.63
N ARG B 337 -4.46 2.93 32.94
CA ARG B 337 -5.66 3.49 32.35
C ARG B 337 -5.39 4.54 31.29
N ILE B 338 -4.15 4.71 30.85
CA ILE B 338 -3.84 5.67 29.78
C ILE B 338 -3.00 5.07 28.67
N VAL B 339 -2.31 3.95 28.89
CA VAL B 339 -1.43 3.37 27.89
C VAL B 339 -2.22 2.36 27.06
N ASP B 340 -1.73 2.10 25.85
CA ASP B 340 -2.40 1.17 24.94
C ASP B 340 -2.44 -0.22 25.56
N GLY B 341 -3.62 -0.82 25.57
CA GLY B 341 -3.78 -2.16 26.09
C GLY B 341 -3.35 -2.36 27.52
N SER B 342 -3.05 -1.29 28.26
CA SER B 342 -2.56 -1.39 29.62
C SER B 342 -1.31 -2.29 29.67
N ARG B 343 -0.45 -2.13 28.68
CA ARG B 343 0.79 -2.90 28.57
C ARG B 343 1.96 -2.02 28.98
N PHE B 344 2.78 -2.51 29.90
CA PHE B 344 3.85 -1.72 30.50
C PHE B 344 5.01 -2.64 30.88
N THR B 345 6.19 -2.31 30.37
CA THR B 345 7.41 -3.04 30.68
C THR B 345 8.22 -2.23 31.69
N GLU B 346 8.17 -2.64 32.95
CA GLU B 346 8.83 -1.90 34.01
C GLU B 346 10.32 -2.14 33.99
N PHE B 347 11.09 -1.10 34.32
CA PHE B 347 12.54 -1.15 34.34
C PHE B 347 13.03 -0.96 35.77
N LYS B 348 13.86 -1.89 36.24
CA LYS B 348 14.38 -1.86 37.60
C LYS B 348 13.23 -1.78 38.62
N ALA B 349 12.34 -2.77 38.53
CA ALA B 349 11.11 -2.72 39.32
C ALA B 349 11.39 -2.75 40.82
N PHE B 350 12.32 -3.61 41.24
CA PHE B 350 12.55 -3.83 42.67
C PHE B 350 13.66 -2.96 43.25
N TYR B 351 14.24 -2.07 42.46
CA TYR B 351 15.29 -1.18 42.92
C TYR B 351 14.79 0.25 42.89
N GLY B 352 14.90 0.94 44.03
CA GLY B 352 14.37 2.28 44.13
C GLY B 352 12.88 2.30 43.88
N ASP B 353 12.13 1.48 44.61
CA ASP B 353 10.74 1.23 44.28
C ASP B 353 9.85 2.47 44.45
N THR B 354 10.36 3.52 45.09
CA THR B 354 9.56 4.74 45.20
C THR B 354 9.40 5.46 43.87
N LEU B 355 10.15 5.04 42.85
CA LEU B 355 10.05 5.61 41.51
C LEU B 355 9.72 4.49 40.53
N VAL B 356 8.83 4.79 39.59
CA VAL B 356 8.36 3.82 38.60
C VAL B 356 8.80 4.29 37.23
N THR B 357 9.52 3.43 36.51
CA THR B 357 9.97 3.70 35.16
C THR B 357 9.68 2.49 34.28
N GLY B 358 9.37 2.73 33.01
CA GLY B 358 9.09 1.63 32.10
C GLY B 358 8.74 2.15 30.73
N PHE B 359 8.53 1.21 29.82
CA PHE B 359 8.22 1.51 28.43
C PHE B 359 6.77 1.14 28.14
N ALA B 360 6.12 1.98 27.34
CA ALA B 360 4.73 1.76 26.95
C ALA B 360 4.50 2.43 25.60
N ARG B 361 3.24 2.46 25.17
CA ARG B 361 2.86 3.10 23.93
C ARG B 361 1.52 3.80 24.11
N ILE B 362 1.42 5.03 23.64
CA ILE B 362 0.19 5.82 23.69
C ILE B 362 -0.20 6.16 22.26
N PHE B 363 -1.38 5.70 21.85
CA PHE B 363 -1.86 5.89 20.49
C PHE B 363 -0.85 5.40 19.47
N GLY B 364 -0.09 4.36 19.83
CA GLY B 364 0.91 3.79 18.95
C GLY B 364 2.30 4.40 19.06
N TYR B 365 2.45 5.51 19.78
CA TYR B 365 3.77 6.12 19.93
C TYR B 365 4.52 5.46 21.09
N PRO B 366 5.84 5.33 20.98
CA PRO B 366 6.63 4.81 22.10
C PRO B 366 6.91 5.90 23.12
N VAL B 367 6.77 5.56 24.39
CA VAL B 367 6.96 6.52 25.47
C VAL B 367 7.63 5.84 26.66
N GLY B 368 8.53 6.57 27.32
CA GLY B 368 9.09 6.16 28.59
C GLY B 368 8.47 6.99 29.71
N ILE B 369 7.95 6.28 30.71
CA ILE B 369 7.15 6.90 31.76
C ILE B 369 7.95 6.89 33.06
N VAL B 370 8.03 8.05 33.71
CA VAL B 370 8.66 8.20 35.01
C VAL B 370 7.62 8.76 35.97
N GLY B 371 7.32 8.02 37.03
CA GLY B 371 6.29 8.43 37.97
C GLY B 371 6.69 8.24 39.42
N ASN B 372 6.28 9.17 40.28
CA ASN B 372 6.59 9.08 41.69
C ASN B 372 5.64 8.11 42.39
N ASN B 373 6.19 7.33 43.31
CA ASN B 373 5.41 6.41 44.12
C ASN B 373 5.85 6.50 45.57
N GLY B 374 6.23 7.68 46.00
CA GLY B 374 6.73 7.87 47.36
C GLY B 374 7.82 8.92 47.37
N VAL B 375 8.57 8.91 48.48
CA VAL B 375 9.66 9.87 48.64
C VAL B 375 10.85 9.45 47.81
N LEU B 376 11.55 10.43 47.23
CA LEU B 376 12.72 10.14 46.42
C LEU B 376 13.90 9.75 47.31
N PHE B 377 14.59 8.70 46.91
CA PHE B 377 15.78 8.22 47.60
C PHE B 377 16.97 8.28 46.67
N SER B 378 18.15 7.92 47.20
CA SER B 378 19.34 7.84 46.35
C SER B 378 19.16 6.79 45.26
N GLU B 379 18.61 5.64 45.61
CA GLU B 379 18.40 4.59 44.61
C GLU B 379 17.42 5.04 43.55
N SER B 380 16.35 5.74 43.95
CA SER B 380 15.37 6.21 42.97
C SER B 380 16.00 7.17 41.97
N ALA B 381 16.81 8.12 42.46
CA ALA B 381 17.46 9.06 41.55
C ALA B 381 18.42 8.34 40.61
N LYS B 382 19.21 7.40 41.14
CA LYS B 382 20.10 6.63 40.30
C LYS B 382 19.31 5.84 39.25
N LYS B 383 18.20 5.23 39.68
CA LYS B 383 17.36 4.50 38.74
C LYS B 383 16.80 5.42 37.67
N GLY B 384 16.33 6.61 38.07
CA GLY B 384 15.81 7.55 37.09
C GLY B 384 16.85 8.03 36.12
N THR B 385 18.06 8.33 36.62
CA THR B 385 19.13 8.79 35.74
C THR B 385 19.49 7.74 34.71
N HIS B 386 19.52 6.47 35.13
CA HIS B 386 19.80 5.39 34.19
C HIS B 386 18.71 5.31 33.12
N PHE B 387 17.45 5.45 33.52
CA PHE B 387 16.35 5.32 32.57
C PHE B 387 16.38 6.44 31.53
N VAL B 388 16.67 7.66 31.97
CA VAL B 388 16.64 8.80 31.04
C VAL B 388 17.70 8.63 29.96
N GLN B 389 18.86 8.09 30.32
CA GLN B 389 19.88 7.83 29.30
C GLN B 389 19.38 6.83 28.27
N LEU B 390 18.67 5.80 28.72
CA LEU B 390 18.13 4.80 27.79
C LEU B 390 17.18 5.44 26.79
N CYS B 391 16.24 6.24 27.26
CA CYS B 391 15.27 6.87 26.37
C CYS B 391 15.96 7.81 25.39
N CYS B 392 16.94 8.59 25.88
CA CYS B 392 17.66 9.50 24.99
C CYS B 392 18.43 8.73 23.92
N GLN B 393 19.03 7.60 24.30
CA GLN B 393 19.81 6.82 23.33
C GLN B 393 18.92 6.30 22.21
N ARG B 394 17.72 5.84 22.54
CA ARG B 394 16.82 5.25 21.56
C ARG B 394 15.86 6.26 20.96
N ASN B 395 15.96 7.54 21.34
CA ASN B 395 15.09 8.59 20.81
C ASN B 395 13.62 8.27 21.11
N ILE B 396 13.32 8.05 22.39
CA ILE B 396 11.99 7.69 22.84
C ILE B 396 11.43 8.86 23.64
N PRO B 397 10.24 9.37 23.32
CA PRO B 397 9.67 10.48 24.09
C PRO B 397 9.48 10.09 25.55
N LEU B 398 9.56 11.10 26.42
CA LEU B 398 9.52 10.91 27.86
C LEU B 398 8.26 11.53 28.43
N LEU B 399 7.63 10.84 29.37
CA LEU B 399 6.44 11.32 30.06
C LEU B 399 6.70 11.26 31.57
N PHE B 400 6.44 12.38 32.25
CA PHE B 400 6.67 12.49 33.68
C PHE B 400 5.33 12.64 34.40
N LEU B 401 5.15 11.87 35.46
CA LEU B 401 3.97 11.95 36.32
C LEU B 401 4.40 12.35 37.71
N GLN B 402 4.27 13.64 38.02
CA GLN B 402 4.74 14.19 39.30
C GLN B 402 3.67 14.01 40.36
N ASN B 403 3.97 13.19 41.37
CA ASN B 403 3.28 13.20 42.64
C ASN B 403 4.34 13.04 43.72
N ILE B 404 4.86 14.16 44.17
CA ILE B 404 6.02 14.18 45.05
C ILE B 404 5.60 14.58 46.46
N THR B 405 6.43 14.17 47.43
CA THR B 405 6.28 14.61 48.81
C THR B 405 7.60 15.03 49.42
N GLY B 406 8.66 15.11 48.62
CA GLY B 406 9.96 15.57 49.07
C GLY B 406 11.04 14.52 48.88
N PHE B 407 12.24 14.86 49.35
CA PHE B 407 13.39 13.97 49.35
C PHE B 407 13.53 13.33 50.73
N MET B 408 14.23 12.21 50.77
CA MET B 408 14.53 11.57 52.04
C MET B 408 15.37 12.50 52.92
N VAL B 409 15.00 12.60 54.18
CA VAL B 409 15.67 13.46 55.15
C VAL B 409 16.35 12.57 56.19
N GLY B 410 17.65 12.72 56.34
CA GLY B 410 18.39 11.94 57.31
C GLY B 410 19.87 12.22 57.22
N ARG B 411 20.54 12.08 58.37
CA ARG B 411 21.98 12.31 58.42
C ARG B 411 22.72 11.33 57.53
N GLU B 412 22.32 10.06 57.56
CA GLU B 412 23.00 9.05 56.74
C GLU B 412 22.83 9.34 55.26
N TYR B 413 21.62 9.73 54.84
CA TYR B 413 21.38 9.98 53.41
C TYR B 413 22.26 11.11 52.89
N GLU B 414 22.40 12.19 53.66
CA GLU B 414 23.30 13.27 53.27
C GLU B 414 24.74 12.79 53.23
N ALA B 415 25.14 11.95 54.18
CA ALA B 415 26.50 11.43 54.20
C ALA B 415 26.77 10.59 52.95
N GLU B 416 25.75 9.95 52.41
CA GLU B 416 25.88 9.15 51.20
C GLU B 416 25.63 9.95 49.93
N GLY B 417 25.57 11.27 50.03
CA GLY B 417 25.40 12.11 48.86
C GLY B 417 24.04 12.03 48.19
N ILE B 418 22.97 12.10 48.97
CA ILE B 418 21.64 12.17 48.38
C ILE B 418 21.54 13.38 47.45
N ALA B 419 22.09 14.52 47.89
CA ALA B 419 22.14 15.69 47.01
C ALA B 419 22.92 15.37 45.75
N LYS B 420 24.06 14.67 45.88
CA LYS B 420 24.82 14.27 44.71
C LYS B 420 24.00 13.36 43.81
N ASP B 421 23.12 12.55 44.40
CA ASP B 421 22.26 11.67 43.60
C ASP B 421 21.11 12.45 42.98
N GLY B 422 20.45 13.30 43.76
CA GLY B 422 19.36 14.09 43.21
C GLY B 422 19.81 14.99 42.08
N ALA B 423 21.01 15.56 42.19
CA ALA B 423 21.52 16.42 41.13
C ALA B 423 21.74 15.61 39.84
N LYS B 424 22.08 14.33 39.97
CA LYS B 424 22.29 13.51 38.79
C LYS B 424 21.04 13.46 37.91
N MET B 425 19.88 13.25 38.52
CA MET B 425 18.64 13.23 37.76
C MET B 425 18.36 14.58 37.12
N VAL B 426 18.60 15.66 37.87
CA VAL B 426 18.33 17.00 37.33
C VAL B 426 19.19 17.26 36.11
N ALA B 427 20.48 16.90 36.16
CA ALA B 427 21.36 17.12 35.02
C ALA B 427 20.91 16.32 33.81
N ALA B 428 20.54 15.05 34.02
CA ALA B 428 20.09 14.23 32.90
C ALA B 428 18.81 14.75 32.29
N VAL B 429 17.85 15.14 33.13
CA VAL B 429 16.56 15.62 32.62
C VAL B 429 16.74 16.88 31.80
N ALA B 430 17.57 17.81 32.28
CA ALA B 430 17.76 19.07 31.57
C ALA B 430 18.35 18.84 30.18
N CYS B 431 19.35 17.96 30.07
CA CYS B 431 20.06 17.78 28.81
C CYS B 431 19.28 16.94 27.81
N ALA B 432 18.29 16.18 28.26
CA ALA B 432 17.55 15.30 27.36
C ALA B 432 16.93 16.10 26.22
N GLN B 433 17.11 15.61 24.99
CA GLN B 433 16.61 16.30 23.81
C GLN B 433 15.37 15.61 23.22
N VAL B 434 14.91 14.52 23.82
CA VAL B 434 13.68 13.87 23.38
C VAL B 434 12.51 14.75 23.83
N PRO B 435 11.36 14.67 23.15
CA PRO B 435 10.20 15.42 23.64
C PRO B 435 9.82 14.99 25.05
N LYS B 436 9.49 15.96 25.88
CA LYS B 436 9.16 15.71 27.28
C LYS B 436 7.85 16.36 27.63
N ILE B 437 6.94 15.59 28.22
CA ILE B 437 5.65 16.09 28.68
C ILE B 437 5.50 15.75 30.16
N THR B 438 5.09 16.72 30.95
CA THR B 438 4.96 16.56 32.39
C THR B 438 3.50 16.73 32.78
N LEU B 439 3.03 15.83 33.64
CA LEU B 439 1.66 15.87 34.16
C LEU B 439 1.72 15.79 35.68
N ILE B 440 1.25 16.84 36.34
CA ILE B 440 1.24 16.91 37.79
C ILE B 440 -0.08 16.34 38.29
N ILE B 441 -0.02 15.13 38.85
CA ILE B 441 -1.21 14.46 39.35
C ILE B 441 -1.32 14.54 40.87
N GLY B 442 -0.43 15.31 41.51
CA GLY B 442 -0.43 15.42 42.96
C GLY B 442 0.42 16.57 43.45
N GLY B 443 1.16 16.35 44.54
CA GLY B 443 2.01 17.40 45.06
C GLY B 443 3.21 17.65 44.18
N SER B 444 3.74 18.87 44.26
CA SER B 444 4.93 19.28 43.53
C SER B 444 5.68 20.29 44.39
N TYR B 445 6.67 19.82 45.14
CA TYR B 445 7.34 20.65 46.14
C TYR B 445 8.85 20.54 45.98
N GLY B 446 9.53 21.68 46.18
CA GLY B 446 10.97 21.70 46.33
C GLY B 446 11.72 21.17 45.13
N ALA B 447 12.93 20.68 45.39
CA ALA B 447 13.79 20.16 44.34
C ALA B 447 13.20 18.92 43.66
N GLY B 448 12.23 18.25 44.29
CA GLY B 448 11.55 17.16 43.62
C GLY B 448 10.88 17.61 42.34
N ASN B 449 10.38 18.85 42.32
CA ASN B 449 9.82 19.40 41.10
C ASN B 449 10.86 19.46 39.99
N TYR B 450 12.06 19.93 40.30
CA TYR B 450 13.10 20.05 39.28
C TYR B 450 13.49 18.69 38.72
N GLY B 451 13.64 17.70 39.60
CA GLY B 451 14.06 16.38 39.15
C GLY B 451 13.05 15.69 38.26
N MET B 452 11.78 16.10 38.35
CA MET B 452 10.71 15.52 37.54
C MET B 452 10.27 16.44 36.42
N CYS B 453 11.18 17.19 35.84
CA CYS B 453 10.91 18.04 34.67
C CYS B 453 9.81 19.06 34.96
N GLY B 454 10.14 19.98 35.87
CA GLY B 454 9.28 21.10 36.16
C GLY B 454 9.23 22.08 35.00
N ARG B 455 8.49 23.16 35.22
CA ARG B 455 8.34 24.17 34.16
C ARG B 455 9.69 24.76 33.76
N ALA B 456 10.62 24.86 34.71
CA ALA B 456 11.91 25.47 34.42
C ALA B 456 12.76 24.63 33.48
N TYR B 457 12.40 23.38 33.25
CA TYR B 457 13.21 22.46 32.45
C TYR B 457 12.65 22.25 31.05
N SER B 458 11.80 23.15 30.57
CA SER B 458 11.33 23.21 29.19
C SER B 458 10.71 21.91 28.69
N PRO B 459 9.77 21.31 29.42
CA PRO B 459 8.97 20.24 28.82
C PRO B 459 8.09 20.82 27.71
N ARG B 460 7.84 20.00 26.69
CA ARG B 460 7.02 20.48 25.58
C ARG B 460 5.66 20.95 26.06
N PHE B 461 5.07 20.22 27.01
CA PHE B 461 3.80 20.61 27.60
C PHE B 461 3.83 20.28 29.09
N LEU B 462 3.06 21.03 29.87
CA LEU B 462 2.91 20.78 31.29
C LEU B 462 1.45 20.91 31.67
N TYR B 463 0.86 19.81 32.14
CA TYR B 463 -0.55 19.79 32.54
C TYR B 463 -0.66 19.43 34.01
N ILE B 464 -1.76 19.83 34.62
CA ILE B 464 -2.00 19.57 36.03
C ILE B 464 -3.44 19.10 36.22
N TRP B 465 -3.63 18.16 37.13
CA TRP B 465 -4.96 17.72 37.50
C TRP B 465 -5.58 18.68 38.49
N PRO B 466 -6.91 18.69 38.62
CA PRO B 466 -7.56 19.69 39.48
C PRO B 466 -7.22 19.55 40.95
N ASN B 467 -6.64 18.42 41.37
CA ASN B 467 -6.29 18.20 42.76
C ASN B 467 -4.83 18.51 43.07
N ALA B 468 -4.10 19.07 42.12
CA ALA B 468 -2.67 19.27 42.28
C ALA B 468 -2.36 20.41 43.25
N ARG B 469 -1.12 20.42 43.74
CA ARG B 469 -0.59 21.48 44.59
C ARG B 469 0.89 21.66 44.29
N ILE B 470 1.32 22.90 44.14
CA ILE B 470 2.71 23.21 43.79
C ILE B 470 3.17 24.39 44.62
N SER B 471 4.37 24.28 45.18
CA SER B 471 4.98 25.37 45.95
C SER B 471 6.41 24.95 46.29
N VAL B 472 7.15 25.88 46.90
CA VAL B 472 8.54 25.60 47.27
C VAL B 472 8.60 24.44 48.24
N MET B 473 7.65 24.37 49.16
CA MET B 473 7.52 23.26 50.09
C MET B 473 6.06 23.15 50.51
N GLY B 474 5.71 22.00 51.09
CA GLY B 474 4.36 21.81 51.56
C GLY B 474 3.97 22.85 52.60
N GLY B 475 2.69 23.20 52.61
CA GLY B 475 2.23 24.20 53.55
C GLY B 475 2.52 23.83 54.99
N GLU B 476 2.34 22.55 55.33
CA GLU B 476 2.61 22.11 56.70
C GLU B 476 4.09 22.26 57.05
N GLN B 477 4.98 21.88 56.14
CA GLN B 477 6.41 21.98 56.43
C GLN B 477 6.81 23.41 56.74
N ALA B 478 6.32 24.38 55.95
CA ALA B 478 6.63 25.77 56.22
C ALA B 478 6.10 26.19 57.58
N ALA B 479 4.90 25.75 57.94
CA ALA B 479 4.35 26.06 59.25
C ALA B 479 5.18 25.43 60.37
N ASN B 480 5.48 24.14 60.24
CA ASN B 480 6.27 23.46 61.27
C ASN B 480 7.66 24.05 61.39
N VAL B 481 8.29 24.37 60.25
CA VAL B 481 9.63 24.96 60.28
C VAL B 481 9.61 26.28 61.04
N LEU B 482 8.64 27.14 60.73
CA LEU B 482 8.54 28.42 61.43
C LEU B 482 8.23 28.22 62.91
N ALA B 483 7.39 27.22 63.23
CA ALA B 483 7.10 26.94 64.63
C ALA B 483 8.35 26.56 65.40
N THR B 484 9.20 25.71 64.81
CA THR B 484 10.44 25.33 65.46
C THR B 484 11.38 26.51 65.62
N ILE B 485 11.49 27.33 64.57
CA ILE B 485 12.41 28.47 64.60
C ILE B 485 11.98 29.47 65.67
N THR B 486 10.71 29.84 65.66
CA THR B 486 10.22 30.79 66.65
C THR B 486 10.31 30.21 68.06
N LYS B 487 9.99 28.94 68.22
CA LYS B 487 10.08 28.31 69.53
C LYS B 487 11.48 28.42 70.11
N ASP B 488 12.49 28.06 69.33
CA ASP B 488 13.87 28.17 69.80
C ASP B 488 14.26 29.63 70.00
N GLN B 489 13.84 30.50 69.09
CA GLN B 489 14.21 31.92 69.20
C GLN B 489 13.62 32.53 70.46
N ARG B 490 12.38 32.17 70.81
CA ARG B 490 11.80 32.66 72.06
C ARG B 490 12.59 32.18 73.27
N ALA B 491 13.05 30.93 73.24
CA ALA B 491 13.87 30.42 74.34
C ALA B 491 15.17 31.22 74.46
N ARG B 492 15.80 31.52 73.33
CA ARG B 492 17.04 32.30 73.36
C ARG B 492 16.79 33.68 73.96
N GLU B 493 15.70 34.34 73.57
CA GLU B 493 15.35 35.62 74.18
C GLU B 493 14.89 35.46 75.62
N GLY B 494 14.58 34.23 76.03
CA GLY B 494 14.02 33.96 77.34
C GLY B 494 12.51 34.04 77.39
N LYS B 495 11.87 34.55 76.36
CA LYS B 495 10.41 34.64 76.33
C LYS B 495 9.82 33.27 76.02
N GLN B 496 8.51 33.15 76.28
CA GLN B 496 7.80 31.89 76.13
C GLN B 496 6.86 31.96 74.94
N PHE B 497 6.86 30.91 74.12
CA PHE B 497 5.95 30.78 73.00
C PHE B 497 4.95 29.68 73.32
N SER B 498 3.69 30.08 73.56
CA SER B 498 2.67 29.14 74.01
C SER B 498 2.12 28.35 72.84
N SER B 499 1.33 27.32 73.17
CA SER B 499 0.66 26.52 72.14
C SER B 499 -0.28 27.39 71.31
N ALA B 500 -1.05 28.26 71.98
CA ALA B 500 -1.86 29.23 71.25
C ALA B 500 -0.98 30.13 70.40
N ASP B 501 0.22 30.46 70.90
CA ASP B 501 1.17 31.23 70.10
C ASP B 501 1.59 30.45 68.85
N GLU B 502 1.82 29.15 69.01
CA GLU B 502 2.20 28.34 67.85
C GLU B 502 1.08 28.33 66.81
N ALA B 503 -0.17 28.16 67.24
CA ALA B 503 -1.28 28.12 66.30
C ALA B 503 -1.44 29.45 65.59
N ALA B 504 -1.28 30.56 66.31
CA ALA B 504 -1.39 31.87 65.69
C ALA B 504 -0.35 32.05 64.59
N LEU B 505 0.87 31.55 64.83
CA LEU B 505 1.90 31.64 63.81
C LEU B 505 1.60 30.74 62.61
N LYS B 506 1.21 29.48 62.88
CA LYS B 506 1.04 28.52 61.79
C LYS B 506 -0.10 28.92 60.86
N GLU B 507 -1.20 29.41 61.42
CA GLU B 507 -2.43 29.56 60.63
C GLU B 507 -2.22 30.42 59.38
N PRO B 508 -1.66 31.62 59.47
CA PRO B 508 -1.51 32.44 58.25
C PRO B 508 -0.64 31.77 57.19
N ILE B 509 0.40 31.06 57.59
CA ILE B 509 1.28 30.41 56.61
C ILE B 509 0.54 29.32 55.86
N ILE B 510 -0.22 28.49 56.57
CA ILE B 510 -0.94 27.40 55.91
C ILE B 510 -1.95 27.96 54.93
N LYS B 511 -2.62 29.06 55.30
CA LYS B 511 -3.57 29.67 54.38
C LYS B 511 -2.87 30.18 53.14
N LYS B 512 -1.71 30.81 53.29
CA LYS B 512 -1.00 31.38 52.14
C LYS B 512 -0.58 30.29 51.17
N PHE B 513 -0.02 29.20 51.68
CA PHE B 513 0.45 28.14 50.79
C PHE B 513 -0.71 27.41 50.13
N GLU B 514 -1.86 27.37 50.80
CA GLU B 514 -3.05 26.77 50.18
C GLU B 514 -3.54 27.62 49.02
N GLU B 515 -3.53 28.94 49.17
CA GLU B 515 -4.01 29.81 48.10
C GLU B 515 -3.05 29.82 46.92
N GLU B 516 -1.75 29.88 47.17
CA GLU B 516 -0.76 29.98 46.12
C GLU B 516 -0.36 28.63 45.52
N GLY B 517 -0.78 27.53 46.13
CA GLY B 517 -0.51 26.22 45.58
C GLY B 517 -1.70 25.67 44.82
N ASN B 518 -2.82 26.39 44.84
CA ASN B 518 -4.02 25.92 44.18
C ASN B 518 -3.79 25.84 42.67
N PRO B 519 -4.39 24.87 41.99
CA PRO B 519 -4.22 24.79 40.53
C PRO B 519 -4.67 26.04 39.81
N TYR B 520 -5.75 26.67 40.26
CA TYR B 520 -6.23 27.87 39.59
C TYR B 520 -5.26 29.03 39.77
N TYR B 521 -4.64 29.14 40.94
CA TYR B 521 -3.58 30.13 41.14
C TYR B 521 -2.41 29.86 40.19
N SER B 522 -2.01 28.60 40.07
CA SER B 522 -0.89 28.26 39.20
C SER B 522 -1.25 28.43 37.73
N SER B 523 -2.52 28.19 37.38
CA SER B 523 -2.94 28.29 35.99
C SER B 523 -3.35 29.70 35.58
N ALA B 524 -3.83 30.51 36.51
CA ALA B 524 -4.17 31.89 36.16
C ALA B 524 -2.95 32.61 35.61
N ARG B 525 -1.84 32.58 36.36
CA ARG B 525 -0.54 32.81 35.77
C ARG B 525 -0.18 31.62 34.90
N VAL B 526 0.61 31.85 33.87
CA VAL B 526 0.92 30.75 32.97
C VAL B 526 2.13 30.00 33.51
N TRP B 527 1.88 29.10 34.47
CA TRP B 527 2.87 28.15 34.92
C TRP B 527 2.67 26.77 34.30
N ASP B 528 1.46 26.49 33.83
CA ASP B 528 1.13 25.23 33.17
C ASP B 528 0.32 25.53 31.93
N ASP B 529 0.18 24.53 31.07
CA ASP B 529 -0.55 24.69 29.83
C ASP B 529 -2.04 24.37 29.95
N GLY B 530 -2.51 24.05 31.14
CA GLY B 530 -3.93 23.86 31.33
C GLY B 530 -4.24 22.90 32.45
N ILE B 531 -5.43 23.06 33.01
CA ILE B 531 -6.00 22.13 33.99
C ILE B 531 -6.93 21.20 33.25
N ILE B 532 -6.69 19.90 33.34
CA ILE B 532 -7.38 18.93 32.51
C ILE B 532 -8.09 17.92 33.40
N ASP B 533 -9.27 17.51 32.96
CA ASP B 533 -10.02 16.47 33.64
C ASP B 533 -9.27 15.15 33.55
N PRO B 534 -9.12 14.42 34.65
CA PRO B 534 -8.38 13.15 34.60
C PRO B 534 -8.92 12.19 33.55
N ALA B 535 -10.23 12.16 33.34
CA ALA B 535 -10.78 11.26 32.32
C ALA B 535 -10.27 11.61 30.92
N ASP B 536 -9.81 12.84 30.73
CA ASP B 536 -9.31 13.30 29.43
C ASP B 536 -7.81 13.15 29.28
N THR B 537 -7.14 12.52 30.25
CA THR B 537 -5.68 12.49 30.25
C THR B 537 -5.13 11.79 29.01
N ARG B 538 -5.69 10.64 28.64
CA ARG B 538 -5.17 9.91 27.50
C ARG B 538 -5.31 10.70 26.21
N LEU B 539 -6.47 11.35 26.01
CA LEU B 539 -6.67 12.12 24.79
C LEU B 539 -5.70 13.29 24.72
N VAL B 540 -5.53 14.03 25.82
CA VAL B 540 -4.67 15.20 25.82
C VAL B 540 -3.23 14.79 25.53
N LEU B 541 -2.76 13.73 26.17
CA LEU B 541 -1.41 13.24 25.92
C LEU B 541 -1.25 12.82 24.46
N GLY B 542 -2.24 12.12 23.91
CA GLY B 542 -2.15 11.70 22.52
C GLY B 542 -2.04 12.85 21.57
N LEU B 543 -2.85 13.90 21.78
CA LEU B 543 -2.75 15.09 20.94
C LEU B 543 -1.41 15.78 21.12
N SER B 544 -0.94 15.91 22.36
CA SER B 544 0.31 16.62 22.61
C SER B 544 1.49 15.90 21.99
N PHE B 545 1.59 14.58 22.20
CA PHE B 545 2.71 13.84 21.63
C PHE B 545 2.67 13.88 20.11
N SER B 546 1.48 13.81 19.52
CA SER B 546 1.37 13.88 18.07
C SER B 546 1.91 15.20 17.54
N ALA B 547 1.56 16.31 18.20
CA ALA B 547 2.08 17.61 17.78
C ALA B 547 3.59 17.70 17.99
N ALA B 548 4.07 17.19 19.12
CA ALA B 548 5.50 17.30 19.43
C ALA B 548 6.36 16.53 18.44
N LEU B 549 5.78 15.58 17.71
CA LEU B 549 6.54 14.77 16.78
C LEU B 549 6.71 15.43 15.42
N ASN B 550 6.16 16.64 15.22
CA ASN B 550 6.38 17.36 13.99
C ASN B 550 7.84 17.77 13.82
N ALA B 551 8.59 17.87 14.92
CA ALA B 551 9.98 18.25 14.74
C ALA B 551 10.89 17.04 14.88
N PRO B 552 11.96 16.96 14.09
CA PRO B 552 12.88 15.83 14.20
C PRO B 552 13.54 15.80 15.56
N ILE B 553 13.78 14.58 16.06
CA ILE B 553 14.41 14.38 17.36
C ILE B 553 15.92 14.48 17.19
N GLU B 554 16.54 15.34 17.99
CA GLU B 554 17.98 15.56 17.90
C GLU B 554 18.73 14.63 18.86
N LYS B 555 20.02 14.46 18.59
CA LYS B 555 20.88 13.69 19.47
C LYS B 555 21.13 14.45 20.77
N THR B 556 21.20 13.70 21.86
CA THR B 556 21.34 14.28 23.20
C THR B 556 22.81 14.33 23.58
N ASP B 557 23.26 15.49 24.03
CA ASP B 557 24.61 15.67 24.55
C ASP B 557 24.53 15.94 26.05
N PHE B 558 25.16 15.08 26.83
CA PHE B 558 25.11 15.17 28.29
C PHE B 558 26.34 15.90 28.82
N GLY B 559 26.16 16.50 30.00
CA GLY B 559 27.26 17.06 30.74
C GLY B 559 28.02 15.98 31.50
N ILE B 560 28.85 16.44 32.44
CA ILE B 560 29.61 15.50 33.25
C ILE B 560 28.71 14.89 34.32
N PHE B 561 28.66 13.57 34.35
CA PHE B 561 27.92 12.84 35.39
C PHE B 561 28.80 12.72 36.62
N ARG B 562 28.44 13.45 37.68
CA ARG B 562 29.20 13.39 38.92
C ARG B 562 28.93 12.06 39.60
N MET B 563 29.79 11.09 39.34
CA MET B 563 29.57 9.72 39.80
C MET B 563 29.71 9.62 41.32
N LEU C 31 -9.70 29.45 -12.25
CA LEU C 31 -9.39 30.50 -13.20
C LEU C 31 -10.04 30.21 -14.56
N GLY C 32 -9.91 31.17 -15.46
CA GLY C 32 -10.30 30.96 -16.83
C GLY C 32 -11.71 31.44 -17.11
N THR C 33 -11.95 31.83 -18.37
CA THR C 33 -13.26 32.19 -18.86
C THR C 33 -13.41 31.65 -20.27
N GLN C 34 -14.66 31.45 -20.67
CA GLN C 34 -14.91 30.93 -22.01
C GLN C 34 -14.74 32.04 -23.04
N PRO C 35 -13.83 31.89 -24.00
CA PRO C 35 -13.63 32.93 -25.00
C PRO C 35 -14.81 33.00 -25.98
N ASP C 36 -14.93 34.17 -26.62
CA ASP C 36 -16.00 34.39 -27.59
C ASP C 36 -15.54 33.85 -28.93
N LEU C 37 -15.92 32.59 -29.23
CA LEU C 37 -15.46 31.96 -30.46
C LEU C 37 -15.96 32.70 -31.69
N GLY C 38 -17.13 33.35 -31.59
CA GLY C 38 -17.67 34.07 -32.72
C GLY C 38 -16.99 35.39 -32.98
N SER C 39 -16.29 35.93 -31.99
CA SER C 39 -15.66 37.23 -32.14
C SER C 39 -14.65 37.22 -33.28
N ALA C 40 -14.59 38.34 -34.01
CA ALA C 40 -13.66 38.44 -35.14
C ALA C 40 -12.22 38.35 -34.67
N LEU C 41 -11.91 38.96 -33.53
CA LEU C 41 -10.55 38.90 -33.01
C LEU C 41 -10.12 37.46 -32.76
N TYR C 42 -10.99 36.67 -32.13
CA TYR C 42 -10.66 35.27 -31.87
C TYR C 42 -10.47 34.51 -33.18
N GLN C 43 -11.35 34.74 -34.16
CA GLN C 43 -11.21 34.06 -35.45
C GLN C 43 -9.88 34.40 -36.11
N GLU C 44 -9.52 35.69 -36.12
CA GLU C 44 -8.25 36.09 -36.73
C GLU C 44 -7.06 35.53 -35.97
N ASN C 45 -7.08 35.62 -34.64
CA ASN C 45 -5.96 35.13 -33.84
C ASN C 45 -5.76 33.63 -34.02
N TYR C 46 -6.86 32.87 -34.03
CA TYR C 46 -6.75 31.43 -34.25
C TYR C 46 -6.15 31.12 -35.62
N LYS C 47 -6.60 31.84 -36.65
CA LYS C 47 -6.10 31.57 -37.99
C LYS C 47 -4.60 31.84 -38.10
N GLN C 48 -4.14 32.95 -37.52
CA GLN C 48 -2.73 33.30 -37.61
C GLN C 48 -1.87 32.31 -36.83
N MET C 49 -2.27 32.00 -35.60
CA MET C 49 -1.49 31.07 -34.79
C MET C 49 -1.46 29.68 -35.41
N LYS C 50 -2.59 29.24 -35.97
CA LYS C 50 -2.63 27.92 -36.60
C LYS C 50 -1.63 27.83 -37.75
N ALA C 51 -1.53 28.89 -38.56
CA ALA C 51 -0.57 28.88 -39.66
C ALA C 51 0.85 28.74 -39.15
N LEU C 52 1.18 29.43 -38.07
CA LEU C 52 2.52 29.30 -37.48
C LEU C 52 2.79 27.88 -37.01
N VAL C 53 1.80 27.25 -36.38
CA VAL C 53 1.97 25.89 -35.90
C VAL C 53 2.15 24.92 -37.06
N ASN C 54 1.34 25.08 -38.11
CA ASN C 54 1.49 24.24 -39.29
C ASN C 54 2.85 24.43 -39.92
N GLN C 55 3.32 25.68 -40.00
CA GLN C 55 4.67 25.92 -40.51
C GLN C 55 5.72 25.22 -39.65
N LEU C 56 5.56 25.28 -38.33
CA LEU C 56 6.50 24.60 -37.45
C LEU C 56 6.49 23.10 -37.67
N HIS C 57 5.30 22.50 -37.83
CA HIS C 57 5.22 21.06 -37.97
C HIS C 57 5.91 20.56 -39.23
N GLU C 58 5.65 21.21 -40.36
CA GLU C 58 6.19 20.71 -41.62
C GLU C 58 7.71 20.89 -41.69
N ARG C 59 8.23 21.95 -41.07
CA ARG C 59 9.68 22.12 -41.04
C ARG C 59 10.35 21.02 -40.23
N VAL C 60 9.73 20.62 -39.12
CA VAL C 60 10.28 19.51 -38.34
C VAL C 60 10.25 18.22 -39.15
N GLU C 61 9.18 18.01 -39.92
CA GLU C 61 9.12 16.82 -40.76
C GLU C 61 10.32 16.73 -41.68
N HIS C 62 10.71 17.86 -42.29
CA HIS C 62 11.90 17.87 -43.15
C HIS C 62 13.15 17.58 -42.35
N ILE C 63 13.29 18.20 -41.18
CA ILE C 63 14.45 17.92 -40.33
C ILE C 63 14.48 16.46 -39.91
N LYS C 64 13.31 15.84 -39.77
CA LYS C 64 13.24 14.44 -39.37
C LYS C 64 14.01 13.54 -40.34
N LEU C 65 14.11 13.95 -41.61
CA LEU C 65 14.74 13.12 -42.62
C LEU C 65 16.26 13.20 -42.61
N GLY C 66 16.85 14.08 -41.81
CA GLY C 66 18.30 14.13 -41.70
C GLY C 66 18.98 14.44 -43.01
N GLY C 67 20.00 13.66 -43.34
CA GLY C 67 20.82 13.97 -44.50
C GLY C 67 20.08 13.87 -45.82
N GLY C 68 19.18 12.88 -45.93
CA GLY C 68 18.42 12.70 -47.15
C GLY C 68 18.27 11.26 -47.56
N GLU C 69 17.58 11.03 -48.67
CA GLU C 69 17.31 9.66 -49.10
C GLU C 69 18.59 8.92 -49.46
N LYS C 70 19.47 9.57 -50.22
CA LYS C 70 20.71 8.91 -50.63
C LYS C 70 21.57 8.56 -49.42
N ALA C 71 21.72 9.49 -48.49
CA ALA C 71 22.49 9.22 -47.28
C ALA C 71 21.83 8.16 -46.43
N ARG C 72 20.50 8.22 -46.29
CA ARG C 72 19.78 7.23 -45.48
C ARG C 72 19.89 5.85 -46.09
N ALA C 73 19.78 5.75 -47.42
CA ALA C 73 19.92 4.46 -48.08
C ALA C 73 21.32 3.89 -47.87
N LEU C 74 22.34 4.73 -47.97
CA LEU C 74 23.71 4.27 -47.71
C LEU C 74 23.86 3.82 -46.26
N HIS C 75 23.29 4.57 -45.32
CA HIS C 75 23.39 4.21 -43.91
C HIS C 75 22.81 2.83 -43.64
N ILE C 76 21.61 2.56 -44.20
CA ILE C 76 20.97 1.27 -43.96
C ILE C 76 21.72 0.16 -44.69
N SER C 77 22.30 0.46 -45.85
CA SER C 77 23.00 -0.54 -46.62
C SER C 77 24.17 -1.15 -45.85
N ARG C 78 24.69 -0.45 -44.85
CA ARG C 78 25.76 -0.97 -44.02
C ARG C 78 25.26 -1.77 -42.83
N GLY C 79 23.96 -2.02 -42.75
CA GLY C 79 23.39 -2.77 -41.64
C GLY C 79 23.12 -1.98 -40.39
N LYS C 80 23.29 -0.66 -40.43
CA LYS C 80 23.10 0.17 -39.25
C LYS C 80 21.67 0.71 -39.22
N LEU C 81 21.16 0.89 -38.00
CA LEU C 81 19.86 1.52 -37.81
C LEU C 81 19.96 3.03 -38.02
N LEU C 82 18.86 3.64 -38.43
CA LEU C 82 18.81 5.08 -38.52
C LEU C 82 18.82 5.68 -37.12
N PRO C 83 19.40 6.87 -36.96
CA PRO C 83 19.59 7.41 -35.60
C PRO C 83 18.31 7.50 -34.80
N ARG C 84 17.20 7.89 -35.41
CA ARG C 84 15.95 8.04 -34.67
C ARG C 84 15.32 6.67 -34.38
N GLU C 85 15.57 5.68 -35.22
CA GLU C 85 15.11 4.34 -34.92
C GLU C 85 15.88 3.76 -33.73
N ARG C 86 17.15 4.12 -33.59
CA ARG C 86 17.92 3.68 -32.43
C ARG C 86 17.28 4.19 -31.14
N ILE C 87 16.89 5.46 -31.10
CA ILE C 87 16.27 6.01 -29.90
C ILE C 87 14.94 5.32 -29.62
N ASP C 88 14.15 5.09 -30.66
CA ASP C 88 12.87 4.41 -30.48
C ASP C 88 13.05 3.06 -29.81
N ASN C 89 14.09 2.32 -30.19
CA ASN C 89 14.32 0.99 -29.63
C ASN C 89 14.96 1.07 -28.25
N LEU C 90 15.69 2.15 -27.97
CA LEU C 90 16.37 2.27 -26.70
C LEU C 90 15.39 2.57 -25.55
N ILE C 91 14.44 3.48 -25.78
CA ILE C 91 13.58 3.90 -24.69
C ILE C 91 12.48 2.86 -24.44
N ASP C 92 11.81 3.00 -23.31
CA ASP C 92 10.79 2.04 -22.93
C ASP C 92 9.65 2.06 -23.94
N PRO C 93 8.98 0.92 -24.16
CA PRO C 93 7.95 0.88 -25.21
C PRO C 93 6.81 1.85 -24.91
N GLY C 94 6.54 2.73 -25.88
CA GLY C 94 5.44 3.66 -25.78
C GLY C 94 5.71 4.89 -24.95
N SER C 95 6.89 5.01 -24.36
CA SER C 95 7.18 6.15 -23.51
C SER C 95 7.40 7.41 -24.34
N PRO C 96 6.98 8.57 -23.86
CA PRO C 96 7.23 9.81 -24.59
C PRO C 96 8.72 10.15 -24.59
N PHE C 97 9.14 10.85 -25.64
CA PHE C 97 10.53 11.28 -25.78
C PHE C 97 10.55 12.79 -25.95
N LEU C 98 11.25 13.48 -25.05
CA LEU C 98 11.34 14.94 -25.08
C LEU C 98 12.60 15.33 -25.83
N GLU C 99 12.46 15.63 -27.12
CA GLU C 99 13.61 16.06 -27.91
C GLU C 99 13.88 17.54 -27.70
N LEU C 100 15.16 17.90 -27.73
CA LEU C 100 15.61 19.25 -27.44
C LEU C 100 16.33 19.85 -28.64
N SER C 101 16.12 21.14 -28.87
CA SER C 101 16.83 21.89 -29.89
C SER C 101 16.72 21.23 -31.26
N GLN C 102 15.48 20.94 -31.67
CA GLN C 102 15.28 20.32 -32.97
C GLN C 102 15.76 21.22 -34.10
N PHE C 103 15.77 22.53 -33.90
CA PHE C 103 16.08 23.48 -34.97
C PHE C 103 17.51 23.99 -34.93
N ALA C 104 18.38 23.37 -34.13
CA ALA C 104 19.78 23.79 -34.11
C ALA C 104 20.38 23.67 -35.50
N GLY C 105 21.06 24.74 -35.93
CA GLY C 105 21.68 24.77 -37.25
C GLY C 105 20.73 25.08 -38.39
N TYR C 106 19.49 25.47 -38.11
CA TYR C 106 18.52 25.80 -39.15
C TYR C 106 18.95 27.09 -39.83
N GLN C 107 19.41 26.97 -41.08
CA GLN C 107 19.89 28.10 -41.87
C GLN C 107 21.05 28.83 -41.21
N LEU C 108 21.73 28.18 -40.27
CA LEU C 108 22.84 28.82 -39.56
C LEU C 108 24.01 29.08 -40.49
N TYR C 109 24.30 28.14 -41.39
CA TYR C 109 25.45 28.22 -42.28
C TYR C 109 24.98 28.50 -43.71
N ASP C 110 25.76 29.31 -44.42
CA ASP C 110 25.26 29.96 -45.62
C ASP C 110 24.74 28.96 -46.65
N ASN C 111 25.58 27.98 -47.02
CA ASN C 111 25.24 27.06 -48.10
C ASN C 111 25.16 25.61 -47.64
N GLU C 112 25.37 25.34 -46.36
CA GLU C 112 25.34 23.99 -45.83
C GLU C 112 24.07 23.78 -45.02
N GLU C 113 23.37 22.69 -45.31
CA GLU C 113 22.19 22.30 -44.56
C GLU C 113 22.60 21.25 -43.53
N VAL C 114 22.34 21.54 -42.26
CA VAL C 114 22.74 20.65 -41.17
C VAL C 114 21.50 20.35 -40.33
N PRO C 115 20.64 19.43 -40.76
CA PRO C 115 19.39 19.18 -40.04
C PRO C 115 19.64 18.78 -38.60
N GLY C 116 19.10 19.58 -37.69
CA GLY C 116 19.24 19.32 -36.27
C GLY C 116 20.64 19.46 -35.72
N GLY C 117 21.56 20.03 -36.49
CA GLY C 117 22.93 20.18 -36.05
C GLY C 117 23.78 18.94 -36.19
N GLY C 118 23.26 17.88 -36.79
CA GLY C 118 23.99 16.63 -36.88
C GLY C 118 23.96 15.78 -35.63
N ILE C 119 23.10 16.12 -34.67
CA ILE C 119 23.02 15.39 -33.41
C ILE C 119 21.59 15.46 -32.90
N ILE C 120 21.16 14.38 -32.26
CA ILE C 120 19.82 14.27 -31.69
C ILE C 120 19.96 14.10 -30.19
N THR C 121 19.36 15.02 -29.43
CA THR C 121 19.41 14.99 -27.98
C THR C 121 18.00 15.09 -27.41
N GLY C 122 17.79 14.43 -26.29
CA GLY C 122 16.48 14.45 -25.65
C GLY C 122 16.49 13.62 -24.39
N ILE C 123 15.36 13.62 -23.70
CA ILE C 123 15.20 12.90 -22.45
C ILE C 123 14.13 11.84 -22.64
N GLY C 124 14.47 10.60 -22.33
CA GLY C 124 13.52 9.50 -22.40
C GLY C 124 13.75 8.54 -21.25
N ARG C 125 12.83 7.59 -21.12
CA ARG C 125 12.87 6.62 -20.03
C ARG C 125 13.48 5.33 -20.54
N VAL C 126 14.57 4.89 -19.89
CA VAL C 126 15.23 3.64 -20.19
C VAL C 126 15.19 2.78 -18.94
N SER C 127 14.56 1.62 -19.03
CA SER C 127 14.43 0.72 -17.89
C SER C 127 13.80 1.43 -16.70
N GLY C 128 12.87 2.32 -16.98
CA GLY C 128 12.18 3.07 -15.94
C GLY C 128 12.95 4.22 -15.35
N VAL C 129 14.10 4.58 -15.93
CA VAL C 129 14.93 5.67 -15.43
C VAL C 129 15.01 6.75 -16.49
N GLU C 130 14.83 8.01 -16.09
CA GLU C 130 14.96 9.12 -17.01
C GLU C 130 16.43 9.35 -17.33
N CYS C 131 16.76 9.35 -18.62
CA CYS C 131 18.15 9.49 -19.06
C CYS C 131 18.23 10.51 -20.18
N MET C 132 19.41 11.12 -20.32
CA MET C 132 19.70 11.99 -21.45
C MET C 132 20.37 11.18 -22.54
N ILE C 133 19.83 11.26 -23.75
CA ILE C 133 20.30 10.47 -24.89
C ILE C 133 20.92 11.43 -25.89
N ILE C 134 22.16 11.16 -26.28
CA ILE C 134 22.92 12.00 -27.21
C ILE C 134 23.42 11.09 -28.32
N ALA C 135 22.82 11.21 -29.50
CA ALA C 135 23.13 10.35 -30.63
C ALA C 135 23.58 11.19 -31.82
N ASN C 136 24.74 10.84 -32.37
CA ASN C 136 25.20 11.47 -33.60
C ASN C 136 24.36 11.01 -34.79
N ASP C 137 24.07 11.94 -35.70
CA ASP C 137 23.33 11.63 -36.91
C ASP C 137 24.35 11.45 -38.03
N ALA C 138 24.70 10.19 -38.31
CA ALA C 138 25.74 9.91 -39.30
C ALA C 138 25.31 10.26 -40.72
N THR C 139 24.01 10.44 -40.95
CA THR C 139 23.55 10.76 -42.30
C THR C 139 23.78 12.23 -42.63
N VAL C 140 24.06 13.05 -41.63
CA VAL C 140 24.26 14.48 -41.81
C VAL C 140 25.76 14.76 -41.83
N LYS C 141 26.30 15.05 -43.02
CA LYS C 141 27.71 15.37 -43.18
C LYS C 141 28.60 14.28 -42.58
N GLY C 142 28.13 13.04 -42.69
CA GLY C 142 28.90 11.93 -42.14
C GLY C 142 29.12 11.99 -40.65
N GLY C 143 28.29 12.76 -39.93
CA GLY C 143 28.44 12.88 -38.50
C GLY C 143 29.53 13.82 -38.03
N ALA C 144 30.01 14.71 -38.90
CA ALA C 144 31.04 15.65 -38.52
C ALA C 144 30.49 16.65 -37.50
N TYR C 145 31.39 17.17 -36.66
CA TYR C 145 31.01 18.09 -35.59
C TYR C 145 31.14 19.52 -36.09
N TYR C 146 30.02 20.17 -36.35
CA TYR C 146 29.98 21.59 -36.63
C TYR C 146 29.97 22.38 -35.33
N PRO C 147 30.28 23.68 -35.39
CA PRO C 147 30.28 24.47 -34.16
C PRO C 147 28.97 24.40 -33.39
N VAL C 148 27.83 24.37 -34.10
CA VAL C 148 26.54 24.25 -33.42
C VAL C 148 26.38 22.86 -32.82
N THR C 149 26.98 21.85 -33.45
CA THR C 149 26.90 20.49 -32.93
C THR C 149 27.54 20.40 -31.54
N VAL C 150 28.69 21.03 -31.36
CA VAL C 150 29.34 21.05 -30.05
C VAL C 150 28.46 21.77 -29.04
N LYS C 151 27.89 22.92 -29.42
CA LYS C 151 27.06 23.66 -28.49
C LYS C 151 25.82 22.87 -28.08
N LYS C 152 25.19 22.18 -29.04
CA LYS C 152 24.01 21.39 -28.70
C LYS C 152 24.36 20.27 -27.73
N GLN C 153 25.48 19.57 -27.96
CA GLN C 153 25.89 18.51 -27.05
C GLN C 153 26.22 19.07 -25.67
N LEU C 154 26.94 20.19 -25.61
CA LEU C 154 27.28 20.79 -24.33
C LEU C 154 26.03 21.20 -23.56
N ARG C 155 25.03 21.72 -24.27
CA ARG C 155 23.77 22.05 -23.61
C ARG C 155 23.11 20.80 -23.02
N ALA C 156 23.12 19.70 -23.77
CA ALA C 156 22.54 18.47 -23.26
C ALA C 156 23.27 17.99 -22.01
N GLN C 157 24.60 18.04 -22.01
CA GLN C 157 25.36 17.63 -20.84
C GLN C 157 25.06 18.52 -19.65
N GLU C 158 24.91 19.83 -19.88
CA GLU C 158 24.56 20.74 -18.80
C GLU C 158 23.21 20.37 -18.20
N ILE C 159 22.24 20.02 -19.04
CA ILE C 159 20.94 19.62 -18.54
C ILE C 159 21.05 18.34 -17.71
N ALA C 160 21.83 17.37 -18.20
CA ALA C 160 21.96 16.11 -17.48
C ALA C 160 22.60 16.31 -16.11
N MET C 161 23.65 17.13 -16.04
CA MET C 161 24.33 17.34 -14.77
C MET C 161 23.44 18.06 -13.77
N GLN C 162 22.72 19.09 -14.21
CA GLN C 162 21.92 19.89 -13.28
C GLN C 162 20.77 19.07 -12.71
N ASN C 163 20.33 18.04 -13.42
CA ASN C 163 19.20 17.23 -13.00
C ASN C 163 19.60 15.79 -12.64
N ARG C 164 20.90 15.49 -12.66
CA ARG C 164 21.39 14.16 -12.33
C ARG C 164 20.74 13.09 -13.22
N LEU C 165 20.82 13.31 -14.52
CA LEU C 165 20.30 12.34 -15.46
C LEU C 165 21.43 11.54 -16.08
N PRO C 166 21.37 10.21 -16.06
CA PRO C 166 22.43 9.43 -16.72
C PRO C 166 22.51 9.77 -18.20
N CYS C 167 23.73 9.77 -18.72
CA CYS C 167 23.99 10.16 -20.11
C CYS C 167 24.30 8.92 -20.93
N ILE C 168 23.60 8.76 -22.04
CA ILE C 168 23.82 7.66 -22.98
C ILE C 168 24.25 8.27 -24.30
N TYR C 169 25.45 7.92 -24.76
CA TYR C 169 26.01 8.43 -26.00
C TYR C 169 25.96 7.34 -27.06
N LEU C 170 25.13 7.55 -28.07
CA LEU C 170 25.10 6.68 -29.25
C LEU C 170 26.09 7.24 -30.26
N VAL C 171 27.33 6.77 -30.21
CA VAL C 171 28.45 7.41 -30.89
C VAL C 171 28.53 6.89 -32.31
N ASP C 172 28.31 7.77 -33.27
CA ASP C 172 28.62 7.52 -34.67
C ASP C 172 29.01 8.85 -35.32
N SER C 173 30.31 9.15 -35.34
CA SER C 173 30.78 10.48 -35.69
C SER C 173 31.94 10.40 -36.66
N GLY C 174 32.14 11.49 -37.40
CA GLY C 174 33.23 11.63 -38.34
C GLY C 174 34.29 12.63 -37.96
N GLY C 175 34.31 13.09 -36.71
CA GLY C 175 35.30 14.05 -36.27
C GLY C 175 34.89 15.49 -36.49
N ALA C 176 35.82 16.38 -36.18
CA ALA C 176 35.57 17.81 -36.27
C ALA C 176 35.54 18.27 -37.73
N TYR C 177 34.80 19.34 -37.98
CA TYR C 177 34.72 19.93 -39.31
C TYR C 177 35.90 20.88 -39.48
N LEU C 178 36.92 20.43 -40.19
CA LEU C 178 38.17 21.19 -40.28
C LEU C 178 37.98 22.61 -40.77
N PRO C 179 37.15 22.90 -41.78
CA PRO C 179 37.05 24.28 -42.27
C PRO C 179 36.67 25.29 -41.20
N ARG C 180 36.06 24.83 -40.11
CA ARG C 180 35.63 25.70 -39.02
C ARG C 180 36.27 25.26 -37.69
N GLN C 181 37.54 24.85 -37.75
CA GLN C 181 38.18 24.28 -36.56
C GLN C 181 38.30 25.31 -35.45
N ALA C 182 38.57 26.57 -35.80
CA ALA C 182 38.79 27.59 -34.77
C ALA C 182 37.58 27.77 -33.87
N ASP C 183 36.39 27.39 -34.34
CA ASP C 183 35.17 27.50 -33.56
C ASP C 183 34.75 26.18 -32.93
N VAL C 184 35.63 25.18 -32.94
CA VAL C 184 35.29 23.86 -32.41
C VAL C 184 36.29 23.43 -31.35
N PHE C 185 37.58 23.56 -31.65
CA PHE C 185 38.64 23.00 -30.83
C PHE C 185 39.02 23.82 -29.59
N PRO C 186 39.38 25.10 -29.76
CA PRO C 186 40.28 25.73 -28.76
C PRO C 186 39.62 26.12 -27.45
N ASP C 187 38.46 26.76 -27.47
CA ASP C 187 38.00 27.53 -26.33
C ASP C 187 37.44 26.64 -25.24
N ARG C 188 37.05 27.27 -24.12
CA ARG C 188 36.53 26.52 -22.98
C ARG C 188 35.24 25.79 -23.32
N ASP C 189 34.33 26.46 -24.04
CA ASP C 189 33.06 25.86 -24.45
C ASP C 189 33.17 25.18 -25.81
N HIS C 190 34.35 24.74 -26.18
CA HIS C 190 34.56 24.04 -27.44
C HIS C 190 34.65 22.54 -27.18
N PHE C 191 35.03 21.77 -28.20
CA PHE C 191 34.91 20.32 -28.14
C PHE C 191 35.58 19.74 -26.90
N GLY C 192 36.66 20.35 -26.42
CA GLY C 192 37.34 19.82 -25.26
C GLY C 192 36.46 19.72 -24.04
N ARG C 193 35.52 20.65 -23.90
CA ARG C 193 34.63 20.66 -22.73
C ARG C 193 33.79 19.41 -22.64
N THR C 194 33.56 18.71 -23.76
CA THR C 194 32.73 17.50 -23.74
C THR C 194 33.32 16.44 -22.82
N PHE C 195 34.64 16.22 -22.91
CA PHE C 195 35.28 15.23 -22.04
C PHE C 195 35.34 15.72 -20.61
N TYR C 196 35.55 17.02 -20.41
CA TYR C 196 35.52 17.58 -19.06
C TYR C 196 34.20 17.30 -18.38
N ASN C 197 33.09 17.49 -19.10
CA ASN C 197 31.78 17.22 -18.51
C ASN C 197 31.62 15.75 -18.15
N GLN C 198 32.09 14.85 -19.01
CA GLN C 198 31.99 13.43 -18.72
C GLN C 198 32.75 13.08 -17.44
N ALA C 199 33.97 13.60 -17.28
CA ALA C 199 34.74 13.32 -16.09
C ALA C 199 34.06 13.85 -14.84
N ILE C 200 33.48 15.04 -14.92
CA ILE C 200 32.85 15.64 -13.74
C ILE C 200 31.61 14.85 -13.34
N MET C 201 30.77 14.49 -14.31
CA MET C 201 29.56 13.74 -13.99
C MET C 201 29.90 12.37 -13.40
N SER C 202 30.93 11.72 -13.93
CA SER C 202 31.35 10.44 -13.38
C SER C 202 31.75 10.57 -11.93
N SER C 203 32.46 11.65 -11.58
CA SER C 203 32.88 11.84 -10.19
C SER C 203 31.69 12.08 -9.27
N LYS C 204 30.54 12.46 -9.81
CA LYS C 204 29.34 12.70 -9.02
C LYS C 204 28.38 11.52 -9.04
N ASN C 205 28.78 10.38 -9.59
CA ASN C 205 27.95 9.18 -9.67
C ASN C 205 26.76 9.39 -10.61
N ILE C 206 26.94 10.21 -11.64
CA ILE C 206 25.96 10.33 -12.73
C ILE C 206 26.48 9.46 -13.86
N ALA C 207 25.82 8.32 -14.07
CA ALA C 207 26.37 7.29 -14.95
C ALA C 207 26.60 7.83 -16.35
N GLN C 208 27.73 7.46 -16.94
CA GLN C 208 28.08 7.81 -18.31
C GLN C 208 28.21 6.52 -19.11
N ILE C 209 27.32 6.31 -20.06
CA ILE C 209 27.27 5.10 -20.87
C ILE C 209 27.46 5.47 -22.33
N ALA C 210 28.42 4.84 -22.99
CA ALA C 210 28.73 5.10 -24.39
C ALA C 210 28.48 3.84 -25.20
N VAL C 211 27.80 4.00 -26.33
CA VAL C 211 27.48 2.91 -27.24
C VAL C 211 28.11 3.25 -28.59
N VAL C 212 29.22 2.59 -28.91
CA VAL C 212 29.92 2.83 -30.18
C VAL C 212 29.20 2.03 -31.26
N MET C 213 28.39 2.71 -32.06
CA MET C 213 27.64 2.09 -33.14
C MET C 213 28.19 2.50 -34.50
N GLY C 214 29.42 2.99 -34.52
CA GLY C 214 30.02 3.45 -35.75
C GLY C 214 31.46 3.86 -35.52
N SER C 215 32.00 4.61 -36.48
CA SER C 215 33.37 5.07 -36.39
C SER C 215 33.48 6.27 -35.45
N CYS C 216 34.52 6.27 -34.63
CA CYS C 216 34.89 7.40 -33.79
C CYS C 216 36.39 7.57 -33.86
N THR C 217 36.84 8.78 -34.21
CA THR C 217 38.23 9.03 -34.52
C THR C 217 38.72 10.27 -33.76
N ALA C 218 40.01 10.27 -33.43
CA ALA C 218 40.66 11.39 -32.77
C ALA C 218 39.93 11.66 -31.45
N GLY C 219 39.33 12.83 -31.25
CA GLY C 219 38.64 13.09 -29.99
C GLY C 219 37.49 12.12 -29.76
N GLY C 220 36.86 11.65 -30.83
CA GLY C 220 35.74 10.74 -30.67
C GLY C 220 36.10 9.48 -29.90
N ALA C 221 37.32 8.97 -30.12
CA ALA C 221 37.75 7.76 -29.42
C ALA C 221 37.77 7.96 -27.91
N TYR C 222 37.86 9.21 -27.44
CA TYR C 222 37.91 9.46 -26.01
C TYR C 222 36.55 9.21 -25.35
N VAL C 223 35.47 9.42 -26.10
CA VAL C 223 34.13 9.27 -25.51
C VAL C 223 33.93 7.88 -24.94
N PRO C 224 34.13 6.79 -25.69
CA PRO C 224 34.04 5.45 -25.07
C PRO C 224 35.05 5.24 -23.97
N ALA C 225 36.24 5.83 -24.08
CA ALA C 225 37.27 5.63 -23.08
C ALA C 225 36.92 6.36 -21.78
N MET C 226 36.25 7.50 -21.87
CA MET C 226 35.91 8.28 -20.69
C MET C 226 34.62 7.81 -20.03
N ALA C 227 33.93 6.84 -20.61
CA ALA C 227 32.64 6.42 -20.07
C ALA C 227 32.83 5.38 -18.95
N ASP C 228 31.87 5.36 -18.02
CA ASP C 228 31.90 4.37 -16.95
C ASP C 228 31.74 2.96 -17.51
N GLU C 229 30.74 2.74 -18.36
CA GLU C 229 30.54 1.48 -19.05
C GLU C 229 30.41 1.74 -20.53
N ASN C 230 30.89 0.79 -21.34
CA ASN C 230 31.05 1.01 -22.77
C ASN C 230 30.56 -0.21 -23.53
N ILE C 231 29.90 0.03 -24.66
CA ILE C 231 29.40 -1.01 -25.55
C ILE C 231 29.81 -0.69 -26.97
N ILE C 232 30.32 -1.68 -27.68
CA ILE C 232 30.80 -1.53 -29.05
C ILE C 232 30.22 -2.64 -29.91
N VAL C 233 29.79 -2.27 -31.12
CA VAL C 233 29.23 -3.23 -32.07
C VAL C 233 30.36 -3.97 -32.77
N ARG C 234 30.06 -5.17 -33.26
CA ARG C 234 31.10 -6.08 -33.72
C ARG C 234 31.95 -5.45 -34.81
N LYS C 235 31.33 -4.95 -35.88
CA LYS C 235 32.08 -4.47 -37.02
C LYS C 235 31.87 -2.99 -37.32
N GLN C 236 30.69 -2.43 -37.03
CA GLN C 236 30.47 -1.02 -37.29
C GLN C 236 31.37 -0.14 -36.42
N GLY C 237 31.52 -0.49 -35.15
CA GLY C 237 32.26 0.34 -34.21
C GLY C 237 33.77 0.28 -34.39
N THR C 238 34.40 1.46 -34.49
CA THR C 238 35.85 1.58 -34.60
C THR C 238 36.32 2.69 -33.68
N ILE C 239 37.38 2.43 -32.92
CA ILE C 239 37.95 3.40 -31.99
C ILE C 239 39.45 3.45 -32.21
N PHE C 240 39.98 4.65 -32.41
CA PHE C 240 41.41 4.86 -32.56
C PHE C 240 41.73 6.33 -32.38
N LEU C 241 42.79 6.62 -31.62
CA LEU C 241 43.23 8.00 -31.47
C LEU C 241 43.65 8.58 -32.82
N ALA C 242 44.41 7.81 -33.60
CA ALA C 242 44.85 8.23 -34.92
C ALA C 242 44.23 7.31 -35.96
N GLY C 243 43.58 7.90 -36.96
CA GLY C 243 42.96 7.14 -38.01
C GLY C 243 43.98 6.54 -38.95
N PRO C 244 43.51 5.64 -39.80
CA PRO C 244 44.40 4.99 -40.77
C PRO C 244 45.13 6.02 -41.62
N PRO C 245 44.43 7.08 -42.08
CA PRO C 245 45.14 8.10 -42.87
C PRO C 245 46.31 8.73 -42.14
N LEU C 246 46.17 9.02 -40.85
CA LEU C 246 47.29 9.58 -40.09
C LEU C 246 48.39 8.54 -39.87
N VAL C 247 48.00 7.29 -39.63
CA VAL C 247 48.99 6.24 -39.42
C VAL C 247 49.86 6.09 -40.66
N LYS C 248 49.25 6.07 -41.84
CA LYS C 248 50.03 5.95 -43.07
C LYS C 248 50.98 7.12 -43.25
N ALA C 249 50.49 8.34 -43.02
CA ALA C 249 51.35 9.52 -43.18
C ALA C 249 52.48 9.53 -42.16
N ALA C 250 52.18 9.17 -40.91
CA ALA C 250 53.19 9.23 -39.86
C ALA C 250 54.20 8.10 -39.98
N THR C 251 53.74 6.89 -40.28
CA THR C 251 54.60 5.71 -40.28
C THR C 251 54.58 4.93 -41.59
N GLY C 252 53.80 5.35 -42.57
CA GLY C 252 53.78 4.67 -43.85
C GLY C 252 53.30 3.23 -43.78
N GLU C 253 52.24 2.98 -43.01
CA GLU C 253 51.65 1.66 -42.88
C GLU C 253 50.19 1.70 -43.30
N GLU C 254 49.76 0.68 -44.03
CA GLU C 254 48.38 0.57 -44.47
C GLU C 254 47.66 -0.44 -43.60
N VAL C 255 46.65 0.02 -42.87
CA VAL C 255 45.86 -0.82 -41.99
C VAL C 255 44.39 -0.43 -42.10
N SER C 256 43.52 -1.42 -42.12
CA SER C 256 42.09 -1.15 -42.17
C SER C 256 41.59 -0.62 -40.83
N ALA C 257 40.46 0.09 -40.88
CA ALA C 257 39.91 0.65 -39.66
C ALA C 257 39.55 -0.44 -38.65
N GLU C 258 39.00 -1.55 -39.14
CA GLU C 258 38.63 -2.63 -38.24
C GLU C 258 39.85 -3.18 -37.50
N ASP C 259 40.96 -3.39 -38.21
CA ASP C 259 42.17 -3.89 -37.57
C ASP C 259 42.73 -2.87 -36.59
N LEU C 260 42.80 -1.61 -36.99
CA LEU C 260 43.29 -0.57 -36.10
C LEU C 260 42.38 -0.43 -34.88
N GLY C 261 41.07 -0.42 -35.10
CA GLY C 261 40.11 -0.36 -34.02
C GLY C 261 39.27 -1.63 -33.94
N GLY C 262 37.97 -1.49 -34.09
CA GLY C 262 37.11 -2.66 -34.13
C GLY C 262 36.73 -3.15 -32.75
N ALA C 263 35.59 -3.83 -32.69
CA ALA C 263 35.12 -4.37 -31.41
C ALA C 263 36.04 -5.46 -30.89
N ASP C 264 36.50 -6.35 -31.78
CA ASP C 264 37.31 -7.48 -31.33
C ASP C 264 38.62 -7.01 -30.69
N LEU C 265 39.30 -6.06 -31.34
CA LEU C 265 40.56 -5.57 -30.80
C LEU C 265 40.36 -4.93 -29.42
N HIS C 266 39.37 -4.06 -29.30
CA HIS C 266 39.14 -3.37 -28.03
C HIS C 266 38.50 -4.30 -27.01
N CYS C 267 37.57 -5.15 -27.45
CA CYS C 267 36.89 -6.05 -26.53
C CYS C 267 37.85 -7.07 -25.93
N ARG C 268 38.74 -7.64 -26.75
CA ARG C 268 39.54 -8.77 -26.33
C ARG C 268 41.01 -8.45 -26.08
N LYS C 269 41.57 -7.48 -26.77
CA LYS C 269 42.99 -7.16 -26.64
C LYS C 269 43.23 -5.82 -25.97
N SER C 270 42.68 -4.73 -26.51
CA SER C 270 42.92 -3.43 -25.90
C SER C 270 42.19 -3.30 -24.57
N GLY C 271 41.04 -3.94 -24.44
CA GLY C 271 40.23 -3.84 -23.24
C GLY C 271 39.43 -2.57 -23.11
N VAL C 272 39.39 -1.74 -24.15
CA VAL C 272 38.62 -0.50 -24.09
C VAL C 272 37.13 -0.79 -24.04
N SER C 273 36.71 -1.95 -24.53
CA SER C 273 35.29 -2.29 -24.63
C SER C 273 34.86 -3.12 -23.43
N ASP C 274 33.74 -2.73 -22.83
CA ASP C 274 33.19 -3.49 -21.70
C ASP C 274 32.18 -4.53 -22.15
N HIS C 275 31.45 -4.26 -23.23
CA HIS C 275 30.48 -5.20 -23.77
C HIS C 275 30.64 -5.28 -25.28
N TRP C 276 30.38 -6.47 -25.82
CA TRP C 276 30.53 -6.74 -27.25
C TRP C 276 29.16 -7.07 -27.82
N ALA C 277 28.76 -6.38 -28.87
CA ALA C 277 27.42 -6.47 -29.43
C ALA C 277 27.49 -6.92 -30.88
N LEU C 278 26.55 -7.79 -31.26
CA LEU C 278 26.52 -8.31 -32.62
C LEU C 278 26.06 -7.25 -33.62
N ASP C 279 24.99 -6.53 -33.30
CA ASP C 279 24.43 -5.55 -34.22
C ASP C 279 23.84 -4.40 -33.41
N ASP C 280 23.18 -3.48 -34.10
CA ASP C 280 22.59 -2.32 -33.44
C ASP C 280 21.50 -2.74 -32.45
N HIS C 281 20.64 -3.69 -32.85
CA HIS C 281 19.59 -4.15 -31.95
C HIS C 281 20.18 -4.77 -30.69
N HIS C 282 21.22 -5.58 -30.84
CA HIS C 282 21.84 -6.19 -29.68
C HIS C 282 22.45 -5.15 -28.76
N ALA C 283 23.11 -4.14 -29.32
CA ALA C 283 23.73 -3.11 -28.50
C ALA C 283 22.69 -2.34 -27.70
N LEU C 284 21.56 -2.01 -28.32
CA LEU C 284 20.50 -1.30 -27.60
C LEU C 284 19.91 -2.16 -26.49
N HIS C 285 19.78 -3.46 -26.73
CA HIS C 285 19.33 -4.35 -25.67
C HIS C 285 20.31 -4.38 -24.52
N LEU C 286 21.61 -4.42 -24.83
CA LEU C 286 22.63 -4.40 -23.78
C LEU C 286 22.57 -3.10 -22.99
N THR C 287 22.36 -1.97 -23.67
CA THR C 287 22.29 -0.69 -22.98
C THR C 287 21.19 -0.68 -21.93
N ARG C 288 20.01 -1.21 -22.28
CA ARG C 288 18.92 -1.26 -21.32
C ARG C 288 19.30 -2.08 -20.09
N LYS C 289 20.03 -3.17 -20.29
CA LYS C 289 20.50 -3.96 -19.15
C LYS C 289 21.46 -3.17 -18.28
N VAL C 290 22.36 -2.40 -18.90
CA VAL C 290 23.33 -1.63 -18.14
C VAL C 290 22.64 -0.62 -17.24
N VAL C 291 21.63 0.06 -17.77
CA VAL C 291 20.92 1.07 -16.98
C VAL C 291 20.19 0.41 -15.81
N ARG C 292 19.64 -0.79 -16.04
CA ARG C 292 18.90 -1.47 -14.98
C ARG C 292 19.78 -1.83 -13.79
N ASN C 293 21.10 -1.86 -13.98
CA ASN C 293 22.04 -2.23 -12.92
C ASN C 293 22.65 -1.02 -12.23
N LEU C 294 22.11 0.17 -12.47
CA LEU C 294 22.64 1.38 -11.86
C LEU C 294 22.30 1.49 -10.38
N ASN C 295 21.38 0.66 -9.87
CA ASN C 295 21.00 0.68 -8.46
C ASN C 295 20.51 2.06 -8.04
N TYR C 296 19.72 2.67 -8.91
CA TYR C 296 19.18 4.01 -8.69
C TYR C 296 17.67 3.94 -8.53
N GLN C 297 17.13 4.71 -7.59
CA GLN C 297 15.69 4.84 -7.40
C GLN C 297 15.36 6.30 -7.18
N LYS C 298 14.36 6.79 -7.90
CA LYS C 298 14.01 8.20 -7.83
C LYS C 298 13.29 8.51 -6.53
N LYS C 299 13.66 9.63 -5.89
CA LYS C 299 13.03 10.09 -4.66
C LYS C 299 12.61 11.54 -4.85
N LEU C 300 11.40 11.86 -4.38
CA LEU C 300 10.81 13.18 -4.56
C LEU C 300 10.92 13.98 -3.26
N ASP C 301 11.37 15.23 -3.39
CA ASP C 301 11.47 16.15 -2.26
C ASP C 301 10.20 16.97 -2.03
N VAL C 302 9.27 16.94 -2.98
CA VAL C 302 8.10 17.80 -2.94
C VAL C 302 6.86 16.97 -2.60
N THR C 303 5.85 17.65 -2.07
CA THR C 303 4.56 16.99 -1.84
C THR C 303 3.85 16.77 -3.16
N ILE C 304 3.04 15.71 -3.22
CA ILE C 304 2.38 15.30 -4.45
C ILE C 304 0.88 15.19 -4.19
N GLU C 305 0.09 15.62 -5.17
CA GLU C 305 -1.35 15.51 -5.14
C GLU C 305 -1.83 14.92 -6.46
N PRO C 306 -2.99 14.28 -6.48
CA PRO C 306 -3.47 13.64 -7.70
C PRO C 306 -3.60 14.65 -8.84
N SER C 307 -3.27 14.20 -10.04
CA SER C 307 -3.31 15.06 -11.21
C SER C 307 -4.74 15.30 -11.67
N GLU C 308 -4.96 16.45 -12.30
CA GLU C 308 -6.24 16.80 -12.89
C GLU C 308 -6.00 17.61 -14.15
N GLU C 309 -6.83 17.37 -15.16
CA GLU C 309 -6.73 18.11 -16.41
C GLU C 309 -7.27 19.52 -16.23
N PRO C 310 -6.78 20.48 -17.00
CA PRO C 310 -7.32 21.83 -16.95
C PRO C 310 -8.78 21.85 -17.41
N LEU C 311 -9.52 22.84 -16.93
CA LEU C 311 -10.95 22.92 -17.20
C LEU C 311 -11.27 23.51 -18.56
N PHE C 312 -10.26 23.95 -19.32
CA PHE C 312 -10.49 24.55 -20.62
C PHE C 312 -9.60 23.90 -21.67
N PRO C 313 -10.06 23.82 -22.91
CA PRO C 313 -9.22 23.24 -23.97
C PRO C 313 -7.95 24.05 -24.20
N ALA C 314 -6.87 23.34 -24.52
CA ALA C 314 -5.60 24.01 -24.75
C ALA C 314 -5.56 24.72 -26.09
N ASP C 315 -6.24 24.18 -27.10
CA ASP C 315 -6.19 24.77 -28.43
C ASP C 315 -6.84 26.15 -28.48
N GLU C 316 -7.65 26.50 -27.46
CA GLU C 316 -8.19 27.84 -27.40
C GLU C 316 -7.09 28.88 -27.25
N LEU C 317 -5.90 28.47 -26.83
CA LEU C 317 -4.78 29.40 -26.72
C LEU C 317 -4.46 30.03 -28.07
N TYR C 318 -4.79 29.35 -29.17
CA TYR C 318 -4.57 29.94 -30.49
C TYR C 318 -5.34 31.23 -30.65
N GLY C 319 -6.65 31.21 -30.36
CA GLY C 319 -7.44 32.40 -30.49
C GLY C 319 -7.10 33.47 -29.46
N ILE C 320 -6.81 33.04 -28.23
CA ILE C 320 -6.56 34.00 -27.15
C ILE C 320 -5.29 34.80 -27.41
N VAL C 321 -4.23 34.13 -27.85
CA VAL C 321 -2.91 34.75 -27.96
C VAL C 321 -2.69 35.34 -29.34
N GLY C 322 -2.93 34.57 -30.39
CA GLY C 322 -2.69 35.08 -31.73
C GLY C 322 -1.20 35.23 -32.02
N ALA C 323 -0.93 36.05 -33.03
CA ALA C 323 0.45 36.30 -33.46
C ALA C 323 0.83 37.77 -33.43
N ASN C 324 -0.06 38.66 -32.99
CA ASN C 324 0.21 40.09 -32.96
C ASN C 324 0.67 40.46 -31.55
N LEU C 325 1.96 40.79 -31.41
CA LEU C 325 2.51 41.12 -30.11
C LEU C 325 2.05 42.47 -29.59
N LYS C 326 1.52 43.33 -30.47
CA LYS C 326 1.09 44.64 -30.03
C LYS C 326 -0.22 44.56 -29.25
N ARG C 327 -1.10 43.64 -29.62
CA ARG C 327 -2.29 43.38 -28.82
C ARG C 327 -1.89 42.69 -27.52
N SER C 328 -2.70 42.90 -26.49
CA SER C 328 -2.43 42.35 -25.17
C SER C 328 -3.52 41.36 -24.77
N PHE C 329 -3.14 40.36 -23.99
CA PHE C 329 -4.06 39.36 -23.47
C PHE C 329 -3.76 39.13 -21.99
N ASP C 330 -4.74 38.56 -21.30
CA ASP C 330 -4.59 38.26 -19.88
C ASP C 330 -3.83 36.95 -19.71
N VAL C 331 -2.66 37.03 -19.08
CA VAL C 331 -1.85 35.84 -18.87
C VAL C 331 -2.59 34.80 -18.04
N ARG C 332 -3.54 35.24 -17.21
CA ARG C 332 -4.32 34.28 -16.42
C ARG C 332 -5.04 33.28 -17.32
N GLU C 333 -5.44 33.71 -18.52
CA GLU C 333 -6.07 32.79 -19.46
C GLU C 333 -5.12 31.67 -19.85
N VAL C 334 -3.85 31.99 -20.09
CA VAL C 334 -2.86 30.97 -20.38
C VAL C 334 -2.69 30.03 -19.19
N ILE C 335 -2.63 30.59 -17.98
CA ILE C 335 -2.47 29.76 -16.79
C ILE C 335 -3.65 28.83 -16.62
N ALA C 336 -4.86 29.33 -16.86
CA ALA C 336 -6.07 28.54 -16.62
C ALA C 336 -6.09 27.28 -17.47
N ARG C 337 -5.34 27.26 -18.56
CA ARG C 337 -5.39 26.14 -19.50
C ARG C 337 -4.19 25.22 -19.41
N ILE C 338 -3.35 25.34 -18.39
CA ILE C 338 -2.21 24.44 -18.23
C ILE C 338 -2.09 23.86 -16.82
N VAL C 339 -2.74 24.44 -15.82
CA VAL C 339 -2.59 23.99 -14.44
C VAL C 339 -3.68 22.97 -14.12
N ASP C 340 -3.39 22.11 -13.14
CA ASP C 340 -4.33 21.07 -12.76
C ASP C 340 -5.65 21.68 -12.29
N GLY C 341 -6.75 21.31 -12.96
CA GLY C 341 -8.05 21.79 -12.57
C GLY C 341 -8.26 23.28 -12.73
N SER C 342 -7.34 23.98 -13.38
CA SER C 342 -7.43 25.43 -13.54
C SER C 342 -7.59 26.12 -12.18
N ARG C 343 -6.88 25.60 -11.19
CA ARG C 343 -6.90 26.14 -9.83
C ARG C 343 -5.63 26.96 -9.61
N PHE C 344 -5.80 28.17 -9.10
CA PHE C 344 -4.69 29.11 -8.97
C PHE C 344 -4.94 30.03 -7.79
N THR C 345 -3.96 30.11 -6.90
CA THR C 345 -4.00 30.98 -5.73
C THR C 345 -3.08 32.17 -6.00
N GLU C 346 -3.69 33.32 -6.30
CA GLU C 346 -2.92 34.50 -6.66
C GLU C 346 -2.36 35.18 -5.43
N PHE C 347 -1.14 35.67 -5.54
CA PHE C 347 -0.43 36.34 -4.46
C PHE C 347 -0.28 37.82 -4.79
N LYS C 348 -0.75 38.68 -3.89
CA LYS C 348 -0.69 40.13 -4.08
C LYS C 348 -1.38 40.52 -5.39
N ALA C 349 -2.65 40.11 -5.52
CA ALA C 349 -3.36 40.28 -6.77
C ALA C 349 -3.50 41.75 -7.16
N PHE C 350 -3.81 42.61 -6.20
CA PHE C 350 -4.11 44.00 -6.49
C PHE C 350 -2.90 44.92 -6.39
N TYR C 351 -1.73 44.39 -6.07
CA TYR C 351 -0.51 45.17 -5.94
C TYR C 351 0.43 44.81 -7.09
N GLY C 352 0.89 45.83 -7.81
CA GLY C 352 1.72 45.59 -8.97
C GLY C 352 1.05 44.69 -9.99
N ASP C 353 -0.16 45.07 -10.41
CA ASP C 353 -1.00 44.17 -11.19
C ASP C 353 -0.40 43.80 -12.53
N THR C 354 0.63 44.51 -12.99
CA THR C 354 1.25 44.15 -14.26
C THR C 354 2.00 42.82 -14.18
N LEU C 355 2.21 42.30 -12.97
CA LEU C 355 2.84 41.00 -12.77
C LEU C 355 1.89 40.09 -12.02
N VAL C 356 1.80 38.84 -12.45
CA VAL C 356 0.92 37.85 -11.85
C VAL C 356 1.79 36.77 -11.22
N THR C 357 1.56 36.51 -9.93
CA THR C 357 2.26 35.47 -9.19
C THR C 357 1.25 34.68 -8.39
N GLY C 358 1.47 33.37 -8.28
CA GLY C 358 0.56 32.53 -7.53
C GLY C 358 1.05 31.10 -7.51
N PHE C 359 0.31 30.27 -6.77
CA PHE C 359 0.65 28.87 -6.58
C PHE C 359 -0.35 28.00 -7.34
N ALA C 360 0.15 26.93 -7.96
CA ALA C 360 -0.67 25.99 -8.69
C ALA C 360 0.01 24.63 -8.66
N ARG C 361 -0.52 23.70 -9.45
CA ARG C 361 0.05 22.37 -9.56
C ARG C 361 -0.07 21.88 -10.99
N ILE C 362 1.00 21.26 -11.50
CA ILE C 362 1.04 20.70 -12.84
C ILE C 362 1.39 19.24 -12.73
N PHE C 363 0.46 18.36 -13.12
CA PHE C 363 0.64 16.91 -13.01
C PHE C 363 0.92 16.50 -11.57
N GLY C 364 0.39 17.25 -10.61
CA GLY C 364 0.57 16.95 -9.20
C GLY C 364 1.72 17.68 -8.53
N TYR C 365 2.67 18.22 -9.30
CA TYR C 365 3.80 18.92 -8.71
C TYR C 365 3.39 20.34 -8.30
N PRO C 366 3.90 20.84 -7.18
CA PRO C 366 3.65 22.24 -6.82
C PRO C 366 4.55 23.17 -7.63
N VAL C 367 3.99 24.30 -8.06
CA VAL C 367 4.71 25.26 -8.88
C VAL C 367 4.30 26.67 -8.50
N GLY C 368 5.27 27.57 -8.49
CA GLY C 368 5.03 29.00 -8.36
C GLY C 368 5.22 29.67 -9.72
N ILE C 369 4.18 30.36 -10.18
CA ILE C 369 4.13 30.90 -11.53
C ILE C 369 4.32 32.40 -11.47
N VAL C 370 5.22 32.91 -12.31
CA VAL C 370 5.43 34.35 -12.47
C VAL C 370 5.26 34.67 -13.95
N GLY C 371 4.29 35.54 -14.25
CA GLY C 371 4.02 35.90 -15.63
C GLY C 371 3.77 37.38 -15.82
N ASN C 372 4.22 37.92 -16.95
CA ASN C 372 4.06 39.33 -17.23
C ASN C 372 2.64 39.62 -17.71
N ASN C 373 2.09 40.73 -17.27
CA ASN C 373 0.76 41.17 -17.68
C ASN C 373 0.79 42.66 -18.04
N GLY C 374 1.94 43.14 -18.47
CA GLY C 374 2.10 44.55 -18.78
C GLY C 374 3.52 45.00 -18.52
N VAL C 375 3.69 46.32 -18.54
CA VAL C 375 5.01 46.90 -18.31
C VAL C 375 5.41 46.69 -16.86
N LEU C 376 6.70 46.42 -16.63
CA LEU C 376 7.19 46.24 -15.28
C LEU C 376 7.30 47.58 -14.55
N PHE C 377 6.83 47.60 -13.31
CA PHE C 377 6.88 48.78 -12.47
C PHE C 377 7.68 48.48 -11.21
N SER C 378 7.88 49.51 -10.38
CA SER C 378 8.56 49.30 -9.11
C SER C 378 7.77 48.34 -8.23
N GLU C 379 6.45 48.50 -8.18
CA GLU C 379 5.62 47.60 -7.39
C GLU C 379 5.70 46.17 -7.92
N SER C 380 5.70 46.01 -9.23
CA SER C 380 5.78 44.67 -9.82
C SER C 380 7.08 43.98 -9.44
N ALA C 381 8.21 44.71 -9.53
CA ALA C 381 9.49 44.11 -9.17
C ALA C 381 9.53 43.72 -7.69
N LYS C 382 9.04 44.61 -6.82
CA LYS C 382 8.99 44.27 -5.40
C LYS C 382 8.11 43.06 -5.15
N LYS C 383 6.95 43.01 -5.81
CA LYS C 383 6.04 41.87 -5.65
C LYS C 383 6.70 40.58 -6.10
N GLY C 384 7.43 40.62 -7.22
CA GLY C 384 8.14 39.43 -7.68
C GLY C 384 9.23 39.00 -6.71
N THR C 385 10.01 39.95 -6.20
CA THR C 385 11.07 39.62 -5.26
C THR C 385 10.52 38.96 -4.01
N HIS C 386 9.41 39.47 -3.49
CA HIS C 386 8.77 38.84 -2.33
C HIS C 386 8.33 37.42 -2.66
N PHE C 387 7.73 37.22 -3.83
CA PHE C 387 7.22 35.90 -4.19
C PHE C 387 8.35 34.89 -4.33
N VAL C 388 9.46 35.29 -4.95
CA VAL C 388 10.55 34.34 -5.18
C VAL C 388 11.14 33.87 -3.87
N GLN C 389 11.20 34.75 -2.87
CA GLN C 389 11.68 34.34 -1.55
C GLN C 389 10.76 33.29 -0.94
N LEU C 390 9.45 33.47 -1.12
CA LEU C 390 8.49 32.49 -0.59
C LEU C 390 8.73 31.10 -1.19
N CYS C 391 8.86 31.03 -2.51
CA CYS C 391 9.04 29.73 -3.16
C CYS C 391 10.34 29.07 -2.75
N CYS C 392 11.42 29.86 -2.64
CA CYS C 392 12.70 29.29 -2.24
C CYS C 392 12.63 28.76 -0.81
N GLN C 393 11.92 29.46 0.07
CA GLN C 393 11.80 29.01 1.45
C GLN C 393 11.11 27.67 1.55
N ARG C 394 10.07 27.46 0.74
CA ARG C 394 9.28 26.23 0.77
C ARG C 394 9.76 25.19 -0.23
N ASN C 395 10.81 25.49 -1.00
CA ASN C 395 11.37 24.55 -1.98
C ASN C 395 10.33 24.20 -3.04
N ILE C 396 9.75 25.22 -3.65
CA ILE C 396 8.71 25.07 -4.66
C ILE C 396 9.30 25.44 -6.01
N PRO C 397 9.17 24.59 -7.04
CA PRO C 397 9.70 24.94 -8.36
C PRO C 397 9.01 26.19 -8.90
N LEU C 398 9.75 26.93 -9.73
CA LEU C 398 9.31 28.20 -10.28
C LEU C 398 9.16 28.10 -11.78
N LEU C 399 8.06 28.65 -12.31
CA LEU C 399 7.82 28.73 -13.74
C LEU C 399 7.62 30.18 -14.13
N PHE C 400 8.35 30.62 -15.14
CA PHE C 400 8.29 32.00 -15.63
C PHE C 400 7.64 32.02 -17.01
N LEU C 401 6.70 32.95 -17.20
CA LEU C 401 6.03 33.16 -18.48
C LEU C 401 6.37 34.56 -18.97
N GLN C 402 7.35 34.66 -19.86
CA GLN C 402 7.85 35.94 -20.34
C GLN C 402 6.98 36.44 -21.49
N ASN C 403 6.27 37.54 -21.24
CA ASN C 403 5.73 38.38 -22.31
C ASN C 403 5.94 39.83 -21.86
N ILE C 404 7.09 40.37 -22.24
CA ILE C 404 7.53 41.67 -21.74
C ILE C 404 7.40 42.71 -22.84
N THR C 405 7.30 43.97 -22.42
CA THR C 405 7.35 45.11 -23.32
C THR C 405 8.28 46.20 -22.81
N GLY C 406 9.02 45.94 -21.74
CA GLY C 406 9.98 46.88 -21.20
C GLY C 406 9.65 47.29 -19.77
N PHE C 407 10.46 48.20 -19.25
CA PHE C 407 10.27 48.80 -17.95
C PHE C 407 9.58 50.15 -18.09
N MET C 408 8.93 50.58 -17.01
CA MET C 408 8.32 51.90 -17.01
C MET C 408 9.38 52.97 -17.20
N VAL C 409 9.09 53.94 -18.07
CA VAL C 409 10.01 55.03 -18.39
C VAL C 409 9.42 56.32 -17.86
N GLY C 410 10.17 57.03 -17.02
CA GLY C 410 9.71 58.29 -16.48
C GLY C 410 10.72 58.85 -15.51
N ARG C 411 10.74 60.18 -15.43
CA ARG C 411 11.66 60.85 -14.52
C ARG C 411 11.35 60.48 -13.07
N GLU C 412 10.07 60.44 -12.70
CA GLU C 412 9.70 60.11 -11.34
C GLU C 412 10.11 58.68 -11.00
N TYR C 413 9.90 57.74 -11.92
CA TYR C 413 10.22 56.34 -11.64
C TYR C 413 11.70 56.15 -11.36
N GLU C 414 12.56 56.80 -12.14
CA GLU C 414 14.00 56.73 -11.87
C GLU C 414 14.33 57.36 -10.52
N ALA C 415 13.68 58.47 -10.19
CA ALA C 415 13.93 59.11 -8.91
C ALA C 415 13.56 58.20 -7.75
N GLU C 416 12.58 57.31 -7.96
CA GLU C 416 12.16 56.36 -6.94
C GLU C 416 12.92 55.05 -7.02
N GLY C 417 14.00 54.98 -7.80
CA GLY C 417 14.83 53.80 -7.86
C GLY C 417 14.19 52.60 -8.53
N ILE C 418 13.56 52.80 -9.69
CA ILE C 418 13.07 51.67 -10.47
C ILE C 418 14.21 50.72 -10.80
N ALA C 419 15.37 51.26 -11.18
CA ALA C 419 16.55 50.42 -11.38
C ALA C 419 16.90 49.66 -10.11
N LYS C 420 16.81 50.32 -8.96
CA LYS C 420 17.05 49.63 -7.70
C LYS C 420 16.03 48.54 -7.47
N ASP C 421 14.77 48.79 -7.82
CA ASP C 421 13.73 47.76 -7.66
C ASP C 421 13.91 46.65 -8.68
N GLY C 422 14.17 47.00 -9.94
CA GLY C 422 14.40 45.97 -10.95
C GLY C 422 15.57 45.08 -10.61
N ALA C 423 16.63 45.66 -10.04
CA ALA C 423 17.79 44.87 -9.66
C ALA C 423 17.44 43.88 -8.56
N LYS C 424 16.49 44.25 -7.68
CA LYS C 424 16.10 43.34 -6.61
C LYS C 424 15.60 42.01 -7.17
N MET C 425 14.74 42.06 -8.18
CA MET C 425 14.22 40.83 -8.76
C MET C 425 15.32 40.03 -9.44
N VAL C 426 16.23 40.72 -10.14
CA VAL C 426 17.32 40.03 -10.82
C VAL C 426 18.20 39.28 -9.83
N ALA C 427 18.55 39.93 -8.72
CA ALA C 427 19.37 39.27 -7.72
C ALA C 427 18.67 38.06 -7.12
N ALA C 428 17.38 38.21 -6.80
CA ALA C 428 16.64 37.10 -6.20
C ALA C 428 16.50 35.94 -7.16
N VAL C 429 16.20 36.23 -8.44
CA VAL C 429 16.02 35.16 -9.41
C VAL C 429 17.33 34.40 -9.63
N ALA C 430 18.45 35.13 -9.67
CA ALA C 430 19.74 34.49 -9.91
C ALA C 430 20.09 33.52 -8.79
N CYS C 431 19.86 33.91 -7.53
CA CYS C 431 20.29 33.10 -6.40
C CYS C 431 19.34 31.94 -6.10
N ALA C 432 18.13 31.96 -6.64
CA ALA C 432 17.17 30.90 -6.34
C ALA C 432 17.72 29.55 -6.76
N GLN C 433 17.62 28.56 -5.88
CA GLN C 433 18.13 27.23 -6.12
C GLN C 433 17.04 26.21 -6.45
N VAL C 434 15.78 26.61 -6.39
CA VAL C 434 14.69 25.72 -6.80
C VAL C 434 14.75 25.56 -8.31
N PRO C 435 14.28 24.45 -8.87
CA PRO C 435 14.27 24.32 -10.33
C PRO C 435 13.47 25.44 -10.97
N LYS C 436 13.99 25.97 -12.07
CA LYS C 436 13.37 27.09 -12.76
C LYS C 436 13.19 26.73 -14.23
N ILE C 437 11.98 26.97 -14.74
CA ILE C 437 11.66 26.76 -16.15
C ILE C 437 11.05 28.03 -16.71
N THR C 438 11.53 28.44 -17.88
CA THR C 438 11.11 29.68 -18.51
C THR C 438 10.43 29.37 -19.83
N LEU C 439 9.30 30.05 -20.08
CA LEU C 439 8.54 29.90 -21.31
C LEU C 439 8.26 31.29 -21.86
N ILE C 440 8.80 31.57 -23.04
CA ILE C 440 8.61 32.87 -23.69
C ILE C 440 7.38 32.76 -24.59
N ILE C 441 6.28 33.37 -24.14
CA ILE C 441 5.02 33.35 -24.88
C ILE C 441 4.79 34.65 -25.65
N GLY C 442 5.76 35.57 -25.60
CA GLY C 442 5.64 36.85 -26.27
C GLY C 442 6.98 37.52 -26.48
N GLY C 443 7.03 38.83 -26.29
CA GLY C 443 8.29 39.53 -26.45
C GLY C 443 9.22 39.32 -25.27
N SER C 444 10.52 39.49 -25.53
CA SER C 444 11.56 39.38 -24.51
C SER C 444 12.63 40.39 -24.86
N TYR C 445 12.56 41.57 -24.24
CA TYR C 445 13.42 42.69 -24.62
C TYR C 445 14.14 43.25 -23.41
N GLY C 446 15.39 43.64 -23.61
CA GLY C 446 16.14 44.42 -22.63
C GLY C 446 16.27 43.71 -21.30
N ALA C 447 16.37 44.53 -20.24
CA ALA C 447 16.55 44.02 -18.88
C ALA C 447 15.34 43.24 -18.39
N GLY C 448 14.19 43.38 -19.04
CA GLY C 448 13.04 42.56 -18.66
C GLY C 448 13.32 41.09 -18.85
N ASN C 449 14.16 40.74 -19.84
CA ASN C 449 14.55 39.35 -20.03
C ASN C 449 15.28 38.82 -18.81
N TYR C 450 16.22 39.60 -18.26
CA TYR C 450 17.01 39.14 -17.12
C TYR C 450 16.13 38.91 -15.90
N GLY C 451 15.24 39.86 -15.61
CA GLY C 451 14.40 39.73 -14.43
C GLY C 451 13.48 38.54 -14.48
N MET C 452 13.11 38.09 -15.69
CA MET C 452 12.22 36.96 -15.88
C MET C 452 12.97 35.68 -16.19
N CYS C 453 14.18 35.52 -15.66
CA CYS C 453 14.96 34.29 -15.78
C CYS C 453 15.22 33.96 -17.25
N GLY C 454 16.03 34.80 -17.88
CA GLY C 454 16.48 34.55 -19.23
C GLY C 454 17.49 33.42 -19.29
N ARG C 455 18.00 33.19 -20.49
CA ARG C 455 18.97 32.12 -20.69
C ARG C 455 20.20 32.31 -19.82
N ALA C 456 20.58 33.57 -19.56
CA ALA C 456 21.78 33.85 -18.79
C ALA C 456 21.65 33.45 -17.33
N TYR C 457 20.44 33.17 -16.87
CA TYR C 457 20.20 32.89 -15.45
C TYR C 457 19.97 31.41 -15.17
N SER C 458 20.39 30.53 -16.08
CA SER C 458 20.42 29.08 -15.89
C SER C 458 19.10 28.48 -15.47
N PRO C 459 17.99 28.79 -16.15
CA PRO C 459 16.78 27.99 -15.95
C PRO C 459 17.02 26.56 -16.43
N ARG C 460 16.42 25.61 -15.72
CA ARG C 460 16.62 24.21 -16.09
C ARG C 460 16.25 23.97 -17.55
N PHE C 461 15.17 24.61 -18.02
CA PHE C 461 14.76 24.54 -19.41
C PHE C 461 14.24 25.90 -19.84
N LEU C 462 14.35 26.18 -21.14
CA LEU C 462 13.81 27.40 -21.71
C LEU C 462 13.16 27.08 -23.04
N TYR C 463 11.86 27.39 -23.15
CA TYR C 463 11.09 27.12 -24.35
C TYR C 463 10.48 28.43 -24.85
N ILE C 464 10.14 28.44 -26.14
CA ILE C 464 9.55 29.62 -26.77
C ILE C 464 8.40 29.18 -27.66
N TRP C 465 7.36 30.00 -27.71
CA TRP C 465 6.25 29.77 -28.62
C TRP C 465 6.58 30.32 -30.00
N PRO C 466 5.90 29.82 -31.04
CA PRO C 466 6.28 30.21 -32.41
C PRO C 466 6.07 31.68 -32.72
N ASN C 467 5.36 32.41 -31.86
CA ASN C 467 5.09 33.82 -32.07
C ASN C 467 6.02 34.75 -31.29
N ALA C 468 7.05 34.21 -30.63
CA ALA C 468 7.86 34.99 -29.74
C ALA C 468 8.88 35.85 -30.51
N ARG C 469 9.34 36.90 -29.83
CA ARG C 469 10.40 37.77 -30.35
C ARG C 469 11.33 38.12 -29.20
N ILE C 470 12.64 38.09 -29.47
CA ILE C 470 13.65 38.37 -28.45
C ILE C 470 14.75 39.21 -29.08
N SER C 471 15.20 40.23 -28.35
CA SER C 471 16.29 41.09 -28.78
C SER C 471 16.62 42.05 -27.66
N VAL C 472 17.70 42.82 -27.85
CA VAL C 472 18.10 43.79 -26.83
C VAL C 472 16.99 44.79 -26.58
N MET C 473 16.30 45.21 -27.64
CA MET C 473 15.12 46.05 -27.52
C MET C 473 14.20 45.76 -28.70
N GLY C 474 12.97 46.22 -28.60
CA GLY C 474 12.04 46.07 -29.70
C GLY C 474 12.55 46.74 -30.95
N GLY C 475 12.19 46.17 -32.11
CA GLY C 475 12.64 46.72 -33.37
C GLY C 475 12.24 48.17 -33.55
N GLU C 476 11.02 48.51 -33.15
CA GLU C 476 10.55 49.89 -33.30
C GLU C 476 11.35 50.84 -32.44
N GLN C 477 11.64 50.46 -31.19
CA GLN C 477 12.38 51.36 -30.30
C GLN C 477 13.75 51.68 -30.87
N ALA C 478 14.46 50.68 -31.39
CA ALA C 478 15.75 50.94 -32.01
C ALA C 478 15.61 51.88 -33.19
N ALA C 479 14.56 51.70 -34.00
CA ALA C 479 14.33 52.59 -35.12
C ALA C 479 14.04 54.01 -34.65
N ASN C 480 13.11 54.16 -33.71
CA ASN C 480 12.76 55.49 -33.21
C ASN C 480 13.95 56.16 -32.53
N VAL C 481 14.72 55.40 -31.76
CA VAL C 481 15.88 55.98 -31.08
C VAL C 481 16.86 56.55 -32.10
N LEU C 482 17.15 55.79 -33.15
CA LEU C 482 18.06 56.27 -34.18
C LEU C 482 17.48 57.50 -34.90
N ALA C 483 16.16 57.50 -35.12
CA ALA C 483 15.53 58.64 -35.77
C ALA C 483 15.73 59.92 -34.96
N THR C 484 15.53 59.85 -33.64
CA THR C 484 15.75 61.01 -32.80
C THR C 484 17.22 61.43 -32.79
N ILE C 485 18.12 60.45 -32.67
CA ILE C 485 19.54 60.77 -32.59
C ILE C 485 20.02 61.44 -33.88
N THR C 486 19.70 60.83 -35.03
CA THR C 486 20.09 61.43 -36.30
C THR C 486 19.40 62.77 -36.51
N LYS C 487 18.13 62.87 -36.15
CA LYS C 487 17.41 64.13 -36.32
C LYS C 487 18.11 65.27 -35.58
N ASP C 488 18.43 65.06 -34.31
CA ASP C 488 19.15 66.09 -33.56
C ASP C 488 20.54 66.32 -34.11
N GLN C 489 21.23 65.24 -34.49
CA GLN C 489 22.58 65.37 -35.02
C GLN C 489 22.60 66.20 -36.30
N ARG C 490 21.60 65.99 -37.17
CA ARG C 490 21.51 66.80 -38.38
C ARG C 490 21.31 68.27 -38.04
N ALA C 491 20.48 68.57 -37.04
CA ALA C 491 20.30 69.96 -36.62
C ALA C 491 21.61 70.56 -36.12
N ARG C 492 22.38 69.79 -35.35
CA ARG C 492 23.66 70.28 -34.87
C ARG C 492 24.59 70.61 -36.03
N GLU C 493 24.66 69.72 -37.03
CA GLU C 493 25.46 69.99 -38.21
C GLU C 493 24.83 71.08 -39.07
N GLY C 494 23.57 71.43 -38.80
CA GLY C 494 22.84 72.37 -39.62
C GLY C 494 22.14 71.76 -40.81
N LYS C 495 22.43 70.51 -41.14
CA LYS C 495 21.78 69.83 -42.25
C LYS C 495 20.37 69.40 -41.85
N GLN C 496 19.57 69.08 -42.86
CA GLN C 496 18.17 68.73 -42.68
C GLN C 496 17.96 67.26 -42.95
N PHE C 497 17.26 66.58 -42.03
CA PHE C 497 16.88 65.19 -42.18
C PHE C 497 15.38 65.13 -42.46
N SER C 498 15.01 64.77 -43.69
CA SER C 498 13.63 64.81 -44.11
C SER C 498 12.87 63.57 -43.65
N SER C 499 11.55 63.60 -43.83
CA SER C 499 10.72 62.45 -43.49
C SER C 499 11.13 61.24 -44.31
N ALA C 500 11.37 61.42 -45.61
CA ALA C 500 11.92 60.34 -46.43
C ALA C 500 13.27 59.90 -45.88
N ASP C 501 14.06 60.84 -45.38
CA ASP C 501 15.32 60.48 -44.72
C ASP C 501 15.05 59.63 -43.49
N GLU C 502 14.02 59.97 -42.72
CA GLU C 502 13.68 59.18 -41.54
C GLU C 502 13.34 57.75 -41.90
N ALA C 503 12.50 57.56 -42.93
CA ALA C 503 12.09 56.22 -43.32
C ALA C 503 13.28 55.40 -43.82
N ALA C 504 14.17 56.03 -44.60
CA ALA C 504 15.33 55.31 -45.11
C ALA C 504 16.19 54.78 -43.97
N LEU C 505 16.36 55.59 -42.91
CA LEU C 505 17.12 55.13 -41.75
C LEU C 505 16.40 54.01 -41.02
N LYS C 506 15.08 54.15 -40.81
CA LYS C 506 14.35 53.20 -39.98
C LYS C 506 14.27 51.83 -40.64
N GLU C 507 14.04 51.79 -41.96
CA GLU C 507 13.68 50.52 -42.61
C GLU C 507 14.73 49.44 -42.39
N PRO C 508 16.03 49.67 -42.65
CA PRO C 508 17.00 48.59 -42.44
C PRO C 508 17.07 48.10 -41.00
N ILE C 509 16.86 48.99 -40.03
CA ILE C 509 16.92 48.59 -38.63
C ILE C 509 15.77 47.66 -38.30
N ILE C 510 14.56 48.00 -38.72
CA ILE C 510 13.39 47.18 -38.41
C ILE C 510 13.54 45.79 -39.04
N LYS C 511 14.06 45.74 -40.26
CA LYS C 511 14.26 44.44 -40.91
C LYS C 511 15.25 43.59 -40.13
N LYS C 512 16.34 44.19 -39.66
CA LYS C 512 17.37 43.43 -38.94
C LYS C 512 16.80 42.85 -37.65
N PHE C 513 16.08 43.67 -36.87
CA PHE C 513 15.57 43.19 -35.59
C PHE C 513 14.47 42.15 -35.78
N GLU C 514 13.66 42.30 -36.83
CA GLU C 514 12.66 41.29 -37.14
C GLU C 514 13.32 39.96 -37.51
N GLU C 515 14.40 40.01 -38.28
CA GLU C 515 15.07 38.79 -38.71
C GLU C 515 15.79 38.11 -37.55
N GLU C 516 16.49 38.89 -36.73
CA GLU C 516 17.29 38.33 -35.64
C GLU C 516 16.47 38.04 -34.38
N GLY C 517 15.23 38.50 -34.31
CA GLY C 517 14.38 38.22 -33.17
C GLY C 517 13.42 37.08 -33.45
N ASN C 518 13.47 36.55 -34.67
CA ASN C 518 12.57 35.46 -35.05
C ASN C 518 12.85 34.23 -34.20
N PRO C 519 11.82 33.47 -33.84
CA PRO C 519 12.06 32.26 -33.02
C PRO C 519 13.02 31.28 -33.68
N TYR C 520 12.95 31.13 -35.01
CA TYR C 520 13.86 30.21 -35.68
C TYR C 520 15.30 30.70 -35.61
N TYR C 521 15.51 32.00 -35.74
CA TYR C 521 16.85 32.56 -35.56
C TYR C 521 17.38 32.27 -34.15
N SER C 522 16.54 32.49 -33.14
CA SER C 522 16.95 32.22 -31.77
C SER C 522 17.18 30.73 -31.56
N SER C 523 16.31 29.88 -32.11
CA SER C 523 16.42 28.45 -31.90
C SER C 523 17.48 27.79 -32.78
N ALA C 524 17.78 28.34 -33.95
CA ALA C 524 18.83 27.77 -34.79
C ALA C 524 20.15 27.72 -34.03
N ARG C 525 20.57 28.86 -33.48
CA ARG C 525 21.53 28.86 -32.40
C ARG C 525 20.86 28.30 -31.15
N VAL C 526 21.65 27.75 -30.24
CA VAL C 526 21.03 27.19 -29.05
C VAL C 526 20.90 28.28 -28.00
N TRP C 527 19.85 29.10 -28.13
CA TRP C 527 19.44 30.03 -27.09
C TRP C 527 18.28 29.49 -26.28
N ASP C 528 17.45 28.63 -26.86
CA ASP C 528 16.36 27.98 -26.16
C ASP C 528 16.47 26.48 -26.41
N ASP C 529 15.66 25.71 -25.70
CA ASP C 529 15.67 24.27 -25.82
C ASP C 529 14.64 23.76 -26.83
N GLY C 530 13.92 24.63 -27.49
CA GLY C 530 13.01 24.20 -28.54
C GLY C 530 11.85 25.15 -28.70
N ILE C 531 11.24 25.10 -29.88
CA ILE C 531 10.00 25.81 -30.18
C ILE C 531 8.86 24.81 -30.08
N ILE C 532 7.88 25.13 -29.24
CA ILE C 532 6.84 24.17 -28.89
C ILE C 532 5.48 24.73 -29.28
N ASP C 533 4.61 23.83 -29.73
CA ASP C 533 3.24 24.20 -30.03
C ASP C 533 2.51 24.58 -28.74
N PRO C 534 1.78 25.69 -28.73
CA PRO C 534 1.07 26.07 -27.50
C PRO C 534 0.17 24.98 -26.96
N ALA C 535 -0.47 24.18 -27.83
CA ALA C 535 -1.32 23.10 -27.34
C ALA C 535 -0.52 22.05 -26.58
N ASP C 536 0.80 22.01 -26.78
CA ASP C 536 1.66 21.05 -26.11
C ASP C 536 2.33 21.62 -24.87
N THR C 537 1.96 22.85 -24.48
CA THR C 537 2.66 23.50 -23.37
C THR C 537 2.55 22.70 -22.08
N ARG C 538 1.35 22.22 -21.75
CA ARG C 538 1.17 21.49 -20.50
C ARG C 538 1.99 20.21 -20.48
N LEU C 539 1.99 19.46 -21.58
CA LEU C 539 2.74 18.21 -21.63
C LEU C 539 4.24 18.46 -21.49
N VAL C 540 4.76 19.46 -22.21
CA VAL C 540 6.19 19.73 -22.16
C VAL C 540 6.62 20.14 -20.76
N LEU C 541 5.82 21.00 -20.12
CA LEU C 541 6.13 21.41 -18.76
C LEU C 541 6.09 20.23 -17.80
N GLY C 542 5.10 19.35 -17.96
CA GLY C 542 5.03 18.18 -17.09
C GLY C 542 6.23 17.28 -17.22
N LEU C 543 6.67 17.01 -18.46
CA LEU C 543 7.88 16.21 -18.66
C LEU C 543 9.10 16.90 -18.11
N SER C 544 9.22 18.21 -18.34
CA SER C 544 10.42 18.93 -17.91
C SER C 544 10.52 18.97 -16.38
N PHE C 545 9.43 19.31 -15.70
CA PHE C 545 9.47 19.36 -14.24
C PHE C 545 9.74 17.98 -13.66
N SER C 546 9.17 16.93 -14.27
CA SER C 546 9.43 15.58 -13.78
C SER C 546 10.90 15.23 -13.85
N ALA C 547 11.56 15.58 -14.96
CA ALA C 547 12.99 15.33 -15.08
C ALA C 547 13.79 16.15 -14.09
N ALA C 548 13.40 17.41 -13.88
CA ALA C 548 14.16 18.29 -13.00
C ALA C 548 14.12 17.82 -11.55
N LEU C 549 13.13 17.02 -11.19
CA LEU C 549 12.99 16.56 -9.82
C LEU C 549 13.89 15.37 -9.48
N ASN C 550 14.65 14.86 -10.46
CA ASN C 550 15.61 13.81 -10.17
C ASN C 550 16.73 14.29 -9.26
N ALA C 551 16.94 15.60 -9.16
CA ALA C 551 17.99 16.06 -8.27
C ALA C 551 17.40 16.66 -7.02
N PRO C 552 18.01 16.43 -5.85
CA PRO C 552 17.50 17.03 -4.62
C PRO C 552 17.57 18.55 -4.67
N ILE C 553 16.59 19.19 -4.05
CA ILE C 553 16.52 20.65 -4.03
C ILE C 553 17.38 21.17 -2.89
N GLU C 554 18.28 22.09 -3.21
CA GLU C 554 19.21 22.63 -2.22
C GLU C 554 18.65 23.88 -1.56
N LYS C 555 19.24 24.24 -0.44
CA LYS C 555 18.87 25.47 0.25
C LYS C 555 19.40 26.68 -0.52
N THR C 556 18.59 27.73 -0.55
CA THR C 556 18.92 28.95 -1.29
C THR C 556 19.63 29.93 -0.38
N ASP C 557 20.76 30.45 -0.86
CA ASP C 557 21.51 31.50 -0.16
C ASP C 557 21.45 32.77 -1.00
N PHE C 558 20.91 33.83 -0.41
CA PHE C 558 20.74 35.09 -1.09
C PHE C 558 21.90 36.04 -0.77
N GLY C 559 22.10 37.00 -1.68
CA GLY C 559 23.03 38.08 -1.44
C GLY C 559 22.39 39.18 -0.63
N ILE C 560 22.99 40.37 -0.69
CA ILE C 560 22.43 41.51 0.01
C ILE C 560 21.28 42.09 -0.80
N PHE C 561 20.12 42.21 -0.16
CA PHE C 561 18.96 42.85 -0.75
C PHE C 561 19.09 44.36 -0.54
N ARG C 562 19.32 45.09 -1.62
CA ARG C 562 19.47 46.54 -1.54
C ARG C 562 18.10 47.15 -1.28
N MET C 563 17.79 47.38 0.00
CA MET C 563 16.46 47.84 0.40
C MET C 563 16.16 49.23 -0.14
N LEU D 31 36.10 62.33 12.54
CA LEU D 31 34.87 62.95 13.00
C LEU D 31 35.13 63.90 14.16
N GLY D 32 34.08 64.58 14.58
CA GLY D 32 34.14 65.38 15.78
C GLY D 32 34.49 66.83 15.50
N THR D 33 34.00 67.72 16.37
CA THR D 33 34.33 69.13 16.35
C THR D 33 34.52 69.61 17.77
N GLN D 34 35.27 70.69 17.93
CA GLN D 34 35.51 71.23 19.26
C GLN D 34 34.28 71.99 19.73
N PRO D 35 33.68 71.61 20.86
CA PRO D 35 32.50 72.32 21.35
C PRO D 35 32.86 73.69 21.89
N ASP D 36 31.86 74.56 21.94
CA ASP D 36 32.04 75.92 22.45
C ASP D 36 31.90 75.88 23.96
N LEU D 37 33.03 75.77 24.65
CA LEU D 37 33.01 75.65 26.11
C LEU D 37 32.40 76.89 26.76
N GLY D 38 32.56 78.06 26.12
CA GLY D 38 32.02 79.27 26.69
C GLY D 38 30.52 79.41 26.53
N SER D 39 29.94 78.66 25.59
CA SER D 39 28.51 78.77 25.33
C SER D 39 27.69 78.45 26.57
N ALA D 40 26.60 79.18 26.76
CA ALA D 40 25.74 78.96 27.93
C ALA D 40 25.13 77.56 27.89
N LEU D 41 24.72 77.10 26.70
CA LEU D 41 24.15 75.77 26.59
C LEU D 41 25.11 74.70 27.07
N TYR D 42 26.38 74.80 26.65
CA TYR D 42 27.38 73.84 27.08
C TYR D 42 27.58 73.89 28.60
N GLN D 43 27.64 75.11 29.16
CA GLN D 43 27.81 75.24 30.60
C GLN D 43 26.65 74.61 31.35
N GLU D 44 25.42 74.87 30.91
CA GLU D 44 24.26 74.29 31.57
C GLU D 44 24.23 72.78 31.41
N ASN D 45 24.48 72.27 30.21
CA ASN D 45 24.43 70.83 29.98
C ASN D 45 25.48 70.11 30.81
N TYR D 46 26.70 70.66 30.88
CA TYR D 46 27.73 70.05 31.69
C TYR D 46 27.33 70.00 33.17
N LYS D 47 26.76 71.10 33.67
CA LYS D 47 26.38 71.15 35.08
C LYS D 47 25.31 70.11 35.41
N GLN D 48 24.31 69.98 34.54
CA GLN D 48 23.23 69.03 34.81
C GLN D 48 23.72 67.59 34.74
N MET D 49 24.48 67.26 33.69
CA MET D 49 24.98 65.90 33.55
C MET D 49 25.94 65.54 34.69
N LYS D 50 26.77 66.49 35.10
CA LYS D 50 27.71 66.23 36.19
C LYS D 50 26.96 65.87 37.47
N ALA D 51 25.86 66.58 37.77
CA ALA D 51 25.09 66.27 38.97
C ALA D 51 24.54 64.86 38.91
N LEU D 52 24.05 64.44 37.74
CA LEU D 52 23.55 63.07 37.60
C LEU D 52 24.65 62.05 37.84
N VAL D 53 25.85 62.30 37.32
CA VAL D 53 26.96 61.37 37.50
C VAL D 53 27.36 61.31 38.97
N ASN D 54 27.43 62.46 39.63
CA ASN D 54 27.75 62.48 41.06
C ASN D 54 26.70 61.72 41.85
N GLN D 55 25.41 61.92 41.52
CA GLN D 55 24.35 61.17 42.17
C GLN D 55 24.55 59.67 41.96
N LEU D 56 24.89 59.27 40.74
CA LEU D 56 25.12 57.85 40.47
C LEU D 56 26.27 57.31 41.29
N HIS D 57 27.37 58.07 41.40
CA HIS D 57 28.54 57.58 42.11
C HIS D 57 28.26 57.33 43.58
N GLU D 58 27.61 58.30 44.26
CA GLU D 58 27.43 58.17 45.70
C GLU D 58 26.43 57.06 46.03
N ARG D 59 25.44 56.85 45.17
CA ARG D 59 24.51 55.75 45.40
C ARG D 59 25.21 54.40 45.31
N VAL D 60 26.13 54.26 44.37
CA VAL D 60 26.89 53.02 44.27
C VAL D 60 27.75 52.82 45.51
N GLU D 61 28.32 53.91 46.03
CA GLU D 61 29.12 53.81 47.25
C GLU D 61 28.31 53.18 48.37
N HIS D 62 27.05 53.61 48.53
CA HIS D 62 26.19 53.03 49.55
C HIS D 62 25.91 51.56 49.27
N ILE D 63 25.62 51.22 48.02
CA ILE D 63 25.40 49.83 47.66
C ILE D 63 26.64 49.00 47.90
N LYS D 64 27.82 49.62 47.78
CA LYS D 64 29.07 48.90 48.00
C LYS D 64 29.14 48.31 49.40
N LEU D 65 28.46 48.92 50.37
CA LEU D 65 28.54 48.49 51.76
C LEU D 65 27.64 47.30 52.06
N GLY D 66 26.80 46.88 51.14
CA GLY D 66 25.98 45.70 51.35
C GLY D 66 25.05 45.84 52.53
N GLY D 67 25.03 44.82 53.39
CA GLY D 67 24.06 44.78 54.47
C GLY D 67 24.26 45.88 55.50
N GLY D 68 25.51 46.22 55.79
CA GLY D 68 25.78 47.25 56.77
C GLY D 68 26.92 46.91 57.71
N GLU D 69 27.23 47.83 58.63
CA GLU D 69 28.37 47.63 59.51
C GLU D 69 28.16 46.43 60.44
N LYS D 70 26.98 46.31 61.04
CA LYS D 70 26.74 45.20 61.95
C LYS D 70 26.82 43.87 61.22
N ALA D 71 26.21 43.78 60.04
CA ALA D 71 26.28 42.55 59.26
C ALA D 71 27.70 42.27 58.80
N ARG D 72 28.42 43.31 58.35
CA ARG D 72 29.79 43.13 57.90
C ARG D 72 30.70 42.70 59.05
N ALA D 73 30.52 43.30 60.22
CA ALA D 73 31.32 42.91 61.38
C ALA D 73 31.06 41.46 61.75
N LEU D 74 29.79 41.04 61.74
CA LEU D 74 29.47 39.64 62.03
C LEU D 74 30.08 38.72 60.98
N HIS D 75 30.02 39.11 59.70
CA HIS D 75 30.59 38.28 58.64
C HIS D 75 32.08 38.06 58.85
N ILE D 76 32.83 39.11 59.17
CA ILE D 76 34.26 38.98 59.35
C ILE D 76 34.57 38.20 60.63
N SER D 77 33.73 38.37 61.66
CA SER D 77 33.96 37.69 62.92
C SER D 77 33.99 36.17 62.77
N ARG D 78 33.38 35.63 61.72
CA ARG D 78 33.40 34.20 61.46
C ARG D 78 34.59 33.76 60.64
N GLY D 79 35.53 34.66 60.36
CA GLY D 79 36.71 34.33 59.59
C GLY D 79 36.52 34.37 58.09
N LYS D 80 35.37 34.81 57.61
CA LYS D 80 35.07 34.84 56.18
C LYS D 80 35.43 36.19 55.58
N LEU D 81 35.85 36.17 54.32
CA LEU D 81 36.11 37.40 53.60
C LEU D 81 34.80 38.05 53.17
N LEU D 82 34.84 39.37 53.01
CA LEU D 82 33.69 40.06 52.47
C LEU D 82 33.52 39.73 50.99
N PRO D 83 32.29 39.71 50.49
CA PRO D 83 32.07 39.21 49.12
C PRO D 83 32.89 39.94 48.08
N ARG D 84 33.05 41.26 48.20
CA ARG D 84 33.80 42.00 47.19
C ARG D 84 35.30 41.80 47.35
N GLU D 85 35.77 41.53 48.58
CA GLU D 85 37.18 41.19 48.76
C GLU D 85 37.49 39.83 48.15
N ARG D 86 36.53 38.91 48.16
CA ARG D 86 36.72 37.63 47.50
C ARG D 86 36.97 37.81 46.01
N ILE D 87 36.18 38.66 45.36
CA ILE D 87 36.36 38.89 43.93
C ILE D 87 37.71 39.53 43.66
N ASP D 88 38.09 40.51 44.49
CA ASP D 88 39.39 41.16 44.31
C ASP D 88 40.53 40.15 44.34
N ASN D 89 40.45 39.16 45.22
CA ASN D 89 41.52 38.17 45.33
C ASN D 89 41.42 37.12 44.24
N LEU D 90 40.23 36.89 43.71
CA LEU D 90 40.05 35.85 42.70
C LEU D 90 40.62 36.29 41.36
N ILE D 91 40.36 37.53 40.95
CA ILE D 91 40.77 37.96 39.61
C ILE D 91 42.26 38.28 39.58
N ASP D 92 42.78 38.40 38.37
CA ASP D 92 44.21 38.63 38.19
C ASP D 92 44.59 39.98 38.80
N PRO D 93 45.80 40.13 39.31
CA PRO D 93 46.17 41.38 40.00
C PRO D 93 46.08 42.58 39.07
N GLY D 94 45.32 43.58 39.49
CA GLY D 94 45.19 44.82 38.77
C GLY D 94 44.27 44.78 37.57
N SER D 95 43.64 43.63 37.29
CA SER D 95 42.77 43.54 36.13
C SER D 95 41.45 44.26 36.39
N PRO D 96 40.87 44.89 35.38
CA PRO D 96 39.56 45.53 35.57
C PRO D 96 38.47 44.49 35.76
N PHE D 97 37.43 44.88 36.49
CA PHE D 97 36.29 44.02 36.75
C PHE D 97 35.03 44.73 36.28
N LEU D 98 34.30 44.07 35.37
CA LEU D 98 33.07 44.64 34.80
C LEU D 98 31.89 44.11 35.59
N GLU D 99 31.42 44.90 36.56
CA GLU D 99 30.26 44.50 37.35
C GLU D 99 28.98 44.82 36.59
N LEU D 100 27.97 43.98 36.79
CA LEU D 100 26.71 44.07 36.07
C LEU D 100 25.55 44.26 37.04
N SER D 101 24.58 45.07 36.64
CA SER D 101 23.34 45.26 37.39
C SER D 101 23.63 45.63 38.85
N GLN D 102 24.43 46.67 39.04
CA GLN D 102 24.74 47.12 40.40
C GLN D 102 23.50 47.59 41.13
N PHE D 103 22.49 48.05 40.40
CA PHE D 103 21.31 48.66 41.01
C PHE D 103 20.12 47.72 41.10
N ALA D 104 20.32 46.43 40.86
CA ALA D 104 19.22 45.48 40.99
C ALA D 104 18.65 45.54 42.41
N GLY D 105 17.32 45.63 42.50
CA GLY D 105 16.66 45.70 43.77
C GLY D 105 16.66 47.07 44.43
N TYR D 106 17.09 48.11 43.72
CA TYR D 106 17.13 49.46 44.27
C TYR D 106 15.69 49.96 44.44
N GLN D 107 15.24 50.06 45.69
CA GLN D 107 13.89 50.50 46.03
C GLN D 107 12.82 49.60 45.41
N LEU D 108 13.19 48.39 45.01
CA LEU D 108 12.23 47.49 44.39
C LEU D 108 11.15 47.05 45.37
N TYR D 109 11.53 46.78 46.61
CA TYR D 109 10.63 46.28 47.63
C TYR D 109 10.33 47.36 48.66
N ASP D 110 9.07 47.39 49.13
CA ASP D 110 8.55 48.58 49.79
C ASP D 110 9.40 48.98 51.00
N ASN D 111 9.63 48.06 51.92
CA ASN D 111 10.30 48.38 53.17
C ASN D 111 11.62 47.63 53.36
N GLU D 112 12.02 46.81 52.40
CA GLU D 112 13.23 46.02 52.50
C GLU D 112 14.30 46.61 51.58
N GLU D 113 15.49 46.83 52.12
CA GLU D 113 16.63 47.28 51.35
C GLU D 113 17.48 46.08 50.99
N VAL D 114 17.69 45.88 49.69
CA VAL D 114 18.44 44.73 49.19
C VAL D 114 19.56 45.24 48.29
N PRO D 115 20.67 45.71 48.86
CA PRO D 115 21.73 46.30 48.04
C PRO D 115 22.24 45.32 47.00
N GLY D 116 22.13 45.71 45.74
CA GLY D 116 22.59 44.90 44.64
C GLY D 116 21.83 43.61 44.42
N GLY D 117 20.68 43.43 45.07
CA GLY D 117 19.91 42.23 44.94
C GLY D 117 20.39 41.07 45.79
N GLY D 118 21.39 41.28 46.64
CA GLY D 118 21.96 40.20 47.41
C GLY D 118 22.95 39.34 46.66
N ILE D 119 23.38 39.76 45.48
CA ILE D 119 24.30 38.98 44.65
C ILE D 119 25.17 39.95 43.85
N ILE D 120 26.42 39.56 43.64
CA ILE D 120 27.37 40.36 42.87
C ILE D 120 27.78 39.53 41.66
N THR D 121 27.56 40.08 40.47
CA THR D 121 27.89 39.42 39.21
C THR D 121 28.72 40.35 38.35
N GLY D 122 29.64 39.78 37.58
CA GLY D 122 30.50 40.56 36.71
C GLY D 122 31.44 39.66 35.96
N ILE D 123 32.22 40.29 35.08
CA ILE D 123 33.19 39.58 34.25
C ILE D 123 34.59 40.06 34.61
N GLY D 124 35.46 39.11 34.94
CA GLY D 124 36.84 39.44 35.24
C GLY D 124 37.76 38.36 34.70
N ARG D 125 39.05 38.64 34.75
CA ARG D 125 40.06 37.73 34.22
C ARG D 125 40.64 36.90 35.35
N VAL D 126 40.54 35.57 35.21
CA VAL D 126 41.12 34.63 36.16
C VAL D 126 42.11 33.77 35.40
N SER D 127 43.37 33.81 35.83
CA SER D 127 44.42 33.05 35.18
C SER D 127 44.48 33.36 33.68
N GLY D 128 44.22 34.61 33.34
CA GLY D 128 44.26 35.03 31.95
C GLY D 128 43.03 34.68 31.13
N VAL D 129 41.98 34.16 31.75
CA VAL D 129 40.77 33.75 31.05
C VAL D 129 39.61 34.59 31.56
N GLU D 130 38.81 35.11 30.64
CA GLU D 130 37.62 35.86 31.02
C GLU D 130 36.56 34.92 31.54
N CYS D 131 36.06 35.19 32.75
CA CYS D 131 35.08 34.33 33.40
C CYS D 131 33.96 35.17 33.97
N MET D 132 32.80 34.55 34.12
CA MET D 132 31.67 35.17 34.81
C MET D 132 31.68 34.74 36.27
N ILE D 133 31.64 35.72 37.18
CA ILE D 133 31.74 35.47 38.60
C ILE D 133 30.41 35.82 39.23
N ILE D 134 29.83 34.87 39.97
CA ILE D 134 28.53 35.02 40.61
C ILE D 134 28.71 34.69 42.09
N ALA D 135 28.68 35.72 42.93
CA ALA D 135 28.93 35.57 44.36
C ALA D 135 27.73 36.06 45.16
N ASN D 136 27.24 35.22 46.06
CA ASN D 136 26.19 35.64 46.98
C ASN D 136 26.75 36.60 48.01
N ASP D 137 25.96 37.62 48.35
CA ASP D 137 26.33 38.59 49.38
C ASP D 137 25.65 38.17 50.68
N ALA D 138 26.39 37.46 51.53
CA ALA D 138 25.82 36.92 52.76
C ALA D 138 25.43 38.01 53.75
N THR D 139 25.95 39.23 53.58
CA THR D 139 25.63 40.29 54.52
C THR D 139 24.25 40.89 54.25
N VAL D 140 23.67 40.58 53.09
CA VAL D 140 22.38 41.12 52.70
C VAL D 140 21.32 40.06 52.95
N LYS D 141 20.53 40.24 54.01
CA LYS D 141 19.45 39.32 54.34
C LYS D 141 19.97 37.89 54.49
N GLY D 142 21.19 37.77 54.99
CA GLY D 142 21.79 36.45 55.15
C GLY D 142 21.96 35.68 53.86
N GLY D 143 21.97 36.36 52.72
CA GLY D 143 22.13 35.69 51.45
C GLY D 143 20.88 35.04 50.91
N ALA D 144 19.71 35.40 51.41
CA ALA D 144 18.48 34.82 50.91
C ALA D 144 18.21 35.26 49.47
N TYR D 145 17.50 34.41 48.73
CA TYR D 145 17.22 34.67 47.32
C TYR D 145 15.88 35.38 47.18
N TYR D 146 15.94 36.67 46.87
CA TYR D 146 14.74 37.43 46.51
C TYR D 146 14.43 37.23 45.04
N PRO D 147 13.21 37.57 44.63
CA PRO D 147 12.86 37.40 43.20
C PRO D 147 13.82 38.09 42.26
N VAL D 148 14.31 39.29 42.63
CA VAL D 148 15.27 39.97 41.78
C VAL D 148 16.61 39.25 41.80
N THR D 149 16.94 38.60 42.92
CA THR D 149 18.19 37.87 43.00
C THR D 149 18.24 36.75 41.97
N VAL D 150 17.14 36.02 41.83
CA VAL D 150 17.08 34.96 40.82
C VAL D 150 17.23 35.54 39.42
N LYS D 151 16.54 36.65 39.15
CA LYS D 151 16.61 37.24 37.82
C LYS D 151 18.02 37.73 37.50
N LYS D 152 18.69 38.33 38.48
CA LYS D 152 20.06 38.80 38.25
C LYS D 152 21.00 37.63 37.94
N GLN D 153 20.89 36.54 38.71
CA GLN D 153 21.72 35.38 38.44
C GLN D 153 21.41 34.77 37.08
N LEU D 154 20.13 34.66 36.73
CA LEU D 154 19.76 34.09 35.44
C LEU D 154 20.30 34.95 34.29
N ARG D 155 20.28 36.27 34.45
CA ARG D 155 20.87 37.14 33.45
C ARG D 155 22.35 36.89 33.29
N ALA D 156 23.06 36.72 34.42
CA ALA D 156 24.50 36.44 34.36
C ALA D 156 24.76 35.13 33.63
N GLN D 157 23.98 34.09 33.93
CA GLN D 157 24.17 32.81 33.24
C GLN D 157 23.90 32.94 31.75
N GLU D 158 22.88 33.71 31.38
CA GLU D 158 22.60 33.93 29.97
C GLU D 158 23.78 34.60 29.28
N ILE D 159 24.40 35.58 29.93
CA ILE D 159 25.57 36.25 29.35
C ILE D 159 26.72 35.25 29.19
N ALA D 160 26.95 34.43 30.21
CA ALA D 160 28.06 33.47 30.13
C ALA D 160 27.86 32.47 29.01
N MET D 161 26.63 31.97 28.84
CA MET D 161 26.40 30.97 27.80
C MET D 161 26.54 31.57 26.41
N GLN D 162 26.01 32.78 26.19
CA GLN D 162 26.04 33.37 24.86
C GLN D 162 27.45 33.70 24.42
N ASN D 163 28.36 33.90 25.38
CA ASN D 163 29.74 34.27 25.08
C ASN D 163 30.74 33.19 25.47
N ARG D 164 30.27 32.03 25.91
CA ARG D 164 31.14 30.92 26.30
C ARG D 164 32.14 31.35 27.38
N LEU D 165 31.62 31.94 28.44
CA LEU D 165 32.46 32.34 29.55
C LEU D 165 32.33 31.36 30.69
N PRO D 166 33.42 30.81 31.22
CA PRO D 166 33.31 29.90 32.37
C PRO D 166 32.65 30.61 33.55
N CYS D 167 31.85 29.85 34.29
CA CYS D 167 31.08 30.39 35.41
C CYS D 167 31.71 29.94 36.72
N ILE D 168 31.96 30.91 37.60
CA ILE D 168 32.49 30.65 38.94
C ILE D 168 31.46 31.13 39.94
N TYR D 169 30.97 30.21 40.77
CA TYR D 169 29.96 30.50 41.77
C TYR D 169 30.61 30.53 43.15
N LEU D 170 30.67 31.70 43.76
CA LEU D 170 31.11 31.83 45.15
C LEU D 170 29.87 31.71 46.03
N VAL D 171 29.58 30.50 46.47
CA VAL D 171 28.29 30.16 47.06
C VAL D 171 28.33 30.47 48.55
N ASP D 172 27.52 31.43 48.97
CA ASP D 172 27.21 31.66 50.38
C ASP D 172 25.79 32.19 50.47
N SER D 173 24.82 31.30 50.68
CA SER D 173 23.41 31.62 50.53
C SER D 173 22.61 31.06 51.69
N GLY D 174 21.46 31.69 51.94
CA GLY D 174 20.52 31.26 52.96
C GLY D 174 19.22 30.68 52.45
N GLY D 175 19.13 30.35 51.17
CA GLY D 175 17.90 29.79 50.63
C GLY D 175 16.94 30.83 50.11
N ALA D 176 15.79 30.34 49.66
CA ALA D 176 14.77 31.20 49.09
C ALA D 176 14.07 32.01 50.17
N TYR D 177 13.57 33.18 49.76
CA TYR D 177 12.83 34.05 50.66
C TYR D 177 11.37 33.60 50.70
N LEU D 178 11.01 32.86 51.75
CA LEU D 178 9.69 32.24 51.81
C LEU D 178 8.53 33.20 51.60
N PRO D 179 8.54 34.41 52.17
CA PRO D 179 7.36 35.29 52.00
C PRO D 179 7.03 35.59 50.54
N ARG D 180 7.98 35.42 49.63
CA ARG D 180 7.78 35.67 48.21
C ARG D 180 8.09 34.42 47.39
N GLN D 181 7.71 33.26 47.90
CA GLN D 181 8.07 32.01 47.26
C GLN D 181 7.46 31.89 45.87
N ALA D 182 6.21 32.34 45.71
CA ALA D 182 5.52 32.19 44.45
C ALA D 182 6.26 32.86 43.29
N ASP D 183 7.10 33.85 43.58
CA ASP D 183 7.88 34.54 42.56
C ASP D 183 9.30 34.04 42.47
N VAL D 184 9.62 32.92 43.10
CA VAL D 184 10.98 32.39 43.12
C VAL D 184 11.04 30.96 42.59
N PHE D 185 10.15 30.12 43.11
CA PHE D 185 10.20 28.67 42.87
C PHE D 185 9.61 28.21 41.53
N PRO D 186 8.36 28.54 41.22
CA PRO D 186 7.60 27.68 40.30
C PRO D 186 7.95 27.82 38.83
N ASP D 187 8.07 29.04 38.31
CA ASP D 187 7.97 29.25 36.88
C ASP D 187 9.27 28.87 36.16
N ARG D 188 9.24 28.98 34.82
CA ARG D 188 10.39 28.59 34.01
C ARG D 188 11.60 29.46 34.31
N ASP D 189 11.40 30.77 34.45
CA ASP D 189 12.49 31.69 34.77
C ASP D 189 12.66 31.89 36.26
N HIS D 190 12.26 30.90 37.05
CA HIS D 190 12.41 30.97 38.50
C HIS D 190 13.63 30.15 38.92
N PHE D 191 13.78 29.94 40.23
CA PHE D 191 15.04 29.39 40.75
C PHE D 191 15.43 28.08 40.07
N GLY D 192 14.45 27.28 39.65
CA GLY D 192 14.77 26.02 39.02
C GLY D 192 15.62 26.18 37.78
N ARG D 193 15.43 27.27 37.04
CA ARG D 193 16.18 27.49 35.81
C ARG D 193 17.68 27.59 36.05
N THR D 194 18.09 27.94 37.28
CA THR D 194 19.52 28.07 37.56
C THR D 194 20.25 26.76 37.34
N PHE D 195 19.69 25.66 37.82
CA PHE D 195 20.33 24.35 37.62
C PHE D 195 20.24 23.91 36.17
N TYR D 196 19.13 24.22 35.51
CA TYR D 196 19.01 23.91 34.09
C TYR D 196 20.13 24.56 33.29
N ASN D 197 20.42 25.84 33.58
CA ASN D 197 21.50 26.53 32.87
C ASN D 197 22.85 25.88 33.14
N GLN D 198 23.10 25.46 34.38
CA GLN D 198 24.37 24.81 34.69
C GLN D 198 24.53 23.52 33.89
N ALA D 199 23.48 22.71 33.83
CA ALA D 199 23.55 21.46 33.08
C ALA D 199 23.79 21.71 31.60
N ILE D 200 23.14 22.73 31.03
CA ILE D 200 23.30 22.99 29.61
C ILE D 200 24.70 23.47 29.29
N MET D 201 25.23 24.40 30.10
CA MET D 201 26.58 24.91 29.85
C MET D 201 27.61 23.80 29.99
N SER D 202 27.43 22.92 30.96
CA SER D 202 28.36 21.80 31.12
C SER D 202 28.38 20.92 29.88
N SER D 203 27.20 20.68 29.29
CA SER D 203 27.14 19.85 28.09
C SER D 203 27.83 20.50 26.90
N LYS D 204 28.03 21.82 26.95
CA LYS D 204 28.69 22.56 25.88
C LYS D 204 30.15 22.83 26.16
N ASN D 205 30.71 22.23 27.21
CA ASN D 205 32.11 22.44 27.59
C ASN D 205 32.38 23.87 28.05
N ILE D 206 31.39 24.51 28.65
CA ILE D 206 31.58 25.79 29.32
C ILE D 206 31.73 25.49 30.80
N ALA D 207 32.95 25.61 31.31
CA ALA D 207 33.26 25.10 32.65
C ALA D 207 32.37 25.74 33.70
N GLN D 208 31.91 24.91 34.64
CA GLN D 208 31.12 25.36 35.78
C GLN D 208 31.89 25.03 37.05
N ILE D 209 32.33 26.06 37.76
CA ILE D 209 33.13 25.91 38.97
C ILE D 209 32.38 26.54 40.14
N ALA D 210 32.20 25.77 41.20
CA ALA D 210 31.50 26.21 42.39
C ALA D 210 32.46 26.22 43.57
N VAL D 211 32.43 27.30 44.34
CA VAL D 211 33.27 27.46 45.52
C VAL D 211 32.34 27.68 46.71
N VAL D 212 32.17 26.65 47.53
CA VAL D 212 31.30 26.72 48.70
C VAL D 212 32.08 27.40 49.82
N MET D 213 31.79 28.68 50.05
CA MET D 213 32.46 29.47 51.07
C MET D 213 31.50 29.78 52.22
N GLY D 214 30.43 29.00 52.33
CA GLY D 214 29.44 29.24 53.35
C GLY D 214 28.37 28.17 53.32
N SER D 215 27.25 28.46 53.96
CA SER D 215 26.15 27.53 54.02
C SER D 215 25.35 27.56 52.72
N CYS D 216 24.96 26.38 52.25
CA CYS D 216 24.05 26.22 51.12
C CYS D 216 23.07 25.12 51.46
N THR D 217 21.78 25.42 51.37
CA THR D 217 20.73 24.54 51.85
C THR D 217 19.65 24.38 50.80
N ALA D 218 18.99 23.22 50.81
CA ALA D 218 17.88 22.91 49.90
C ALA D 218 18.41 23.03 48.48
N GLY D 219 17.84 23.91 47.64
CA GLY D 219 18.33 24.03 46.28
C GLY D 219 19.79 24.46 46.21
N GLY D 220 20.25 25.19 47.23
CA GLY D 220 21.63 25.64 47.22
C GLY D 220 22.62 24.50 47.15
N ALA D 221 22.32 23.39 47.82
CA ALA D 221 23.23 22.25 47.80
C ALA D 221 23.40 21.68 46.39
N TYR D 222 22.46 21.96 45.49
CA TYR D 222 22.56 21.42 44.14
C TYR D 222 23.66 22.13 43.35
N VAL D 223 23.92 23.40 43.65
CA VAL D 223 24.91 24.16 42.89
C VAL D 223 26.28 23.48 42.93
N PRO D 224 26.86 23.17 44.09
CA PRO D 224 28.12 22.41 44.09
C PRO D 224 28.00 21.04 43.45
N ALA D 225 26.84 20.40 43.59
CA ALA D 225 26.66 19.07 43.02
C ALA D 225 26.58 19.11 41.50
N MET D 226 26.01 20.18 40.95
CA MET D 226 25.86 20.30 39.50
C MET D 226 27.10 20.85 38.81
N ALA D 227 28.13 21.22 39.56
CA ALA D 227 29.31 21.84 38.96
C ALA D 227 30.28 20.79 38.47
N ASP D 228 31.04 21.15 37.44
CA ASP D 228 32.08 20.25 36.92
C ASP D 228 33.16 20.01 37.95
N GLU D 229 33.68 21.07 38.56
CA GLU D 229 34.65 20.97 39.65
C GLU D 229 34.16 21.82 40.81
N ASN D 230 34.46 21.38 42.03
CA ASN D 230 33.86 21.93 43.23
C ASN D 230 34.93 22.12 44.30
N ILE D 231 34.83 23.22 45.03
CA ILE D 231 35.75 23.54 46.12
C ILE D 231 34.92 23.96 47.34
N ILE D 232 35.28 23.40 48.50
CA ILE D 232 34.56 23.67 49.74
C ILE D 232 35.57 24.02 50.83
N VAL D 233 35.23 25.03 51.64
CA VAL D 233 36.08 25.45 52.73
C VAL D 233 35.89 24.53 53.92
N ARG D 234 36.91 24.45 54.79
CA ARG D 234 36.94 23.42 55.82
C ARG D 234 35.71 23.47 56.71
N LYS D 235 35.42 24.63 57.29
CA LYS D 235 34.33 24.72 58.27
C LYS D 235 33.19 25.64 57.86
N GLN D 236 33.47 26.69 57.09
CA GLN D 236 32.40 27.60 56.68
C GLN D 236 31.41 26.89 55.75
N GLY D 237 31.90 26.08 54.83
CA GLY D 237 31.05 25.45 53.84
C GLY D 237 30.21 24.31 54.36
N THR D 238 28.92 24.35 54.11
CA THR D 238 28.00 23.28 54.49
C THR D 238 27.05 23.00 53.33
N ILE D 239 26.86 21.72 53.02
CA ILE D 239 25.99 21.29 51.93
C ILE D 239 25.06 20.21 52.46
N PHE D 240 23.76 20.39 52.26
CA PHE D 240 22.77 19.39 52.64
C PHE D 240 21.46 19.70 51.94
N LEU D 241 20.82 18.65 51.39
CA LEU D 241 19.51 18.83 50.79
C LEU D 241 18.50 19.31 51.82
N ALA D 242 18.50 18.70 53.01
CA ALA D 242 17.62 19.08 54.10
C ALA D 242 18.45 19.62 55.25
N GLY D 243 18.10 20.81 55.72
CA GLY D 243 18.81 21.41 56.82
C GLY D 243 18.50 20.74 58.13
N PRO D 244 19.28 21.08 59.15
CA PRO D 244 19.08 20.50 60.48
C PRO D 244 17.66 20.72 60.97
N PRO D 245 17.09 21.91 60.76
CA PRO D 245 15.70 22.13 61.19
C PRO D 245 14.72 21.16 60.56
N LEU D 246 14.88 20.84 59.28
CA LEU D 246 13.98 19.87 58.64
C LEU D 246 14.26 18.46 59.14
N VAL D 247 15.53 18.12 59.37
CA VAL D 247 15.87 16.79 59.86
C VAL D 247 15.23 16.54 61.21
N LYS D 248 15.29 17.52 62.10
CA LYS D 248 14.68 17.36 63.42
C LYS D 248 13.17 17.19 63.31
N ALA D 249 12.51 18.01 62.47
CA ALA D 249 11.07 17.91 62.32
C ALA D 249 10.68 16.57 61.71
N ALA D 250 11.41 16.13 60.68
CA ALA D 250 11.04 14.91 59.97
C ALA D 250 11.37 13.66 60.79
N THR D 251 12.54 13.63 61.43
CA THR D 251 12.99 12.44 62.13
C THR D 251 13.31 12.67 63.60
N GLY D 252 13.18 13.90 64.10
CA GLY D 252 13.44 14.14 65.51
C GLY D 252 14.86 13.88 65.93
N GLU D 253 15.83 14.30 65.12
CA GLU D 253 17.25 14.14 65.42
C GLU D 253 17.92 15.50 65.44
N GLU D 254 18.81 15.72 66.40
CA GLU D 254 19.55 16.96 66.51
C GLU D 254 20.97 16.74 66.00
N VAL D 255 21.33 17.45 64.93
CA VAL D 255 22.64 17.34 64.32
C VAL D 255 23.11 18.73 63.92
N SER D 256 24.39 19.01 64.15
CA SER D 256 24.95 20.29 63.75
C SER D 256 25.11 20.35 62.23
N ALA D 257 25.15 21.58 61.71
CA ALA D 257 25.30 21.76 60.28
C ALA D 257 26.60 21.16 59.76
N GLU D 258 27.69 21.32 60.52
CA GLU D 258 28.97 20.77 60.10
C GLU D 258 28.90 19.25 59.97
N ASP D 259 28.28 18.58 60.94
CA ASP D 259 28.18 17.12 60.87
C ASP D 259 27.28 16.70 59.72
N LEU D 260 26.13 17.36 59.56
CA LEU D 260 25.25 17.03 58.45
C LEU D 260 25.91 17.31 57.11
N GLY D 261 26.58 18.46 57.00
CA GLY D 261 27.32 18.80 55.79
C GLY D 261 28.81 18.89 56.07
N GLY D 262 29.38 20.06 55.83
CA GLY D 262 30.79 20.26 56.16
C GLY D 262 31.71 19.77 55.06
N ALA D 263 32.90 20.37 55.02
CA ALA D 263 33.90 19.99 54.02
C ALA D 263 34.37 18.55 54.23
N ASP D 264 34.62 18.17 55.49
CA ASP D 264 35.19 16.85 55.76
C ASP D 264 34.23 15.74 55.31
N LEU D 265 32.95 15.88 55.64
CA LEU D 265 31.99 14.85 55.25
C LEU D 265 31.92 14.70 53.73
N HIS D 266 31.80 15.83 53.02
CA HIS D 266 31.67 15.77 51.57
C HIS D 266 33.01 15.45 50.91
N CYS D 267 34.09 16.03 51.44
CA CYS D 267 35.41 15.79 50.86
C CYS D 267 35.83 14.34 50.98
N ARG D 268 35.61 13.73 52.15
CA ARG D 268 36.17 12.41 52.44
C ARG D 268 35.16 11.28 52.43
N LYS D 269 33.89 11.54 52.76
CA LYS D 269 32.90 10.47 52.84
C LYS D 269 31.85 10.58 51.75
N SER D 270 31.16 11.72 51.63
CA SER D 270 30.12 11.84 50.61
C SER D 270 30.74 11.91 49.22
N GLY D 271 31.92 12.50 49.10
CA GLY D 271 32.56 12.69 47.82
C GLY D 271 32.02 13.83 46.99
N VAL D 272 31.14 14.65 47.55
CA VAL D 272 30.59 15.77 46.79
C VAL D 272 31.65 16.82 46.52
N SER D 273 32.70 16.86 47.34
CA SER D 273 33.73 17.89 47.24
C SER D 273 34.91 17.38 46.43
N ASP D 274 35.37 18.19 45.48
CA ASP D 274 36.53 17.82 44.68
C ASP D 274 37.82 18.38 45.27
N HIS D 275 37.76 19.53 45.94
CA HIS D 275 38.91 20.13 46.58
C HIS D 275 38.54 20.60 47.97
N TRP D 276 39.50 20.52 48.89
CA TRP D 276 39.31 20.89 50.28
C TRP D 276 40.20 22.08 50.60
N ALA D 277 39.61 23.14 51.14
CA ALA D 277 40.30 24.40 51.36
C ALA D 277 40.28 24.77 52.83
N LEU D 278 41.40 25.30 53.31
CA LEU D 278 41.52 25.67 54.71
C LEU D 278 40.69 26.91 55.04
N ASP D 279 40.79 27.94 54.21
CA ASP D 279 40.10 29.21 54.46
C ASP D 279 39.70 29.83 53.13
N ASP D 280 39.15 31.05 53.20
CA ASP D 280 38.70 31.73 51.99
C ASP D 280 39.87 32.01 51.05
N HIS D 281 41.00 32.45 51.61
CA HIS D 281 42.16 32.72 50.76
C HIS D 281 42.63 31.46 50.05
N HIS D 282 42.68 30.34 50.78
CA HIS D 282 43.10 29.08 50.16
C HIS D 282 42.14 28.67 49.05
N ALA D 283 40.83 28.80 49.28
CA ALA D 283 39.85 28.41 48.27
C ALA D 283 40.01 29.24 47.00
N LEU D 284 40.23 30.55 47.14
CA LEU D 284 40.41 31.40 45.97
C LEU D 284 41.68 31.03 45.22
N HIS D 285 42.74 30.68 45.94
CA HIS D 285 43.96 30.21 45.28
C HIS D 285 43.71 28.92 44.51
N LEU D 286 42.94 28.01 45.10
CA LEU D 286 42.61 26.76 44.41
C LEU D 286 41.79 27.03 43.16
N THR D 287 40.84 27.97 43.23
CA THR D 287 40.02 28.29 42.07
C THR D 287 40.86 28.74 40.89
N ARG D 288 41.86 29.59 41.14
CA ARG D 288 42.73 30.05 40.06
C ARG D 288 43.46 28.88 39.42
N LYS D 289 43.88 27.90 40.23
CA LYS D 289 44.53 26.71 39.66
C LYS D 289 43.56 25.91 38.80
N VAL D 290 42.30 25.80 39.23
CA VAL D 290 41.33 25.03 38.47
C VAL D 290 41.11 25.64 37.09
N VAL D 291 41.00 26.96 37.03
CA VAL D 291 40.78 27.62 35.74
C VAL D 291 41.99 27.45 34.84
N ARG D 292 43.19 27.46 35.40
CA ARG D 292 44.39 27.31 34.58
C ARG D 292 44.47 25.96 33.90
N ASN D 293 43.72 24.96 34.38
CA ASN D 293 43.75 23.61 33.83
C ASN D 293 42.60 23.36 32.87
N LEU D 294 41.88 24.40 32.45
CA LEU D 294 40.78 24.25 31.52
C LEU D 294 41.22 23.94 30.10
N ASN D 295 42.51 24.11 29.80
CA ASN D 295 43.04 23.82 28.47
C ASN D 295 42.31 24.64 27.40
N TYR D 296 42.04 25.90 27.72
CA TYR D 296 41.33 26.81 26.83
C TYR D 296 42.26 27.93 26.39
N GLN D 297 42.16 28.29 25.10
CA GLN D 297 42.89 29.41 24.55
C GLN D 297 41.95 30.22 23.67
N LYS D 298 41.95 31.54 23.86
CA LYS D 298 41.04 32.40 23.12
C LYS D 298 41.49 32.55 21.67
N LYS D 299 40.54 32.47 20.74
CA LYS D 299 40.80 32.65 19.32
C LYS D 299 39.84 33.70 18.78
N LEU D 300 40.35 34.60 17.94
CA LEU D 300 39.58 35.71 17.41
C LEU D 300 39.18 35.43 15.97
N ASP D 301 37.91 35.66 15.66
CA ASP D 301 37.38 35.50 14.31
C ASP D 301 37.49 36.77 13.48
N VAL D 302 37.80 37.91 14.09
CA VAL D 302 37.77 39.19 13.42
C VAL D 302 39.19 39.68 13.19
N THR D 303 39.34 40.56 12.20
CA THR D 303 40.63 41.21 11.97
C THR D 303 40.89 42.25 13.05
N ILE D 304 42.16 42.45 13.36
CA ILE D 304 42.57 43.32 14.45
C ILE D 304 43.54 44.37 13.92
N GLU D 305 43.41 45.59 14.42
CA GLU D 305 44.30 46.70 14.10
C GLU D 305 44.72 47.37 15.39
N PRO D 306 45.88 48.04 15.39
CA PRO D 306 46.37 48.65 16.64
C PRO D 306 45.37 49.67 17.18
N SER D 307 45.26 49.71 18.50
CA SER D 307 44.32 50.60 19.15
C SER D 307 44.82 52.05 19.12
N GLU D 308 43.87 52.97 19.14
CA GLU D 308 44.16 54.40 19.21
C GLU D 308 43.09 55.08 20.04
N GLU D 309 43.49 56.07 20.84
CA GLU D 309 42.56 56.83 21.63
C GLU D 309 41.77 57.80 20.75
N PRO D 310 40.55 58.13 21.15
CA PRO D 310 39.78 59.14 20.41
C PRO D 310 40.46 60.49 20.46
N LEU D 311 40.20 61.31 19.45
CA LEU D 311 40.86 62.60 19.33
C LEU D 311 40.23 63.68 20.20
N PHE D 312 39.15 63.38 20.91
CA PHE D 312 38.49 64.37 21.74
C PHE D 312 38.27 63.81 23.15
N PRO D 313 38.30 64.67 24.16
CA PRO D 313 38.06 64.19 25.53
C PRO D 313 36.65 63.62 25.69
N ALA D 314 36.55 62.60 26.53
CA ALA D 314 35.25 61.95 26.74
C ALA D 314 34.34 62.79 27.63
N ASP D 315 34.93 63.51 28.58
CA ASP D 315 34.11 64.30 29.51
C ASP D 315 33.36 65.42 28.83
N GLU D 316 33.76 65.80 27.61
CA GLU D 316 33.00 66.79 26.85
C GLU D 316 31.60 66.29 26.54
N LEU D 317 31.37 64.98 26.62
CA LEU D 317 30.02 64.44 26.41
C LEU D 317 29.02 65.02 27.41
N TYR D 318 29.49 65.45 28.58
CA TYR D 318 28.60 66.08 29.54
C TYR D 318 27.95 67.32 28.95
N GLY D 319 28.76 68.23 28.40
CA GLY D 319 28.21 69.44 27.83
C GLY D 319 27.42 69.18 26.56
N ILE D 320 27.89 68.26 25.73
CA ILE D 320 27.24 68.03 24.44
C ILE D 320 25.84 67.46 24.62
N VAL D 321 25.68 66.50 25.54
CA VAL D 321 24.43 65.77 25.69
C VAL D 321 23.51 66.41 26.71
N GLY D 322 24.02 66.72 27.90
CA GLY D 322 23.17 67.30 28.91
C GLY D 322 22.15 66.31 29.44
N ALA D 323 21.11 66.86 30.06
CA ALA D 323 20.05 66.06 30.66
C ALA D 323 18.66 66.36 30.10
N ASN D 324 18.55 67.27 29.14
CA ASN D 324 17.26 67.66 28.58
C ASN D 324 17.04 66.87 27.30
N LEU D 325 16.08 65.94 27.34
CA LEU D 325 15.80 65.10 26.19
C LEU D 325 15.10 65.85 25.07
N LYS D 326 14.52 67.01 25.36
CA LYS D 326 13.83 67.77 24.32
C LYS D 326 14.82 68.39 23.35
N ARG D 327 15.95 68.88 23.85
CA ARG D 327 17.00 69.35 22.97
C ARG D 327 17.61 68.18 22.21
N SER D 328 18.14 68.48 21.02
CA SER D 328 18.74 67.47 20.16
C SER D 328 20.22 67.76 19.98
N PHE D 329 20.99 66.69 19.80
CA PHE D 329 22.42 66.77 19.56
C PHE D 329 22.79 65.83 18.43
N ASP D 330 23.95 66.07 17.82
CA ASP D 330 24.44 65.23 16.73
C ASP D 330 25.11 64.00 17.31
N VAL D 331 24.55 62.83 17.00
CA VAL D 331 25.10 61.57 17.51
C VAL D 331 26.53 61.37 17.04
N ARG D 332 26.91 61.97 15.91
CA ARG D 332 28.29 61.86 15.44
C ARG D 332 29.27 62.38 16.48
N GLU D 333 28.86 63.39 17.25
CA GLU D 333 29.73 63.89 18.31
C GLU D 333 30.01 62.81 19.36
N VAL D 334 28.99 62.03 19.72
CA VAL D 334 29.20 60.92 20.64
C VAL D 334 30.14 59.89 20.03
N ILE D 335 29.93 59.57 18.75
CA ILE D 335 30.78 58.59 18.09
C ILE D 335 32.24 59.07 18.05
N ALA D 336 32.44 60.36 17.76
CA ALA D 336 33.80 60.87 17.59
C ALA D 336 34.62 60.70 18.87
N ARG D 337 33.96 60.55 20.01
CA ARG D 337 34.66 60.50 21.29
C ARG D 337 34.77 59.11 21.89
N ILE D 338 34.44 58.06 21.13
CA ILE D 338 34.57 56.70 21.63
C ILE D 338 35.29 55.77 20.67
N VAL D 339 35.43 56.11 19.39
CA VAL D 339 36.03 55.21 18.42
C VAL D 339 37.51 55.52 18.30
N ASP D 340 38.28 54.51 17.88
CA ASP D 340 39.72 54.65 17.76
C ASP D 340 40.06 55.77 16.79
N GLY D 341 40.82 56.77 17.26
CA GLY D 341 41.23 57.86 16.41
C GLY D 341 40.13 58.73 15.88
N SER D 342 38.90 58.58 16.38
CA SER D 342 37.76 59.34 15.88
C SER D 342 37.62 59.19 14.37
N ARG D 343 37.87 57.98 13.88
CA ARG D 343 37.76 57.66 12.46
C ARG D 343 36.47 56.91 12.23
N PHE D 344 35.70 57.35 11.23
CA PHE D 344 34.37 56.80 10.98
C PHE D 344 34.05 56.91 9.49
N THR D 345 33.66 55.77 8.91
CA THR D 345 33.26 55.69 7.51
C THR D 345 31.74 55.60 7.47
N GLU D 346 31.08 56.69 7.11
CA GLU D 346 29.63 56.74 7.11
C GLU D 346 29.06 56.08 5.87
N PHE D 347 27.96 55.35 6.06
CA PHE D 347 27.29 54.62 4.99
C PHE D 347 25.95 55.28 4.69
N LYS D 348 25.74 55.63 3.44
CA LYS D 348 24.51 56.30 3.01
C LYS D 348 24.27 57.56 3.84
N ALA D 349 25.25 58.46 3.81
CA ALA D 349 25.22 59.62 4.69
C ALA D 349 24.03 60.53 4.38
N PHE D 350 23.75 60.75 3.10
CA PHE D 350 22.73 61.71 2.70
C PHE D 350 21.34 61.09 2.51
N TYR D 351 21.20 59.80 2.72
CA TYR D 351 19.93 59.10 2.58
C TYR D 351 19.42 58.67 3.94
N GLY D 352 18.19 59.05 4.26
CA GLY D 352 17.64 58.76 5.58
C GLY D 352 18.51 59.34 6.68
N ASP D 353 18.77 60.65 6.61
CA ASP D 353 19.77 61.26 7.47
C ASP D 353 19.43 61.18 8.96
N THR D 354 18.18 60.85 9.30
CA THR D 354 17.82 60.74 10.71
C THR D 354 18.48 59.53 11.37
N LEU D 355 19.08 58.64 10.59
CA LEU D 355 19.81 57.49 11.09
C LEU D 355 21.24 57.55 10.59
N VAL D 356 22.18 57.25 11.48
CA VAL D 356 23.61 57.28 11.16
C VAL D 356 24.14 55.87 11.26
N THR D 357 24.77 55.39 10.19
CA THR D 357 25.39 54.08 10.14
C THR D 357 26.77 54.21 9.53
N GLY D 358 27.72 53.42 10.03
CA GLY D 358 29.07 53.47 9.51
C GLY D 358 29.95 52.46 10.20
N PHE D 359 31.20 52.38 9.73
CA PHE D 359 32.17 51.43 10.24
C PHE D 359 33.24 52.18 11.03
N ALA D 360 33.68 51.57 12.13
CA ALA D 360 34.71 52.14 12.97
C ALA D 360 35.43 51.00 13.69
N ARG D 361 36.29 51.36 14.64
CA ARG D 361 37.01 50.38 15.44
C ARG D 361 37.13 50.87 16.87
N ILE D 362 36.92 49.96 17.82
CA ILE D 362 37.02 50.25 19.24
C ILE D 362 38.03 49.28 19.84
N PHE D 363 39.15 49.81 20.32
CA PHE D 363 40.23 49.00 20.87
C PHE D 363 40.75 47.98 19.85
N GLY D 364 40.67 48.34 18.56
CA GLY D 364 41.14 47.48 17.51
C GLY D 364 40.08 46.59 16.88
N TYR D 365 38.95 46.39 17.55
CA TYR D 365 37.89 45.54 17.01
C TYR D 365 37.07 46.30 15.97
N PRO D 366 36.66 45.64 14.88
CA PRO D 366 35.76 46.29 13.93
C PRO D 366 34.33 46.31 14.45
N VAL D 367 33.63 47.42 14.22
CA VAL D 367 32.28 47.60 14.71
C VAL D 367 31.46 48.37 13.69
N GLY D 368 30.21 47.98 13.53
CA GLY D 368 29.23 48.74 12.76
C GLY D 368 28.28 49.43 13.72
N ILE D 369 28.19 50.75 13.59
CA ILE D 369 27.47 51.59 14.54
C ILE D 369 26.18 52.07 13.90
N VAL D 370 25.08 51.92 14.63
CA VAL D 370 23.77 52.42 14.22
C VAL D 370 23.26 53.32 15.34
N GLY D 371 23.03 54.60 15.02
CA GLY D 371 22.57 55.55 16.01
C GLY D 371 21.48 56.46 15.50
N ASN D 372 20.53 56.80 16.38
CA ASN D 372 19.42 57.67 16.00
C ASN D 372 19.86 59.12 15.97
N ASN D 373 19.38 59.86 14.98
CA ASN D 373 19.67 61.28 14.84
C ASN D 373 18.39 62.05 14.54
N GLY D 374 17.26 61.52 14.98
CA GLY D 374 15.97 62.13 14.71
C GLY D 374 14.90 61.07 14.63
N VAL D 375 13.73 61.50 14.12
CA VAL D 375 12.61 60.60 13.99
C VAL D 375 12.87 59.59 12.90
N LEU D 376 12.45 58.35 13.12
CA LEU D 376 12.63 57.30 12.12
C LEU D 376 11.67 57.50 10.95
N PHE D 377 12.20 57.36 9.74
CA PHE D 377 11.43 57.48 8.51
C PHE D 377 11.51 56.17 7.74
N SER D 378 10.78 56.12 6.62
CA SER D 378 10.87 54.95 5.75
C SER D 378 12.28 54.80 5.20
N GLU D 379 12.90 55.91 4.77
CA GLU D 379 14.25 55.84 4.26
C GLU D 379 15.23 55.38 5.34
N SER D 380 15.05 55.87 6.57
CA SER D 380 15.95 55.47 7.65
C SER D 380 15.86 53.98 7.91
N ALA D 381 14.65 53.43 7.95
CA ALA D 381 14.50 52.00 8.19
C ALA D 381 15.12 51.18 7.07
N LYS D 382 14.91 51.58 5.82
CA LYS D 382 15.52 50.88 4.69
C LYS D 382 17.04 50.97 4.78
N LYS D 383 17.56 52.14 5.11
CA LYS D 383 19.01 52.31 5.23
C LYS D 383 19.58 51.41 6.33
N GLY D 384 18.89 51.33 7.47
CA GLY D 384 19.33 50.44 8.53
C GLY D 384 19.31 48.98 8.12
N THR D 385 18.23 48.56 7.44
CA THR D 385 18.13 47.17 7.02
C THR D 385 19.25 46.79 6.07
N HIS D 386 19.59 47.69 5.14
CA HIS D 386 20.71 47.44 4.23
C HIS D 386 22.00 47.32 5.01
N PHE D 387 22.22 48.21 5.99
CA PHE D 387 23.48 48.19 6.73
C PHE D 387 23.63 46.91 7.54
N VAL D 388 22.56 46.46 8.18
CA VAL D 388 22.66 45.28 9.03
C VAL D 388 23.02 44.05 8.21
N GLN D 389 22.51 43.96 6.99
CA GLN D 389 22.89 42.85 6.11
C GLN D 389 24.37 42.88 5.81
N LEU D 390 24.92 44.08 5.58
CA LEU D 390 26.35 44.20 5.30
C LEU D 390 27.19 43.68 6.46
N CYS D 391 26.86 44.09 7.69
CA CYS D 391 27.65 43.66 8.84
C CYS D 391 27.55 42.17 9.05
N CYS D 392 26.36 41.59 8.89
CA CYS D 392 26.20 40.15 9.07
C CYS D 392 26.99 39.39 8.02
N GLN D 393 27.03 39.89 6.78
CA GLN D 393 27.79 39.21 5.73
C GLN D 393 29.26 39.15 6.06
N ARG D 394 29.82 40.23 6.61
CA ARG D 394 31.24 40.31 6.91
C ARG D 394 31.57 39.91 8.34
N ASN D 395 30.57 39.52 9.13
CA ASN D 395 30.78 39.08 10.52
C ASN D 395 31.40 40.20 11.36
N ILE D 396 30.75 41.35 11.32
CA ILE D 396 31.21 42.55 12.03
C ILE D 396 30.28 42.81 13.20
N PRO D 397 30.78 42.96 14.42
CA PRO D 397 29.90 43.25 15.56
C PRO D 397 29.16 44.56 15.36
N LEU D 398 27.96 44.63 15.94
CA LEU D 398 27.06 45.76 15.79
C LEU D 398 26.87 46.47 17.11
N LEU D 399 26.91 47.81 17.08
CA LEU D 399 26.64 48.64 18.25
C LEU D 399 25.50 49.58 17.93
N PHE D 400 24.51 49.62 18.81
CA PHE D 400 23.33 50.45 18.65
C PHE D 400 23.34 51.57 19.70
N LEU D 401 23.08 52.79 19.25
CA LEU D 401 22.98 53.95 20.13
C LEU D 401 21.56 54.50 20.06
N GLN D 402 20.73 54.11 21.02
CA GLN D 402 19.32 54.47 21.02
C GLN D 402 19.13 55.86 21.63
N ASN D 403 18.70 56.81 20.79
CA ASN D 403 18.07 58.04 21.23
C ASN D 403 16.90 58.30 20.29
N ILE D 404 15.75 57.78 20.65
CA ILE D 404 14.59 57.78 19.79
C ILE D 404 13.56 58.80 20.28
N THR D 405 12.71 59.24 19.36
CA THR D 405 11.57 60.07 19.69
C THR D 405 10.29 59.58 19.01
N GLY D 406 10.34 58.45 18.32
CA GLY D 406 9.18 57.87 17.69
C GLY D 406 9.37 57.69 16.19
N PHE D 407 8.30 57.24 15.55
CA PHE D 407 8.24 57.08 14.10
C PHE D 407 7.51 58.27 13.48
N MET D 408 7.76 58.49 12.20
CA MET D 408 7.04 59.53 11.47
C MET D 408 5.56 59.22 11.47
N VAL D 409 4.75 60.22 11.78
CA VAL D 409 3.30 60.10 11.83
C VAL D 409 2.71 60.93 10.71
N GLY D 410 1.92 60.27 9.85
CA GLY D 410 1.29 60.96 8.74
C GLY D 410 0.52 59.99 7.87
N ARG D 411 -0.54 60.51 7.25
CA ARG D 411 -1.36 59.69 6.36
C ARG D 411 -0.54 59.17 5.19
N GLU D 412 0.28 60.04 4.60
CA GLU D 412 1.09 59.62 3.45
C GLU D 412 2.08 58.54 3.83
N TYR D 413 2.72 58.68 4.99
CA TYR D 413 3.73 57.70 5.40
C TYR D 413 3.13 56.32 5.58
N GLU D 414 1.95 56.25 6.19
CA GLU D 414 1.27 54.95 6.33
C GLU D 414 0.90 54.39 4.97
N ALA D 415 0.45 55.25 4.04
CA ALA D 415 0.10 54.78 2.71
C ALA D 415 1.31 54.20 1.99
N GLU D 416 2.51 54.69 2.32
CA GLU D 416 3.74 54.19 1.73
C GLU D 416 4.36 53.05 2.53
N GLY D 417 3.62 52.49 3.48
CA GLY D 417 4.10 51.36 4.24
C GLY D 417 5.25 51.62 5.18
N ILE D 418 5.17 52.69 5.97
CA ILE D 418 6.16 52.93 7.01
C ILE D 418 6.21 51.74 7.96
N ALA D 419 5.05 51.21 8.33
CA ALA D 419 5.02 49.98 9.13
C ALA D 419 5.75 48.86 8.43
N LYS D 420 5.53 48.72 7.12
CA LYS D 420 6.24 47.70 6.36
C LYS D 420 7.75 47.95 6.37
N ASP D 421 8.16 49.22 6.28
CA ASP D 421 9.58 49.54 6.33
C ASP D 421 10.14 49.34 7.74
N GLY D 422 9.42 49.82 8.76
CA GLY D 422 9.88 49.62 10.12
C GLY D 422 10.02 48.15 10.48
N ALA D 423 9.10 47.33 9.98
CA ALA D 423 9.18 45.88 10.25
C ALA D 423 10.42 45.29 9.61
N LYS D 424 10.86 45.83 8.48
CA LYS D 424 12.06 45.30 7.82
C LYS D 424 13.26 45.36 8.74
N MET D 425 13.47 46.50 9.41
CA MET D 425 14.60 46.63 10.31
C MET D 425 14.46 45.69 11.51
N VAL D 426 13.25 45.55 12.03
CA VAL D 426 13.04 44.67 13.19
C VAL D 426 13.40 43.23 12.84
N ALA D 427 12.93 42.77 11.68
CA ALA D 427 13.24 41.40 11.26
C ALA D 427 14.73 41.20 11.07
N ALA D 428 15.40 42.16 10.43
CA ALA D 428 16.84 42.02 10.20
C ALA D 428 17.62 42.04 11.50
N VAL D 429 17.26 42.93 12.42
CA VAL D 429 17.98 43.03 13.69
C VAL D 429 17.82 41.75 14.50
N ALA D 430 16.61 41.18 14.49
CA ALA D 430 16.35 39.97 15.27
C ALA D 430 17.20 38.80 14.78
N CYS D 431 17.31 38.64 13.45
CA CYS D 431 17.98 37.47 12.91
C CYS D 431 19.50 37.60 12.90
N ALA D 432 20.03 38.80 13.08
CA ALA D 432 21.48 38.99 13.05
C ALA D 432 22.16 38.14 14.12
N GLN D 433 23.21 37.44 13.71
CA GLN D 433 23.94 36.54 14.61
C GLN D 433 25.27 37.12 15.07
N VAL D 434 25.67 38.28 14.56
CA VAL D 434 26.89 38.94 15.03
C VAL D 434 26.62 39.45 16.44
N PRO D 435 27.64 39.59 17.28
CA PRO D 435 27.41 40.15 18.62
C PRO D 435 26.81 41.54 18.53
N LYS D 436 25.84 41.81 19.40
CA LYS D 436 25.12 43.08 19.39
C LYS D 436 25.17 43.69 20.77
N ILE D 437 25.51 44.97 20.84
CA ILE D 437 25.54 45.72 22.09
C ILE D 437 24.73 46.99 21.91
N THR D 438 23.86 47.28 22.87
CA THR D 438 22.95 48.41 22.81
C THR D 438 23.26 49.38 23.93
N LEU D 439 23.29 50.66 23.61
CA LEU D 439 23.54 51.73 24.57
C LEU D 439 22.45 52.79 24.41
N ILE D 440 21.65 52.97 25.46
CA ILE D 440 20.58 53.95 25.44
C ILE D 440 21.12 55.27 25.98
N ILE D 441 21.36 56.22 25.08
CA ILE D 441 21.88 57.52 25.44
C ILE D 441 20.79 58.59 25.50
N GLY D 442 19.54 58.19 25.31
CA GLY D 442 18.42 59.12 25.33
C GLY D 442 17.10 58.43 25.55
N GLY D 443 16.06 58.86 24.84
CA GLY D 443 14.76 58.22 24.99
C GLY D 443 14.70 56.90 24.25
N SER D 444 13.80 56.04 24.72
CA SER D 444 13.54 54.74 24.11
C SER D 444 12.06 54.45 24.25
N TYR D 445 11.29 54.76 23.20
CA TYR D 445 9.84 54.72 23.26
C TYR D 445 9.28 53.87 22.13
N GLY D 446 8.22 53.13 22.43
CA GLY D 446 7.42 52.44 21.42
C GLY D 446 8.22 51.47 20.58
N ALA D 447 7.76 51.30 19.34
CA ALA D 447 8.39 50.38 18.41
C ALA D 447 9.79 50.80 18.02
N GLY D 448 10.17 52.06 18.26
CA GLY D 448 11.54 52.46 18.00
C GLY D 448 12.53 51.69 18.85
N ASN D 449 12.11 51.29 20.06
CA ASN D 449 12.96 50.46 20.89
C ASN D 449 13.26 49.13 20.23
N TYR D 450 12.25 48.49 19.63
CA TYR D 450 12.45 47.18 19.02
C TYR D 450 13.41 47.27 17.83
N GLY D 451 13.21 48.26 16.97
CA GLY D 451 14.05 48.39 15.80
C GLY D 451 15.50 48.64 16.13
N MET D 452 15.78 49.25 17.28
CA MET D 452 17.13 49.55 17.70
C MET D 452 17.68 48.53 18.70
N CYS D 453 17.25 47.27 18.58
CA CYS D 453 17.78 46.17 19.39
C CYS D 453 17.56 46.44 20.88
N GLY D 454 16.29 46.41 21.27
CA GLY D 454 15.92 46.52 22.66
C GLY D 454 16.25 45.25 23.43
N ARG D 455 15.87 45.25 24.71
CA ARG D 455 16.15 44.08 25.54
C ARG D 455 15.51 42.81 24.98
N ALA D 456 14.36 42.95 24.33
CA ALA D 456 13.65 41.79 23.82
C ALA D 456 14.38 41.11 22.66
N TYR D 457 15.39 41.76 22.09
CA TYR D 457 16.07 41.24 20.92
C TYR D 457 17.46 40.67 21.23
N SER D 458 17.71 40.34 22.50
CA SER D 458 18.89 39.61 22.95
C SER D 458 20.21 40.24 22.51
N PRO D 459 20.42 41.53 22.72
CA PRO D 459 21.77 42.08 22.60
C PRO D 459 22.67 41.47 23.67
N ARG D 460 23.93 41.25 23.32
CA ARG D 460 24.85 40.64 24.27
C ARG D 460 24.90 41.45 25.56
N PHE D 461 24.88 42.78 25.45
CA PHE D 461 24.83 43.66 26.61
C PHE D 461 23.93 44.84 26.30
N LEU D 462 23.35 45.41 27.34
CA LEU D 462 22.53 46.61 27.21
C LEU D 462 22.84 47.56 28.35
N TYR D 463 23.28 48.77 28.02
CA TYR D 463 23.63 49.78 29.00
C TYR D 463 22.82 51.04 28.75
N ILE D 464 22.68 51.85 29.79
CA ILE D 464 21.92 53.09 29.72
C ILE D 464 22.70 54.20 30.41
N TRP D 465 22.60 55.40 29.86
CA TRP D 465 23.19 56.57 30.50
C TRP D 465 22.24 57.12 31.56
N PRO D 466 22.78 57.88 32.52
CA PRO D 466 21.94 58.32 33.65
C PRO D 466 20.81 59.25 33.25
N ASN D 467 20.81 59.77 32.03
CA ASN D 467 19.78 60.68 31.56
C ASN D 467 18.71 60.01 30.71
N ALA D 468 18.74 58.68 30.60
CA ALA D 468 17.86 57.99 29.67
C ALA D 468 16.45 57.87 30.22
N ARG D 469 15.49 57.67 29.31
CA ARG D 469 14.09 57.42 29.63
C ARG D 469 13.56 56.34 28.70
N ILE D 470 12.81 55.40 29.26
CA ILE D 470 12.26 54.29 28.50
C ILE D 470 10.84 54.02 28.95
N SER D 471 9.94 53.81 27.98
CA SER D 471 8.55 53.49 28.26
C SER D 471 7.87 53.16 26.94
N VAL D 472 6.61 52.71 27.05
CA VAL D 472 5.85 52.37 25.84
C VAL D 472 5.72 53.59 24.94
N MET D 473 5.53 54.77 25.53
CA MET D 473 5.53 56.02 24.80
C MET D 473 6.00 57.12 25.74
N GLY D 474 6.33 58.27 25.17
CA GLY D 474 6.72 59.40 25.99
C GLY D 474 5.60 59.81 26.92
N GLY D 475 5.98 60.33 28.08
CA GLY D 475 4.99 60.73 29.06
C GLY D 475 4.02 61.75 28.52
N GLU D 476 4.51 62.72 27.75
CA GLU D 476 3.63 63.74 27.19
C GLU D 476 2.63 63.15 26.22
N GLN D 477 3.07 62.23 25.35
CA GLN D 477 2.15 61.65 24.36
C GLN D 477 1.00 60.93 25.04
N ALA D 478 1.29 60.16 26.10
CA ALA D 478 0.21 59.50 26.83
C ALA D 478 -0.74 60.51 27.45
N ALA D 479 -0.20 61.60 27.97
CA ALA D 479 -1.04 62.65 28.54
C ALA D 479 -1.91 63.30 27.47
N ASN D 480 -1.29 63.71 26.35
CA ASN D 480 -2.04 64.35 25.29
C ASN D 480 -3.07 63.41 24.68
N VAL D 481 -2.72 62.14 24.50
CA VAL D 481 -3.66 61.18 23.93
C VAL D 481 -4.90 61.06 24.81
N LEU D 482 -4.69 60.95 26.13
CA LEU D 482 -5.83 60.86 27.04
C LEU D 482 -6.64 62.15 27.02
N ALA D 483 -5.97 63.30 26.90
CA ALA D 483 -6.69 64.56 26.84
C ALA D 483 -7.63 64.62 25.65
N THR D 484 -7.15 64.19 24.48
CA THR D 484 -8.01 64.17 23.29
C THR D 484 -9.14 63.16 23.45
N ILE D 485 -8.84 61.98 23.97
CA ILE D 485 -9.86 60.94 24.10
C ILE D 485 -10.94 61.38 25.07
N THR D 486 -10.54 61.87 26.25
CA THR D 486 -11.52 62.31 27.24
C THR D 486 -12.32 63.50 26.72
N LYS D 487 -11.65 64.45 26.07
CA LYS D 487 -12.35 65.63 25.57
C LYS D 487 -13.42 65.25 24.56
N ASP D 488 -13.09 64.36 23.62
CA ASP D 488 -14.09 63.88 22.67
C ASP D 488 -15.20 63.10 23.38
N GLN D 489 -14.82 62.26 24.34
CA GLN D 489 -15.82 61.47 25.06
C GLN D 489 -16.79 62.37 25.83
N ARG D 490 -16.27 63.44 26.44
CA ARG D 490 -17.14 64.38 27.14
C ARG D 490 -18.12 65.03 26.18
N ALA D 491 -17.66 65.39 24.98
CA ALA D 491 -18.56 65.97 23.99
C ALA D 491 -19.65 64.98 23.60
N ARG D 492 -19.29 63.70 23.42
CA ARG D 492 -20.29 62.69 23.09
C ARG D 492 -21.33 62.57 24.19
N GLU D 493 -20.89 62.56 25.45
CA GLU D 493 -21.84 62.54 26.57
C GLU D 493 -22.57 63.87 26.70
N GLY D 494 -22.08 64.91 26.04
CA GLY D 494 -22.61 66.24 26.19
C GLY D 494 -22.02 67.03 27.33
N LYS D 495 -21.25 66.40 28.20
CA LYS D 495 -20.62 67.10 29.31
C LYS D 495 -19.40 67.87 28.82
N GLN D 496 -18.93 68.79 29.65
CA GLN D 496 -17.84 69.69 29.31
C GLN D 496 -16.60 69.33 30.11
N PHE D 497 -15.46 69.22 29.42
CA PHE D 497 -14.18 68.99 30.06
C PHE D 497 -13.36 70.28 29.97
N SER D 498 -13.16 70.92 31.11
CA SER D 498 -12.53 72.24 31.14
C SER D 498 -11.01 72.11 31.08
N SER D 499 -10.35 73.26 30.92
CA SER D 499 -8.89 73.28 30.91
C SER D 499 -8.33 72.77 32.24
N ALA D 500 -8.92 73.22 33.35
CA ALA D 500 -8.55 72.65 34.64
C ALA D 500 -8.82 71.15 34.68
N ASP D 501 -9.89 70.72 34.02
CA ASP D 501 -10.14 69.28 33.89
C ASP D 501 -9.03 68.60 33.10
N GLU D 502 -8.55 69.26 32.05
CA GLU D 502 -7.46 68.68 31.25
C GLU D 502 -6.21 68.50 32.10
N ALA D 503 -5.83 69.52 32.87
CA ALA D 503 -4.63 69.43 33.69
C ALA D 503 -4.75 68.34 34.75
N ALA D 504 -5.92 68.22 35.37
CA ALA D 504 -6.11 67.20 36.39
C ALA D 504 -5.90 65.81 35.81
N LEU D 505 -6.38 65.58 34.59
CA LEU D 505 -6.17 64.29 33.94
C LEU D 505 -4.70 64.07 33.60
N LYS D 506 -4.05 65.10 33.05
CA LYS D 506 -2.68 64.93 32.56
C LYS D 506 -1.69 64.68 33.70
N GLU D 507 -1.84 65.40 34.80
CA GLU D 507 -0.79 65.41 35.82
C GLU D 507 -0.45 64.01 36.33
N PRO D 508 -1.41 63.19 36.76
CA PRO D 508 -1.04 61.85 37.26
C PRO D 508 -0.35 60.99 36.22
N ILE D 509 -0.72 61.13 34.94
CA ILE D 509 -0.10 60.32 33.90
C ILE D 509 1.36 60.70 33.73
N ILE D 510 1.66 62.00 33.68
CA ILE D 510 3.03 62.44 33.47
C ILE D 510 3.91 62.00 34.64
N LYS D 511 3.38 62.07 35.85
CA LYS D 511 4.16 61.62 37.02
C LYS D 511 4.47 60.13 36.93
N LYS D 512 3.49 59.33 36.51
CA LYS D 512 3.71 57.88 36.44
C LYS D 512 4.79 57.53 35.42
N PHE D 513 4.72 58.14 34.23
CA PHE D 513 5.68 57.81 33.18
C PHE D 513 7.08 58.32 33.53
N GLU D 514 7.16 59.47 34.20
CA GLU D 514 8.45 59.97 34.65
C GLU D 514 9.05 59.03 35.69
N GLU D 515 8.24 58.51 36.60
CA GLU D 515 8.76 57.62 37.64
C GLU D 515 9.16 56.26 37.08
N GLU D 516 8.34 55.70 36.19
CA GLU D 516 8.60 54.37 35.66
C GLU D 516 9.58 54.37 34.49
N GLY D 517 9.91 55.53 33.95
CA GLY D 517 10.88 55.61 32.86
C GLY D 517 12.26 56.01 33.36
N ASN D 518 12.37 56.25 34.66
CA ASN D 518 13.64 56.65 35.24
C ASN D 518 14.67 55.54 35.07
N PRO D 519 15.94 55.89 34.83
CA PRO D 519 16.96 54.84 34.68
C PRO D 519 17.06 53.92 35.89
N TYR D 520 16.91 54.47 37.11
CA TYR D 520 16.98 53.63 38.30
C TYR D 520 15.82 52.66 38.37
N TYR D 521 14.62 53.11 37.97
CA TYR D 521 13.48 52.19 37.90
C TYR D 521 13.76 51.06 36.92
N SER D 522 14.27 51.41 35.73
CA SER D 522 14.58 50.39 34.74
C SER D 522 15.70 49.47 35.23
N SER D 523 16.73 50.03 35.87
CA SER D 523 17.87 49.24 36.32
C SER D 523 17.60 48.47 37.60
N ALA D 524 16.71 48.97 38.47
CA ALA D 524 16.40 48.24 39.69
C ALA D 524 15.89 46.84 39.36
N ARG D 525 14.87 46.77 38.50
CA ARG D 525 14.60 45.54 37.78
C ARG D 525 15.70 45.32 36.77
N VAL D 526 15.92 44.07 36.38
CA VAL D 526 16.99 43.82 35.43
C VAL D 526 16.43 43.97 34.01
N TRP D 527 16.34 45.20 33.55
CA TRP D 527 16.06 45.49 32.15
C TRP D 527 17.32 45.85 31.38
N ASP D 528 18.33 46.39 32.06
CA ASP D 528 19.62 46.68 31.47
C ASP D 528 20.69 46.06 32.33
N ASP D 529 21.92 46.08 31.84
CA ASP D 529 23.05 45.50 32.57
C ASP D 529 23.79 46.52 33.42
N GLY D 530 23.33 47.75 33.47
CA GLY D 530 23.92 48.73 34.35
C GLY D 530 23.78 50.14 33.82
N ILE D 531 23.88 51.10 34.73
CA ILE D 531 23.93 52.52 34.41
C ILE D 531 25.38 52.95 34.47
N ILE D 532 25.87 53.54 33.38
CA ILE D 532 27.28 53.81 33.22
C ILE D 532 27.50 55.31 33.02
N ASP D 533 28.59 55.80 33.58
CA ASP D 533 28.98 57.18 33.37
C ASP D 533 29.39 57.39 31.92
N PRO D 534 28.90 58.44 31.25
CA PRO D 534 29.28 58.66 29.85
C PRO D 534 30.78 58.69 29.62
N ALA D 535 31.56 59.21 30.58
CA ALA D 535 33.01 59.22 30.40
C ALA D 535 33.59 57.81 30.35
N ASP D 536 32.85 56.83 30.87
CA ASP D 536 33.30 55.44 30.88
C ASP D 536 32.76 54.64 29.70
N THR D 537 32.07 55.28 28.77
CA THR D 537 31.41 54.55 27.68
C THR D 537 32.43 53.75 26.87
N ARG D 538 33.55 54.37 26.49
CA ARG D 538 34.53 53.67 25.65
C ARG D 538 35.10 52.46 26.37
N LEU D 539 35.44 52.60 27.65
CA LEU D 539 36.01 51.48 28.39
C LEU D 539 35.02 50.34 28.52
N VAL D 540 33.77 50.64 28.84
CA VAL D 540 32.77 49.60 29.03
C VAL D 540 32.54 48.85 27.72
N LEU D 541 32.44 49.59 26.62
CA LEU D 541 32.26 48.95 25.32
C LEU D 541 33.45 48.07 24.97
N GLY D 542 34.66 48.55 25.25
CA GLY D 542 35.84 47.74 24.96
C GLY D 542 35.86 46.44 25.73
N LEU D 543 35.54 46.50 27.02
CA LEU D 543 35.48 45.27 27.82
C LEU D 543 34.37 44.35 27.35
N SER D 544 33.21 44.93 27.02
CA SER D 544 32.07 44.10 26.62
C SER D 544 32.34 43.39 25.30
N PHE D 545 32.83 44.12 24.29
CA PHE D 545 33.12 43.50 23.00
C PHE D 545 34.21 42.44 23.13
N SER D 546 35.21 42.70 23.98
CA SER D 546 36.27 41.72 24.18
C SER D 546 35.72 40.41 24.74
N ALA D 547 34.81 40.50 25.71
CA ALA D 547 34.19 39.31 26.27
C ALA D 547 33.32 38.60 25.23
N ALA D 548 32.59 39.37 24.43
CA ALA D 548 31.66 38.77 23.46
C ALA D 548 32.41 38.00 22.38
N LEU D 549 33.69 38.29 22.16
CA LEU D 549 34.45 37.62 21.12
C LEU D 549 34.98 36.26 21.54
N ASN D 550 34.73 35.84 22.79
CA ASN D 550 35.11 34.50 23.20
C ASN D 550 34.32 33.42 22.46
N ALA D 551 33.18 33.78 21.88
CA ALA D 551 32.45 32.76 21.15
C ALA D 551 32.59 32.97 19.64
N PRO D 552 32.69 31.89 18.87
CA PRO D 552 32.79 32.05 17.42
C PRO D 552 31.52 32.66 16.85
N ILE D 553 31.70 33.47 15.80
CA ILE D 553 30.59 34.15 15.15
C ILE D 553 29.96 33.19 14.14
N GLU D 554 28.65 33.00 14.24
CA GLU D 554 27.93 32.08 13.38
C GLU D 554 27.40 32.80 12.14
N LYS D 555 27.05 32.00 11.14
CA LYS D 555 26.42 32.54 9.94
C LYS D 555 24.99 32.96 10.23
N THR D 556 24.58 34.07 9.63
CA THR D 556 23.26 34.65 9.84
C THR D 556 22.28 34.11 8.81
N ASP D 557 21.14 33.63 9.27
CA ASP D 557 20.06 33.20 8.40
C ASP D 557 18.87 34.14 8.58
N PHE D 558 18.46 34.77 7.49
CA PHE D 558 17.38 35.74 7.53
C PHE D 558 16.07 35.10 7.12
N GLY D 559 14.97 35.72 7.55
CA GLY D 559 13.65 35.34 7.12
C GLY D 559 13.32 35.99 5.78
N ILE D 560 12.02 36.04 5.50
CA ILE D 560 11.57 36.68 4.26
C ILE D 560 11.56 38.20 4.45
N PHE D 561 12.25 38.90 3.56
CA PHE D 561 12.24 40.35 3.55
C PHE D 561 11.02 40.81 2.76
N ARG D 562 10.05 41.40 3.46
CA ARG D 562 8.82 41.86 2.81
C ARG D 562 9.15 43.12 2.00
N MET D 563 9.44 42.93 0.72
CA MET D 563 9.90 44.01 -0.13
C MET D 563 8.83 45.07 -0.32
N LEU E 31 68.86 21.86 -11.05
CA LEU E 31 68.67 21.68 -12.48
C LEU E 31 69.39 22.79 -13.24
N GLY E 32 69.45 22.62 -14.55
CA GLY E 32 69.95 23.65 -15.43
C GLY E 32 71.42 23.44 -15.79
N THR E 33 71.78 23.90 -16.99
CA THR E 33 73.14 23.90 -17.46
C THR E 33 73.41 25.21 -18.18
N GLN E 34 74.67 25.60 -18.22
CA GLN E 34 75.04 26.84 -18.89
C GLN E 34 75.00 26.64 -20.41
N PRO E 35 74.20 27.41 -21.13
CA PRO E 35 74.12 27.24 -22.58
C PRO E 35 75.37 27.78 -23.27
N ASP E 36 75.56 27.35 -24.51
CA ASP E 36 76.71 27.79 -25.31
C ASP E 36 76.32 29.08 -26.02
N LEU E 37 76.72 30.22 -25.43
CA LEU E 37 76.36 31.51 -26.00
C LEU E 37 77.00 31.70 -27.38
N GLY E 38 78.17 31.13 -27.59
CA GLY E 38 78.85 31.29 -28.87
C GLY E 38 78.23 30.47 -29.99
N SER E 39 77.46 29.44 -29.65
CA SER E 39 76.90 28.56 -30.66
C SER E 39 75.98 29.34 -31.60
N ALA E 40 76.03 28.98 -32.89
CA ALA E 40 75.21 29.66 -33.88
C ALA E 40 73.72 29.46 -33.59
N LEU E 41 73.34 28.26 -33.15
CA LEU E 41 71.95 27.99 -32.84
C LEU E 41 71.44 28.92 -31.75
N TYR E 42 72.21 29.08 -30.67
CA TYR E 42 71.81 29.99 -29.61
C TYR E 42 71.72 31.43 -30.11
N GLN E 43 72.70 31.85 -30.91
CA GLN E 43 72.65 33.20 -31.47
C GLN E 43 71.41 33.40 -32.33
N GLU E 44 71.11 32.43 -33.19
CA GLU E 44 69.92 32.54 -34.04
C GLU E 44 68.64 32.53 -33.21
N ASN E 45 68.55 31.62 -32.25
CA ASN E 45 67.34 31.51 -31.44
C ASN E 45 67.11 32.79 -30.62
N TYR E 46 68.18 33.34 -30.03
CA TYR E 46 68.04 34.58 -29.27
C TYR E 46 67.55 35.72 -30.15
N LYS E 47 68.10 35.83 -31.36
CA LYS E 47 67.72 36.93 -32.25
C LYS E 47 66.25 36.83 -32.64
N GLN E 48 65.79 35.62 -32.98
CA GLN E 48 64.39 35.47 -33.40
C GLN E 48 63.43 35.75 -32.25
N MET E 49 63.71 35.19 -31.07
CA MET E 49 62.83 35.40 -29.93
C MET E 49 62.81 36.86 -29.51
N LYS E 50 63.97 37.52 -29.54
CA LYS E 50 64.02 38.94 -29.18
C LYS E 50 63.14 39.77 -30.09
N ALA E 51 63.14 39.48 -31.39
CA ALA E 51 62.28 40.22 -32.32
C ALA E 51 60.82 40.05 -31.95
N LEU E 52 60.42 38.84 -31.57
CA LEU E 52 59.03 38.60 -31.17
C LEU E 52 58.67 39.42 -29.94
N VAL E 53 59.57 39.48 -28.96
CA VAL E 53 59.29 40.23 -27.74
C VAL E 53 59.20 41.72 -28.04
N ASN E 54 60.10 42.23 -28.88
CA ASN E 54 60.03 43.64 -29.25
C ASN E 54 58.72 43.96 -29.95
N GLN E 55 58.29 43.06 -30.85
CA GLN E 55 56.99 43.26 -31.51
C GLN E 55 55.86 43.27 -30.49
N LEU E 56 55.90 42.37 -29.51
CA LEU E 56 54.87 42.34 -28.49
C LEU E 56 54.86 43.63 -27.68
N HIS E 57 56.02 44.15 -27.31
CA HIS E 57 56.08 45.34 -26.47
C HIS E 57 55.50 46.56 -27.18
N GLU E 58 55.86 46.76 -28.44
CA GLU E 58 55.44 47.98 -29.13
C GLU E 58 53.94 47.96 -29.43
N ARG E 59 53.38 46.78 -29.66
CA ARG E 59 51.94 46.69 -29.87
C ARG E 59 51.17 47.02 -28.60
N VAL E 60 51.68 46.59 -27.45
CA VAL E 60 51.03 46.93 -26.19
C VAL E 60 51.11 48.43 -25.96
N GLU E 61 52.21 49.06 -26.38
CA GLU E 61 52.31 50.52 -26.25
C GLU E 61 51.19 51.21 -27.00
N HIS E 62 50.90 50.74 -28.22
CA HIS E 62 49.80 51.32 -28.99
C HIS E 62 48.46 51.07 -28.31
N ILE E 63 48.25 49.85 -27.79
CA ILE E 63 47.01 49.56 -27.08
C ILE E 63 46.89 50.41 -25.83
N LYS E 64 48.03 50.77 -25.22
CA LYS E 64 48.00 51.58 -24.01
C LYS E 64 47.29 52.91 -24.23
N LEU E 65 47.29 53.41 -25.47
CA LEU E 65 46.75 54.72 -25.76
C LEU E 65 45.24 54.72 -25.94
N GLY E 66 44.60 53.55 -25.95
CA GLY E 66 43.15 53.50 -26.00
C GLY E 66 42.59 54.15 -27.27
N GLY E 67 41.57 54.99 -27.07
CA GLY E 67 40.87 55.55 -28.21
C GLY E 67 41.74 56.45 -29.08
N GLY E 68 42.66 57.17 -28.46
CA GLY E 68 43.52 58.06 -29.21
C GLY E 68 43.65 59.44 -28.58
N GLU E 69 44.41 60.32 -29.23
CA GLU E 69 44.66 61.64 -28.64
C GLU E 69 43.40 62.47 -28.57
N LYS E 70 42.61 62.52 -29.65
CA LYS E 70 41.39 63.32 -29.64
C LYS E 70 40.42 62.80 -28.60
N ALA E 71 40.22 61.48 -28.53
CA ALA E 71 39.35 60.91 -27.52
C ALA E 71 39.90 61.13 -26.12
N ARG E 72 41.22 60.95 -25.95
CA ARG E 72 41.83 61.16 -24.65
C ARG E 72 41.72 62.60 -24.20
N ALA E 73 41.93 63.55 -25.14
CA ALA E 73 41.82 64.96 -24.79
C ALA E 73 40.40 65.31 -24.37
N LEU E 74 39.40 64.79 -25.07
CA LEU E 74 38.02 65.04 -24.69
C LEU E 74 37.71 64.46 -23.31
N HIS E 75 38.19 63.24 -23.04
CA HIS E 75 37.97 62.62 -21.74
C HIS E 75 38.50 63.50 -20.61
N ILE E 76 39.74 63.96 -20.75
CA ILE E 76 40.34 64.79 -19.71
C ILE E 76 39.62 66.13 -19.59
N SER E 77 39.17 66.67 -20.73
CA SER E 77 38.48 67.96 -20.72
C SER E 77 37.24 67.95 -19.83
N ARG E 78 36.65 66.79 -19.60
CA ARG E 78 35.49 66.67 -18.72
C ARG E 78 35.87 66.49 -17.26
N GLY E 79 37.15 66.65 -16.91
CA GLY E 79 37.59 66.49 -15.55
C GLY E 79 37.75 65.06 -15.09
N LYS E 80 37.68 64.09 -16.00
CA LYS E 80 37.76 62.69 -15.62
C LYS E 80 39.18 62.17 -15.79
N LEU E 81 39.58 61.26 -14.92
CA LEU E 81 40.86 60.60 -15.04
C LEU E 81 40.83 59.58 -16.17
N LEU E 82 41.99 59.36 -16.79
CA LEU E 82 42.09 58.33 -17.80
C LEU E 82 41.99 56.95 -17.14
N PRO E 83 41.43 55.96 -17.86
CA PRO E 83 41.14 54.68 -17.20
C PRO E 83 42.34 54.05 -16.53
N ARG E 84 43.53 54.12 -17.15
CA ARG E 84 44.71 53.50 -16.55
C ARG E 84 45.27 54.35 -15.40
N GLU E 85 45.05 55.66 -15.45
CA GLU E 85 45.42 56.49 -14.31
C GLU E 85 44.54 56.19 -13.11
N ARG E 86 43.26 55.87 -13.35
CA ARG E 86 42.37 55.49 -12.25
C ARG E 86 42.90 54.27 -11.52
N ILE E 87 43.33 53.26 -12.26
CA ILE E 87 43.85 52.04 -11.63
C ILE E 87 45.11 52.34 -10.84
N ASP E 88 45.99 53.16 -11.39
CA ASP E 88 47.23 53.52 -10.68
C ASP E 88 46.92 54.16 -9.33
N ASN E 89 45.90 55.03 -9.28
CA ASN E 89 45.56 55.70 -8.03
C ASN E 89 44.79 54.78 -7.10
N LEU E 90 44.20 53.71 -7.64
CA LEU E 90 43.40 52.81 -6.83
C LEU E 90 44.27 51.82 -6.06
N ILE E 91 45.26 51.22 -6.72
CA ILE E 91 46.04 50.17 -6.10
C ILE E 91 47.07 50.77 -5.16
N ASP E 92 47.65 49.91 -4.33
CA ASP E 92 48.61 50.37 -3.34
C ASP E 92 49.84 50.94 -4.04
N PRO E 93 50.49 51.95 -3.45
CA PRO E 93 51.63 52.58 -4.13
C PRO E 93 52.75 51.60 -4.39
N GLY E 94 53.19 51.52 -5.65
CA GLY E 94 54.28 50.67 -6.04
C GLY E 94 53.94 49.21 -6.20
N SER E 95 52.70 48.82 -5.95
CA SER E 95 52.33 47.42 -6.06
C SER E 95 52.22 47.00 -7.53
N PRO E 96 52.67 45.80 -7.88
CA PRO E 96 52.51 45.34 -9.26
C PRO E 96 51.05 45.09 -9.60
N PHE E 97 50.73 45.29 -10.87
CA PHE E 97 49.37 45.11 -11.37
C PHE E 97 49.41 44.08 -12.49
N LEU E 98 48.65 43.00 -12.32
CA LEU E 98 48.63 41.90 -13.29
C LEU E 98 47.46 42.13 -14.25
N GLU E 99 47.73 42.76 -15.39
CA GLU E 99 46.69 42.97 -16.38
C GLU E 99 46.43 41.69 -17.15
N LEU E 100 45.19 41.55 -17.61
CA LEU E 100 44.74 40.33 -18.28
C LEU E 100 44.15 40.66 -19.64
N SER E 101 44.41 39.80 -20.62
CA SER E 101 43.81 39.90 -21.95
C SER E 101 44.02 41.29 -22.55
N GLN E 102 45.28 41.74 -22.57
CA GLN E 102 45.59 43.04 -23.16
C GLN E 102 45.25 43.09 -24.64
N PHE E 103 45.26 41.94 -25.32
CA PHE E 103 45.10 41.91 -26.77
C PHE E 103 43.69 41.53 -27.21
N ALA E 104 42.72 41.55 -26.30
CA ALA E 104 41.35 41.27 -26.69
C ALA E 104 40.88 42.28 -27.73
N GLY E 105 40.23 41.78 -28.78
CA GLY E 105 39.74 42.63 -29.85
C GLY E 105 40.79 43.10 -30.83
N TYR E 106 42.01 42.58 -30.74
CA TYR E 106 43.08 42.97 -31.66
C TYR E 106 42.77 42.41 -33.05
N GLN E 107 42.42 43.29 -33.97
CA GLN E 107 42.06 42.92 -35.34
C GLN E 107 40.88 41.96 -35.39
N LEU E 108 40.05 41.95 -34.36
CA LEU E 108 38.92 41.03 -34.32
C LEU E 108 37.81 41.48 -35.27
N TYR E 109 37.59 42.79 -35.38
CA TYR E 109 36.53 43.34 -36.20
C TYR E 109 37.12 44.03 -37.42
N ASP E 110 36.45 43.87 -38.57
CA ASP E 110 37.08 44.11 -39.86
C ASP E 110 37.69 45.51 -39.94
N ASN E 111 36.89 46.55 -39.65
CA ASN E 111 37.34 47.93 -39.84
C ASN E 111 37.30 48.74 -38.55
N GLU E 112 36.97 48.12 -37.42
CA GLU E 112 36.87 48.82 -36.15
C GLU E 112 38.05 48.41 -35.26
N GLU E 113 38.75 49.41 -34.72
CA GLU E 113 39.83 49.18 -33.79
C GLU E 113 39.29 49.34 -32.37
N VAL E 114 39.44 48.30 -31.56
CA VAL E 114 38.91 48.30 -30.20
C VAL E 114 40.05 47.95 -29.25
N PRO E 115 40.95 48.89 -28.95
CA PRO E 115 42.12 48.57 -28.13
C PRO E 115 41.71 47.96 -26.79
N GLY E 116 42.23 46.76 -26.54
CA GLY E 116 41.96 46.07 -25.29
C GLY E 116 40.54 45.61 -25.10
N GLY E 117 39.71 45.65 -26.15
CA GLY E 117 38.31 45.29 -26.03
C GLY E 117 37.44 46.37 -25.45
N GLY E 118 37.97 47.56 -25.19
CA GLY E 118 37.21 48.61 -24.56
C GLY E 118 37.08 48.49 -23.06
N ILE E 119 37.86 47.62 -22.43
CA ILE E 119 37.79 47.38 -20.99
C ILE E 119 39.15 46.91 -20.50
N ILE E 120 39.49 47.32 -19.28
CA ILE E 120 40.76 46.97 -18.65
C ILE E 120 40.46 46.12 -17.42
N THR E 121 41.05 44.93 -17.37
CA THR E 121 40.86 44.00 -16.26
C THR E 121 42.22 43.50 -15.78
N GLY E 122 42.32 43.28 -14.48
CA GLY E 122 43.57 42.81 -13.90
C GLY E 122 43.41 42.62 -12.41
N ILE E 123 44.47 42.09 -11.79
CA ILE E 123 44.50 41.82 -10.36
C ILE E 123 45.56 42.71 -9.73
N GLY E 124 45.17 43.43 -8.68
CA GLY E 124 46.09 44.26 -7.95
C GLY E 124 45.72 44.29 -6.47
N ARG E 125 46.57 44.94 -5.69
CA ARG E 125 46.39 45.01 -4.26
C ARG E 125 45.78 46.35 -3.87
N VAL E 126 44.66 46.29 -3.16
CA VAL E 126 43.99 47.48 -2.64
C VAL E 126 43.89 47.33 -1.13
N SER E 127 44.51 48.24 -0.40
CA SER E 127 44.49 48.20 1.07
C SER E 127 44.99 46.85 1.58
N GLY E 128 46.00 46.30 0.90
CA GLY E 128 46.58 45.03 1.30
C GLY E 128 45.77 43.81 0.91
N VAL E 129 44.76 43.96 0.05
CA VAL E 129 43.89 42.87 -0.35
C VAL E 129 43.94 42.75 -1.87
N GLU E 130 44.06 41.52 -2.36
CA GLU E 130 44.08 41.30 -3.80
C GLU E 130 42.67 41.35 -4.35
N CYS E 131 42.46 42.22 -5.33
CA CYS E 131 41.12 42.44 -5.88
C CYS E 131 41.17 42.42 -7.40
N MET E 132 40.09 41.94 -8.01
CA MET E 132 39.90 42.02 -9.45
C MET E 132 39.32 43.38 -9.80
N ILE E 133 39.96 44.08 -10.72
CA ILE E 133 39.57 45.43 -11.11
C ILE E 133 39.06 45.37 -12.55
N ILE E 134 37.85 45.87 -12.77
CA ILE E 134 37.22 45.88 -14.09
C ILE E 134 36.83 47.31 -14.39
N ALA E 135 37.53 47.93 -15.34
CA ALA E 135 37.33 49.33 -15.69
C ALA E 135 36.96 49.46 -17.15
N ASN E 136 35.87 50.15 -17.43
CA ASN E 136 35.51 50.48 -18.80
C ASN E 136 36.43 51.58 -19.32
N ASP E 137 36.75 51.50 -20.61
CA ASP E 137 37.60 52.49 -21.26
C ASP E 137 36.70 53.40 -22.10
N ALA E 138 36.31 54.53 -21.50
CA ALA E 138 35.38 55.43 -22.18
C ALA E 138 35.96 56.03 -23.45
N THR E 139 37.28 56.05 -23.60
CA THR E 139 37.88 56.63 -24.80
C THR E 139 37.70 55.72 -26.00
N VAL E 140 37.41 54.44 -25.77
CA VAL E 140 37.27 53.46 -26.83
C VAL E 140 35.79 53.34 -27.17
N LYS E 141 35.40 53.85 -28.34
CA LYS E 141 34.02 53.77 -28.81
C LYS E 141 33.05 54.26 -27.75
N GLY E 142 33.46 55.24 -26.95
CA GLY E 142 32.61 55.75 -25.90
C GLY E 142 32.25 54.74 -24.84
N GLY E 143 33.05 53.69 -24.68
CA GLY E 143 32.77 52.67 -23.68
C GLY E 143 31.70 51.68 -24.05
N ALA E 144 31.33 51.59 -25.33
CA ALA E 144 30.30 50.66 -25.75
C ALA E 144 30.77 49.22 -25.58
N TYR E 145 29.82 48.32 -25.37
CA TYR E 145 30.12 46.91 -25.13
C TYR E 145 30.06 46.14 -26.44
N TYR E 146 31.23 45.83 -26.97
CA TYR E 146 31.34 44.91 -28.10
C TYR E 146 31.26 43.48 -27.60
N PRO E 147 31.00 42.52 -28.50
CA PRO E 147 30.92 41.11 -28.05
C PRO E 147 32.16 40.66 -27.32
N VAL E 148 33.34 41.09 -27.75
CA VAL E 148 34.57 40.72 -27.07
C VAL E 148 34.62 41.38 -25.68
N THR E 149 34.07 42.59 -25.57
CA THR E 149 34.06 43.27 -24.28
C THR E 149 33.30 42.45 -23.24
N VAL E 150 32.16 41.89 -23.63
CA VAL E 150 31.39 41.05 -22.71
C VAL E 150 32.19 39.83 -22.31
N LYS E 151 32.83 39.17 -23.28
CA LYS E 151 33.60 37.97 -22.97
C LYS E 151 34.76 38.28 -22.03
N LYS E 152 35.44 39.40 -22.25
CA LYS E 152 36.55 39.76 -21.37
C LYS E 152 36.08 39.97 -19.94
N GLN E 153 34.96 40.68 -19.76
CA GLN E 153 34.43 40.92 -18.42
C GLN E 153 34.01 39.62 -17.74
N LEU E 154 33.35 38.74 -18.48
CA LEU E 154 32.91 37.47 -17.91
C LEU E 154 34.10 36.62 -17.49
N ARG E 155 35.18 36.65 -18.27
CA ARG E 155 36.38 35.92 -17.88
C ARG E 155 36.95 36.47 -16.58
N ALA E 156 36.95 37.79 -16.42
CA ALA E 156 37.44 38.40 -15.18
C ALA E 156 36.58 37.99 -13.99
N GLN E 157 35.26 38.01 -14.17
CA GLN E 157 34.37 37.59 -13.07
C GLN E 157 34.60 36.13 -12.71
N GLU E 158 34.80 35.28 -13.71
CA GLU E 158 35.08 33.88 -13.45
C GLU E 158 36.36 33.72 -12.63
N ILE E 159 37.39 34.49 -12.97
CA ILE E 159 38.64 34.43 -12.20
C ILE E 159 38.41 34.86 -10.77
N ALA E 160 37.65 35.93 -10.56
CA ALA E 160 37.42 36.44 -9.21
C ALA E 160 36.66 35.42 -8.37
N MET E 161 35.62 34.80 -8.94
CA MET E 161 34.83 33.85 -8.18
C MET E 161 35.64 32.62 -7.80
N GLN E 162 36.44 32.10 -8.73
CA GLN E 162 37.19 30.88 -8.46
C GLN E 162 38.25 31.12 -7.38
N ASN E 163 38.78 32.33 -7.31
CA ASN E 163 39.84 32.67 -6.37
C ASN E 163 39.36 33.55 -5.23
N ARG E 164 38.05 33.81 -5.14
CA ARG E 164 37.48 34.62 -4.07
C ARG E 164 38.16 35.99 -4.00
N LEU E 165 38.22 36.66 -5.13
CA LEU E 165 38.79 38.00 -5.16
C LEU E 165 37.68 39.04 -5.19
N PRO E 166 37.67 40.02 -4.30
CA PRO E 166 36.66 41.07 -4.37
C PRO E 166 36.74 41.79 -5.71
N CYS E 167 35.57 42.15 -6.24
CA CYS E 167 35.46 42.76 -7.55
C CYS E 167 35.20 44.26 -7.39
N ILE E 168 35.97 45.07 -8.12
CA ILE E 168 35.80 46.51 -8.15
C ILE E 168 35.52 46.93 -9.58
N TYR E 169 34.34 47.51 -9.81
CA TYR E 169 33.92 47.94 -11.13
C TYR E 169 34.04 49.45 -11.22
N LEU E 170 34.96 49.91 -12.07
CA LEU E 170 35.07 51.33 -12.39
C LEU E 170 34.20 51.61 -13.60
N VAL E 171 32.94 51.94 -13.37
CA VAL E 171 31.92 51.94 -14.40
C VAL E 171 31.95 53.26 -15.16
N ASP E 172 32.27 53.18 -16.45
CA ASP E 172 32.11 54.29 -17.38
C ASP E 172 31.78 53.73 -18.75
N SER E 173 30.50 53.62 -19.08
CA SER E 173 30.05 52.82 -20.21
C SER E 173 29.00 53.57 -21.02
N GLY E 174 28.90 53.20 -22.29
CA GLY E 174 27.91 53.74 -23.20
C GLY E 174 26.84 52.77 -23.65
N GLY E 175 26.73 51.60 -23.01
CA GLY E 175 25.73 50.63 -23.39
C GLY E 175 26.21 49.64 -24.43
N ALA E 176 25.28 48.77 -24.82
CA ALA E 176 25.60 47.72 -25.79
C ALA E 176 25.77 48.31 -27.18
N TYR E 177 26.54 47.60 -28.00
CA TYR E 177 26.78 48.01 -29.39
C TYR E 177 25.66 47.43 -30.25
N LEU E 178 24.69 48.28 -30.61
CA LEU E 178 23.49 47.80 -31.29
C LEU E 178 23.78 47.02 -32.57
N PRO E 179 24.72 47.44 -33.44
CA PRO E 179 24.90 46.70 -34.69
C PRO E 179 25.23 45.23 -34.49
N ARG E 180 25.75 44.85 -33.33
CA ARG E 180 26.08 43.46 -33.02
C ARG E 180 25.31 42.97 -31.80
N GLN E 181 24.04 43.34 -31.70
CA GLN E 181 23.26 43.02 -30.51
C GLN E 181 23.09 41.51 -30.35
N ALA E 182 22.92 40.80 -31.47
CA ALA E 182 22.66 39.36 -31.39
C ALA E 182 23.78 38.60 -30.69
N ASP E 183 24.98 39.16 -30.66
CA ASP E 183 26.13 38.52 -30.00
C ASP E 183 26.44 39.13 -28.64
N VAL E 184 25.52 39.89 -28.07
CA VAL E 184 25.76 40.57 -26.80
C VAL E 184 24.66 40.26 -25.79
N PHE E 185 23.41 40.40 -26.22
CA PHE E 185 22.26 40.33 -25.33
C PHE E 185 21.79 38.93 -24.94
N PRO E 186 21.46 38.08 -25.92
CA PRO E 186 20.51 37.00 -25.64
C PRO E 186 21.07 35.81 -24.85
N ASP E 187 22.24 35.31 -25.21
CA ASP E 187 22.63 33.96 -24.79
C ASP E 187 23.09 33.94 -23.34
N ARG E 188 23.39 32.73 -22.85
CA ARG E 188 23.79 32.56 -21.46
C ARG E 188 25.08 33.30 -21.14
N ASP E 189 26.07 33.22 -22.02
CA ASP E 189 27.34 33.91 -21.85
C ASP E 189 27.32 35.30 -22.45
N HIS E 190 26.15 35.90 -22.57
CA HIS E 190 26.01 37.25 -23.08
C HIS E 190 25.87 38.22 -21.90
N PHE E 191 25.55 39.48 -22.21
CA PHE E 191 25.63 40.53 -21.21
C PHE E 191 24.86 40.21 -19.95
N GLY E 192 23.72 39.52 -20.08
CA GLY E 192 22.92 39.22 -18.90
C GLY E 192 23.67 38.46 -17.85
N ARG E 193 24.65 37.64 -18.25
CA ARG E 193 25.42 36.87 -17.29
C ARG E 193 26.22 37.74 -16.34
N THR E 194 26.51 38.98 -16.72
CA THR E 194 27.28 39.86 -15.85
C THR E 194 26.59 40.08 -14.52
N PHE E 195 25.27 40.33 -14.55
CA PHE E 195 24.54 40.55 -13.31
C PHE E 195 24.35 39.25 -12.54
N TYR E 196 24.20 38.14 -13.25
CA TYR E 196 24.10 36.85 -12.57
C TYR E 196 25.36 36.55 -11.77
N ASN E 197 26.54 36.83 -12.34
CA ASN E 197 27.78 36.61 -11.60
C ASN E 197 27.86 37.49 -10.37
N GLN E 198 27.43 38.74 -10.48
CA GLN E 198 27.45 39.64 -9.32
C GLN E 198 26.57 39.10 -8.19
N ALA E 199 25.38 38.63 -8.53
CA ALA E 199 24.47 38.10 -7.51
C ALA E 199 25.06 36.86 -6.84
N ILE E 200 25.67 35.96 -7.62
CA ILE E 200 26.23 34.75 -7.05
C ILE E 200 27.42 35.07 -6.16
N MET E 201 28.33 35.92 -6.63
CA MET E 201 29.48 36.28 -5.81
C MET E 201 29.06 36.96 -4.51
N SER E 202 28.04 37.82 -4.58
CA SER E 202 27.55 38.48 -3.37
C SER E 202 27.02 37.45 -2.38
N SER E 203 26.34 36.42 -2.86
CA SER E 203 25.79 35.41 -1.96
C SER E 203 26.88 34.59 -1.29
N LYS E 204 28.09 34.59 -1.85
CA LYS E 204 29.20 33.85 -1.29
C LYS E 204 30.15 34.73 -0.47
N ASN E 205 29.77 35.97 -0.21
CA ASN E 205 30.58 36.90 0.56
C ASN E 205 31.85 37.31 -0.19
N ILE E 206 31.78 37.38 -1.52
CA ILE E 206 32.84 37.95 -2.33
C ILE E 206 32.41 39.37 -2.68
N ALA E 207 32.99 40.35 -2.01
CA ALA E 207 32.49 41.71 -2.05
C ALA E 207 32.43 42.23 -3.48
N GLN E 208 31.33 42.92 -3.80
CA GLN E 208 31.14 43.58 -5.09
C GLN E 208 31.03 45.07 -4.84
N ILE E 209 31.98 45.83 -5.37
CA ILE E 209 32.02 47.28 -5.18
C ILE E 209 31.98 47.94 -6.55
N ALA E 210 31.03 48.86 -6.72
CA ALA E 210 30.84 49.59 -7.97
C ALA E 210 31.19 51.06 -7.76
N VAL E 211 32.02 51.59 -8.64
CA VAL E 211 32.40 52.99 -8.63
C VAL E 211 31.91 53.62 -9.92
N VAL E 212 30.79 54.34 -9.84
CA VAL E 212 30.20 54.97 -11.02
C VAL E 212 30.98 56.26 -11.28
N MET E 213 31.87 56.22 -12.27
CA MET E 213 32.75 57.33 -12.58
C MET E 213 32.36 57.99 -13.89
N GLY E 214 31.15 57.70 -14.36
CA GLY E 214 30.68 58.22 -15.63
C GLY E 214 29.24 57.84 -15.85
N SER E 215 28.87 57.77 -17.12
CA SER E 215 27.49 57.43 -17.48
C SER E 215 27.32 55.92 -17.54
N CYS E 216 26.18 55.45 -17.04
CA CYS E 216 25.77 54.04 -17.15
C CYS E 216 24.28 54.02 -17.45
N THR E 217 23.91 53.35 -18.54
CA THR E 217 22.55 53.39 -19.06
C THR E 217 22.04 51.98 -19.33
N ALA E 218 20.73 51.81 -19.22
CA ALA E 218 20.06 50.53 -19.50
C ALA E 218 20.67 49.47 -18.59
N GLY E 219 21.30 48.42 -19.14
CA GLY E 219 21.89 47.40 -18.28
C GLY E 219 22.97 47.96 -17.37
N GLY E 220 23.71 48.96 -17.85
CA GLY E 220 24.78 49.53 -17.04
C GLY E 220 24.30 50.04 -15.70
N ALA E 221 23.07 50.56 -15.65
CA ALA E 221 22.52 51.06 -14.39
C ALA E 221 22.36 49.94 -13.36
N TYR E 222 22.30 48.68 -13.82
CA TYR E 222 22.13 47.58 -12.89
C TYR E 222 23.40 47.30 -12.10
N VAL E 223 24.56 47.52 -12.72
CA VAL E 223 25.82 47.23 -12.03
C VAL E 223 25.92 47.96 -10.70
N PRO E 224 25.74 49.28 -10.63
CA PRO E 224 25.74 49.94 -9.32
C PRO E 224 24.66 49.44 -8.39
N ALA E 225 23.52 49.02 -8.95
CA ALA E 225 22.41 48.56 -8.11
C ALA E 225 22.67 47.16 -7.55
N MET E 226 23.38 46.33 -8.31
CA MET E 226 23.65 44.96 -7.88
C MET E 226 24.81 44.86 -6.91
N ALA E 227 25.61 45.90 -6.77
CA ALA E 227 26.81 45.83 -5.92
C ALA E 227 26.45 45.92 -4.44
N ASP E 228 27.30 45.34 -3.61
CA ASP E 228 27.10 45.43 -2.17
C ASP E 228 27.25 46.87 -1.67
N GLU E 229 28.32 47.55 -2.07
CA GLU E 229 28.52 48.95 -1.76
C GLU E 229 28.80 49.70 -3.04
N ASN E 230 28.35 50.95 -3.11
CA ASN E 230 28.34 51.71 -4.36
C ASN E 230 28.84 53.12 -4.10
N ILE E 231 29.59 53.65 -5.07
CA ILE E 231 30.13 55.00 -5.01
C ILE E 231 29.89 55.69 -6.34
N ILE E 232 29.42 56.94 -6.28
CA ILE E 232 29.07 57.71 -7.46
C ILE E 232 29.70 59.10 -7.36
N VAL E 233 30.23 59.59 -8.48
CA VAL E 233 30.84 60.91 -8.53
C VAL E 233 29.76 61.96 -8.71
N ARG E 234 30.05 63.18 -8.25
CA ARG E 234 29.01 64.21 -8.11
C ARG E 234 28.29 64.46 -9.44
N LYS E 235 29.03 64.76 -10.49
CA LYS E 235 28.42 65.16 -11.75
C LYS E 235 28.69 64.21 -12.91
N GLN E 236 29.85 63.56 -12.94
CA GLN E 236 30.13 62.62 -14.02
C GLN E 236 29.18 61.43 -13.99
N GLY E 237 28.90 60.90 -12.81
CA GLY E 237 28.10 59.70 -12.69
C GLY E 237 26.62 59.91 -12.95
N THR E 238 26.05 59.10 -13.84
CA THR E 238 24.63 59.11 -14.14
C THR E 238 24.12 57.68 -14.20
N ILE E 239 22.99 57.42 -13.58
CA ILE E 239 22.38 56.09 -13.54
C ILE E 239 20.90 56.22 -13.85
N PHE E 240 20.45 55.50 -14.89
CA PHE E 240 19.01 55.50 -15.27
C PHE E 240 18.70 54.25 -16.09
N LEU E 241 17.64 53.52 -15.75
CA LEU E 241 17.24 52.38 -16.57
C LEU E 241 16.97 52.81 -18.00
N ALA E 242 16.26 53.92 -18.18
CA ALA E 242 15.95 54.47 -19.48
C ALA E 242 16.64 55.82 -19.63
N GLY E 243 17.38 56.00 -20.71
CA GLY E 243 18.08 57.24 -20.96
C GLY E 243 17.13 58.33 -21.39
N PRO E 244 17.64 59.56 -21.40
CA PRO E 244 16.82 60.71 -21.80
C PRO E 244 16.21 60.50 -23.18
N PRO E 245 16.98 59.95 -24.14
CA PRO E 245 16.39 59.71 -25.47
C PRO E 245 15.17 58.80 -25.43
N LEU E 246 15.18 57.76 -24.59
CA LEU E 246 14.03 56.87 -24.50
C LEU E 246 12.88 57.54 -23.75
N VAL E 247 13.20 58.35 -22.74
CA VAL E 247 12.17 59.05 -22.00
C VAL E 247 11.40 60.00 -22.91
N LYS E 248 12.12 60.74 -23.75
CA LYS E 248 11.46 61.67 -24.67
C LYS E 248 10.56 60.93 -25.65
N ALA E 249 11.07 59.84 -26.23
CA ALA E 249 10.27 59.07 -27.18
C ALA E 249 9.07 58.43 -26.51
N ALA E 250 9.27 57.90 -25.30
CA ALA E 250 8.19 57.19 -24.62
C ALA E 250 7.14 58.15 -24.08
N THR E 251 7.58 59.25 -23.47
CA THR E 251 6.66 60.17 -22.80
C THR E 251 6.77 61.61 -23.27
N GLY E 252 7.64 61.91 -24.22
CA GLY E 252 7.73 63.27 -24.75
C GLY E 252 8.16 64.29 -23.71
N GLU E 253 9.14 63.95 -22.87
CA GLU E 253 9.66 64.86 -21.86
C GLU E 253 11.16 65.03 -22.08
N GLU E 254 11.63 66.28 -21.97
CA GLU E 254 13.04 66.59 -22.11
C GLU E 254 13.65 66.79 -20.73
N VAL E 255 14.61 65.94 -20.40
CA VAL E 255 15.29 66.01 -19.10
C VAL E 255 16.76 65.71 -19.31
N SER E 256 17.62 66.44 -18.60
CA SER E 256 19.05 66.22 -18.68
C SER E 256 19.42 64.93 -17.97
N ALA E 257 20.58 64.37 -18.35
CA ALA E 257 21.04 63.14 -17.74
C ALA E 257 21.27 63.31 -16.24
N GLU E 258 21.83 64.45 -15.84
CA GLU E 258 22.09 64.68 -14.42
C GLU E 258 20.79 64.66 -13.63
N ASP E 259 19.74 65.33 -14.13
CA ASP E 259 18.47 65.34 -13.42
C ASP E 259 17.84 63.95 -13.39
N LEU E 260 17.86 63.24 -14.52
CA LEU E 260 17.32 61.89 -14.55
C LEU E 260 18.12 60.96 -13.64
N GLY E 261 19.44 61.08 -13.66
CA GLY E 261 20.29 60.31 -12.77
C GLY E 261 21.07 61.21 -11.83
N GLY E 262 22.39 61.21 -11.95
CA GLY E 262 23.19 62.11 -11.13
C GLY E 262 23.42 61.57 -9.74
N ALA E 263 24.55 61.99 -9.16
CA ALA E 263 24.90 61.55 -7.80
C ALA E 263 23.88 62.06 -6.78
N ASP E 264 23.48 63.32 -6.91
CA ASP E 264 22.58 63.92 -5.92
C ASP E 264 21.24 63.19 -5.89
N LEU E 265 20.66 62.89 -7.05
CA LEU E 265 19.39 62.19 -7.10
C LEU E 265 19.49 60.81 -6.44
N HIS E 266 20.51 60.05 -6.80
CA HIS E 266 20.65 58.70 -6.25
C HIS E 266 21.15 58.74 -4.81
N CYS E 267 22.07 59.67 -4.50
CA CYS E 267 22.62 59.74 -3.16
C CYS E 267 21.57 60.15 -2.14
N ARG E 268 20.73 61.13 -2.47
CA ARG E 268 19.87 61.77 -1.49
C ARG E 268 18.40 61.39 -1.61
N LYS E 269 17.87 61.18 -2.82
CA LYS E 269 16.46 60.84 -2.98
C LYS E 269 16.26 59.40 -3.43
N SER E 270 16.89 58.96 -4.53
CA SER E 270 16.68 57.59 -4.98
C SER E 270 17.25 56.59 -3.99
N GLY E 271 18.37 56.93 -3.36
CA GLY E 271 19.02 56.04 -2.42
C GLY E 271 19.87 54.96 -3.05
N VAL E 272 20.06 55.00 -4.37
CA VAL E 272 20.86 53.98 -5.03
C VAL E 272 22.34 54.13 -4.68
N SER E 273 22.76 55.34 -4.33
CA SER E 273 24.17 55.63 -4.07
C SER E 273 24.46 55.52 -2.58
N ASP E 274 25.52 54.78 -2.24
CA ASP E 274 25.91 54.65 -0.84
C ASP E 274 26.94 55.70 -0.43
N HIS E 275 27.83 56.09 -1.34
CA HIS E 275 28.83 57.09 -1.07
C HIS E 275 28.83 58.13 -2.19
N TRP E 276 28.99 59.39 -1.81
CA TRP E 276 28.97 60.51 -2.74
C TRP E 276 30.37 61.10 -2.82
N ALA E 277 30.92 61.16 -4.03
CA ALA E 277 32.29 61.58 -4.25
C ALA E 277 32.33 62.89 -5.03
N LEU E 278 33.32 63.72 -4.72
CA LEU E 278 33.45 65.01 -5.40
C LEU E 278 34.03 64.84 -6.80
N ASP E 279 35.11 64.07 -6.94
CA ASP E 279 35.76 63.89 -8.22
C ASP E 279 36.33 62.48 -8.28
N ASP E 280 37.08 62.20 -9.35
CA ASP E 280 37.64 60.87 -9.54
C ASP E 280 38.62 60.52 -8.42
N HIS E 281 39.47 61.47 -8.03
CA HIS E 281 40.41 61.20 -6.95
C HIS E 281 39.69 60.88 -5.66
N HIS E 282 38.64 61.63 -5.33
CA HIS E 282 37.88 61.35 -4.12
C HIS E 282 37.21 59.99 -4.20
N ALA E 283 36.66 59.63 -5.35
CA ALA E 283 36.01 58.34 -5.51
C ALA E 283 37.00 57.19 -5.28
N LEU E 284 38.20 57.31 -5.85
CA LEU E 284 39.20 56.27 -5.64
C LEU E 284 39.63 56.19 -4.19
N HIS E 285 39.75 57.34 -3.51
CA HIS E 285 40.10 57.32 -2.10
C HIS E 285 39.04 56.61 -1.27
N LEU E 286 37.76 56.88 -1.56
CA LEU E 286 36.68 56.20 -0.84
C LEU E 286 36.71 54.71 -1.09
N THR E 287 37.04 54.30 -2.32
CA THR E 287 37.06 52.87 -2.64
C THR E 287 38.07 52.12 -1.76
N ARG E 288 39.25 52.70 -1.56
CA ARG E 288 40.25 52.06 -0.70
C ARG E 288 39.73 51.92 0.73
N LYS E 289 38.97 52.91 1.21
CA LYS E 289 38.39 52.81 2.53
C LYS E 289 37.37 51.67 2.60
N VAL E 290 36.55 51.53 1.55
CA VAL E 290 35.53 50.48 1.56
C VAL E 290 36.17 49.11 1.65
N VAL E 291 37.25 48.88 0.89
CA VAL E 291 37.92 47.59 0.92
C VAL E 291 38.51 47.33 2.29
N ARG E 292 39.04 48.36 2.94
CA ARG E 292 39.65 48.18 4.25
C ARG E 292 38.66 47.73 5.31
N ASN E 293 37.36 47.90 5.07
CA ASN E 293 36.33 47.55 6.03
C ASN E 293 35.70 46.19 5.74
N LEU E 294 36.27 45.43 4.81
CA LEU E 294 35.73 44.12 4.45
C LEU E 294 35.95 43.08 5.55
N ASN E 295 36.84 43.33 6.51
CA ASN E 295 37.10 42.39 7.59
C ASN E 295 37.59 41.05 7.06
N TYR E 296 38.47 41.11 6.07
CA TYR E 296 39.03 39.91 5.44
C TYR E 296 40.51 39.80 5.77
N GLN E 297 40.96 38.58 6.05
CA GLN E 297 42.36 38.29 6.29
C GLN E 297 42.73 37.03 5.53
N LYS E 298 43.80 37.12 4.74
CA LYS E 298 44.21 35.99 3.91
C LYS E 298 44.85 34.89 4.77
N LYS E 299 44.44 33.66 4.54
CA LYS E 299 44.99 32.49 5.23
C LYS E 299 45.46 31.48 4.19
N LEU E 300 46.67 30.96 4.38
CA LEU E 300 47.29 30.04 3.45
C LEU E 300 47.08 28.60 3.91
N ASP E 301 46.67 27.73 2.98
CA ASP E 301 46.49 26.32 3.26
C ASP E 301 47.74 25.49 3.02
N VAL E 302 48.78 26.08 2.44
CA VAL E 302 49.96 25.33 2.02
C VAL E 302 51.14 25.73 2.89
N THR E 303 52.11 24.81 2.98
CA THR E 303 53.35 25.11 3.68
C THR E 303 54.19 26.09 2.87
N ILE E 304 54.93 26.94 3.59
CA ILE E 304 55.70 28.01 2.97
C ILE E 304 57.15 27.88 3.38
N GLU E 305 58.05 28.17 2.45
CA GLU E 305 59.48 28.20 2.68
C GLU E 305 60.05 29.49 2.11
N PRO E 306 61.18 29.96 2.63
CA PRO E 306 61.75 31.21 2.14
C PRO E 306 62.04 31.16 0.65
N SER E 307 61.79 32.27 -0.02
CA SER E 307 61.97 32.34 -1.46
C SER E 307 63.44 32.44 -1.84
N GLU E 308 63.75 31.96 -3.04
CA GLU E 308 65.09 32.06 -3.61
C GLU E 308 64.98 32.28 -5.10
N GLU E 309 65.92 33.05 -5.64
CA GLU E 309 65.95 33.29 -7.07
C GLU E 309 66.54 32.09 -7.82
N PRO E 310 66.14 31.89 -9.07
CA PRO E 310 66.73 30.79 -9.86
C PRO E 310 68.22 31.02 -10.08
N LEU E 311 68.93 29.92 -10.30
CA LEU E 311 70.38 29.97 -10.45
C LEU E 311 70.83 30.38 -11.83
N PHE E 312 69.91 30.57 -12.77
CA PHE E 312 70.27 30.94 -14.13
C PHE E 312 69.46 32.14 -14.59
N PRO E 313 70.01 32.98 -15.47
CA PRO E 313 69.27 34.15 -15.93
C PRO E 313 68.04 33.75 -16.72
N ALA E 314 66.98 34.57 -16.60
CA ALA E 314 65.74 34.27 -17.31
C ALA E 314 65.86 34.57 -18.80
N ASP E 315 66.62 35.61 -19.16
CA ASP E 315 66.71 36.00 -20.57
C ASP E 315 67.40 34.94 -21.42
N GLU E 316 68.13 33.99 -20.80
CA GLU E 316 68.70 32.90 -21.57
C GLU E 316 67.62 32.05 -22.23
N LEU E 317 66.38 32.14 -21.76
CA LEU E 317 65.29 31.39 -22.39
C LEU E 317 65.12 31.78 -23.85
N TYR E 318 65.55 32.99 -24.22
CA TYR E 318 65.46 33.39 -25.63
C TYR E 318 66.30 32.47 -26.51
N GLY E 319 67.56 32.27 -26.16
CA GLY E 319 68.42 31.40 -26.95
C GLY E 319 68.00 29.94 -26.89
N ILE E 320 67.58 29.49 -25.70
CA ILE E 320 67.26 28.08 -25.53
C ILE E 320 66.04 27.69 -26.37
N VAL E 321 65.01 28.52 -26.38
CA VAL E 321 63.73 28.17 -26.98
C VAL E 321 63.65 28.62 -28.43
N GLY E 322 63.99 29.88 -28.70
CA GLY E 322 63.88 30.37 -30.06
C GLY E 322 62.43 30.50 -30.51
N ALA E 323 62.25 30.55 -31.83
CA ALA E 323 60.94 30.71 -32.42
C ALA E 323 60.57 29.58 -33.39
N ASN E 324 61.45 28.58 -33.56
CA ASN E 324 61.20 27.48 -34.48
C ASN E 324 60.65 26.30 -33.68
N LEU E 325 59.42 25.88 -33.99
CA LEU E 325 58.79 24.79 -33.25
C LEU E 325 59.27 23.42 -33.71
N LYS E 326 59.92 23.33 -34.87
CA LYS E 326 60.39 22.04 -35.35
C LYS E 326 61.59 21.56 -34.53
N ARG E 327 62.44 22.47 -34.11
CA ARG E 327 63.52 22.12 -33.20
C ARG E 327 62.97 21.82 -31.82
N SER E 328 63.70 21.01 -31.07
CA SER E 328 63.28 20.59 -29.74
C SER E 328 64.29 21.07 -28.69
N PHE E 329 63.80 21.30 -27.49
CA PHE E 329 64.62 21.70 -26.36
C PHE E 329 64.19 20.93 -25.13
N ASP E 330 65.08 20.85 -24.15
CA ASP E 330 64.79 20.18 -22.89
C ASP E 330 63.99 21.10 -21.99
N VAL E 331 62.76 20.68 -21.66
CA VAL E 331 61.91 21.50 -20.80
C VAL E 331 62.54 21.71 -19.43
N ARG E 332 63.43 20.83 -19.01
CA ARG E 332 64.11 21.02 -17.74
C ARG E 332 64.87 22.34 -17.72
N GLU E 333 65.38 22.77 -18.87
CA GLU E 333 66.07 24.06 -18.95
C GLU E 333 65.12 25.20 -18.63
N VAL E 334 63.88 25.12 -19.12
CA VAL E 334 62.88 26.14 -18.80
C VAL E 334 62.57 26.12 -17.29
N ILE E 335 62.41 24.92 -16.73
CA ILE E 335 62.11 24.80 -15.31
C ILE E 335 63.24 25.40 -14.47
N ALA E 336 64.48 25.13 -14.86
CA ALA E 336 65.63 25.56 -14.05
C ALA E 336 65.67 27.07 -13.88
N ARG E 337 65.01 27.82 -14.77
CA ARG E 337 65.08 29.27 -14.76
C ARG E 337 63.85 29.95 -14.21
N ILE E 338 62.92 29.21 -13.61
CA ILE E 338 61.74 29.82 -13.01
C ILE E 338 61.49 29.35 -11.58
N VAL E 339 62.06 28.23 -11.14
CA VAL E 339 61.80 27.70 -9.81
C VAL E 339 62.85 28.24 -8.84
N ASP E 340 62.50 28.25 -7.56
CA ASP E 340 63.40 28.77 -6.53
C ASP E 340 64.68 27.95 -6.50
N GLY E 341 65.82 28.63 -6.53
CA GLY E 341 67.11 27.96 -6.47
C GLY E 341 67.35 26.92 -7.53
N SER E 342 66.51 26.84 -8.56
CA SER E 342 66.64 25.83 -9.60
C SER E 342 66.68 24.43 -8.98
N ARG E 343 65.85 24.22 -7.97
CA ARG E 343 65.75 22.94 -7.27
C ARG E 343 64.49 22.22 -7.73
N PHE E 344 64.65 20.96 -8.12
CA PHE E 344 63.57 20.19 -8.73
C PHE E 344 63.75 18.72 -8.41
N THR E 345 62.71 18.12 -7.83
CA THR E 345 62.70 16.70 -7.50
C THR E 345 61.84 15.99 -8.54
N GLU E 346 62.49 15.32 -9.48
CA GLU E 346 61.78 14.67 -10.57
C GLU E 346 61.14 13.36 -10.10
N PHE E 347 59.97 13.07 -10.64
CA PHE E 347 59.20 11.88 -10.31
C PHE E 347 59.12 10.98 -11.53
N LYS E 348 59.51 9.71 -11.36
CA LYS E 348 59.53 8.74 -12.44
C LYS E 348 60.33 9.27 -13.62
N ALA E 349 61.60 9.59 -13.35
CA ALA E 349 62.42 10.26 -14.35
C ALA E 349 62.65 9.40 -15.58
N PHE E 350 62.92 8.11 -15.38
CA PHE E 350 63.30 7.22 -16.48
C PHE E 350 62.13 6.48 -17.09
N TYR E 351 60.91 6.72 -16.64
CA TYR E 351 59.73 6.07 -17.17
C TYR E 351 58.85 7.10 -17.87
N GLY E 352 58.49 6.83 -19.12
CA GLY E 352 57.75 7.79 -19.90
C GLY E 352 58.49 9.11 -20.03
N ASP E 353 59.74 9.03 -20.52
CA ASP E 353 60.64 10.18 -20.45
C ASP E 353 60.18 11.34 -21.32
N THR E 354 59.19 11.14 -22.20
CA THR E 354 58.69 12.25 -23.00
C THR E 354 57.88 13.23 -22.17
N LEU E 355 57.57 12.89 -20.93
CA LEU E 355 56.86 13.77 -20.01
C LEU E 355 57.70 13.97 -18.76
N VAL E 356 57.74 15.20 -18.27
CA VAL E 356 58.54 15.57 -17.11
C VAL E 356 57.59 16.00 -15.99
N THR E 357 57.73 15.36 -14.83
CA THR E 357 56.94 15.68 -13.65
C THR E 357 57.87 15.75 -12.45
N GLY E 358 57.56 16.63 -11.51
CA GLY E 358 58.36 16.77 -10.31
C GLY E 358 57.83 17.84 -9.41
N PHE E 359 58.48 17.99 -8.26
CA PHE E 359 58.08 18.96 -7.24
C PHE E 359 59.10 20.08 -7.18
N ALA E 360 58.61 21.29 -6.97
CA ALA E 360 59.47 22.46 -6.85
C ALA E 360 58.73 23.51 -6.02
N ARG E 361 59.33 24.71 -5.94
CA ARG E 361 58.71 25.81 -5.23
C ARG E 361 58.96 27.11 -5.99
N ILE E 362 57.90 27.92 -6.12
CA ILE E 362 57.96 29.21 -6.78
C ILE E 362 57.58 30.27 -5.75
N PHE E 363 58.50 31.19 -5.48
CA PHE E 363 58.29 32.23 -4.47
C PHE E 363 57.89 31.63 -3.13
N GLY E 364 58.37 30.44 -2.84
CA GLY E 364 58.07 29.75 -1.59
C GLY E 364 56.85 28.85 -1.63
N TYR E 365 56.03 28.92 -2.68
CA TYR E 365 54.86 28.06 -2.76
C TYR E 365 55.24 26.69 -3.32
N PRO E 366 54.59 25.62 -2.86
CA PRO E 366 54.85 24.30 -3.45
C PRO E 366 54.05 24.12 -4.74
N VAL E 367 54.70 23.56 -5.75
CA VAL E 367 54.08 23.36 -7.06
C VAL E 367 54.54 22.03 -7.64
N GLY E 368 53.60 21.35 -8.31
CA GLY E 368 53.92 20.19 -9.13
C GLY E 368 53.86 20.58 -10.60
N ILE E 369 54.94 20.26 -11.32
CA ILE E 369 55.13 20.73 -12.68
C ILE E 369 55.02 19.54 -13.62
N VAL E 370 54.19 19.71 -14.66
CA VAL E 370 54.04 18.71 -15.72
C VAL E 370 54.39 19.39 -17.03
N GLY E 371 55.39 18.87 -17.73
CA GLY E 371 55.85 19.47 -18.96
C GLY E 371 56.13 18.48 -20.07
N ASN E 372 55.80 18.84 -21.31
CA ASN E 372 56.03 17.95 -22.44
C ASN E 372 57.50 18.00 -22.87
N ASN E 373 58.04 16.84 -23.21
CA ASN E 373 59.39 16.73 -23.72
C ASN E 373 59.42 15.81 -24.93
N GLY E 374 58.36 15.83 -25.72
CA GLY E 374 58.26 14.95 -26.87
C GLY E 374 56.82 14.52 -27.06
N VAL E 375 56.66 13.46 -27.85
CA VAL E 375 55.34 12.93 -28.14
C VAL E 375 54.82 12.14 -26.94
N LEU E 376 53.51 12.25 -26.70
CA LEU E 376 52.91 11.52 -25.59
C LEU E 376 52.77 10.05 -25.92
N PHE E 377 53.15 9.20 -24.97
CA PHE E 377 53.04 7.75 -25.11
C PHE E 377 52.11 7.22 -24.03
N SER E 378 51.87 5.91 -24.07
CA SER E 378 51.07 5.28 -23.02
C SER E 378 51.75 5.43 -21.67
N GLU E 379 53.07 5.22 -21.61
CA GLU E 379 53.78 5.36 -20.35
C GLU E 379 53.72 6.79 -19.83
N SER E 380 53.84 7.77 -20.73
CA SER E 380 53.78 9.16 -20.30
C SER E 380 52.43 9.49 -19.67
N ALA E 381 51.34 9.05 -20.30
CA ALA E 381 50.02 9.31 -19.75
C ALA E 381 49.84 8.63 -18.41
N LYS E 382 50.28 7.37 -18.29
CA LYS E 382 50.21 6.68 -17.01
C LYS E 382 51.03 7.40 -15.95
N LYS E 383 52.23 7.86 -16.33
CA LYS E 383 53.06 8.60 -15.40
C LYS E 383 52.38 9.91 -14.98
N GLY E 384 51.78 10.62 -15.93
CA GLY E 384 51.09 11.85 -15.59
C GLY E 384 49.89 11.62 -14.69
N THR E 385 49.11 10.59 -14.98
CA THR E 385 47.94 10.30 -14.15
C THR E 385 48.35 9.98 -12.72
N HIS E 386 49.44 9.24 -12.55
CA HIS E 386 49.94 8.94 -11.21
C HIS E 386 50.35 10.23 -10.48
N PHE E 387 51.03 11.12 -11.19
CA PHE E 387 51.51 12.35 -10.57
C PHE E 387 50.36 13.25 -10.12
N VAL E 388 49.32 13.36 -10.94
CA VAL E 388 48.21 14.25 -10.62
C VAL E 388 47.51 13.79 -9.35
N GLN E 389 47.38 12.48 -9.15
CA GLN E 389 46.79 11.97 -7.92
C GLN E 389 47.63 12.38 -6.72
N LEU E 390 48.95 12.32 -6.84
CA LEU E 390 49.83 12.71 -5.74
C LEU E 390 49.61 14.16 -5.35
N CYS E 391 49.59 15.07 -6.33
CA CYS E 391 49.42 16.48 -6.02
C CYS E 391 48.05 16.74 -5.41
N CYS E 392 47.00 16.09 -5.92
CA CYS E 392 45.67 16.28 -5.36
C CYS E 392 45.61 15.77 -3.92
N GLN E 393 46.27 14.65 -3.64
CA GLN E 393 46.24 14.10 -2.28
C GLN E 393 46.88 15.06 -1.29
N ARG E 394 47.99 15.68 -1.66
CA ARG E 394 48.72 16.56 -0.77
C ARG E 394 48.31 18.02 -0.90
N ASN E 395 47.33 18.32 -1.73
CA ASN E 395 46.85 19.69 -1.92
C ASN E 395 47.98 20.60 -2.39
N ILE E 396 48.62 20.21 -3.49
CA ILE E 396 49.75 20.94 -4.06
C ILE E 396 49.31 21.54 -5.38
N PRO E 397 49.48 22.86 -5.58
CA PRO E 397 49.08 23.46 -6.85
C PRO E 397 49.84 22.84 -8.02
N LEU E 398 49.19 22.84 -9.18
CA LEU E 398 49.71 22.19 -10.37
C LEU E 398 50.04 23.24 -11.43
N LEU E 399 51.17 23.03 -12.11
CA LEU E 399 51.61 23.90 -13.20
C LEU E 399 51.86 23.05 -14.44
N PHE E 400 51.27 23.44 -15.55
CA PHE E 400 51.39 22.71 -16.81
C PHE E 400 52.17 23.54 -17.81
N LEU E 401 53.14 22.91 -18.48
CA LEU E 401 53.93 23.54 -19.53
C LEU E 401 53.70 22.78 -20.83
N GLN E 402 52.81 23.30 -21.66
CA GLN E 402 52.41 22.63 -22.90
C GLN E 402 53.39 22.96 -24.01
N ASN E 403 54.12 21.95 -24.47
CA ASN E 403 54.80 21.98 -25.76
C ASN E 403 54.58 20.61 -26.39
N ILE E 404 53.51 20.48 -27.14
CA ILE E 404 53.06 19.19 -27.65
C ILE E 404 53.30 19.10 -29.15
N THR E 405 53.40 17.88 -29.64
CA THR E 405 53.46 17.61 -31.07
C THR E 405 52.52 16.47 -31.48
N GLY E 406 51.70 15.98 -30.56
CA GLY E 406 50.73 14.95 -30.85
C GLY E 406 50.92 13.72 -29.98
N PHE E 407 50.10 12.72 -30.25
CA PHE E 407 50.17 11.41 -29.61
C PHE E 407 50.92 10.44 -30.52
N MET E 408 51.42 9.36 -29.91
CA MET E 408 52.07 8.31 -30.69
C MET E 408 51.07 7.69 -31.65
N VAL E 409 51.49 7.50 -32.88
CA VAL E 409 50.66 6.93 -33.94
C VAL E 409 51.24 5.58 -34.33
N GLY E 410 50.43 4.53 -34.20
CA GLY E 410 50.88 3.20 -34.56
C GLY E 410 49.81 2.17 -34.26
N ARG E 411 49.83 1.10 -35.06
CA ARG E 411 48.86 0.02 -34.85
C ARG E 411 49.03 -0.62 -33.49
N GLU E 412 50.28 -0.85 -33.07
CA GLU E 412 50.52 -1.48 -31.78
C GLU E 412 50.04 -0.60 -30.63
N TYR E 413 50.28 0.70 -30.72
CA TYR E 413 49.88 1.59 -29.62
C TYR E 413 48.38 1.60 -29.44
N GLU E 414 47.62 1.62 -30.54
CA GLU E 414 46.17 1.55 -30.42
C GLU E 414 45.75 0.20 -29.85
N ALA E 415 46.42 -0.88 -30.25
CA ALA E 415 46.09 -2.20 -29.73
C ALA E 415 46.31 -2.26 -28.22
N GLU E 416 47.27 -1.49 -27.71
CA GLU E 416 47.55 -1.44 -26.28
C GLU E 416 46.76 -0.36 -25.56
N GLY E 417 45.75 0.22 -26.22
CA GLY E 417 44.89 1.21 -25.59
C GLY E 417 45.55 2.53 -25.28
N ILE E 418 46.28 3.10 -26.24
CA ILE E 418 46.82 4.45 -26.07
C ILE E 418 45.69 5.43 -25.79
N ALA E 419 44.58 5.30 -26.52
CA ALA E 419 43.41 6.12 -26.22
C ALA E 419 42.93 5.89 -24.79
N LYS E 420 42.90 4.64 -24.36
CA LYS E 420 42.52 4.34 -22.98
C LYS E 420 43.49 4.98 -22.00
N ASP E 421 44.76 5.09 -22.39
CA ASP E 421 45.75 5.74 -21.51
C ASP E 421 45.62 7.25 -21.56
N GLY E 422 45.49 7.82 -22.77
CA GLY E 422 45.33 9.26 -22.88
C GLY E 422 44.10 9.76 -22.14
N ALA E 423 43.00 9.00 -22.21
CA ALA E 423 41.78 9.40 -21.51
C ALA E 423 42.00 9.42 -20.00
N LYS E 424 42.87 8.54 -19.49
CA LYS E 424 43.14 8.51 -18.06
C LYS E 424 43.66 9.87 -17.56
N MET E 425 44.62 10.45 -18.29
CA MET E 425 45.14 11.75 -17.89
C MET E 425 44.07 12.83 -17.97
N VAL E 426 43.24 12.79 -19.02
CA VAL E 426 42.20 13.78 -19.17
C VAL E 426 41.22 13.73 -18.00
N ALA E 427 40.81 12.52 -17.61
CA ALA E 427 39.88 12.38 -16.49
C ALA E 427 40.49 12.91 -15.20
N ALA E 428 41.75 12.58 -14.93
CA ALA E 428 42.40 13.05 -13.70
C ALA E 428 42.55 14.56 -13.70
N VAL E 429 42.96 15.15 -14.83
CA VAL E 429 43.17 16.59 -14.88
C VAL E 429 41.87 17.33 -14.64
N ALA E 430 40.78 16.86 -15.25
CA ALA E 430 39.50 17.55 -15.12
C ALA E 430 39.03 17.56 -13.67
N CYS E 431 39.15 16.43 -12.97
CA CYS E 431 38.62 16.32 -11.62
C CYS E 431 39.48 17.01 -10.57
N ALA E 432 40.75 17.27 -10.88
CA ALA E 432 41.64 17.86 -9.88
C ALA E 432 41.09 19.18 -9.37
N GLN E 433 41.08 19.35 -8.05
CA GLN E 433 40.54 20.54 -7.42
C GLN E 433 41.63 21.48 -6.91
N VAL E 434 42.90 21.12 -7.08
CA VAL E 434 43.99 22.02 -6.71
C VAL E 434 44.05 23.14 -7.74
N PRO E 435 44.58 24.30 -7.39
CA PRO E 435 44.75 25.36 -8.41
C PRO E 435 45.62 24.87 -9.55
N LYS E 436 45.22 25.22 -10.77
CA LYS E 436 45.93 24.78 -11.96
C LYS E 436 46.22 25.98 -12.85
N ILE E 437 47.47 26.12 -13.26
CA ILE E 437 47.89 27.17 -14.18
C ILE E 437 48.60 26.52 -15.36
N THR E 438 48.23 26.94 -16.56
CA THR E 438 48.77 26.37 -17.78
C THR E 438 49.53 27.44 -18.55
N LEU E 439 50.72 27.07 -19.03
CA LEU E 439 51.57 27.97 -19.83
C LEU E 439 51.95 27.25 -21.11
N ILE E 440 51.53 27.81 -22.24
CA ILE E 440 51.81 27.23 -23.55
C ILE E 440 53.12 27.84 -24.05
N ILE E 441 54.19 27.04 -24.03
CA ILE E 441 55.50 27.49 -24.46
C ILE E 441 55.85 26.97 -25.85
N GLY E 442 54.90 26.33 -26.52
CA GLY E 442 55.15 25.76 -27.84
C GLY E 442 53.87 25.37 -28.55
N GLY E 443 53.89 24.24 -29.24
CA GLY E 443 52.70 23.80 -29.94
C GLY E 443 51.63 23.29 -29.00
N SER E 444 50.38 23.36 -29.46
CA SER E 444 49.23 22.89 -28.71
C SER E 444 48.21 22.37 -29.71
N TYR E 445 48.21 21.06 -29.94
CA TYR E 445 47.40 20.46 -31.00
C TYR E 445 46.61 19.28 -30.47
N GLY E 446 45.39 19.13 -30.96
CA GLY E 446 44.59 17.94 -30.78
C GLY E 446 44.33 17.61 -29.31
N ALA E 447 44.12 16.31 -29.06
CA ALA E 447 43.83 15.84 -27.71
C ALA E 447 44.98 16.06 -26.74
N GLY E 448 46.19 16.31 -27.24
CA GLY E 448 47.29 16.65 -26.35
C GLY E 448 47.00 17.93 -25.57
N ASN E 449 46.28 18.86 -26.19
CA ASN E 449 45.85 20.06 -25.48
C ASN E 449 44.98 19.73 -24.28
N TYR E 450 44.01 18.82 -24.48
CA TYR E 450 43.10 18.47 -23.39
C TYR E 450 43.84 17.80 -22.24
N GLY E 451 44.76 16.89 -22.55
CA GLY E 451 45.47 16.18 -21.51
C GLY E 451 46.37 17.07 -20.67
N MET E 452 46.77 18.22 -21.22
CA MET E 452 47.64 19.16 -20.51
C MET E 452 46.89 20.39 -20.03
N CYS E 453 45.63 20.23 -19.61
CA CYS E 453 44.83 21.28 -19.01
C CYS E 453 44.70 22.48 -19.96
N GLY E 454 43.98 22.24 -21.05
CA GLY E 454 43.64 23.29 -21.98
C GLY E 454 42.61 24.24 -21.39
N ARG E 455 42.20 25.21 -22.21
CA ARG E 455 41.23 26.20 -21.74
C ARG E 455 39.93 25.54 -21.32
N ALA E 456 39.55 24.44 -21.97
CA ALA E 456 38.28 23.79 -21.67
C ALA E 456 38.26 23.14 -20.30
N TYR E 457 39.41 22.99 -19.65
CA TYR E 457 39.50 22.29 -18.38
C TYR E 457 39.66 23.23 -17.19
N SER E 458 39.30 24.50 -17.35
CA SER E 458 39.19 25.47 -16.27
C SER E 458 40.45 25.62 -15.43
N PRO E 459 41.62 25.80 -16.04
CA PRO E 459 42.78 26.24 -15.26
C PRO E 459 42.54 27.65 -14.73
N ARG E 460 43.09 27.93 -13.56
CA ARG E 460 42.90 29.25 -12.97
C ARG E 460 43.40 30.35 -13.90
N PHE E 461 44.51 30.11 -14.58
CA PHE E 461 45.05 31.04 -15.56
C PHE E 461 45.65 30.25 -16.71
N LEU E 462 45.66 30.88 -17.90
CA LEU E 462 46.28 30.28 -19.08
C LEU E 462 47.07 31.36 -19.80
N TYR E 463 48.38 31.16 -19.90
CA TYR E 463 49.26 32.11 -20.56
C TYR E 463 49.95 31.41 -21.72
N ILE E 464 50.40 32.22 -22.69
CA ILE E 464 51.07 31.71 -23.88
C ILE E 464 52.27 32.57 -24.18
N TRP E 465 53.35 31.94 -24.63
CA TRP E 465 54.53 32.66 -25.07
C TRP E 465 54.33 33.16 -26.50
N PRO E 466 55.09 34.18 -26.92
CA PRO E 466 54.85 34.77 -28.25
C PRO E 466 55.11 33.82 -29.40
N ASN E 467 55.79 32.69 -29.16
CA ASN E 467 56.11 31.73 -30.20
C ASN E 467 55.12 30.57 -30.26
N ALA E 468 54.04 30.62 -29.49
CA ALA E 468 53.13 29.49 -29.38
C ALA E 468 52.28 29.33 -30.64
N ARG E 469 51.70 28.13 -30.78
CA ARG E 469 50.77 27.82 -31.85
C ARG E 469 49.74 26.83 -31.31
N ILE E 470 48.47 27.08 -31.60
CA ILE E 470 47.37 26.25 -31.10
C ILE E 470 46.36 26.04 -32.22
N SER E 471 45.92 24.80 -32.39
CA SER E 471 44.89 24.45 -33.36
C SER E 471 44.51 22.99 -33.16
N VAL E 472 43.51 22.54 -33.90
CA VAL E 472 43.06 21.16 -33.78
C VAL E 472 44.18 20.20 -34.14
N MET E 473 44.98 20.56 -35.15
CA MET E 473 46.15 19.79 -35.53
C MET E 473 47.14 20.73 -36.18
N GLY E 474 48.39 20.27 -36.30
CA GLY E 474 49.40 21.08 -36.94
C GLY E 474 49.02 21.40 -38.38
N GLY E 475 49.45 22.56 -38.84
CA GLY E 475 49.13 22.97 -40.20
C GLY E 475 49.60 21.97 -41.24
N GLU E 476 50.80 21.42 -41.04
CA GLU E 476 51.32 20.45 -41.99
C GLU E 476 50.48 19.19 -42.02
N GLN E 477 50.07 18.69 -40.84
CA GLN E 477 49.27 17.47 -40.80
C GLN E 477 47.97 17.63 -41.58
N ALA E 478 47.30 18.77 -41.40
CA ALA E 478 46.06 19.01 -42.16
C ALA E 478 46.34 19.04 -43.66
N ALA E 479 47.45 19.66 -44.06
CA ALA E 479 47.81 19.69 -45.47
C ALA E 479 48.11 18.29 -45.99
N ASN E 480 48.95 17.55 -45.27
CA ASN E 480 49.30 16.20 -45.70
C ASN E 480 48.08 15.28 -45.73
N VAL E 481 47.21 15.39 -44.72
CA VAL E 481 46.01 14.56 -44.69
C VAL E 481 45.14 14.83 -45.90
N LEU E 482 44.92 16.11 -46.22
CA LEU E 482 44.11 16.44 -47.39
C LEU E 482 44.79 15.97 -48.67
N ALA E 483 46.13 16.08 -48.74
CA ALA E 483 46.85 15.62 -49.91
C ALA E 483 46.64 14.12 -50.13
N THR E 484 46.72 13.33 -49.06
CA THR E 484 46.49 11.90 -49.19
C THR E 484 45.05 11.60 -49.60
N ILE E 485 44.09 12.29 -48.99
CA ILE E 485 42.68 12.03 -49.29
C ILE E 485 42.37 12.35 -50.74
N THR E 486 42.76 13.54 -51.20
CA THR E 486 42.51 13.93 -52.58
C THR E 486 43.25 13.02 -53.55
N LYS E 487 44.49 12.66 -53.22
CA LYS E 487 45.25 11.77 -54.10
C LYS E 487 44.52 10.45 -54.32
N ASP E 488 44.07 9.81 -53.24
CA ASP E 488 43.33 8.56 -53.38
C ASP E 488 41.99 8.78 -54.08
N GLN E 489 41.31 9.88 -53.74
CA GLN E 489 40.01 10.15 -54.35
C GLN E 489 40.14 10.35 -55.85
N ARG E 490 41.19 11.04 -56.29
CA ARG E 490 41.41 11.19 -57.72
C ARG E 490 41.63 9.85 -58.40
N ALA E 491 42.40 8.96 -57.75
CA ALA E 491 42.59 7.63 -58.32
C ALA E 491 41.28 6.88 -58.44
N ARG E 492 40.41 6.98 -57.43
CA ARG E 492 39.12 6.32 -57.50
C ARG E 492 38.29 6.85 -58.67
N GLU E 493 38.28 8.17 -58.85
CA GLU E 493 37.59 8.75 -60.00
C GLU E 493 38.32 8.44 -61.30
N GLY E 494 39.56 7.99 -61.21
CA GLY E 494 40.39 7.77 -62.37
C GLY E 494 41.17 8.98 -62.83
N LYS E 495 40.87 10.16 -62.28
CA LYS E 495 41.59 11.37 -62.63
C LYS E 495 42.95 11.40 -61.93
N GLN E 496 43.83 12.27 -62.41
CA GLN E 496 45.20 12.35 -61.92
C GLN E 496 45.39 13.65 -61.13
N PHE E 497 46.02 13.53 -59.97
CA PHE E 497 46.37 14.67 -59.13
C PHE E 497 47.88 14.87 -59.19
N SER E 498 48.31 15.94 -59.87
CA SER E 498 49.72 16.16 -60.10
C SER E 498 50.40 16.77 -58.88
N SER E 499 51.73 16.81 -58.93
CA SER E 499 52.49 17.43 -57.85
C SER E 499 52.13 18.91 -57.71
N ALA E 500 52.00 19.61 -58.82
CA ALA E 500 51.51 20.98 -58.78
C ALA E 500 50.10 21.02 -58.21
N ASP E 501 49.30 20.00 -58.50
CA ASP E 501 47.97 19.91 -57.91
C ASP E 501 48.07 19.76 -56.39
N GLU E 502 49.01 18.95 -55.91
CA GLU E 502 49.20 18.79 -54.48
C GLU E 502 49.57 20.10 -53.81
N ALA E 503 50.51 20.84 -54.41
CA ALA E 503 50.93 22.12 -53.84
C ALA E 503 49.78 23.12 -53.81
N ALA E 504 48.97 23.15 -54.88
CA ALA E 504 47.83 24.08 -54.90
C ALA E 504 46.87 23.78 -53.76
N LEU E 505 46.64 22.50 -53.48
CA LEU E 505 45.76 22.13 -52.37
C LEU E 505 46.37 22.50 -51.03
N LYS E 506 47.64 22.14 -50.82
CA LYS E 506 48.26 22.33 -49.50
C LYS E 506 48.36 23.80 -49.13
N GLU E 507 48.70 24.67 -50.08
CA GLU E 507 49.07 26.04 -49.74
C GLU E 507 47.99 26.76 -48.96
N PRO E 508 46.72 26.79 -49.40
CA PRO E 508 45.71 27.54 -48.63
C PRO E 508 45.51 27.01 -47.22
N ILE E 509 45.60 25.69 -47.03
CA ILE E 509 45.40 25.12 -45.70
C ILE E 509 46.51 25.56 -44.75
N ILE E 510 47.76 25.50 -45.21
CA ILE E 510 48.88 25.89 -44.34
C ILE E 510 48.76 27.36 -43.96
N LYS E 511 48.34 28.20 -44.89
CA LYS E 511 48.16 29.62 -44.57
C LYS E 511 47.07 29.80 -43.53
N LYS E 512 45.96 29.07 -43.66
CA LYS E 512 44.84 29.23 -42.73
C LYS E 512 45.24 28.83 -41.31
N PHE E 513 45.93 27.70 -41.17
CA PHE E 513 46.31 27.24 -39.84
C PHE E 513 47.38 28.14 -39.23
N GLU E 514 48.21 28.76 -40.07
CA GLU E 514 49.19 29.71 -39.56
C GLU E 514 48.52 30.96 -39.00
N GLU E 515 47.48 31.45 -39.68
CA GLU E 515 46.81 32.65 -39.22
C GLU E 515 45.99 32.39 -37.96
N GLU E 516 45.30 31.26 -37.90
CA GLU E 516 44.41 30.95 -36.79
C GLU E 516 45.13 30.31 -35.61
N GLY E 517 46.39 29.93 -35.78
CA GLY E 517 47.16 29.38 -34.68
C GLY E 517 48.09 30.40 -34.06
N ASN E 518 48.13 31.59 -34.65
CA ASN E 518 49.01 32.64 -34.16
C ASN E 518 48.60 33.06 -32.75
N PRO E 519 49.55 33.39 -31.88
CA PRO E 519 49.17 33.84 -30.53
C PRO E 519 48.24 35.03 -30.52
N TYR E 520 48.45 35.98 -31.43
CA TYR E 520 47.60 37.17 -31.46
C TYR E 520 46.17 36.82 -31.88
N TYR E 521 46.02 35.87 -32.81
CA TYR E 521 44.69 35.37 -33.14
C TYR E 521 44.04 34.72 -31.92
N SER E 522 44.80 33.89 -31.21
CA SER E 522 44.25 33.22 -30.04
C SER E 522 43.97 34.20 -28.91
N SER E 523 44.77 35.26 -28.79
CA SER E 523 44.60 36.22 -27.71
C SER E 523 43.60 37.33 -28.03
N ALA E 524 43.44 37.68 -29.32
CA ALA E 524 42.43 38.68 -29.66
C ALA E 524 41.06 38.24 -29.19
N ARG E 525 40.65 37.03 -29.57
CA ARG E 525 39.60 36.34 -28.85
C ARG E 525 40.16 35.91 -27.50
N VAL E 526 39.28 35.81 -26.51
CA VAL E 526 39.78 35.45 -25.18
C VAL E 526 39.85 33.95 -25.06
N TRP E 527 40.93 33.36 -25.59
CA TRP E 527 41.26 31.96 -25.35
C TRP E 527 42.33 31.79 -24.28
N ASP E 528 43.10 32.84 -24.03
CA ASP E 528 44.14 32.83 -23.01
C ASP E 528 44.06 34.13 -22.24
N ASP E 529 44.73 34.17 -21.09
CA ASP E 529 44.71 35.35 -20.23
C ASP E 529 45.81 36.34 -20.56
N GLY E 530 46.62 36.09 -21.57
CA GLY E 530 47.60 37.07 -22.00
C GLY E 530 48.80 36.42 -22.65
N ILE E 531 49.47 37.21 -23.49
CA ILE E 531 50.75 36.86 -24.09
C ILE E 531 51.83 37.52 -23.27
N ILE E 532 52.76 36.73 -22.76
CA ILE E 532 53.73 37.20 -21.78
C ILE E 532 55.14 36.98 -22.30
N ASP E 533 56.01 37.93 -22.01
CA ASP E 533 57.42 37.80 -22.36
C ASP E 533 58.04 36.66 -21.54
N PRO E 534 58.79 35.76 -22.19
CA PRO E 534 59.38 34.65 -21.42
C PRO E 534 60.21 35.10 -20.23
N ALA E 535 60.91 36.23 -20.33
CA ALA E 535 61.69 36.71 -19.20
C ALA E 535 60.81 37.04 -18.00
N ASP E 536 59.52 37.28 -18.23
CA ASP E 536 58.57 37.62 -17.17
C ASP E 536 57.82 36.42 -16.63
N THR E 537 58.19 35.20 -17.06
CA THR E 537 57.41 34.03 -16.70
C THR E 537 57.36 33.81 -15.19
N ARG E 538 58.52 33.92 -14.52
CA ARG E 538 58.55 33.67 -13.08
C ARG E 538 57.68 34.66 -12.32
N LEU E 539 57.76 35.94 -12.68
CA LEU E 539 56.96 36.94 -11.99
C LEU E 539 55.47 36.71 -12.19
N VAL E 540 55.06 36.43 -13.42
CA VAL E 540 53.64 36.24 -13.70
C VAL E 540 53.11 35.04 -12.95
N LEU E 541 53.85 33.94 -12.95
CA LEU E 541 53.42 32.75 -12.21
C LEU E 541 53.33 33.05 -10.71
N GLY E 542 54.31 33.77 -10.18
CA GLY E 542 54.28 34.10 -8.75
C GLY E 542 53.06 34.91 -8.38
N LEU E 543 52.73 35.92 -9.19
CA LEU E 543 51.53 36.70 -8.94
C LEU E 543 50.27 35.85 -9.06
N SER E 544 50.20 35.02 -10.10
CA SER E 544 49.00 34.22 -10.33
C SER E 544 48.78 33.21 -9.21
N PHE E 545 49.82 32.48 -8.81
CA PHE E 545 49.67 31.50 -7.74
C PHE E 545 49.30 32.19 -6.43
N SER E 546 49.88 33.36 -6.17
CA SER E 546 49.55 34.09 -4.95
C SER E 546 48.07 34.45 -4.91
N ALA E 547 47.53 34.93 -6.04
CA ALA E 547 46.10 35.25 -6.09
C ALA E 547 45.25 33.99 -5.96
N ALA E 548 45.65 32.91 -6.62
CA ALA E 548 44.85 31.69 -6.61
C ALA E 548 44.76 31.08 -5.21
N LEU E 549 45.67 31.45 -4.31
CA LEU E 549 45.68 30.88 -2.97
C LEU E 549 44.73 31.59 -2.02
N ASN E 550 44.03 32.63 -2.48
CA ASN E 550 43.03 33.28 -1.65
C ASN E 550 41.87 32.37 -1.33
N ALA E 551 41.62 31.35 -2.15
CA ALA E 551 40.51 30.47 -1.84
C ALA E 551 41.01 29.17 -1.24
N PRO E 552 40.30 28.62 -0.26
CA PRO E 552 40.73 27.35 0.33
C PRO E 552 40.70 26.23 -0.69
N ILE E 553 41.65 25.31 -0.56
CA ILE E 553 41.76 24.17 -1.47
C ILE E 553 40.82 23.08 -1.01
N GLU E 554 39.97 22.61 -1.92
CA GLU E 554 38.98 21.59 -1.62
C GLU E 554 39.53 20.20 -1.89
N LYS E 555 38.89 19.21 -1.27
CA LYS E 555 39.25 17.81 -1.52
C LYS E 555 38.80 17.40 -2.91
N THR E 556 39.62 16.56 -3.55
CA THR E 556 39.39 16.14 -4.93
C THR E 556 38.63 14.81 -4.95
N ASP E 557 37.55 14.76 -5.72
CA ASP E 557 36.79 13.55 -5.93
C ASP E 557 36.97 13.11 -7.37
N PHE E 558 37.49 11.91 -7.56
CA PHE E 558 37.79 11.38 -8.88
C PHE E 558 36.66 10.48 -9.37
N GLY E 559 36.55 10.38 -10.70
CA GLY E 559 35.66 9.43 -11.33
C GLY E 559 36.28 8.05 -11.36
N ILE E 560 35.68 7.18 -12.18
CA ILE E 560 36.21 5.83 -12.32
C ILE E 560 37.44 5.85 -13.21
N PHE E 561 38.54 5.30 -12.71
CA PHE E 561 39.77 5.16 -13.47
C PHE E 561 39.66 3.88 -14.30
N ARG E 562 39.53 4.03 -15.62
CA ARG E 562 39.44 2.88 -16.52
C ARG E 562 40.82 2.24 -16.60
N MET E 563 41.06 1.23 -15.77
CA MET E 563 42.38 0.63 -15.66
C MET E 563 42.74 -0.14 -16.92
N LEU F 31 55.04 18.76 44.36
CA LEU F 31 55.00 17.40 44.90
C LEU F 31 56.41 16.90 45.20
N GLY F 32 56.48 15.78 45.90
CA GLY F 32 57.73 15.09 46.12
C GLY F 32 58.37 15.46 47.44
N THR F 33 59.12 14.51 47.98
CA THR F 33 59.94 14.71 49.17
C THR F 33 61.30 14.08 48.96
N GLN F 34 62.28 14.58 49.69
CA GLN F 34 63.64 14.05 49.58
C GLN F 34 63.72 12.69 50.28
N PRO F 35 64.06 11.62 49.57
CA PRO F 35 64.14 10.30 50.22
C PRO F 35 65.35 10.20 51.14
N ASP F 36 65.26 9.25 52.07
CA ASP F 36 66.35 9.00 53.02
C ASP F 36 67.36 8.08 52.37
N LEU F 37 68.44 8.66 51.84
CA LEU F 37 69.45 7.87 51.15
C LEU F 37 70.16 6.92 52.10
N GLY F 38 70.26 7.29 53.38
CA GLY F 38 70.95 6.44 54.33
C GLY F 38 70.13 5.25 54.78
N SER F 39 68.82 5.29 54.59
CA SER F 39 67.96 4.21 55.04
C SER F 39 68.33 2.91 54.34
N ALA F 40 68.26 1.81 55.10
CA ALA F 40 68.59 0.50 54.54
C ALA F 40 67.63 0.13 53.41
N LEU F 41 66.35 0.43 53.58
CA LEU F 41 65.37 0.12 52.54
C LEU F 41 65.73 0.78 51.22
N TYR F 42 66.09 2.07 51.26
CA TYR F 42 66.48 2.76 50.04
C TYR F 42 67.74 2.15 49.44
N GLN F 43 68.72 1.81 50.28
CA GLN F 43 69.94 1.19 49.76
C GLN F 43 69.63 -0.14 49.08
N GLU F 44 68.79 -0.97 49.70
CA GLU F 44 68.44 -2.25 49.10
C GLU F 44 67.65 -2.07 47.81
N ASN F 45 66.68 -1.16 47.82
CA ASN F 45 65.86 -0.94 46.63
C ASN F 45 66.71 -0.44 45.47
N TYR F 46 67.61 0.51 45.73
CA TYR F 46 68.47 1.01 44.66
C TYR F 46 69.34 -0.10 44.08
N LYS F 47 69.90 -0.95 44.94
CA LYS F 47 70.77 -2.02 44.47
C LYS F 47 70.01 -2.98 43.57
N GLN F 48 68.81 -3.39 43.99
CA GLN F 48 68.05 -4.35 43.20
C GLN F 48 67.61 -3.76 41.87
N MET F 49 67.05 -2.54 41.89
CA MET F 49 66.60 -1.92 40.65
C MET F 49 67.76 -1.66 39.71
N LYS F 50 68.91 -1.21 40.23
CA LYS F 50 70.07 -0.99 39.39
C LYS F 50 70.50 -2.26 38.67
N ALA F 51 70.46 -3.40 39.37
CA ALA F 51 70.83 -4.66 38.74
C ALA F 51 69.88 -4.98 37.59
N LEU F 52 68.58 -4.73 37.76
CA LEU F 52 67.62 -4.99 36.70
C LEU F 52 67.91 -4.12 35.48
N VAL F 53 68.25 -2.85 35.71
CA VAL F 53 68.56 -1.95 34.60
C VAL F 53 69.80 -2.41 33.87
N ASN F 54 70.84 -2.79 34.62
CA ASN F 54 72.06 -3.28 33.98
C ASN F 54 71.78 -4.52 33.15
N GLN F 55 70.95 -5.42 33.67
CA GLN F 55 70.56 -6.60 32.88
C GLN F 55 69.85 -6.19 31.59
N LEU F 56 68.95 -5.21 31.68
CA LEU F 56 68.24 -4.75 30.49
C LEU F 56 69.21 -4.14 29.48
N HIS F 57 70.16 -3.35 29.94
CA HIS F 57 71.07 -2.67 29.02
C HIS F 57 71.92 -3.65 28.22
N GLU F 58 72.51 -4.64 28.90
CA GLU F 58 73.44 -5.54 28.22
C GLU F 58 72.70 -6.45 27.24
N ARG F 59 71.48 -6.85 27.58
CA ARG F 59 70.71 -7.68 26.67
C ARG F 59 70.40 -6.93 25.38
N VAL F 60 70.09 -5.63 25.48
CA VAL F 60 69.86 -4.82 24.30
C VAL F 60 71.14 -4.73 23.46
N GLU F 61 72.29 -4.67 24.13
CA GLU F 61 73.56 -4.63 23.41
C GLU F 61 73.71 -5.86 22.53
N HIS F 62 73.36 -7.04 23.04
CA HIS F 62 73.40 -8.25 22.23
C HIS F 62 72.42 -8.18 21.08
N ILE F 63 71.19 -7.71 21.34
CA ILE F 63 70.19 -7.58 20.29
C ILE F 63 70.64 -6.56 19.25
N LYS F 64 71.43 -5.56 19.67
CA LYS F 64 71.91 -4.55 18.74
C LYS F 64 72.72 -5.18 17.61
N LEU F 65 73.34 -6.34 17.87
CA LEU F 65 74.22 -6.95 16.87
C LEU F 65 73.46 -7.77 15.83
N GLY F 66 72.16 -8.00 16.02
CA GLY F 66 71.39 -8.71 15.01
C GLY F 66 71.86 -10.13 14.80
N GLY F 67 72.04 -10.50 13.52
CA GLY F 67 72.34 -11.89 13.21
C GLY F 67 73.68 -12.35 13.73
N GLY F 68 74.68 -11.48 13.68
CA GLY F 68 76.00 -11.84 14.15
C GLY F 68 77.12 -11.30 13.29
N GLU F 69 78.37 -11.59 13.66
CA GLU F 69 79.50 -11.06 12.92
C GLU F 69 79.52 -11.64 11.51
N LYS F 70 79.35 -12.96 11.38
CA LYS F 70 79.41 -13.57 10.05
C LYS F 70 78.33 -12.98 9.14
N ALA F 71 77.10 -12.89 9.64
CA ALA F 71 76.02 -12.31 8.85
C ALA F 71 76.29 -10.84 8.55
N ARG F 72 76.79 -10.10 9.54
CA ARG F 72 77.07 -8.67 9.33
C ARG F 72 78.18 -8.48 8.31
N ALA F 73 79.23 -9.30 8.39
CA ALA F 73 80.31 -9.19 7.42
C ALA F 73 79.82 -9.48 6.01
N LEU F 74 78.99 -10.51 5.85
CA LEU F 74 78.41 -10.81 4.55
C LEU F 74 77.54 -9.66 4.06
N HIS F 75 76.74 -9.08 4.96
CA HIS F 75 75.87 -7.97 4.58
C HIS F 75 76.68 -6.80 4.04
N ILE F 76 77.76 -6.42 4.74
CA ILE F 76 78.56 -5.29 4.29
C ILE F 76 79.30 -5.63 3.00
N SER F 77 79.73 -6.88 2.86
CA SER F 77 80.47 -7.28 1.67
C SER F 77 79.70 -7.03 0.38
N ARG F 78 78.37 -7.00 0.45
CA ARG F 78 77.54 -6.71 -0.71
C ARG F 78 77.35 -5.21 -0.94
N GLY F 79 78.04 -4.37 -0.17
CA GLY F 79 77.91 -2.94 -0.31
C GLY F 79 76.72 -2.33 0.39
N LYS F 80 75.95 -3.11 1.12
CA LYS F 80 74.75 -2.62 1.79
C LYS F 80 75.08 -2.10 3.17
N LEU F 81 74.34 -1.08 3.60
CA LEU F 81 74.47 -0.56 4.95
C LEU F 81 73.79 -1.50 5.95
N LEU F 82 74.28 -1.49 7.18
CA LEU F 82 73.63 -2.25 8.23
C LEU F 82 72.29 -1.61 8.56
N PRO F 83 71.30 -2.40 8.99
CA PRO F 83 69.94 -1.86 9.16
C PRO F 83 69.88 -0.65 10.08
N ARG F 84 70.66 -0.66 11.18
CA ARG F 84 70.59 0.45 12.12
C ARG F 84 71.37 1.66 11.61
N GLU F 85 72.38 1.44 10.77
CA GLU F 85 73.08 2.57 10.17
C GLU F 85 72.19 3.27 9.16
N ARG F 86 71.30 2.52 8.51
CA ARG F 86 70.35 3.15 7.60
C ARG F 86 69.44 4.14 8.33
N ILE F 87 68.94 3.74 9.49
CA ILE F 87 68.07 4.64 10.27
C ILE F 87 68.85 5.86 10.72
N ASP F 88 70.09 5.66 11.17
CA ASP F 88 70.91 6.80 11.60
C ASP F 88 71.06 7.82 10.48
N ASN F 89 71.27 7.35 9.25
CA ASN F 89 71.44 8.26 8.13
C ASN F 89 70.11 8.84 7.68
N LEU F 90 69.01 8.12 7.92
CA LEU F 90 67.71 8.60 7.47
C LEU F 90 67.20 9.75 8.32
N ILE F 91 67.34 9.65 9.64
CA ILE F 91 66.73 10.63 10.52
C ILE F 91 67.59 11.89 10.58
N ASP F 92 67.01 12.96 11.12
CA ASP F 92 67.70 14.23 11.18
C ASP F 92 68.92 14.12 12.09
N PRO F 93 70.00 14.84 11.79
CA PRO F 93 71.23 14.69 12.59
C PRO F 93 71.01 15.02 14.05
N GLY F 94 71.36 14.08 14.91
CA GLY F 94 71.27 14.27 16.35
C GLY F 94 69.91 14.11 16.95
N SER F 95 68.88 13.81 16.15
CA SER F 95 67.54 13.68 16.69
C SER F 95 67.40 12.37 17.44
N PRO F 96 66.64 12.35 18.54
CA PRO F 96 66.40 11.09 19.24
C PRO F 96 65.53 10.16 18.42
N PHE F 97 65.73 8.86 18.64
CA PHE F 97 64.98 7.82 17.93
C PHE F 97 64.29 6.95 18.96
N LEU F 98 62.97 6.84 18.86
CA LEU F 98 62.17 6.06 19.80
C LEU F 98 61.92 4.69 19.20
N GLU F 99 62.81 3.75 19.49
CA GLU F 99 62.62 2.39 19.01
C GLU F 99 61.54 1.69 19.83
N LEU F 100 60.85 0.74 19.19
CA LEU F 100 59.72 0.04 19.79
C LEU F 100 59.95 -1.46 19.73
N SER F 101 59.54 -2.14 20.80
CA SER F 101 59.56 -3.61 20.85
C SER F 101 60.94 -4.16 20.52
N GLN F 102 61.95 -3.69 21.26
CA GLN F 102 63.30 -4.18 21.05
C GLN F 102 63.43 -5.67 21.39
N PHE F 103 62.60 -6.17 22.29
CA PHE F 103 62.72 -7.53 22.79
C PHE F 103 61.76 -8.51 22.12
N ALA F 104 61.12 -8.12 21.03
CA ALA F 104 60.25 -9.05 20.31
C ALA F 104 61.03 -10.28 19.87
N GLY F 105 60.47 -11.45 20.12
CA GLY F 105 61.12 -12.69 19.77
C GLY F 105 62.21 -13.14 20.72
N TYR F 106 62.39 -12.46 21.85
CA TYR F 106 63.41 -12.86 22.82
C TYR F 106 63.01 -14.19 23.45
N GLN F 107 63.73 -15.24 23.09
CA GLN F 107 63.47 -16.59 23.59
C GLN F 107 62.06 -17.07 23.26
N LEU F 108 61.46 -16.52 22.20
CA LEU F 108 60.11 -16.91 21.83
C LEU F 108 60.09 -18.29 21.18
N TYR F 109 61.09 -18.60 20.38
CA TYR F 109 61.17 -19.86 19.66
C TYR F 109 62.27 -20.74 20.27
N ASP F 110 62.02 -22.05 20.28
CA ASP F 110 62.77 -22.95 21.15
C ASP F 110 64.27 -22.87 20.90
N ASN F 111 64.70 -23.06 19.65
CA ASN F 111 66.11 -23.15 19.33
C ASN F 111 66.57 -22.09 18.34
N GLU F 112 65.69 -21.16 17.95
CA GLU F 112 66.01 -20.13 16.99
C GLU F 112 66.12 -18.79 17.69
N GLU F 113 67.21 -18.08 17.45
CA GLU F 113 67.41 -16.74 17.98
C GLU F 113 67.04 -15.73 16.90
N VAL F 114 66.09 -14.86 17.21
CA VAL F 114 65.59 -13.87 16.25
C VAL F 114 65.68 -12.49 16.89
N PRO F 115 66.86 -11.90 16.97
CA PRO F 115 67.01 -10.61 17.67
C PRO F 115 66.07 -9.56 17.10
N GLY F 116 65.31 -8.93 17.99
CA GLY F 116 64.38 -7.88 17.59
C GLY F 116 63.25 -8.34 16.70
N GLY F 117 63.05 -9.64 16.55
CA GLY F 117 62.03 -10.15 15.66
C GLY F 117 62.38 -10.10 14.19
N GLY F 118 63.62 -9.76 13.84
CA GLY F 118 64.01 -9.62 12.46
C GLY F 118 63.58 -8.31 11.82
N ILE F 119 63.13 -7.34 12.60
CA ILE F 119 62.67 -6.06 12.08
C ILE F 119 62.88 -4.98 13.14
N ILE F 120 63.19 -3.78 12.68
CA ILE F 120 63.43 -2.64 13.54
C ILE F 120 62.37 -1.59 13.24
N THR F 121 61.63 -1.18 14.28
CA THR F 121 60.58 -0.18 14.14
C THR F 121 60.75 0.88 15.21
N GLY F 122 60.42 2.12 14.86
CA GLY F 122 60.54 3.22 15.79
C GLY F 122 60.05 4.50 15.15
N ILE F 123 60.06 5.57 15.95
CA ILE F 123 59.59 6.88 15.53
C ILE F 123 60.76 7.85 15.58
N GLY F 124 61.00 8.55 14.48
CA GLY F 124 62.05 9.53 14.41
C GLY F 124 61.62 10.69 13.54
N ARG F 125 62.48 11.70 13.47
CA ARG F 125 62.21 12.91 12.71
C ARG F 125 62.98 12.87 11.40
N VAL F 126 62.25 12.97 10.28
CA VAL F 126 62.84 13.04 8.95
C VAL F 126 62.39 14.34 8.31
N SER F 127 63.36 15.18 7.97
CA SER F 127 63.07 16.49 7.38
C SER F 127 62.11 17.29 8.26
N GLY F 128 62.28 17.14 9.57
CA GLY F 128 61.44 17.86 10.52
C GLY F 128 60.06 17.29 10.73
N VAL F 129 59.77 16.11 10.19
CA VAL F 129 58.46 15.49 10.31
C VAL F 129 58.62 14.18 11.07
N GLU F 130 57.75 13.96 12.05
CA GLU F 130 57.77 12.70 12.80
C GLU F 130 57.21 11.58 11.94
N CYS F 131 58.03 10.55 11.72
CA CYS F 131 57.65 9.46 10.83
C CYS F 131 57.89 8.13 11.53
N MET F 132 57.12 7.12 11.12
CA MET F 132 57.30 5.76 11.59
C MET F 132 58.17 4.99 10.61
N ILE F 133 59.25 4.40 11.10
CA ILE F 133 60.25 3.75 10.27
C ILE F 133 60.17 2.25 10.52
N ILE F 134 60.05 1.48 9.43
CA ILE F 134 59.95 0.03 9.49
C ILE F 134 61.01 -0.54 8.58
N ALA F 135 62.06 -1.12 9.17
CA ALA F 135 63.21 -1.63 8.43
C ALA F 135 63.39 -3.11 8.72
N ASN F 136 63.46 -3.92 7.67
CA ASN F 136 63.79 -5.33 7.82
C ASN F 136 65.27 -5.49 8.13
N ASP F 137 65.58 -6.48 8.97
CA ASP F 137 66.97 -6.78 9.34
C ASP F 137 67.40 -8.01 8.56
N ALA F 138 68.11 -7.79 7.45
CA ALA F 138 68.51 -8.89 6.58
C ALA F 138 69.52 -9.81 7.25
N THR F 139 70.22 -9.35 8.28
CA THR F 139 71.22 -10.19 8.94
C THR F 139 70.56 -11.31 9.75
N VAL F 140 69.31 -11.11 10.14
CA VAL F 140 68.59 -12.07 10.97
C VAL F 140 67.81 -13.01 10.07
N LYS F 141 68.26 -14.26 9.95
CA LYS F 141 67.57 -15.28 9.18
C LYS F 141 67.30 -14.80 7.75
N GLY F 142 68.23 -14.01 7.22
CA GLY F 142 68.07 -13.49 5.87
C GLY F 142 66.85 -12.63 5.68
N GLY F 143 66.32 -12.05 6.75
CA GLY F 143 65.15 -11.20 6.65
C GLY F 143 63.83 -11.91 6.51
N ALA F 144 63.76 -13.19 6.91
CA ALA F 144 62.51 -13.92 6.82
C ALA F 144 61.50 -13.39 7.82
N TYR F 145 60.22 -13.58 7.52
CA TYR F 145 59.13 -13.10 8.36
C TYR F 145 58.66 -14.22 9.28
N TYR F 146 59.08 -14.16 10.54
CA TYR F 146 58.54 -15.04 11.56
C TYR F 146 57.20 -14.52 12.05
N PRO F 147 56.41 -15.36 12.72
CA PRO F 147 55.10 -14.88 13.20
C PRO F 147 55.20 -13.63 14.05
N VAL F 148 56.23 -13.52 14.88
CA VAL F 148 56.40 -12.30 15.69
C VAL F 148 56.74 -11.13 14.78
N THR F 149 57.48 -11.37 13.70
CA THR F 149 57.85 -10.29 12.80
C THR F 149 56.61 -9.61 12.23
N VAL F 150 55.61 -10.39 11.82
CA VAL F 150 54.37 -9.81 11.31
C VAL F 150 53.67 -9.01 12.39
N LYS F 151 53.59 -9.57 13.61
CA LYS F 151 52.91 -8.86 14.69
C LYS F 151 53.58 -7.53 15.01
N LYS F 152 54.92 -7.53 15.06
CA LYS F 152 55.62 -6.28 15.34
C LYS F 152 55.35 -5.23 14.27
N GLN F 153 55.38 -5.64 13.00
CA GLN F 153 55.09 -4.70 11.92
C GLN F 153 53.66 -4.18 12.00
N LEU F 154 52.70 -5.07 12.26
CA LEU F 154 51.31 -4.65 12.35
C LEU F 154 51.10 -3.66 13.49
N ARG F 155 51.78 -3.88 14.62
CA ARG F 155 51.71 -2.91 15.71
C ARG F 155 52.27 -1.56 15.29
N ALA F 156 53.38 -1.57 14.55
CA ALA F 156 53.96 -0.31 14.07
C ALA F 156 53.00 0.41 13.15
N GLN F 157 52.37 -0.33 12.22
CA GLN F 157 51.39 0.30 11.32
C GLN F 157 50.21 0.85 12.11
N GLU F 158 49.77 0.12 13.13
CA GLU F 158 48.65 0.60 13.95
C GLU F 158 48.99 1.91 14.64
N ILE F 159 50.22 2.02 15.16
CA ILE F 159 50.63 3.27 15.81
C ILE F 159 50.64 4.41 14.82
N ALA F 160 51.15 4.17 13.61
CA ALA F 160 51.22 5.24 12.62
C ALA F 160 49.83 5.71 12.23
N MET F 161 48.90 4.77 12.02
CA MET F 161 47.55 5.16 11.61
C MET F 161 46.85 5.99 12.68
N GLN F 162 46.98 5.59 13.95
CA GLN F 162 46.27 6.29 15.01
C GLN F 162 46.83 7.70 15.20
N ASN F 163 48.12 7.88 14.98
CA ASN F 163 48.78 9.16 15.19
C ASN F 163 49.07 9.90 13.89
N ARG F 164 48.64 9.38 12.75
CA ARG F 164 48.86 10.02 11.46
C ARG F 164 50.33 10.28 11.21
N LEU F 165 51.13 9.23 11.33
CA LEU F 165 52.55 9.35 11.09
C LEU F 165 52.90 8.74 9.75
N PRO F 166 53.60 9.46 8.86
CA PRO F 166 54.01 8.86 7.59
C PRO F 166 54.88 7.63 7.84
N CYS F 167 54.68 6.62 7.01
CA CYS F 167 55.35 5.33 7.15
C CYS F 167 56.46 5.21 6.11
N ILE F 168 57.65 4.83 6.56
CA ILE F 168 58.79 4.62 5.69
C ILE F 168 59.23 3.17 5.85
N TYR F 169 59.22 2.42 4.75
CA TYR F 169 59.57 1.01 4.76
C TYR F 169 60.94 0.84 4.09
N LEU F 170 61.93 0.42 4.87
CA LEU F 170 63.23 0.05 4.34
C LEU F 170 63.22 -1.44 4.07
N VAL F 171 62.84 -1.82 2.86
CA VAL F 171 62.50 -3.20 2.52
C VAL F 171 63.77 -3.96 2.16
N ASP F 172 64.12 -4.94 2.99
CA ASP F 172 65.12 -5.95 2.66
C ASP F 172 64.71 -7.25 3.34
N SER F 173 64.00 -8.11 2.62
CA SER F 173 63.32 -9.25 3.21
C SER F 173 63.51 -10.50 2.37
N GLY F 174 63.38 -11.65 3.01
CA GLY F 174 63.45 -12.94 2.37
C GLY F 174 62.14 -13.70 2.27
N GLY F 175 61.01 -13.05 2.53
CA GLY F 175 59.73 -13.71 2.46
C GLY F 175 59.32 -14.37 3.76
N ALA F 176 58.21 -15.10 3.68
CA ALA F 176 57.65 -15.75 4.85
C ALA F 176 58.47 -16.98 5.25
N TYR F 177 58.43 -17.29 6.54
CA TYR F 177 59.12 -18.47 7.06
C TYR F 177 58.20 -19.68 6.90
N LEU F 178 58.52 -20.53 5.93
CA LEU F 178 57.61 -21.62 5.58
C LEU F 178 57.28 -22.55 6.74
N PRO F 179 58.24 -22.98 7.58
CA PRO F 179 57.90 -23.94 8.65
C PRO F 179 56.79 -23.45 9.57
N ARG F 180 56.48 -22.16 9.57
CA ARG F 180 55.44 -21.59 10.42
C ARG F 180 54.45 -20.78 9.59
N GLN F 181 54.15 -21.26 8.37
CA GLN F 181 53.28 -20.50 7.49
C GLN F 181 51.88 -20.36 8.06
N ALA F 182 51.40 -21.40 8.77
CA ALA F 182 50.05 -21.34 9.30
C ALA F 182 49.83 -20.18 10.25
N ASP F 183 50.90 -19.64 10.84
CA ASP F 183 50.82 -18.51 11.75
C ASP F 183 51.26 -17.20 11.09
N VAL F 184 51.40 -17.18 9.76
CA VAL F 184 51.87 -15.99 9.07
C VAL F 184 50.89 -15.56 7.98
N PHE F 185 50.47 -16.51 7.16
CA PHE F 185 49.67 -16.22 5.97
C PHE F 185 48.18 -15.99 6.21
N PRO F 186 47.47 -16.94 6.83
CA PRO F 186 46.03 -17.04 6.59
C PRO F 186 45.17 -15.99 7.28
N ASP F 187 45.40 -15.71 8.55
CA ASP F 187 44.39 -15.07 9.37
C ASP F 187 44.33 -13.56 9.10
N ARG F 188 43.36 -12.90 9.75
CA ARG F 188 43.18 -11.47 9.55
C ARG F 188 44.39 -10.67 10.00
N ASP F 189 44.96 -11.01 11.15
CA ASP F 189 46.13 -10.33 11.68
C ASP F 189 47.42 -10.96 11.21
N HIS F 190 47.39 -11.64 10.07
CA HIS F 190 48.57 -12.27 9.49
C HIS F 190 49.12 -11.38 8.38
N PHE F 191 50.08 -11.89 7.63
CA PHE F 191 50.85 -11.05 6.70
C PHE F 191 49.95 -10.24 5.79
N GLY F 192 48.84 -10.82 5.33
CA GLY F 192 47.98 -10.11 4.40
C GLY F 192 47.51 -8.76 4.93
N ARG F 193 47.38 -8.64 6.25
CA ARG F 193 46.91 -7.40 6.85
C ARG F 193 47.89 -6.24 6.61
N THR F 194 49.15 -6.54 6.32
CA THR F 194 50.13 -5.48 6.10
C THR F 194 49.74 -4.61 4.91
N PHE F 195 49.34 -5.25 3.80
CA PHE F 195 48.94 -4.49 2.62
C PHE F 195 47.62 -3.77 2.84
N TYR F 196 46.71 -4.38 3.60
CA TYR F 196 45.46 -3.72 3.94
C TYR F 196 45.71 -2.42 4.69
N ASN F 197 46.65 -2.44 5.63
CA ASN F 197 46.97 -1.22 6.38
C ASN F 197 47.54 -0.14 5.45
N GLN F 198 48.41 -0.53 4.52
CA GLN F 198 48.97 0.45 3.59
C GLN F 198 47.89 1.13 2.78
N ALA F 199 46.95 0.35 2.23
CA ALA F 199 45.89 0.93 1.41
C ALA F 199 45.01 1.87 2.22
N ILE F 200 44.66 1.48 3.45
CA ILE F 200 43.80 2.33 4.26
C ILE F 200 44.51 3.62 4.63
N MET F 201 45.77 3.54 5.05
CA MET F 201 46.52 4.73 5.39
C MET F 201 46.67 5.65 4.18
N SER F 202 46.90 5.07 3.00
CA SER F 202 47.01 5.89 1.80
C SER F 202 45.72 6.65 1.52
N SER F 203 44.57 6.00 1.71
CA SER F 203 43.30 6.66 1.47
C SER F 203 43.06 7.80 2.45
N LYS F 204 43.77 7.82 3.57
CA LYS F 204 43.62 8.86 4.58
C LYS F 204 44.68 9.96 4.44
N ASN F 205 45.50 9.91 3.39
CA ASN F 205 46.54 10.90 3.17
C ASN F 205 47.69 10.77 4.16
N ILE F 206 47.92 9.55 4.65
CA ILE F 206 49.09 9.24 5.48
C ILE F 206 50.12 8.61 4.55
N ALA F 207 51.16 9.38 4.22
CA ALA F 207 52.06 8.98 3.16
C ALA F 207 52.70 7.63 3.44
N GLN F 208 52.81 6.81 2.39
CA GLN F 208 53.49 5.52 2.44
C GLN F 208 54.66 5.57 1.48
N ILE F 209 55.87 5.43 2.01
CA ILE F 209 57.10 5.50 1.22
C ILE F 209 57.86 4.20 1.42
N ALA F 210 58.21 3.56 0.31
CA ALA F 210 58.94 2.29 0.32
C ALA F 210 60.32 2.50 -0.29
N VAL F 211 61.35 2.03 0.42
CA VAL F 211 62.73 2.08 -0.04
C VAL F 211 63.22 0.66 -0.19
N VAL F 212 63.29 0.18 -1.43
CA VAL F 212 63.72 -1.19 -1.71
C VAL F 212 65.25 -1.19 -1.71
N MET F 213 65.84 -1.63 -0.60
CA MET F 213 67.29 -1.68 -0.44
C MET F 213 67.80 -3.12 -0.49
N GLY F 214 67.03 -4.00 -1.11
CA GLY F 214 67.40 -5.40 -1.16
C GLY F 214 66.35 -6.19 -1.93
N SER F 215 66.34 -7.49 -1.67
CA SER F 215 65.41 -8.37 -2.35
C SER F 215 64.05 -8.36 -1.65
N CYS F 216 62.99 -8.35 -2.45
CA CYS F 216 61.62 -8.49 -1.96
C CYS F 216 60.87 -9.42 -2.92
N THR F 217 60.34 -10.51 -2.39
CA THR F 217 59.78 -11.58 -3.20
C THR F 217 58.39 -11.93 -2.72
N ALA F 218 57.55 -12.41 -3.64
CA ALA F 218 56.19 -12.85 -3.35
C ALA F 218 55.44 -11.69 -2.70
N GLY F 219 54.97 -11.81 -1.46
CA GLY F 219 54.25 -10.70 -0.84
C GLY F 219 55.11 -9.46 -0.72
N GLY F 220 56.40 -9.63 -0.51
CA GLY F 220 57.28 -8.47 -0.34
C GLY F 220 57.23 -7.53 -1.53
N ALA F 221 57.11 -8.08 -2.74
CA ALA F 221 57.05 -7.23 -3.93
C ALA F 221 55.85 -6.30 -3.91
N TYR F 222 54.81 -6.65 -3.14
CA TYR F 222 53.63 -5.80 -3.08
C TYR F 222 53.91 -4.50 -2.33
N VAL F 223 54.79 -4.55 -1.33
CA VAL F 223 55.04 -3.37 -0.51
C VAL F 223 55.49 -2.18 -1.36
N PRO F 224 56.50 -2.29 -2.21
CA PRO F 224 56.82 -1.16 -3.09
C PRO F 224 55.68 -0.80 -4.03
N ALA F 225 54.89 -1.78 -4.45
CA ALA F 225 53.79 -1.50 -5.36
C ALA F 225 52.65 -0.75 -4.67
N MET F 226 52.42 -1.05 -3.38
CA MET F 226 51.35 -0.41 -2.64
C MET F 226 51.70 1.00 -2.16
N ALA F 227 52.97 1.38 -2.23
CA ALA F 227 53.39 2.66 -1.68
C ALA F 227 53.02 3.81 -2.62
N ASP F 228 52.84 4.99 -2.02
CA ASP F 228 52.56 6.19 -2.81
C ASP F 228 53.77 6.58 -3.64
N GLU F 229 54.95 6.60 -3.03
CA GLU F 229 56.21 6.86 -3.73
C GLU F 229 57.20 5.77 -3.37
N ASN F 230 58.03 5.38 -4.32
CA ASN F 230 58.87 4.20 -4.18
C ASN F 230 60.28 4.52 -4.65
N ILE F 231 61.26 3.99 -3.93
CA ILE F 231 62.68 4.17 -4.24
C ILE F 231 63.35 2.81 -4.23
N ILE F 232 64.16 2.54 -5.25
CA ILE F 232 64.84 1.26 -5.43
C ILE F 232 66.30 1.52 -5.74
N VAL F 233 67.18 0.72 -5.13
CA VAL F 233 68.62 0.85 -5.36
C VAL F 233 68.98 0.13 -6.66
N ARG F 234 70.10 0.53 -7.25
CA ARG F 234 70.41 0.11 -8.63
C ARG F 234 70.48 -1.40 -8.75
N LYS F 235 71.29 -2.05 -7.92
CA LYS F 235 71.50 -3.49 -8.05
C LYS F 235 71.02 -4.29 -6.86
N GLN F 236 71.03 -3.71 -5.65
CA GLN F 236 70.56 -4.45 -4.48
C GLN F 236 69.07 -4.75 -4.57
N GLY F 237 68.27 -3.80 -5.03
CA GLY F 237 66.83 -3.95 -5.04
C GLY F 237 66.31 -4.85 -6.13
N THR F 238 65.52 -5.86 -5.75
CA THR F 238 64.86 -6.75 -6.69
C THR F 238 63.41 -6.92 -6.29
N ILE F 239 62.50 -6.82 -7.26
CA ILE F 239 61.07 -6.94 -7.03
C ILE F 239 60.50 -7.89 -8.06
N PHE F 240 59.78 -8.91 -7.58
CA PHE F 240 59.13 -9.86 -8.47
C PHE F 240 58.09 -10.64 -7.69
N LEU F 241 56.90 -10.81 -8.29
CA LEU F 241 55.87 -11.62 -7.65
C LEU F 241 56.34 -13.05 -7.48
N ALA F 242 56.95 -13.63 -8.52
CA ALA F 242 57.48 -14.98 -8.50
C ALA F 242 58.99 -14.92 -8.64
N GLY F 243 59.70 -15.56 -7.73
CA GLY F 243 61.14 -15.58 -7.76
C GLY F 243 61.65 -16.47 -8.87
N PRO F 244 62.95 -16.35 -9.14
CA PRO F 244 63.57 -17.18 -10.19
C PRO F 244 63.33 -18.66 -9.94
N PRO F 245 63.43 -19.12 -8.69
CA PRO F 245 63.16 -20.54 -8.43
C PRO F 245 61.76 -20.98 -8.87
N LEU F 246 60.75 -20.14 -8.64
CA LEU F 246 59.40 -20.50 -9.08
C LEU F 246 59.27 -20.40 -10.60
N VAL F 247 59.93 -19.40 -11.20
CA VAL F 247 59.87 -19.26 -12.65
C VAL F 247 60.43 -20.49 -13.34
N LYS F 248 61.58 -20.99 -12.85
CA LYS F 248 62.17 -22.18 -13.43
C LYS F 248 61.26 -23.39 -13.29
N ALA F 249 60.68 -23.58 -12.10
CA ALA F 249 59.80 -24.72 -11.88
C ALA F 249 58.55 -24.63 -12.74
N ALA F 250 57.96 -23.44 -12.84
CA ALA F 250 56.71 -23.29 -13.57
C ALA F 250 56.93 -23.34 -15.08
N THR F 251 57.98 -22.66 -15.57
CA THR F 251 58.20 -22.52 -17.00
C THR F 251 59.56 -23.03 -17.46
N GLY F 252 60.41 -23.51 -16.56
CA GLY F 252 61.71 -24.04 -16.97
C GLY F 252 62.61 -23.03 -17.62
N GLU F 253 62.68 -21.82 -17.08
CA GLU F 253 63.54 -20.76 -17.59
C GLU F 253 64.49 -20.31 -16.49
N GLU F 254 65.74 -20.11 -16.84
CA GLU F 254 66.76 -19.64 -15.91
C GLU F 254 67.00 -18.15 -16.15
N VAL F 255 66.69 -17.34 -15.14
CA VAL F 255 66.87 -15.89 -15.21
C VAL F 255 67.39 -15.40 -13.87
N SER F 256 68.32 -14.45 -13.92
CA SER F 256 68.86 -13.88 -12.69
C SER F 256 67.84 -12.96 -12.03
N ALA F 257 68.01 -12.75 -10.73
CA ALA F 257 67.09 -11.90 -9.98
C ALA F 257 67.10 -10.48 -10.52
N GLU F 258 68.29 -9.97 -10.86
CA GLU F 258 68.38 -8.61 -11.40
C GLU F 258 67.58 -8.47 -12.69
N ASP F 259 67.71 -9.44 -13.60
CA ASP F 259 66.98 -9.38 -14.85
C ASP F 259 65.48 -9.51 -14.62
N LEU F 260 65.07 -10.44 -13.75
CA LEU F 260 63.65 -10.59 -13.43
C LEU F 260 63.12 -9.34 -12.75
N GLY F 261 63.87 -8.80 -11.79
CA GLY F 261 63.51 -7.56 -11.14
C GLY F 261 64.48 -6.45 -11.44
N GLY F 262 65.17 -5.96 -10.41
CA GLY F 262 66.20 -4.96 -10.64
C GLY F 262 65.63 -3.57 -10.79
N ALA F 263 66.46 -2.58 -10.43
CA ALA F 263 66.03 -1.19 -10.52
C ALA F 263 65.79 -0.78 -11.98
N ASP F 264 66.69 -1.18 -12.88
CA ASP F 264 66.57 -0.75 -14.27
C ASP F 264 65.29 -1.24 -14.91
N LEU F 265 64.94 -2.50 -14.69
CA LEU F 265 63.71 -3.04 -15.26
C LEU F 265 62.49 -2.30 -14.73
N HIS F 266 62.40 -2.14 -13.40
CA HIS F 266 61.25 -1.49 -12.81
C HIS F 266 61.28 0.01 -13.04
N CYS F 267 62.45 0.62 -12.91
CA CYS F 267 62.56 2.07 -13.10
C CYS F 267 62.22 2.48 -14.52
N ARG F 268 62.72 1.75 -15.51
CA ARG F 268 62.64 2.18 -16.90
C ARG F 268 61.63 1.43 -17.74
N LYS F 269 61.34 0.16 -17.42
CA LYS F 269 60.45 -0.65 -18.24
C LYS F 269 59.14 -0.98 -17.53
N SER F 270 59.20 -1.58 -16.34
CA SER F 270 57.97 -1.91 -15.62
C SER F 270 57.28 -0.66 -15.09
N GLY F 271 58.06 0.36 -14.72
CA GLY F 271 57.53 1.56 -14.13
C GLY F 271 57.15 1.44 -12.68
N VAL F 272 57.46 0.32 -12.03
CA VAL F 272 57.11 0.16 -10.62
C VAL F 272 57.91 1.10 -9.74
N SER F 273 59.07 1.56 -10.21
CA SER F 273 59.97 2.38 -9.42
C SER F 273 59.76 3.85 -9.73
N ASP F 274 59.61 4.66 -8.68
CA ASP F 274 59.43 6.10 -8.87
C ASP F 274 60.77 6.84 -8.82
N HIS F 275 61.74 6.33 -8.08
CA HIS F 275 63.06 6.93 -8.01
C HIS F 275 64.12 5.84 -8.10
N TRP F 276 65.25 6.18 -8.70
CA TRP F 276 66.34 5.25 -8.92
C TRP F 276 67.57 5.74 -8.15
N ALA F 277 68.13 4.86 -7.33
CA ALA F 277 69.21 5.22 -6.41
C ALA F 277 70.47 4.42 -6.71
N LEU F 278 71.62 5.07 -6.61
CA LEU F 278 72.89 4.41 -6.88
C LEU F 278 73.27 3.44 -5.77
N ASP F 279 73.13 3.87 -4.51
CA ASP F 279 73.51 3.05 -3.37
C ASP F 279 72.59 3.38 -2.20
N ASP F 280 72.90 2.78 -1.05
CA ASP F 280 72.07 3.00 0.13
C ASP F 280 72.10 4.45 0.57
N HIS F 281 73.27 5.09 0.55
CA HIS F 281 73.36 6.49 0.94
C HIS F 281 72.51 7.36 0.03
N HIS F 282 72.56 7.12 -1.28
CA HIS F 282 71.74 7.88 -2.21
C HIS F 282 70.26 7.65 -1.94
N ALA F 283 69.87 6.39 -1.71
CA ALA F 283 68.46 6.09 -1.46
C ALA F 283 67.95 6.83 -0.22
N LEU F 284 68.73 6.82 0.85
CA LEU F 284 68.33 7.53 2.07
C LEU F 284 68.25 9.03 1.83
N HIS F 285 69.19 9.57 1.06
CA HIS F 285 69.12 10.99 0.71
C HIS F 285 67.86 11.31 -0.08
N LEU F 286 67.49 10.45 -1.03
CA LEU F 286 66.27 10.66 -1.78
C LEU F 286 65.05 10.58 -0.87
N THR F 287 65.04 9.64 0.08
CA THR F 287 63.91 9.50 0.98
C THR F 287 63.65 10.79 1.74
N ARG F 288 64.71 11.45 2.21
CA ARG F 288 64.53 12.70 2.93
C ARG F 288 63.90 13.77 2.04
N LYS F 289 64.27 13.79 0.76
CA LYS F 289 63.66 14.74 -0.16
C LYS F 289 62.18 14.46 -0.34
N VAL F 290 61.80 13.17 -0.42
CA VAL F 290 60.40 12.82 -0.63
C VAL F 290 59.55 13.30 0.54
N VAL F 291 60.04 13.11 1.76
CA VAL F 291 59.27 13.54 2.93
C VAL F 291 59.12 15.05 2.97
N ARG F 292 60.15 15.79 2.52
CA ARG F 292 60.07 17.24 2.52
C ARG F 292 59.01 17.77 1.56
N ASN F 293 58.57 16.96 0.60
CA ASN F 293 57.59 17.38 -0.39
C ASN F 293 56.18 16.95 -0.03
N LEU F 294 55.97 16.43 1.18
CA LEU F 294 54.65 15.99 1.61
C LEU F 294 53.69 17.15 1.85
N ASN F 295 54.19 18.37 1.97
CA ASN F 295 53.33 19.55 2.18
C ASN F 295 52.53 19.41 3.46
N TYR F 296 53.18 18.95 4.52
CA TYR F 296 52.55 18.74 5.81
C TYR F 296 53.18 19.66 6.85
N GLN F 297 52.33 20.25 7.70
CA GLN F 297 52.77 21.07 8.82
C GLN F 297 52.01 20.65 10.06
N LYS F 298 52.74 20.42 11.15
CA LYS F 298 52.11 19.94 12.38
C LYS F 298 51.36 21.08 13.06
N LYS F 299 50.13 20.79 13.49
CA LYS F 299 49.30 21.74 14.22
C LYS F 299 48.88 21.12 15.54
N LEU F 300 48.91 21.90 16.61
CA LEU F 300 48.61 21.43 17.95
C LEU F 300 47.22 21.89 18.36
N ASP F 301 46.43 20.96 18.91
CA ASP F 301 45.10 21.25 19.42
C ASP F 301 45.11 21.63 20.89
N VAL F 302 46.23 21.51 21.58
CA VAL F 302 46.30 21.68 23.02
C VAL F 302 47.08 22.95 23.35
N THR F 303 46.74 23.54 24.50
CA THR F 303 47.50 24.67 24.99
C THR F 303 48.90 24.24 25.40
N ILE F 304 49.86 25.15 25.26
CA ILE F 304 51.27 24.86 25.52
C ILE F 304 51.82 25.88 26.49
N GLU F 305 52.69 25.43 27.39
CA GLU F 305 53.39 26.27 28.34
C GLU F 305 54.87 25.91 28.31
N PRO F 306 55.74 26.85 28.68
CA PRO F 306 57.18 26.56 28.64
C PRO F 306 57.52 25.37 29.52
N SER F 307 58.47 24.55 29.05
CA SER F 307 58.83 23.34 29.76
C SER F 307 59.70 23.66 30.98
N GLU F 308 59.68 22.73 31.94
CA GLU F 308 60.51 22.82 33.12
C GLU F 308 60.91 21.41 33.55
N GLU F 309 62.12 21.28 34.08
CA GLU F 309 62.57 19.99 34.58
C GLU F 309 61.97 19.69 35.94
N PRO F 310 61.78 18.41 36.26
CA PRO F 310 61.28 18.06 37.60
C PRO F 310 62.28 18.48 38.67
N LEU F 311 61.74 18.74 39.87
CA LEU F 311 62.54 19.25 40.97
C LEU F 311 63.36 18.16 41.66
N PHE F 312 63.20 16.89 41.27
CA PHE F 312 63.92 15.81 41.91
C PHE F 312 64.59 14.93 40.86
N PRO F 313 65.74 14.35 41.18
CA PRO F 313 66.42 13.49 40.22
C PRO F 313 65.60 12.26 39.87
N ALA F 314 65.75 11.81 38.62
CA ALA F 314 65.00 10.64 38.17
C ALA F 314 65.58 9.35 38.76
N ASP F 315 66.90 9.28 38.90
CA ASP F 315 67.53 8.04 39.37
C ASP F 315 67.12 7.69 40.79
N GLU F 316 66.57 8.64 41.54
CA GLU F 316 66.05 8.31 42.87
C GLU F 316 64.90 7.31 42.79
N LEU F 317 64.27 7.18 41.63
CA LEU F 317 63.19 6.20 41.48
C LEU F 317 63.68 4.79 41.76
N TYR F 318 64.98 4.52 41.59
CA TYR F 318 65.51 3.20 41.90
C TYR F 318 65.31 2.86 43.37
N GLY F 319 65.73 3.77 44.26
CA GLY F 319 65.57 3.51 45.68
C GLY F 319 64.11 3.52 46.12
N ILE F 320 63.30 4.40 45.53
CA ILE F 320 61.92 4.53 45.97
C ILE F 320 61.12 3.27 45.64
N VAL F 321 61.29 2.75 44.43
CA VAL F 321 60.45 1.66 43.92
C VAL F 321 61.04 0.30 44.22
N GLY F 322 62.31 0.09 43.89
CA GLY F 322 62.90 -1.21 44.12
C GLY F 322 62.34 -2.27 43.17
N ALA F 323 62.50 -3.53 43.59
CA ALA F 323 62.06 -4.67 42.79
C ALA F 323 61.08 -5.58 43.53
N ASN F 324 60.75 -5.27 44.78
CA ASN F 324 59.84 -6.09 45.57
C ASN F 324 58.43 -5.51 45.46
N LEU F 325 57.53 -6.25 44.80
CA LEU F 325 56.17 -5.77 44.60
C LEU F 325 55.33 -5.85 45.88
N LYS F 326 55.74 -6.67 46.85
CA LYS F 326 54.98 -6.77 48.09
C LYS F 326 55.03 -5.46 48.86
N ARG F 327 56.19 -4.81 48.89
CA ARG F 327 56.28 -3.49 49.50
C ARG F 327 55.51 -2.48 48.67
N SER F 328 55.01 -1.45 49.34
CA SER F 328 54.23 -0.40 48.71
C SER F 328 54.94 0.93 48.80
N PHE F 329 54.73 1.78 47.80
CA PHE F 329 55.29 3.12 47.75
C PHE F 329 54.22 4.10 47.34
N ASP F 330 54.50 5.38 47.51
CA ASP F 330 53.57 6.44 47.13
C ASP F 330 53.77 6.80 45.67
N VAL F 331 52.72 6.63 44.87
CA VAL F 331 52.81 6.96 43.45
C VAL F 331 53.10 8.43 43.23
N ARG F 332 52.75 9.29 44.20
CA ARG F 332 53.05 10.70 44.06
C ARG F 332 54.54 10.94 43.93
N GLU F 333 55.35 10.10 44.57
CA GLU F 333 56.80 10.23 44.43
C GLU F 333 57.24 10.00 42.99
N VAL F 334 56.63 9.03 42.32
CA VAL F 334 56.92 8.79 40.90
C VAL F 334 56.48 9.99 40.08
N ILE F 335 55.30 10.53 40.35
CA ILE F 335 54.80 11.68 39.59
C ILE F 335 55.72 12.88 39.80
N ALA F 336 56.22 13.06 41.02
CA ALA F 336 57.02 14.24 41.32
C ALA F 336 58.29 14.30 40.48
N ARG F 337 58.72 13.16 39.95
CA ARG F 337 60.00 13.08 39.25
C ARG F 337 59.87 12.97 37.75
N ILE F 338 58.68 13.18 37.18
CA ILE F 338 58.51 13.14 35.74
C ILE F 338 57.77 14.34 35.17
N VAL F 339 57.04 15.10 35.98
CA VAL F 339 56.23 16.20 35.50
C VAL F 339 57.03 17.49 35.59
N ASP F 340 56.63 18.48 34.78
CA ASP F 340 57.35 19.75 34.74
C ASP F 340 57.27 20.44 36.10
N GLY F 341 58.44 20.77 36.65
CA GLY F 341 58.50 21.49 37.91
C GLY F 341 57.93 20.75 39.09
N SER F 342 57.63 19.46 38.95
CA SER F 342 57.02 18.69 40.03
C SER F 342 55.75 19.36 40.54
N ARG F 343 54.98 19.94 39.61
CA ARG F 343 53.72 20.60 39.92
C ARG F 343 52.57 19.68 39.55
N PHE F 344 51.62 19.53 40.46
CA PHE F 344 50.54 18.57 40.31
C PHE F 344 49.32 19.07 41.07
N THR F 345 48.17 19.09 40.40
CA THR F 345 46.91 19.53 40.98
C THR F 345 46.03 18.30 41.19
N GLU F 346 46.01 17.80 42.41
CA GLU F 346 45.26 16.58 42.71
C GLU F 346 43.76 16.85 42.71
N PHE F 347 43.00 15.89 42.20
CA PHE F 347 41.55 15.97 42.10
C PHE F 347 40.92 14.95 43.03
N LYS F 348 40.01 15.40 43.89
CA LYS F 348 39.37 14.53 44.87
C LYS F 348 40.43 13.79 45.71
N ALA F 349 41.29 14.58 46.35
CA ALA F 349 42.45 14.00 47.02
C ALA F 349 42.06 13.05 48.14
N PHE F 350 41.05 13.42 48.93
CA PHE F 350 40.69 12.66 50.12
C PHE F 350 39.57 11.65 49.88
N TYR F 351 39.11 11.51 48.64
CA TYR F 351 38.06 10.57 48.29
C TYR F 351 38.63 9.47 47.42
N GLY F 352 38.42 8.22 47.83
CA GLY F 352 39.00 7.11 47.10
C GLY F 352 40.51 7.20 47.05
N ASP F 353 41.13 7.35 48.22
CA ASP F 353 42.55 7.68 48.26
C ASP F 353 43.45 6.60 47.67
N THR F 354 42.93 5.40 47.45
CA THR F 354 43.74 4.36 46.81
C THR F 354 44.03 4.67 45.35
N LEU F 355 43.37 5.67 44.78
CA LEU F 355 43.62 6.10 43.41
C LEU F 355 43.99 7.58 43.42
N VAL F 356 44.98 7.94 42.62
CA VAL F 356 45.47 9.31 42.54
C VAL F 356 45.22 9.83 41.13
N THR F 357 44.56 10.98 41.04
CA THR F 357 44.27 11.63 39.78
C THR F 357 44.53 13.12 39.92
N GLY F 358 45.06 13.74 38.86
CA GLY F 358 45.33 15.16 38.91
C GLY F 358 45.84 15.65 37.57
N PHE F 359 46.02 16.96 37.48
CA PHE F 359 46.45 17.63 36.27
C PHE F 359 47.91 18.07 36.40
N ALA F 360 48.70 17.79 35.38
CA ALA F 360 50.10 18.17 35.35
C ALA F 360 50.47 18.50 33.91
N ARG F 361 51.77 18.75 33.69
CA ARG F 361 52.29 19.05 32.37
C ARG F 361 53.62 18.38 32.16
N ILE F 362 53.80 17.76 31.00
CA ILE F 362 55.04 17.10 30.62
C ILE F 362 55.56 17.77 29.36
N PHE F 363 56.75 18.38 29.45
CA PHE F 363 57.34 19.10 28.32
C PHE F 363 56.40 20.18 27.79
N GLY F 364 55.57 20.74 28.67
CA GLY F 364 54.61 21.76 28.30
C GLY F 364 53.27 21.23 27.84
N TYR F 365 53.12 19.93 27.66
CA TYR F 365 51.84 19.36 27.26
C TYR F 365 50.96 19.16 28.49
N PRO F 366 49.65 19.41 28.37
CA PRO F 366 48.74 19.13 29.49
C PRO F 366 48.39 17.64 29.52
N VAL F 367 48.46 17.05 30.70
CA VAL F 367 48.22 15.62 30.87
C VAL F 367 47.41 15.40 32.14
N GLY F 368 46.43 14.50 32.06
CA GLY F 368 45.72 14.00 33.23
C GLY F 368 46.29 12.64 33.62
N ILE F 369 46.65 12.52 34.89
CA ILE F 369 47.37 11.35 35.39
C ILE F 369 46.44 10.55 36.30
N VAL F 370 46.38 9.25 36.05
CA VAL F 370 45.64 8.30 36.87
C VAL F 370 46.61 7.22 37.32
N GLY F 371 46.81 7.08 38.63
CA GLY F 371 47.75 6.11 39.14
C GLY F 371 47.24 5.35 40.35
N ASN F 372 47.57 4.07 40.43
CA ASN F 372 47.13 3.24 41.55
C ASN F 372 47.96 3.53 42.79
N ASN F 373 47.31 3.49 43.95
CA ASN F 373 47.98 3.66 45.23
C ASN F 373 47.45 2.65 46.24
N GLY F 374 47.05 1.49 45.76
CA GLY F 374 46.49 0.46 46.62
C GLY F 374 45.35 -0.25 45.92
N VAL F 375 44.62 -1.05 46.71
CA VAL F 375 43.52 -1.83 46.17
C VAL F 375 42.42 -0.89 45.68
N LEU F 376 41.79 -1.26 44.56
CA LEU F 376 40.69 -0.48 44.04
C LEU F 376 39.42 -0.71 44.84
N PHE F 377 38.70 0.37 45.13
CA PHE F 377 37.46 0.32 45.88
C PHE F 377 36.34 0.90 45.03
N SER F 378 35.12 0.86 45.57
CA SER F 378 34.01 1.50 44.89
C SER F 378 34.23 3.00 44.76
N GLU F 379 34.73 3.63 45.82
CA GLU F 379 35.01 5.06 45.77
C GLU F 379 36.10 5.37 44.74
N SER F 380 37.13 4.54 44.69
CA SER F 380 38.21 4.78 43.73
C SER F 380 37.71 4.72 42.29
N ALA F 381 36.88 3.72 41.98
CA ALA F 381 36.36 3.60 40.62
C ALA F 381 35.49 4.80 40.27
N LYS F 382 34.61 5.22 41.18
CA LYS F 382 33.79 6.40 40.92
C LYS F 382 34.65 7.63 40.71
N LYS F 383 35.69 7.80 41.53
CA LYS F 383 36.58 8.93 41.38
C LYS F 383 37.28 8.90 40.03
N GLY F 384 37.75 7.72 39.60
CA GLY F 384 38.37 7.62 38.29
C GLY F 384 37.41 7.92 37.15
N THR F 385 36.19 7.41 37.23
CA THR F 385 35.21 7.65 36.18
C THR F 385 34.91 9.14 36.05
N HIS F 386 34.77 9.84 37.17
CA HIS F 386 34.53 11.28 37.12
C HIS F 386 35.70 12.00 36.46
N PHE F 387 36.93 11.62 36.81
CA PHE F 387 38.10 12.32 36.29
C PHE F 387 38.22 12.14 34.78
N VAL F 388 37.96 10.92 34.28
CA VAL F 388 38.12 10.66 32.86
C VAL F 388 37.16 11.52 32.04
N GLN F 389 35.95 11.72 32.54
CA GLN F 389 35.00 12.61 31.84
C GLN F 389 35.55 14.03 31.77
N LEU F 390 36.16 14.51 32.85
CA LEU F 390 36.73 15.84 32.84
C LEU F 390 37.80 15.99 31.78
N CYS F 391 38.73 15.03 31.70
CA CYS F 391 39.79 15.11 30.70
C CYS F 391 39.23 15.03 29.29
N CYS F 392 38.25 14.15 29.07
CA CYS F 392 37.66 14.04 27.74
C CYS F 392 36.94 15.33 27.34
N GLN F 393 36.27 15.97 28.29
CA GLN F 393 35.56 17.19 27.98
C GLN F 393 36.50 18.29 27.51
N ARG F 394 37.66 18.41 28.15
CA ARG F 394 38.61 19.46 27.84
C ARG F 394 39.67 19.04 26.82
N ASN F 395 39.59 17.80 26.32
CA ASN F 395 40.53 17.32 25.32
C ASN F 395 41.96 17.29 25.87
N ILE F 396 42.13 16.66 27.02
CA ILE F 396 43.42 16.58 27.71
C ILE F 396 43.92 15.16 27.62
N PRO F 397 45.17 14.93 27.19
CA PRO F 397 45.69 13.56 27.13
C PRO F 397 45.71 12.91 28.50
N LEU F 398 45.62 11.58 28.51
CA LEU F 398 45.54 10.79 29.72
C LEU F 398 46.75 9.88 29.84
N LEU F 399 47.34 9.83 31.03
CA LEU F 399 48.46 8.94 31.34
C LEU F 399 48.07 8.06 32.51
N PHE F 400 48.21 6.74 32.33
CA PHE F 400 47.86 5.76 33.34
C PHE F 400 49.13 5.12 33.90
N LEU F 401 49.22 5.05 35.23
CA LEU F 401 50.32 4.40 35.91
C LEU F 401 49.78 3.20 36.67
N GLN F 402 49.97 2.01 36.11
CA GLN F 402 49.41 0.78 36.66
C GLN F 402 50.36 0.18 37.68
N ASN F 403 49.94 0.16 38.94
CA ASN F 403 50.50 -0.71 39.95
C ASN F 403 49.33 -1.25 40.77
N ILE F 404 48.80 -2.37 40.34
CA ILE F 404 47.56 -2.91 40.89
C ILE F 404 47.86 -4.10 41.78
N THR F 405 46.94 -4.38 42.70
CA THR F 405 46.97 -5.59 43.51
C THR F 405 45.60 -6.27 43.57
N GLY F 406 44.64 -5.81 42.77
CA GLY F 406 43.32 -6.40 42.71
C GLY F 406 42.24 -5.43 43.15
N PHE F 407 41.02 -5.95 43.20
CA PHE F 407 39.85 -5.22 43.69
C PHE F 407 39.58 -5.62 45.13
N MET F 408 38.90 -4.74 45.86
CA MET F 408 38.49 -5.06 47.22
C MET F 408 37.54 -6.25 47.21
N VAL F 409 37.77 -7.19 48.12
CA VAL F 409 37.00 -8.43 48.20
C VAL F 409 36.23 -8.41 49.51
N GLY F 410 34.91 -8.58 49.41
CA GLY F 410 34.07 -8.61 50.58
C GLY F 410 32.61 -8.76 50.21
N ARG F 411 31.85 -9.37 51.11
CA ARG F 411 30.42 -9.53 50.87
C ARG F 411 29.71 -8.19 50.78
N GLU F 412 30.06 -7.24 51.66
CA GLU F 412 29.44 -5.93 51.62
C GLU F 412 29.74 -5.20 50.31
N TYR F 413 30.99 -5.28 49.85
CA TYR F 413 31.38 -4.55 48.65
C TYR F 413 30.59 -5.03 47.44
N GLU F 414 30.41 -6.34 47.30
CA GLU F 414 29.59 -6.87 46.22
C GLU F 414 28.15 -6.42 46.35
N ALA F 415 27.63 -6.40 47.58
CA ALA F 415 26.26 -5.94 47.80
C ALA F 415 26.07 -4.49 47.39
N GLU F 416 27.13 -3.69 47.46
CA GLU F 416 27.07 -2.29 47.05
C GLU F 416 27.46 -2.09 45.59
N GLY F 417 27.62 -3.18 44.83
CA GLY F 417 27.91 -3.09 43.42
C GLY F 417 29.32 -2.63 43.08
N ILE F 418 30.32 -3.23 43.71
CA ILE F 418 31.70 -2.95 43.33
C ILE F 418 31.92 -3.29 41.86
N ALA F 419 31.37 -4.43 41.41
CA ALA F 419 31.41 -4.76 40.00
C ALA F 419 30.74 -3.68 39.16
N LYS F 420 29.59 -3.17 39.63
CA LYS F 420 28.92 -2.09 38.93
C LYS F 420 29.80 -0.84 38.88
N ASP F 421 30.56 -0.60 39.95
CA ASP F 421 31.45 0.55 39.97
C ASP F 421 32.69 0.32 39.10
N GLY F 422 33.29 -0.86 39.21
CA GLY F 422 34.44 -1.17 38.37
C GLY F 422 34.12 -1.11 36.90
N ALA F 423 32.92 -1.58 36.52
CA ALA F 423 32.51 -1.52 35.13
C ALA F 423 32.43 -0.08 34.64
N LYS F 424 32.02 0.85 35.52
CA LYS F 424 31.92 2.25 35.12
C LYS F 424 33.25 2.77 34.60
N MET F 425 34.33 2.50 35.32
CA MET F 425 35.65 2.98 34.87
C MET F 425 36.03 2.34 33.55
N VAL F 426 35.77 1.04 33.38
CA VAL F 426 36.11 0.36 32.14
C VAL F 426 35.36 0.98 30.97
N ALA F 427 34.07 1.24 31.14
CA ALA F 427 33.29 1.83 30.05
C ALA F 427 33.81 3.21 29.69
N ALA F 428 34.11 4.03 30.69
CA ALA F 428 34.61 5.37 30.42
C ALA F 428 35.98 5.34 29.74
N VAL F 429 36.87 4.48 30.21
CA VAL F 429 38.22 4.43 29.66
C VAL F 429 38.19 3.98 28.21
N ALA F 430 37.34 3.00 27.89
CA ALA F 430 37.28 2.49 26.53
C ALA F 430 36.79 3.56 25.55
N CYS F 431 35.78 4.34 25.94
CA CYS F 431 35.19 5.30 25.02
C CYS F 431 36.02 6.57 24.87
N ALA F 432 36.94 6.84 25.80
CA ALA F 432 37.71 8.07 25.75
C ALA F 432 38.47 8.16 24.43
N GLN F 433 38.39 9.32 23.78
CA GLN F 433 39.03 9.54 22.49
C GLN F 433 40.28 10.39 22.59
N VAL F 434 40.65 10.83 23.78
CA VAL F 434 41.89 11.58 23.97
C VAL F 434 43.05 10.59 23.90
N PRO F 435 44.25 11.03 23.52
CA PRO F 435 45.39 10.11 23.51
C PRO F 435 45.62 9.53 24.90
N LYS F 436 45.88 8.22 24.95
CA LYS F 436 46.09 7.53 26.20
C LYS F 436 47.41 6.77 26.14
N ILE F 437 48.23 6.94 27.17
CA ILE F 437 49.49 6.22 27.31
C ILE F 437 49.50 5.51 28.65
N THR F 438 49.88 4.23 28.63
CA THR F 438 49.88 3.39 29.83
C THR F 438 51.31 3.00 30.17
N LEU F 439 51.65 3.10 31.44
CA LEU F 439 52.96 2.72 31.95
C LEU F 439 52.77 1.83 33.17
N ILE F 440 53.17 0.57 33.05
CA ILE F 440 53.04 -0.40 34.13
C ILE F 440 54.31 -0.33 34.96
N ILE F 441 54.21 0.21 36.17
CA ILE F 441 55.33 0.35 37.09
C ILE F 441 55.32 -0.71 38.17
N GLY F 442 54.44 -1.71 38.06
CA GLY F 442 54.32 -2.73 39.07
C GLY F 442 53.41 -3.87 38.64
N GLY F 443 52.57 -4.34 39.56
CA GLY F 443 51.69 -5.44 39.23
C GLY F 443 50.56 -5.01 38.31
N SER F 444 50.07 -5.97 37.52
CA SER F 444 48.95 -5.76 36.62
C SER F 444 48.17 -7.07 36.55
N TYR F 445 47.08 -7.17 37.31
CA TYR F 445 46.38 -8.43 37.48
C TYR F 445 44.88 -8.23 37.26
N GLY F 446 44.23 -9.26 36.74
CA GLY F 446 42.78 -9.35 36.65
C GLY F 446 42.14 -8.13 36.00
N ALA F 447 40.91 -7.87 36.41
CA ALA F 447 40.13 -6.76 35.86
C ALA F 447 40.73 -5.40 36.17
N GLY F 448 41.64 -5.32 37.14
CA GLY F 448 42.33 -4.07 37.39
C GLY F 448 43.13 -3.62 36.19
N ASN F 449 43.66 -4.58 35.42
CA ASN F 449 44.35 -4.23 34.18
C ASN F 449 43.41 -3.53 33.20
N TYR F 450 42.20 -4.05 33.05
CA TYR F 450 41.25 -3.45 32.12
C TYR F 450 40.88 -2.04 32.54
N GLY F 451 40.62 -1.85 33.85
CA GLY F 451 40.20 -0.55 34.32
C GLY F 451 41.24 0.54 34.12
N MET F 452 42.52 0.17 34.10
CA MET F 452 43.60 1.13 33.97
C MET F 452 44.19 1.15 32.56
N CYS F 453 43.35 0.95 31.54
CA CYS F 453 43.76 1.06 30.14
C CYS F 453 44.86 0.04 29.81
N GLY F 454 44.47 -1.22 29.83
CA GLY F 454 45.34 -2.29 29.41
C GLY F 454 45.54 -2.29 27.91
N ARG F 455 46.30 -3.28 27.44
CA ARG F 455 46.57 -3.38 26.01
C ARG F 455 45.29 -3.52 25.20
N ALA F 456 44.28 -4.20 25.77
CA ALA F 456 43.04 -4.43 25.04
C ALA F 456 42.24 -3.16 24.82
N TYR F 457 42.58 -2.07 25.50
CA TYR F 457 41.81 -0.83 25.43
C TYR F 457 42.49 0.22 24.55
N SER F 458 43.42 -0.18 23.70
CA SER F 458 44.01 0.65 22.66
C SER F 458 44.62 1.94 23.17
N PRO F 459 45.50 1.90 24.18
CA PRO F 459 46.33 3.07 24.48
C PRO F 459 47.28 3.32 23.32
N ARG F 460 47.60 4.60 23.10
CA ARG F 460 48.51 4.94 22.01
C ARG F 460 49.84 4.23 22.17
N PHE F 461 50.34 4.15 23.41
CA PHE F 461 51.56 3.43 23.71
C PHE F 461 51.40 2.73 25.05
N LEU F 462 52.12 1.62 25.22
CA LEU F 462 52.13 0.89 26.48
C LEU F 462 53.57 0.50 26.81
N TYR F 463 54.05 0.94 27.96
CA TYR F 463 55.41 0.65 28.41
C TYR F 463 55.36 -0.02 29.77
N ILE F 464 56.41 -0.77 30.08
CA ILE F 464 56.52 -1.49 31.34
C ILE F 464 57.92 -1.32 31.89
N TRP F 465 58.03 -1.15 33.21
CA TRP F 465 59.30 -1.08 33.87
C TRP F 465 59.88 -2.47 34.06
N PRO F 466 61.19 -2.57 34.32
CA PRO F 466 61.82 -3.90 34.38
C PRO F 466 61.34 -4.76 35.53
N ASN F 467 60.68 -4.18 36.52
CA ASN F 467 60.22 -4.90 37.69
C ASN F 467 58.75 -5.31 37.62
N ALA F 468 58.08 -5.08 36.50
CA ALA F 468 56.65 -5.28 36.41
C ALA F 468 56.30 -6.77 36.35
N ARG F 469 55.02 -7.06 36.60
CA ARG F 469 54.46 -8.40 36.49
C ARG F 469 53.02 -8.27 36.02
N ILE F 470 52.64 -9.10 35.04
CA ILE F 470 51.30 -9.07 34.47
C ILE F 470 50.80 -10.50 34.29
N SER F 471 49.56 -10.73 34.68
CA SER F 471 48.91 -12.03 34.52
C SER F 471 47.46 -11.90 34.94
N VAL F 472 46.70 -12.98 34.71
CA VAL F 472 45.27 -12.96 35.04
C VAL F 472 45.07 -12.71 36.53
N MET F 473 45.94 -13.28 37.36
CA MET F 473 45.93 -13.04 38.79
C MET F 473 47.35 -13.21 39.32
N GLY F 474 47.56 -12.73 40.54
CA GLY F 474 48.85 -12.93 41.17
C GLY F 474 49.20 -14.40 41.31
N GLY F 475 50.49 -14.70 41.19
CA GLY F 475 50.91 -16.09 41.27
C GLY F 475 50.49 -16.75 42.57
N GLU F 476 50.59 -16.01 43.68
CA GLU F 476 50.18 -16.56 44.98
C GLU F 476 48.68 -16.84 45.01
N GLN F 477 47.87 -15.93 44.48
CA GLN F 477 46.42 -16.14 44.50
C GLN F 477 46.04 -17.43 43.77
N ALA F 478 46.64 -17.67 42.60
CA ALA F 478 46.35 -18.90 41.88
C ALA F 478 46.78 -20.11 42.69
N ALA F 479 47.93 -20.03 43.37
CA ALA F 479 48.37 -21.14 44.21
C ALA F 479 47.42 -21.36 45.38
N ASN F 480 47.08 -20.29 46.10
CA ASN F 480 46.17 -20.42 47.24
C ASN F 480 44.80 -20.91 46.82
N VAL F 481 44.29 -20.40 45.70
CA VAL F 481 42.97 -20.83 45.23
C VAL F 481 42.97 -22.33 44.95
N LEU F 482 44.00 -22.82 44.26
CA LEU F 482 44.08 -24.25 44.00
C LEU F 482 44.24 -25.05 45.30
N ALA F 483 45.01 -24.50 46.25
CA ALA F 483 45.16 -25.17 47.53
C ALA F 483 43.83 -25.32 48.24
N THR F 484 43.01 -24.27 48.25
CA THR F 484 41.70 -24.35 48.87
C THR F 484 40.79 -25.33 48.13
N ILE F 485 40.81 -25.27 46.80
CA ILE F 485 39.92 -26.12 46.01
C ILE F 485 40.28 -27.59 46.20
N THR F 486 41.57 -27.91 46.06
CA THR F 486 42.00 -29.30 46.21
C THR F 486 41.75 -29.81 47.63
N LYS F 487 42.01 -28.98 48.64
CA LYS F 487 41.80 -29.40 50.01
C LYS F 487 40.35 -29.76 50.27
N ASP F 488 39.42 -28.93 49.80
CA ASP F 488 38.00 -29.26 49.94
C ASP F 488 37.65 -30.50 49.14
N GLN F 489 38.17 -30.62 47.91
CA GLN F 489 37.85 -31.77 47.08
C GLN F 489 38.34 -33.07 47.72
N ARG F 490 39.52 -33.04 48.32
CA ARG F 490 40.02 -34.23 49.02
C ARG F 490 39.10 -34.62 50.16
N ALA F 491 38.61 -33.63 50.93
CA ALA F 491 37.67 -33.92 52.00
C ALA F 491 36.39 -34.55 51.46
N ARG F 492 35.88 -34.04 50.35
CA ARG F 492 34.68 -34.62 49.75
C ARG F 492 34.91 -36.06 49.35
N GLU F 493 36.06 -36.35 48.73
CA GLU F 493 36.39 -37.73 48.41
C GLU F 493 36.72 -38.54 49.66
N GLY F 494 36.93 -37.86 50.79
CA GLY F 494 37.36 -38.51 52.01
C GLY F 494 38.86 -38.66 52.14
N LYS F 495 39.62 -38.42 51.07
CA LYS F 495 41.06 -38.51 51.13
C LYS F 495 41.65 -37.29 51.82
N GLN F 496 42.91 -37.41 52.22
CA GLN F 496 43.61 -36.38 52.98
C GLN F 496 44.66 -35.72 52.11
N PHE F 497 44.69 -34.39 52.12
CA PHE F 497 45.71 -33.60 51.44
C PHE F 497 46.63 -32.99 52.50
N SER F 498 47.86 -33.47 52.55
CA SER F 498 48.79 -33.07 53.59
C SER F 498 49.42 -31.72 53.29
N SER F 499 50.14 -31.18 54.28
CA SER F 499 50.87 -29.94 54.07
C SER F 499 51.91 -30.09 52.98
N ALA F 500 52.63 -31.22 52.97
CA ALA F 500 53.53 -31.50 51.87
C ALA F 500 52.76 -31.60 50.55
N ASP F 501 51.56 -32.18 50.60
CA ASP F 501 50.71 -32.20 49.41
C ASP F 501 50.37 -30.79 48.95
N GLU F 502 50.13 -29.88 49.91
CA GLU F 502 49.84 -28.50 49.56
C GLU F 502 51.01 -27.86 48.83
N ALA F 503 52.24 -28.06 49.34
CA ALA F 503 53.41 -27.46 48.72
C ALA F 503 53.64 -28.01 47.32
N ALA F 504 53.44 -29.31 47.14
CA ALA F 504 53.65 -29.90 45.82
C ALA F 504 52.72 -29.29 44.79
N LEU F 505 51.47 -29.02 45.17
CA LEU F 505 50.53 -28.39 44.26
C LEU F 505 50.93 -26.94 43.98
N LYS F 506 51.27 -26.19 45.02
CA LYS F 506 51.52 -24.75 44.85
C LYS F 506 52.74 -24.49 44.00
N GLU F 507 53.82 -25.25 44.20
CA GLU F 507 55.10 -24.90 43.60
C GLU F 507 55.03 -24.76 42.09
N PRO F 508 54.51 -25.74 41.34
CA PRO F 508 54.46 -25.57 39.88
C PRO F 508 53.65 -24.37 39.43
N ILE F 509 52.57 -24.05 40.15
CA ILE F 509 51.74 -22.91 39.77
C ILE F 509 52.52 -21.61 39.95
N ILE F 510 53.19 -21.45 41.10
CA ILE F 510 53.94 -20.23 41.34
C ILE F 510 55.05 -20.07 40.32
N LYS F 511 55.70 -21.18 39.95
CA LYS F 511 56.74 -21.10 38.93
C LYS F 511 56.16 -20.68 37.58
N LYS F 512 54.98 -21.21 37.24
CA LYS F 512 54.40 -20.90 35.93
C LYS F 512 54.07 -19.41 35.82
N PHE F 513 53.48 -18.83 36.86
CA PHE F 513 53.09 -17.43 36.81
C PHE F 513 54.29 -16.50 36.85
N GLU F 514 55.39 -16.94 37.46
CA GLU F 514 56.59 -16.12 37.50
C GLU F 514 57.22 -16.01 36.11
N GLU F 515 57.29 -17.13 35.38
CA GLU F 515 57.88 -17.10 34.04
C GLU F 515 57.00 -16.35 33.05
N GLU F 516 55.68 -16.53 33.12
CA GLU F 516 54.79 -15.92 32.15
C GLU F 516 54.37 -14.50 32.52
N GLY F 517 54.69 -14.05 33.73
CA GLY F 517 54.40 -12.68 34.11
C GLY F 517 55.61 -11.78 34.03
N ASN F 518 56.76 -12.37 33.69
CA ASN F 518 58.00 -11.62 33.63
C ASN F 518 57.92 -10.58 32.52
N PRO F 519 58.53 -9.41 32.70
CA PRO F 519 58.49 -8.40 31.64
C PRO F 519 59.06 -8.88 30.31
N TYR F 520 60.13 -9.68 30.35
CA TYR F 520 60.72 -10.18 29.12
C TYR F 520 59.76 -11.13 28.40
N TYR F 521 59.07 -11.99 29.15
CA TYR F 521 58.05 -12.84 28.55
C TYR F 521 56.94 -11.99 27.91
N SER F 522 56.49 -10.96 28.62
CA SER F 522 55.45 -10.10 28.09
C SER F 522 55.93 -9.31 26.88
N SER F 523 57.19 -8.86 26.90
CA SER F 523 57.71 -8.05 25.81
C SER F 523 58.24 -8.89 24.65
N ALA F 524 58.66 -10.13 24.89
CA ALA F 524 59.08 -10.98 23.78
C ALA F 524 57.96 -11.13 22.77
N ARG F 525 56.78 -11.51 23.23
CA ARG F 525 55.56 -11.27 22.48
C ARG F 525 55.23 -9.79 22.53
N VAL F 526 54.51 -9.29 21.54
CA VAL F 526 54.23 -7.86 21.54
C VAL F 526 52.96 -7.62 22.35
N TRP F 527 53.12 -7.57 23.67
CA TRP F 527 52.08 -7.09 24.57
C TRP F 527 52.30 -5.65 24.99
N ASP F 528 53.53 -5.15 24.85
CA ASP F 528 53.86 -3.78 25.18
C ASP F 528 54.79 -3.25 24.11
N ASP F 529 55.00 -1.93 24.13
CA ASP F 529 55.85 -1.29 23.14
C ASP F 529 57.31 -1.18 23.58
N GLY F 530 57.66 -1.72 24.72
CA GLY F 530 59.05 -1.76 25.12
C GLY F 530 59.22 -1.76 26.62
N ILE F 531 60.38 -2.23 27.05
CA ILE F 531 60.81 -2.17 28.44
C ILE F 531 61.78 -1.01 28.57
N ILE F 532 61.50 -0.10 29.49
CA ILE F 532 62.22 1.16 29.56
C ILE F 532 62.84 1.32 30.94
N ASP F 533 64.02 1.92 30.97
CA ASP F 533 64.66 2.25 32.22
C ASP F 533 63.86 3.33 32.95
N PRO F 534 63.58 3.15 34.25
CA PRO F 534 62.82 4.17 34.98
C PRO F 534 63.40 5.56 34.88
N ALA F 535 64.73 5.69 34.76
CA ALA F 535 65.34 7.01 34.62
C ALA F 535 64.96 7.67 33.30
N ASP F 536 64.55 6.88 32.31
CA ASP F 536 64.19 7.40 30.99
C ASP F 536 62.69 7.64 30.85
N THR F 537 61.92 7.51 31.93
CA THR F 537 60.47 7.58 31.82
C THR F 537 60.03 8.93 31.27
N ARG F 538 60.58 10.03 31.78
CA ARG F 538 60.16 11.35 31.34
C ARG F 538 60.44 11.56 29.85
N LEU F 539 61.64 11.16 29.41
CA LEU F 539 61.98 11.33 28.00
C LEU F 539 61.07 10.50 27.10
N VAL F 540 60.81 9.26 27.48
CA VAL F 540 59.97 8.38 26.66
C VAL F 540 58.56 8.94 26.56
N LEU F 541 58.01 9.38 27.70
CA LEU F 541 56.68 9.96 27.70
C LEU F 541 56.63 11.23 26.85
N GLY F 542 57.65 12.08 26.96
CA GLY F 542 57.68 13.29 26.16
C GLY F 542 57.68 13.01 24.67
N LEU F 543 58.51 12.06 24.24
CA LEU F 543 58.54 11.69 22.83
C LEU F 543 57.21 11.07 22.39
N SER F 544 56.64 10.22 23.24
CA SER F 544 55.40 9.53 22.87
C SER F 544 54.24 10.51 22.76
N PHE F 545 54.06 11.37 23.76
CA PHE F 545 52.97 12.34 23.71
C PHE F 545 53.14 13.30 22.54
N SER F 546 54.38 13.69 22.25
CA SER F 546 54.62 14.57 21.10
C SER F 546 54.17 13.91 19.80
N ALA F 547 54.49 12.64 19.61
CA ALA F 547 54.06 11.95 18.40
C ALA F 547 52.55 11.78 18.36
N ALA F 548 51.93 11.49 19.52
CA ALA F 548 50.50 11.25 19.55
C ALA F 548 49.72 12.51 19.20
N LEU F 549 50.35 13.68 19.27
CA LEU F 549 49.65 14.94 18.99
C LEU F 549 49.63 15.29 17.52
N ASN F 550 50.22 14.47 16.66
CA ASN F 550 50.13 14.72 15.22
C ASN F 550 48.72 14.55 14.70
N ALA F 551 47.88 13.81 15.40
CA ALA F 551 46.51 13.67 14.92
C ALA F 551 45.56 14.55 15.71
N PRO F 552 44.56 15.14 15.05
CA PRO F 552 43.60 15.97 15.78
C PRO F 552 42.81 15.14 16.79
N ILE F 553 42.47 15.78 17.90
CA ILE F 553 41.73 15.11 18.97
C ILE F 553 40.25 15.18 18.67
N GLU F 554 39.60 14.01 18.65
CA GLU F 554 38.18 13.92 18.32
C GLU F 554 37.34 14.07 19.58
N LYS F 555 36.06 14.39 19.38
CA LYS F 555 35.11 14.45 20.48
C LYS F 555 34.77 13.05 20.96
N THR F 556 34.56 12.93 22.26
CA THR F 556 34.31 11.63 22.90
C THR F 556 32.81 11.40 23.03
N ASP F 557 32.35 10.24 22.57
CA ASP F 557 30.97 9.82 22.74
C ASP F 557 30.94 8.63 23.68
N PHE F 558 30.18 8.78 24.78
CA PHE F 558 30.11 7.76 25.80
C PHE F 558 28.85 6.93 25.65
N GLY F 559 28.91 5.71 26.19
CA GLY F 559 27.75 4.85 26.31
C GLY F 559 26.91 5.21 27.52
N ILE F 560 26.01 4.30 27.88
CA ILE F 560 25.17 4.52 29.04
C ILE F 560 25.96 4.27 30.31
N PHE F 561 25.93 5.24 31.22
CA PHE F 561 26.56 5.11 32.53
C PHE F 561 25.57 4.41 33.47
N ARG F 562 25.87 3.17 33.81
CA ARG F 562 25.03 2.41 34.74
C ARG F 562 25.22 2.98 36.13
N MET F 563 24.35 3.91 36.52
CA MET F 563 24.52 4.65 37.76
C MET F 563 24.20 3.78 38.98
N LEU G 31 -34.34 -58.92 -26.43
CA LEU G 31 -33.20 -59.72 -26.01
C LEU G 31 -33.65 -61.08 -25.48
N GLY G 32 -32.68 -61.95 -25.29
CA GLY G 32 -32.93 -63.22 -24.63
C GLY G 32 -33.17 -64.34 -25.62
N THR G 33 -32.82 -65.55 -25.20
CA THR G 33 -33.09 -66.77 -25.95
C THR G 33 -33.59 -67.84 -24.98
N GLN G 34 -34.33 -68.79 -25.51
CA GLN G 34 -34.85 -69.86 -24.67
C GLN G 34 -33.74 -70.84 -24.34
N PRO G 35 -33.42 -71.05 -23.05
CA PRO G 35 -32.34 -71.97 -22.70
C PRO G 35 -32.76 -73.42 -22.91
N ASP G 36 -31.75 -74.27 -23.05
CA ASP G 36 -31.96 -75.71 -23.25
C ASP G 36 -32.16 -76.36 -21.89
N LEU G 37 -33.43 -76.58 -21.53
CA LEU G 37 -33.72 -77.16 -20.22
C LEU G 37 -33.21 -78.59 -20.11
N GLY G 38 -33.13 -79.30 -21.24
CA GLY G 38 -32.67 -80.68 -21.20
C GLY G 38 -31.18 -80.81 -21.04
N SER G 39 -30.43 -79.76 -21.35
CA SER G 39 -28.98 -79.83 -21.30
C SER G 39 -28.52 -80.15 -19.87
N ALA G 40 -27.46 -80.95 -19.78
CA ALA G 40 -26.93 -81.32 -18.47
C ALA G 40 -26.41 -80.10 -17.72
N LEU G 41 -25.76 -79.18 -18.43
CA LEU G 41 -25.23 -77.98 -17.79
C LEU G 41 -26.35 -77.19 -17.12
N TYR G 42 -27.47 -77.00 -17.83
CA TYR G 42 -28.59 -76.28 -17.24
C TYR G 42 -29.15 -77.02 -16.02
N GLN G 43 -29.26 -78.34 -16.12
CA GLN G 43 -29.76 -79.12 -14.98
C GLN G 43 -28.85 -78.97 -13.78
N GLU G 44 -27.54 -79.06 -13.99
CA GLU G 44 -26.60 -78.91 -12.89
C GLU G 44 -26.63 -77.51 -12.30
N ASN G 45 -26.65 -76.49 -13.17
CA ASN G 45 -26.66 -75.11 -12.69
C ASN G 45 -27.90 -74.81 -11.88
N TYR G 46 -29.07 -75.26 -12.36
CA TYR G 46 -30.31 -75.03 -11.63
C TYR G 46 -30.26 -75.69 -10.25
N LYS G 47 -29.75 -76.93 -10.19
CA LYS G 47 -29.71 -77.64 -8.92
C LYS G 47 -28.83 -76.92 -7.91
N GLN G 48 -27.65 -76.46 -8.34
CA GLN G 48 -26.72 -75.80 -7.43
C GLN G 48 -27.29 -74.47 -6.95
N MET G 49 -27.78 -73.64 -7.88
CA MET G 49 -28.32 -72.33 -7.50
C MET G 49 -29.54 -72.50 -6.60
N LYS G 50 -30.41 -73.45 -6.90
CA LYS G 50 -31.58 -73.68 -6.06
C LYS G 50 -31.18 -74.01 -4.64
N ALA G 51 -30.15 -74.82 -4.46
CA ALA G 51 -29.67 -75.15 -3.12
C ALA G 51 -29.21 -73.90 -2.38
N LEU G 52 -28.51 -73.01 -3.07
CA LEU G 52 -28.05 -71.78 -2.44
C LEU G 52 -29.23 -70.92 -1.99
N VAL G 53 -30.27 -70.84 -2.82
CA VAL G 53 -31.43 -70.04 -2.47
C VAL G 53 -32.15 -70.64 -1.27
N ASN G 54 -32.30 -71.97 -1.24
CA ASN G 54 -32.93 -72.63 -0.11
C ASN G 54 -32.14 -72.37 1.17
N GLN G 55 -30.81 -72.42 1.09
CA GLN G 55 -29.99 -72.11 2.24
C GLN G 55 -30.22 -70.68 2.70
N LEU G 56 -30.31 -69.73 1.76
CA LEU G 56 -30.56 -68.34 2.13
C LEU G 56 -31.92 -68.18 2.81
N HIS G 57 -32.95 -68.85 2.28
CA HIS G 57 -34.29 -68.68 2.82
C HIS G 57 -34.39 -69.15 4.26
N GLU G 58 -33.87 -70.34 4.56
CA GLU G 58 -34.03 -70.90 5.89
C GLU G 58 -33.23 -70.12 6.93
N ARG G 59 -32.05 -69.62 6.54
CA ARG G 59 -31.28 -68.81 7.49
C ARG G 59 -32.01 -67.54 7.85
N VAL G 60 -32.69 -66.91 6.89
CA VAL G 60 -33.48 -65.73 7.20
C VAL G 60 -34.62 -66.09 8.15
N GLU G 61 -35.20 -67.29 7.97
CA GLU G 61 -36.25 -67.73 8.88
C GLU G 61 -35.77 -67.73 10.32
N HIS G 62 -34.54 -68.24 10.55
CA HIS G 62 -33.99 -68.22 11.90
C HIS G 62 -33.76 -66.80 12.38
N ILE G 63 -33.23 -65.93 11.52
CA ILE G 63 -33.02 -64.53 11.89
C ILE G 63 -34.34 -63.83 12.17
N LYS G 64 -35.41 -64.29 11.50
CA LYS G 64 -36.73 -63.69 11.72
C LYS G 64 -37.15 -63.80 13.18
N LEU G 65 -36.66 -64.81 13.89
CA LEU G 65 -37.09 -65.05 15.26
C LEU G 65 -36.35 -64.20 16.29
N GLY G 66 -35.33 -63.46 15.89
CA GLY G 66 -34.66 -62.56 16.82
C GLY G 66 -34.04 -63.29 17.99
N GLY G 67 -34.28 -62.77 19.20
CA GLY G 67 -33.61 -63.29 20.38
C GLY G 67 -33.98 -64.73 20.68
N GLY G 68 -35.24 -65.09 20.49
CA GLY G 68 -35.68 -66.44 20.78
C GLY G 68 -37.03 -66.52 21.45
N GLU G 69 -37.48 -67.74 21.73
CA GLU G 69 -38.81 -67.91 22.32
C GLU G 69 -38.90 -67.30 23.71
N LYS G 70 -37.88 -67.53 24.53
CA LYS G 70 -37.91 -66.98 25.89
C LYS G 70 -37.91 -65.46 25.86
N ALA G 71 -37.04 -64.86 25.06
CA ALA G 71 -37.01 -63.40 24.96
C ALA G 71 -38.30 -62.86 24.35
N ARG G 72 -38.83 -63.55 23.33
CA ARG G 72 -40.06 -63.10 22.71
C ARG G 72 -41.24 -63.19 23.67
N ALA G 73 -41.32 -64.27 24.45
CA ALA G 73 -42.38 -64.40 25.43
C ALA G 73 -42.29 -63.29 26.47
N LEU G 74 -41.09 -63.00 26.96
CA LEU G 74 -40.92 -61.90 27.91
C LEU G 74 -41.33 -60.58 27.28
N HIS G 75 -40.94 -60.35 26.03
CA HIS G 75 -41.29 -59.11 25.36
C HIS G 75 -42.80 -58.91 25.28
N ILE G 76 -43.54 -59.95 24.89
CA ILE G 76 -44.98 -59.84 24.78
C ILE G 76 -45.62 -59.69 26.15
N SER G 77 -45.06 -60.36 27.16
CA SER G 77 -45.62 -60.32 28.50
C SER G 77 -45.71 -58.90 29.04
N ARG G 78 -44.88 -57.98 28.55
CA ARG G 78 -44.92 -56.58 28.96
C ARG G 78 -45.92 -55.77 28.16
N GLY G 79 -46.71 -56.41 27.29
CA GLY G 79 -47.68 -55.72 26.48
C GLY G 79 -47.13 -55.08 25.24
N LYS G 80 -45.85 -55.27 24.93
CA LYS G 80 -45.22 -54.65 23.78
C LYS G 80 -45.36 -55.54 22.54
N LEU G 81 -45.48 -54.90 21.39
CA LEU G 81 -45.50 -55.64 20.14
C LEU G 81 -44.09 -56.10 19.76
N LEU G 82 -44.03 -57.20 19.01
CA LEU G 82 -42.74 -57.65 18.50
C LEU G 82 -42.24 -56.68 17.45
N PRO G 83 -40.91 -56.53 17.32
CA PRO G 83 -40.39 -55.49 16.43
C PRO G 83 -40.90 -55.56 15.01
N ARG G 84 -41.05 -56.78 14.46
CA ARG G 84 -41.49 -56.90 13.08
C ARG G 84 -42.99 -56.69 12.96
N GLU G 85 -43.74 -56.99 14.01
CA GLU G 85 -45.18 -56.69 13.99
C GLU G 85 -45.42 -55.18 14.02
N ARG G 86 -44.53 -54.44 14.66
CA ARG G 86 -44.66 -52.98 14.65
C ARG G 86 -44.54 -52.44 13.23
N ILE G 87 -43.58 -52.94 12.46
CA ILE G 87 -43.41 -52.47 11.08
C ILE G 87 -44.63 -52.85 10.25
N ASP G 88 -45.14 -54.07 10.43
CA ASP G 88 -46.31 -54.49 9.69
C ASP G 88 -47.49 -53.54 9.93
N ASN G 89 -47.68 -53.11 11.18
CA ASN G 89 -48.78 -52.22 11.49
C ASN G 89 -48.48 -50.79 11.04
N LEU G 90 -47.21 -50.42 10.96
CA LEU G 90 -46.85 -49.07 10.60
C LEU G 90 -47.07 -48.81 9.11
N ILE G 91 -46.67 -49.75 8.25
CA ILE G 91 -46.70 -49.49 6.82
C ILE G 91 -48.12 -49.68 6.28
N ASP G 92 -48.32 -49.20 5.06
CA ASP G 92 -49.64 -49.26 4.44
C ASP G 92 -50.05 -50.72 4.24
N PRO G 93 -51.34 -51.03 4.36
CA PRO G 93 -51.77 -52.43 4.26
C PRO G 93 -51.40 -53.04 2.92
N GLY G 94 -50.69 -54.17 2.98
CA GLY G 94 -50.32 -54.92 1.79
C GLY G 94 -49.15 -54.38 1.02
N SER G 95 -48.54 -53.27 1.46
CA SER G 95 -47.43 -52.70 0.73
C SER G 95 -46.17 -53.55 0.94
N PRO G 96 -45.33 -53.69 -0.09
CA PRO G 96 -44.08 -54.41 0.09
C PRO G 96 -43.12 -53.63 0.98
N PHE G 97 -42.27 -54.38 1.68
CA PHE G 97 -41.28 -53.80 2.58
C PHE G 97 -39.89 -54.26 2.15
N LEU G 98 -39.01 -53.31 1.89
CA LEU G 98 -37.66 -53.60 1.42
C LEU G 98 -36.72 -53.57 2.61
N GLU G 99 -36.54 -54.71 3.26
CA GLU G 99 -35.60 -54.80 4.37
C GLU G 99 -34.17 -54.78 3.86
N LEU G 100 -33.27 -54.24 4.69
CA LEU G 100 -31.87 -54.08 4.33
C LEU G 100 -30.97 -54.75 5.35
N SER G 101 -29.90 -55.36 4.87
CA SER G 101 -28.86 -55.94 5.72
C SER G 101 -29.46 -56.92 6.74
N GLN G 102 -30.19 -57.90 6.22
CA GLN G 102 -30.77 -58.91 7.10
C GLN G 102 -29.71 -59.74 7.80
N PHE G 103 -28.54 -59.89 7.19
CA PHE G 103 -27.50 -60.78 7.70
C PHE G 103 -26.41 -60.05 8.48
N ALA G 104 -26.63 -58.79 8.85
CA ALA G 104 -25.65 -58.09 9.64
C ALA G 104 -25.42 -58.81 10.97
N GLY G 105 -24.15 -59.00 11.31
CA GLY G 105 -23.78 -59.70 12.52
C GLY G 105 -23.89 -61.20 12.46
N TYR G 106 -24.12 -61.78 11.28
CA TYR G 106 -24.18 -63.23 11.13
C TYR G 106 -22.81 -63.81 11.36
N GLN G 107 -22.62 -64.49 12.49
CA GLN G 107 -21.36 -65.10 12.87
C GLN G 107 -20.23 -64.08 12.96
N LEU G 108 -20.56 -62.81 13.20
CA LEU G 108 -19.53 -61.78 13.29
C LEU G 108 -18.76 -61.87 14.60
N TYR G 109 -19.44 -62.21 15.69
CA TYR G 109 -18.83 -62.29 17.01
C TYR G 109 -18.72 -63.74 17.44
N ASP G 110 -17.63 -64.05 18.16
CA ASP G 110 -17.20 -65.44 18.30
C ASP G 110 -18.28 -66.32 18.91
N ASN G 111 -18.82 -65.92 20.05
CA ASN G 111 -19.77 -66.75 20.79
C ASN G 111 -21.11 -66.09 21.01
N GLU G 112 -21.32 -64.89 20.47
CA GLU G 112 -22.57 -64.16 20.64
C GLU G 112 -23.35 -64.17 19.34
N GLU G 113 -24.62 -64.53 19.42
CA GLU G 113 -25.53 -64.50 18.28
C GLU G 113 -26.34 -63.22 18.33
N VAL G 114 -26.25 -62.41 17.28
CA VAL G 114 -26.93 -61.12 17.22
C VAL G 114 -27.74 -61.08 15.94
N PRO G 115 -28.89 -61.74 15.89
CA PRO G 115 -29.67 -61.80 14.65
C PRO G 115 -30.00 -60.41 14.13
N GLY G 116 -29.68 -60.18 12.86
CA GLY G 116 -29.94 -58.91 12.22
C GLY G 116 -29.18 -57.74 12.79
N GLY G 117 -28.19 -57.97 13.63
CA GLY G 117 -27.46 -56.90 14.27
C GLY G 117 -28.18 -56.23 15.42
N GLY G 118 -29.32 -56.77 15.85
CA GLY G 118 -30.10 -56.15 16.89
C GLY G 118 -30.96 -54.99 16.44
N ILE G 119 -31.11 -54.80 15.13
CA ILE G 119 -31.87 -53.68 14.58
C ILE G 119 -32.43 -54.09 13.23
N ILE G 120 -33.63 -53.57 12.92
CA ILE G 120 -34.31 -53.86 11.66
C ILE G 120 -34.46 -52.54 10.92
N THR G 121 -33.95 -52.50 9.69
CA THR G 121 -34.02 -51.32 8.84
C THR G 121 -34.55 -51.70 7.47
N GLY G 122 -35.32 -50.80 6.86
CA GLY G 122 -35.88 -51.05 5.56
C GLY G 122 -36.67 -49.85 5.09
N ILE G 123 -37.18 -49.95 3.86
CA ILE G 123 -37.93 -48.89 3.21
C ILE G 123 -39.35 -49.40 2.96
N GLY G 124 -40.33 -48.63 3.42
CA GLY G 124 -41.72 -48.96 3.19
C GLY G 124 -42.54 -47.71 2.98
N ARG G 125 -43.82 -47.91 2.68
CA ARG G 125 -44.72 -46.81 2.43
C ARG G 125 -45.60 -46.56 3.64
N VAL G 126 -45.57 -45.34 4.16
CA VAL G 126 -46.40 -44.91 5.28
C VAL G 126 -47.24 -43.74 4.81
N SER G 127 -48.56 -43.90 4.85
CA SER G 127 -49.47 -42.86 4.40
C SER G 127 -49.15 -42.44 2.97
N GLY G 128 -48.74 -43.39 2.15
CA GLY G 128 -48.42 -43.14 0.76
C GLY G 128 -47.07 -42.50 0.52
N VAL G 129 -46.22 -42.39 1.53
CA VAL G 129 -44.91 -41.78 1.42
C VAL G 129 -43.85 -42.82 1.72
N GLU G 130 -42.83 -42.89 0.87
CA GLU G 130 -41.74 -43.82 1.09
C GLU G 130 -40.85 -43.31 2.22
N CYS G 131 -40.72 -44.12 3.27
CA CYS G 131 -39.99 -43.72 4.46
C CYS G 131 -38.98 -44.79 4.83
N MET G 132 -37.92 -44.37 5.52
CA MET G 132 -36.92 -45.29 6.04
C MET G 132 -37.24 -45.57 7.51
N ILE G 133 -37.37 -46.85 7.85
CA ILE G 133 -37.81 -47.29 9.17
C ILE G 133 -36.61 -47.93 9.87
N ILE G 134 -36.34 -47.47 11.09
CA ILE G 134 -35.23 -47.96 11.91
C ILE G 134 -35.80 -48.36 13.25
N ALA G 135 -35.88 -49.67 13.50
CA ALA G 135 -36.47 -50.21 14.72
C ALA G 135 -35.46 -51.06 15.46
N ASN G 136 -35.27 -50.77 16.75
CA ASN G 136 -34.44 -51.61 17.60
C ASN G 136 -35.17 -52.90 17.94
N ASP G 137 -34.40 -53.99 18.02
CA ASP G 137 -34.96 -55.30 18.36
C ASP G 137 -34.61 -55.59 19.82
N ALA G 138 -35.57 -55.30 20.72
CA ALA G 138 -35.33 -55.47 22.14
C ALA G 138 -35.12 -56.93 22.54
N THR G 139 -35.57 -57.88 21.72
CA THR G 139 -35.40 -59.29 22.08
C THR G 139 -33.95 -59.72 21.96
N VAL G 140 -33.15 -59.01 21.15
CA VAL G 140 -31.76 -59.37 20.91
C VAL G 140 -30.88 -58.60 21.89
N LYS G 141 -30.34 -59.32 22.88
CA LYS G 141 -29.42 -58.73 23.85
C LYS G 141 -30.04 -57.49 24.51
N GLY G 142 -31.35 -57.53 24.72
CA GLY G 142 -32.03 -56.41 25.32
C GLY G 142 -31.92 -55.11 24.55
N GLY G 143 -31.65 -55.18 23.25
CA GLY G 143 -31.54 -53.99 22.44
C GLY G 143 -30.23 -53.24 22.56
N ALA G 144 -29.18 -53.90 23.03
CA ALA G 144 -27.89 -53.23 23.15
C ALA G 144 -27.31 -52.93 21.77
N TYR G 145 -26.45 -51.93 21.72
CA TYR G 145 -25.83 -51.49 20.46
C TYR G 145 -24.45 -52.13 20.32
N TYR G 146 -24.36 -53.18 19.51
CA TYR G 146 -23.08 -53.74 19.13
C TYR G 146 -22.45 -52.91 18.04
N PRO G 147 -21.14 -53.06 17.81
CA PRO G 147 -20.50 -52.25 16.77
C PRO G 147 -21.16 -52.38 15.41
N VAL G 148 -21.64 -53.58 15.06
CA VAL G 148 -22.35 -53.75 13.79
C VAL G 148 -23.69 -53.00 13.83
N THR G 149 -24.32 -52.96 15.01
CA THR G 149 -25.60 -52.26 15.13
C THR G 149 -25.47 -50.80 14.73
N VAL G 150 -24.41 -50.13 15.20
CA VAL G 150 -24.18 -48.74 14.82
C VAL G 150 -23.96 -48.61 13.32
N LYS G 151 -23.15 -49.50 12.75
CA LYS G 151 -22.86 -49.42 11.32
C LYS G 151 -24.12 -49.61 10.49
N LYS G 152 -24.97 -50.57 10.87
CA LYS G 152 -26.20 -50.79 10.12
C LYS G 152 -27.11 -49.56 10.19
N GLN G 153 -27.24 -48.96 11.37
CA GLN G 153 -28.05 -47.75 11.49
C GLN G 153 -27.49 -46.60 10.66
N LEU G 154 -26.15 -46.41 10.71
CA LEU G 154 -25.54 -45.33 9.95
C LEU G 154 -25.75 -45.52 8.45
N ARG G 155 -25.68 -46.77 7.98
CA ARG G 155 -25.96 -47.03 6.57
C ARG G 155 -27.41 -46.68 6.23
N ALA G 156 -28.35 -47.01 7.13
CA ALA G 156 -29.74 -46.67 6.89
C ALA G 156 -29.94 -45.16 6.84
N GLN G 157 -29.30 -44.42 7.74
CA GLN G 157 -29.40 -42.96 7.71
C GLN G 157 -28.78 -42.41 6.43
N GLU G 158 -27.66 -42.98 6.00
CA GLU G 158 -27.04 -42.52 4.77
C GLU G 158 -27.96 -42.70 3.58
N ILE G 159 -28.66 -43.84 3.51
CA ILE G 159 -29.59 -44.08 2.40
C ILE G 159 -30.71 -43.05 2.43
N ALA G 160 -31.26 -42.77 3.62
CA ALA G 160 -32.36 -41.82 3.71
C ALA G 160 -31.93 -40.42 3.27
N MET G 161 -30.74 -39.99 3.69
CA MET G 161 -30.28 -38.65 3.34
C MET G 161 -30.08 -38.52 1.83
N GLN G 162 -29.49 -39.52 1.19
CA GLN G 162 -29.20 -39.41 -0.23
C GLN G 162 -30.48 -39.41 -1.06
N ASN G 163 -31.51 -40.12 -0.58
CA ASN G 163 -32.76 -40.24 -1.32
C ASN G 163 -33.88 -39.39 -0.74
N ARG G 164 -33.59 -38.58 0.28
CA ARG G 164 -34.58 -37.71 0.90
C ARG G 164 -35.79 -38.51 1.39
N LEU G 165 -35.51 -39.52 2.18
CA LEU G 165 -36.59 -40.33 2.73
C LEU G 165 -36.80 -39.99 4.19
N PRO G 166 -38.03 -39.66 4.61
CA PRO G 166 -38.27 -39.40 6.04
C PRO G 166 -37.87 -40.61 6.88
N CYS G 167 -37.29 -40.33 8.05
CA CYS G 167 -36.77 -41.36 8.93
C CYS G 167 -37.71 -41.55 10.11
N ILE G 168 -38.07 -42.79 10.39
CA ILE G 168 -38.93 -43.16 11.51
C ILE G 168 -38.13 -44.09 12.42
N TYR G 169 -37.94 -43.69 13.67
CA TYR G 169 -37.17 -44.46 14.64
C TYR G 169 -38.13 -45.07 15.64
N LEU G 170 -38.22 -46.40 15.65
CA LEU G 170 -38.96 -47.13 16.67
C LEU G 170 -37.98 -47.50 17.77
N VAL G 171 -37.87 -46.63 18.77
CA VAL G 171 -36.78 -46.70 19.74
C VAL G 171 -37.17 -47.64 20.87
N ASP G 172 -36.43 -48.74 20.97
CA ASP G 172 -36.46 -49.63 22.13
C ASP G 172 -35.08 -50.23 22.31
N SER G 173 -34.25 -49.60 23.15
CA SER G 173 -32.83 -49.91 23.19
C SER G 173 -32.33 -49.97 24.63
N GLY G 174 -31.24 -50.69 24.82
CA GLY G 174 -30.57 -50.82 26.11
C GLY G 174 -29.24 -50.12 26.21
N GLY G 175 -28.90 -49.23 25.28
CA GLY G 175 -27.64 -48.52 25.32
C GLY G 175 -26.51 -49.28 24.66
N ALA G 176 -25.32 -48.71 24.82
CA ALA G 176 -24.12 -49.27 24.17
C ALA G 176 -23.66 -50.54 24.89
N TYR G 177 -23.00 -51.41 24.14
CA TYR G 177 -22.44 -52.64 24.69
C TYR G 177 -21.06 -52.34 25.25
N LEU G 178 -20.96 -52.29 26.57
CA LEU G 178 -19.72 -51.83 27.21
C LEU G 178 -18.50 -52.66 26.84
N PRO G 179 -18.56 -53.98 26.77
CA PRO G 179 -17.33 -54.75 26.48
C PRO G 179 -16.67 -54.35 25.16
N ARG G 180 -17.39 -53.69 24.27
CA ARG G 180 -16.86 -53.26 22.98
C ARG G 180 -17.06 -51.76 22.78
N GLN G 181 -16.91 -50.99 23.86
CA GLN G 181 -17.16 -49.56 23.79
C GLN G 181 -16.20 -48.86 22.84
N ALA G 182 -14.94 -49.34 22.80
CA ALA G 182 -13.94 -48.69 21.95
C ALA G 182 -14.34 -48.69 20.48
N ASP G 183 -15.21 -49.60 20.06
CA ASP G 183 -15.67 -49.68 18.68
C ASP G 183 -17.08 -49.12 18.51
N VAL G 184 -17.60 -48.40 19.49
CA VAL G 184 -18.96 -47.87 19.44
C VAL G 184 -18.97 -46.37 19.65
N PHE G 185 -18.29 -45.90 20.70
CA PHE G 185 -18.35 -44.52 21.15
C PHE G 185 -17.50 -43.53 20.36
N PRO G 186 -16.18 -43.77 20.26
CA PRO G 186 -15.26 -42.64 20.04
C PRO G 186 -15.24 -42.06 18.63
N ASP G 187 -15.18 -42.90 17.60
CA ASP G 187 -14.73 -42.45 16.30
C ASP G 187 -15.84 -41.69 15.55
N ARG G 188 -15.48 -41.17 14.38
CA ARG G 188 -16.44 -40.40 13.60
C ARG G 188 -17.64 -41.23 13.17
N ASP G 189 -17.39 -42.46 12.71
CA ASP G 189 -18.47 -43.35 12.28
C ASP G 189 -18.98 -44.21 13.42
N HIS G 190 -18.83 -43.75 14.64
CA HIS G 190 -19.33 -44.45 15.82
C HIS G 190 -20.65 -43.83 16.26
N PHE G 191 -21.14 -44.24 17.42
CA PHE G 191 -22.51 -43.91 17.82
C PHE G 191 -22.79 -42.42 17.72
N GLY G 192 -21.83 -41.56 18.05
CA GLY G 192 -22.07 -40.14 18.01
C GLY G 192 -22.55 -39.65 16.66
N ARG G 193 -22.14 -40.32 15.58
CA ARG G 193 -22.54 -39.90 14.25
C ARG G 193 -24.04 -40.01 14.02
N THR G 194 -24.73 -40.83 14.82
CA THR G 194 -26.17 -41.00 14.64
C THR G 194 -26.91 -39.68 14.86
N PHE G 195 -26.55 -38.96 15.92
CA PHE G 195 -27.19 -37.68 16.20
C PHE G 195 -26.79 -36.63 15.18
N TYR G 196 -25.55 -36.67 14.72
CA TYR G 196 -25.11 -35.75 13.67
C TYR G 196 -25.95 -35.91 12.42
N ASN G 197 -26.25 -37.16 12.03
CA ASN G 197 -27.07 -37.39 10.85
C ASN G 197 -28.48 -36.83 11.05
N GLN G 198 -29.05 -37.02 12.23
CA GLN G 198 -30.39 -36.50 12.49
C GLN G 198 -30.43 -34.98 12.34
N ALA G 199 -29.46 -34.27 12.91
CA ALA G 199 -29.45 -32.82 12.82
C ALA G 199 -29.30 -32.35 11.38
N ILE G 200 -28.42 -32.99 10.61
CA ILE G 200 -28.20 -32.57 9.23
C ILE G 200 -29.45 -32.82 8.40
N MET G 201 -30.06 -34.01 8.54
CA MET G 201 -31.28 -34.30 7.80
C MET G 201 -32.38 -33.33 8.16
N SER G 202 -32.50 -32.98 9.43
CA SER G 202 -33.53 -32.03 9.85
C SER G 202 -33.32 -30.68 9.17
N SER G 203 -32.07 -30.22 9.07
CA SER G 203 -31.80 -28.92 8.46
C SER G 203 -32.14 -28.91 6.98
N LYS G 204 -32.26 -30.08 6.36
CA LYS G 204 -32.61 -30.19 4.95
C LYS G 204 -34.07 -30.51 4.72
N ASN G 205 -34.90 -30.46 5.77
CA ASN G 205 -36.32 -30.70 5.67
C ASN G 205 -36.64 -32.17 5.37
N ILE G 206 -35.79 -33.07 5.84
CA ILE G 206 -36.05 -34.51 5.80
C ILE G 206 -36.57 -34.90 7.18
N ALA G 207 -37.86 -35.15 7.28
CA ALA G 207 -38.51 -35.28 8.58
C ALA G 207 -37.87 -36.40 9.40
N GLN G 208 -37.68 -36.13 10.69
CA GLN G 208 -37.20 -37.12 11.65
C GLN G 208 -38.29 -37.33 12.68
N ILE G 209 -38.78 -38.57 12.78
CA ILE G 209 -39.86 -38.92 13.70
C ILE G 209 -39.37 -40.05 14.59
N ALA G 210 -39.50 -39.86 15.90
CA ALA G 210 -39.07 -40.84 16.88
C ALA G 210 -40.28 -41.37 17.64
N VAL G 211 -40.38 -42.69 17.73
CA VAL G 211 -41.45 -43.36 18.47
C VAL G 211 -40.81 -44.14 19.59
N VAL G 212 -40.90 -43.61 20.81
CA VAL G 212 -40.30 -44.25 21.99
C VAL G 212 -41.27 -45.32 22.46
N MET G 213 -41.00 -46.57 22.10
CA MET G 213 -41.84 -47.70 22.46
C MET G 213 -41.17 -48.56 23.54
N GLY G 214 -40.26 -47.96 24.29
CA GLY G 214 -39.53 -48.69 25.30
C GLY G 214 -38.56 -47.78 26.02
N SER G 215 -37.53 -48.40 26.61
CA SER G 215 -36.53 -47.65 27.35
C SER G 215 -35.46 -47.12 26.40
N CYS G 216 -35.03 -45.88 26.65
CA CYS G 216 -33.90 -45.27 25.96
C CYS G 216 -33.09 -44.51 26.99
N THR G 217 -31.80 -44.82 27.08
CA THR G 217 -30.94 -44.33 28.15
C THR G 217 -29.65 -43.78 27.58
N ALA G 218 -29.07 -42.80 28.28
CA ALA G 218 -27.80 -42.19 27.91
C ALA G 218 -27.95 -41.63 26.49
N GLY G 219 -27.17 -42.09 25.51
CA GLY G 219 -27.31 -41.57 24.17
C GLY G 219 -28.69 -41.79 23.59
N GLY G 220 -29.32 -42.90 23.95
CA GLY G 220 -30.64 -43.19 23.41
C GLY G 220 -31.65 -42.09 23.68
N ALA G 221 -31.57 -41.47 24.86
CA ALA G 221 -32.50 -40.40 25.19
C ALA G 221 -32.38 -39.22 24.23
N TYR G 222 -31.24 -39.08 23.55
CA TYR G 222 -31.06 -37.98 22.62
C TYR G 222 -31.91 -38.17 21.36
N VAL G 223 -32.11 -39.42 20.95
CA VAL G 223 -32.85 -39.67 19.71
C VAL G 223 -34.24 -39.03 19.74
N PRO G 224 -35.08 -39.25 20.75
CA PRO G 224 -36.36 -38.54 20.81
C PRO G 224 -36.19 -37.02 20.91
N ALA G 225 -35.11 -36.57 21.57
CA ALA G 225 -34.90 -35.14 21.71
C ALA G 225 -34.49 -34.50 20.40
N MET G 226 -33.73 -35.21 19.57
CA MET G 226 -33.26 -34.68 18.31
C MET G 226 -34.31 -34.71 17.21
N ALA G 227 -35.42 -35.43 17.42
CA ALA G 227 -36.41 -35.59 16.38
C ALA G 227 -37.27 -34.33 16.23
N ASP G 228 -37.80 -34.14 15.02
CA ASP G 228 -38.71 -33.02 14.79
C ASP G 228 -40.02 -33.22 15.52
N GLU G 229 -40.60 -34.42 15.44
CA GLU G 229 -41.80 -34.78 16.17
C GLU G 229 -41.55 -36.09 16.88
N ASN G 230 -42.11 -36.24 18.08
CA ASN G 230 -41.76 -37.34 18.97
C ASN G 230 -43.04 -37.93 19.56
N ILE G 231 -43.08 -39.26 19.64
CA ILE G 231 -44.20 -40.00 20.21
C ILE G 231 -43.66 -40.97 21.24
N ILE G 232 -44.29 -40.99 22.42
CA ILE G 232 -43.86 -41.83 23.53
C ILE G 232 -45.08 -42.58 24.07
N VAL G 233 -44.90 -43.87 24.33
CA VAL G 233 -45.95 -44.69 24.90
C VAL G 233 -46.07 -44.40 26.38
N ARG G 234 -47.28 -44.61 26.93
CA ARG G 234 -47.60 -44.08 28.25
C ARG G 234 -46.67 -44.65 29.33
N LYS G 235 -46.53 -45.98 29.38
CA LYS G 235 -45.72 -46.59 30.42
C LYS G 235 -44.47 -47.30 29.92
N GLN G 236 -44.50 -47.82 28.69
CA GLN G 236 -43.31 -48.50 28.17
C GLN G 236 -42.15 -47.53 27.96
N GLY G 237 -42.44 -46.33 27.43
CA GLY G 237 -41.40 -45.40 27.08
C GLY G 237 -40.76 -44.69 28.26
N THR G 238 -39.44 -44.73 28.34
CA THR G 238 -38.68 -44.03 29.36
C THR G 238 -37.51 -43.31 28.71
N ILE G 239 -37.31 -42.05 29.07
CA ILE G 239 -36.24 -41.23 28.52
C ILE G 239 -35.52 -40.54 29.67
N PHE G 240 -34.20 -40.73 29.76
CA PHE G 240 -33.39 -40.08 30.82
C PHE G 240 -31.92 -40.08 30.42
N LEU G 241 -31.25 -38.93 30.49
CA LEU G 241 -29.82 -38.89 30.20
C LEU G 241 -29.06 -39.85 31.10
N ALA G 242 -29.37 -39.86 32.39
CA ALA G 242 -28.75 -40.75 33.36
C ALA G 242 -29.80 -41.69 33.91
N GLY G 243 -29.52 -43.00 33.84
CA GLY G 243 -30.43 -43.99 34.34
C GLY G 243 -30.49 -44.00 35.85
N PRO G 244 -31.47 -44.70 36.39
CA PRO G 244 -31.62 -44.80 37.84
C PRO G 244 -30.35 -45.31 38.49
N PRO G 245 -29.69 -46.32 37.90
CA PRO G 245 -28.44 -46.80 38.49
C PRO G 245 -27.38 -45.72 38.63
N LEU G 246 -27.25 -44.83 37.64
CA LEU G 246 -26.28 -43.75 37.76
C LEU G 246 -26.74 -42.70 38.75
N VAL G 247 -28.05 -42.43 38.80
CA VAL G 247 -28.57 -41.45 39.75
C VAL G 247 -28.27 -41.89 41.17
N LYS G 248 -28.50 -43.17 41.48
CA LYS G 248 -28.23 -43.66 42.82
C LYS G 248 -26.75 -43.54 43.16
N ALA G 249 -25.87 -43.93 42.24
CA ALA G 249 -24.43 -43.86 42.51
C ALA G 249 -23.98 -42.41 42.69
N ALA G 250 -24.47 -41.51 41.83
CA ALA G 250 -24.01 -40.12 41.88
C ALA G 250 -24.59 -39.38 43.08
N THR G 251 -25.89 -39.59 43.35
CA THR G 251 -26.58 -38.82 44.38
C THR G 251 -27.23 -39.67 45.45
N GLY G 252 -27.15 -40.99 45.35
CA GLY G 252 -27.74 -41.85 46.38
C GLY G 252 -29.23 -41.72 46.52
N GLU G 253 -29.95 -41.65 45.41
CA GLU G 253 -31.40 -41.55 45.40
C GLU G 253 -31.98 -42.72 44.62
N GLU G 254 -33.04 -43.32 45.16
CA GLU G 254 -33.72 -44.44 44.52
C GLU G 254 -35.00 -43.92 43.85
N VAL G 255 -35.05 -44.02 42.53
CA VAL G 255 -36.20 -43.59 41.75
C VAL G 255 -36.46 -44.59 40.64
N SER G 256 -37.73 -44.88 40.39
CA SER G 256 -38.10 -45.79 39.32
C SER G 256 -37.88 -45.14 37.97
N ALA G 257 -37.74 -45.99 36.94
CA ALA G 257 -37.52 -45.48 35.59
C ALA G 257 -38.70 -44.64 35.11
N GLU G 258 -39.92 -45.07 35.43
CA GLU G 258 -41.09 -44.31 35.01
C GLU G 258 -41.09 -42.91 35.62
N ASP G 259 -40.77 -42.80 36.91
CA ASP G 259 -40.74 -41.50 37.56
C ASP G 259 -39.62 -40.64 36.99
N LEU G 260 -38.43 -41.22 36.81
CA LEU G 260 -37.33 -40.47 36.22
C LEU G 260 -37.65 -40.06 34.79
N GLY G 261 -38.21 -40.98 34.01
CA GLY G 261 -38.64 -40.67 32.66
C GLY G 261 -40.14 -40.77 32.51
N GLY G 262 -40.60 -41.69 31.69
CA GLY G 262 -42.03 -41.91 31.56
C GLY G 262 -42.70 -40.92 30.65
N ALA G 263 -43.81 -41.36 30.04
CA ALA G 263 -44.54 -40.48 29.13
C ALA G 263 -45.12 -39.29 29.86
N ASP G 264 -45.71 -39.51 31.03
CA ASP G 264 -46.38 -38.42 31.75
C ASP G 264 -45.41 -37.31 32.11
N LEU G 265 -44.23 -37.65 32.62
CA LEU G 265 -43.25 -36.63 32.97
C LEU G 265 -42.84 -35.83 31.74
N HIS G 266 -42.48 -36.53 30.66
CA HIS G 266 -42.01 -35.84 29.46
C HIS G 266 -43.16 -35.18 28.72
N CYS G 267 -44.30 -35.87 28.62
CA CYS G 267 -45.44 -35.32 27.88
C CYS G 267 -45.97 -34.05 28.55
N ARG G 268 -46.10 -34.06 29.88
CA ARG G 268 -46.80 -33.00 30.59
C ARG G 268 -45.89 -32.04 31.33
N LYS G 269 -44.72 -32.48 31.78
CA LYS G 269 -43.85 -31.64 32.60
C LYS G 269 -42.55 -31.28 31.89
N SER G 270 -41.78 -32.27 31.43
CA SER G 270 -40.53 -31.98 30.75
C SER G 270 -40.79 -31.36 29.37
N GLY G 271 -41.88 -31.76 28.72
CA GLY G 271 -42.19 -31.29 27.38
C GLY G 271 -41.39 -31.95 26.28
N VAL G 272 -40.61 -32.99 26.60
CA VAL G 272 -39.83 -33.67 25.57
C VAL G 272 -40.73 -34.42 24.60
N SER G 273 -41.93 -34.78 25.04
CA SER G 273 -42.84 -35.60 24.24
C SER G 273 -43.83 -34.72 23.50
N ASP G 274 -43.99 -34.97 22.21
CA ASP G 274 -44.95 -34.20 21.41
C ASP G 274 -46.31 -34.90 21.35
N HIS G 275 -46.33 -36.22 21.42
CA HIS G 275 -47.58 -36.99 21.43
C HIS G 275 -47.51 -38.07 22.48
N TRP G 276 -48.66 -38.36 23.08
CA TRP G 276 -48.78 -39.34 24.15
C TRP G 276 -49.65 -40.49 23.67
N ALA G 277 -49.14 -41.71 23.79
CA ALA G 277 -49.79 -42.89 23.23
C ALA G 277 -50.11 -43.89 24.34
N LEU G 278 -51.27 -44.53 24.23
CA LEU G 278 -51.69 -45.50 25.23
C LEU G 278 -50.90 -46.80 25.12
N ASP G 279 -50.74 -47.32 23.90
CA ASP G 279 -50.04 -48.58 23.69
C ASP G 279 -49.32 -48.52 22.34
N ASP G 280 -48.73 -49.65 21.96
CA ASP G 280 -47.99 -49.71 20.70
C ASP G 280 -48.89 -49.46 19.51
N HIS G 281 -50.10 -50.04 19.51
CA HIS G 281 -51.01 -49.82 18.40
C HIS G 281 -51.37 -48.36 18.27
N HIS G 282 -51.64 -47.70 19.40
CA HIS G 282 -51.94 -46.27 19.35
C HIS G 282 -50.76 -45.47 18.83
N ALA G 283 -49.55 -45.80 19.29
CA ALA G 283 -48.36 -45.07 18.85
C ALA G 283 -48.17 -45.20 17.35
N LEU G 284 -48.32 -46.41 16.81
CA LEU G 284 -48.18 -46.59 15.37
C LEU G 284 -49.26 -45.85 14.61
N HIS G 285 -50.49 -45.83 15.14
CA HIS G 285 -51.56 -45.07 14.51
C HIS G 285 -51.22 -43.58 14.48
N LEU G 286 -50.69 -43.06 15.58
CA LEU G 286 -50.28 -41.66 15.62
C LEU G 286 -49.16 -41.38 14.62
N THR G 287 -48.21 -42.31 14.51
CA THR G 287 -47.10 -42.10 13.58
C THR G 287 -47.60 -41.92 12.16
N ARG G 288 -48.60 -42.70 11.74
CA ARG G 288 -49.13 -42.56 10.40
C ARG G 288 -49.77 -41.19 10.19
N LYS G 289 -50.42 -40.66 11.23
CA LYS G 289 -50.99 -39.31 11.13
C LYS G 289 -49.90 -38.26 10.97
N VAL G 290 -48.78 -38.43 11.69
CA VAL G 290 -47.71 -37.45 11.61
C VAL G 290 -47.14 -37.38 10.20
N VAL G 291 -46.93 -38.55 9.58
CA VAL G 291 -46.37 -38.57 8.23
C VAL G 291 -47.33 -37.92 7.24
N ARG G 292 -48.64 -38.10 7.45
CA ARG G 292 -49.61 -37.51 6.53
C ARG G 292 -49.62 -36.00 6.57
N ASN G 293 -49.06 -35.39 7.63
CA ASN G 293 -49.05 -33.95 7.78
C ASN G 293 -47.73 -33.32 7.34
N LEU G 294 -46.85 -34.11 6.71
CA LEU G 294 -45.57 -33.61 6.24
C LEU G 294 -45.69 -32.65 5.07
N ASN G 295 -46.84 -32.63 4.39
CA ASN G 295 -47.06 -31.73 3.26
C ASN G 295 -46.04 -31.99 2.15
N TYR G 296 -45.80 -33.26 1.87
CA TYR G 296 -44.84 -33.69 0.85
C TYR G 296 -45.57 -34.41 -0.27
N GLN G 297 -45.18 -34.12 -1.51
CA GLN G 297 -45.70 -34.82 -2.68
C GLN G 297 -44.52 -35.19 -3.56
N LYS G 298 -44.46 -36.45 -3.99
CA LYS G 298 -43.35 -36.93 -4.78
C LYS G 298 -43.45 -36.41 -6.21
N LYS G 299 -42.34 -35.91 -6.74
CA LYS G 299 -42.25 -35.42 -8.11
C LYS G 299 -41.12 -36.16 -8.82
N LEU G 300 -41.37 -36.55 -10.07
CA LEU G 300 -40.43 -37.32 -10.86
C LEU G 300 -39.73 -36.42 -11.87
N ASP G 301 -38.40 -36.55 -11.95
CA ASP G 301 -37.60 -35.81 -12.92
C ASP G 301 -37.40 -36.57 -14.22
N VAL G 302 -37.83 -37.83 -14.30
CA VAL G 302 -37.54 -38.69 -15.43
C VAL G 302 -38.82 -38.98 -16.20
N THR G 303 -38.67 -39.23 -17.49
CA THR G 303 -39.79 -39.65 -18.31
C THR G 303 -40.24 -41.05 -17.90
N ILE G 304 -41.54 -41.30 -18.06
CA ILE G 304 -42.14 -42.55 -17.62
C ILE G 304 -42.92 -43.16 -18.78
N GLU G 305 -42.87 -44.47 -18.89
CA GLU G 305 -43.62 -45.24 -19.87
C GLU G 305 -44.31 -46.40 -19.17
N PRO G 306 -45.41 -46.90 -19.73
CA PRO G 306 -46.13 -47.99 -19.08
C PRO G 306 -45.24 -49.21 -18.89
N SER G 307 -45.42 -49.87 -17.76
CA SER G 307 -44.57 -51.01 -17.41
C SER G 307 -44.95 -52.24 -18.22
N GLU G 308 -44.00 -53.16 -18.36
CA GLU G 308 -44.21 -54.44 -19.01
C GLU G 308 -43.34 -55.49 -18.35
N GLU G 309 -43.85 -56.71 -18.28
CA GLU G 309 -43.08 -57.80 -17.70
C GLU G 309 -42.06 -58.32 -18.70
N PRO G 310 -40.95 -58.85 -18.22
CA PRO G 310 -39.96 -59.44 -19.13
C PRO G 310 -40.54 -60.64 -19.85
N LEU G 311 -40.01 -60.89 -21.05
CA LEU G 311 -40.53 -61.95 -21.91
C LEU G 311 -40.07 -63.34 -21.49
N PHE G 312 -39.20 -63.45 -20.49
CA PHE G 312 -38.69 -64.74 -20.07
C PHE G 312 -38.83 -64.89 -18.56
N PRO G 313 -39.06 -66.11 -18.07
CA PRO G 313 -39.19 -66.32 -16.64
C PRO G 313 -37.90 -65.99 -15.89
N ALA G 314 -38.07 -65.50 -14.66
CA ALA G 314 -36.91 -65.13 -13.85
C ALA G 314 -36.19 -66.36 -13.31
N ASP G 315 -36.94 -67.41 -12.95
CA ASP G 315 -36.32 -68.57 -12.34
C ASP G 315 -35.36 -69.28 -13.30
N GLU G 316 -35.46 -69.01 -14.61
CA GLU G 316 -34.47 -69.57 -15.53
C GLU G 316 -33.06 -69.09 -15.22
N LEU G 317 -32.93 -67.97 -14.48
CA LEU G 317 -31.61 -67.49 -14.12
C LEU G 317 -30.82 -68.51 -13.32
N TYR G 318 -31.52 -69.42 -12.63
CA TYR G 318 -30.84 -70.47 -11.87
C TYR G 318 -30.01 -71.34 -12.81
N GLY G 319 -30.62 -71.85 -13.87
CA GLY G 319 -29.91 -72.69 -14.81
C GLY G 319 -28.84 -71.94 -15.58
N ILE G 320 -29.14 -70.69 -15.95
CA ILE G 320 -28.20 -69.93 -16.78
C ILE G 320 -26.91 -69.62 -16.02
N VAL G 321 -27.03 -69.20 -14.77
CA VAL G 321 -25.89 -68.70 -14.00
C VAL G 321 -25.21 -69.79 -13.20
N GLY G 322 -25.98 -70.56 -12.43
CA GLY G 322 -25.37 -71.59 -11.61
C GLY G 322 -24.57 -71.01 -10.46
N ALA G 323 -23.66 -71.84 -9.94
CA ALA G 323 -22.83 -71.46 -8.81
C ALA G 323 -21.33 -71.55 -9.09
N ASN G 324 -20.95 -71.96 -10.30
CA ASN G 324 -19.53 -72.10 -10.67
C ASN G 324 -19.09 -70.82 -11.38
N LEU G 325 -18.19 -70.08 -10.74
CA LEU G 325 -17.72 -68.82 -11.31
C LEU G 325 -16.72 -69.03 -12.45
N LYS G 326 -16.10 -70.21 -12.54
CA LYS G 326 -15.16 -70.46 -13.62
C LYS G 326 -15.87 -70.49 -14.97
N ARG G 327 -17.05 -71.09 -15.03
CA ARG G 327 -17.85 -71.04 -16.24
C ARG G 327 -18.34 -69.62 -16.49
N SER G 328 -18.53 -69.29 -17.76
CA SER G 328 -18.96 -67.97 -18.17
C SER G 328 -20.34 -68.06 -18.83
N PHE G 329 -21.11 -66.98 -18.70
CA PHE G 329 -22.42 -66.87 -19.31
C PHE G 329 -22.55 -65.49 -19.94
N ASP G 330 -23.60 -65.33 -20.76
CA ASP G 330 -23.85 -64.06 -21.42
C ASP G 330 -24.71 -63.18 -20.51
N VAL G 331 -24.16 -62.02 -20.15
CA VAL G 331 -24.90 -61.09 -19.28
C VAL G 331 -26.19 -60.63 -19.93
N ARG G 332 -26.27 -60.67 -21.26
CA ARG G 332 -27.49 -60.27 -21.94
C ARG G 332 -28.66 -61.15 -21.52
N GLU G 333 -28.39 -62.43 -21.22
CA GLU G 333 -29.45 -63.31 -20.74
C GLU G 333 -30.01 -62.82 -19.41
N VAL G 334 -29.14 -62.34 -18.52
CA VAL G 334 -29.61 -61.78 -17.26
C VAL G 334 -30.44 -60.52 -17.52
N ILE G 335 -29.97 -59.66 -18.42
CA ILE G 335 -30.71 -58.44 -18.73
C ILE G 335 -32.07 -58.76 -19.32
N ALA G 336 -32.14 -59.78 -20.17
CA ALA G 336 -33.39 -60.11 -20.86
C ALA G 336 -34.49 -60.46 -19.88
N ARG G 337 -34.14 -60.87 -18.66
CA ARG G 337 -35.12 -61.37 -17.71
C ARG G 337 -35.42 -60.40 -16.58
N ILE G 338 -35.00 -59.14 -16.67
CA ILE G 338 -35.31 -58.16 -15.64
C ILE G 338 -35.86 -56.86 -16.20
N VAL G 339 -35.66 -56.55 -17.48
CA VAL G 339 -36.09 -55.28 -18.05
C VAL G 339 -37.47 -55.43 -18.65
N ASP G 340 -38.17 -54.31 -18.79
CA ASP G 340 -39.53 -54.31 -19.31
C ASP G 340 -39.54 -54.84 -20.74
N GLY G 341 -40.35 -55.87 -20.98
CA GLY G 341 -40.50 -56.42 -22.31
C GLY G 341 -39.24 -57.00 -22.91
N SER G 342 -38.19 -57.18 -22.12
CA SER G 342 -36.92 -57.70 -22.62
C SER G 342 -36.42 -56.86 -23.80
N ARG G 343 -36.63 -55.55 -23.71
CA ARG G 343 -36.19 -54.61 -24.74
C ARG G 343 -34.94 -53.90 -24.27
N PHE G 344 -33.94 -53.85 -25.15
CA PHE G 344 -32.61 -53.34 -24.79
C PHE G 344 -31.94 -52.77 -26.03
N THR G 345 -31.45 -51.54 -25.91
CA THR G 345 -30.77 -50.85 -27.00
C THR G 345 -29.28 -50.81 -26.68
N GLU G 346 -28.51 -51.71 -27.27
CA GLU G 346 -27.09 -51.81 -26.98
C GLU G 346 -26.33 -50.66 -27.61
N PHE G 347 -25.33 -50.18 -26.90
CA PHE G 347 -24.49 -49.05 -27.34
C PHE G 347 -23.08 -49.56 -27.58
N LYS G 348 -22.55 -49.28 -28.77
CA LYS G 348 -21.22 -49.75 -29.17
C LYS G 348 -21.11 -51.26 -28.99
N ALA G 349 -22.02 -51.98 -29.65
CA ALA G 349 -22.13 -53.41 -29.43
C ALA G 349 -20.87 -54.16 -29.80
N PHE G 350 -20.24 -53.80 -30.92
CA PHE G 350 -19.10 -54.54 -31.42
C PHE G 350 -17.75 -53.98 -30.98
N TYR G 351 -17.75 -52.95 -30.14
CA TYR G 351 -16.52 -52.34 -29.66
C TYR G 351 -16.39 -52.61 -28.16
N GLY G 352 -15.25 -53.17 -27.76
CA GLY G 352 -15.06 -53.55 -26.37
C GLY G 352 -16.10 -54.55 -25.91
N ASP G 353 -16.24 -55.65 -26.66
CA ASP G 353 -17.35 -56.56 -26.47
C ASP G 353 -17.36 -57.20 -25.08
N THR G 354 -16.25 -57.15 -24.35
CA THR G 354 -16.24 -57.72 -23.01
C THR G 354 -17.10 -56.92 -22.03
N LEU G 355 -17.55 -55.73 -22.43
CA LEU G 355 -18.45 -54.92 -21.63
C LEU G 355 -19.72 -54.65 -22.42
N VAL G 356 -20.86 -54.72 -21.75
CA VAL G 356 -22.16 -54.53 -22.36
C VAL G 356 -22.81 -53.30 -21.74
N THR G 357 -23.23 -52.36 -22.57
CA THR G 357 -23.90 -51.15 -22.13
C THR G 357 -25.08 -50.88 -23.07
N GLY G 358 -26.17 -50.37 -22.52
CA GLY G 358 -27.33 -50.07 -23.33
C GLY G 358 -28.42 -49.42 -22.49
N PHE G 359 -29.49 -49.04 -23.17
CA PHE G 359 -30.62 -48.36 -22.56
C PHE G 359 -31.81 -49.30 -22.46
N ALA G 360 -32.44 -49.34 -21.30
CA ALA G 360 -33.61 -50.16 -21.07
C ALA G 360 -34.53 -49.43 -20.10
N ARG G 361 -35.60 -50.10 -19.69
CA ARG G 361 -36.56 -49.55 -18.75
C ARG G 361 -37.00 -50.62 -17.76
N ILE G 362 -37.05 -50.26 -16.49
CA ILE G 362 -37.49 -51.15 -15.43
C ILE G 362 -38.69 -50.50 -14.74
N PHE G 363 -39.85 -51.17 -14.82
CA PHE G 363 -41.09 -50.63 -14.25
C PHE G 363 -41.40 -49.25 -14.82
N GLY G 364 -41.00 -49.01 -16.06
CA GLY G 364 -41.22 -47.73 -16.71
C GLY G 364 -40.14 -46.70 -16.49
N TYR G 365 -39.19 -46.96 -15.59
CA TYR G 365 -38.10 -46.02 -15.36
C TYR G 365 -37.00 -46.22 -16.41
N PRO G 366 -36.39 -45.14 -16.89
CA PRO G 366 -35.26 -45.28 -17.81
C PRO G 366 -33.98 -45.59 -17.04
N VAL G 367 -33.23 -46.59 -17.52
CA VAL G 367 -32.02 -47.04 -16.85
C VAL G 367 -30.95 -47.33 -17.89
N GLY G 368 -29.72 -46.93 -17.59
CA GLY G 368 -28.55 -47.31 -18.36
C GLY G 368 -27.82 -48.44 -17.64
N ILE G 369 -27.58 -49.52 -18.38
CA ILE G 369 -27.05 -50.76 -17.81
C ILE G 369 -25.62 -50.95 -18.26
N VAL G 370 -24.74 -51.23 -17.31
CA VAL G 370 -23.34 -51.56 -17.57
C VAL G 370 -23.06 -52.90 -16.93
N GLY G 371 -22.67 -53.89 -17.73
CA GLY G 371 -22.43 -55.22 -17.23
C GLY G 371 -21.20 -55.88 -17.80
N ASN G 372 -20.47 -56.62 -16.98
CA ASN G 372 -19.26 -57.30 -17.42
C ASN G 372 -19.60 -58.54 -18.23
N ASN G 373 -18.79 -58.80 -19.27
CA ASN G 373 -18.94 -59.99 -20.09
C ASN G 373 -17.57 -60.60 -20.38
N GLY G 374 -16.66 -60.45 -19.44
CA GLY G 374 -15.30 -60.95 -19.62
C GLY G 374 -14.29 -59.98 -19.04
N VAL G 375 -13.03 -60.25 -19.36
CA VAL G 375 -11.94 -59.42 -18.84
C VAL G 375 -12.05 -58.01 -19.39
N LEU G 376 -11.74 -57.02 -18.56
CA LEU G 376 -11.75 -55.64 -19.00
C LEU G 376 -10.53 -55.32 -19.84
N PHE G 377 -10.74 -54.60 -20.93
CA PHE G 377 -9.68 -54.20 -21.83
C PHE G 377 -9.64 -52.68 -21.92
N SER G 378 -8.67 -52.16 -22.67
CA SER G 378 -8.63 -50.73 -22.92
C SER G 378 -9.87 -50.27 -23.67
N GLU G 379 -10.30 -51.04 -24.68
CA GLU G 379 -11.49 -50.68 -25.42
C GLU G 379 -12.73 -50.70 -24.51
N SER G 380 -12.82 -51.70 -23.64
CA SER G 380 -13.98 -51.79 -22.75
C SER G 380 -14.06 -50.59 -21.82
N ALA G 381 -12.93 -50.18 -21.24
CA ALA G 381 -12.94 -49.01 -20.35
C ALA G 381 -13.34 -47.75 -21.10
N LYS G 382 -12.79 -47.55 -22.30
CA LYS G 382 -13.18 -46.38 -23.08
C LYS G 382 -14.66 -46.40 -23.41
N LYS G 383 -15.17 -47.57 -23.78
CA LYS G 383 -16.60 -47.70 -24.07
C LYS G 383 -17.45 -47.38 -22.86
N GLY G 384 -17.05 -47.87 -21.68
CA GLY G 384 -17.79 -47.55 -20.47
C GLY G 384 -17.74 -46.08 -20.12
N THR G 385 -16.58 -45.45 -20.27
CA THR G 385 -16.46 -44.03 -19.94
C THR G 385 -17.35 -43.20 -20.84
N HIS G 386 -17.41 -43.53 -22.14
CA HIS G 386 -18.29 -42.81 -23.05
C HIS G 386 -19.75 -42.95 -22.64
N PHE G 387 -20.15 -44.18 -22.30
CA PHE G 387 -21.55 -44.43 -21.95
C PHE G 387 -21.97 -43.66 -20.72
N VAL G 388 -21.11 -43.62 -19.69
CA VAL G 388 -21.47 -42.95 -18.44
C VAL G 388 -21.73 -41.47 -18.68
N GLN G 389 -20.94 -40.84 -19.55
CA GLN G 389 -21.18 -39.43 -19.87
C GLN G 389 -22.54 -39.26 -20.51
N LEU G 390 -22.93 -40.17 -21.40
CA LEU G 390 -24.24 -40.07 -22.04
C LEU G 390 -25.36 -40.13 -21.01
N CYS G 391 -25.31 -41.08 -20.08
CA CYS G 391 -26.34 -41.20 -19.07
C CYS G 391 -26.38 -39.97 -18.16
N CYS G 392 -25.21 -39.46 -17.78
CA CYS G 392 -25.17 -38.28 -16.92
C CYS G 392 -25.74 -37.07 -17.63
N GLN G 393 -25.47 -36.93 -18.94
CA GLN G 393 -25.97 -35.78 -19.68
C GLN G 393 -27.49 -35.76 -19.70
N ARG G 394 -28.12 -36.93 -19.89
CA ARG G 394 -29.56 -37.03 -20.01
C ARG G 394 -30.25 -37.30 -18.67
N ASN G 395 -29.49 -37.40 -17.58
CA ASN G 395 -30.06 -37.64 -16.26
C ASN G 395 -30.78 -38.98 -16.20
N ILE G 396 -30.08 -40.03 -16.59
CA ILE G 396 -30.63 -41.38 -16.65
C ILE G 396 -29.98 -42.21 -15.54
N PRO G 397 -30.75 -42.90 -14.70
CA PRO G 397 -30.13 -43.73 -13.67
C PRO G 397 -29.26 -44.83 -14.26
N LEU G 398 -28.27 -45.25 -13.48
CA LEU G 398 -27.28 -46.22 -13.91
C LEU G 398 -27.37 -47.48 -13.06
N LEU G 399 -27.34 -48.63 -13.72
CA LEU G 399 -27.33 -49.92 -13.05
C LEU G 399 -26.09 -50.70 -13.48
N PHE G 400 -25.31 -51.16 -12.50
CA PHE G 400 -24.08 -51.89 -12.76
C PHE G 400 -24.26 -53.36 -12.38
N LEU G 401 -23.86 -54.25 -13.26
CA LEU G 401 -23.88 -55.69 -13.03
C LEU G 401 -22.46 -56.20 -13.02
N GLN G 402 -21.92 -56.45 -11.81
CA GLN G 402 -20.53 -56.82 -11.65
C GLN G 402 -20.38 -58.34 -11.72
N ASN G 403 -19.71 -58.83 -12.77
CA ASN G 403 -19.14 -60.16 -12.79
C ASN G 403 -17.76 -60.02 -13.44
N ILE G 404 -16.76 -59.80 -12.61
CA ILE G 404 -15.43 -59.45 -13.07
C ILE G 404 -14.49 -60.64 -12.88
N THR G 405 -13.41 -60.64 -13.68
CA THR G 405 -12.33 -61.60 -13.52
C THR G 405 -10.96 -60.90 -13.57
N GLY G 406 -10.92 -59.59 -13.59
CA GLY G 406 -9.69 -58.83 -13.60
C GLY G 406 -9.55 -57.99 -14.86
N PHE G 407 -8.38 -57.34 -14.95
CA PHE G 407 -8.00 -56.56 -16.12
C PHE G 407 -7.08 -57.39 -17.01
N MET G 408 -7.05 -57.03 -18.30
CA MET G 408 -6.13 -57.69 -19.21
C MET G 408 -4.69 -57.45 -18.77
N VAL G 409 -3.89 -58.51 -18.80
CA VAL G 409 -2.51 -58.48 -18.34
C VAL G 409 -1.61 -58.72 -19.54
N GLY G 410 -0.69 -57.79 -19.78
CA GLY G 410 0.24 -57.92 -20.89
C GLY G 410 1.15 -56.72 -20.99
N ARG G 411 2.35 -56.96 -21.51
CA ARG G 411 3.30 -55.87 -21.68
C ARG G 411 2.77 -54.82 -22.65
N GLU G 412 2.16 -55.26 -23.75
CA GLU G 412 1.63 -54.31 -24.73
C GLU G 412 0.51 -53.47 -24.12
N TYR G 413 -0.38 -54.10 -23.35
CA TYR G 413 -1.51 -53.36 -22.80
C TYR G 413 -1.05 -52.25 -21.86
N GLU G 414 -0.05 -52.53 -21.02
CA GLU G 414 0.50 -51.48 -20.17
C GLU G 414 1.15 -50.38 -21.00
N ALA G 415 1.84 -50.76 -22.09
CA ALA G 415 2.48 -49.77 -22.94
C ALA G 415 1.44 -48.84 -23.56
N GLU G 416 0.24 -49.34 -23.80
CA GLU G 416 -0.85 -48.54 -24.35
C GLU G 416 -1.69 -47.86 -23.28
N GLY G 417 -1.26 -47.91 -22.03
CA GLY G 417 -1.95 -47.22 -20.96
C GLY G 417 -3.29 -47.83 -20.55
N ILE G 418 -3.30 -49.15 -20.33
CA ILE G 418 -4.51 -49.77 -19.80
C ILE G 418 -4.87 -49.16 -18.45
N ALA G 419 -3.87 -48.92 -17.61
CA ALA G 419 -4.11 -48.21 -16.35
C ALA G 419 -4.70 -46.83 -16.61
N LYS G 420 -4.18 -46.13 -17.63
CA LYS G 420 -4.74 -44.83 -17.98
C LYS G 420 -6.18 -44.97 -18.44
N ASP G 421 -6.51 -46.06 -19.11
CA ASP G 421 -7.89 -46.29 -19.55
C ASP G 421 -8.77 -46.71 -18.39
N GLY G 422 -8.30 -47.64 -17.56
CA GLY G 422 -9.07 -48.06 -16.41
C GLY G 422 -9.37 -46.91 -15.47
N ALA G 423 -8.40 -46.01 -15.29
CA ALA G 423 -8.62 -44.84 -14.44
C ALA G 423 -9.75 -43.97 -14.99
N LYS G 424 -9.85 -43.85 -16.32
CA LYS G 424 -10.89 -43.03 -16.92
C LYS G 424 -12.27 -43.46 -16.44
N MET G 425 -12.55 -44.76 -16.46
CA MET G 425 -13.85 -45.25 -16.01
C MET G 425 -14.07 -44.94 -14.54
N VAL G 426 -13.04 -45.13 -13.72
CA VAL G 426 -13.17 -44.86 -12.28
C VAL G 426 -13.49 -43.40 -12.04
N ALA G 427 -12.80 -42.50 -12.72
CA ALA G 427 -13.06 -41.07 -12.54
C ALA G 427 -14.48 -40.71 -12.95
N ALA G 428 -14.94 -41.23 -14.09
CA ALA G 428 -16.29 -40.93 -14.55
C ALA G 428 -17.34 -41.49 -13.61
N VAL G 429 -17.16 -42.72 -13.15
CA VAL G 429 -18.16 -43.36 -12.29
C VAL G 429 -18.27 -42.61 -10.97
N ALA G 430 -17.14 -42.18 -10.41
CA ALA G 430 -17.17 -41.49 -9.13
C ALA G 430 -17.93 -40.17 -9.22
N CYS G 431 -17.71 -39.40 -10.29
CA CYS G 431 -18.30 -38.07 -10.40
C CYS G 431 -19.76 -38.11 -10.80
N ALA G 432 -20.25 -39.22 -11.36
CA ALA G 432 -21.63 -39.28 -11.81
C ALA G 432 -22.59 -38.98 -10.68
N GLN G 433 -23.55 -38.10 -10.94
CA GLN G 433 -24.52 -37.69 -9.93
C GLN G 433 -25.88 -38.33 -10.13
N VAL G 434 -26.06 -39.14 -11.15
CA VAL G 434 -27.32 -39.87 -11.36
C VAL G 434 -27.38 -40.99 -10.32
N PRO G 435 -28.57 -41.44 -9.94
CA PRO G 435 -28.65 -42.58 -9.02
C PRO G 435 -27.95 -43.80 -9.61
N LYS G 436 -27.19 -44.48 -8.77
CA LYS G 436 -26.44 -45.66 -9.19
C LYS G 436 -26.76 -46.83 -8.26
N ILE G 437 -27.08 -47.97 -8.87
CA ILE G 437 -27.34 -49.20 -8.13
C ILE G 437 -26.41 -50.29 -8.66
N THR G 438 -25.76 -51.01 -7.75
CA THR G 438 -24.81 -52.04 -8.11
C THR G 438 -25.33 -53.40 -7.67
N LEU G 439 -25.21 -54.38 -8.56
CA LEU G 439 -25.63 -55.75 -8.28
C LEU G 439 -24.49 -56.68 -8.69
N ILE G 440 -23.91 -57.35 -7.70
CA ILE G 440 -22.81 -58.28 -7.95
C ILE G 440 -23.40 -59.65 -8.20
N ILE G 441 -23.32 -60.11 -9.44
CA ILE G 441 -23.86 -61.41 -9.83
C ILE G 441 -22.75 -62.45 -9.98
N GLY G 442 -21.54 -62.13 -9.57
CA GLY G 442 -20.41 -63.03 -9.71
C GLY G 442 -19.17 -62.55 -9.00
N GLY G 443 -18.01 -62.69 -9.63
CA GLY G 443 -16.78 -62.26 -9.01
C GLY G 443 -16.66 -60.75 -8.95
N SER G 444 -15.92 -60.28 -7.95
CA SER G 444 -15.63 -58.86 -7.78
C SER G 444 -14.23 -58.75 -7.17
N TYR G 445 -13.24 -58.48 -8.00
CA TYR G 445 -11.85 -58.55 -7.58
C TYR G 445 -11.10 -57.29 -8.02
N GLY G 446 -10.12 -56.89 -7.21
CA GLY G 446 -9.18 -55.85 -7.54
C GLY G 446 -9.82 -54.57 -8.02
N ALA G 447 -9.09 -53.84 -8.87
CA ALA G 447 -9.55 -52.56 -9.39
C ALA G 447 -10.80 -52.68 -10.25
N GLY G 448 -11.12 -53.88 -10.73
CA GLY G 448 -12.37 -54.06 -11.45
C GLY G 448 -13.58 -53.72 -10.60
N ASN G 449 -13.48 -53.98 -9.29
CA ASN G 449 -14.54 -53.59 -8.37
C ASN G 449 -14.75 -52.08 -8.39
N TYR G 450 -13.65 -51.32 -8.34
CA TYR G 450 -13.77 -49.85 -8.32
C TYR G 450 -14.39 -49.34 -9.62
N GLY G 451 -13.96 -49.89 -10.75
CA GLY G 451 -14.45 -49.41 -12.04
C GLY G 451 -15.94 -49.61 -12.23
N MET G 452 -16.50 -50.64 -11.59
CA MET G 452 -17.91 -50.97 -11.72
C MET G 452 -18.74 -50.52 -10.52
N CYS G 453 -18.39 -49.38 -9.93
CA CYS G 453 -19.16 -48.77 -8.85
C CYS G 453 -19.26 -49.73 -7.64
N GLY G 454 -18.11 -49.92 -7.00
CA GLY G 454 -18.05 -50.68 -5.77
C GLY G 454 -18.65 -49.89 -4.62
N ARG G 455 -18.58 -50.50 -3.43
CA ARG G 455 -19.13 -49.85 -2.25
C ARG G 455 -18.46 -48.50 -1.99
N ALA G 456 -17.17 -48.40 -2.29
CA ALA G 456 -16.44 -47.17 -2.01
C ALA G 456 -16.89 -46.00 -2.88
N TYR G 457 -17.66 -46.26 -3.93
CA TYR G 457 -18.07 -45.22 -4.87
C TYR G 457 -19.51 -44.78 -4.67
N SER G 458 -20.09 -45.07 -3.50
CA SER G 458 -21.39 -44.54 -3.06
C SER G 458 -22.52 -44.82 -4.04
N PRO G 459 -22.72 -46.06 -4.47
CA PRO G 459 -23.99 -46.40 -5.14
C PRO G 459 -25.14 -46.27 -4.15
N ARG G 460 -26.31 -45.89 -4.67
CA ARG G 460 -27.47 -45.74 -3.80
C ARG G 460 -27.77 -47.04 -3.07
N PHE G 461 -27.65 -48.17 -3.76
CA PHE G 461 -27.81 -49.48 -3.15
C PHE G 461 -26.79 -50.44 -3.74
N LEU G 462 -26.43 -51.45 -2.97
CA LEU G 462 -25.54 -52.50 -3.45
C LEU G 462 -26.07 -53.85 -3.00
N TYR G 463 -26.32 -54.73 -3.96
CA TYR G 463 -26.84 -56.07 -3.68
C TYR G 463 -25.91 -57.11 -4.28
N ILE G 464 -25.96 -58.31 -3.71
CA ILE G 464 -25.12 -59.43 -4.16
C ILE G 464 -25.97 -60.69 -4.22
N TRP G 465 -25.73 -61.49 -5.26
CA TRP G 465 -26.39 -62.77 -5.38
C TRP G 465 -25.72 -63.80 -4.49
N PRO G 466 -26.40 -64.92 -4.20
CA PRO G 466 -25.85 -65.89 -3.23
C PRO G 466 -24.59 -66.57 -3.70
N ASN G 467 -24.24 -66.47 -4.98
CA ASN G 467 -23.07 -67.14 -5.53
C ASN G 467 -21.88 -66.21 -5.70
N ALA G 468 -21.97 -64.97 -5.23
CA ALA G 468 -20.94 -63.98 -5.50
C ALA G 468 -19.68 -64.23 -4.65
N ARG G 469 -18.59 -63.61 -5.07
CA ARG G 469 -17.32 -63.62 -4.35
C ARG G 469 -16.64 -62.28 -4.53
N ILE G 470 -16.12 -61.73 -3.43
CA ILE G 470 -15.48 -60.41 -3.45
C ILE G 470 -14.21 -60.48 -2.61
N SER G 471 -13.13 -59.92 -3.15
CA SER G 471 -11.85 -59.86 -2.44
C SER G 471 -10.88 -59.03 -3.28
N VAL G 472 -9.72 -58.75 -2.70
CA VAL G 472 -8.72 -57.94 -3.39
C VAL G 472 -8.30 -58.62 -4.69
N MET G 473 -8.19 -59.94 -4.67
CA MET G 473 -7.90 -60.72 -5.86
C MET G 473 -8.51 -62.10 -5.70
N GLY G 474 -8.60 -62.83 -6.82
CA GLY G 474 -9.09 -64.18 -6.76
C GLY G 474 -8.24 -65.04 -5.85
N GLY G 475 -8.88 -66.00 -5.18
CA GLY G 475 -8.15 -66.86 -4.26
C GLY G 475 -7.01 -67.59 -4.94
N GLU G 476 -7.24 -68.06 -6.17
CA GLU G 476 -6.19 -68.76 -6.90
C GLU G 476 -5.02 -67.83 -7.22
N GLN G 477 -5.31 -66.60 -7.65
CA GLN G 477 -4.24 -65.67 -7.97
C GLN G 477 -3.33 -65.43 -6.79
N ALA G 478 -3.91 -65.22 -5.60
CA ALA G 478 -3.08 -65.04 -4.41
C ALA G 478 -2.24 -66.27 -4.13
N ALA G 479 -2.81 -67.47 -4.31
CA ALA G 479 -2.05 -68.69 -4.11
C ALA G 479 -0.92 -68.80 -5.13
N ASN G 480 -1.23 -68.61 -6.41
CA ASN G 480 -0.20 -68.72 -7.45
C ASN G 480 0.88 -67.67 -7.27
N VAL G 481 0.49 -66.44 -6.92
CA VAL G 481 1.48 -65.38 -6.73
C VAL G 481 2.46 -65.76 -5.62
N LEU G 482 1.94 -66.25 -4.50
CA LEU G 482 2.81 -66.67 -3.40
C LEU G 482 3.67 -67.87 -3.82
N ALA G 483 3.10 -68.78 -4.60
CA ALA G 483 3.87 -69.92 -5.09
C ALA G 483 5.06 -69.47 -5.92
N THR G 484 4.83 -68.51 -6.84
CA THR G 484 5.92 -67.99 -7.65
C THR G 484 6.95 -67.26 -6.80
N ILE G 485 6.48 -66.42 -5.86
CA ILE G 485 7.40 -65.63 -5.05
C ILE G 485 8.25 -66.55 -4.18
N THR G 486 7.62 -67.49 -3.48
CA THR G 486 8.37 -68.38 -2.61
C THR G 486 9.33 -69.25 -3.40
N LYS G 487 8.90 -69.75 -4.56
CA LYS G 487 9.77 -70.60 -5.36
C LYS G 487 11.03 -69.86 -5.79
N ASP G 488 10.89 -68.62 -6.25
CA ASP G 488 12.06 -67.81 -6.59
C ASP G 488 12.91 -67.53 -5.37
N GLN G 489 12.28 -67.21 -4.24
CA GLN G 489 13.02 -66.89 -3.02
C GLN G 489 13.83 -68.09 -2.54
N ARG G 490 13.25 -69.29 -2.64
CA ARG G 490 13.99 -70.49 -2.27
C ARG G 490 15.22 -70.68 -3.15
N ALA G 491 15.07 -70.44 -4.46
CA ALA G 491 16.21 -70.54 -5.36
C ALA G 491 17.30 -69.54 -4.98
N ARG G 492 16.92 -68.32 -4.65
CA ARG G 492 17.91 -67.32 -4.24
C ARG G 492 18.64 -67.77 -2.98
N GLU G 493 17.92 -68.30 -2.00
CA GLU G 493 18.57 -68.85 -0.82
C GLU G 493 19.32 -70.14 -1.14
N GLY G 494 19.07 -70.72 -2.31
CA GLY G 494 19.63 -72.00 -2.67
C GLY G 494 18.83 -73.20 -2.20
N LYS G 495 17.84 -72.99 -1.33
CA LYS G 495 17.01 -74.08 -0.86
C LYS G 495 15.98 -74.47 -1.92
N GLN G 496 15.40 -75.65 -1.75
CA GLN G 496 14.46 -76.22 -2.71
C GLN G 496 13.05 -76.20 -2.15
N PHE G 497 12.11 -75.74 -2.96
CA PHE G 497 10.69 -75.75 -2.62
C PHE G 497 10.00 -76.82 -3.47
N SER G 498 9.57 -77.90 -2.83
CA SER G 498 9.04 -79.05 -3.54
C SER G 498 7.58 -78.81 -3.94
N SER G 499 7.06 -79.73 -4.76
CA SER G 499 5.66 -79.66 -5.15
C SER G 499 4.75 -79.78 -3.93
N ALA G 500 5.09 -80.69 -3.01
CA ALA G 500 4.36 -80.76 -1.75
C ALA G 500 4.51 -79.45 -0.98
N ASP G 501 5.70 -78.84 -1.03
CA ASP G 501 5.88 -77.53 -0.42
C ASP G 501 4.96 -76.50 -1.06
N GLU G 502 4.78 -76.58 -2.38
CA GLU G 502 3.87 -75.65 -3.06
C GLU G 502 2.45 -75.81 -2.54
N ALA G 503 1.97 -77.05 -2.42
CA ALA G 503 0.61 -77.28 -1.96
C ALA G 503 0.41 -76.79 -0.53
N ALA G 504 1.40 -77.02 0.33
CA ALA G 504 1.26 -76.57 1.72
C ALA G 504 1.10 -75.07 1.80
N LEU G 505 1.83 -74.33 0.96
CA LEU G 505 1.69 -72.87 0.94
C LEU G 505 0.34 -72.46 0.40
N LYS G 506 -0.09 -73.06 -0.71
CA LYS G 506 -1.31 -72.62 -1.39
C LYS G 506 -2.54 -72.87 -0.54
N GLU G 507 -2.62 -74.02 0.12
CA GLU G 507 -3.89 -74.43 0.74
C GLU G 507 -4.41 -73.42 1.73
N PRO G 508 -3.63 -72.94 2.71
CA PRO G 508 -4.17 -71.96 3.66
C PRO G 508 -4.65 -70.68 2.99
N ILE G 509 -3.97 -70.24 1.94
CA ILE G 509 -4.37 -69.01 1.25
C ILE G 509 -5.71 -69.19 0.58
N ILE G 510 -5.90 -70.31 -0.13
CA ILE G 510 -7.15 -70.54 -0.82
C ILE G 510 -8.31 -70.64 0.17
N LYS G 511 -8.06 -71.28 1.32
CA LYS G 511 -9.10 -71.36 2.34
C LYS G 511 -9.46 -69.98 2.88
N LYS G 512 -8.45 -69.13 3.09
CA LYS G 512 -8.71 -67.81 3.66
C LYS G 512 -9.57 -66.97 2.73
N PHE G 513 -9.25 -66.98 1.43
CA PHE G 513 -9.99 -66.15 0.49
C PHE G 513 -11.40 -66.68 0.27
N GLU G 514 -11.59 -67.99 0.43
CA GLU G 514 -12.93 -68.56 0.29
C GLU G 514 -13.84 -68.12 1.44
N GLU G 515 -13.31 -68.11 2.66
CA GLU G 515 -14.12 -67.72 3.81
C GLU G 515 -14.43 -66.23 3.80
N GLU G 516 -13.45 -65.40 3.45
CA GLU G 516 -13.63 -63.95 3.50
C GLU G 516 -14.24 -63.37 2.24
N GLY G 517 -14.37 -64.16 1.18
CA GLY G 517 -15.02 -63.69 -0.03
C GLY G 517 -16.45 -64.18 -0.14
N ASN G 518 -16.86 -64.99 0.83
CA ASN G 518 -18.21 -65.55 0.81
C ASN G 518 -19.24 -64.44 0.98
N PRO G 519 -20.40 -64.55 0.30
CA PRO G 519 -21.43 -63.51 0.45
C PRO G 519 -21.85 -63.28 1.89
N TYR G 520 -21.96 -64.36 2.68
CA TYR G 520 -22.37 -64.20 4.07
C TYR G 520 -21.32 -63.43 4.88
N TYR G 521 -20.04 -63.71 4.64
CA TYR G 521 -18.98 -62.93 5.26
C TYR G 521 -19.08 -61.47 4.87
N SER G 522 -19.29 -61.20 3.58
CA SER G 522 -19.40 -59.83 3.12
C SER G 522 -20.65 -59.15 3.67
N SER G 523 -21.76 -59.88 3.78
CA SER G 523 -23.00 -59.29 4.24
C SER G 523 -23.12 -59.25 5.76
N ALA G 524 -22.43 -60.15 6.48
CA ALA G 524 -22.45 -60.08 7.94
C ALA G 524 -21.96 -58.73 8.41
N ARG G 525 -20.79 -58.31 7.93
CA ARG G 525 -20.41 -56.91 7.96
C ARG G 525 -21.23 -56.18 6.91
N VAL G 526 -21.43 -54.88 7.10
CA VAL G 526 -22.25 -54.16 6.14
C VAL G 526 -21.37 -53.67 5.00
N TRP G 527 -21.09 -54.58 4.05
CA TRP G 527 -20.47 -54.22 2.79
C TRP G 527 -21.50 -54.10 1.67
N ASP G 528 -22.67 -54.69 1.85
CA ASP G 528 -23.75 -54.64 0.88
C ASP G 528 -25.06 -54.44 1.63
N ASP G 529 -26.10 -54.12 0.88
CA ASP G 529 -27.41 -53.87 1.47
C ASP G 529 -28.28 -55.13 1.55
N GLY G 530 -27.77 -56.28 1.15
CA GLY G 530 -28.49 -57.51 1.34
C GLY G 530 -28.13 -58.54 0.30
N ILE G 531 -28.40 -59.79 0.64
CA ILE G 531 -28.28 -60.92 -0.28
C ILE G 531 -29.69 -61.25 -0.78
N ILE G 532 -29.85 -61.28 -2.09
CA ILE G 532 -31.18 -61.37 -2.69
C ILE G 532 -31.24 -62.60 -3.58
N ASP G 533 -32.42 -63.22 -3.61
CA ASP G 533 -32.65 -64.33 -4.52
C ASP G 533 -32.67 -63.81 -5.96
N PRO G 534 -31.98 -64.47 -6.88
CA PRO G 534 -31.97 -64.00 -8.27
C PRO G 534 -33.37 -63.85 -8.87
N ALA G 535 -34.33 -64.65 -8.43
CA ALA G 535 -35.68 -64.52 -8.96
C ALA G 535 -36.33 -63.22 -8.51
N ASP G 536 -35.83 -62.60 -7.45
CA ASP G 536 -36.37 -61.36 -6.91
C ASP G 536 -35.63 -60.12 -7.41
N THR G 537 -34.71 -60.29 -8.37
CA THR G 537 -33.88 -59.17 -8.79
C THR G 537 -34.72 -58.03 -9.35
N ARG G 538 -35.68 -58.34 -10.22
CA ARG G 538 -36.48 -57.28 -10.83
C ARG G 538 -37.29 -56.51 -9.79
N LEU G 539 -37.89 -57.22 -8.84
CA LEU G 539 -38.68 -56.54 -7.82
C LEU G 539 -37.80 -55.65 -6.95
N VAL G 540 -36.63 -56.16 -6.54
CA VAL G 540 -35.74 -55.38 -5.67
C VAL G 540 -35.27 -54.13 -6.39
N LEU G 541 -34.87 -54.28 -7.66
CA LEU G 541 -34.43 -53.12 -8.43
C LEU G 541 -35.55 -52.11 -8.61
N GLY G 542 -36.76 -52.58 -8.88
CA GLY G 542 -37.89 -51.67 -9.02
C GLY G 542 -38.17 -50.88 -7.77
N LEU G 543 -38.15 -51.54 -6.62
CA LEU G 543 -38.36 -50.84 -5.35
C LEU G 543 -37.21 -49.87 -5.08
N SER G 544 -35.97 -50.29 -5.35
CA SER G 544 -34.82 -49.44 -5.06
C SER G 544 -34.81 -48.20 -5.94
N PHE G 545 -34.98 -48.37 -7.25
CA PHE G 545 -34.98 -47.21 -8.14
C PHE G 545 -36.15 -46.28 -7.82
N SER G 546 -37.30 -46.82 -7.45
CA SER G 546 -38.43 -45.98 -7.08
C SER G 546 -38.10 -45.10 -5.88
N ALA G 547 -37.46 -45.68 -4.86
CA ALA G 547 -37.07 -44.90 -3.69
C ALA G 547 -36.01 -43.87 -4.05
N ALA G 548 -35.05 -44.25 -4.89
CA ALA G 548 -33.96 -43.34 -5.23
C ALA G 548 -34.45 -42.12 -5.99
N LEU G 549 -35.66 -42.18 -6.56
CA LEU G 549 -36.19 -41.07 -7.33
C LEU G 549 -36.88 -40.01 -6.49
N ASN G 550 -36.96 -40.21 -5.16
CA ASN G 550 -37.52 -39.19 -4.30
C ASN G 550 -36.67 -37.93 -4.26
N ALA G 551 -35.38 -38.03 -4.59
CA ALA G 551 -34.57 -36.83 -4.57
C ALA G 551 -34.33 -36.32 -5.99
N PRO G 552 -34.33 -35.00 -6.19
CA PRO G 552 -34.06 -34.47 -7.53
C PRO G 552 -32.67 -34.83 -8.00
N ILE G 553 -32.54 -35.04 -9.31
CA ILE G 553 -31.26 -35.41 -9.90
C ILE G 553 -30.46 -34.15 -10.19
N GLU G 554 -29.24 -34.11 -9.68
CA GLU G 554 -28.38 -32.95 -9.83
C GLU G 554 -27.54 -33.07 -11.10
N LYS G 555 -27.02 -31.93 -11.54
CA LYS G 555 -26.11 -31.91 -12.69
C LYS G 555 -24.75 -32.47 -12.29
N THR G 556 -24.12 -33.17 -13.22
CA THR G 556 -22.86 -33.85 -12.98
C THR G 556 -21.69 -32.96 -13.41
N ASP G 557 -20.73 -32.78 -12.52
CA ASP G 557 -19.50 -32.05 -12.81
C ASP G 557 -18.35 -33.05 -12.79
N PHE G 558 -17.63 -33.12 -13.91
CA PHE G 558 -16.54 -34.08 -14.06
C PHE G 558 -15.19 -33.40 -13.84
N GLY G 559 -14.21 -34.23 -13.47
CA GLY G 559 -12.84 -33.79 -13.39
C GLY G 559 -12.17 -33.81 -14.76
N ILE G 560 -10.85 -33.73 -14.74
CA ILE G 560 -10.09 -33.76 -15.99
C ILE G 560 -10.02 -35.18 -16.51
N PHE G 561 -10.42 -35.37 -17.76
CA PHE G 561 -10.31 -36.65 -18.45
C PHE G 561 -8.90 -36.78 -19.01
N ARG G 562 -8.11 -37.66 -18.42
CA ARG G 562 -6.74 -37.89 -18.90
C ARG G 562 -6.83 -38.66 -20.21
N MET G 563 -6.79 -37.95 -21.32
CA MET G 563 -7.04 -38.53 -22.63
C MET G 563 -5.85 -39.38 -23.10
N LEU H 31 -62.73 -33.75 16.35
CA LEU H 31 -62.94 -32.80 17.44
C LEU H 31 -64.42 -32.44 17.56
N GLY H 32 -64.74 -31.75 18.64
CA GLY H 32 -66.06 -31.19 18.79
C GLY H 32 -66.97 -32.07 19.65
N THR H 33 -67.88 -31.44 20.36
CA THR H 33 -68.91 -32.11 21.13
C THR H 33 -70.23 -31.38 20.94
N GLN H 34 -71.32 -32.10 21.13
CA GLN H 34 -72.63 -31.50 20.97
C GLN H 34 -72.94 -30.62 22.19
N PRO H 35 -73.20 -29.33 22.00
CA PRO H 35 -73.50 -28.46 23.13
C PRO H 35 -74.88 -28.72 23.69
N ASP H 36 -75.09 -28.25 24.92
CA ASP H 36 -76.38 -28.42 25.59
C ASP H 36 -77.27 -27.24 25.19
N LEU H 37 -78.14 -27.46 24.21
CA LEU H 37 -79.00 -26.39 23.72
C LEU H 37 -79.96 -25.92 24.80
N GLY H 38 -80.38 -26.84 25.69
CA GLY H 38 -81.33 -26.47 26.73
C GLY H 38 -80.71 -25.66 27.85
N SER H 39 -79.39 -25.70 27.98
CA SER H 39 -78.73 -25.01 29.08
C SER H 39 -78.99 -23.51 29.00
N ALA H 40 -79.17 -22.88 30.17
CA ALA H 40 -79.43 -21.45 30.21
C ALA H 40 -78.25 -20.66 29.67
N LEU H 41 -77.03 -21.09 29.95
CA LEU H 41 -75.85 -20.40 29.46
C LEU H 41 -75.85 -20.37 27.93
N TYR H 42 -76.12 -21.51 27.30
CA TYR H 42 -76.17 -21.55 25.84
C TYR H 42 -77.28 -20.65 25.31
N GLN H 43 -78.45 -20.69 25.94
CA GLN H 43 -79.55 -19.83 25.50
C GLN H 43 -79.17 -18.36 25.62
N GLU H 44 -78.56 -17.97 26.74
CA GLU H 44 -78.15 -16.58 26.91
C GLU H 44 -77.06 -16.20 25.92
N ASN H 45 -76.05 -17.05 25.75
CA ASN H 45 -74.96 -16.73 24.84
C ASN H 45 -75.46 -16.60 23.40
N TYR H 46 -76.33 -17.50 22.97
CA TYR H 46 -76.88 -17.42 21.62
C TYR H 46 -77.65 -16.12 21.42
N LYS H 47 -78.47 -15.73 22.40
CA LYS H 47 -79.27 -14.52 22.25
C LYS H 47 -78.39 -13.29 22.13
N GLN H 48 -77.35 -13.19 22.96
CA GLN H 48 -76.48 -12.03 22.94
C GLN H 48 -75.71 -11.94 21.62
N MET H 49 -75.16 -13.06 21.16
CA MET H 49 -74.34 -12.99 19.93
C MET H 49 -75.26 -12.73 18.75
N LYS H 50 -76.44 -13.31 18.74
CA LYS H 50 -77.37 -13.06 17.64
C LYS H 50 -77.68 -11.58 17.51
N ALA H 51 -77.88 -10.89 18.64
CA ALA H 51 -78.15 -9.46 18.58
C ALA H 51 -76.98 -8.71 17.98
N LEU H 52 -75.74 -9.10 18.31
CA LEU H 52 -74.57 -8.45 17.72
C LEU H 52 -74.53 -8.65 16.22
N VAL H 53 -74.83 -9.86 15.74
CA VAL H 53 -74.81 -10.13 14.31
C VAL H 53 -75.89 -9.34 13.59
N ASN H 54 -77.09 -9.28 14.18
CA ASN H 54 -78.16 -8.49 13.57
C ASN H 54 -77.76 -7.02 13.48
N GLN H 55 -77.13 -6.49 14.53
CA GLN H 55 -76.65 -5.11 14.50
C GLN H 55 -75.63 -4.93 13.38
N LEU H 56 -74.72 -5.89 13.23
CA LEU H 56 -73.70 -5.79 12.18
C LEU H 56 -74.35 -5.80 10.80
N HIS H 57 -75.35 -6.67 10.58
CA HIS H 57 -75.96 -6.79 9.27
C HIS H 57 -76.67 -5.50 8.85
N GLU H 58 -77.44 -4.91 9.77
CA GLU H 58 -78.24 -3.74 9.39
C GLU H 58 -77.37 -2.52 9.15
N ARG H 59 -76.24 -2.41 9.86
CA ARG H 59 -75.34 -1.29 9.62
C ARG H 59 -74.68 -1.40 8.25
N VAL H 60 -74.33 -2.63 7.84
CA VAL H 60 -73.77 -2.81 6.50
C VAL H 60 -74.81 -2.46 5.44
N GLU H 61 -76.08 -2.75 5.71
CA GLU H 61 -77.13 -2.37 4.76
C GLU H 61 -77.14 -0.87 4.54
N HIS H 62 -77.01 -0.09 5.62
CA HIS H 62 -76.95 1.37 5.48
C HIS H 62 -75.71 1.79 4.72
N ILE H 63 -74.57 1.19 5.02
CA ILE H 63 -73.34 1.51 4.29
C ILE H 63 -73.47 1.14 2.82
N LYS H 64 -74.26 0.11 2.52
CA LYS H 64 -74.42 -0.32 1.13
C LYS H 64 -74.99 0.80 0.27
N LEU H 65 -75.72 1.74 0.87
CA LEU H 65 -76.39 2.79 0.10
C LEU H 65 -75.48 3.96 -0.24
N GLY H 66 -74.25 3.98 0.27
CA GLY H 66 -73.32 5.02 -0.12
C GLY H 66 -73.80 6.41 0.23
N GLY H 67 -73.70 7.32 -0.73
CA GLY H 67 -74.00 8.73 -0.46
C GLY H 67 -75.45 8.97 -0.09
N GLY H 68 -76.36 8.22 -0.71
CA GLY H 68 -77.77 8.39 -0.45
C GLY H 68 -78.63 8.40 -1.70
N GLU H 69 -79.93 8.59 -1.52
CA GLU H 69 -80.85 8.53 -2.66
C GLU H 69 -80.60 9.69 -3.63
N LYS H 70 -80.47 10.91 -3.12
CA LYS H 70 -80.25 12.06 -3.99
C LYS H 70 -78.94 11.91 -4.75
N ALA H 71 -77.87 11.53 -4.04
CA ALA H 71 -76.59 11.33 -4.71
C ALA H 71 -76.66 10.16 -5.69
N ARG H 72 -77.32 9.07 -5.29
CA ARG H 72 -77.44 7.92 -6.17
C ARG H 72 -78.25 8.25 -7.42
N ALA H 73 -79.34 9.01 -7.24
CA ALA H 73 -80.15 9.40 -8.39
C ALA H 73 -79.36 10.26 -9.36
N LEU H 74 -78.58 11.21 -8.84
CA LEU H 74 -77.75 12.04 -9.72
C LEU H 74 -76.72 11.20 -10.46
N HIS H 75 -76.08 10.26 -9.76
CA HIS H 75 -75.10 9.40 -10.40
C HIS H 75 -75.70 8.66 -11.58
N ILE H 76 -76.86 8.03 -11.38
CA ILE H 76 -77.50 7.28 -12.46
C ILE H 76 -77.94 8.21 -13.57
N SER H 77 -78.39 9.42 -13.23
CA SER H 77 -78.86 10.36 -14.24
C SER H 77 -77.79 10.69 -15.27
N ARG H 78 -76.51 10.54 -14.92
CA ARG H 78 -75.42 10.78 -15.84
C ARG H 78 -75.08 9.56 -16.67
N GLY H 79 -75.89 8.50 -16.63
CA GLY H 79 -75.64 7.30 -17.38
C GLY H 79 -74.60 6.38 -16.79
N LYS H 80 -74.12 6.65 -15.58
CA LYS H 80 -73.08 5.84 -14.96
C LYS H 80 -73.69 4.76 -14.08
N LEU H 81 -73.00 3.62 -14.03
CA LEU H 81 -73.41 2.54 -13.13
C LEU H 81 -73.02 2.88 -11.70
N LEU H 82 -73.81 2.37 -10.76
CA LEU H 82 -73.46 2.53 -9.35
C LEU H 82 -72.23 1.70 -9.03
N PRO H 83 -71.40 2.16 -8.08
CA PRO H 83 -70.10 1.50 -7.86
C PRO H 83 -70.21 0.01 -7.59
N ARG H 84 -71.22 -0.42 -6.82
CA ARG H 84 -71.34 -1.85 -6.50
C ARG H 84 -71.93 -2.63 -7.67
N GLU H 85 -72.73 -1.96 -8.51
CA GLU H 85 -73.20 -2.62 -9.73
C GLU H 85 -72.05 -2.83 -10.70
N ARG H 86 -71.08 -1.91 -10.73
CA ARG H 86 -69.91 -2.09 -11.58
C ARG H 86 -69.15 -3.35 -11.20
N ILE H 87 -68.94 -3.58 -9.91
CA ILE H 87 -68.22 -4.77 -9.46
C ILE H 87 -68.98 -6.03 -9.83
N ASP H 88 -70.30 -6.01 -9.65
CA ASP H 88 -71.11 -7.19 -10.00
C ASP H 88 -70.94 -7.55 -11.47
N ASN H 89 -70.89 -6.55 -12.34
CA ASN H 89 -70.76 -6.83 -13.78
C ASN H 89 -69.32 -7.18 -14.14
N LEU H 90 -68.37 -6.83 -13.27
CA LEU H 90 -66.97 -7.10 -13.58
C LEU H 90 -66.58 -8.53 -13.25
N ILE H 91 -67.00 -9.04 -12.09
CA ILE H 91 -66.56 -10.36 -11.67
C ILE H 91 -67.35 -11.45 -12.38
N ASP H 92 -66.85 -12.67 -12.29
CA ASP H 92 -67.47 -13.78 -12.98
C ASP H 92 -68.88 -14.01 -12.44
N PRO H 93 -69.82 -14.46 -13.27
CA PRO H 93 -71.20 -14.62 -12.81
C PRO H 93 -71.30 -15.60 -11.67
N GLY H 94 -71.92 -15.17 -10.57
CA GLY H 94 -72.15 -16.01 -9.43
C GLY H 94 -70.96 -16.21 -8.53
N SER H 95 -69.80 -15.63 -8.85
CA SER H 95 -68.61 -15.81 -8.04
C SER H 95 -68.72 -15.00 -6.75
N PRO H 96 -68.27 -15.54 -5.62
CA PRO H 96 -68.28 -14.77 -4.38
C PRO H 96 -67.28 -13.62 -4.46
N PHE H 97 -67.62 -12.53 -3.75
CA PHE H 97 -66.78 -11.34 -3.70
C PHE H 97 -66.43 -11.06 -2.24
N LEU H 98 -65.14 -11.02 -1.95
CA LEU H 98 -64.65 -10.81 -0.58
C LEU H 98 -64.36 -9.33 -0.39
N GLU H 99 -65.34 -8.59 0.14
CA GLU H 99 -65.14 -7.18 0.41
C GLU H 99 -64.32 -6.99 1.67
N LEU H 100 -63.56 -5.90 1.71
CA LEU H 100 -62.64 -5.62 2.80
C LEU H 100 -62.92 -4.24 3.39
N SER H 101 -62.78 -4.15 4.72
CA SER H 101 -62.90 -2.89 5.43
C SER H 101 -64.20 -2.16 5.08
N GLN H 102 -65.31 -2.87 5.23
CA GLN H 102 -66.61 -2.25 4.96
C GLN H 102 -66.89 -1.09 5.90
N PHE H 103 -66.32 -1.10 7.10
CA PHE H 103 -66.64 -0.13 8.13
C PHE H 103 -65.63 0.99 8.24
N ALA H 104 -64.73 1.14 7.25
CA ALA H 104 -63.78 2.24 7.28
C ALA H 104 -64.52 3.56 7.28
N GLY H 105 -64.07 4.48 8.13
CA GLY H 105 -64.69 5.79 8.25
C GLY H 105 -66.00 5.82 9.00
N TYR H 106 -66.39 4.72 9.63
CA TYR H 106 -67.63 4.67 10.41
C TYR H 106 -67.48 5.51 11.65
N GLN H 107 -68.17 6.66 11.68
CA GLN H 107 -68.12 7.60 12.79
C GLN H 107 -66.70 8.11 13.05
N LEU H 108 -65.84 8.07 12.04
CA LEU H 108 -64.46 8.51 12.21
C LEU H 108 -64.37 10.03 12.28
N TYR H 109 -65.18 10.73 11.50
CA TYR H 109 -65.15 12.17 11.43
C TYR H 109 -66.39 12.75 12.09
N ASP H 110 -66.21 13.87 12.80
CA ASP H 110 -67.19 14.29 13.79
C ASP H 110 -68.59 14.43 13.19
N ASN H 111 -68.72 15.20 12.11
CA ASN H 111 -70.03 15.50 11.54
C ASN H 111 -70.17 15.04 10.10
N GLU H 112 -69.18 14.35 9.54
CA GLU H 112 -69.20 13.90 8.16
C GLU H 112 -69.39 12.40 8.13
N GLU H 113 -70.36 11.94 7.35
CA GLU H 113 -70.60 10.52 7.15
C GLU H 113 -69.93 10.09 5.85
N VAL H 114 -69.04 9.11 5.94
CA VAL H 114 -68.27 8.65 4.78
C VAL H 114 -68.45 7.14 4.66
N PRO H 115 -69.59 6.68 4.17
CA PRO H 115 -69.85 5.23 4.11
C PRO H 115 -68.74 4.49 3.39
N GLY H 116 -68.15 3.52 4.10
CA GLY H 116 -67.10 2.70 3.54
C GLY H 116 -65.82 3.43 3.23
N GLY H 117 -65.65 4.65 3.70
CA GLY H 117 -64.48 5.44 3.39
C GLY H 117 -64.49 6.09 2.03
N GLY H 118 -65.58 5.99 1.29
CA GLY H 118 -65.64 6.53 -0.05
C GLY H 118 -64.99 5.66 -1.11
N ILE H 119 -64.69 4.41 -0.78
CA ILE H 119 -64.02 3.50 -1.71
C ILE H 119 -64.40 2.07 -1.36
N ILE H 120 -64.52 1.24 -2.39
CA ILE H 120 -64.89 -0.17 -2.23
C ILE H 120 -63.72 -1.01 -2.70
N THR H 121 -63.23 -1.89 -1.83
CA THR H 121 -62.11 -2.77 -2.13
C THR H 121 -62.47 -4.20 -1.75
N GLY H 122 -61.98 -5.16 -2.53
CA GLY H 122 -62.25 -6.55 -2.28
C GLY H 122 -61.55 -7.42 -3.29
N ILE H 123 -61.67 -8.74 -3.09
CA ILE H 123 -61.05 -9.73 -3.96
C ILE H 123 -62.15 -10.54 -4.63
N GLY H 124 -62.07 -10.64 -5.95
CA GLY H 124 -63.02 -11.43 -6.71
C GLY H 124 -62.34 -12.06 -7.91
N ARG H 125 -63.10 -12.90 -8.60
CA ARG H 125 -62.58 -13.63 -9.76
C ARG H 125 -63.01 -12.94 -11.04
N VAL H 126 -62.03 -12.60 -11.88
CA VAL H 126 -62.28 -12.01 -13.19
C VAL H 126 -61.62 -12.91 -14.22
N SER H 127 -62.44 -13.46 -15.13
CA SER H 127 -61.94 -14.36 -16.17
C SER H 127 -61.15 -15.52 -15.57
N GLY H 128 -61.62 -16.01 -14.42
CA GLY H 128 -60.97 -17.12 -13.75
C GLY H 128 -59.71 -16.76 -12.98
N VAL H 129 -59.45 -15.47 -12.77
CA VAL H 129 -58.25 -15.02 -12.08
C VAL H 129 -58.67 -14.17 -10.89
N GLU H 130 -58.04 -14.41 -9.74
CA GLU H 130 -58.34 -13.64 -8.54
C GLU H 130 -57.65 -12.28 -8.63
N CYS H 131 -58.44 -11.21 -8.50
CA CYS H 131 -57.92 -9.86 -8.66
C CYS H 131 -58.41 -8.97 -7.52
N MET H 132 -57.57 -8.02 -7.13
CA MET H 132 -57.97 -6.98 -6.19
C MET H 132 -58.66 -5.87 -6.95
N ILE H 133 -59.86 -5.49 -6.49
CA ILE H 133 -60.67 -4.48 -7.16
C ILE H 133 -60.77 -3.27 -6.22
N ILE H 134 -60.41 -2.10 -6.75
CA ILE H 134 -60.43 -0.85 -6.00
C ILE H 134 -61.28 0.14 -6.78
N ALA H 135 -62.46 0.44 -6.24
CA ALA H 135 -63.44 1.30 -6.91
C ALA H 135 -63.76 2.50 -6.03
N ASN H 136 -63.63 3.70 -6.60
CA ASN H 136 -64.06 4.91 -5.92
C ASN H 136 -65.59 4.97 -5.91
N ASP H 137 -66.14 5.51 -4.83
CA ASP H 137 -67.58 5.67 -4.68
C ASP H 137 -67.91 7.14 -4.92
N ALA H 138 -68.27 7.47 -6.16
CA ALA H 138 -68.53 8.86 -6.51
C ALA H 138 -69.72 9.45 -5.77
N THR H 139 -70.62 8.61 -5.26
CA THR H 139 -71.78 9.13 -4.56
C THR H 139 -71.41 9.65 -3.17
N VAL H 140 -70.25 9.27 -2.67
CA VAL H 140 -69.80 9.65 -1.33
C VAL H 140 -68.87 10.85 -1.47
N LYS H 141 -69.35 12.02 -1.05
CA LYS H 141 -68.57 13.26 -1.09
C LYS H 141 -67.94 13.47 -2.47
N GLY H 142 -68.66 13.05 -3.50
CA GLY H 142 -68.16 13.19 -4.86
C GLY H 142 -66.89 12.43 -5.13
N GLY H 143 -66.60 11.39 -4.35
CA GLY H 143 -65.40 10.61 -4.55
C GLY H 143 -64.12 11.22 -4.01
N ALA H 144 -64.23 12.23 -3.15
CA ALA H 144 -63.04 12.88 -2.61
C ALA H 144 -62.29 11.91 -1.71
N TYR H 145 -60.97 12.12 -1.60
CA TYR H 145 -60.10 11.25 -0.83
C TYR H 145 -59.94 11.80 0.58
N TYR H 146 -60.63 11.19 1.54
CA TYR H 146 -60.40 11.47 2.94
C TYR H 146 -59.19 10.70 3.43
N PRO H 147 -58.62 11.08 4.58
CA PRO H 147 -57.44 10.35 5.08
C PRO H 147 -57.69 8.86 5.23
N VAL H 148 -58.88 8.45 5.65
CA VAL H 148 -59.19 7.03 5.75
C VAL H 148 -59.24 6.39 4.37
N THR H 149 -59.72 7.16 3.37
CA THR H 149 -59.78 6.62 2.02
C THR H 149 -58.40 6.23 1.50
N VAL H 150 -57.39 7.07 1.78
CA VAL H 150 -56.03 6.75 1.37
C VAL H 150 -55.56 5.48 2.09
N LYS H 151 -55.80 5.38 3.39
CA LYS H 151 -55.35 4.22 4.15
C LYS H 151 -56.01 2.95 3.63
N LYS H 152 -57.30 3.00 3.33
CA LYS H 152 -57.99 1.81 2.81
C LYS H 152 -57.39 1.36 1.49
N GLN H 153 -57.12 2.30 0.58
CA GLN H 153 -56.52 1.94 -0.70
C GLN H 153 -55.13 1.35 -0.53
N LEU H 154 -54.32 1.94 0.33
CA LEU H 154 -52.96 1.44 0.54
C LEU H 154 -53.00 0.03 1.14
N ARG H 155 -53.94 -0.25 2.03
CA ARG H 155 -54.08 -1.59 2.56
C ARG H 155 -54.43 -2.59 1.46
N ALA H 156 -55.31 -2.19 0.53
CA ALA H 156 -55.65 -3.07 -0.57
C ALA H 156 -54.45 -3.34 -1.47
N GLN H 157 -53.67 -2.31 -1.78
CA GLN H 157 -52.48 -2.49 -2.60
C GLN H 157 -51.48 -3.41 -1.90
N GLU H 158 -51.33 -3.26 -0.59
CA GLU H 158 -50.43 -4.13 0.16
C GLU H 158 -50.87 -5.58 0.06
N ILE H 159 -52.19 -5.84 0.17
CA ILE H 159 -52.70 -7.20 0.05
C ILE H 159 -52.41 -7.76 -1.33
N ALA H 160 -52.65 -6.96 -2.38
CA ALA H 160 -52.40 -7.44 -3.73
C ALA H 160 -50.92 -7.74 -3.95
N MET H 161 -50.04 -6.86 -3.47
CA MET H 161 -48.61 -7.08 -3.67
C MET H 161 -48.14 -8.35 -2.97
N GLN H 162 -48.58 -8.58 -1.73
CA GLN H 162 -48.10 -9.73 -0.98
C GLN H 162 -48.59 -11.04 -1.58
N ASN H 163 -49.77 -11.02 -2.20
CA ASN H 163 -50.38 -12.23 -2.76
C ASN H 163 -50.33 -12.26 -4.28
N ARG H 164 -49.66 -11.30 -4.91
CA ARG H 164 -49.53 -11.25 -6.36
C ARG H 164 -50.90 -11.27 -7.04
N LEU H 165 -51.77 -10.38 -6.60
CA LEU H 165 -53.08 -10.27 -7.22
C LEU H 165 -53.11 -9.08 -8.17
N PRO H 166 -53.52 -9.28 -9.43
CA PRO H 166 -53.64 -8.14 -10.33
C PRO H 166 -54.62 -7.11 -9.78
N CYS H 167 -54.29 -5.84 -9.96
CA CYS H 167 -55.07 -4.74 -9.42
C CYS H 167 -55.91 -4.09 -10.52
N ILE H 168 -57.19 -3.90 -10.24
CA ILE H 168 -58.11 -3.25 -11.16
C ILE H 168 -58.67 -2.01 -10.46
N TYR H 169 -58.40 -0.83 -11.02
CA TYR H 169 -58.85 0.42 -10.45
C TYR H 169 -60.02 0.94 -11.26
N LEU H 170 -61.19 0.98 -10.65
CA LEU H 170 -62.37 1.61 -11.24
C LEU H 170 -62.39 3.07 -10.79
N VAL H 171 -61.75 3.93 -11.56
CA VAL H 171 -61.41 5.28 -11.13
C VAL H 171 -62.60 6.20 -11.38
N ASP H 172 -63.16 6.73 -10.29
CA ASP H 172 -64.12 7.82 -10.35
C ASP H 172 -63.95 8.68 -9.10
N SER H 173 -63.16 9.73 -9.20
CA SER H 173 -62.67 10.46 -8.03
C SER H 173 -62.79 11.96 -8.22
N GLY H 174 -62.85 12.68 -7.11
CA GLY H 174 -62.89 14.12 -7.09
C GLY H 174 -61.67 14.79 -6.51
N GLY H 175 -60.58 14.06 -6.28
CA GLY H 175 -59.37 14.63 -5.74
C GLY H 175 -59.31 14.56 -4.22
N ALA H 176 -58.23 15.14 -3.70
CA ALA H 176 -58.00 15.12 -2.26
C ALA H 176 -58.95 16.08 -1.54
N TYR H 177 -59.21 15.77 -0.28
CA TYR H 177 -60.08 16.59 0.56
C TYR H 177 -59.23 17.69 1.18
N LEU H 178 -59.33 18.91 0.62
CA LEU H 178 -58.44 19.99 1.03
C LEU H 178 -58.48 20.28 2.53
N PRO H 179 -59.64 20.31 3.20
CA PRO H 179 -59.64 20.66 4.63
C PRO H 179 -58.74 19.78 5.48
N ARG H 180 -58.44 18.57 5.03
CA ARG H 180 -57.58 17.63 5.75
C ARG H 180 -56.36 17.25 4.93
N GLN H 181 -55.78 18.22 4.23
CA GLN H 181 -54.68 17.93 3.31
C GLN H 181 -53.46 17.41 4.06
N ALA H 182 -53.20 17.94 5.25
CA ALA H 182 -52.01 17.56 5.99
C ALA H 182 -51.96 16.07 6.30
N ASP H 183 -53.11 15.40 6.32
CA ASP H 183 -53.18 13.97 6.59
C ASP H 183 -53.38 13.14 5.33
N VAL H 184 -53.15 13.71 4.15
CA VAL H 184 -53.39 13.02 2.89
C VAL H 184 -52.16 13.07 2.00
N PHE H 185 -51.59 14.26 1.83
CA PHE H 185 -50.52 14.50 0.85
C PHE H 185 -49.12 14.08 1.29
N PRO H 186 -48.61 14.60 2.42
CA PRO H 186 -47.16 14.70 2.57
C PRO H 186 -46.43 13.39 2.88
N ASP H 187 -46.94 12.60 3.83
CA ASP H 187 -46.11 11.58 4.47
C ASP H 187 -45.92 10.37 3.56
N ARG H 188 -45.12 9.41 4.04
CA ARG H 188 -44.81 8.23 3.25
C ARG H 188 -46.06 7.40 2.98
N ASP H 189 -46.91 7.20 3.99
CA ASP H 189 -48.14 6.45 3.83
C ASP H 189 -49.30 7.34 3.42
N HIS H 190 -49.02 8.45 2.77
CA HIS H 190 -50.04 9.36 2.28
C HIS H 190 -50.26 9.10 0.78
N PHE H 191 -51.04 9.97 0.14
CA PHE H 191 -51.53 9.69 -1.21
C PHE H 191 -50.41 9.35 -2.16
N GLY H 192 -49.24 9.98 -2.02
CA GLY H 192 -48.15 9.72 -2.94
C GLY H 192 -47.75 8.26 -3.00
N ARG H 193 -47.93 7.52 -1.91
CA ARG H 193 -47.57 6.11 -1.89
C ARG H 193 -48.40 5.29 -2.86
N THR H 194 -49.58 5.77 -3.26
CA THR H 194 -50.42 5.01 -4.18
C THR H 194 -49.71 4.78 -5.50
N PHE H 195 -49.06 5.81 -6.03
CA PHE H 195 -48.35 5.66 -7.31
C PHE H 195 -47.09 4.84 -7.14
N TYR H 196 -46.42 4.97 -5.99
CA TYR H 196 -45.24 4.16 -5.72
C TYR H 196 -45.57 2.67 -5.73
N ASN H 197 -46.70 2.30 -5.13
CA ASN H 197 -47.11 0.89 -5.14
C ASN H 197 -47.39 0.41 -6.55
N GLN H 198 -48.04 1.23 -7.37
CA GLN H 198 -48.32 0.83 -8.74
C GLN H 198 -47.03 0.57 -9.51
N ALA H 199 -46.03 1.45 -9.36
CA ALA H 199 -44.77 1.26 -10.05
C ALA H 199 -44.07 -0.01 -9.61
N ILE H 200 -44.07 -0.28 -8.30
CA ILE H 200 -43.37 -1.47 -7.80
C ILE H 200 -44.08 -2.73 -8.27
N MET H 201 -45.41 -2.78 -8.17
CA MET H 201 -46.15 -3.95 -8.61
C MET H 201 -45.95 -4.21 -10.10
N SER H 202 -45.92 -3.13 -10.90
CA SER H 202 -45.70 -3.28 -12.33
C SER H 202 -44.32 -3.89 -12.60
N SER H 203 -43.31 -3.49 -11.83
CA SER H 203 -41.97 -4.02 -12.05
C SER H 203 -41.88 -5.50 -11.70
N LYS H 204 -42.82 -6.01 -10.91
CA LYS H 204 -42.84 -7.41 -10.51
C LYS H 204 -43.80 -8.24 -11.35
N ASN H 205 -44.35 -7.68 -12.42
CA ASN H 205 -45.29 -8.39 -13.28
C ASN H 205 -46.61 -8.68 -12.59
N ILE H 206 -47.04 -7.79 -11.69
CA ILE H 206 -48.37 -7.83 -11.11
C ILE H 206 -49.20 -6.79 -11.85
N ALA H 207 -50.06 -7.26 -12.75
CA ALA H 207 -50.70 -6.38 -13.71
C ALA H 207 -51.47 -5.27 -13.01
N GLN H 208 -51.36 -4.06 -13.54
CA GLN H 208 -52.11 -2.91 -13.07
C GLN H 208 -53.01 -2.43 -14.19
N ILE H 209 -54.32 -2.49 -13.97
CA ILE H 209 -55.32 -2.12 -14.97
C ILE H 209 -56.17 -1.00 -14.40
N ALA H 210 -56.28 0.10 -15.14
CA ALA H 210 -57.06 1.26 -14.72
C ALA H 210 -58.25 1.43 -15.66
N VAL H 211 -59.43 1.57 -15.08
CA VAL H 211 -60.66 1.79 -15.83
C VAL H 211 -61.19 3.16 -15.42
N VAL H 212 -60.98 4.17 -16.27
CA VAL H 212 -61.41 5.53 -15.98
C VAL H 212 -62.90 5.61 -16.33
N MET H 213 -63.75 5.57 -15.32
CA MET H 213 -65.20 5.56 -15.49
C MET H 213 -65.80 6.90 -15.06
N GLY H 214 -64.97 7.92 -14.92
CA GLY H 214 -65.43 9.20 -14.45
C GLY H 214 -64.30 10.22 -14.52
N SER H 215 -64.42 11.23 -13.67
CA SER H 215 -63.42 12.28 -13.62
C SER H 215 -62.26 11.89 -12.71
N CYS H 216 -61.04 12.22 -13.15
CA CYS H 216 -59.85 12.05 -12.34
C CYS H 216 -58.96 13.27 -12.57
N THR H 217 -58.62 13.97 -11.49
CA THR H 217 -57.94 15.25 -11.58
C THR H 217 -56.71 15.26 -10.67
N ALA H 218 -55.71 16.05 -11.06
CA ALA H 218 -54.48 16.22 -10.29
C ALA H 218 -53.84 14.85 -10.12
N GLY H 219 -53.67 14.35 -8.89
CA GLY H 219 -53.06 13.05 -8.71
C GLY H 219 -53.85 11.94 -9.36
N GLY H 220 -55.17 12.07 -9.39
CA GLY H 220 -56.00 11.03 -9.99
C GLY H 220 -55.63 10.75 -11.43
N ALA H 221 -55.20 11.76 -12.16
CA ALA H 221 -54.81 11.57 -13.55
C ALA H 221 -53.59 10.65 -13.68
N TYR H 222 -52.82 10.51 -12.60
CA TYR H 222 -51.63 9.66 -12.66
C TYR H 222 -52.00 8.18 -12.66
N VAL H 223 -53.09 7.82 -11.99
CA VAL H 223 -53.47 6.41 -11.91
C VAL H 223 -53.65 5.79 -13.29
N PRO H 224 -54.43 6.37 -14.21
CA PRO H 224 -54.48 5.80 -15.56
C PRO H 224 -53.14 5.81 -16.27
N ALA H 225 -52.31 6.82 -15.99
CA ALA H 225 -51.01 6.90 -16.65
C ALA H 225 -50.03 5.87 -16.11
N MET H 226 -50.14 5.55 -14.81
CA MET H 226 -49.22 4.60 -14.19
C MET H 226 -49.56 3.16 -14.49
N ALA H 227 -50.77 2.87 -14.99
CA ALA H 227 -51.20 1.50 -15.18
C ALA H 227 -50.57 0.89 -16.44
N ASP H 228 -50.44 -0.44 -16.42
CA ASP H 228 -49.92 -1.14 -17.58
C ASP H 228 -50.87 -1.02 -18.77
N GLU H 229 -52.15 -1.30 -18.56
CA GLU H 229 -53.18 -1.11 -19.59
C GLU H 229 -54.29 -0.25 -19.02
N ASN H 230 -54.90 0.56 -19.87
CA ASN H 230 -55.82 1.60 -19.43
C ASN H 230 -57.06 1.60 -20.31
N ILE H 231 -58.21 1.86 -19.71
CA ILE H 231 -59.50 1.93 -20.40
C ILE H 231 -60.23 3.17 -19.93
N ILE H 232 -60.80 3.92 -20.88
CA ILE H 232 -61.49 5.17 -20.61
C ILE H 232 -62.83 5.16 -21.32
N VAL H 233 -63.87 5.65 -20.63
CA VAL H 233 -65.20 5.74 -21.22
C VAL H 233 -65.31 7.00 -22.07
N ARG H 234 -66.22 6.96 -23.05
CA ARG H 234 -66.23 7.97 -24.10
C ARG H 234 -66.36 9.38 -23.52
N LYS H 235 -67.38 9.61 -22.70
CA LYS H 235 -67.66 10.96 -22.22
C LYS H 235 -67.53 11.13 -20.71
N GLN H 236 -67.82 10.09 -19.93
CA GLN H 236 -67.68 10.22 -18.49
C GLN H 236 -66.23 10.43 -18.07
N GLY H 237 -65.31 9.71 -18.70
CA GLY H 237 -63.91 9.76 -18.32
C GLY H 237 -63.19 11.03 -18.72
N THR H 238 -62.54 11.68 -17.75
CA THR H 238 -61.74 12.88 -17.99
C THR H 238 -60.43 12.74 -17.23
N ILE H 239 -59.32 13.07 -17.89
CA ILE H 239 -58.00 12.98 -17.29
C ILE H 239 -57.24 14.27 -17.61
N PHE H 240 -56.72 14.92 -16.57
CA PHE H 240 -55.93 16.13 -16.73
C PHE H 240 -55.14 16.38 -15.46
N LEU H 241 -53.86 16.73 -15.61
CA LEU H 241 -53.06 17.09 -14.44
C LEU H 241 -53.64 18.32 -13.75
N ALA H 242 -54.02 19.33 -14.52
CA ALA H 242 -54.63 20.55 -13.99
C ALA H 242 -56.05 20.65 -14.49
N GLY H 243 -56.99 20.83 -13.58
CA GLY H 243 -58.39 20.96 -13.94
C GLY H 243 -58.69 22.28 -14.59
N PRO H 244 -59.88 22.38 -15.17
CA PRO H 244 -60.29 23.62 -15.82
C PRO H 244 -60.20 24.81 -14.88
N PRO H 245 -60.60 24.66 -13.62
CA PRO H 245 -60.47 25.79 -12.68
C PRO H 245 -59.05 26.30 -12.54
N LEU H 246 -58.06 25.39 -12.52
CA LEU H 246 -56.67 25.83 -12.41
C LEU H 246 -56.18 26.43 -13.72
N VAL H 247 -56.62 25.87 -14.85
CA VAL H 247 -56.21 26.40 -16.15
C VAL H 247 -56.67 27.85 -16.30
N LYS H 248 -57.92 28.13 -15.92
CA LYS H 248 -58.43 29.49 -16.01
C LYS H 248 -57.65 30.44 -15.13
N ALA H 249 -57.36 30.04 -13.89
CA ALA H 249 -56.61 30.90 -12.98
C ALA H 249 -55.19 31.10 -13.47
N ALA H 250 -54.55 30.04 -13.96
CA ALA H 250 -53.15 30.14 -14.36
C ALA H 250 -52.99 30.89 -15.68
N THR H 251 -53.87 30.62 -16.65
CA THR H 251 -53.74 31.17 -17.99
C THR H 251 -54.97 31.92 -18.48
N GLY H 252 -56.03 31.99 -17.68
CA GLY H 252 -57.22 32.73 -18.10
C GLY H 252 -57.89 32.18 -19.33
N GLU H 253 -58.02 30.86 -19.43
CA GLU H 253 -58.67 30.21 -20.56
C GLU H 253 -59.82 29.36 -20.04
N GLU H 254 -60.96 29.41 -20.72
CA GLU H 254 -62.13 28.63 -20.37
C GLU H 254 -62.22 27.43 -21.30
N VAL H 255 -62.13 26.23 -20.74
CA VAL H 255 -62.20 24.99 -21.50
C VAL H 255 -63.00 23.97 -20.71
N SER H 256 -63.83 23.21 -21.41
CA SER H 256 -64.61 22.17 -20.76
C SER H 256 -63.71 21.00 -20.38
N ALA H 257 -64.19 20.21 -19.40
CA ALA H 257 -63.41 19.07 -18.94
C ALA H 257 -63.21 18.06 -20.06
N GLU H 258 -64.25 17.83 -20.88
CA GLU H 258 -64.13 16.87 -21.97
C GLU H 258 -63.04 17.29 -22.95
N ASP H 259 -63.00 18.58 -23.31
CA ASP H 259 -61.98 19.05 -24.24
C ASP H 259 -60.58 18.96 -23.62
N LEU H 260 -60.45 19.37 -22.36
CA LEU H 260 -59.16 19.27 -21.68
C LEU H 260 -58.74 17.82 -21.52
N GLY H 261 -59.67 16.95 -21.16
CA GLY H 261 -59.39 15.53 -21.08
C GLY H 261 -60.22 14.73 -22.07
N GLY H 262 -61.10 13.87 -21.57
CA GLY H 262 -61.99 13.14 -22.45
C GLY H 262 -61.32 11.93 -23.07
N ALA H 263 -62.15 10.93 -23.39
CA ALA H 263 -61.64 9.71 -24.00
C ALA H 263 -61.04 9.98 -25.38
N ASP H 264 -61.71 10.81 -26.18
CA ASP H 264 -61.23 11.06 -27.54
C ASP H 264 -59.86 11.71 -27.53
N LEU H 265 -59.65 12.72 -26.67
CA LEU H 265 -58.36 13.40 -26.63
C LEU H 265 -57.25 12.43 -26.24
N HIS H 266 -57.48 11.63 -25.19
CA HIS H 266 -56.45 10.71 -24.73
C HIS H 266 -56.34 9.50 -25.64
N CYS H 267 -57.47 9.01 -26.14
CA CYS H 267 -57.45 7.83 -26.99
C CYS H 267 -56.75 8.09 -28.32
N ARG H 268 -57.01 9.24 -28.93
CA ARG H 268 -56.60 9.48 -30.31
C ARG H 268 -55.43 10.45 -30.46
N LYS H 269 -55.33 11.47 -29.62
CA LYS H 269 -54.24 12.45 -29.74
C LYS H 269 -53.24 12.34 -28.59
N SER H 270 -53.69 12.41 -27.33
CA SER H 270 -52.73 12.33 -26.23
C SER H 270 -52.08 10.95 -26.16
N GLY H 271 -52.84 9.90 -26.48
CA GLY H 271 -52.33 8.55 -26.41
C GLY H 271 -52.31 7.94 -25.03
N VAL H 272 -52.86 8.64 -24.02
CA VAL H 272 -52.86 8.11 -22.67
C VAL H 272 -53.80 6.90 -22.56
N SER H 273 -54.82 6.84 -23.41
CA SER H 273 -55.83 5.79 -23.34
C SER H 273 -55.46 4.64 -24.27
N ASP H 274 -55.52 3.42 -23.74
CA ASP H 274 -55.24 2.24 -24.54
C ASP H 274 -56.51 1.65 -25.16
N HIS H 275 -57.63 1.72 -24.45
CA HIS H 275 -58.89 1.21 -24.95
C HIS H 275 -59.97 2.27 -24.76
N TRP H 276 -60.83 2.39 -25.77
CA TRP H 276 -61.90 3.38 -25.77
C TRP H 276 -63.24 2.66 -25.64
N ALA H 277 -64.01 3.03 -24.62
CA ALA H 277 -65.25 2.36 -24.28
C ALA H 277 -66.44 3.29 -24.51
N LEU H 278 -67.57 2.70 -24.90
CA LEU H 278 -68.77 3.50 -25.15
C LEU H 278 -69.47 3.87 -23.85
N ASP H 279 -69.66 2.91 -22.95
CA ASP H 279 -70.35 3.17 -21.69
C ASP H 279 -69.73 2.28 -20.62
N ASP H 280 -70.33 2.31 -19.43
CA ASP H 280 -69.81 1.54 -18.31
C ASP H 280 -69.84 0.05 -18.60
N HIS H 281 -70.92 -0.44 -19.21
CA HIS H 281 -71.01 -1.86 -19.53
C HIS H 281 -69.90 -2.26 -20.51
N HIS H 282 -69.68 -1.44 -21.53
CA HIS H 282 -68.61 -1.74 -22.49
C HIS H 282 -67.25 -1.72 -21.80
N ALA H 283 -67.01 -0.76 -20.92
CA ALA H 283 -65.73 -0.68 -20.22
C ALA H 283 -65.48 -1.93 -19.39
N LEU H 284 -66.51 -2.40 -18.67
CA LEU H 284 -66.36 -3.60 -17.86
C LEU H 284 -66.11 -4.82 -18.74
N HIS H 285 -66.79 -4.89 -19.89
CA HIS H 285 -66.56 -6.00 -20.80
C HIS H 285 -65.12 -6.02 -21.31
N LEU H 286 -64.59 -4.85 -21.65
CA LEU H 286 -63.20 -4.77 -22.10
C LEU H 286 -62.24 -5.19 -21.01
N THR H 287 -62.54 -4.83 -19.76
CA THR H 287 -61.65 -5.18 -18.65
C THR H 287 -61.50 -6.68 -18.53
N ARG H 288 -62.60 -7.43 -18.65
CA ARG H 288 -62.51 -8.88 -18.57
C ARG H 288 -61.63 -9.43 -19.68
N LYS H 289 -61.70 -8.84 -20.87
CA LYS H 289 -60.83 -9.27 -21.96
C LYS H 289 -59.36 -9.01 -21.64
N VAL H 290 -59.07 -7.85 -21.05
CA VAL H 290 -57.68 -7.51 -20.73
C VAL H 290 -57.10 -8.53 -19.75
N VAL H 291 -57.86 -8.91 -18.73
CA VAL H 291 -57.37 -9.87 -17.75
C VAL H 291 -57.13 -11.23 -18.40
N ARG H 292 -57.99 -11.61 -19.34
CA ARG H 292 -57.84 -12.91 -20.00
C ARG H 292 -56.55 -13.01 -20.80
N ASN H 293 -55.93 -11.89 -21.14
CA ASN H 293 -54.72 -11.88 -21.95
C ASN H 293 -53.46 -11.75 -21.12
N LEU H 294 -53.57 -11.86 -19.79
CA LEU H 294 -52.43 -11.75 -18.91
C LEU H 294 -51.48 -12.94 -19.00
N ASN H 295 -51.93 -14.06 -19.56
CA ASN H 295 -51.10 -15.25 -19.71
C ASN H 295 -50.62 -15.75 -18.34
N TYR H 296 -51.54 -15.77 -17.38
CA TYR H 296 -51.26 -16.21 -16.02
C TYR H 296 -52.02 -17.49 -15.73
N GLN H 297 -51.34 -18.42 -15.05
CA GLN H 297 -51.97 -19.66 -14.61
C GLN H 297 -51.55 -19.92 -13.17
N LYS H 298 -52.54 -20.18 -12.31
CA LYS H 298 -52.26 -20.37 -10.89
C LYS H 298 -51.65 -21.73 -10.64
N LYS H 299 -50.57 -21.76 -9.86
CA LYS H 299 -49.90 -22.99 -9.47
C LYS H 299 -49.80 -23.06 -7.96
N LEU H 300 -50.15 -24.22 -7.39
CA LEU H 300 -50.18 -24.41 -5.95
C LEU H 300 -48.90 -25.07 -5.48
N ASP H 301 -48.32 -24.54 -4.41
CA ASP H 301 -47.12 -25.09 -3.81
C ASP H 301 -47.42 -26.13 -2.74
N VAL H 302 -48.67 -26.29 -2.34
CA VAL H 302 -49.03 -27.14 -1.21
C VAL H 302 -49.79 -28.36 -1.72
N THR H 303 -49.73 -29.42 -0.92
CA THR H 303 -50.51 -30.62 -1.23
C THR H 303 -51.99 -30.36 -0.97
N ILE H 304 -52.84 -31.00 -1.77
CA ILE H 304 -54.27 -30.79 -1.74
C ILE H 304 -54.98 -32.11 -1.50
N GLU H 305 -56.05 -32.06 -0.71
CA GLU H 305 -56.91 -33.19 -0.45
C GLU H 305 -58.36 -32.77 -0.64
N PRO H 306 -59.24 -33.72 -0.95
CA PRO H 306 -60.65 -33.37 -1.18
C PRO H 306 -61.26 -32.67 0.03
N SER H 307 -62.10 -31.68 -0.24
CA SER H 307 -62.71 -30.91 0.82
C SER H 307 -63.83 -31.69 1.50
N GLU H 308 -64.07 -31.34 2.76
CA GLU H 308 -65.17 -31.90 3.54
C GLU H 308 -65.73 -30.83 4.46
N GLU H 309 -67.04 -30.88 4.68
CA GLU H 309 -67.67 -29.94 5.59
C GLU H 309 -67.43 -30.35 7.04
N PRO H 310 -67.44 -29.38 7.95
CA PRO H 310 -67.29 -29.71 9.37
C PRO H 310 -68.46 -30.53 9.87
N LEU H 311 -68.21 -31.32 10.92
CA LEU H 311 -69.21 -32.23 11.45
C LEU H 311 -70.24 -31.55 12.34
N PHE H 312 -70.07 -30.25 12.63
CA PHE H 312 -70.99 -29.54 13.51
C PHE H 312 -71.45 -28.25 12.85
N PRO H 313 -72.67 -27.80 13.15
CA PRO H 313 -73.17 -26.57 12.55
C PRO H 313 -72.34 -25.37 12.99
N ALA H 314 -72.22 -24.41 12.07
CA ALA H 314 -71.45 -23.20 12.36
C ALA H 314 -72.20 -22.27 13.31
N ASP H 315 -73.53 -22.21 13.18
CA ASP H 315 -74.30 -21.27 14.00
C ASP H 315 -74.26 -21.63 15.49
N GLU H 316 -73.87 -22.85 15.84
CA GLU H 316 -73.70 -23.19 17.25
C GLU H 316 -72.62 -22.34 17.91
N LEU H 317 -71.74 -21.72 17.12
CA LEU H 317 -70.73 -20.85 17.69
C LEU H 317 -71.34 -19.69 18.47
N TYR H 318 -72.58 -19.32 18.13
CA TYR H 318 -73.26 -18.26 18.88
C TYR H 318 -73.41 -18.64 20.34
N GLY H 319 -73.98 -19.82 20.60
CA GLY H 319 -74.16 -20.26 21.97
C GLY H 319 -72.85 -20.54 22.69
N ILE H 320 -71.89 -21.13 21.97
CA ILE H 320 -70.63 -21.53 22.62
C ILE H 320 -69.85 -20.30 23.08
N VAL H 321 -69.77 -19.27 22.25
CA VAL H 321 -68.91 -18.12 22.50
C VAL H 321 -69.62 -17.02 23.25
N GLY H 322 -70.81 -16.63 22.80
CA GLY H 322 -71.51 -15.55 23.46
C GLY H 322 -70.83 -14.22 23.24
N ALA H 323 -71.17 -13.26 24.12
CA ALA H 323 -70.62 -11.92 24.04
C ALA H 323 -69.89 -11.49 25.31
N ASN H 324 -69.80 -12.36 26.32
CA ASN H 324 -69.15 -12.03 27.59
C ASN H 324 -67.73 -12.56 27.55
N LEU H 325 -66.75 -11.65 27.61
CA LEU H 325 -65.35 -12.05 27.55
C LEU H 325 -64.85 -12.62 28.87
N LYS H 326 -65.54 -12.37 29.98
CA LYS H 326 -65.10 -12.91 31.26
C LYS H 326 -65.30 -14.41 31.32
N ARG H 327 -66.37 -14.91 30.70
CA ARG H 327 -66.54 -16.35 30.58
C ARG H 327 -65.52 -16.93 29.60
N SER H 328 -65.18 -18.19 29.81
CA SER H 328 -64.18 -18.87 28.99
C SER H 328 -64.82 -20.05 28.27
N PHE H 329 -64.27 -20.36 27.09
CA PHE H 329 -64.73 -21.48 26.29
C PHE H 329 -63.52 -22.21 25.72
N ASP H 330 -63.73 -23.46 25.32
CA ASP H 330 -62.67 -24.27 24.74
C ASP H 330 -62.53 -23.92 23.25
N VAL H 331 -61.35 -23.43 22.88
CA VAL H 331 -61.11 -23.04 21.49
C VAL H 331 -61.24 -24.24 20.56
N ARG H 332 -61.04 -25.45 21.08
CA ARG H 332 -61.22 -26.64 20.25
C ARG H 332 -62.62 -26.71 19.68
N GLU H 333 -63.61 -26.20 20.40
CA GLU H 333 -64.98 -26.16 19.90
C GLU H 333 -65.08 -25.27 18.66
N VAL H 334 -64.39 -24.13 18.68
CA VAL H 334 -64.36 -23.26 17.51
C VAL H 334 -63.68 -23.96 16.34
N ILE H 335 -62.56 -24.63 16.61
CA ILE H 335 -61.84 -25.32 15.54
C ILE H 335 -62.71 -26.42 14.93
N ALA H 336 -63.44 -27.15 15.76
CA ALA H 336 -64.22 -28.29 15.27
C ALA H 336 -65.26 -27.87 14.24
N ARG H 337 -65.64 -26.59 14.23
CA ARG H 337 -66.70 -26.12 13.36
C ARG H 337 -66.22 -25.34 12.16
N ILE H 338 -64.92 -25.32 11.88
CA ILE H 338 -64.41 -24.64 10.69
C ILE H 338 -63.47 -25.50 9.86
N VAL H 339 -62.91 -26.58 10.40
CA VAL H 339 -61.96 -27.39 9.68
C VAL H 339 -62.70 -28.53 8.98
N ASP H 340 -62.08 -29.06 7.92
CA ASP H 340 -62.69 -30.13 7.14
C ASP H 340 -62.92 -31.35 8.03
N GLY H 341 -64.14 -31.89 8.00
CA GLY H 341 -64.46 -33.08 8.75
C GLY H 341 -64.22 -32.98 10.25
N SER H 342 -63.95 -31.79 10.77
CA SER H 342 -63.65 -31.62 12.18
C SER H 342 -62.50 -32.53 12.60
N ARG H 343 -61.50 -32.64 11.73
CA ARG H 343 -60.32 -33.47 11.97
C ARG H 343 -59.16 -32.57 12.35
N PHE H 344 -58.49 -32.90 13.45
CA PHE H 344 -57.45 -32.05 14.02
C PHE H 344 -56.43 -32.91 14.75
N THR H 345 -55.17 -32.75 14.35
CA THR H 345 -54.05 -33.46 14.99
C THR H 345 -53.33 -32.49 15.90
N GLU H 346 -53.57 -32.62 17.21
CA GLU H 346 -53.01 -31.68 18.17
C GLU H 346 -51.54 -32.00 18.42
N PHE H 347 -50.75 -30.95 18.62
CA PHE H 347 -49.32 -31.05 18.86
C PHE H 347 -49.01 -30.58 20.28
N LYS H 348 -48.32 -31.42 21.04
CA LYS H 348 -47.98 -31.12 22.43
C LYS H 348 -49.24 -30.78 23.23
N ALA H 349 -50.19 -31.71 23.22
CA ALA H 349 -51.51 -31.44 23.80
C ALA H 349 -51.43 -31.17 25.29
N PHE H 350 -50.62 -31.94 26.02
CA PHE H 350 -50.60 -31.87 27.48
C PHE H 350 -49.51 -30.95 28.02
N TYR H 351 -48.77 -30.27 27.15
CA TYR H 351 -47.72 -29.35 27.56
C TYR H 351 -48.10 -27.94 27.17
N GLY H 352 -48.08 -27.03 28.14
CA GLY H 352 -48.53 -25.67 27.87
C GLY H 352 -49.97 -25.64 27.42
N ASP H 353 -50.86 -26.25 28.19
CA ASP H 353 -52.22 -26.50 27.73
C ASP H 353 -53.02 -25.22 27.51
N THR H 354 -52.52 -24.07 27.97
CA THR H 354 -53.24 -22.82 27.72
C THR H 354 -53.16 -22.40 26.26
N LEU H 355 -52.33 -23.06 25.46
CA LEU H 355 -52.21 -22.81 24.04
C LEU H 355 -52.50 -24.08 23.27
N VAL H 356 -53.22 -23.95 22.17
CA VAL H 356 -53.64 -25.09 21.36
C VAL H 356 -52.98 -24.95 19.99
N THR H 357 -52.25 -25.98 19.58
CA THR H 357 -51.60 -26.02 18.27
C THR H 357 -51.86 -27.39 17.64
N GLY H 358 -51.99 -27.42 16.32
CA GLY H 358 -52.23 -28.66 15.63
C GLY H 358 -52.36 -28.44 14.14
N PHE H 359 -52.52 -29.55 13.42
CA PHE H 359 -52.62 -29.53 11.97
C PHE H 359 -54.04 -29.90 11.55
N ALA H 360 -54.53 -29.22 10.52
CA ALA H 360 -55.86 -29.46 9.99
C ALA H 360 -55.86 -29.08 8.51
N ARG H 361 -57.04 -29.10 7.91
CA ARG H 361 -57.22 -28.71 6.51
C ARG H 361 -58.51 -27.94 6.36
N ILE H 362 -58.46 -26.82 5.64
CA ILE H 362 -59.62 -26.00 5.34
C ILE H 362 -59.80 -25.95 3.83
N PHE H 363 -60.95 -26.44 3.36
CA PHE H 363 -61.24 -26.52 1.93
C PHE H 363 -60.13 -27.28 1.19
N GLY H 364 -59.50 -28.24 1.86
CA GLY H 364 -58.44 -29.03 1.28
C GLY H 364 -57.04 -28.48 1.46
N TYR H 365 -56.90 -27.24 1.94
CA TYR H 365 -55.57 -26.68 2.16
C TYR H 365 -55.03 -27.11 3.51
N PRO H 366 -53.72 -27.31 3.63
CA PRO H 366 -53.12 -27.62 4.94
C PRO H 366 -52.90 -26.34 5.74
N VAL H 367 -53.23 -26.39 7.02
CA VAL H 367 -53.11 -25.23 7.90
C VAL H 367 -52.64 -25.67 9.27
N GLY H 368 -51.79 -24.87 9.89
CA GLY H 368 -51.43 -25.01 11.29
C GLY H 368 -52.13 -23.93 12.10
N ILE H 369 -52.83 -24.38 13.15
CA ILE H 369 -53.71 -23.51 13.92
C ILE H 369 -53.09 -23.28 15.29
N VAL H 370 -53.00 -22.01 15.69
CA VAL H 370 -52.53 -21.62 17.01
C VAL H 370 -53.65 -20.81 17.67
N GLY H 371 -54.14 -21.29 18.81
CA GLY H 371 -55.24 -20.64 19.48
C GLY H 371 -55.06 -20.53 20.99
N ASN H 372 -55.50 -19.41 21.56
CA ASN H 372 -55.39 -19.21 23.00
C ASN H 372 -56.48 -19.96 23.74
N ASN H 373 -56.12 -20.55 24.86
CA ASN H 373 -57.07 -21.24 25.74
C ASN H 373 -56.82 -20.86 27.18
N GLY H 374 -56.41 -19.63 27.41
CA GLY H 374 -56.08 -19.17 28.75
C GLY H 374 -54.92 -18.20 28.70
N VAL H 375 -54.32 -18.00 29.88
CA VAL H 375 -53.20 -17.08 30.00
C VAL H 375 -51.94 -17.72 29.44
N LEU H 376 -51.10 -16.92 28.79
CA LEU H 376 -49.86 -17.43 28.23
C LEU H 376 -48.84 -17.68 29.34
N PHE H 377 -48.17 -18.82 29.26
CA PHE H 377 -47.13 -19.20 30.21
C PHE H 377 -45.83 -19.40 29.46
N SER H 378 -44.77 -19.68 30.22
CA SER H 378 -43.48 -19.99 29.59
C SER H 378 -43.59 -21.24 28.73
N GLU H 379 -44.27 -22.28 29.23
CA GLU H 379 -44.42 -23.50 28.45
C GLU H 379 -45.23 -23.24 27.17
N SER H 380 -46.28 -22.43 27.27
CA SER H 380 -47.09 -22.14 26.09
C SER H 380 -46.26 -21.45 25.01
N ALA H 381 -45.46 -20.45 25.39
CA ALA H 381 -44.62 -19.77 24.42
C ALA H 381 -43.61 -20.71 23.80
N LYS H 382 -42.97 -21.55 24.62
CA LYS H 382 -42.03 -22.54 24.08
C LYS H 382 -42.73 -23.49 23.13
N LYS H 383 -43.93 -23.94 23.50
CA LYS H 383 -44.70 -24.82 22.64
C LYS H 383 -45.05 -24.12 21.32
N GLY H 384 -45.47 -22.86 21.39
CA GLY H 384 -45.79 -22.12 20.19
C GLY H 384 -44.58 -21.91 19.29
N THR H 385 -43.45 -21.57 19.88
CA THR H 385 -42.23 -21.36 19.08
C THR H 385 -41.82 -22.63 18.36
N HIS H 386 -41.95 -23.78 19.03
CA HIS H 386 -41.63 -25.05 18.39
C HIS H 386 -42.57 -25.31 17.22
N PHE H 387 -43.86 -25.02 17.40
CA PHE H 387 -44.83 -25.30 16.34
C PHE H 387 -44.59 -24.43 15.12
N VAL H 388 -44.26 -23.16 15.32
CA VAL H 388 -44.09 -22.25 14.19
C VAL H 388 -42.91 -22.70 13.32
N GLN H 389 -41.85 -23.20 13.94
CA GLN H 389 -40.73 -23.73 13.17
C GLN H 389 -41.16 -24.91 12.31
N LEU H 390 -42.01 -25.78 12.86
CA LEU H 390 -42.49 -26.93 12.09
C LEU H 390 -43.25 -26.48 10.84
N CYS H 391 -44.19 -25.55 11.01
CA CYS H 391 -44.98 -25.08 9.87
C CYS H 391 -44.09 -24.41 8.83
N CYS H 392 -43.14 -23.59 9.27
CA CYS H 392 -42.24 -22.93 8.33
C CYS H 392 -41.39 -23.94 7.57
N GLN H 393 -40.94 -25.00 8.26
CA GLN H 393 -40.10 -26.00 7.60
C GLN H 393 -40.87 -26.70 6.48
N ARG H 394 -42.14 -27.03 6.73
CA ARG H 394 -42.94 -27.77 5.78
C ARG H 394 -43.75 -26.87 4.85
N ASN H 395 -43.59 -25.56 4.97
CA ASN H 395 -44.31 -24.60 4.12
C ASN H 395 -45.83 -24.78 4.25
N ILE H 396 -46.30 -24.71 5.50
CA ILE H 396 -47.71 -24.89 5.82
C ILE H 396 -48.27 -23.55 6.27
N PRO H 397 -49.36 -23.07 5.68
CA PRO H 397 -49.94 -21.80 6.12
C PRO H 397 -50.35 -21.85 7.58
N LEU H 398 -50.31 -20.69 8.22
CA LEU H 398 -50.55 -20.56 9.65
C LEU H 398 -51.83 -19.77 9.89
N LEU H 399 -52.62 -20.22 10.86
CA LEU H 399 -53.85 -19.55 11.26
C LEU H 399 -53.80 -19.28 12.76
N PHE H 400 -54.06 -18.04 13.15
CA PHE H 400 -54.01 -17.62 14.54
C PHE H 400 -55.41 -17.27 15.01
N LEU H 401 -55.79 -17.77 16.19
CA LEU H 401 -57.05 -17.46 16.82
C LEU H 401 -56.78 -16.78 18.16
N GLN H 402 -56.86 -15.46 18.16
CA GLN H 402 -56.52 -14.66 19.35
C GLN H 402 -57.73 -14.56 20.27
N ASN H 403 -57.62 -15.16 21.45
CA ASN H 403 -58.48 -14.83 22.58
C ASN H 403 -57.56 -14.80 23.81
N ILE H 404 -57.04 -13.64 24.09
CA ILE H 404 -56.00 -13.49 25.10
C ILE H 404 -56.57 -12.78 26.33
N THR H 405 -55.91 -12.99 27.47
CA THR H 405 -56.20 -12.27 28.69
C THR H 405 -54.93 -11.78 29.38
N GLY H 406 -53.78 -11.93 28.74
CA GLY H 406 -52.52 -11.43 29.26
C GLY H 406 -51.51 -12.56 29.45
N PHE H 407 -50.36 -12.18 30.01
CA PHE H 407 -49.29 -13.10 30.36
C PHE H 407 -49.37 -13.42 31.85
N MET H 408 -48.77 -14.55 32.23
CA MET H 408 -48.69 -14.91 33.63
C MET H 408 -47.91 -13.85 34.40
N VAL H 409 -48.44 -13.46 35.56
CA VAL H 409 -47.82 -12.45 36.40
C VAL H 409 -47.36 -13.12 37.69
N GLY H 410 -46.07 -12.99 37.99
CA GLY H 410 -45.53 -13.58 39.20
C GLY H 410 -44.04 -13.40 39.27
N ARG H 411 -43.53 -13.32 40.51
CA ARG H 411 -42.10 -13.15 40.71
C ARG H 411 -41.32 -14.34 40.15
N GLU H 412 -41.82 -15.55 40.39
CA GLU H 412 -41.12 -16.74 39.91
C GLU H 412 -41.07 -16.77 38.39
N TYR H 413 -42.18 -16.42 37.72
CA TYR H 413 -42.22 -16.48 36.27
C TYR H 413 -41.20 -15.53 35.65
N GLU H 414 -41.08 -14.32 36.19
CA GLU H 414 -40.05 -13.40 35.71
C GLU H 414 -38.66 -13.94 35.98
N ALA H 415 -38.46 -14.56 37.14
CA ALA H 415 -37.15 -15.13 37.46
C ALA H 415 -36.77 -16.23 36.46
N GLU H 416 -37.77 -16.93 35.92
CA GLU H 416 -37.55 -17.98 34.95
C GLU H 416 -37.57 -17.46 33.51
N GLY H 417 -37.54 -16.15 33.32
CA GLY H 417 -37.49 -15.57 31.99
C GLY H 417 -38.74 -15.73 31.17
N ILE H 418 -39.91 -15.45 31.75
CA ILE H 418 -41.15 -15.44 30.97
C ILE H 418 -41.03 -14.47 29.82
N ALA H 419 -40.46 -13.28 30.08
CA ALA H 419 -40.20 -12.34 29.00
C ALA H 419 -39.29 -12.95 27.94
N LYS H 420 -38.24 -13.66 28.39
CA LYS H 420 -37.36 -14.34 27.44
C LYS H 420 -38.12 -15.38 26.64
N ASP H 421 -39.13 -16.01 27.25
CA ASP H 421 -39.94 -16.99 26.54
C ASP H 421 -40.94 -16.32 25.61
N GLY H 422 -41.63 -15.29 26.10
CA GLY H 422 -42.58 -14.59 25.25
C GLY H 422 -41.92 -13.97 24.02
N ALA H 423 -40.71 -13.45 24.19
CA ALA H 423 -40.00 -12.87 23.06
C ALA H 423 -39.67 -13.94 22.02
N LYS H 424 -39.45 -15.18 22.45
CA LYS H 424 -39.15 -16.24 21.51
C LYS H 424 -40.28 -16.42 20.49
N MET H 425 -41.52 -16.44 20.96
CA MET H 425 -42.65 -16.57 20.05
C MET H 425 -42.75 -15.37 19.12
N VAL H 426 -42.52 -14.17 19.64
CA VAL H 426 -42.60 -12.97 18.82
C VAL H 426 -41.58 -13.03 17.69
N ALA H 427 -40.35 -13.42 18.01
CA ALA H 427 -39.31 -13.50 16.98
C ALA H 427 -39.66 -14.51 15.91
N ALA H 428 -40.15 -15.69 16.32
CA ALA H 428 -40.50 -16.73 15.34
C ALA H 428 -41.66 -16.28 14.47
N VAL H 429 -42.68 -15.68 15.06
CA VAL H 429 -43.86 -15.26 14.28
C VAL H 429 -43.47 -14.22 13.25
N ALA H 430 -42.65 -13.24 13.64
CA ALA H 430 -42.27 -12.18 12.71
C ALA H 430 -41.52 -12.73 11.51
N CYS H 431 -40.58 -13.66 11.73
CA CYS H 431 -39.74 -14.13 10.65
C CYS H 431 -40.44 -15.14 9.73
N ALA H 432 -41.54 -15.75 10.19
CA ALA H 432 -42.21 -16.76 9.40
C ALA H 432 -42.61 -16.20 8.04
N GLN H 433 -42.32 -16.94 6.98
CA GLN H 433 -42.61 -16.51 5.62
C GLN H 433 -43.81 -17.25 5.01
N VAL H 434 -44.43 -18.16 5.76
CA VAL H 434 -45.63 -18.83 5.29
C VAL H 434 -46.78 -17.83 5.37
N PRO H 435 -47.84 -18.00 4.58
CA PRO H 435 -48.99 -17.10 4.72
C PRO H 435 -49.58 -17.20 6.13
N LYS H 436 -49.95 -16.05 6.68
CA LYS H 436 -50.47 -15.99 8.04
C LYS H 436 -51.77 -15.21 8.05
N ILE H 437 -52.80 -15.79 8.65
CA ILE H 437 -54.09 -15.15 8.81
C ILE H 437 -54.46 -15.16 10.29
N THR H 438 -54.90 -14.01 10.80
CA THR H 438 -55.22 -13.86 12.21
C THR H 438 -56.70 -13.54 12.35
N LEU H 439 -57.35 -14.20 13.29
CA LEU H 439 -58.76 -13.99 13.59
C LEU H 439 -58.91 -13.75 15.09
N ILE H 440 -59.39 -12.55 15.43
CA ILE H 440 -59.57 -12.18 16.83
C ILE H 440 -60.99 -12.56 17.24
N ILE H 441 -61.10 -13.62 18.04
CA ILE H 441 -62.40 -14.12 18.49
C ILE H 441 -62.69 -13.70 19.93
N GLY H 442 -61.84 -12.86 20.52
CA GLY H 442 -62.01 -12.43 21.90
C GLY H 442 -61.14 -11.25 22.25
N GLY H 443 -60.58 -11.25 23.45
CA GLY H 443 -59.73 -10.15 23.86
C GLY H 443 -58.40 -10.16 23.14
N SER H 444 -57.80 -8.97 23.03
CA SER H 444 -56.49 -8.79 22.41
C SER H 444 -55.79 -7.66 23.15
N TYR H 445 -54.95 -8.00 24.11
CA TYR H 445 -54.35 -7.00 24.99
C TYR H 445 -52.85 -7.21 25.09
N GLY H 446 -52.11 -6.10 25.14
CA GLY H 446 -50.70 -6.10 25.49
C GLY H 446 -49.85 -6.91 24.53
N ALA H 447 -48.72 -7.40 25.07
CA ALA H 447 -47.77 -8.17 24.28
C ALA H 447 -48.36 -9.50 23.80
N GLY H 448 -49.46 -9.96 24.41
CA GLY H 448 -50.11 -11.15 23.89
C GLY H 448 -50.59 -10.95 22.46
N ASN H 449 -50.98 -9.72 22.12
CA ASN H 449 -51.34 -9.42 20.73
C ASN H 449 -50.16 -9.65 19.80
N TYR H 450 -48.97 -9.19 20.18
CA TYR H 450 -47.80 -9.34 19.32
C TYR H 450 -47.45 -10.80 19.11
N GLY H 451 -47.49 -11.59 20.19
CA GLY H 451 -47.11 -12.99 20.09
C GLY H 451 -48.05 -13.81 19.22
N MET H 452 -49.29 -13.33 19.04
CA MET H 452 -50.29 -14.02 18.23
C MET H 452 -50.51 -13.34 16.89
N CYS H 453 -49.47 -12.77 16.29
CA CYS H 453 -49.52 -12.20 14.95
C CYS H 453 -50.57 -11.09 14.87
N GLY H 454 -50.29 -10.01 15.59
CA GLY H 454 -51.10 -8.81 15.53
C GLY H 454 -50.92 -8.11 14.19
N ARG H 455 -51.60 -6.97 14.07
CA ARG H 455 -51.54 -6.21 12.83
C ARG H 455 -50.11 -5.78 12.50
N ALA H 456 -49.30 -5.52 13.53
CA ALA H 456 -47.95 -5.05 13.31
C ALA H 456 -47.04 -6.11 12.70
N TYR H 457 -47.46 -7.37 12.68
CA TYR H 457 -46.63 -8.47 12.22
C TYR H 457 -47.01 -8.95 10.82
N SER H 458 -47.74 -8.14 10.05
CA SER H 458 -48.00 -8.36 8.63
C SER H 458 -48.65 -9.71 8.34
N PRO H 459 -49.72 -10.10 9.03
CA PRO H 459 -50.51 -11.22 8.55
C PRO H 459 -51.20 -10.86 7.24
N ARG H 460 -51.37 -11.87 6.39
CA ARG H 460 -52.00 -11.60 5.09
C ARG H 460 -53.37 -10.98 5.27
N PHE H 461 -54.13 -11.46 6.25
CA PHE H 461 -55.44 -10.89 6.57
C PHE H 461 -55.63 -10.89 8.08
N LEU H 462 -56.43 -9.96 8.56
CA LEU H 462 -56.78 -9.88 9.97
C LEU H 462 -58.27 -9.61 10.10
N TYR H 463 -59.00 -10.54 10.70
CA TYR H 463 -60.44 -10.42 10.89
C TYR H 463 -60.76 -10.45 12.37
N ILE H 464 -61.91 -9.88 12.72
CA ILE H 464 -62.35 -9.81 14.12
C ILE H 464 -63.83 -10.16 14.18
N TRP H 465 -64.21 -10.87 15.24
CA TRP H 465 -65.60 -11.16 15.49
C TRP H 465 -66.28 -9.97 16.16
N PRO H 466 -67.60 -9.88 16.09
CA PRO H 466 -68.29 -8.70 16.62
C PRO H 466 -68.15 -8.52 18.12
N ASN H 467 -67.72 -9.56 18.84
CA ASN H 467 -67.57 -9.50 20.29
C ASN H 467 -66.14 -9.19 20.73
N ALA H 468 -65.24 -8.88 19.80
CA ALA H 468 -63.84 -8.73 20.12
C ALA H 468 -63.58 -7.41 20.86
N ARG H 469 -62.42 -7.35 21.51
CA ARG H 469 -61.92 -6.16 22.18
C ARG H 469 -60.41 -6.12 22.08
N ILE H 470 -59.87 -4.96 21.74
CA ILE H 470 -58.43 -4.80 21.54
C ILE H 470 -57.99 -3.48 22.16
N SER H 471 -56.88 -3.52 22.89
CA SER H 471 -56.29 -2.33 23.49
C SER H 471 -54.96 -2.73 24.12
N VAL H 472 -54.23 -1.73 24.62
CA VAL H 472 -52.93 -1.99 25.22
C VAL H 472 -53.09 -2.91 26.43
N MET H 473 -54.16 -2.73 27.19
CA MET H 473 -54.48 -3.61 28.30
C MET H 473 -55.99 -3.56 28.51
N GLY H 474 -56.49 -4.53 29.28
CA GLY H 474 -57.91 -4.55 29.57
C GLY H 474 -58.34 -3.30 30.31
N GLY H 475 -59.59 -2.90 30.07
CA GLY H 475 -60.10 -1.70 30.70
C GLY H 475 -60.02 -1.76 32.21
N GLU H 476 -60.34 -2.92 32.79
CA GLU H 476 -60.29 -3.07 34.24
C GLU H 476 -58.86 -2.92 34.77
N GLN H 477 -57.88 -3.53 34.08
CA GLN H 477 -56.51 -3.44 34.54
C GLN H 477 -56.04 -1.98 34.60
N ALA H 478 -56.35 -1.20 33.57
CA ALA H 478 -55.96 0.21 33.59
C ALA H 478 -56.63 0.94 34.74
N ALA H 479 -57.90 0.63 35.01
CA ALA H 479 -58.60 1.25 36.13
C ALA H 479 -57.96 0.84 37.45
N ASN H 480 -57.76 -0.46 37.65
CA ASN H 480 -57.16 -0.93 38.90
C ASN H 480 -55.75 -0.40 39.09
N VAL H 481 -54.96 -0.35 38.02
CA VAL H 481 -53.60 0.17 38.12
C VAL H 481 -53.62 1.61 38.57
N LEU H 482 -54.47 2.43 37.95
CA LEU H 482 -54.57 3.83 38.34
C LEU H 482 -55.08 3.97 39.78
N ALA H 483 -56.01 3.11 40.17
CA ALA H 483 -56.51 3.15 41.54
C ALA H 483 -55.40 2.89 42.54
N THR H 484 -54.56 1.89 42.28
CA THR H 484 -53.44 1.60 43.17
C THR H 484 -52.44 2.75 43.20
N ILE H 485 -52.12 3.32 42.03
CA ILE H 485 -51.14 4.38 41.96
C ILE H 485 -51.62 5.61 42.72
N THR H 486 -52.86 6.04 42.45
CA THR H 486 -53.40 7.21 43.15
C THR H 486 -53.53 6.94 44.64
N LYS H 487 -53.96 5.74 45.02
CA LYS H 487 -54.11 5.41 46.43
C LYS H 487 -52.78 5.58 47.17
N ASP H 488 -51.70 5.00 46.63
CA ASP H 488 -50.40 5.15 47.27
C ASP H 488 -49.92 6.60 47.21
N GLN H 489 -50.15 7.28 46.08
CA GLN H 489 -49.70 8.66 45.95
C GLN H 489 -50.39 9.56 46.97
N ARG H 490 -51.69 9.34 47.20
CA ARG H 490 -52.40 10.11 48.21
C ARG H 490 -51.80 9.88 49.60
N ALA H 491 -51.45 8.63 49.90
CA ALA H 491 -50.82 8.34 51.19
C ALA H 491 -49.49 9.07 51.32
N ARG H 492 -48.69 9.10 50.25
CA ARG H 492 -47.42 9.81 50.29
C ARG H 492 -47.63 11.30 50.56
N GLU H 493 -48.61 11.90 49.89
CA GLU H 493 -48.94 13.30 50.16
C GLU H 493 -49.60 13.47 51.51
N GLY H 494 -50.05 12.37 52.13
CA GLY H 494 -50.79 12.42 53.37
C GLY H 494 -52.28 12.59 53.20
N LYS H 495 -52.74 12.90 51.99
CA LYS H 495 -54.17 13.04 51.74
C LYS H 495 -54.83 11.66 51.64
N GLN H 496 -56.16 11.66 51.73
CA GLN H 496 -56.94 10.44 51.75
C GLN H 496 -57.72 10.29 50.45
N PHE H 497 -57.67 9.09 49.88
CA PHE H 497 -58.44 8.75 48.68
C PHE H 497 -59.57 7.80 49.08
N SER H 498 -60.80 8.30 49.06
CA SER H 498 -61.93 7.53 49.53
C SER H 498 -62.40 6.53 48.49
N SER H 499 -63.30 5.64 48.91
CA SER H 499 -63.88 4.67 47.98
C SER H 499 -64.64 5.38 46.87
N ALA H 500 -65.42 6.40 47.22
CA ALA H 500 -66.05 7.22 46.19
C ALA H 500 -65.00 7.89 45.31
N ASP H 501 -63.86 8.25 45.89
CA ASP H 501 -62.76 8.80 45.10
C ASP H 501 -62.24 7.75 44.12
N GLU H 502 -62.13 6.50 44.56
CA GLU H 502 -61.68 5.43 43.67
C GLU H 502 -62.64 5.25 42.50
N ALA H 503 -63.94 5.23 42.78
CA ALA H 503 -64.93 5.04 41.72
C ALA H 503 -64.89 6.20 40.73
N ALA H 504 -64.75 7.43 41.23
CA ALA H 504 -64.67 8.58 40.33
C ALA H 504 -63.48 8.46 39.38
N LEU H 505 -62.35 7.98 39.88
CA LEU H 505 -61.18 7.79 39.03
C LEU H 505 -61.40 6.67 38.02
N LYS H 506 -61.91 5.53 38.47
CA LYS H 506 -62.02 4.36 37.60
C LYS H 506 -62.99 4.59 36.45
N GLU H 507 -64.12 5.25 36.73
CA GLU H 507 -65.21 5.28 35.76
C GLU H 507 -64.79 5.83 34.41
N PRO H 508 -64.15 7.01 34.32
CA PRO H 508 -63.78 7.53 32.99
C PRO H 508 -62.83 6.61 32.23
N ILE H 509 -61.90 5.94 32.92
CA ILE H 509 -60.96 5.07 32.23
C ILE H 509 -61.68 3.87 31.62
N ILE H 510 -62.57 3.25 32.38
CA ILE H 510 -63.29 2.08 31.87
C ILE H 510 -64.13 2.45 30.66
N LYS H 511 -64.75 3.64 30.69
CA LYS H 511 -65.52 4.08 29.54
C LYS H 511 -64.63 4.28 28.32
N LYS H 512 -63.45 4.88 28.51
CA LYS H 512 -62.56 5.15 27.38
C LYS H 512 -62.09 3.86 26.72
N PHE H 513 -61.70 2.88 27.52
CA PHE H 513 -61.20 1.62 26.96
C PHE H 513 -62.32 0.83 26.30
N GLU H 514 -63.54 0.99 26.79
CA GLU H 514 -64.67 0.33 26.15
C GLU H 514 -64.95 0.92 24.78
N GLU H 515 -64.86 2.24 24.65
CA GLU H 515 -65.12 2.88 23.36
C GLU H 515 -64.02 2.59 22.35
N GLU H 516 -62.77 2.64 22.78
CA GLU H 516 -61.64 2.47 21.88
C GLU H 516 -61.28 1.01 21.63
N GLY H 517 -61.86 0.08 22.39
CA GLY H 517 -61.62 -1.33 22.17
C GLY H 517 -62.74 -1.98 21.38
N ASN H 518 -63.79 -1.22 21.09
CA ASN H 518 -64.92 -1.76 20.38
C ASN H 518 -64.51 -2.17 18.97
N PRO H 519 -65.08 -3.25 18.43
CA PRO H 519 -64.73 -3.64 17.06
C PRO H 519 -64.98 -2.56 16.03
N TYR H 520 -66.07 -1.80 16.19
CA TYR H 520 -66.37 -0.75 15.21
C TYR H 520 -65.34 0.38 15.28
N TYR H 521 -64.87 0.71 16.49
CA TYR H 521 -63.78 1.67 16.62
C TYR H 521 -62.52 1.15 15.93
N SER H 522 -62.20 -0.13 16.14
CA SER H 522 -61.00 -0.71 15.52
C SER H 522 -61.16 -0.83 14.02
N SER H 523 -62.38 -1.08 13.54
CA SER H 523 -62.61 -1.28 12.12
C SER H 523 -62.86 0.03 11.37
N ALA H 524 -63.40 1.05 12.03
CA ALA H 524 -63.58 2.33 11.36
C ALA H 524 -62.24 2.86 10.85
N ARG H 525 -61.25 2.94 11.74
CA ARG H 525 -59.87 2.98 11.31
C ARG H 525 -59.49 1.61 10.76
N VAL H 526 -58.56 1.58 9.82
CA VAL H 526 -58.22 0.29 9.23
C VAL H 526 -57.15 -0.38 10.09
N TRP H 527 -57.59 -1.03 11.16
CA TRP H 527 -56.74 -1.91 11.94
C TRP H 527 -56.97 -3.38 11.60
N ASP H 528 -58.13 -3.70 11.02
CA ASP H 528 -58.45 -5.06 10.61
C ASP H 528 -59.08 -4.99 9.23
N ASP H 529 -59.17 -6.15 8.59
CA ASP H 529 -59.72 -6.23 7.24
C ASP H 529 -61.23 -6.44 7.21
N GLY H 530 -61.88 -6.49 8.36
CA GLY H 530 -63.33 -6.56 8.38
C GLY H 530 -63.85 -7.24 9.63
N ILE H 531 -65.08 -6.91 9.97
CA ILE H 531 -65.84 -7.57 11.02
C ILE H 531 -66.75 -8.60 10.36
N ILE H 532 -66.61 -9.85 10.76
CA ILE H 532 -67.25 -10.96 10.06
C ILE H 532 -68.16 -11.71 11.03
N ASP H 533 -69.30 -12.14 10.52
CA ASP H 533 -70.21 -12.98 11.29
C ASP H 533 -69.55 -14.32 11.58
N PRO H 534 -69.60 -14.80 12.83
CA PRO H 534 -68.96 -16.09 13.14
C PRO H 534 -69.43 -17.23 12.26
N ALA H 535 -70.69 -17.24 11.86
CA ALA H 535 -71.17 -18.32 10.99
C ALA H 535 -70.47 -18.30 9.63
N ASP H 536 -69.89 -17.16 9.25
CA ASP H 536 -69.20 -17.02 7.98
C ASP H 536 -67.70 -17.27 8.08
N THR H 537 -67.21 -17.71 9.25
CA THR H 537 -65.77 -17.80 9.46
C THR H 537 -65.12 -18.77 8.47
N ARG H 538 -65.72 -19.95 8.28
CA ARG H 538 -65.10 -20.94 7.41
C ARG H 538 -65.02 -20.44 5.98
N LEU H 539 -66.08 -19.80 5.48
CA LEU H 539 -66.06 -19.29 4.11
C LEU H 539 -65.01 -18.21 3.93
N VAL H 540 -64.93 -17.26 4.87
CA VAL H 540 -63.99 -16.16 4.75
C VAL H 540 -62.56 -16.68 4.76
N LEU H 541 -62.27 -17.61 5.67
CA LEU H 541 -60.93 -18.20 5.71
C LEU H 541 -60.61 -18.94 4.43
N GLY H 542 -61.57 -19.69 3.89
CA GLY H 542 -61.33 -20.41 2.65
C GLY H 542 -61.02 -19.49 1.50
N LEU H 543 -61.76 -18.39 1.37
CA LEU H 543 -61.46 -17.42 0.33
C LEU H 543 -60.11 -16.77 0.54
N SER H 544 -59.80 -16.39 1.79
CA SER H 544 -58.55 -15.70 2.07
C SER H 544 -57.35 -16.59 1.79
N PHE H 545 -57.37 -17.83 2.27
CA PHE H 545 -56.25 -18.73 2.03
C PHE H 545 -56.09 -19.02 0.55
N SER H 546 -57.20 -19.16 -0.17
CA SER H 546 -57.11 -19.41 -1.61
C SER H 546 -56.41 -18.25 -2.32
N ALA H 547 -56.76 -17.01 -1.96
CA ALA H 547 -56.10 -15.86 -2.56
C ALA H 547 -54.63 -15.79 -2.16
N ALA H 548 -54.33 -16.08 -0.89
CA ALA H 548 -52.95 -15.96 -0.41
C ALA H 548 -52.04 -16.97 -1.08
N LEU H 549 -52.58 -18.03 -1.67
CA LEU H 549 -51.77 -19.06 -2.30
C LEU H 549 -51.37 -18.70 -3.73
N ASN H 550 -51.80 -17.56 -4.25
CA ASN H 550 -51.36 -17.13 -5.56
C ASN H 550 -49.87 -16.83 -5.61
N ALA H 551 -49.27 -16.52 -4.46
CA ALA H 551 -47.84 -16.25 -4.50
C ALA H 551 -47.05 -17.46 -3.99
N PRO H 552 -45.91 -17.75 -4.59
CA PRO H 552 -45.09 -18.88 -4.11
C PRO H 552 -44.61 -18.64 -2.69
N ILE H 553 -44.53 -19.73 -1.92
CA ILE H 553 -44.09 -19.67 -0.53
C ILE H 553 -42.57 -19.68 -0.50
N GLU H 554 -41.99 -18.70 0.18
CA GLU H 554 -40.54 -18.57 0.26
C GLU H 554 -40.00 -19.30 1.48
N LYS H 555 -38.70 -19.59 1.44
CA LYS H 555 -38.02 -20.20 2.58
C LYS H 555 -37.88 -19.18 3.71
N THR H 556 -38.02 -19.68 4.94
CA THR H 556 -38.00 -18.82 6.12
C THR H 556 -36.60 -18.77 6.71
N ASP H 557 -36.12 -17.55 6.97
CA ASP H 557 -34.84 -17.32 7.61
C ASP H 557 -35.10 -16.73 8.99
N PHE H 558 -34.65 -17.43 10.03
CA PHE H 558 -34.87 -17.02 11.40
C PHE H 558 -33.67 -16.26 11.95
N GLY H 559 -33.96 -15.41 12.94
CA GLY H 559 -32.92 -14.75 13.69
C GLY H 559 -32.35 -15.67 14.76
N ILE H 560 -31.62 -15.07 15.70
CA ILE H 560 -31.04 -15.85 16.79
C ILE H 560 -32.12 -16.16 17.82
N PHE H 561 -32.28 -17.45 18.12
CA PHE H 561 -33.19 -17.90 19.16
C PHE H 561 -32.49 -17.79 20.50
N ARG H 562 -32.92 -16.83 21.33
CA ARG H 562 -32.35 -16.65 22.65
C ARG H 562 -32.80 -17.79 23.55
N MET H 563 -31.99 -18.83 23.63
CA MET H 563 -32.37 -20.05 24.33
C MET H 563 -32.44 -19.83 25.83
N LEU I 31 -62.94 -10.28 -35.77
CA LEU I 31 -62.43 -9.47 -36.86
C LEU I 31 -62.92 -10.02 -38.21
N GLY I 32 -62.60 -9.29 -39.26
CA GLY I 32 -62.82 -9.77 -40.61
C GLY I 32 -64.14 -9.30 -41.18
N THR I 33 -64.18 -9.17 -42.50
CA THR I 33 -65.40 -8.87 -43.24
C THR I 33 -65.40 -9.70 -44.52
N GLN I 34 -66.60 -9.92 -45.04
CA GLN I 34 -66.71 -10.71 -46.27
C GLN I 34 -66.32 -9.85 -47.47
N PRO I 35 -65.31 -10.25 -48.24
CA PRO I 35 -64.90 -9.46 -49.40
C PRO I 35 -65.93 -9.54 -50.52
N ASP I 36 -65.89 -8.55 -51.40
CA ASP I 36 -66.80 -8.50 -52.54
C ASP I 36 -66.21 -9.33 -53.66
N LEU I 37 -66.64 -10.60 -53.74
CA LEU I 37 -66.08 -11.51 -54.74
C LEU I 37 -66.36 -11.02 -56.15
N GLY I 38 -67.48 -10.32 -56.35
CA GLY I 38 -67.81 -9.84 -57.68
C GLY I 38 -67.01 -8.63 -58.11
N SER I 39 -66.40 -7.94 -57.16
CA SER I 39 -65.66 -6.72 -57.49
C SER I 39 -64.51 -7.03 -58.44
N ALA I 40 -64.27 -6.10 -59.38
CA ALA I 40 -63.20 -6.29 -60.35
C ALA I 40 -61.85 -6.34 -59.67
N LEU I 41 -61.64 -5.50 -58.66
CA LEU I 41 -60.36 -5.51 -57.93
C LEU I 41 -60.09 -6.89 -57.34
N TYR I 42 -61.09 -7.48 -56.70
CA TYR I 42 -60.91 -8.80 -56.11
C TYR I 42 -60.60 -9.84 -57.18
N GLN I 43 -61.32 -9.79 -58.30
CA GLN I 43 -61.06 -10.72 -59.39
C GLN I 43 -59.64 -10.61 -59.91
N GLU I 44 -59.19 -9.37 -60.13
CA GLU I 44 -57.83 -9.17 -60.63
C GLU I 44 -56.79 -9.61 -59.60
N ASN I 45 -56.98 -9.23 -58.34
CA ASN I 45 -56.01 -9.58 -57.31
C ASN I 45 -55.91 -11.09 -57.14
N TYR I 46 -57.04 -11.79 -57.15
CA TYR I 46 -57.02 -13.24 -57.04
C TYR I 46 -56.27 -13.87 -58.22
N LYS I 47 -56.52 -13.38 -59.43
CA LYS I 47 -55.88 -13.95 -60.60
C LYS I 47 -54.36 -13.78 -60.55
N GLN I 48 -53.89 -12.59 -60.15
CA GLN I 48 -52.46 -12.35 -60.11
C GLN I 48 -51.78 -13.18 -59.03
N MET I 49 -52.36 -13.20 -57.82
CA MET I 49 -51.76 -13.96 -56.74
C MET I 49 -51.77 -15.45 -57.04
N LYS I 50 -52.84 -15.95 -57.66
CA LYS I 50 -52.91 -17.36 -58.01
C LYS I 50 -51.77 -17.75 -58.95
N ALA I 51 -51.49 -16.90 -59.94
CA ALA I 51 -50.39 -17.20 -60.87
C ALA I 51 -49.06 -17.29 -60.14
N LEU I 52 -48.82 -16.39 -59.19
CA LEU I 52 -47.59 -16.45 -58.40
C LEU I 52 -47.49 -17.75 -57.62
N VAL I 53 -48.61 -18.17 -57.02
CA VAL I 53 -48.59 -19.40 -56.23
C VAL I 53 -48.35 -20.61 -57.13
N ASN I 54 -49.00 -20.64 -58.30
CA ASN I 54 -48.76 -21.73 -59.25
C ASN I 54 -47.31 -21.75 -59.70
N GLN I 55 -46.74 -20.57 -59.98
CA GLN I 55 -45.33 -20.49 -60.32
C GLN I 55 -44.46 -21.04 -59.20
N LEU I 56 -44.78 -20.69 -57.95
CA LEU I 56 -44.01 -21.20 -56.82
C LEU I 56 -44.11 -22.73 -56.72
N HIS I 57 -45.30 -23.27 -56.92
CA HIS I 57 -45.48 -24.72 -56.77
C HIS I 57 -44.67 -25.50 -57.79
N GLU I 58 -44.73 -25.11 -59.06
CA GLU I 58 -44.07 -25.90 -60.10
C GLU I 58 -42.55 -25.80 -59.98
N ARG I 59 -42.04 -24.66 -59.53
CA ARG I 59 -40.59 -24.55 -59.33
C ARG I 59 -40.12 -25.48 -58.22
N VAL I 60 -40.91 -25.61 -57.15
CA VAL I 60 -40.55 -26.54 -56.08
C VAL I 60 -40.57 -27.97 -56.60
N GLU I 61 -41.54 -28.29 -57.46
CA GLU I 61 -41.59 -29.63 -58.04
C GLU I 61 -40.27 -29.98 -58.73
N HIS I 62 -39.73 -29.03 -59.50
CA HIS I 62 -38.45 -29.26 -60.16
C HIS I 62 -37.34 -29.43 -59.15
N ILE I 63 -37.30 -28.57 -58.12
CA ILE I 63 -36.28 -28.71 -57.08
C ILE I 63 -36.42 -30.05 -56.36
N LYS I 64 -37.65 -30.57 -56.28
CA LYS I 64 -37.87 -31.85 -55.61
C LYS I 64 -37.05 -32.97 -56.25
N LEU I 65 -36.76 -32.85 -57.54
CA LEU I 65 -36.06 -33.91 -58.26
C LEU I 65 -34.56 -33.90 -58.04
N GLY I 66 -34.02 -32.89 -57.38
CA GLY I 66 -32.59 -32.88 -57.06
C GLY I 66 -31.73 -32.89 -58.31
N GLY I 67 -30.73 -33.78 -58.31
CA GLY I 67 -29.74 -33.76 -59.39
C GLY I 67 -30.32 -34.12 -60.74
N GLY I 68 -31.27 -35.06 -60.76
CA GLY I 68 -31.87 -35.47 -62.02
C GLY I 68 -32.07 -36.96 -62.15
N GLU I 69 -32.63 -37.39 -63.27
CA GLU I 69 -32.95 -38.81 -63.44
C GLU I 69 -31.69 -39.66 -63.45
N LYS I 70 -30.66 -39.24 -64.19
CA LYS I 70 -29.44 -40.02 -64.27
C LYS I 70 -28.77 -40.15 -62.91
N ALA I 71 -28.68 -39.04 -62.18
CA ALA I 71 -28.09 -39.08 -60.85
C ALA I 71 -28.94 -39.89 -59.89
N ARG I 72 -30.27 -39.74 -59.97
CA ARG I 72 -31.16 -40.49 -59.09
C ARG I 72 -31.07 -41.99 -59.37
N ALA I 73 -31.01 -42.36 -60.65
CA ALA I 73 -30.89 -43.77 -60.99
C ALA I 73 -29.58 -44.35 -60.47
N LEU I 74 -28.48 -43.60 -60.59
CA LEU I 74 -27.21 -44.06 -60.06
C LEU I 74 -27.28 -44.19 -58.54
N HIS I 75 -27.91 -43.22 -57.87
CA HIS I 75 -28.01 -43.28 -56.42
C HIS I 75 -28.74 -44.53 -55.96
N ILE I 76 -29.87 -44.86 -56.60
CA ILE I 76 -30.63 -46.04 -56.20
C ILE I 76 -29.88 -47.32 -56.56
N SER I 77 -29.13 -47.30 -57.68
CA SER I 77 -28.41 -48.48 -58.11
C SER I 77 -27.40 -48.96 -57.06
N ARG I 78 -26.97 -48.08 -56.16
CA ARG I 78 -26.05 -48.46 -55.10
C ARG I 78 -26.76 -48.96 -53.85
N GLY I 79 -28.08 -49.12 -53.91
CA GLY I 79 -28.84 -49.59 -52.77
C GLY I 79 -29.21 -48.54 -51.76
N LYS I 80 -28.94 -47.27 -52.04
CA LYS I 80 -29.22 -46.19 -51.11
C LYS I 80 -30.59 -45.58 -51.39
N LEU I 81 -31.24 -45.12 -50.32
CA LEU I 81 -32.50 -44.42 -50.46
C LEU I 81 -32.26 -42.99 -50.96
N LEU I 82 -33.25 -42.44 -51.64
CA LEU I 82 -33.18 -41.04 -52.04
C LEU I 82 -33.31 -40.15 -50.81
N PRO I 83 -32.67 -38.98 -50.82
CA PRO I 83 -32.61 -38.18 -49.58
C PRO I 83 -33.98 -37.85 -49.00
N ARG I 84 -34.96 -37.56 -49.84
CA ARG I 84 -36.28 -37.20 -49.33
C ARG I 84 -37.05 -38.43 -48.85
N GLU I 85 -36.77 -39.59 -49.44
CA GLU I 85 -37.36 -40.82 -48.92
C GLU I 85 -36.80 -41.17 -47.55
N ARG I 86 -35.54 -40.84 -47.30
CA ARG I 86 -34.97 -41.05 -45.98
C ARG I 86 -35.72 -40.25 -44.93
N ILE I 87 -36.01 -38.99 -45.21
CA ILE I 87 -36.73 -38.15 -44.26
C ILE I 87 -38.14 -38.71 -44.02
N ASP I 88 -38.82 -39.13 -45.10
CA ASP I 88 -40.15 -39.68 -44.96
C ASP I 88 -40.16 -40.87 -44.01
N ASN I 89 -39.13 -41.72 -44.08
CA ASN I 89 -39.09 -42.91 -43.22
C ASN I 89 -38.63 -42.56 -41.82
N LEU I 90 -37.86 -41.47 -41.67
CA LEU I 90 -37.35 -41.11 -40.36
C LEU I 90 -38.44 -40.54 -39.46
N ILE I 91 -39.28 -39.65 -39.99
CA ILE I 91 -40.25 -38.96 -39.15
C ILE I 91 -41.43 -39.88 -38.86
N ASP I 92 -42.24 -39.46 -37.88
CA ASP I 92 -43.37 -40.26 -37.46
C ASP I 92 -44.36 -40.41 -38.62
N PRO I 93 -45.08 -41.53 -38.69
CA PRO I 93 -45.98 -41.76 -39.83
C PRO I 93 -47.06 -40.69 -39.91
N GLY I 94 -47.14 -40.04 -41.07
CA GLY I 94 -48.16 -39.06 -41.33
C GLY I 94 -47.92 -37.69 -40.73
N SER I 95 -46.81 -37.51 -40.03
CA SER I 95 -46.55 -36.22 -39.39
C SER I 95 -46.13 -35.18 -40.44
N PRO I 96 -46.53 -33.92 -40.27
CA PRO I 96 -46.08 -32.88 -41.21
C PRO I 96 -44.59 -32.62 -41.06
N PHE I 97 -43.98 -32.18 -42.15
CA PHE I 97 -42.56 -31.86 -42.19
C PHE I 97 -42.40 -30.42 -42.66
N LEU I 98 -41.77 -29.59 -41.84
CA LEU I 98 -41.56 -28.17 -42.14
C LEU I 98 -40.19 -28.02 -42.78
N GLU I 99 -40.14 -27.98 -44.11
CA GLU I 99 -38.88 -27.80 -44.80
C GLU I 99 -38.52 -26.32 -44.86
N LEU I 100 -37.22 -26.04 -44.80
CA LEU I 100 -36.72 -24.68 -44.72
C LEU I 100 -35.80 -24.40 -45.90
N SER I 101 -35.89 -23.16 -46.42
CA SER I 101 -34.99 -22.68 -47.47
C SER I 101 -34.97 -23.63 -48.67
N GLN I 102 -36.16 -23.93 -49.19
CA GLN I 102 -36.25 -24.82 -50.34
C GLN I 102 -35.55 -24.22 -51.56
N PHE I 103 -35.46 -22.89 -51.63
CA PHE I 103 -34.96 -22.21 -52.81
C PHE I 103 -33.51 -21.77 -52.67
N ALA I 104 -32.79 -22.23 -51.66
CA ALA I 104 -31.38 -21.90 -51.52
C ALA I 104 -30.62 -22.34 -52.77
N GLY I 105 -29.81 -21.42 -53.30
CA GLY I 105 -29.03 -21.70 -54.48
C GLY I 105 -29.79 -21.60 -55.79
N TYR I 106 -31.01 -21.10 -55.78
CA TYR I 106 -31.82 -20.97 -56.99
C TYR I 106 -31.20 -19.88 -57.87
N GLN I 107 -30.60 -20.28 -58.98
CA GLN I 107 -29.93 -19.37 -59.92
C GLN I 107 -28.82 -18.57 -59.26
N LEU I 108 -28.32 -19.03 -58.11
CA LEU I 108 -27.27 -18.31 -57.41
C LEU I 108 -25.97 -18.31 -58.20
N TYR I 109 -25.64 -19.43 -58.82
CA TYR I 109 -24.39 -19.59 -59.54
C TYR I 109 -24.64 -19.61 -61.05
N ASP I 110 -23.71 -19.01 -61.80
CA ASP I 110 -24.00 -18.61 -63.17
C ASP I 110 -24.45 -19.79 -64.03
N ASN I 111 -23.65 -20.86 -64.06
CA ASN I 111 -23.91 -21.98 -64.96
C ASN I 111 -24.17 -23.29 -64.22
N GLU I 112 -24.15 -23.29 -62.90
CA GLU I 112 -24.35 -24.50 -62.10
C GLU I 112 -25.72 -24.47 -61.46
N GLU I 113 -26.46 -25.55 -61.62
CA GLU I 113 -27.76 -25.72 -60.97
C GLU I 113 -27.56 -26.53 -59.71
N VAL I 114 -27.96 -25.97 -58.57
CA VAL I 114 -27.79 -26.61 -57.27
C VAL I 114 -29.13 -26.67 -56.58
N PRO I 115 -29.99 -27.62 -56.93
CA PRO I 115 -31.35 -27.66 -56.36
C PRO I 115 -31.31 -27.74 -54.85
N GLY I 116 -31.91 -26.74 -54.20
CA GLY I 116 -31.97 -26.69 -52.76
C GLY I 116 -30.65 -26.49 -52.06
N GLY I 117 -29.60 -26.15 -52.79
CA GLY I 117 -28.29 -25.98 -52.20
C GLY I 117 -27.53 -27.26 -51.95
N GLY I 118 -28.04 -28.39 -52.39
CA GLY I 118 -27.40 -29.67 -52.12
C GLY I 118 -27.65 -30.22 -50.73
N ILE I 119 -28.60 -29.65 -49.99
CA ILE I 119 -28.90 -30.07 -48.63
C ILE I 119 -30.38 -29.83 -48.37
N ILE I 120 -30.97 -30.72 -47.58
CA ILE I 120 -32.38 -30.65 -47.20
C ILE I 120 -32.45 -30.50 -45.69
N THR I 121 -33.06 -29.42 -45.23
CA THR I 121 -33.21 -29.13 -43.81
C THR I 121 -34.66 -28.84 -43.48
N GLY I 122 -35.08 -29.23 -42.30
CA GLY I 122 -36.45 -29.02 -41.87
C GLY I 122 -36.66 -29.56 -40.47
N ILE I 123 -37.87 -29.35 -39.97
CA ILE I 123 -38.25 -29.77 -38.63
C ILE I 123 -39.37 -30.80 -38.75
N GLY I 124 -39.16 -31.97 -38.14
CA GLY I 124 -40.16 -33.00 -38.12
C GLY I 124 -40.17 -33.70 -36.77
N ARG I 125 -41.17 -34.55 -36.58
CA ARG I 125 -41.34 -35.26 -35.33
C ARG I 125 -40.77 -36.67 -35.45
N VAL I 126 -39.81 -36.99 -34.58
CA VAL I 126 -39.21 -38.32 -34.52
C VAL I 126 -39.49 -38.88 -33.13
N SER I 127 -40.18 -40.01 -33.06
CA SER I 127 -40.52 -40.64 -31.80
C SER I 127 -41.24 -39.65 -30.88
N GLY I 128 -42.07 -38.79 -31.47
CA GLY I 128 -42.83 -37.82 -30.72
C GLY I 128 -42.05 -36.60 -30.28
N VAL I 129 -40.82 -36.42 -30.75
CA VAL I 129 -39.98 -35.30 -30.37
C VAL I 129 -39.67 -34.47 -31.62
N GLU I 130 -39.82 -33.15 -31.51
CA GLU I 130 -39.48 -32.28 -32.62
C GLU I 130 -37.96 -32.19 -32.76
N CYS I 131 -37.46 -32.47 -33.96
CA CYS I 131 -36.04 -32.50 -34.21
C CYS I 131 -35.73 -31.76 -35.50
N MET I 132 -34.50 -31.25 -35.59
CA MET I 132 -34.00 -30.66 -36.82
C MET I 132 -33.25 -31.72 -37.62
N ILE I 133 -33.63 -31.88 -38.88
CA ILE I 133 -33.07 -32.91 -39.75
C ILE I 133 -32.26 -32.22 -40.84
N ILE I 134 -30.99 -32.61 -40.97
CA ILE I 134 -30.07 -32.03 -41.94
C ILE I 134 -29.50 -33.19 -42.76
N ALA I 135 -29.92 -33.30 -44.02
CA ALA I 135 -29.54 -34.40 -44.88
C ALA I 135 -28.88 -33.86 -46.14
N ASN I 136 -27.68 -34.37 -46.45
CA ASN I 136 -27.02 -34.04 -47.69
C ASN I 136 -27.74 -34.71 -48.86
N ASP I 137 -27.84 -33.98 -49.97
CA ASP I 137 -28.43 -34.52 -51.20
C ASP I 137 -27.29 -34.99 -52.09
N ALA I 138 -27.00 -36.29 -52.06
CA ALA I 138 -25.87 -36.82 -52.80
C ALA I 138 -26.09 -36.77 -54.31
N THR I 139 -27.32 -36.58 -54.76
CA THR I 139 -27.57 -36.54 -56.20
C THR I 139 -27.20 -35.19 -56.79
N VAL I 140 -26.98 -34.19 -55.94
CA VAL I 140 -26.65 -32.84 -56.40
C VAL I 140 -25.14 -32.64 -56.26
N LYS I 141 -24.44 -32.64 -57.39
CA LYS I 141 -23.00 -32.43 -57.41
C LYS I 141 -22.29 -33.41 -56.48
N GLY I 142 -22.82 -34.62 -56.39
CA GLY I 142 -22.22 -35.62 -55.52
C GLY I 142 -22.20 -35.24 -54.06
N GLY I 143 -23.04 -34.31 -53.64
CA GLY I 143 -23.07 -33.89 -52.26
C GLY I 143 -21.98 -32.91 -51.85
N ALA I 144 -21.33 -32.27 -52.81
CA ALA I 144 -20.29 -31.30 -52.48
C ALA I 144 -20.89 -30.08 -51.78
N TYR I 145 -20.07 -29.43 -50.95
CA TYR I 145 -20.52 -28.29 -50.16
C TYR I 145 -20.21 -27.01 -50.93
N TYR I 146 -21.25 -26.37 -51.46
CA TYR I 146 -21.14 -25.05 -52.04
C TYR I 146 -21.25 -24.00 -50.95
N PRO I 147 -20.85 -22.77 -51.23
CA PRO I 147 -20.95 -21.71 -50.21
C PRO I 147 -22.34 -21.57 -49.64
N VAL I 148 -23.38 -21.69 -50.48
CA VAL I 148 -24.75 -21.60 -49.98
C VAL I 148 -25.08 -22.82 -49.13
N THR I 149 -24.49 -23.97 -49.45
CA THR I 149 -24.74 -25.17 -48.67
C THR I 149 -24.31 -24.99 -47.22
N VAL I 150 -23.14 -24.40 -47.01
CA VAL I 150 -22.67 -24.13 -45.66
C VAL I 150 -23.61 -23.17 -44.95
N LYS I 151 -24.04 -22.10 -45.64
CA LYS I 151 -24.93 -21.14 -45.01
C LYS I 151 -26.26 -21.76 -44.64
N LYS I 152 -26.81 -22.61 -45.51
CA LYS I 152 -28.08 -23.25 -45.19
C LYS I 152 -27.95 -24.16 -43.96
N GLN I 153 -26.87 -24.93 -43.88
CA GLN I 153 -26.67 -25.79 -42.72
C GLN I 153 -26.47 -24.96 -41.45
N LEU I 154 -25.68 -23.89 -41.53
CA LEU I 154 -25.46 -23.05 -40.36
C LEU I 154 -26.76 -22.42 -39.88
N ARG I 155 -27.63 -22.02 -40.82
CA ARG I 155 -28.94 -21.49 -40.43
C ARG I 155 -29.76 -22.55 -39.71
N ALA I 156 -29.73 -23.79 -40.19
CA ALA I 156 -30.47 -24.86 -39.53
C ALA I 156 -29.94 -25.09 -38.11
N GLN I 157 -28.61 -25.10 -37.94
CA GLN I 157 -28.06 -25.28 -36.60
C GLN I 157 -28.44 -24.14 -35.68
N GLU I 158 -28.46 -22.90 -36.20
CA GLU I 158 -28.88 -21.78 -35.38
C GLU I 158 -30.31 -21.94 -34.92
N ILE I 159 -31.20 -22.42 -35.81
CA ILE I 159 -32.58 -22.64 -35.42
C ILE I 159 -32.67 -23.71 -34.34
N ALA I 160 -31.91 -24.80 -34.50
CA ALA I 160 -31.97 -25.89 -33.52
C ALA I 160 -31.49 -25.42 -32.16
N MET I 161 -30.41 -24.65 -32.11
CA MET I 161 -29.88 -24.21 -30.82
C MET I 161 -30.84 -23.24 -30.12
N GLN I 162 -31.41 -22.30 -30.86
CA GLN I 162 -32.27 -21.29 -30.24
C GLN I 162 -33.55 -21.91 -29.69
N ASN I 163 -33.96 -23.04 -30.23
CA ASN I 163 -35.20 -23.70 -29.81
C ASN I 163 -34.95 -25.02 -29.11
N ARG I 164 -33.69 -25.39 -28.88
CA ARG I 164 -33.35 -26.65 -28.21
C ARG I 164 -33.96 -27.83 -28.95
N LEU I 165 -33.68 -27.91 -30.24
CA LEU I 165 -34.16 -29.05 -31.03
C LEU I 165 -33.02 -30.01 -31.31
N PRO I 166 -33.17 -31.29 -31.01
CA PRO I 166 -32.11 -32.25 -31.33
C PRO I 166 -31.81 -32.25 -32.82
N CYS I 167 -30.53 -32.40 -33.16
CA CYS I 167 -30.07 -32.35 -34.54
C CYS I 167 -29.75 -33.75 -35.02
N ILE I 168 -30.32 -34.11 -36.17
CA ILE I 168 -30.05 -35.40 -36.82
C ILE I 168 -29.41 -35.11 -38.16
N TYR I 169 -28.20 -35.61 -38.36
CA TYR I 169 -27.44 -35.40 -39.59
C TYR I 169 -27.44 -36.68 -40.40
N LEU I 170 -28.11 -36.67 -41.54
CA LEU I 170 -28.05 -37.76 -42.50
C LEU I 170 -26.89 -37.48 -43.45
N VAL I 171 -25.72 -37.99 -43.12
CA VAL I 171 -24.47 -37.57 -43.76
C VAL I 171 -24.24 -38.39 -45.01
N ASP I 172 -24.27 -37.72 -46.17
CA ASP I 172 -23.80 -38.29 -47.42
C ASP I 172 -23.23 -37.15 -48.26
N SER I 173 -21.92 -36.92 -48.17
CA SER I 173 -21.31 -35.72 -48.70
C SER I 173 -20.04 -36.06 -49.47
N GLY I 174 -19.66 -35.17 -50.39
CA GLY I 174 -18.45 -35.28 -51.16
C GLY I 174 -17.38 -34.28 -50.85
N GLY I 175 -17.49 -33.55 -49.73
CA GLY I 175 -16.49 -32.57 -49.37
C GLY I 175 -16.76 -31.19 -49.94
N ALA I 176 -15.82 -30.30 -49.69
CA ALA I 176 -15.95 -28.91 -50.12
C ALA I 176 -15.75 -28.78 -51.62
N TYR I 177 -16.37 -27.76 -52.19
CA TYR I 177 -16.23 -27.47 -53.62
C TYR I 177 -14.97 -26.63 -53.81
N LEU I 178 -13.90 -27.28 -54.25
CA LEU I 178 -12.59 -26.62 -54.31
C LEU I 178 -12.61 -25.32 -55.11
N PRO I 179 -13.28 -25.22 -56.27
CA PRO I 179 -13.21 -23.98 -57.05
C PRO I 179 -13.66 -22.75 -56.27
N ARG I 180 -14.43 -22.92 -55.21
CA ARG I 180 -14.93 -21.82 -54.40
C ARG I 180 -14.51 -21.99 -52.93
N GLN I 181 -13.27 -22.46 -52.73
CA GLN I 181 -12.84 -22.79 -51.37
C GLN I 181 -12.79 -21.55 -50.49
N ALA I 182 -12.37 -20.42 -51.05
CA ALA I 182 -12.22 -19.20 -50.24
C ALA I 182 -13.52 -18.77 -49.58
N ASP I 183 -14.66 -19.19 -50.12
CA ASP I 183 -15.96 -18.86 -49.56
C ASP I 183 -16.56 -20.00 -48.74
N VAL I 184 -15.76 -21.01 -48.41
CA VAL I 184 -16.27 -22.17 -47.68
C VAL I 184 -15.45 -22.41 -46.41
N PHE I 185 -14.13 -22.41 -46.54
CA PHE I 185 -13.21 -22.82 -45.48
C PHE I 185 -12.94 -21.78 -44.41
N PRO I 186 -12.47 -20.58 -44.78
CA PRO I 186 -11.66 -19.79 -43.83
C PRO I 186 -12.45 -19.09 -42.73
N ASP I 187 -13.55 -18.42 -43.05
CA ASP I 187 -14.09 -17.40 -42.17
C ASP I 187 -14.87 -18.01 -41.00
N ARG I 188 -15.34 -17.13 -40.11
CA ARG I 188 -16.06 -17.60 -38.92
C ARG I 188 -17.36 -18.31 -39.28
N ASP I 189 -18.10 -17.78 -40.26
CA ASP I 189 -19.34 -18.40 -40.70
C ASP I 189 -19.12 -19.36 -41.87
N HIS I 190 -17.93 -19.92 -41.96
CA HIS I 190 -17.62 -20.88 -43.01
C HIS I 190 -17.68 -22.30 -42.42
N PHE I 191 -17.23 -23.28 -43.20
CA PHE I 191 -17.47 -24.68 -42.86
C PHE I 191 -17.01 -25.01 -41.44
N GLY I 192 -15.95 -24.36 -40.96
CA GLY I 192 -15.47 -24.66 -39.62
C GLY I 192 -16.51 -24.45 -38.55
N ARG I 193 -17.39 -23.46 -38.74
CA ARG I 193 -18.41 -23.17 -37.74
C ARG I 193 -19.36 -24.33 -37.51
N THR I 194 -19.48 -25.25 -38.48
CA THR I 194 -20.40 -26.37 -38.33
C THR I 194 -20.01 -27.23 -37.13
N PHE I 195 -18.72 -27.53 -36.99
CA PHE I 195 -18.28 -28.34 -35.86
C PHE I 195 -18.36 -27.55 -34.55
N TYR I 196 -18.09 -26.25 -34.61
CA TYR I 196 -18.23 -25.41 -33.42
C TYR I 196 -19.66 -25.48 -32.88
N ASN I 197 -20.65 -25.41 -33.78
CA ASN I 197 -22.05 -25.47 -33.35
C ASN I 197 -22.36 -26.82 -32.72
N GLN I 198 -21.85 -27.91 -33.30
CA GLN I 198 -22.09 -29.23 -32.72
C GLN I 198 -21.54 -29.33 -31.30
N ALA I 199 -20.32 -28.83 -31.09
CA ALA I 199 -19.72 -28.90 -29.76
C ALA I 199 -20.52 -28.08 -28.77
N ILE I 200 -21.00 -26.90 -29.17
CA ILE I 200 -21.72 -26.04 -28.24
C ILE I 200 -23.07 -26.66 -27.87
N MET I 201 -23.79 -27.18 -28.86
CA MET I 201 -25.09 -27.79 -28.56
C MET I 201 -24.94 -29.01 -27.66
N SER I 202 -23.89 -29.81 -27.89
CA SER I 202 -23.65 -30.96 -27.04
C SER I 202 -23.42 -30.53 -25.59
N SER I 203 -22.70 -29.43 -25.38
CA SER I 203 -22.45 -28.96 -24.02
C SER I 203 -23.72 -28.49 -23.34
N LYS I 204 -24.76 -28.18 -24.11
CA LYS I 204 -26.03 -27.72 -23.58
C LYS I 204 -27.07 -28.82 -23.48
N ASN I 205 -26.67 -30.08 -23.71
CA ASN I 205 -27.58 -31.21 -23.67
C ASN I 205 -28.63 -31.16 -24.79
N ILE I 206 -28.26 -30.60 -25.94
CA ILE I 206 -29.06 -30.68 -27.14
C ILE I 206 -28.48 -31.79 -27.99
N ALA I 207 -29.19 -32.92 -28.05
CA ALA I 207 -28.61 -34.13 -28.61
C ALA I 207 -28.16 -33.92 -30.06
N GLN I 208 -26.99 -34.46 -30.37
CA GLN I 208 -26.44 -34.44 -31.73
C GLN I 208 -26.30 -35.88 -32.20
N ILE I 209 -27.08 -36.24 -33.22
CA ILE I 209 -27.11 -37.60 -33.75
C ILE I 209 -26.70 -37.55 -35.21
N ALA I 210 -25.71 -38.36 -35.58
CA ALA I 210 -25.20 -38.43 -36.94
C ALA I 210 -25.45 -39.82 -37.50
N VAL I 211 -25.96 -39.88 -38.73
CA VAL I 211 -26.23 -41.13 -39.42
C VAL I 211 -25.42 -41.11 -40.72
N VAL I 212 -24.33 -41.88 -40.73
CA VAL I 212 -23.45 -41.94 -41.91
C VAL I 212 -24.08 -42.93 -42.88
N MET I 213 -24.73 -42.40 -43.93
CA MET I 213 -25.38 -43.20 -44.94
C MET I 213 -24.63 -43.12 -46.27
N GLY I 214 -23.37 -42.71 -46.22
CA GLY I 214 -22.59 -42.55 -47.42
C GLY I 214 -21.16 -42.17 -47.07
N SER I 215 -20.45 -41.67 -48.08
CA SER I 215 -19.07 -41.26 -47.89
C SER I 215 -18.99 -39.90 -47.22
N CYS I 216 -18.06 -39.77 -46.27
CA CYS I 216 -17.73 -38.50 -45.65
C CYS I 216 -16.22 -38.42 -45.53
N THR I 217 -15.64 -37.34 -46.05
CA THR I 217 -14.20 -37.23 -46.20
C THR I 217 -13.73 -35.89 -45.67
N ALA I 218 -12.49 -35.86 -45.16
CA ALA I 218 -11.85 -34.65 -44.65
C ALA I 218 -12.72 -34.08 -43.54
N GLY I 219 -13.25 -32.86 -43.67
CA GLY I 219 -14.08 -32.31 -42.61
C GLY I 219 -15.32 -33.15 -42.35
N GLY I 220 -15.83 -33.81 -43.37
CA GLY I 220 -17.04 -34.60 -43.20
C GLY I 220 -16.87 -35.69 -42.15
N ALA I 221 -15.69 -36.29 -42.07
CA ALA I 221 -15.44 -37.33 -41.08
C ALA I 221 -15.60 -36.81 -39.66
N TYR I 222 -15.48 -35.50 -39.45
CA TYR I 222 -15.59 -34.95 -38.11
C TYR I 222 -17.04 -34.98 -37.62
N VAL I 223 -18.01 -34.89 -38.53
CA VAL I 223 -19.40 -34.85 -38.13
C VAL I 223 -19.79 -36.08 -37.31
N PRO I 224 -19.57 -37.31 -37.78
CA PRO I 224 -19.84 -38.47 -36.92
C PRO I 224 -19.01 -38.49 -35.66
N ALA I 225 -17.77 -37.99 -35.73
CA ALA I 225 -16.89 -38.01 -34.56
C ALA I 225 -17.36 -37.01 -33.51
N MET I 226 -17.92 -35.89 -33.94
CA MET I 226 -18.36 -34.85 -33.00
C MET I 226 -19.76 -35.11 -32.46
N ALA I 227 -20.44 -36.14 -32.90
CA ALA I 227 -21.81 -36.39 -32.47
C ALA I 227 -21.85 -37.16 -31.17
N ASP I 228 -22.91 -36.94 -30.39
CA ASP I 228 -23.10 -37.67 -29.15
C ASP I 228 -23.29 -39.16 -29.41
N GLU I 229 -24.18 -39.50 -30.34
CA GLU I 229 -24.38 -40.88 -30.76
C GLU I 229 -24.31 -40.95 -32.27
N ASN I 230 -23.80 -42.07 -32.80
CA ASN I 230 -23.43 -42.17 -34.20
C ASN I 230 -23.91 -43.50 -34.75
N ILE I 231 -24.39 -43.47 -35.99
CA ILE I 231 -24.86 -44.67 -36.70
C ILE I 231 -24.24 -44.67 -38.09
N ILE I 232 -23.72 -45.83 -38.49
CA ILE I 232 -23.05 -45.99 -39.78
C ILE I 232 -23.61 -47.23 -40.47
N VAL I 233 -23.85 -47.12 -41.77
CA VAL I 233 -24.35 -48.24 -42.56
C VAL I 233 -23.19 -49.16 -42.93
N ARG I 234 -23.53 -50.42 -43.21
CA ARG I 234 -22.49 -51.45 -43.31
C ARG I 234 -21.46 -51.11 -44.38
N LYS I 235 -21.91 -50.84 -45.60
CA LYS I 235 -20.98 -50.65 -46.70
C LYS I 235 -21.04 -49.26 -47.32
N GLN I 236 -22.19 -48.60 -47.33
CA GLN I 236 -22.28 -47.27 -47.90
C GLN I 236 -21.44 -46.26 -47.12
N GLY I 237 -21.47 -46.34 -45.79
CA GLY I 237 -20.80 -45.36 -44.96
C GLY I 237 -19.30 -45.52 -44.90
N THR I 238 -18.57 -44.43 -45.15
CA THR I 238 -17.11 -44.40 -45.07
C THR I 238 -16.68 -43.14 -44.35
N ILE I 239 -15.76 -43.28 -43.41
CA ILE I 239 -15.23 -42.16 -42.63
C ILE I 239 -13.72 -42.23 -42.65
N PHE I 240 -13.08 -41.12 -43.01
CA PHE I 240 -11.63 -41.02 -42.98
C PHE I 240 -11.22 -39.56 -43.08
N LEU I 241 -10.25 -39.16 -42.24
CA LEU I 241 -9.74 -37.80 -42.33
C LEU I 241 -9.10 -37.55 -43.69
N ALA I 242 -8.31 -38.49 -44.18
CA ALA I 242 -7.66 -38.40 -45.48
C ALA I 242 -8.22 -39.49 -46.39
N GLY I 243 -8.68 -39.10 -47.56
CA GLY I 243 -9.22 -40.05 -48.51
C GLY I 243 -8.13 -40.88 -49.16
N PRO I 244 -8.55 -41.93 -49.85
CA PRO I 244 -7.60 -42.80 -50.53
C PRO I 244 -6.69 -42.01 -51.47
N PRO I 245 -7.23 -41.06 -52.22
CA PRO I 245 -6.36 -40.26 -53.11
C PRO I 245 -5.25 -39.54 -52.36
N LEU I 246 -5.53 -38.97 -51.19
CA LEU I 246 -4.48 -38.31 -50.41
C LEU I 246 -3.51 -39.32 -49.83
N VAL I 247 -4.02 -40.48 -49.40
CA VAL I 247 -3.14 -41.50 -48.83
C VAL I 247 -2.13 -41.97 -49.87
N LYS I 248 -2.57 -42.20 -51.10
CA LYS I 248 -1.66 -42.63 -52.15
C LYS I 248 -0.61 -41.56 -52.44
N ALA I 249 -1.03 -40.29 -52.53
CA ALA I 249 -0.08 -39.23 -52.81
C ALA I 249 0.91 -39.06 -51.67
N ALA I 250 0.43 -39.12 -50.42
CA ALA I 250 1.30 -38.88 -49.28
C ALA I 250 2.22 -40.06 -49.02
N THR I 251 1.72 -41.28 -49.11
CA THR I 251 2.47 -42.46 -48.75
C THR I 251 2.57 -43.51 -49.85
N GLY I 252 1.95 -43.27 -51.01
CA GLY I 252 2.05 -44.23 -52.10
C GLY I 252 1.45 -45.58 -51.80
N GLU I 253 0.29 -45.61 -51.15
CA GLU I 253 -0.41 -46.85 -50.83
C GLU I 253 -1.79 -46.82 -51.47
N GLU I 254 -2.20 -47.96 -52.02
CA GLU I 254 -3.51 -48.10 -52.63
C GLU I 254 -4.42 -48.86 -51.67
N VAL I 255 -5.48 -48.20 -51.21
CA VAL I 255 -6.44 -48.80 -50.29
C VAL I 255 -7.85 -48.38 -50.69
N SER I 256 -8.78 -49.31 -50.63
CA SER I 256 -10.16 -48.99 -50.95
C SER I 256 -10.79 -48.16 -49.82
N ALA I 257 -11.84 -47.43 -50.18
CA ALA I 257 -12.51 -46.58 -49.20
C ALA I 257 -13.08 -47.41 -48.05
N GLU I 258 -13.64 -48.58 -48.36
CA GLU I 258 -14.20 -49.43 -47.31
C GLU I 258 -13.14 -49.85 -46.32
N ASP I 259 -11.97 -50.26 -46.81
CA ASP I 259 -10.90 -50.67 -45.90
C ASP I 259 -10.38 -49.49 -45.09
N LEU I 260 -10.17 -48.34 -45.73
CA LEU I 260 -9.73 -47.16 -45.01
C LEU I 260 -10.77 -46.72 -44.00
N GLY I 261 -12.04 -46.70 -44.40
CA GLY I 261 -13.12 -46.36 -43.49
C GLY I 261 -14.05 -47.54 -43.28
N GLY I 262 -15.31 -47.38 -43.64
CA GLY I 262 -16.24 -48.49 -43.56
C GLY I 262 -16.83 -48.66 -42.17
N ALA I 263 -18.03 -49.24 -42.14
CA ALA I 263 -18.70 -49.48 -40.86
C ALA I 263 -17.94 -50.46 -40.00
N ASP I 264 -17.43 -51.55 -40.60
CA ASP I 264 -16.78 -52.58 -39.82
C ASP I 264 -15.52 -52.05 -39.12
N LEU I 265 -14.70 -51.29 -39.84
CA LEU I 265 -13.49 -50.76 -39.23
C LEU I 265 -13.81 -49.84 -38.07
N HIS I 266 -14.75 -48.91 -38.27
CA HIS I 266 -15.09 -47.95 -37.22
C HIS I 266 -15.92 -48.61 -36.12
N CYS I 267 -16.85 -49.49 -36.51
CA CYS I 267 -17.71 -50.14 -35.53
C CYS I 267 -16.91 -51.04 -34.60
N ARG I 268 -15.98 -51.82 -35.15
CA ARG I 268 -15.32 -52.88 -34.39
C ARG I 268 -13.88 -52.57 -34.01
N LYS I 269 -13.15 -51.79 -34.80
CA LYS I 269 -11.74 -51.54 -34.53
C LYS I 269 -11.49 -50.09 -34.14
N SER I 270 -11.88 -49.11 -34.95
CA SER I 270 -11.64 -47.71 -34.60
C SER I 270 -12.51 -47.27 -33.44
N GLY I 271 -13.72 -47.82 -33.35
CA GLY I 271 -14.67 -47.42 -32.32
C GLY I 271 -15.38 -46.12 -32.58
N VAL I 272 -15.22 -45.54 -33.78
CA VAL I 272 -15.90 -44.28 -34.07
C VAL I 272 -17.40 -44.48 -34.18
N SER I 273 -17.84 -45.70 -34.47
CA SER I 273 -19.25 -45.99 -34.70
C SER I 273 -19.90 -46.52 -33.43
N ASP I 274 -21.06 -45.95 -33.09
CA ASP I 274 -21.79 -46.42 -31.91
C ASP I 274 -22.82 -47.49 -32.28
N HIS I 275 -23.38 -47.43 -33.49
CA HIS I 275 -24.34 -48.42 -33.96
C HIS I 275 -23.99 -48.83 -35.38
N TRP I 276 -24.26 -50.10 -35.69
CA TRP I 276 -23.96 -50.67 -36.99
C TRP I 276 -25.26 -51.06 -37.67
N ALA I 277 -25.46 -50.59 -38.89
CA ALA I 277 -26.73 -50.74 -39.60
C ALA I 277 -26.50 -51.50 -40.90
N LEU I 278 -27.46 -52.38 -41.22
CA LEU I 278 -27.34 -53.18 -42.44
C LEU I 278 -27.58 -52.34 -43.69
N ASP I 279 -28.63 -51.53 -43.68
CA ASP I 279 -28.99 -50.73 -44.85
C ASP I 279 -29.59 -49.42 -44.39
N ASP I 280 -30.09 -48.64 -45.35
CA ASP I 280 -30.67 -47.34 -45.03
C ASP I 280 -31.91 -47.49 -44.16
N HIS I 281 -32.77 -48.45 -44.46
CA HIS I 281 -33.96 -48.65 -43.65
C HIS I 281 -33.59 -49.01 -42.22
N HIS I 282 -32.61 -49.89 -42.04
CA HIS I 282 -32.18 -50.27 -40.70
C HIS I 282 -31.63 -49.07 -39.94
N ALA I 283 -30.82 -48.25 -40.61
CA ALA I 283 -30.24 -47.08 -39.93
C ALA I 283 -31.32 -46.12 -39.47
N LEU I 284 -32.33 -45.88 -40.30
CA LEU I 284 -33.42 -44.98 -39.90
C LEU I 284 -34.20 -45.55 -38.73
N HIS I 285 -34.41 -46.87 -38.71
CA HIS I 285 -35.06 -47.49 -37.56
C HIS I 285 -34.23 -47.32 -36.31
N LEU I 286 -32.90 -47.47 -36.41
CA LEU I 286 -32.04 -47.27 -35.26
C LEU I 286 -32.11 -45.83 -34.76
N THR I 287 -32.14 -44.87 -35.69
CA THR I 287 -32.19 -43.46 -35.30
C THR I 287 -33.43 -43.18 -34.45
N ARG I 288 -34.58 -43.72 -34.84
CA ARG I 288 -35.79 -43.51 -34.06
C ARG I 288 -35.63 -44.05 -32.64
N LYS I 289 -34.96 -45.19 -32.50
CA LYS I 289 -34.72 -45.75 -31.16
C LYS I 289 -33.82 -44.83 -30.35
N VAL I 290 -32.79 -44.26 -30.99
CA VAL I 290 -31.86 -43.39 -30.28
C VAL I 290 -32.59 -42.18 -29.72
N VAL I 291 -33.48 -41.57 -30.51
CA VAL I 291 -34.20 -40.39 -30.05
C VAL I 291 -35.13 -40.75 -28.90
N ARG I 292 -35.73 -41.94 -28.95
CA ARG I 292 -36.65 -42.34 -27.89
C ARG I 292 -35.96 -42.47 -26.53
N ASN I 293 -34.63 -42.60 -26.51
CA ASN I 293 -33.88 -42.78 -25.29
C ASN I 293 -33.27 -41.48 -24.78
N LEU I 294 -33.67 -40.34 -25.34
CA LEU I 294 -33.14 -39.05 -24.91
C LEU I 294 -33.66 -38.62 -23.55
N ASN I 295 -34.69 -39.27 -23.03
CA ASN I 295 -35.25 -38.93 -21.72
C ASN I 295 -35.69 -37.47 -21.67
N TYR I 296 -36.31 -37.02 -22.76
CA TYR I 296 -36.77 -35.64 -22.89
C TYR I 296 -38.29 -35.61 -22.95
N GLN I 297 -38.88 -34.63 -22.28
CA GLN I 297 -40.32 -34.40 -22.32
C GLN I 297 -40.57 -32.91 -22.46
N LYS I 298 -41.44 -32.54 -23.40
CA LYS I 298 -41.69 -31.14 -23.68
C LYS I 298 -42.55 -30.52 -22.59
N LYS I 299 -42.17 -29.31 -22.16
CA LYS I 299 -42.92 -28.56 -21.15
C LYS I 299 -43.21 -27.16 -21.69
N LEU I 300 -44.44 -26.70 -21.48
CA LEU I 300 -44.89 -25.42 -22.00
C LEU I 300 -44.89 -24.36 -20.90
N ASP I 301 -44.33 -23.20 -21.22
CA ASP I 301 -44.31 -22.06 -20.30
C ASP I 301 -45.54 -21.16 -20.44
N VAL I 302 -46.34 -21.34 -21.47
CA VAL I 302 -47.44 -20.44 -21.78
C VAL I 302 -48.76 -21.13 -21.47
N THR I 303 -49.78 -20.31 -21.24
CA THR I 303 -51.13 -20.83 -21.06
C THR I 303 -51.69 -21.30 -22.40
N ILE I 304 -52.55 -22.31 -22.35
CA ILE I 304 -53.08 -22.94 -23.55
C ILE I 304 -54.60 -22.92 -23.49
N GLU I 305 -55.22 -22.68 -24.64
CA GLU I 305 -56.67 -22.71 -24.80
C GLU I 305 -57.00 -23.56 -26.02
N PRO I 306 -58.21 -24.14 -26.06
CA PRO I 306 -58.57 -25.00 -27.19
C PRO I 306 -58.48 -24.26 -28.52
N SER I 307 -58.02 -24.97 -29.54
CA SER I 307 -57.84 -24.38 -30.85
C SER I 307 -59.19 -24.18 -31.55
N GLU I 308 -59.23 -23.19 -32.44
CA GLU I 308 -60.39 -22.91 -33.25
C GLU I 308 -59.93 -22.42 -34.62
N GLU I 309 -60.64 -22.83 -35.66
CA GLU I 309 -60.33 -22.37 -37.00
C GLU I 309 -60.78 -20.93 -37.20
N PRO I 310 -60.10 -20.19 -38.08
CA PRO I 310 -60.56 -18.83 -38.39
C PRO I 310 -61.94 -18.85 -39.05
N LEU I 311 -62.66 -17.74 -38.89
CA LEU I 311 -64.03 -17.66 -39.38
C LEU I 311 -64.12 -17.37 -40.87
N PHE I 312 -62.99 -17.15 -41.54
CA PHE I 312 -63.01 -16.83 -42.96
C PHE I 312 -62.03 -17.73 -43.71
N PRO I 313 -62.33 -18.05 -44.96
CA PRO I 313 -61.41 -18.90 -45.75
C PRO I 313 -60.07 -18.21 -45.95
N ALA I 314 -59.01 -19.02 -45.97
CA ALA I 314 -57.66 -18.47 -46.13
C ALA I 314 -57.41 -18.08 -47.58
N ASP I 315 -57.99 -18.80 -48.54
CA ASP I 315 -57.72 -18.51 -49.95
C ASP I 315 -58.26 -17.15 -50.36
N GLU I 316 -59.16 -16.55 -49.58
CA GLU I 316 -59.60 -15.19 -49.87
C GLU I 316 -58.45 -14.20 -49.78
N LEU I 317 -57.36 -14.56 -49.12
CA LEU I 317 -56.20 -13.69 -49.06
C LEU I 317 -55.66 -13.37 -50.45
N TYR I 318 -55.89 -14.26 -51.42
CA TYR I 318 -55.46 -13.99 -52.79
C TYR I 318 -56.10 -12.72 -53.31
N GLY I 319 -57.42 -12.63 -53.22
CA GLY I 319 -58.12 -11.45 -53.71
C GLY I 319 -57.83 -10.21 -52.88
N ILE I 320 -57.74 -10.37 -51.56
CA ILE I 320 -57.56 -9.22 -50.68
C ILE I 320 -56.21 -8.55 -50.91
N VAL I 321 -55.16 -9.34 -51.05
CA VAL I 321 -53.79 -8.82 -51.10
C VAL I 321 -53.34 -8.55 -52.53
N GLY I 322 -53.50 -9.53 -53.42
CA GLY I 322 -53.06 -9.33 -54.77
C GLY I 322 -51.54 -9.31 -54.88
N ALA I 323 -51.07 -8.75 -55.99
CA ALA I 323 -49.63 -8.66 -56.28
C ALA I 323 -49.15 -7.23 -56.49
N ASN I 324 -50.02 -6.23 -56.38
CA ASN I 324 -49.65 -4.84 -56.60
C ASN I 324 -49.35 -4.20 -55.24
N LEU I 325 -48.06 -3.92 -55.00
CA LEU I 325 -47.66 -3.33 -53.72
C LEU I 325 -48.09 -1.88 -53.58
N LYS I 326 -48.43 -1.21 -54.68
CA LYS I 326 -48.82 0.20 -54.59
C LYS I 326 -50.22 0.34 -54.00
N ARG I 327 -51.11 -0.59 -54.30
CA ARG I 327 -52.41 -0.63 -53.64
C ARG I 327 -52.22 -1.03 -52.17
N SER I 328 -53.15 -0.57 -51.34
CA SER I 328 -53.10 -0.83 -49.91
C SER I 328 -54.30 -1.66 -49.48
N PHE I 329 -54.10 -2.49 -48.46
CA PHE I 329 -55.15 -3.30 -47.88
C PHE I 329 -55.07 -3.22 -46.36
N ASP I 330 -56.16 -3.59 -45.71
CA ASP I 330 -56.23 -3.57 -44.25
C ASP I 330 -55.61 -4.85 -43.71
N VAL I 331 -54.52 -4.68 -42.95
CA VAL I 331 -53.83 -5.84 -42.38
C VAL I 331 -54.75 -6.64 -41.46
N ARG I 332 -55.77 -6.00 -40.89
CA ARG I 332 -56.71 -6.72 -40.04
C ARG I 332 -57.38 -7.85 -40.81
N GLU I 333 -57.58 -7.68 -42.11
CA GLU I 333 -58.17 -8.75 -42.92
C GLU I 333 -57.26 -9.97 -42.93
N VAL I 334 -55.94 -9.76 -43.04
CA VAL I 334 -55.00 -10.87 -42.98
C VAL I 334 -55.07 -11.54 -41.60
N ILE I 335 -55.11 -10.73 -40.54
CA ILE I 335 -55.18 -11.29 -39.19
C ILE I 335 -56.44 -12.11 -39.00
N ALA I 336 -57.57 -11.61 -39.51
CA ALA I 336 -58.85 -12.27 -39.28
C ALA I 336 -58.86 -13.69 -39.85
N ARG I 337 -57.98 -13.98 -40.79
CA ARG I 337 -57.99 -15.27 -41.48
C ARG I 337 -56.88 -16.21 -41.02
N ILE I 338 -56.17 -15.91 -39.94
CA ILE I 338 -55.14 -16.80 -39.44
C ILE I 338 -55.25 -17.07 -37.94
N VAL I 339 -55.98 -16.26 -37.18
CA VAL I 339 -56.04 -16.42 -35.73
C VAL I 339 -57.23 -17.27 -35.37
N ASP I 340 -57.15 -17.92 -34.20
CA ASP I 340 -58.21 -18.82 -33.75
C ASP I 340 -59.52 -18.05 -33.61
N GLY I 341 -60.54 -18.51 -34.33
CA GLY I 341 -61.85 -17.89 -34.25
C GLY I 341 -61.92 -16.46 -34.74
N SER I 342 -60.87 -15.97 -35.38
CA SER I 342 -60.84 -14.58 -35.86
C SER I 342 -61.12 -13.61 -34.71
N ARG I 343 -60.58 -13.93 -33.53
CA ARG I 343 -60.73 -13.11 -32.34
C ARG I 343 -59.45 -12.32 -32.12
N PHE I 344 -59.58 -11.02 -31.90
CA PHE I 344 -58.44 -10.13 -31.81
C PHE I 344 -58.77 -8.97 -30.89
N THR I 345 -57.90 -8.74 -29.91
CA THR I 345 -58.04 -7.64 -28.96
C THR I 345 -57.01 -6.58 -29.34
N GLU I 346 -57.48 -5.50 -29.95
CA GLU I 346 -56.58 -4.46 -30.44
C GLU I 346 -56.14 -3.55 -29.31
N PHE I 347 -54.87 -3.15 -29.35
CA PHE I 347 -54.27 -2.30 -28.34
C PHE I 347 -53.96 -0.94 -28.95
N LYS I 348 -54.48 0.11 -28.32
CA LYS I 348 -54.29 1.48 -28.79
C LYS I 348 -54.76 1.61 -30.24
N ALA I 349 -56.03 1.26 -30.46
CA ALA I 349 -56.56 1.17 -31.82
C ALA I 349 -56.54 2.52 -32.52
N PHE I 350 -56.90 3.59 -31.81
CA PHE I 350 -57.06 4.91 -32.42
C PHE I 350 -55.81 5.76 -32.35
N TYR I 351 -54.73 5.27 -31.75
CA TYR I 351 -53.48 6.00 -31.63
C TYR I 351 -52.43 5.36 -32.52
N GLY I 352 -51.81 6.17 -33.38
CA GLY I 352 -50.85 5.64 -34.32
C GLY I 352 -51.46 4.58 -35.20
N ASP I 353 -52.57 4.92 -35.87
CA ASP I 353 -53.37 3.91 -36.56
C ASP I 353 -52.63 3.22 -37.69
N THR I 354 -51.50 3.77 -38.14
CA THR I 354 -50.74 3.11 -39.20
C THR I 354 -50.11 1.81 -38.75
N LEU I 355 -50.11 1.55 -37.44
CA LEU I 355 -49.60 0.30 -36.88
C LEU I 355 -50.71 -0.39 -36.10
N VAL I 356 -50.83 -1.70 -36.27
CA VAL I 356 -51.86 -2.49 -35.61
C VAL I 356 -51.17 -3.44 -34.65
N THR I 357 -51.58 -3.40 -33.38
CA THR I 357 -51.06 -4.30 -32.35
C THR I 357 -52.23 -4.85 -31.55
N GLY I 358 -52.11 -6.10 -31.14
CA GLY I 358 -53.18 -6.73 -30.37
C GLY I 358 -52.80 -8.13 -29.98
N PHE I 359 -53.69 -8.75 -29.19
CA PHE I 359 -53.49 -10.10 -28.69
C PHE I 359 -54.44 -11.06 -29.39
N ALA I 360 -53.94 -12.25 -29.68
CA ALA I 360 -54.74 -13.30 -30.31
C ALA I 360 -54.17 -14.65 -29.91
N ARG I 361 -54.67 -15.70 -30.55
CA ARG I 361 -54.19 -17.05 -30.30
C ARG I 361 -54.16 -17.84 -31.60
N ILE I 362 -53.08 -18.59 -31.81
CA ILE I 362 -52.91 -19.43 -33.00
C ILE I 362 -52.68 -20.85 -32.52
N PHE I 363 -53.62 -21.74 -32.85
CA PHE I 363 -53.57 -23.13 -32.42
C PHE I 363 -53.50 -23.25 -30.89
N GLY I 364 -54.09 -22.28 -30.20
CA GLY I 364 -54.12 -22.27 -28.75
C GLY I 364 -53.03 -21.48 -28.09
N TYR I 365 -51.95 -21.16 -28.81
CA TYR I 365 -50.86 -20.40 -28.22
C TYR I 365 -51.20 -18.91 -28.19
N PRO I 366 -50.81 -18.20 -27.13
CA PRO I 366 -51.00 -16.74 -27.11
C PRO I 366 -49.93 -16.06 -27.95
N VAL I 367 -50.34 -15.02 -28.68
CA VAL I 367 -49.45 -14.30 -29.57
C VAL I 367 -49.80 -12.82 -29.56
N GLY I 368 -48.76 -11.98 -29.59
CA GLY I 368 -48.92 -10.55 -29.81
C GLY I 368 -48.49 -10.21 -31.23
N ILE I 369 -49.41 -9.58 -31.96
CA ILE I 369 -49.25 -9.35 -33.40
C ILE I 369 -48.96 -7.88 -33.63
N VAL I 370 -47.92 -7.60 -34.41
CA VAL I 370 -47.57 -6.25 -34.83
C VAL I 370 -47.53 -6.24 -36.35
N GLY I 371 -48.39 -5.42 -36.96
CA GLY I 371 -48.45 -5.36 -38.41
C GLY I 371 -48.56 -3.95 -38.95
N ASN I 372 -47.93 -3.68 -40.09
CA ASN I 372 -47.95 -2.36 -40.68
C ASN I 372 -49.26 -2.12 -41.41
N ASN I 373 -49.78 -0.90 -41.28
CA ASN I 373 -51.00 -0.50 -41.97
C ASN I 373 -50.82 0.86 -42.61
N GLY I 374 -49.59 1.19 -42.96
CA GLY I 374 -49.29 2.49 -43.55
C GLY I 374 -47.88 2.91 -43.18
N VAL I 375 -47.60 4.19 -43.44
CA VAL I 375 -46.29 4.74 -43.15
C VAL I 375 -46.10 4.85 -41.65
N LEU I 376 -44.88 4.57 -41.19
CA LEU I 376 -44.58 4.66 -39.77
C LEU I 376 -44.47 6.12 -39.34
N PHE I 377 -45.09 6.44 -38.21
CA PHE I 377 -45.06 7.76 -37.63
C PHE I 377 -44.44 7.70 -36.23
N SER I 378 -44.28 8.87 -35.62
CA SER I 378 -43.80 8.92 -34.25
C SER I 378 -44.76 8.21 -33.31
N GLU I 379 -46.07 8.43 -33.49
CA GLU I 379 -47.05 7.76 -32.65
C GLU I 379 -47.01 6.26 -32.85
N SER I 380 -46.86 5.81 -34.09
CA SER I 380 -46.80 4.37 -34.36
C SER I 380 -45.61 3.73 -33.66
N ALA I 381 -44.44 4.36 -33.74
CA ALA I 381 -43.26 3.80 -33.09
C ALA I 381 -43.43 3.74 -31.58
N LYS I 382 -43.97 4.81 -30.98
CA LYS I 382 -44.23 4.79 -29.55
C LYS I 382 -45.22 3.70 -29.19
N LYS I 383 -46.29 3.58 -29.97
CA LYS I 383 -47.28 2.54 -29.71
C LYS I 383 -46.67 1.15 -29.78
N GLY I 384 -45.82 0.91 -30.78
CA GLY I 384 -45.14 -0.38 -30.87
C GLY I 384 -44.23 -0.64 -29.69
N THR I 385 -43.46 0.37 -29.28
CA THR I 385 -42.54 0.20 -28.15
C THR I 385 -43.30 -0.16 -26.89
N HIS I 386 -44.43 0.50 -26.65
CA HIS I 386 -45.25 0.18 -25.48
C HIS I 386 -45.76 -1.26 -25.56
N PHE I 387 -46.21 -1.68 -26.75
CA PHE I 387 -46.77 -3.02 -26.89
C PHE I 387 -45.71 -4.09 -26.65
N VAL I 388 -44.51 -3.89 -27.17
CA VAL I 388 -43.46 -4.90 -27.05
C VAL I 388 -43.10 -5.12 -25.59
N GLN I 389 -43.09 -4.04 -24.80
CA GLN I 389 -42.83 -4.18 -23.38
C GLN I 389 -43.89 -5.04 -22.70
N LEU I 390 -45.15 -4.84 -23.09
CA LEU I 390 -46.24 -5.63 -22.51
C LEU I 390 -46.04 -7.12 -22.78
N CYS I 391 -45.73 -7.48 -24.03
CA CYS I 391 -45.57 -8.90 -24.36
C CYS I 391 -44.38 -9.50 -23.63
N CYS I 392 -43.28 -8.77 -23.53
CA CYS I 392 -42.10 -9.29 -22.84
C CYS I 392 -42.40 -9.51 -21.35
N GLN I 393 -43.18 -8.59 -20.76
CA GLN I 393 -43.50 -8.72 -19.34
C GLN I 393 -44.30 -10.00 -19.07
N ARG I 394 -45.23 -10.32 -19.95
CA ARG I 394 -46.10 -11.48 -19.78
C ARG I 394 -45.57 -12.73 -20.47
N ASN I 395 -44.42 -12.65 -21.12
CA ASN I 395 -43.82 -13.80 -21.80
C ASN I 395 -44.73 -14.33 -22.90
N ILE I 396 -45.15 -13.44 -23.79
CA ILE I 396 -46.06 -13.76 -24.87
C ILE I 396 -45.27 -13.71 -26.19
N PRO I 397 -45.33 -14.76 -27.01
CA PRO I 397 -44.61 -14.72 -28.28
C PRO I 397 -45.12 -13.60 -29.18
N LEU I 398 -44.22 -13.09 -30.02
CA LEU I 398 -44.49 -11.94 -30.88
C LEU I 398 -44.45 -12.36 -32.34
N LEU I 399 -45.43 -11.90 -33.12
CA LEU I 399 -45.48 -12.12 -34.55
C LEU I 399 -45.52 -10.77 -35.26
N PHE I 400 -44.63 -10.59 -36.23
CA PHE I 400 -44.53 -9.36 -36.99
C PHE I 400 -44.99 -9.59 -38.43
N LEU I 401 -45.83 -8.69 -38.93
CA LEU I 401 -46.30 -8.73 -40.31
C LEU I 401 -45.79 -7.49 -41.03
N GLN I 402 -44.70 -7.64 -41.77
CA GLN I 402 -44.05 -6.51 -42.43
C GLN I 402 -44.72 -6.24 -43.77
N ASN I 403 -45.37 -5.07 -43.87
CA ASN I 403 -45.70 -4.46 -45.15
C ASN I 403 -45.43 -2.97 -44.99
N ILE I 404 -44.22 -2.57 -45.30
CA ILE I 404 -43.75 -1.22 -45.03
C ILE I 404 -43.66 -0.43 -46.33
N THR I 405 -43.71 0.90 -46.19
CA THR I 405 -43.46 1.81 -47.29
C THR I 405 -42.52 2.95 -46.89
N GLY I 406 -41.95 2.89 -45.70
CA GLY I 406 -41.00 3.87 -45.23
C GLY I 406 -41.48 4.59 -43.99
N PHE I 407 -40.67 5.56 -43.56
CA PHE I 407 -40.98 6.44 -42.45
C PHE I 407 -41.55 7.76 -42.96
N MET I 408 -42.31 8.44 -42.11
CA MET I 408 -42.81 9.76 -42.47
C MET I 408 -41.65 10.71 -42.72
N VAL I 409 -41.75 11.47 -43.81
CA VAL I 409 -40.72 12.42 -44.21
C VAL I 409 -41.28 13.83 -44.05
N GLY I 410 -40.59 14.65 -43.28
CA GLY I 410 -41.01 16.03 -43.08
C GLY I 410 -40.10 16.75 -42.12
N ARG I 411 -39.99 18.06 -42.32
CA ARG I 411 -39.16 18.88 -41.44
C ARG I 411 -39.67 18.84 -40.00
N GLU I 412 -41.00 18.94 -39.83
CA GLU I 412 -41.56 18.92 -38.49
C GLU I 412 -41.31 17.58 -37.80
N TYR I 413 -41.46 16.48 -38.53
CA TYR I 413 -41.30 15.16 -37.92
C TYR I 413 -39.88 14.96 -37.40
N GLU I 414 -38.87 15.40 -38.17
CA GLU I 414 -37.50 15.31 -37.69
C GLU I 414 -37.30 16.20 -36.48
N ALA I 415 -37.90 17.39 -36.47
CA ALA I 415 -37.77 18.29 -35.33
C ALA I 415 -38.36 17.66 -34.06
N GLU I 416 -39.36 16.80 -34.23
CA GLU I 416 -39.98 16.11 -33.10
C GLU I 416 -39.32 14.77 -32.79
N GLY I 417 -38.16 14.49 -33.39
CA GLY I 417 -37.42 13.29 -33.08
C GLY I 417 -38.05 12.00 -33.58
N ILE I 418 -38.50 11.98 -34.83
CA ILE I 418 -38.98 10.72 -35.42
C ILE I 418 -37.87 9.67 -35.37
N ALA I 419 -36.64 10.07 -35.68
CA ALA I 419 -35.51 9.15 -35.54
C ALA I 419 -35.39 8.66 -34.10
N LYS I 420 -35.58 9.56 -33.13
CA LYS I 420 -35.55 9.16 -31.73
C LYS I 420 -36.68 8.18 -31.43
N ASP I 421 -37.87 8.41 -32.00
CA ASP I 421 -38.98 7.50 -31.79
C ASP I 421 -38.76 6.17 -32.52
N GLY I 422 -38.32 6.23 -33.77
CA GLY I 422 -38.03 5.00 -34.50
C GLY I 422 -36.98 4.15 -33.82
N ALA I 423 -35.97 4.80 -33.25
CA ALA I 423 -34.92 4.05 -32.54
C ALA I 423 -35.50 3.34 -31.32
N LYS I 424 -36.51 3.93 -30.68
CA LYS I 424 -37.11 3.30 -29.51
C LYS I 424 -37.64 1.91 -29.84
N MET I 425 -38.36 1.77 -30.95
CA MET I 425 -38.89 0.47 -31.34
C MET I 425 -37.76 -0.50 -31.66
N VAL I 426 -36.72 -0.02 -32.36
CA VAL I 426 -35.62 -0.90 -32.72
C VAL I 426 -34.93 -1.45 -31.48
N ALA I 427 -34.68 -0.60 -30.50
CA ALA I 427 -34.04 -1.06 -29.26
C ALA I 427 -34.92 -2.07 -28.53
N ALA I 428 -36.21 -1.80 -28.45
CA ALA I 428 -37.10 -2.71 -27.74
C ALA I 428 -37.20 -4.06 -28.45
N VAL I 429 -37.32 -4.04 -29.78
CA VAL I 429 -37.44 -5.28 -30.53
C VAL I 429 -36.18 -6.12 -30.39
N ALA I 430 -35.02 -5.48 -30.43
CA ALA I 430 -33.76 -6.22 -30.34
C ALA I 430 -33.62 -6.93 -29.00
N CYS I 431 -34.00 -6.27 -27.91
CA CYS I 431 -33.77 -6.84 -26.58
C CYS I 431 -34.84 -7.84 -26.17
N ALA I 432 -35.96 -7.89 -26.88
CA ALA I 432 -37.02 -8.82 -26.51
C ALA I 432 -36.53 -10.26 -26.56
N GLN I 433 -36.84 -11.02 -25.51
CA GLN I 433 -36.38 -12.40 -25.39
C GLN I 433 -37.49 -13.41 -25.66
N VAL I 434 -38.73 -12.96 -25.86
CA VAL I 434 -39.82 -13.86 -26.22
C VAL I 434 -39.56 -14.35 -27.65
N PRO I 435 -40.06 -15.52 -28.02
CA PRO I 435 -39.88 -15.98 -29.41
C PRO I 435 -40.51 -14.99 -30.38
N LYS I 436 -39.80 -14.72 -31.48
CA LYS I 436 -40.24 -13.75 -32.47
C LYS I 436 -40.26 -14.42 -33.84
N ILE I 437 -41.36 -14.23 -34.56
CA ILE I 437 -41.52 -14.73 -35.91
C ILE I 437 -41.95 -13.59 -36.82
N THR I 438 -41.29 -13.46 -37.97
CA THR I 438 -41.54 -12.37 -38.89
C THR I 438 -42.06 -12.93 -40.21
N LEU I 439 -43.09 -12.27 -40.75
CA LEU I 439 -43.70 -12.64 -42.02
C LEU I 439 -43.80 -11.39 -42.88
N ILE I 440 -43.09 -11.40 -44.01
CA ILE I 440 -43.09 -10.27 -44.93
C ILE I 440 -44.20 -10.50 -45.95
N ILE I 441 -45.30 -9.77 -45.80
CA ILE I 441 -46.45 -9.89 -46.70
C ILE I 441 -46.47 -8.77 -47.73
N GLY I 442 -45.46 -7.92 -47.75
CA GLY I 442 -45.40 -6.80 -48.68
C GLY I 442 -43.99 -6.26 -48.83
N GLY I 443 -43.86 -4.95 -48.91
CA GLY I 443 -42.55 -4.35 -49.02
C GLY I 443 -41.80 -4.35 -47.71
N SER I 444 -40.47 -4.30 -47.81
CA SER I 444 -39.58 -4.23 -46.66
C SER I 444 -38.39 -3.36 -47.05
N TYR I 445 -38.45 -2.08 -46.70
CA TYR I 445 -37.48 -1.11 -47.18
C TYR I 445 -36.88 -0.34 -46.02
N GLY I 446 -35.58 -0.05 -46.12
CA GLY I 446 -34.91 0.88 -45.23
C GLY I 446 -35.00 0.48 -43.76
N ALA I 447 -34.98 1.49 -42.91
CA ALA I 447 -35.02 1.28 -41.46
C ALA I 447 -36.33 0.68 -41.00
N GLY I 448 -37.39 0.73 -41.81
CA GLY I 448 -38.62 0.07 -41.44
C GLY I 448 -38.44 -1.42 -41.28
N ASN I 449 -37.52 -2.00 -42.04
CA ASN I 449 -37.22 -3.42 -41.89
C ASN I 449 -36.68 -3.72 -40.49
N TYR I 450 -35.77 -2.88 -39.99
CA TYR I 450 -35.17 -3.12 -38.69
C TYR I 450 -36.21 -3.03 -37.57
N GLY I 451 -37.06 -2.00 -37.62
CA GLY I 451 -38.05 -1.83 -36.58
C GLY I 451 -39.05 -2.97 -36.51
N MET I 452 -39.28 -3.64 -37.64
CA MET I 452 -40.24 -4.75 -37.70
C MET I 452 -39.55 -6.10 -37.63
N CYS I 453 -38.43 -6.20 -36.92
CA CYS I 453 -37.74 -7.46 -36.66
C CYS I 453 -37.32 -8.12 -37.98
N GLY I 454 -36.37 -7.47 -38.64
CA GLY I 454 -35.77 -8.02 -39.84
C GLY I 454 -34.85 -9.18 -39.51
N ARG I 455 -34.20 -9.70 -40.57
CA ARG I 455 -33.29 -10.83 -40.39
C ARG I 455 -32.17 -10.50 -39.40
N ALA I 456 -31.74 -9.24 -39.37
CA ALA I 456 -30.63 -8.85 -38.51
C ALA I 456 -30.98 -8.92 -37.03
N TYR I 457 -32.27 -9.04 -36.69
CA TYR I 457 -32.70 -9.00 -35.30
C TYR I 457 -33.08 -10.37 -34.76
N SER I 458 -32.62 -11.44 -35.40
CA SER I 458 -32.71 -12.81 -34.91
C SER I 458 -34.13 -13.25 -34.55
N PRO I 459 -35.11 -13.04 -35.44
CA PRO I 459 -36.39 -13.73 -35.25
C PRO I 459 -36.19 -15.22 -35.38
N ARG I 460 -36.96 -15.99 -34.59
CA ARG I 460 -36.82 -17.44 -34.64
C ARG I 460 -37.02 -17.96 -36.05
N PHE I 461 -37.96 -17.40 -36.79
CA PHE I 461 -38.20 -17.74 -38.17
C PHE I 461 -38.55 -16.49 -38.95
N LEU I 462 -38.26 -16.51 -40.25
CA LEU I 462 -38.62 -15.41 -41.13
C LEU I 462 -39.12 -15.98 -42.45
N TYR I 463 -40.37 -15.64 -42.79
CA TYR I 463 -40.99 -16.12 -44.02
C TYR I 463 -41.43 -14.93 -44.86
N ILE I 464 -41.60 -15.18 -46.16
CA ILE I 464 -42.01 -14.14 -47.10
C ILE I 464 -43.06 -14.71 -48.03
N TRP I 465 -44.02 -13.87 -48.40
CA TRP I 465 -45.02 -14.24 -49.39
C TRP I 465 -44.47 -14.03 -50.79
N PRO I 466 -45.05 -14.70 -51.79
CA PRO I 466 -44.47 -14.64 -53.14
C PRO I 466 -44.52 -13.26 -53.78
N ASN I 467 -45.28 -12.33 -53.20
CA ASN I 467 -45.42 -10.98 -53.74
C ASN I 467 -44.52 -9.96 -53.04
N ALA I 468 -43.64 -10.39 -52.15
CA ALA I 468 -42.88 -9.46 -51.33
C ALA I 468 -41.72 -8.84 -52.10
N ARG I 469 -41.26 -7.70 -51.61
CA ARG I 469 -40.09 -7.00 -52.13
C ARG I 469 -39.29 -6.46 -50.96
N ILE I 470 -37.96 -6.60 -51.03
CA ILE I 470 -37.07 -6.17 -49.97
C ILE I 470 -35.84 -5.53 -50.59
N SER I 471 -35.41 -4.41 -50.02
CA SER I 471 -34.21 -3.71 -50.47
C SER I 471 -33.96 -2.54 -49.54
N VAL I 472 -32.82 -1.88 -49.73
CA VAL I 472 -32.47 -0.74 -48.88
C VAL I 472 -33.53 0.35 -49.01
N MET I 473 -34.04 0.55 -50.22
CA MET I 473 -35.16 1.46 -50.44
C MET I 473 -35.93 0.96 -51.66
N GLY I 474 -37.14 1.50 -51.84
CA GLY I 474 -37.92 1.15 -53.00
C GLY I 474 -37.20 1.51 -54.28
N GLY I 475 -37.46 0.71 -55.32
CA GLY I 475 -36.79 0.96 -56.60
C GLY I 475 -37.06 2.35 -57.13
N GLU I 476 -38.30 2.83 -56.99
CA GLU I 476 -38.63 4.16 -57.50
C GLU I 476 -37.88 5.24 -56.74
N GLN I 477 -37.79 5.13 -55.41
CA GLN I 477 -37.11 6.16 -54.63
C GLN I 477 -35.65 6.29 -55.05
N ALA I 478 -34.96 5.17 -55.25
CA ALA I 478 -33.58 5.23 -55.72
C ALA I 478 -33.50 5.89 -57.08
N ALA I 479 -34.44 5.59 -57.97
CA ALA I 479 -34.46 6.23 -59.28
C ALA I 479 -34.70 7.72 -59.16
N ASN I 480 -35.73 8.12 -58.41
CA ASN I 480 -36.04 9.53 -58.25
C ASN I 480 -34.90 10.29 -57.57
N VAL I 481 -34.30 9.68 -56.55
CA VAL I 481 -33.20 10.34 -55.84
C VAL I 481 -32.05 10.62 -56.81
N LEU I 482 -31.69 9.64 -57.63
CA LEU I 482 -30.62 9.85 -58.60
C LEU I 482 -31.01 10.91 -59.63
N ALA I 483 -32.28 10.93 -60.03
CA ALA I 483 -32.74 11.93 -60.99
C ALA I 483 -32.55 13.35 -60.44
N THR I 484 -32.91 13.57 -59.18
CA THR I 484 -32.73 14.88 -58.57
C THR I 484 -31.24 15.22 -58.45
N ILE I 485 -30.44 14.25 -58.00
CA ILE I 485 -29.02 14.51 -57.79
C ILE I 485 -28.33 14.86 -59.10
N THR I 486 -28.54 14.04 -60.13
CA THR I 486 -27.94 14.33 -61.43
C THR I 486 -28.49 15.61 -62.01
N LYS I 487 -29.79 15.85 -61.86
CA LYS I 487 -30.39 17.08 -62.39
C LYS I 487 -29.71 18.32 -61.82
N ASP I 488 -29.57 18.37 -60.49
CA ASP I 488 -28.88 19.51 -59.87
C ASP I 488 -27.41 19.54 -60.26
N GLN I 489 -26.76 18.38 -60.31
CA GLN I 489 -25.35 18.33 -60.65
C GLN I 489 -25.11 18.86 -62.07
N ARG I 490 -25.99 18.52 -63.00
CA ARG I 490 -25.87 19.04 -64.36
C ARG I 490 -25.99 20.57 -64.36
N ALA I 491 -26.92 21.11 -63.58
CA ALA I 491 -27.05 22.56 -63.48
C ALA I 491 -25.77 23.19 -62.95
N ARG I 492 -25.17 22.58 -61.92
CA ARG I 492 -23.93 23.10 -61.38
C ARG I 492 -22.83 23.12 -62.43
N GLU I 493 -22.71 22.04 -63.20
CA GLU I 493 -21.74 22.01 -64.29
C GLU I 493 -22.17 22.93 -65.44
N GLY I 494 -23.43 23.37 -65.44
CA GLY I 494 -23.97 24.15 -66.52
C GLY I 494 -24.55 23.33 -67.65
N LYS I 495 -24.31 22.02 -67.66
CA LYS I 495 -24.86 21.15 -68.69
C LYS I 495 -26.34 20.88 -68.42
N GLN I 496 -27.02 20.38 -69.45
CA GLN I 496 -28.46 20.15 -69.40
C GLN I 496 -28.75 18.67 -69.38
N PHE I 497 -29.61 18.24 -68.45
CA PHE I 497 -30.08 16.87 -68.37
C PHE I 497 -31.53 16.81 -68.84
N SER I 498 -31.75 16.22 -70.00
CA SER I 498 -33.06 16.23 -70.62
C SER I 498 -33.97 15.16 -70.02
N SER I 499 -35.25 15.21 -70.40
CA SER I 499 -36.19 14.20 -69.95
C SER I 499 -35.78 12.81 -70.42
N ALA I 500 -35.36 12.70 -71.68
CA ALA I 500 -34.80 11.45 -72.17
C ALA I 500 -33.56 11.07 -71.36
N ASP I 501 -32.77 12.07 -70.95
CA ASP I 501 -31.65 11.79 -70.07
C ASP I 501 -32.12 11.25 -68.73
N GLU I 502 -33.22 11.79 -68.20
CA GLU I 502 -33.77 11.30 -66.94
C GLU I 502 -34.16 9.83 -67.05
N ALA I 503 -34.88 9.47 -68.13
CA ALA I 503 -35.33 8.10 -68.29
C ALA I 503 -34.16 7.14 -68.43
N ALA I 504 -33.14 7.54 -69.18
CA ALA I 504 -31.97 6.67 -69.35
C ALA I 504 -31.31 6.37 -68.03
N LEU I 505 -31.22 7.37 -67.14
CA LEU I 505 -30.66 7.14 -65.82
C LEU I 505 -31.55 6.23 -64.98
N LYS I 506 -32.86 6.49 -65.00
CA LYS I 506 -33.76 5.77 -64.11
C LYS I 506 -33.86 4.29 -64.48
N GLU I 507 -33.93 3.97 -65.77
CA GLU I 507 -34.28 2.62 -66.18
C GLU I 507 -33.36 1.57 -65.59
N PRO I 508 -32.02 1.67 -65.71
CA PRO I 508 -31.16 0.62 -65.14
C PRO I 508 -31.33 0.45 -63.64
N ILE I 509 -31.59 1.54 -62.91
CA ILE I 509 -31.75 1.45 -61.46
C ILE I 509 -33.00 0.65 -61.11
N ILE I 510 -34.11 0.96 -61.77
CA ILE I 510 -35.37 0.28 -61.46
C ILE I 510 -35.25 -1.21 -61.77
N LYS I 511 -34.58 -1.56 -62.86
CA LYS I 511 -34.40 -2.96 -63.19
C LYS I 511 -33.58 -3.68 -62.12
N LYS I 512 -32.52 -3.04 -61.63
CA LYS I 512 -31.66 -3.67 -60.63
C LYS I 512 -32.42 -3.93 -59.34
N PHE I 513 -33.17 -2.94 -58.86
CA PHE I 513 -33.88 -3.10 -57.60
C PHE I 513 -35.02 -4.11 -57.72
N GLU I 514 -35.67 -4.15 -58.89
CA GLU I 514 -36.70 -5.16 -59.11
C GLU I 514 -36.11 -6.56 -59.10
N GLU I 515 -34.93 -6.73 -59.71
CA GLU I 515 -34.31 -8.05 -59.76
C GLU I 515 -33.79 -8.49 -58.40
N GLU I 516 -33.16 -7.59 -57.66
CA GLU I 516 -32.55 -7.92 -56.38
C GLU I 516 -33.54 -7.90 -55.22
N GLY I 517 -34.74 -7.38 -55.43
CA GLY I 517 -35.75 -7.37 -54.39
C GLY I 517 -36.75 -8.50 -54.56
N ASN I 518 -36.59 -9.28 -55.62
CA ASN I 518 -37.50 -10.37 -55.89
C ASN I 518 -37.43 -11.41 -54.77
N PRO I 519 -38.56 -12.03 -54.40
CA PRO I 519 -38.52 -13.04 -53.34
C PRO I 519 -37.55 -14.18 -53.63
N TYR I 520 -37.46 -14.61 -54.89
CA TYR I 520 -36.54 -15.70 -55.22
C TYR I 520 -35.09 -15.28 -55.06
N TYR I 521 -34.77 -14.03 -55.41
CA TYR I 521 -33.42 -13.52 -55.17
C TYR I 521 -33.11 -13.52 -53.67
N SER I 522 -34.05 -13.04 -52.87
CA SER I 522 -33.85 -13.03 -51.42
C SER I 522 -33.76 -14.45 -50.86
N SER I 523 -34.61 -15.36 -51.35
CA SER I 523 -34.64 -16.72 -50.83
C SER I 523 -33.53 -17.59 -51.39
N ALA I 524 -33.04 -17.32 -52.60
CA ALA I 524 -31.93 -18.11 -53.14
C ALA I 524 -30.73 -18.06 -52.21
N ARG I 525 -30.30 -16.85 -51.86
CA ARG I 525 -29.49 -16.66 -50.67
C ARG I 525 -30.36 -16.89 -49.45
N VAL I 526 -29.74 -17.28 -48.33
CA VAL I 526 -30.55 -17.53 -47.16
C VAL I 526 -30.74 -16.23 -46.39
N TRP I 527 -31.69 -15.42 -46.83
CA TRP I 527 -32.16 -14.27 -46.08
C TRP I 527 -33.45 -14.57 -45.34
N ASP I 528 -34.27 -15.49 -45.85
CA ASP I 528 -35.48 -15.93 -45.19
C ASP I 528 -35.45 -17.45 -45.10
N ASP I 529 -36.40 -18.00 -44.37
CA ASP I 529 -36.48 -19.44 -44.19
C ASP I 529 -37.41 -20.12 -45.20
N GLY I 530 -37.97 -19.37 -46.14
CA GLY I 530 -38.77 -19.97 -47.19
C GLY I 530 -39.82 -19.03 -47.70
N ILE I 531 -40.28 -19.31 -48.92
CA ILE I 531 -41.41 -18.62 -49.54
C ILE I 531 -42.62 -19.51 -49.39
N ILE I 532 -43.67 -18.99 -48.80
CA ILE I 532 -44.82 -19.79 -48.40
C ILE I 532 -46.07 -19.27 -49.10
N ASP I 533 -46.94 -20.20 -49.46
CA ASP I 533 -48.23 -19.84 -50.03
C ASP I 533 -49.09 -19.17 -48.96
N PRO I 534 -49.74 -18.04 -49.28
CA PRO I 534 -50.57 -17.37 -48.28
C PRO I 534 -51.62 -18.27 -47.66
N ALA I 535 -52.18 -19.21 -48.42
CA ALA I 535 -53.17 -20.12 -47.85
C ALA I 535 -52.56 -21.02 -46.78
N ASP I 536 -51.24 -21.17 -46.77
CA ASP I 536 -50.55 -22.00 -45.81
C ASP I 536 -50.00 -21.20 -44.63
N THR I 537 -50.31 -19.90 -44.55
CA THR I 537 -49.72 -19.06 -43.52
C THR I 537 -50.06 -19.55 -42.12
N ARG I 538 -51.33 -19.89 -41.88
CA ARG I 538 -51.72 -20.33 -40.54
C ARG I 538 -51.02 -21.61 -40.13
N LEU I 539 -50.93 -22.58 -41.05
CA LEU I 539 -50.27 -23.84 -40.73
C LEU I 539 -48.79 -23.64 -40.43
N VAL I 540 -48.10 -22.84 -41.25
CA VAL I 540 -46.68 -22.64 -41.06
C VAL I 540 -46.41 -21.95 -39.74
N LEU I 541 -47.22 -20.93 -39.40
CA LEU I 541 -47.06 -20.26 -38.12
C LEU I 541 -47.31 -21.20 -36.97
N GLY I 542 -48.32 -22.05 -37.07
CA GLY I 542 -48.60 -22.99 -36.01
C GLY I 542 -47.45 -23.96 -35.77
N LEU I 543 -46.89 -24.50 -36.84
CA LEU I 543 -45.74 -25.39 -36.69
C LEU I 543 -44.54 -24.65 -36.14
N SER I 544 -44.29 -23.43 -36.61
CA SER I 544 -43.11 -22.69 -36.18
C SER I 544 -43.20 -22.33 -34.70
N PHE I 545 -44.35 -21.80 -34.26
CA PHE I 545 -44.49 -21.44 -32.85
C PHE I 545 -44.41 -22.67 -31.96
N SER I 546 -44.96 -23.79 -32.41
CA SER I 546 -44.89 -25.02 -31.62
C SER I 546 -43.44 -25.44 -31.42
N ALA I 547 -42.61 -25.36 -32.47
CA ALA I 547 -41.21 -25.71 -32.32
C ALA I 547 -40.47 -24.73 -31.41
N ALA I 548 -40.80 -23.44 -31.53
CA ALA I 548 -40.09 -22.42 -30.75
C ALA I 548 -40.36 -22.57 -29.27
N LEU I 549 -41.46 -23.22 -28.88
CA LEU I 549 -41.80 -23.37 -27.48
C LEU I 549 -41.04 -24.50 -26.79
N ASN I 550 -40.21 -25.24 -27.52
CA ASN I 550 -39.37 -26.24 -26.87
C ASN I 550 -38.35 -25.63 -25.94
N ALA I 551 -38.05 -24.35 -26.09
CA ALA I 551 -37.09 -23.76 -25.17
C ALA I 551 -37.80 -22.86 -24.16
N PRO I 552 -37.36 -22.87 -22.91
CA PRO I 552 -37.98 -21.99 -21.91
C PRO I 552 -37.79 -20.53 -22.27
N ILE I 553 -38.79 -19.72 -21.95
CA ILE I 553 -38.76 -18.30 -22.23
C ILE I 553 -38.01 -17.58 -21.11
N GLU I 554 -37.01 -16.78 -21.48
CA GLU I 554 -36.18 -16.09 -20.52
C GLU I 554 -36.73 -14.71 -20.21
N LYS I 555 -36.25 -14.13 -19.12
CA LYS I 555 -36.61 -12.76 -18.75
C LYS I 555 -35.91 -11.78 -19.68
N THR I 556 -36.63 -10.72 -20.05
CA THR I 556 -36.12 -9.72 -20.97
C THR I 556 -35.45 -8.60 -20.19
N ASP I 557 -34.22 -8.24 -20.60
CA ASP I 557 -33.50 -7.11 -20.04
C ASP I 557 -33.36 -6.04 -21.12
N PHE I 558 -33.89 -4.86 -20.84
CA PHE I 558 -33.87 -3.76 -21.79
C PHE I 558 -32.70 -2.83 -21.51
N GLY I 559 -32.31 -2.10 -22.56
CA GLY I 559 -31.33 -1.03 -22.42
C GLY I 559 -32.00 0.25 -21.95
N ILE I 560 -31.30 1.37 -22.19
CA ILE I 560 -31.86 2.66 -21.82
C ILE I 560 -32.84 3.10 -22.88
N PHE I 561 -34.07 3.41 -22.46
CA PHE I 561 -35.09 3.96 -23.34
C PHE I 561 -34.88 5.47 -23.41
N ARG I 562 -34.46 5.95 -24.58
CA ARG I 562 -34.20 7.37 -24.79
C ARG I 562 -35.55 8.08 -24.85
N MET I 563 -36.00 8.59 -23.72
CA MET I 563 -37.33 9.19 -23.62
C MET I 563 -37.45 10.45 -24.47
N LEU J 31 -18.40 25.04 -12.08
CA LEU J 31 -19.63 25.80 -11.92
C LEU J 31 -19.44 26.97 -10.96
N GLY J 32 -20.48 27.77 -10.85
CA GLY J 32 -20.52 28.82 -9.84
C GLY J 32 -20.04 30.15 -10.38
N THR J 33 -20.56 31.22 -9.78
CA THR J 33 -20.13 32.58 -10.06
C THR J 33 -20.10 33.35 -8.74
N GLN J 34 -19.29 34.39 -8.71
CA GLN J 34 -19.18 35.21 -7.50
C GLN J 34 -20.40 36.11 -7.38
N PRO J 35 -21.17 36.00 -6.30
CA PRO J 35 -22.34 36.86 -6.14
C PRO J 35 -21.95 38.30 -5.85
N ASP J 36 -22.88 39.21 -6.12
CA ASP J 36 -22.67 40.63 -5.90
C ASP J 36 -23.00 40.92 -4.43
N LEU J 37 -21.98 40.91 -3.58
CA LEU J 37 -22.20 41.11 -2.16
C LEU J 37 -22.79 42.49 -1.87
N GLY J 38 -22.47 43.47 -2.71
CA GLY J 38 -22.98 44.82 -2.49
C GLY J 38 -24.44 44.98 -2.89
N SER J 39 -24.95 44.07 -3.72
CA SER J 39 -26.32 44.20 -4.20
C SER J 39 -27.31 44.19 -3.05
N ALA J 40 -28.36 44.99 -3.17
CA ALA J 40 -29.38 45.06 -2.12
C ALA J 40 -30.08 43.73 -1.96
N LEU J 41 -30.36 43.04 -3.06
CA LEU J 41 -31.03 41.74 -2.99
C LEU J 41 -30.21 40.76 -2.16
N TYR J 42 -28.90 40.71 -2.40
CA TYR J 42 -28.03 39.81 -1.63
C TYR J 42 -28.03 40.19 -0.16
N GLN J 43 -27.95 41.49 0.13
CA GLN J 43 -27.97 41.93 1.53
C GLN J 43 -29.25 41.52 2.23
N GLU J 44 -30.40 41.74 1.56
CA GLU J 44 -31.67 41.38 2.16
C GLU J 44 -31.80 39.87 2.32
N ASN J 45 -31.43 39.10 1.29
CA ASN J 45 -31.55 37.65 1.37
C ASN J 45 -30.68 37.08 2.47
N TYR J 46 -29.45 37.58 2.59
CA TYR J 46 -28.57 37.10 3.66
C TYR J 46 -29.17 37.40 5.04
N LYS J 47 -29.72 38.60 5.21
CA LYS J 47 -30.27 38.97 6.51
C LYS J 47 -31.45 38.08 6.89
N GLN J 48 -32.34 37.82 5.94
CA GLN J 48 -33.51 37.00 6.24
C GLN J 48 -33.12 35.56 6.55
N MET J 49 -32.26 34.97 5.71
CA MET J 49 -31.85 33.59 5.93
C MET J 49 -31.08 33.44 7.24
N LYS J 50 -30.23 34.42 7.56
CA LYS J 50 -29.48 34.36 8.81
C LYS J 50 -30.40 34.31 10.01
N ALA J 51 -31.47 35.12 9.99
CA ALA J 51 -32.41 35.12 11.11
C ALA J 51 -33.06 33.75 11.26
N LEU J 52 -33.43 33.11 10.16
CA LEU J 52 -34.00 31.77 10.23
C LEU J 52 -33.02 30.78 10.84
N VAL J 53 -31.75 30.86 10.45
CA VAL J 53 -30.75 29.93 10.98
C VAL J 53 -30.54 30.17 12.47
N ASN J 54 -30.48 31.44 12.88
CA ASN J 54 -30.34 31.74 14.30
C ASN J 54 -31.55 31.24 15.07
N GLN J 55 -32.76 31.42 14.53
CA GLN J 55 -33.95 30.87 15.16
C GLN J 55 -33.84 29.35 15.30
N LEU J 56 -33.37 28.68 14.25
CA LEU J 56 -33.22 27.23 14.31
C LEU J 56 -32.22 26.82 15.39
N HIS J 57 -31.10 27.54 15.49
CA HIS J 57 -30.06 27.16 16.45
C HIS J 57 -30.56 27.26 17.89
N GLU J 58 -31.21 28.36 18.24
CA GLU J 58 -31.59 28.57 19.64
C GLU J 58 -32.71 27.61 20.05
N ARG J 59 -33.59 27.25 19.12
CA ARG J 59 -34.63 26.28 19.44
C ARG J 59 -34.02 24.91 19.73
N VAL J 60 -33.00 24.52 18.98
CA VAL J 60 -32.32 23.26 19.25
C VAL J 60 -31.65 23.29 20.62
N GLU J 61 -31.06 24.43 20.97
CA GLU J 61 -30.45 24.57 22.29
C GLU J 61 -31.45 24.24 23.39
N HIS J 62 -32.68 24.76 23.27
CA HIS J 62 -33.70 24.44 24.26
C HIS J 62 -34.06 22.96 24.26
N ILE J 63 -34.21 22.37 23.07
CA ILE J 63 -34.49 20.94 22.99
C ILE J 63 -33.34 20.14 23.58
N LYS J 64 -32.12 20.66 23.49
CA LYS J 64 -30.96 19.95 24.03
C LYS J 64 -31.13 19.67 25.52
N LEU J 65 -31.88 20.51 26.22
CA LEU J 65 -32.01 20.39 27.67
C LEU J 65 -33.03 19.33 28.09
N GLY J 66 -33.78 18.77 27.16
CA GLY J 66 -34.70 17.69 27.50
C GLY J 66 -35.77 18.13 28.48
N GLY J 67 -35.97 17.32 29.52
CA GLY J 67 -37.08 17.56 30.44
C GLY J 67 -36.93 18.85 31.22
N GLY J 68 -35.71 19.19 31.61
CA GLY J 68 -35.48 20.40 32.39
C GLY J 68 -34.51 20.21 33.53
N GLU J 69 -34.25 21.29 34.28
CA GLU J 69 -33.25 21.24 35.34
C GLU J 69 -33.66 20.28 36.45
N LYS J 70 -34.92 20.35 36.89
CA LYS J 70 -35.37 19.46 37.96
C LYS J 70 -35.29 18.01 37.54
N ALA J 71 -35.75 17.69 36.33
CA ALA J 71 -35.67 16.32 35.84
C ALA J 71 -34.22 15.89 35.66
N ARG J 72 -33.38 16.77 35.11
CA ARG J 72 -31.98 16.43 34.91
C ARG J 72 -31.27 16.22 36.24
N ALA J 73 -31.55 17.07 37.22
CA ALA J 73 -30.94 16.90 38.54
C ALA J 73 -31.36 15.58 39.17
N LEU J 74 -32.64 15.23 39.06
CA LEU J 74 -33.09 13.94 39.58
C LEU J 74 -32.43 12.79 38.86
N HIS J 75 -32.29 12.90 37.53
CA HIS J 75 -31.66 11.82 36.76
C HIS J 75 -30.22 11.58 37.22
N ILE J 76 -29.45 12.65 37.41
CA ILE J 76 -28.06 12.49 37.82
C ILE J 76 -27.98 12.00 39.26
N SER J 77 -28.94 12.42 40.10
CA SER J 77 -28.92 12.01 41.51
C SER J 77 -28.99 10.50 41.68
N ARG J 78 -29.50 9.78 40.68
CA ARG J 78 -29.56 8.33 40.73
C ARG J 78 -28.29 7.67 40.20
N GLY J 79 -27.27 8.45 39.88
CA GLY J 79 -26.03 7.90 39.36
C GLY J 79 -26.02 7.62 37.88
N LYS J 80 -27.06 8.01 37.15
CA LYS J 80 -27.16 7.73 35.73
C LYS J 80 -26.63 8.90 34.92
N LEU J 81 -26.05 8.59 33.77
CA LEU J 81 -25.60 9.62 32.85
C LEU J 81 -26.79 10.21 32.11
N LEU J 82 -26.64 11.47 31.69
CA LEU J 82 -27.65 12.09 30.86
C LEU J 82 -27.65 11.45 29.47
N PRO J 83 -28.81 11.37 28.81
CA PRO J 83 -28.89 10.61 27.56
C PRO J 83 -27.88 11.06 26.51
N ARG J 84 -27.63 12.36 26.38
CA ARG J 84 -26.70 12.83 25.36
C ARG J 84 -25.26 12.59 25.77
N GLU J 85 -24.97 12.58 27.08
CA GLU J 85 -23.64 12.22 27.53
C GLU J 85 -23.35 10.75 27.26
N ARG J 86 -24.38 9.90 27.33
CA ARG J 86 -24.19 8.50 26.99
C ARG J 86 -23.73 8.34 25.55
N ILE J 87 -24.37 9.06 24.62
CA ILE J 87 -23.99 8.97 23.22
C ILE J 87 -22.57 9.47 23.01
N ASP J 88 -22.22 10.58 23.67
CA ASP J 88 -20.87 11.12 23.54
C ASP J 88 -19.82 10.09 23.94
N ASN J 89 -20.10 9.33 25.00
CA ASN J 89 -19.13 8.34 25.47
C ASN J 89 -19.16 7.08 24.61
N LEU J 90 -20.30 6.80 23.98
CA LEU J 90 -20.41 5.57 23.18
C LEU J 90 -19.64 5.68 21.88
N ILE J 91 -19.74 6.81 21.19
CA ILE J 91 -19.14 6.92 19.86
C ILE J 91 -17.64 7.16 19.98
N ASP J 92 -16.95 6.99 18.86
CA ASP J 92 -15.50 7.12 18.84
C ASP J 92 -15.11 8.55 19.21
N PRO J 93 -13.96 8.74 19.85
CA PRO J 93 -13.59 10.09 20.30
C PRO J 93 -13.47 11.06 19.15
N GLY J 94 -14.20 12.17 19.23
CA GLY J 94 -14.14 13.23 18.25
C GLY J 94 -14.90 12.96 16.98
N SER J 95 -15.57 11.82 16.85
CA SER J 95 -16.28 11.52 15.62
C SER J 95 -17.57 12.33 15.54
N PRO J 96 -17.97 12.77 14.34
CA PRO J 96 -19.23 13.48 14.20
C PRO J 96 -20.41 12.56 14.45
N PHE J 97 -21.51 13.14 14.92
CA PHE J 97 -22.74 12.42 15.20
C PHE J 97 -23.87 13.06 14.41
N LEU J 98 -24.53 12.27 13.57
CA LEU J 98 -25.62 12.75 12.71
C LEU J 98 -26.93 12.46 13.42
N GLU J 99 -27.46 13.47 14.13
CA GLU J 99 -28.73 13.29 14.81
C GLU J 99 -29.89 13.51 13.83
N LEU J 100 -30.97 12.78 14.05
CA LEU J 100 -32.12 12.77 13.16
C LEU J 100 -33.37 13.21 13.90
N SER J 101 -34.22 13.97 13.20
CA SER J 101 -35.53 14.37 13.71
C SER J 101 -35.41 15.03 15.07
N GLN J 102 -34.56 16.04 15.16
CA GLN J 102 -34.39 16.77 16.42
C GLN J 102 -35.68 17.44 16.86
N PHE J 103 -36.55 17.78 15.91
CA PHE J 103 -37.75 18.57 16.20
C PHE J 103 -39.01 17.71 16.32
N ALA J 104 -38.89 16.39 16.38
CA ALA J 104 -40.05 15.55 16.55
C ALA J 104 -40.79 15.94 17.83
N GLY J 105 -42.11 16.10 17.70
CA GLY J 105 -42.94 16.49 18.82
C GLY J 105 -42.91 17.96 19.18
N TYR J 106 -42.32 18.80 18.34
CA TYR J 106 -42.25 20.23 18.60
C TYR J 106 -43.65 20.82 18.46
N GLN J 107 -44.25 21.22 19.57
CA GLN J 107 -45.60 21.78 19.61
C GLN J 107 -46.65 20.82 19.05
N LEU J 108 -46.32 19.54 18.97
CA LEU J 108 -47.25 18.57 18.42
C LEU J 108 -48.48 18.40 19.31
N TYR J 109 -48.28 18.40 20.62
CA TYR J 109 -49.36 18.17 21.58
C TYR J 109 -49.70 19.46 22.30
N ASP J 110 -51.00 19.64 22.57
CA ASP J 110 -51.51 20.97 22.89
C ASP J 110 -50.80 21.58 24.10
N ASN J 111 -50.75 20.86 25.21
CA ASN J 111 -50.24 21.42 26.46
C ASN J 111 -49.01 20.68 26.99
N GLU J 112 -48.55 19.65 26.28
CA GLU J 112 -47.43 18.85 26.71
C GLU J 112 -46.21 19.18 25.85
N GLU J 113 -45.09 19.45 26.51
CA GLU J 113 -43.82 19.68 25.82
C GLU J 113 -43.03 18.38 25.84
N VAL J 114 -42.67 17.89 24.67
CA VAL J 114 -41.95 16.63 24.53
C VAL J 114 -40.68 16.87 23.71
N PRO J 115 -39.63 17.42 24.32
CA PRO J 115 -38.42 17.76 23.56
C PRO J 115 -37.85 16.55 22.83
N GLY J 116 -37.78 16.67 21.51
CA GLY J 116 -37.24 15.62 20.67
C GLY J 116 -38.07 14.35 20.63
N GLY J 117 -39.30 14.38 21.13
CA GLY J 117 -40.13 13.20 21.15
C GLY J 117 -39.84 12.23 22.28
N GLY J 118 -38.96 12.57 23.20
CA GLY J 118 -38.58 11.66 24.26
C GLY J 118 -37.57 10.62 23.85
N ILE J 119 -36.95 10.76 22.67
CA ILE J 119 -35.99 9.78 22.17
C ILE J 119 -34.97 10.50 21.32
N ILE J 120 -33.73 10.02 21.37
CA ILE J 120 -32.62 10.58 20.60
C ILE J 120 -32.13 9.50 19.65
N THR J 121 -32.15 9.79 18.35
CA THR J 121 -31.71 8.85 17.33
C THR J 121 -30.71 9.54 16.42
N GLY J 122 -29.74 8.77 15.93
CA GLY J 122 -28.72 9.32 15.05
C GLY J 122 -27.76 8.22 14.64
N ILE J 123 -26.82 8.60 13.78
CA ILE J 123 -25.81 7.69 13.25
C ILE J 123 -24.44 8.18 13.71
N GLY J 124 -23.69 7.29 14.35
CA GLY J 124 -22.34 7.60 14.77
C GLY J 124 -21.45 6.39 14.59
N ARG J 125 -20.16 6.62 14.78
CA ARG J 125 -19.16 5.57 14.59
C ARG J 125 -18.79 4.97 15.94
N VAL J 126 -18.98 3.66 16.07
CA VAL J 126 -18.61 2.91 17.27
C VAL J 126 -17.59 1.87 16.86
N SER J 127 -16.39 1.94 17.44
CA SER J 127 -15.32 1.00 17.12
C SER J 127 -15.04 0.98 15.62
N GLY J 128 -15.16 2.14 14.98
CA GLY J 128 -14.92 2.25 13.55
C GLY J 128 -16.04 1.78 12.66
N VAL J 129 -17.21 1.46 13.22
CA VAL J 129 -18.34 0.96 12.47
C VAL J 129 -19.49 1.95 12.61
N GLU J 130 -20.13 2.28 11.49
CA GLU J 130 -21.30 3.16 11.53
C GLU J 130 -22.50 2.41 12.09
N CYS J 131 -23.11 2.96 13.12
CA CYS J 131 -24.23 2.30 13.79
C CYS J 131 -25.35 3.30 14.02
N MET J 132 -26.56 2.78 14.12
CA MET J 132 -27.72 3.58 14.49
C MET J 132 -27.93 3.48 16.00
N ILE J 133 -28.02 4.63 16.67
CA ILE J 133 -28.12 4.70 18.11
C ILE J 133 -29.51 5.23 18.46
N ILE J 134 -30.23 4.49 19.29
CA ILE J 134 -31.59 4.84 19.69
C ILE J 134 -31.62 4.82 21.21
N ALA J 135 -31.69 6.01 21.82
CA ALA J 135 -31.64 6.16 23.26
C ALA J 135 -32.89 6.88 23.76
N ASN J 136 -33.56 6.28 24.74
CA ASN J 136 -34.69 6.93 25.39
C ASN J 136 -34.20 8.07 26.26
N ASP J 137 -34.94 9.17 26.27
CA ASP J 137 -34.64 10.32 27.11
C ASP J 137 -35.51 10.22 28.37
N ALA J 138 -34.94 9.68 29.44
CA ALA J 138 -35.71 9.45 30.66
C ALA J 138 -36.14 10.74 31.34
N THR J 139 -35.52 11.87 30.99
CA THR J 139 -35.87 13.13 31.64
C THR J 139 -37.15 13.72 31.05
N VAL J 140 -37.59 13.19 29.91
CA VAL J 140 -38.78 13.69 29.24
C VAL J 140 -39.94 12.75 29.55
N LYS J 141 -40.85 13.20 30.42
CA LYS J 141 -42.04 12.42 30.78
C LYS J 141 -41.65 11.04 31.29
N GLY J 142 -40.51 10.97 31.98
CA GLY J 142 -40.04 9.69 32.49
C GLY J 142 -39.76 8.65 31.44
N GLY J 143 -39.55 9.07 30.19
CA GLY J 143 -39.28 8.13 29.12
C GLY J 143 -40.49 7.44 28.55
N ALA J 144 -41.69 7.96 28.80
CA ALA J 144 -42.89 7.34 28.25
C ALA J 144 -42.92 7.47 26.73
N TYR J 145 -43.60 6.52 26.09
CA TYR J 145 -43.67 6.47 24.64
C TYR J 145 -44.92 7.21 24.16
N TYR J 146 -44.73 8.39 23.60
CA TYR J 146 -45.81 9.10 22.93
C TYR J 146 -45.94 8.60 21.50
N PRO J 147 -47.07 8.91 20.85
CA PRO J 147 -47.24 8.44 19.46
C PRO J 147 -46.11 8.87 18.55
N VAL J 148 -45.59 10.09 18.72
CA VAL J 148 -44.48 10.54 17.89
C VAL J 148 -43.21 9.77 18.26
N THR J 149 -43.08 9.37 19.51
CA THR J 149 -41.90 8.61 19.93
C THR J 149 -41.81 7.29 19.18
N VAL J 150 -42.93 6.60 19.03
CA VAL J 150 -42.94 5.36 18.27
C VAL J 150 -42.57 5.61 16.81
N LYS J 151 -43.13 6.66 16.22
CA LYS J 151 -42.84 6.95 14.81
C LYS J 151 -41.38 7.29 14.62
N LYS J 152 -40.79 8.06 15.54
CA LYS J 152 -39.37 8.40 15.41
C LYS J 152 -38.50 7.15 15.48
N GLN J 153 -38.78 6.26 16.44
CA GLN J 153 -38.01 5.02 16.54
C GLN J 153 -38.19 4.16 15.31
N LEU J 154 -39.42 4.03 14.81
CA LEU J 154 -39.66 3.22 13.62
C LEU J 154 -38.91 3.78 12.42
N ARG J 155 -38.86 5.11 12.30
CA ARG J 155 -38.08 5.71 11.22
C ARG J 155 -36.61 5.37 11.34
N ALA J 156 -36.07 5.41 12.57
CA ALA J 156 -34.66 5.06 12.77
C ALA J 156 -34.40 3.60 12.37
N GLN J 157 -35.29 2.69 12.76
CA GLN J 157 -35.11 1.29 12.39
C GLN J 157 -35.18 1.11 10.89
N GLU J 158 -36.08 1.83 10.22
CA GLU J 158 -36.15 1.74 8.77
C GLU J 158 -34.84 2.20 8.13
N ILE J 159 -34.24 3.26 8.64
CA ILE J 159 -32.96 3.73 8.12
C ILE J 159 -31.89 2.68 8.33
N ALA J 160 -31.85 2.08 9.52
CA ALA J 160 -30.82 1.09 9.81
C ALA J 160 -30.93 -0.13 8.90
N MET J 161 -32.17 -0.60 8.67
CA MET J 161 -32.34 -1.79 7.82
C MET J 161 -31.97 -1.51 6.38
N GLN J 162 -32.37 -0.36 5.85
CA GLN J 162 -32.13 -0.06 4.44
C GLN J 162 -30.65 0.10 4.15
N ASN J 163 -29.86 0.44 5.16
CA ASN J 163 -28.44 0.69 5.00
C ASN J 163 -27.58 -0.33 5.74
N ARG J 164 -28.19 -1.35 6.34
CA ARG J 164 -27.46 -2.38 7.07
C ARG J 164 -26.59 -1.77 8.17
N LEU J 165 -27.19 -0.95 9.00
CA LEU J 165 -26.47 -0.35 10.11
C LEU J 165 -26.83 -1.06 11.40
N PRO J 166 -25.85 -1.53 12.18
CA PRO J 166 -26.18 -2.16 13.47
C PRO J 166 -26.93 -1.19 14.37
N CYS J 167 -27.88 -1.72 15.12
CA CYS J 167 -28.74 -0.92 15.99
C CYS J 167 -28.33 -1.10 17.44
N ILE J 168 -28.12 0.01 18.13
CA ILE J 168 -27.79 0.03 19.54
C ILE J 168 -28.90 0.76 20.28
N TYR J 169 -29.56 0.06 21.20
CA TYR J 169 -30.67 0.62 21.96
C TYR J 169 -30.20 0.90 23.38
N LEU J 170 -30.14 2.19 23.73
CA LEU J 170 -29.88 2.60 25.11
C LEU J 170 -31.22 2.72 25.81
N VAL J 171 -31.66 1.64 26.45
CA VAL J 171 -33.03 1.51 26.91
C VAL J 171 -33.17 2.13 28.29
N ASP J 172 -33.95 3.20 28.38
CA ASP J 172 -34.42 3.73 29.64
C ASP J 172 -35.80 4.34 29.43
N SER J 173 -36.85 3.56 29.68
CA SER J 173 -38.20 3.90 29.27
C SER J 173 -39.19 3.65 30.39
N GLY J 174 -40.30 4.37 30.33
CA GLY J 174 -41.39 4.21 31.27
C GLY J 174 -42.66 3.60 30.72
N GLY J 175 -42.62 3.01 29.53
CA GLY J 175 -43.79 2.40 28.95
C GLY J 175 -44.60 3.34 28.09
N ALA J 176 -45.72 2.82 27.60
CA ALA J 176 -46.59 3.59 26.72
C ALA J 176 -47.36 4.65 27.50
N TYR J 177 -47.72 5.71 26.79
CA TYR J 177 -48.50 6.80 27.37
C TYR J 177 -49.97 6.42 27.30
N LEU J 178 -50.53 5.95 28.41
CA LEU J 178 -51.88 5.41 28.41
C LEU J 178 -52.92 6.37 27.84
N PRO J 179 -52.90 7.67 28.14
CA PRO J 179 -53.97 8.55 27.62
C PRO J 179 -54.09 8.53 26.10
N ARG J 180 -53.04 8.13 25.39
CA ARG J 180 -53.04 8.08 23.94
C ARG J 180 -52.72 6.67 23.45
N GLN J 181 -53.26 5.66 24.13
CA GLN J 181 -52.90 4.28 23.82
C GLN J 181 -53.34 3.89 22.41
N ALA J 182 -54.51 4.37 21.99
CA ALA J 182 -55.05 3.97 20.69
C ALA J 182 -54.13 4.34 19.55
N ASP J 183 -53.25 5.33 19.74
CA ASP J 183 -52.30 5.75 18.72
C ASP J 183 -50.91 5.17 18.94
N VAL J 184 -50.77 4.19 19.84
CA VAL J 184 -49.46 3.62 20.14
C VAL J 184 -49.45 2.12 19.95
N PHE J 185 -50.46 1.45 20.49
CA PHE J 185 -50.50 -0.01 20.57
C PHE J 185 -50.93 -0.73 19.29
N PRO J 186 -52.11 -0.42 18.75
CA PRO J 186 -52.80 -1.42 17.92
C PRO J 186 -52.25 -1.63 16.52
N ASP J 187 -51.96 -0.55 15.78
CA ASP J 187 -51.87 -0.65 14.34
C ASP J 187 -50.52 -1.24 13.90
N ARG J 188 -50.37 -1.42 12.59
CA ARG J 188 -49.16 -2.02 12.05
C ARG J 188 -47.93 -1.16 12.32
N ASP J 189 -48.04 0.15 12.17
CA ASP J 189 -46.95 1.07 12.43
C ASP J 189 -46.95 1.58 13.86
N HIS J 190 -47.53 0.80 14.78
CA HIS J 190 -47.56 1.17 16.19
C HIS J 190 -46.47 0.41 16.94
N PHE J 191 -46.50 0.47 18.27
CA PHE J 191 -45.38 0.01 19.07
C PHE J 191 -45.00 -1.43 18.73
N GLY J 192 -45.98 -2.27 18.36
CA GLY J 192 -45.67 -3.66 18.06
C GLY J 192 -44.66 -3.81 16.94
N ARG J 193 -44.67 -2.89 15.97
CA ARG J 193 -43.75 -2.98 14.85
C ARG J 193 -42.29 -2.89 15.28
N THR J 194 -42.01 -2.31 16.45
CA THR J 194 -40.63 -2.18 16.89
C THR J 194 -39.97 -3.54 17.07
N PHE J 195 -40.68 -4.49 17.68
CA PHE J 195 -40.12 -5.83 17.85
C PHE J 195 -40.06 -6.58 16.52
N TYR J 196 -41.04 -6.37 15.65
CA TYR J 196 -41.00 -6.97 14.33
C TYR J 196 -39.74 -6.55 13.58
N ASN J 197 -39.39 -5.26 13.64
CA ASN J 197 -38.18 -4.80 12.97
C ASN J 197 -36.93 -5.44 13.55
N GLN J 198 -36.87 -5.58 14.87
CA GLN J 198 -35.71 -6.21 15.49
C GLN J 198 -35.55 -7.65 15.02
N ALA J 199 -36.63 -8.40 14.96
CA ALA J 199 -36.56 -9.78 14.51
C ALA J 199 -36.11 -9.87 13.06
N ILE J 200 -36.60 -8.98 12.21
CA ILE J 200 -36.24 -9.03 10.79
C ILE J 200 -34.77 -8.70 10.60
N MET J 201 -34.30 -7.64 11.25
CA MET J 201 -32.89 -7.26 11.10
C MET J 201 -31.97 -8.36 11.61
N SER J 202 -32.34 -9.00 12.72
CA SER J 202 -31.52 -10.10 13.23
C SER J 202 -31.41 -11.22 12.22
N SER J 203 -32.52 -11.53 11.52
CA SER J 203 -32.49 -12.60 10.53
C SER J 203 -31.61 -12.25 9.34
N LYS J 204 -31.31 -10.97 9.15
CA LYS J 204 -30.47 -10.51 8.05
C LYS J 204 -29.03 -10.26 8.47
N ASN J 205 -28.66 -10.63 9.70
CA ASN J 205 -27.31 -10.42 10.23
C ASN J 205 -26.99 -8.94 10.41
N ILE J 206 -28.00 -8.14 10.72
CA ILE J 206 -27.80 -6.75 11.13
C ILE J 206 -27.87 -6.73 12.65
N ALA J 207 -26.72 -6.56 13.28
CA ALA J 207 -26.63 -6.78 14.73
C ALA J 207 -27.60 -5.88 15.49
N GLN J 208 -28.24 -6.47 16.50
CA GLN J 208 -29.13 -5.75 17.39
C GLN J 208 -28.56 -5.84 18.80
N ILE J 209 -28.15 -4.69 19.35
CA ILE J 209 -27.52 -4.62 20.65
C ILE J 209 -28.36 -3.71 21.54
N ALA J 210 -28.73 -4.23 22.71
CA ALA J 210 -29.55 -3.50 23.68
C ALA J 210 -28.76 -3.28 24.95
N VAL J 211 -28.81 -2.06 25.47
CA VAL J 211 -28.11 -1.69 26.70
C VAL J 211 -29.17 -1.18 27.66
N VAL J 212 -29.52 -2.00 28.65
CA VAL J 212 -30.53 -1.64 29.64
C VAL J 212 -29.85 -0.76 30.69
N MET J 213 -30.07 0.54 30.61
CA MET J 213 -29.49 1.51 31.54
C MET J 213 -30.56 2.10 32.44
N GLY J 214 -31.69 1.42 32.55
CA GLY J 214 -32.79 1.92 33.36
C GLY J 214 -33.92 0.91 33.39
N SER J 215 -35.08 1.40 33.80
CA SER J 215 -36.25 0.54 33.88
C SER J 215 -36.88 0.33 32.51
N CYS J 216 -37.28 -0.91 32.24
CA CYS J 216 -38.05 -1.25 31.05
C CYS J 216 -39.15 -2.21 31.46
N THR J 217 -40.39 -1.88 31.13
CA THR J 217 -41.56 -2.59 31.63
C THR J 217 -42.49 -2.93 30.49
N ALA J 218 -43.24 -4.02 30.66
CA ALA J 218 -44.24 -4.47 29.68
C ALA J 218 -43.53 -4.68 28.35
N GLY J 219 -43.92 -3.98 27.27
CA GLY J 219 -43.24 -4.18 26.00
C GLY J 219 -41.76 -3.84 26.05
N GLY J 220 -41.38 -2.93 26.95
CA GLY J 220 -39.98 -2.56 27.05
C GLY J 220 -39.07 -3.73 27.36
N ALA J 221 -39.55 -4.66 28.20
CA ALA J 221 -38.73 -5.82 28.55
C ALA J 221 -38.42 -6.69 27.33
N TYR J 222 -39.22 -6.56 26.27
CA TYR J 222 -38.98 -7.37 25.08
C TYR J 222 -37.73 -6.92 24.33
N VAL J 223 -37.43 -5.62 24.39
CA VAL J 223 -36.29 -5.09 23.64
C VAL J 223 -34.99 -5.81 24.01
N PRO J 224 -34.60 -5.89 25.29
CA PRO J 224 -33.40 -6.69 25.62
C PRO J 224 -33.55 -8.15 25.27
N ALA J 225 -34.76 -8.70 25.37
CA ALA J 225 -34.96 -10.11 25.08
C ALA J 225 -34.84 -10.39 23.58
N MET J 226 -35.25 -9.44 22.74
CA MET J 226 -35.20 -9.64 21.29
C MET J 226 -33.84 -9.31 20.70
N ALA J 227 -32.90 -8.82 21.49
CA ALA J 227 -31.61 -8.41 20.95
C ALA J 227 -30.65 -9.59 20.84
N ASP J 228 -29.74 -9.49 19.87
CA ASP J 228 -28.72 -10.53 19.70
C ASP J 228 -27.81 -10.59 20.91
N GLU J 229 -27.29 -9.45 21.35
CA GLU J 229 -26.49 -9.36 22.56
C GLU J 229 -27.05 -8.26 23.44
N ASN J 230 -26.94 -8.44 24.75
CA ASN J 230 -27.65 -7.60 25.71
C ASN J 230 -26.72 -7.24 26.86
N ILE J 231 -26.83 -6.00 27.33
CA ILE J 231 -26.04 -5.49 28.45
C ILE J 231 -26.98 -4.79 29.42
N ILE J 232 -26.83 -5.09 30.71
CA ILE J 232 -27.68 -4.54 31.76
C ILE J 232 -26.79 -4.00 32.87
N VAL J 233 -27.15 -2.84 33.40
CA VAL J 233 -26.42 -2.21 34.50
C VAL J 233 -26.84 -2.86 35.81
N ARG J 234 -25.96 -2.77 36.80
CA ARG J 234 -26.13 -3.57 38.03
C ARG J 234 -27.46 -3.27 38.70
N LYS J 235 -27.74 -2.00 38.98
CA LYS J 235 -28.92 -1.64 39.75
C LYS J 235 -29.93 -0.79 39.00
N GLN J 236 -29.47 0.06 38.08
CA GLN J 236 -30.42 0.90 37.33
C GLN J 236 -31.32 0.06 36.45
N GLY J 237 -30.78 -0.95 35.79
CA GLY J 237 -31.54 -1.73 34.84
C GLY J 237 -32.52 -2.72 35.47
N THR J 238 -33.77 -2.66 35.02
CA THR J 238 -34.81 -3.58 35.49
C THR J 238 -35.61 -4.06 34.29
N ILE J 239 -35.87 -5.36 34.22
CA ILE J 239 -36.62 -5.98 33.14
C ILE J 239 -37.68 -6.88 33.74
N PHE J 240 -38.93 -6.68 33.32
CA PHE J 240 -40.03 -7.53 33.76
C PHE J 240 -41.21 -7.33 32.83
N LEU J 241 -41.84 -8.43 32.42
CA LEU J 241 -43.06 -8.33 31.62
C LEU J 241 -44.15 -7.59 32.37
N ALA J 242 -44.35 -7.93 33.64
CA ALA J 242 -45.34 -7.28 34.49
C ALA J 242 -44.62 -6.55 35.62
N GLY J 243 -44.94 -5.28 35.78
CA GLY J 243 -44.34 -4.48 36.81
C GLY J 243 -44.86 -4.83 38.18
N PRO J 244 -44.19 -4.31 39.21
CA PRO J 244 -44.62 -4.58 40.58
C PRO J 244 -46.07 -4.20 40.81
N PRO J 245 -46.52 -3.05 40.28
CA PRO J 245 -47.93 -2.69 40.45
C PRO J 245 -48.89 -3.73 39.90
N LEU J 246 -48.59 -4.32 38.75
CA LEU J 246 -49.46 -5.36 38.20
C LEU J 246 -49.36 -6.65 39.02
N VAL J 247 -48.16 -6.98 39.49
CA VAL J 247 -47.98 -8.19 40.28
C VAL J 247 -48.82 -8.10 41.56
N LYS J 248 -48.80 -6.96 42.23
CA LYS J 248 -49.58 -6.80 43.45
C LYS J 248 -51.08 -6.93 43.16
N ALA J 249 -51.55 -6.27 42.10
CA ALA J 249 -52.97 -6.34 41.77
C ALA J 249 -53.38 -7.77 41.38
N ALA J 250 -52.54 -8.45 40.60
CA ALA J 250 -52.92 -9.77 40.11
C ALA J 250 -52.80 -10.83 41.21
N THR J 251 -51.73 -10.77 42.00
CA THR J 251 -51.45 -11.80 42.99
C THR J 251 -51.31 -11.28 44.41
N GLY J 252 -51.42 -9.97 44.63
CA GLY J 252 -51.32 -9.43 45.98
C GLY J 252 -49.99 -9.66 46.64
N GLU J 253 -48.89 -9.47 45.90
CA GLU J 253 -47.55 -9.63 46.43
C GLU J 253 -46.78 -8.33 46.25
N GLU J 254 -46.02 -7.95 47.27
CA GLU J 254 -45.19 -6.74 47.23
C GLU J 254 -43.75 -7.15 46.98
N VAL J 255 -43.20 -6.70 45.85
CA VAL J 255 -41.82 -7.00 45.48
C VAL J 255 -41.21 -5.76 44.85
N SER J 256 -39.95 -5.49 45.21
CA SER J 256 -39.25 -4.35 44.63
C SER J 256 -38.90 -4.63 43.18
N ALA J 257 -38.68 -3.54 42.42
CA ALA J 257 -38.35 -3.68 41.01
C ALA J 257 -37.04 -4.44 40.83
N GLU J 258 -36.05 -4.17 41.69
CA GLU J 258 -34.77 -4.86 41.58
C GLU J 258 -34.93 -6.36 41.76
N ASP J 259 -35.71 -6.78 42.75
CA ASP J 259 -35.93 -8.21 42.97
C ASP J 259 -36.70 -8.84 41.81
N LEU J 260 -37.76 -8.16 41.36
CA LEU J 260 -38.52 -8.69 40.23
C LEU J 260 -37.67 -8.73 38.96
N GLY J 261 -36.90 -7.68 38.71
CA GLY J 261 -35.99 -7.64 37.59
C GLY J 261 -34.55 -7.56 38.04
N GLY J 262 -33.86 -6.50 37.66
CA GLY J 262 -32.50 -6.30 38.13
C GLY J 262 -31.47 -7.05 37.30
N ALA J 263 -30.24 -6.52 37.31
CA ALA J 263 -29.16 -7.17 36.56
C ALA J 263 -28.84 -8.54 37.14
N ASP J 264 -28.78 -8.65 38.47
CA ASP J 264 -28.36 -9.90 39.08
C ASP J 264 -29.32 -11.04 38.75
N LEU J 265 -30.62 -10.78 38.85
CA LEU J 265 -31.60 -11.82 38.55
C LEU J 265 -31.49 -12.29 37.11
N HIS J 266 -31.43 -11.34 36.17
CA HIS J 266 -31.37 -11.71 34.75
C HIS J 266 -29.98 -12.22 34.38
N CYS J 267 -28.94 -11.60 34.92
CA CYS J 267 -27.58 -12.02 34.59
C CYS J 267 -27.29 -13.43 35.08
N ARG J 268 -27.71 -13.75 36.30
CA ARG J 268 -27.29 -15.00 36.94
C ARG J 268 -28.37 -16.07 37.01
N LYS J 269 -29.65 -15.68 37.10
CA LYS J 269 -30.72 -16.65 37.25
C LYS J 269 -31.61 -16.73 36.03
N SER J 270 -32.19 -15.61 35.58
CA SER J 270 -33.07 -15.68 34.42
C SER J 270 -32.28 -15.93 33.14
N GLY J 271 -31.05 -15.43 33.07
CA GLY J 271 -30.23 -15.56 31.89
C GLY J 271 -30.57 -14.61 30.77
N VAL J 272 -31.46 -13.64 31.02
CA VAL J 272 -31.82 -12.69 29.98
C VAL J 272 -30.65 -11.78 29.65
N SER J 273 -29.72 -11.60 30.58
CA SER J 273 -28.61 -10.67 30.41
C SER J 273 -27.37 -11.40 29.91
N ASP J 274 -26.74 -10.83 28.87
CA ASP J 274 -25.51 -11.42 28.34
C ASP J 274 -24.27 -10.80 28.99
N HIS J 275 -24.33 -9.54 29.39
CA HIS J 275 -23.23 -8.87 30.05
C HIS J 275 -23.74 -8.09 31.24
N TRP J 276 -22.91 -8.02 32.28
CA TRP J 276 -23.26 -7.34 33.53
C TRP J 276 -22.33 -6.15 33.72
N ALA J 277 -22.91 -4.98 33.94
CA ALA J 277 -22.15 -3.73 33.98
C ALA J 277 -22.34 -3.05 35.33
N LEU J 278 -21.25 -2.48 35.85
CA LEU J 278 -21.30 -1.82 37.14
C LEU J 278 -22.06 -0.50 37.07
N ASP J 279 -21.78 0.32 36.07
CA ASP J 279 -22.40 1.64 35.96
C ASP J 279 -22.57 1.97 34.49
N ASP J 280 -23.03 3.20 34.22
CA ASP J 280 -23.26 3.62 32.84
C ASP J 280 -21.97 3.64 32.05
N HIS J 281 -20.88 4.14 32.64
CA HIS J 281 -19.61 4.17 31.94
C HIS J 281 -19.14 2.76 31.59
N HIS J 282 -19.28 1.82 32.52
CA HIS J 282 -18.88 0.44 32.24
C HIS J 282 -19.72 -0.15 31.13
N ALA J 283 -21.03 0.08 31.13
CA ALA J 283 -21.89 -0.47 30.09
C ALA J 283 -21.51 0.05 28.72
N LEU J 284 -21.21 1.35 28.61
CA LEU J 284 -20.81 1.92 27.33
C LEU J 284 -19.49 1.34 26.85
N HIS J 285 -18.56 1.10 27.78
CA HIS J 285 -17.30 0.45 27.42
C HIS J 285 -17.55 -0.96 26.90
N LEU J 286 -18.46 -1.69 27.56
CA LEU J 286 -18.79 -3.04 27.09
C LEU J 286 -19.42 -3.01 25.71
N THR J 287 -20.29 -2.03 25.45
CA THR J 287 -20.94 -1.94 24.16
C THR J 287 -19.91 -1.79 23.03
N ARG J 288 -18.89 -0.96 23.25
CA ARG J 288 -17.86 -0.78 22.23
C ARG J 288 -17.14 -2.10 21.95
N LYS J 289 -16.90 -2.90 22.99
CA LYS J 289 -16.28 -4.21 22.80
C LYS J 289 -17.18 -5.13 21.98
N VAL J 290 -18.49 -5.09 22.24
CA VAL J 290 -19.42 -5.97 21.53
C VAL J 290 -19.40 -5.66 20.04
N VAL J 291 -19.41 -4.37 19.69
CA VAL J 291 -19.42 -3.99 18.28
C VAL J 291 -18.12 -4.42 17.61
N ARG J 292 -16.99 -4.34 18.32
CA ARG J 292 -15.72 -4.71 17.73
C ARG J 292 -15.64 -6.18 17.37
N ASN J 293 -16.53 -7.02 17.93
CA ASN J 293 -16.53 -8.45 17.69
C ASN J 293 -17.55 -8.86 16.63
N LEU J 294 -18.13 -7.90 15.91
CA LEU J 294 -19.13 -8.20 14.89
C LEU J 294 -18.51 -8.83 13.65
N ASN J 295 -17.19 -8.79 13.50
CA ASN J 295 -16.52 -9.38 12.35
C ASN J 295 -17.05 -8.79 11.04
N TYR J 296 -17.25 -7.47 11.05
CA TYR J 296 -17.78 -6.74 9.90
C TYR J 296 -16.72 -5.79 9.36
N GLN J 297 -16.61 -5.72 8.04
CA GLN J 297 -15.73 -4.77 7.37
C GLN J 297 -16.48 -4.13 6.21
N LYS J 298 -16.40 -2.80 6.12
CA LYS J 298 -17.16 -2.09 5.10
C LYS J 298 -16.50 -2.27 3.73
N LYS J 299 -17.33 -2.51 2.72
CA LYS J 299 -16.87 -2.65 1.34
C LYS J 299 -17.67 -1.69 0.46
N LEU J 300 -16.99 -1.02 -0.46
CA LEU J 300 -17.59 -0.02 -1.32
C LEU J 300 -17.83 -0.59 -2.72
N ASP J 301 -19.03 -0.37 -3.24
CA ASP J 301 -19.38 -0.80 -4.59
C ASP J 301 -19.08 0.25 -5.65
N VAL J 302 -18.76 1.48 -5.24
CA VAL J 302 -18.60 2.59 -6.17
C VAL J 302 -17.14 2.96 -6.29
N THR J 303 -16.79 3.59 -7.40
CA THR J 303 -15.45 4.11 -7.58
C THR J 303 -15.24 5.35 -6.71
N ILE J 304 -14.01 5.56 -6.27
CA ILE J 304 -13.68 6.63 -5.34
C ILE J 304 -12.57 7.48 -5.93
N GLU J 305 -12.68 8.79 -5.73
CA GLU J 305 -11.68 9.75 -6.13
C GLU J 305 -11.37 10.67 -4.96
N PRO J 306 -10.18 11.27 -4.93
CA PRO J 306 -9.81 12.11 -3.79
C PRO J 306 -10.78 13.27 -3.62
N SER J 307 -11.06 13.60 -2.37
CA SER J 307 -12.02 14.66 -2.06
C SER J 307 -11.40 16.03 -2.32
N GLU J 308 -12.29 16.99 -2.62
CA GLU J 308 -11.90 18.38 -2.81
C GLU J 308 -13.01 19.28 -2.31
N GLU J 309 -12.63 20.39 -1.69
CA GLU J 309 -13.61 21.36 -1.21
C GLU J 309 -14.20 22.14 -2.37
N PRO J 310 -15.44 22.61 -2.23
CA PRO J 310 -16.02 23.46 -3.27
C PRO J 310 -15.25 24.76 -3.40
N LEU J 311 -15.32 25.36 -4.59
CA LEU J 311 -14.56 26.56 -4.88
C LEU J 311 -15.20 27.83 -4.35
N PHE J 312 -16.39 27.74 -3.75
CA PHE J 312 -17.07 28.91 -3.25
C PHE J 312 -17.52 28.68 -1.80
N PRO J 313 -17.56 29.73 -1.00
CA PRO J 313 -18.01 29.58 0.39
C PRO J 313 -19.45 29.13 0.46
N ALA J 314 -19.75 28.30 1.47
CA ALA J 314 -21.11 27.79 1.63
C ALA J 314 -22.05 28.84 2.18
N ASP J 315 -21.55 29.73 3.04
CA ASP J 315 -22.42 30.72 3.66
C ASP J 315 -22.98 31.71 2.65
N GLU J 316 -22.40 31.80 1.45
CA GLU J 316 -22.98 32.63 0.41
C GLU J 316 -24.37 32.14 0.01
N LEU J 317 -24.70 30.89 0.33
CA LEU J 317 -26.04 30.38 0.04
C LEU J 317 -27.12 31.21 0.73
N TYR J 318 -26.77 31.87 1.85
CA TYR J 318 -27.74 32.73 2.53
C TYR J 318 -28.21 33.83 1.60
N GLY J 319 -27.26 34.57 1.01
CA GLY J 319 -27.64 35.65 0.12
C GLY J 319 -28.28 35.17 -1.17
N ILE J 320 -27.78 34.06 -1.72
CA ILE J 320 -28.27 33.59 -3.01
C ILE J 320 -29.72 33.13 -2.91
N VAL J 321 -30.07 32.41 -1.86
CA VAL J 321 -31.38 31.77 -1.74
C VAL J 321 -32.38 32.68 -1.02
N GLY J 322 -32.00 33.20 0.15
CA GLY J 322 -32.93 34.04 0.88
C GLY J 322 -34.08 33.23 1.47
N ALA J 323 -35.16 33.94 1.80
CA ALA J 323 -36.34 33.34 2.39
C ALA J 323 -37.61 33.59 1.59
N ASN J 324 -37.53 34.27 0.45
CA ASN J 324 -38.70 34.58 -0.36
C ASN J 324 -38.81 33.54 -1.47
N LEU J 325 -39.83 32.69 -1.36
CA LEU J 325 -40.02 31.63 -2.35
C LEU J 325 -40.52 32.15 -3.69
N LYS J 326 -41.05 33.37 -3.72
CA LYS J 326 -41.54 33.92 -4.99
C LYS J 326 -40.38 34.26 -5.92
N ARG J 327 -39.30 34.81 -5.38
CA ARG J 327 -38.10 35.03 -6.18
C ARG J 327 -37.48 33.70 -6.58
N SER J 328 -36.79 33.70 -7.71
CA SER J 328 -36.16 32.51 -8.25
C SER J 328 -34.65 32.68 -8.28
N PHE J 329 -33.94 31.57 -8.11
CA PHE J 329 -32.49 31.53 -8.17
C PHE J 329 -32.05 30.34 -9.02
N ASP J 330 -30.81 30.39 -9.48
CA ASP J 330 -30.25 29.32 -10.28
C ASP J 330 -29.75 28.20 -9.38
N VAL J 331 -30.37 27.03 -9.51
CA VAL J 331 -29.97 25.89 -8.68
C VAL J 331 -28.51 25.52 -8.89
N ARG J 332 -27.95 25.85 -10.05
CA ARG J 332 -26.53 25.57 -10.28
C ARG J 332 -25.65 26.25 -9.24
N GLU J 333 -26.08 27.43 -8.76
CA GLU J 333 -25.33 28.11 -7.72
C GLU J 333 -25.26 27.27 -6.45
N VAL J 334 -26.37 26.64 -6.09
CA VAL J 334 -26.37 25.74 -4.93
C VAL J 334 -25.45 24.56 -5.17
N ILE J 335 -25.50 23.98 -6.36
CA ILE J 335 -24.65 22.84 -6.68
C ILE J 335 -23.19 23.23 -6.62
N ALA J 336 -22.84 24.41 -7.13
CA ALA J 336 -21.44 24.81 -7.21
C ALA J 336 -20.80 24.90 -5.82
N ARG J 337 -21.62 25.03 -4.78
CA ARG J 337 -21.09 25.22 -3.43
C ARG J 337 -21.18 23.98 -2.55
N ILE J 338 -21.48 22.81 -3.11
CA ILE J 338 -21.52 21.59 -2.33
C ILE J 338 -20.74 20.44 -2.95
N VAL J 339 -20.42 20.49 -4.24
CA VAL J 339 -19.76 19.38 -4.91
C VAL J 339 -18.26 19.58 -4.88
N ASP J 340 -17.52 18.47 -4.98
CA ASP J 340 -16.07 18.52 -4.90
C ASP J 340 -15.52 19.39 -6.03
N GLY J 341 -14.77 20.42 -5.67
CA GLY J 341 -14.15 21.28 -6.65
C GLY J 341 -15.12 22.07 -7.52
N SER J 342 -16.40 22.08 -7.18
CA SER J 342 -17.41 22.77 -7.98
C SER J 342 -17.37 22.30 -9.43
N ARG J 343 -17.15 21.00 -9.62
CA ARG J 343 -17.09 20.40 -10.93
C ARG J 343 -18.40 19.67 -11.20
N PHE J 344 -19.00 19.92 -12.36
CA PHE J 344 -20.32 19.41 -12.68
C PHE J 344 -20.43 19.19 -14.18
N THR J 345 -20.84 17.97 -14.56
CA THR J 345 -21.05 17.62 -15.96
C THR J 345 -22.56 17.58 -16.20
N GLU J 346 -23.08 18.60 -16.87
CA GLU J 346 -24.51 18.71 -17.08
C GLU J 346 -24.96 17.82 -18.23
N PHE J 347 -26.13 17.21 -18.05
CA PHE J 347 -26.70 16.29 -19.03
C PHE J 347 -27.94 16.93 -19.64
N LYS J 348 -27.97 17.02 -20.97
CA LYS J 348 -29.08 17.62 -21.70
C LYS J 348 -29.33 19.05 -21.19
N ALA J 349 -28.28 19.87 -21.26
CA ALA J 349 -28.34 21.20 -20.67
C ALA J 349 -29.40 22.07 -21.32
N PHE J 350 -29.51 22.02 -22.65
CA PHE J 350 -30.39 22.92 -23.38
C PHE J 350 -31.77 22.35 -23.62
N TYR J 351 -32.05 21.13 -23.17
CA TYR J 351 -33.33 20.49 -23.36
C TYR J 351 -34.04 20.39 -22.01
N GLY J 352 -35.27 20.89 -21.96
CA GLY J 352 -36.00 20.91 -20.70
C GLY J 352 -35.26 21.67 -19.64
N ASP J 353 -34.89 22.92 -19.93
CA ASP J 353 -33.96 23.65 -19.09
C ASP J 353 -34.51 23.91 -17.69
N THR J 354 -35.81 23.73 -17.46
CA THR J 354 -36.35 23.93 -16.12
C THR J 354 -35.86 22.87 -15.14
N LEU J 355 -35.26 21.80 -15.63
CA LEU J 355 -34.68 20.76 -14.80
C LEU J 355 -33.19 20.64 -15.08
N VAL J 356 -32.40 20.51 -14.03
CA VAL J 356 -30.95 20.40 -14.14
C VAL J 356 -30.54 19.01 -13.67
N THR J 357 -29.82 18.30 -14.53
CA THR J 357 -29.29 16.97 -14.22
C THR J 357 -27.83 16.90 -14.63
N GLY J 358 -27.03 16.20 -13.85
CA GLY J 358 -25.62 16.07 -14.16
C GLY J 358 -24.91 15.18 -13.16
N PHE J 359 -23.64 14.96 -13.42
CA PHE J 359 -22.80 14.10 -12.59
C PHE J 359 -21.79 14.94 -11.82
N ALA J 360 -21.56 14.58 -10.58
CA ALA J 360 -20.59 15.27 -9.73
C ALA J 360 -20.07 14.28 -8.70
N ARG J 361 -19.31 14.79 -7.73
CA ARG J 361 -18.78 13.97 -6.66
C ARG J 361 -18.80 14.76 -5.35
N ILE J 362 -19.22 14.08 -4.27
CA ILE J 362 -19.27 14.66 -2.94
C ILE J 362 -18.42 13.80 -2.02
N PHE J 363 -17.34 14.38 -1.50
CA PHE J 363 -16.41 13.65 -0.65
C PHE J 363 -15.84 12.42 -1.35
N GLY J 364 -15.71 12.49 -2.68
CA GLY J 364 -15.19 11.40 -3.46
C GLY J 364 -16.22 10.45 -4.02
N TYR J 365 -17.44 10.45 -3.50
CA TYR J 365 -18.47 9.55 -3.99
C TYR J 365 -19.09 10.12 -5.28
N PRO J 366 -19.41 9.25 -6.24
CA PRO J 366 -20.12 9.71 -7.44
C PRO J 366 -21.60 9.92 -7.14
N VAL J 367 -22.17 10.98 -7.69
CA VAL J 367 -23.58 11.32 -7.44
C VAL J 367 -24.18 11.89 -8.71
N GLY J 368 -25.44 11.53 -8.97
CA GLY J 368 -26.24 12.15 -10.01
C GLY J 368 -27.26 13.07 -9.36
N ILE J 369 -27.23 14.33 -9.78
CA ILE J 369 -27.99 15.40 -9.14
C ILE J 369 -29.16 15.79 -10.04
N VAL J 370 -30.36 15.85 -9.46
CA VAL J 370 -31.56 16.31 -10.14
C VAL J 370 -32.13 17.46 -9.33
N GLY J 371 -32.22 18.64 -9.94
CA GLY J 371 -32.73 19.80 -9.23
C GLY J 371 -33.68 20.64 -10.07
N ASN J 372 -34.70 21.20 -9.44
CA ASN J 372 -35.68 22.01 -10.15
C ASN J 372 -35.13 23.41 -10.41
N ASN J 373 -35.42 23.93 -11.59
CA ASN J 373 -35.02 25.28 -11.98
C ASN J 373 -36.19 26.01 -12.61
N GLY J 374 -37.39 25.64 -12.23
CA GLY J 374 -38.58 26.25 -12.80
C GLY J 374 -39.72 25.25 -12.82
N VAL J 375 -40.77 25.61 -13.56
CA VAL J 375 -41.94 24.76 -13.66
C VAL J 375 -41.61 23.51 -14.48
N LEU J 376 -42.15 22.37 -14.07
CA LEU J 376 -41.91 21.13 -14.79
C LEU J 376 -42.70 21.11 -16.09
N PHE J 377 -42.03 20.68 -17.16
CA PHE J 377 -42.63 20.58 -18.48
C PHE J 377 -42.54 19.13 -18.95
N SER J 378 -43.13 18.87 -20.13
CA SER J 378 -43.01 17.54 -20.71
C SER J 378 -41.56 17.20 -21.02
N GLU J 379 -40.82 18.17 -21.56
CA GLU J 379 -39.40 17.93 -21.86
C GLU J 379 -38.62 17.66 -20.58
N SER J 380 -38.91 18.42 -19.52
CA SER J 380 -38.21 18.23 -18.26
C SER J 380 -38.43 16.83 -17.70
N ALA J 381 -39.68 16.35 -17.73
CA ALA J 381 -39.97 15.02 -17.22
C ALA J 381 -39.26 13.95 -18.04
N LYS J 382 -39.29 14.08 -19.37
CA LYS J 382 -38.59 13.13 -20.22
C LYS J 382 -37.09 13.15 -19.93
N LYS J 383 -36.52 14.35 -19.79
CA LYS J 383 -35.11 14.48 -19.50
C LYS J 383 -34.75 13.82 -18.17
N GLY J 384 -35.59 14.01 -17.15
CA GLY J 384 -35.35 13.35 -15.88
C GLY J 384 -35.43 11.84 -15.98
N THR J 385 -36.43 11.33 -16.69
CA THR J 385 -36.59 9.89 -16.83
C THR J 385 -35.39 9.27 -17.51
N HIS J 386 -34.87 9.93 -18.55
CA HIS J 386 -33.67 9.43 -19.21
C HIS J 386 -32.48 9.42 -18.25
N PHE J 387 -32.33 10.49 -17.46
CA PHE J 387 -31.20 10.59 -16.56
C PHE J 387 -31.24 9.51 -15.48
N VAL J 388 -32.42 9.25 -14.92
CA VAL J 388 -32.52 8.27 -13.83
C VAL J 388 -32.14 6.88 -14.33
N GLN J 389 -32.49 6.56 -15.56
CA GLN J 389 -32.09 5.27 -16.12
C GLN J 389 -30.58 5.16 -16.21
N LEU J 390 -29.92 6.26 -16.61
CA LEU J 390 -28.46 6.25 -16.69
C LEU J 390 -27.82 5.95 -15.35
N CYS J 391 -28.28 6.63 -14.29
CA CYS J 391 -27.69 6.43 -12.98
C CYS J 391 -27.92 5.01 -12.48
N CYS J 392 -29.12 4.48 -12.68
CA CYS J 392 -29.40 3.12 -12.23
C CYS J 392 -28.54 2.11 -12.97
N GLN J 393 -28.30 2.33 -14.26
CA GLN J 393 -27.48 1.40 -15.03
C GLN J 393 -26.06 1.34 -14.50
N ARG J 394 -25.50 2.48 -14.11
CA ARG J 394 -24.13 2.57 -13.63
C ARG J 394 -24.03 2.47 -12.11
N ASN J 395 -25.14 2.31 -11.41
CA ASN J 395 -25.14 2.18 -9.95
C ASN J 395 -24.57 3.42 -9.29
N ILE J 396 -25.11 4.57 -9.64
CA ILE J 396 -24.65 5.87 -9.15
C ILE J 396 -25.72 6.42 -8.21
N PRO J 397 -25.37 6.80 -6.97
CA PRO J 397 -26.36 7.37 -6.07
C PRO J 397 -26.98 8.64 -6.64
N LEU J 398 -28.23 8.90 -6.26
CA LEU J 398 -29.00 10.01 -6.78
C LEU J 398 -29.31 10.99 -5.66
N LEU J 399 -29.17 12.29 -5.97
CA LEU J 399 -29.52 13.36 -5.05
C LEU J 399 -30.54 14.27 -5.71
N PHE J 400 -31.64 14.54 -5.01
CA PHE J 400 -32.71 15.38 -5.52
C PHE J 400 -32.75 16.68 -4.73
N LEU J 401 -32.86 17.80 -5.46
CA LEU J 401 -32.99 19.12 -4.85
C LEU J 401 -34.34 19.70 -5.25
N GLN J 402 -35.31 19.58 -4.35
CA GLN J 402 -36.68 19.99 -4.62
C GLN J 402 -36.84 21.49 -4.37
N ASN J 403 -37.09 22.24 -5.44
CA ASN J 403 -37.67 23.58 -5.34
C ASN J 403 -38.68 23.68 -6.48
N ILE J 404 -39.91 23.31 -6.18
CA ILE J 404 -40.95 23.17 -7.19
C ILE J 404 -41.94 24.32 -7.08
N THR J 405 -42.64 24.59 -8.18
CA THR J 405 -43.76 25.52 -8.19
C THR J 405 -44.96 24.96 -8.93
N GLY J 406 -44.91 23.70 -9.35
CA GLY J 406 -46.02 23.04 -10.01
C GLY J 406 -45.64 22.54 -11.39
N PHE J 407 -46.65 22.01 -12.08
CA PHE J 407 -46.54 21.54 -13.46
C PHE J 407 -47.08 22.60 -14.40
N MET J 408 -46.66 22.53 -15.65
CA MET J 408 -47.19 23.42 -16.68
C MET J 408 -48.69 23.18 -16.83
N VAL J 409 -49.45 24.28 -16.86
CA VAL J 409 -50.90 24.23 -16.98
C VAL J 409 -51.28 24.81 -18.34
N GLY J 410 -51.99 24.03 -19.14
CA GLY J 410 -52.43 24.49 -20.44
C GLY J 410 -53.14 23.40 -21.20
N ARG J 411 -54.07 23.82 -22.05
CA ARG J 411 -54.82 22.86 -22.85
C ARG J 411 -53.91 22.06 -23.77
N GLU J 412 -52.95 22.74 -24.41
CA GLU J 412 -52.04 22.05 -25.31
C GLU J 412 -51.19 21.03 -24.58
N TYR J 413 -50.69 21.39 -23.38
CA TYR J 413 -49.81 20.48 -22.65
C TYR J 413 -50.54 19.20 -22.28
N GLU J 414 -51.80 19.30 -21.83
CA GLU J 414 -52.58 18.12 -21.53
C GLU J 414 -52.82 17.28 -22.78
N ALA J 415 -53.08 17.95 -23.92
CA ALA J 415 -53.27 17.21 -25.16
C ALA J 415 -52.04 16.44 -25.56
N GLU J 416 -50.86 16.93 -25.18
CA GLU J 416 -49.59 16.26 -25.47
C GLU J 416 -49.17 15.29 -24.37
N GLY J 417 -50.07 14.99 -23.43
CA GLY J 417 -49.79 14.02 -22.40
C GLY J 417 -48.74 14.43 -21.37
N ILE J 418 -48.86 15.65 -20.85
CA ILE J 418 -47.99 16.06 -19.75
C ILE J 418 -48.14 15.10 -18.58
N ALA J 419 -49.39 14.71 -18.27
CA ALA J 419 -49.61 13.71 -17.24
C ALA J 419 -48.89 12.41 -17.58
N LYS J 420 -48.94 12.00 -18.85
CA LYS J 420 -48.21 10.82 -19.28
C LYS J 420 -46.71 10.99 -19.10
N ASP J 421 -46.20 12.19 -19.39
CA ASP J 421 -44.78 12.45 -19.21
C ASP J 421 -44.42 12.54 -17.73
N GLY J 422 -45.22 13.26 -16.95
CA GLY J 422 -44.96 13.33 -15.52
C GLY J 422 -44.98 11.97 -14.85
N ALA J 423 -45.90 11.10 -15.28
CA ALA J 423 -45.96 9.76 -14.72
C ALA J 423 -44.69 8.97 -15.02
N LYS J 424 -44.06 9.24 -16.18
CA LYS J 424 -42.84 8.52 -16.54
C LYS J 424 -41.76 8.73 -15.48
N MET J 425 -41.56 9.97 -15.04
CA MET J 425 -40.54 10.24 -14.03
C MET J 425 -40.91 9.58 -12.71
N VAL J 426 -42.19 9.63 -12.33
CA VAL J 426 -42.60 9.03 -11.07
C VAL J 426 -42.33 7.53 -11.06
N ALA J 427 -42.66 6.84 -12.15
CA ALA J 427 -42.41 5.41 -12.22
C ALA J 427 -40.92 5.10 -12.15
N ALA J 428 -40.10 5.87 -12.87
CA ALA J 428 -38.66 5.62 -12.87
C ALA J 428 -38.07 5.88 -11.50
N VAL J 429 -38.47 6.97 -10.85
CA VAL J 429 -37.92 7.29 -9.53
C VAL J 429 -38.29 6.24 -8.51
N ALA J 430 -39.52 5.74 -8.57
CA ALA J 430 -39.96 4.74 -7.60
C ALA J 430 -39.16 3.45 -7.71
N CYS J 431 -38.88 3.00 -8.94
CA CYS J 431 -38.24 1.70 -9.13
C CYS J 431 -36.72 1.76 -8.95
N ALA J 432 -36.13 2.95 -8.95
CA ALA J 432 -34.69 3.06 -8.82
C ALA J 432 -34.22 2.44 -7.51
N GLN J 433 -33.17 1.62 -7.59
CA GLN J 433 -32.64 0.91 -6.43
C GLN J 433 -31.34 1.51 -5.92
N VAL J 434 -30.79 2.50 -6.60
CA VAL J 434 -29.60 3.19 -6.11
C VAL J 434 -30.00 4.01 -4.89
N PRO J 435 -29.09 4.29 -3.96
CA PRO J 435 -29.45 5.13 -2.81
C PRO J 435 -29.93 6.50 -3.28
N LYS J 436 -30.99 6.99 -2.64
CA LYS J 436 -31.60 8.26 -3.01
C LYS J 436 -31.68 9.16 -1.79
N ILE J 437 -31.26 10.41 -1.94
CA ILE J 437 -31.33 11.40 -0.89
C ILE J 437 -32.02 12.64 -1.45
N THR J 438 -32.97 13.16 -0.69
CA THR J 438 -33.78 14.30 -1.12
C THR J 438 -33.54 15.47 -0.18
N LEU J 439 -33.38 16.66 -0.77
CA LEU J 439 -33.18 17.89 -0.02
C LEU J 439 -34.15 18.93 -0.55
N ILE J 440 -35.06 19.38 0.30
CA ILE J 440 -36.06 20.38 -0.07
C ILE J 440 -35.49 21.75 0.25
N ILE J 441 -35.07 22.48 -0.78
CA ILE J 441 -34.49 23.81 -0.63
C ILE J 441 -35.49 24.90 -0.94
N GLY J 442 -36.74 24.54 -1.23
CA GLY J 442 -37.78 25.50 -1.56
C GLY J 442 -39.17 24.92 -1.38
N GLY J 443 -40.07 25.25 -2.31
CA GLY J 443 -41.42 24.72 -2.23
C GLY J 443 -41.48 23.27 -2.67
N SER J 444 -42.51 22.58 -2.17
CA SER J 444 -42.78 21.19 -2.52
C SER J 444 -44.29 21.00 -2.55
N TYR J 445 -44.88 21.11 -3.74
CA TYR J 445 -46.33 21.15 -3.87
C TYR J 445 -46.80 20.11 -4.88
N GLY J 446 -47.94 19.50 -4.57
CA GLY J 446 -48.66 18.65 -5.51
C GLY J 446 -47.82 17.48 -6.02
N ALA J 447 -48.13 17.07 -7.25
CA ALA J 447 -47.46 15.94 -7.87
C ALA J 447 -45.98 16.20 -8.14
N GLY J 448 -45.55 17.46 -8.12
CA GLY J 448 -44.12 17.73 -8.25
C GLY J 448 -43.32 17.11 -7.13
N ASN J 449 -43.93 17.01 -5.94
CA ASN J 449 -43.26 16.35 -4.83
C ASN J 449 -42.97 14.88 -5.15
N TYR J 450 -43.94 14.19 -5.74
CA TYR J 450 -43.76 12.76 -6.04
C TYR J 450 -42.66 12.55 -7.07
N GLY J 451 -42.66 13.34 -8.13
CA GLY J 451 -41.68 13.17 -9.18
C GLY J 451 -40.26 13.42 -8.70
N MET J 452 -40.09 14.26 -7.67
CA MET J 452 -38.78 14.58 -7.12
C MET J 452 -38.46 13.77 -5.88
N CYS J 453 -38.95 12.54 -5.79
CA CYS J 453 -38.62 11.62 -4.71
C CYS J 453 -39.01 12.21 -3.35
N GLY J 454 -40.32 12.33 -3.15
CA GLY J 454 -40.86 12.74 -1.87
C GLY J 454 -40.72 11.65 -0.83
N ARG J 455 -41.26 11.95 0.36
CA ARG J 455 -41.19 10.99 1.45
C ARG J 455 -41.84 9.66 1.08
N ALA J 456 -42.89 9.71 0.25
CA ALA J 456 -43.61 8.48 -0.10
C ALA J 456 -42.78 7.54 -0.97
N TYR J 457 -41.66 8.00 -1.52
CA TYR J 457 -40.87 7.21 -2.44
C TYR J 457 -39.59 6.66 -1.81
N SER J 458 -39.53 6.60 -0.48
CA SER J 458 -38.48 5.93 0.26
C SER J 458 -37.06 6.39 -0.10
N PRO J 459 -36.79 7.70 -0.14
CA PRO J 459 -35.40 8.13 -0.17
C PRO J 459 -34.71 7.73 1.12
N ARG J 460 -33.42 7.39 1.01
CA ARG J 460 -32.68 6.95 2.19
C ARG J 460 -32.74 8.02 3.28
N PHE J 461 -32.64 9.29 2.89
CA PHE J 461 -32.77 10.40 3.82
C PHE J 461 -33.53 11.53 3.14
N LEU J 462 -34.21 12.34 3.95
CA LEU J 462 -34.91 13.52 3.45
C LEU J 462 -34.68 14.68 4.41
N TYR J 463 -34.10 15.76 3.89
CA TYR J 463 -33.80 16.94 4.68
C TYR J 463 -34.48 18.15 4.06
N ILE J 464 -34.69 19.19 4.88
CA ILE J 464 -35.34 20.41 4.44
C ILE J 464 -34.58 21.61 4.99
N TRP J 465 -34.51 22.66 4.21
CA TRP J 465 -33.93 23.91 4.66
C TRP J 465 -34.96 24.72 5.44
N PRO J 466 -34.49 25.64 6.28
CA PRO J 466 -35.44 26.36 7.16
C PRO J 466 -36.44 27.23 6.42
N ASN J 467 -36.23 27.47 5.13
CA ASN J 467 -37.12 28.31 4.34
C ASN J 467 -38.12 27.52 3.50
N ALA J 468 -38.19 26.19 3.68
CA ALA J 468 -38.98 25.36 2.80
C ALA J 468 -40.46 25.43 3.16
N ARG J 469 -41.30 25.08 2.18
CA ARG J 469 -42.74 24.97 2.35
C ARG J 469 -43.23 23.74 1.60
N ILE J 470 -44.11 22.98 2.22
CA ILE J 470 -44.64 21.75 1.63
C ILE J 470 -46.13 21.66 1.92
N SER J 471 -46.90 21.28 0.90
CA SER J 471 -48.34 21.10 1.04
C SER J 471 -48.87 20.52 -0.26
N VAL J 472 -50.16 20.16 -0.26
CA VAL J 472 -50.78 19.61 -1.46
C VAL J 472 -50.70 20.60 -2.60
N MET J 473 -50.88 21.89 -2.30
CA MET J 473 -50.69 22.96 -3.27
C MET J 473 -50.27 24.21 -2.52
N GLY J 474 -49.78 25.19 -3.27
CA GLY J 474 -49.42 26.45 -2.65
C GLY J 474 -50.61 27.11 -2.00
N GLY J 475 -50.34 27.85 -0.92
CA GLY J 475 -51.42 28.50 -0.20
C GLY J 475 -52.24 29.42 -1.08
N GLU J 476 -51.58 30.17 -1.95
CA GLU J 476 -52.29 31.09 -2.83
C GLU J 476 -53.20 30.34 -3.80
N GLN J 477 -52.72 29.25 -4.38
CA GLN J 477 -53.54 28.50 -5.35
C GLN J 477 -54.82 28.00 -4.70
N ALA J 478 -54.74 27.46 -3.48
CA ALA J 478 -55.94 27.03 -2.79
C ALA J 478 -56.89 28.20 -2.54
N ALA J 479 -56.34 29.35 -2.17
CA ALA J 479 -57.17 30.53 -1.97
C ALA J 479 -57.84 30.97 -3.27
N ASN J 480 -57.05 31.10 -4.34
CA ASN J 480 -57.60 31.53 -5.61
C ASN J 480 -58.63 30.53 -6.15
N VAL J 481 -58.33 29.24 -6.02
CA VAL J 481 -59.27 28.22 -6.50
C VAL J 481 -60.62 28.35 -5.80
N LEU J 482 -60.60 28.51 -4.47
CA LEU J 482 -61.84 28.69 -3.73
C LEU J 482 -62.54 29.98 -4.14
N ALA J 483 -61.78 31.04 -4.40
CA ALA J 483 -62.38 32.29 -4.82
C ALA J 483 -63.15 32.13 -6.12
N THR J 484 -62.56 31.43 -7.10
CA THR J 484 -63.26 31.20 -8.36
C THR J 484 -64.48 30.31 -8.16
N ILE J 485 -64.34 29.25 -7.38
CA ILE J 485 -65.44 28.31 -7.18
C ILE J 485 -66.61 29.01 -6.48
N THR J 486 -66.32 29.71 -5.39
CA THR J 486 -67.39 30.40 -4.66
C THR J 486 -68.02 31.50 -5.52
N LYS J 487 -67.20 32.24 -6.26
CA LYS J 487 -67.74 33.31 -7.09
C LYS J 487 -68.70 32.77 -8.13
N ASP J 488 -68.31 31.69 -8.81
CA ASP J 488 -69.22 31.06 -9.77
C ASP J 488 -70.46 30.51 -9.08
N GLN J 489 -70.28 29.88 -7.92
CA GLN J 489 -71.41 29.31 -7.21
C GLN J 489 -72.40 30.39 -6.78
N ARG J 490 -71.89 31.55 -6.34
CA ARG J 490 -72.77 32.66 -5.99
C ARG J 490 -73.57 33.13 -7.20
N ALA J 491 -72.93 33.21 -8.37
CA ALA J 491 -73.65 33.59 -9.58
C ALA J 491 -74.75 32.59 -9.89
N ARG J 492 -74.47 31.29 -9.75
CA ARG J 492 -75.48 30.29 -10.01
C ARG J 492 -76.67 30.45 -9.06
N GLU J 493 -76.39 30.69 -7.78
CA GLU J 493 -77.48 30.95 -6.84
C GLU J 493 -78.12 32.32 -7.08
N GLY J 494 -77.47 33.16 -7.88
CA GLY J 494 -77.91 34.52 -8.08
C GLY J 494 -77.42 35.52 -7.06
N LYS J 495 -76.83 35.04 -5.97
CA LYS J 495 -76.29 35.94 -4.95
C LYS J 495 -74.96 36.53 -5.41
N GLN J 496 -74.54 37.59 -4.73
CA GLN J 496 -73.34 38.34 -5.09
C GLN J 496 -72.25 38.10 -4.07
N PHE J 497 -71.04 37.80 -4.55
CA PHE J 497 -69.87 37.65 -3.70
C PHE J 497 -68.96 38.85 -3.93
N SER J 498 -68.85 39.72 -2.93
CA SER J 498 -68.14 40.97 -3.08
C SER J 498 -66.63 40.76 -2.91
N SER J 499 -65.87 41.82 -3.22
CA SER J 499 -64.43 41.78 -3.01
C SER J 499 -64.09 41.55 -1.54
N ALA J 500 -64.79 42.23 -0.64
CA ALA J 500 -64.62 41.95 0.78
C ALA J 500 -65.01 40.51 1.09
N ASP J 501 -66.02 39.99 0.39
CA ASP J 501 -66.36 38.57 0.53
C ASP J 501 -65.20 37.69 0.06
N GLU J 502 -64.54 38.08 -1.03
CA GLU J 502 -63.41 37.31 -1.52
C GLU J 502 -62.30 37.24 -0.48
N ALA J 503 -61.95 38.40 0.11
CA ALA J 503 -60.87 38.43 1.09
C ALA J 503 -61.21 37.60 2.32
N ALA J 504 -62.46 37.68 2.78
CA ALA J 504 -62.85 36.90 3.95
C ALA J 504 -62.68 35.41 3.71
N LEU J 505 -63.01 34.94 2.51
CA LEU J 505 -62.82 33.54 2.18
C LEU J 505 -61.33 33.19 2.11
N LYS J 506 -60.54 34.03 1.45
CA LYS J 506 -59.14 33.71 1.21
C LYS J 506 -58.33 33.66 2.50
N GLU J 507 -58.56 34.61 3.40
CA GLU J 507 -57.65 34.78 4.54
C GLU J 507 -57.50 33.52 5.37
N PRO J 508 -58.56 32.85 5.82
CA PRO J 508 -58.36 31.65 6.63
C PRO J 508 -57.60 30.54 5.90
N ILE J 509 -57.80 30.42 4.59
CA ILE J 509 -57.10 29.38 3.83
C ILE J 509 -55.61 29.64 3.81
N ILE J 510 -55.22 30.88 3.52
CA ILE J 510 -53.80 31.21 3.43
C ILE J 510 -53.11 30.99 4.77
N LYS J 511 -53.79 31.34 5.87
CA LYS J 511 -53.21 31.13 7.19
C LYS J 511 -53.00 29.64 7.45
N LYS J 512 -53.97 28.81 7.08
CA LYS J 512 -53.86 27.37 7.34
C LYS J 512 -52.69 26.77 6.58
N PHE J 513 -52.56 27.10 5.30
CA PHE J 513 -51.49 26.51 4.49
C PHE J 513 -50.12 27.02 4.92
N GLU J 514 -50.05 28.28 5.33
CA GLU J 514 -48.79 28.80 5.86
C GLU J 514 -48.38 28.08 7.14
N GLU J 515 -49.35 27.81 8.02
CA GLU J 515 -49.04 27.15 9.28
C GLU J 515 -48.68 25.69 9.09
N GLU J 516 -49.41 24.98 8.23
CA GLU J 516 -49.18 23.55 8.02
C GLU J 516 -48.07 23.25 7.03
N GLY J 517 -47.58 24.26 6.31
CA GLY J 517 -46.47 24.05 5.38
C GLY J 517 -45.15 24.48 5.98
N ASN J 518 -45.19 24.99 7.20
CA ASN J 518 -43.98 25.46 7.85
C ASN J 518 -43.02 24.29 8.08
N PRO J 519 -41.71 24.52 7.95
CA PRO J 519 -40.76 23.42 8.17
C PRO J 519 -40.89 22.78 9.55
N TYR J 520 -41.15 23.58 10.58
CA TYR J 520 -41.30 23.02 11.93
C TYR J 520 -42.54 22.14 12.03
N TYR J 521 -43.63 22.54 11.39
CA TYR J 521 -44.82 21.69 11.35
C TYR J 521 -44.51 20.37 10.67
N SER J 522 -43.82 20.42 9.52
CA SER J 522 -43.46 19.20 8.82
C SER J 522 -42.49 18.36 9.64
N SER J 523 -41.51 19.00 10.30
CA SER J 523 -40.50 18.27 11.05
C SER J 523 -40.99 17.82 12.42
N ALA J 524 -41.94 18.52 13.03
CA ALA J 524 -42.47 18.09 14.32
C ALA J 524 -43.04 16.68 14.21
N ARG J 525 -43.93 16.46 13.25
CA ARG J 525 -44.20 15.13 12.77
C ARG J 525 -42.99 14.64 11.99
N VAL J 526 -42.82 13.33 11.91
CA VAL J 526 -41.66 12.83 11.19
C VAL J 526 -42.02 12.69 9.72
N TRP J 527 -41.96 13.80 8.99
CA TRP J 527 -42.03 13.80 7.54
C TRP J 527 -40.65 13.91 6.90
N ASP J 528 -39.70 14.55 7.60
CA ASP J 528 -38.33 14.64 7.14
C ASP J 528 -37.42 14.16 8.27
N ASP J 529 -36.15 14.03 7.95
CA ASP J 529 -35.18 13.57 8.94
C ASP J 529 -34.47 14.71 9.66
N GLY J 530 -34.84 15.95 9.38
CA GLY J 530 -34.30 17.07 10.13
C GLY J 530 -34.26 18.33 9.29
N ILE J 531 -34.21 19.46 9.99
CA ILE J 531 -34.02 20.77 9.38
C ILE J 531 -32.56 21.14 9.56
N ILE J 532 -31.88 21.46 8.46
CA ILE J 532 -30.44 21.62 8.45
C ILE J 532 -30.10 23.02 7.98
N ASP J 533 -29.05 23.58 8.57
CA ASP J 533 -28.53 24.86 8.14
C ASP J 533 -27.92 24.72 6.74
N PRO J 534 -28.24 25.63 5.82
CA PRO J 534 -27.66 25.52 4.47
C PRO J 534 -26.15 25.44 4.45
N ALA J 535 -25.46 26.12 5.38
CA ALA J 535 -24.01 26.03 5.42
C ALA J 535 -23.54 24.62 5.75
N ASP J 536 -24.40 23.79 6.34
CA ASP J 536 -24.06 22.42 6.70
C ASP J 536 -24.50 21.41 5.66
N THR J 537 -25.01 21.87 4.51
CA THR J 537 -25.58 20.94 3.54
C THR J 537 -24.54 19.94 3.05
N ARG J 538 -23.33 20.42 2.72
CA ARG J 538 -22.31 19.52 2.20
C ARG J 538 -21.92 18.46 3.22
N LEU J 539 -21.75 18.86 4.49
CA LEU J 539 -21.36 17.90 5.51
C LEU J 539 -22.44 16.85 5.73
N VAL J 540 -23.71 17.29 5.80
CA VAL J 540 -24.79 16.35 6.06
C VAL J 540 -24.91 15.35 4.92
N LEU J 541 -24.81 15.83 3.68
CA LEU J 541 -24.87 14.93 2.53
C LEU J 541 -23.71 13.95 2.54
N GLY J 542 -22.51 14.42 2.88
CA GLY J 542 -21.36 13.52 2.94
C GLY J 542 -21.55 12.42 3.96
N LEU J 543 -22.02 12.76 5.16
CA LEU J 543 -22.28 11.75 6.18
C LEU J 543 -23.39 10.79 5.75
N SER J 544 -24.45 11.33 5.15
CA SER J 544 -25.58 10.50 4.77
C SER J 544 -25.20 9.50 3.68
N PHE J 545 -24.52 9.98 2.63
CA PHE J 545 -24.13 9.08 1.55
C PHE J 545 -23.14 8.03 2.05
N SER J 546 -22.24 8.42 2.95
CA SER J 546 -21.30 7.45 3.50
C SER J 546 -22.02 6.33 4.23
N ALA J 547 -23.04 6.68 5.03
CA ALA J 547 -23.81 5.64 5.73
C ALA J 547 -24.58 4.77 4.75
N ALA J 548 -25.15 5.38 3.70
CA ALA J 548 -25.98 4.63 2.77
C ALA J 548 -25.17 3.61 1.99
N LEU J 549 -23.85 3.80 1.90
CA LEU J 549 -23.01 2.89 1.14
C LEU J 549 -22.65 1.62 1.90
N ASN J 550 -23.08 1.49 3.16
CA ASN J 550 -22.86 0.26 3.89
C ASN J 550 -23.62 -0.91 3.29
N ALA J 551 -24.65 -0.65 2.49
CA ALA J 551 -25.36 -1.76 1.89
C ALA J 551 -25.01 -1.89 0.42
N PRO J 552 -24.88 -3.11 -0.09
CA PRO J 552 -24.59 -3.28 -1.51
C PRO J 552 -25.72 -2.75 -2.38
N ILE J 553 -25.36 -2.19 -3.53
CA ILE J 553 -26.33 -1.62 -4.46
C ILE J 553 -26.87 -2.74 -5.34
N GLU J 554 -28.20 -2.84 -5.38
CA GLU J 554 -28.87 -3.90 -6.14
C GLU J 554 -29.18 -3.44 -7.56
N LYS J 555 -29.46 -4.41 -8.42
CA LYS J 555 -29.88 -4.13 -9.78
C LYS J 555 -31.30 -3.59 -9.79
N THR J 556 -31.54 -2.61 -10.66
CA THR J 556 -32.83 -1.95 -10.76
C THR J 556 -33.70 -2.64 -11.79
N ASP J 557 -34.93 -2.97 -11.41
CA ASP J 557 -35.92 -3.53 -12.31
C ASP J 557 -37.04 -2.52 -12.50
N PHE J 558 -37.26 -2.11 -13.74
CA PHE J 558 -38.26 -1.11 -14.07
C PHE J 558 -39.56 -1.77 -14.52
N GLY J 559 -40.65 -1.02 -14.38
CA GLY J 559 -41.93 -1.41 -14.92
C GLY J 559 -42.04 -1.06 -16.39
N ILE J 560 -43.28 -1.00 -16.87
CA ILE J 560 -43.50 -0.63 -18.26
C ILE J 560 -43.44 0.88 -18.38
N PHE J 561 -42.57 1.35 -19.29
CA PHE J 561 -42.48 2.77 -19.61
C PHE J 561 -43.55 3.10 -20.64
N ARG J 562 -44.55 3.86 -20.24
CA ARG J 562 -45.65 4.23 -21.13
C ARG J 562 -45.12 5.27 -22.12
N MET J 563 -44.68 4.79 -23.28
CA MET J 563 -44.03 5.65 -24.26
C MET J 563 -44.99 6.70 -24.81
N LEU K 31 14.00 -21.05 -21.78
CA LEU K 31 13.99 -21.51 -23.15
C LEU K 31 14.88 -20.64 -24.02
N GLY K 32 15.09 -21.09 -25.25
CA GLY K 32 15.79 -20.29 -26.24
C GLY K 32 17.26 -20.64 -26.34
N THR K 33 17.80 -20.48 -27.54
CA THR K 33 19.22 -20.65 -27.80
C THR K 33 19.68 -19.54 -28.74
N GLN K 34 20.96 -19.22 -28.67
CA GLN K 34 21.50 -18.18 -29.53
C GLN K 34 21.65 -18.69 -30.96
N PRO K 35 21.00 -18.06 -31.93
CA PRO K 35 21.11 -18.54 -33.31
C PRO K 35 22.47 -18.21 -33.91
N ASP K 36 22.78 -18.91 -34.99
CA ASP K 36 24.05 -18.70 -35.70
C ASP K 36 23.86 -17.58 -36.71
N LEU K 37 24.27 -16.37 -36.32
CA LEU K 37 24.09 -15.22 -37.20
C LEU K 37 24.91 -15.36 -38.46
N GLY K 38 26.06 -16.02 -38.39
CA GLY K 38 26.90 -16.17 -39.56
C GLY K 38 26.38 -17.18 -40.57
N SER K 39 25.49 -18.07 -40.13
CA SER K 39 25.00 -19.13 -41.00
C SER K 39 24.28 -18.53 -42.20
N ALA K 40 24.46 -19.15 -43.37
CA ALA K 40 23.82 -18.68 -44.58
C ALA K 40 22.31 -18.74 -44.48
N LEU K 41 21.79 -19.81 -43.85
CA LEU K 41 20.34 -19.92 -43.70
C LEU K 41 19.77 -18.76 -42.91
N TYR K 42 20.41 -18.40 -41.80
CA TYR K 42 19.94 -17.26 -41.01
C TYR K 42 20.02 -15.97 -41.81
N GLN K 43 21.13 -15.77 -42.54
CA GLN K 43 21.26 -14.58 -43.37
C GLN K 43 20.16 -14.52 -44.41
N GLU K 44 19.90 -15.63 -45.09
CA GLU K 44 18.84 -15.65 -46.10
C GLU K 44 17.47 -15.42 -45.48
N ASN K 45 17.18 -16.10 -44.37
CA ASN K 45 15.87 -15.97 -43.73
C ASN K 45 15.64 -14.54 -43.25
N TYR K 46 16.66 -13.93 -42.64
CA TYR K 46 16.52 -12.55 -42.18
C TYR K 46 16.24 -11.61 -43.34
N LYS K 47 16.94 -11.78 -44.46
CA LYS K 47 16.76 -10.89 -45.60
C LYS K 47 15.35 -11.00 -46.16
N GLN K 48 14.85 -12.22 -46.31
CA GLN K 48 13.52 -12.41 -46.88
C GLN K 48 12.44 -11.84 -45.96
N MET K 49 12.52 -12.14 -44.67
CA MET K 49 11.51 -11.65 -43.73
C MET K 49 11.55 -10.13 -43.63
N LYS K 50 12.75 -9.55 -43.64
CA LYS K 50 12.87 -8.09 -43.57
C LYS K 50 12.16 -7.43 -44.76
N ALA K 51 12.32 -8.00 -45.95
CA ALA K 51 11.65 -7.45 -47.12
C ALA K 51 10.14 -7.46 -46.95
N LEU K 52 9.60 -8.55 -46.38
CA LEU K 52 8.16 -8.62 -46.14
C LEU K 52 7.70 -7.54 -45.18
N VAL K 53 8.47 -7.31 -44.11
CA VAL K 53 8.09 -6.30 -43.13
C VAL K 53 8.16 -4.91 -43.74
N ASN K 54 9.19 -4.63 -44.53
CA ASN K 54 9.29 -3.34 -45.20
C ASN K 54 8.11 -3.12 -46.13
N GLN K 55 7.72 -4.16 -46.87
CA GLN K 55 6.54 -4.06 -47.73
C GLN K 55 5.29 -3.78 -46.92
N LEU K 56 5.14 -4.45 -45.78
CA LEU K 56 3.98 -4.20 -44.92
C LEU K 56 3.96 -2.77 -44.41
N HIS K 57 5.10 -2.24 -43.99
CA HIS K 57 5.15 -0.89 -43.42
C HIS K 57 4.75 0.16 -44.44
N GLU K 58 5.29 0.07 -45.65
CA GLU K 58 5.05 1.13 -46.63
C GLU K 58 3.61 1.12 -47.14
N ARG K 59 2.99 -0.06 -47.20
CA ARG K 59 1.60 -0.13 -47.59
C ARG K 59 0.70 0.51 -46.54
N VAL K 60 1.01 0.31 -45.26
CA VAL K 60 0.24 0.96 -44.20
C VAL K 60 0.40 2.46 -44.28
N GLU K 61 1.58 2.94 -44.66
CA GLU K 61 1.78 4.37 -44.82
C GLU K 61 0.82 4.94 -45.86
N HIS K 62 0.66 4.24 -46.99
CA HIS K 62 -0.29 4.68 -48.01
C HIS K 62 -1.72 4.65 -47.48
N ILE K 63 -2.08 3.58 -46.76
CA ILE K 63 -3.42 3.50 -46.19
C ILE K 63 -3.63 4.61 -45.16
N LYS K 64 -2.57 5.04 -44.49
CA LYS K 64 -2.69 6.10 -43.49
C LYS K 64 -3.25 7.38 -44.08
N LEU K 65 -3.06 7.58 -45.39
CA LEU K 65 -3.46 8.84 -46.02
C LEU K 65 -4.94 8.86 -46.41
N GLY K 66 -5.65 7.75 -46.28
CA GLY K 66 -7.08 7.76 -46.52
C GLY K 66 -7.43 8.14 -47.95
N GLY K 67 -8.39 9.05 -48.09
CA GLY K 67 -8.90 9.39 -49.41
C GLY K 67 -7.86 10.03 -50.30
N GLY K 68 -6.98 10.83 -49.72
CA GLY K 68 -5.96 11.50 -50.52
C GLY K 68 -5.81 12.97 -50.18
N GLU K 69 -4.90 13.65 -50.88
CA GLU K 69 -4.63 15.06 -50.56
C GLU K 69 -5.82 15.94 -50.83
N LYS K 70 -6.46 15.79 -52.01
CA LYS K 70 -7.60 16.62 -52.34
C LYS K 70 -8.75 16.40 -51.35
N ALA K 71 -9.04 15.13 -51.05
CA ALA K 71 -10.09 14.84 -50.07
C ALA K 71 -9.70 15.33 -48.69
N ARG K 72 -8.44 15.13 -48.30
CA ARG K 72 -7.98 15.58 -46.98
C ARG K 72 -8.04 17.10 -46.87
N ALA K 73 -7.64 17.80 -47.94
CA ALA K 73 -7.69 19.26 -47.93
C ALA K 73 -9.12 19.76 -47.79
N LEU K 74 -10.06 19.14 -48.50
CA LEU K 74 -11.46 19.53 -48.38
C LEU K 74 -11.98 19.28 -46.97
N HIS K 75 -11.63 18.12 -46.39
CA HIS K 75 -12.08 17.82 -45.03
C HIS K 75 -11.61 18.89 -44.04
N ILE K 76 -10.34 19.26 -44.10
CA ILE K 76 -9.83 20.26 -43.17
C ILE K 76 -10.45 21.63 -43.46
N SER K 77 -10.71 21.93 -44.72
CA SER K 77 -11.30 23.23 -45.08
C SER K 77 -12.63 23.46 -44.39
N ARG K 78 -13.34 22.41 -44.01
CA ARG K 78 -14.61 22.54 -43.31
C ARG K 78 -14.44 22.66 -41.80
N GLY K 79 -13.21 22.83 -41.32
CA GLY K 79 -12.96 22.95 -39.90
C GLY K 79 -12.96 21.65 -39.13
N LYS K 80 -13.00 20.51 -39.82
CA LYS K 80 -13.07 19.21 -39.15
C LYS K 80 -11.68 18.61 -39.01
N LEU K 81 -11.47 17.89 -37.91
CA LEU K 81 -10.23 17.17 -37.71
C LEU K 81 -10.19 15.92 -38.60
N LEU K 82 -8.99 15.53 -38.99
CA LEU K 82 -8.83 14.30 -39.74
C LEU K 82 -9.12 13.10 -38.83
N PRO K 83 -9.66 12.01 -39.39
CA PRO K 83 -10.12 10.90 -38.53
C PRO K 83 -9.07 10.38 -37.58
N ARG K 84 -7.81 10.27 -38.02
CA ARG K 84 -6.77 9.73 -37.14
C ARG K 84 -6.30 10.78 -36.14
N GLU K 85 -6.42 12.06 -36.49
CA GLU K 85 -6.13 13.11 -35.50
C GLU K 85 -7.19 13.11 -34.40
N ARG K 86 -8.44 12.80 -34.75
CA ARG K 86 -9.48 12.72 -33.75
C ARG K 86 -9.16 11.66 -32.70
N ILE K 87 -8.70 10.48 -33.14
CA ILE K 87 -8.37 9.42 -32.21
C ILE K 87 -7.21 9.82 -31.32
N ASP K 88 -6.19 10.47 -31.90
CA ASP K 88 -5.04 10.90 -31.11
C ASP K 88 -5.48 11.84 -29.99
N ASN K 89 -6.42 12.74 -30.26
CA ASN K 89 -6.87 13.68 -29.24
C ASN K 89 -7.83 13.02 -28.26
N LEU K 90 -8.41 11.88 -28.65
CA LEU K 90 -9.38 11.23 -27.78
C LEU K 90 -8.70 10.38 -26.71
N ILE K 91 -7.68 9.62 -27.09
CA ILE K 91 -7.07 8.69 -26.15
C ILE K 91 -6.12 9.43 -25.22
N ASP K 92 -5.73 8.75 -24.15
CA ASP K 92 -4.87 9.36 -23.15
C ASP K 92 -3.52 9.71 -23.78
N PRO K 93 -2.87 10.79 -23.32
CA PRO K 93 -1.61 11.21 -23.95
C PRO K 93 -0.55 10.13 -23.83
N GLY K 94 0.04 9.78 -24.98
CA GLY K 94 1.11 8.81 -25.02
C GLY K 94 0.69 7.36 -24.92
N SER K 95 -0.61 7.10 -24.78
CA SER K 95 -1.07 5.71 -24.64
C SER K 95 -1.00 5.00 -25.99
N PRO K 96 -0.61 3.74 -26.02
CA PRO K 96 -0.62 2.99 -27.27
C PRO K 96 -2.05 2.76 -27.76
N PHE K 97 -2.19 2.69 -29.08
CA PHE K 97 -3.47 2.46 -29.72
C PHE K 97 -3.37 1.22 -30.59
N LEU K 98 -4.21 0.22 -30.31
CA LEU K 98 -4.20 -1.05 -31.03
C LEU K 98 -5.22 -0.98 -32.16
N GLU K 99 -4.75 -0.63 -33.35
CA GLU K 99 -5.63 -0.59 -34.50
C GLU K 99 -5.88 -1.99 -35.04
N LEU K 100 -7.06 -2.18 -35.61
CA LEU K 100 -7.51 -3.48 -36.07
C LEU K 100 -7.90 -3.43 -37.55
N SER K 101 -7.57 -4.50 -38.28
CA SER K 101 -7.99 -4.65 -39.67
C SER K 101 -7.59 -3.43 -40.51
N GLN K 102 -6.32 -3.06 -40.45
CA GLN K 102 -5.84 -1.93 -41.24
C GLN K 102 -5.98 -2.20 -42.73
N PHE K 103 -5.97 -3.46 -43.15
CA PHE K 103 -5.93 -3.81 -44.56
C PHE K 103 -7.29 -4.20 -45.12
N ALA K 104 -8.37 -3.94 -44.38
CA ALA K 104 -9.70 -4.23 -44.90
C ALA K 104 -9.95 -3.45 -46.19
N GLY K 105 -10.50 -4.14 -47.18
CA GLY K 105 -10.78 -3.51 -48.46
C GLY K 105 -9.58 -3.32 -49.37
N TYR K 106 -8.42 -3.86 -49.00
CA TYR K 106 -7.22 -3.73 -49.81
C TYR K 106 -7.38 -4.56 -51.07
N GLN K 107 -7.54 -3.89 -52.21
CA GLN K 107 -7.74 -4.53 -53.51
C GLN K 107 -8.97 -5.43 -53.53
N LEU K 108 -9.94 -5.17 -52.64
CA LEU K 108 -11.13 -6.00 -52.57
C LEU K 108 -12.06 -5.72 -53.74
N TYR K 109 -12.17 -4.46 -54.15
CA TYR K 109 -13.07 -4.05 -55.21
C TYR K 109 -12.27 -3.67 -56.46
N ASP K 110 -12.81 -4.05 -57.63
CA ASP K 110 -11.99 -4.11 -58.84
C ASP K 110 -11.28 -2.79 -59.13
N ASN K 111 -12.02 -1.69 -59.18
CA ASN K 111 -11.45 -0.40 -59.57
C ASN K 111 -11.59 0.67 -58.51
N GLU K 112 -12.12 0.33 -57.33
CA GLU K 112 -12.33 1.28 -56.26
C GLU K 112 -11.31 1.04 -55.15
N GLU K 113 -10.62 2.09 -54.73
CA GLU K 113 -9.68 2.02 -53.62
C GLU K 113 -10.39 2.50 -52.37
N VAL K 114 -10.42 1.66 -51.34
CA VAL K 114 -11.12 1.97 -50.10
C VAL K 114 -10.15 1.78 -48.94
N PRO K 115 -9.22 2.72 -48.73
CA PRO K 115 -8.20 2.54 -47.69
C PRO K 115 -8.82 2.25 -46.33
N GLY K 116 -8.44 1.11 -45.76
CA GLY K 116 -8.92 0.72 -44.45
C GLY K 116 -10.38 0.38 -44.38
N GLY K 117 -11.06 0.23 -45.52
CA GLY K 117 -12.48 -0.03 -45.53
C GLY K 117 -13.34 1.19 -45.31
N GLY K 118 -12.76 2.38 -45.23
CA GLY K 118 -13.52 3.58 -44.95
C GLY K 118 -13.84 3.79 -43.49
N ILE K 119 -13.22 3.03 -42.59
CA ILE K 119 -13.50 3.12 -41.16
C ILE K 119 -12.25 2.71 -40.40
N ILE K 120 -12.05 3.36 -39.24
CA ILE K 120 -10.90 3.09 -38.39
C ILE K 120 -11.41 2.55 -37.07
N THR K 121 -10.93 1.36 -36.69
CA THR K 121 -11.33 0.72 -35.45
C THR K 121 -10.10 0.27 -34.68
N GLY K 122 -10.18 0.32 -33.36
CA GLY K 122 -9.05 -0.07 -32.52
C GLY K 122 -9.42 0.08 -31.06
N ILE K 123 -8.50 -0.35 -30.21
CA ILE K 123 -8.66 -0.30 -28.76
C ILE K 123 -7.63 0.66 -28.18
N GLY K 124 -8.10 1.59 -27.37
CA GLY K 124 -7.22 2.53 -26.70
C GLY K 124 -7.78 2.89 -25.33
N ARG K 125 -6.99 3.66 -24.59
CA ARG K 125 -7.34 4.04 -23.24
C ARG K 125 -7.90 5.46 -23.23
N VAL K 126 -9.10 5.61 -22.70
CA VAL K 126 -9.75 6.91 -22.53
C VAL K 126 -10.06 7.09 -21.06
N SER K 127 -9.46 8.11 -20.44
CA SER K 127 -9.67 8.39 -19.03
C SER K 127 -9.35 7.17 -18.18
N GLY K 128 -8.31 6.43 -18.57
CA GLY K 128 -7.89 5.26 -17.86
C GLY K 128 -8.73 4.03 -18.09
N VAL K 129 -9.61 4.03 -19.09
CA VAL K 129 -10.50 2.92 -19.38
C VAL K 129 -10.25 2.47 -20.81
N GLU K 130 -10.16 1.16 -21.02
CA GLU K 130 -9.97 0.62 -22.36
C GLU K 130 -11.29 0.62 -23.11
N CYS K 131 -11.31 1.26 -24.27
CA CYS K 131 -12.54 1.43 -25.04
C CYS K 131 -12.30 1.07 -26.50
N MET K 132 -13.33 0.52 -27.13
CA MET K 132 -13.32 0.29 -28.57
C MET K 132 -13.75 1.58 -29.27
N ILE K 133 -12.94 2.04 -30.23
CA ILE K 133 -13.17 3.27 -30.95
C ILE K 133 -13.48 2.94 -32.39
N ILE K 134 -14.62 3.42 -32.89
CA ILE K 134 -15.08 3.18 -34.25
C ILE K 134 -15.31 4.53 -34.90
N ALA K 135 -14.45 4.89 -35.85
CA ALA K 135 -14.49 6.19 -36.50
C ALA K 135 -14.65 6.02 -38.00
N ASN K 136 -15.65 6.68 -38.57
CA ASN K 136 -15.81 6.73 -40.02
C ASN K 136 -14.74 7.65 -40.62
N ASP K 137 -14.26 7.27 -41.81
CA ASP K 137 -13.27 8.06 -42.52
C ASP K 137 -13.97 8.82 -43.64
N ALA K 138 -14.36 10.06 -43.36
CA ALA K 138 -15.12 10.83 -44.33
C ALA K 138 -14.33 11.11 -45.61
N THR K 139 -13.00 11.04 -45.56
CA THR K 139 -12.22 11.32 -46.76
C THR K 139 -12.30 10.18 -47.75
N VAL K 140 -12.72 9.00 -47.31
CA VAL K 140 -12.79 7.82 -48.15
C VAL K 140 -14.22 7.68 -48.66
N LYS K 141 -14.41 7.95 -49.96
CA LYS K 141 -15.72 7.84 -50.60
C LYS K 141 -16.79 8.59 -49.81
N GLY K 142 -16.41 9.70 -49.19
CA GLY K 142 -17.35 10.46 -48.40
C GLY K 142 -17.92 9.72 -47.21
N GLY K 143 -17.22 8.69 -46.72
CA GLY K 143 -17.70 7.94 -45.59
C GLY K 143 -18.79 6.93 -45.89
N ALA K 144 -19.00 6.59 -47.16
CA ALA K 144 -20.04 5.64 -47.51
C ALA K 144 -19.70 4.25 -46.98
N TYR K 145 -20.74 3.46 -46.74
CA TYR K 145 -20.59 2.12 -46.16
C TYR K 145 -20.52 1.10 -47.28
N TYR K 146 -19.32 0.61 -47.57
CA TYR K 146 -19.14 -0.53 -48.45
C TYR K 146 -19.39 -1.82 -47.68
N PRO K 147 -19.61 -2.92 -48.39
CA PRO K 147 -19.85 -4.20 -47.67
C PRO K 147 -18.75 -4.55 -46.68
N VAL K 148 -17.49 -4.27 -47.04
CA VAL K 148 -16.39 -4.53 -46.11
C VAL K 148 -16.48 -3.60 -44.90
N THR K 149 -16.94 -2.36 -45.13
CA THR K 149 -17.07 -1.43 -44.02
C THR K 149 -18.01 -1.95 -42.96
N VAL K 150 -19.14 -2.54 -43.37
CA VAL K 150 -20.08 -3.12 -42.42
C VAL K 150 -19.43 -4.27 -41.67
N LYS K 151 -18.72 -5.14 -42.38
CA LYS K 151 -18.10 -6.28 -41.72
C LYS K 151 -17.05 -5.83 -40.70
N LYS K 152 -16.26 -4.82 -41.05
CA LYS K 152 -15.25 -4.33 -40.12
C LYS K 152 -15.89 -3.79 -38.85
N GLN K 153 -16.96 -3.01 -38.99
CA GLN K 153 -17.64 -2.47 -37.82
C GLN K 153 -18.23 -3.57 -36.95
N LEU K 154 -18.87 -4.56 -37.58
CA LEU K 154 -19.47 -5.65 -36.81
C LEU K 154 -18.41 -6.44 -36.06
N ARG K 155 -17.24 -6.63 -36.67
CA ARG K 155 -16.16 -7.31 -35.96
C ARG K 155 -15.73 -6.52 -34.74
N ALA K 156 -15.65 -5.20 -34.87
CA ALA K 156 -15.28 -4.36 -33.72
C ALA K 156 -16.32 -4.46 -32.61
N GLN K 157 -17.60 -4.42 -32.96
CA GLN K 157 -18.64 -4.55 -31.95
C GLN K 157 -18.58 -5.90 -31.27
N GLU K 158 -18.31 -6.97 -32.03
CA GLU K 158 -18.18 -8.28 -31.44
C GLU K 158 -17.04 -8.32 -30.43
N ILE K 159 -15.90 -7.69 -30.76
CA ILE K 159 -14.78 -7.65 -29.84
C ILE K 159 -15.17 -6.91 -28.57
N ALA K 160 -15.85 -5.77 -28.71
CA ALA K 160 -16.22 -4.99 -27.54
C ALA K 160 -17.16 -5.76 -26.62
N MET K 161 -18.16 -6.44 -27.20
CA MET K 161 -19.12 -7.16 -26.38
C MET K 161 -18.46 -8.31 -25.64
N GLN K 162 -17.58 -9.06 -26.31
CA GLN K 162 -16.97 -10.23 -25.68
C GLN K 162 -16.04 -9.81 -24.55
N ASN K 163 -15.43 -8.64 -24.66
CA ASN K 163 -14.49 -8.16 -23.66
C ASN K 163 -15.04 -7.02 -22.81
N ARG K 164 -16.32 -6.69 -22.97
CA ARG K 164 -16.96 -5.64 -22.18
C ARG K 164 -16.21 -4.32 -22.30
N LEU K 165 -15.95 -3.92 -23.52
CA LEU K 165 -15.28 -2.64 -23.75
C LEU K 165 -16.29 -1.59 -24.16
N PRO K 166 -16.35 -0.44 -23.49
CA PRO K 166 -17.25 0.63 -23.93
C PRO K 166 -16.96 1.04 -25.36
N CYS K 167 -18.01 1.32 -26.12
CA CYS K 167 -17.90 1.64 -27.53
C CYS K 167 -18.06 3.14 -27.73
N ILE K 168 -17.15 3.74 -28.50
CA ILE K 168 -17.19 5.15 -28.84
C ILE K 168 -17.26 5.26 -30.36
N TYR K 169 -18.35 5.83 -30.86
CA TYR K 169 -18.57 5.98 -32.29
C TYR K 169 -18.31 7.43 -32.67
N LEU K 170 -17.26 7.66 -33.47
CA LEU K 170 -17.00 8.97 -34.04
C LEU K 170 -17.68 9.01 -35.41
N VAL K 171 -18.93 9.45 -35.43
CA VAL K 171 -19.82 9.27 -36.58
C VAL K 171 -19.58 10.39 -37.57
N ASP K 172 -19.11 10.02 -38.76
CA ASP K 172 -19.07 10.91 -39.91
C ASP K 172 -19.26 10.07 -41.17
N SER K 173 -20.48 9.95 -41.65
CA SER K 173 -20.83 8.96 -42.64
C SER K 173 -21.71 9.56 -43.74
N GLY K 174 -21.68 8.93 -44.91
CA GLY K 174 -22.50 9.31 -46.04
C GLY K 174 -23.58 8.31 -46.41
N GLY K 175 -23.85 7.32 -45.58
CA GLY K 175 -24.87 6.33 -45.88
C GLY K 175 -24.33 5.12 -46.61
N ALA K 176 -25.26 4.22 -46.95
CA ALA K 176 -24.89 2.99 -47.62
C ALA K 176 -24.51 3.24 -49.06
N TYR K 177 -23.69 2.34 -49.61
CA TYR K 177 -23.24 2.42 -50.99
C TYR K 177 -24.29 1.73 -51.86
N LEU K 178 -25.12 2.52 -52.52
CA LEU K 178 -26.26 1.96 -53.26
C LEU K 178 -25.87 0.92 -54.29
N PRO K 179 -24.80 1.09 -55.08
CA PRO K 179 -24.51 0.09 -56.12
C PRO K 179 -24.32 -1.31 -55.57
N ARG K 180 -23.99 -1.46 -54.29
CA ARG K 180 -23.80 -2.76 -53.67
C ARG K 180 -24.76 -2.94 -52.49
N GLN K 181 -26.00 -2.50 -52.65
CA GLN K 181 -26.95 -2.52 -51.55
C GLN K 181 -27.26 -3.95 -51.10
N ALA K 182 -27.33 -4.87 -52.05
CA ALA K 182 -27.71 -6.25 -51.72
C ALA K 182 -26.75 -6.89 -50.72
N ASP K 183 -25.52 -6.40 -50.63
CA ASP K 183 -24.53 -6.94 -49.70
C ASP K 183 -24.35 -6.05 -48.48
N VAL K 184 -25.28 -5.14 -48.21
CA VAL K 184 -25.15 -4.22 -47.10
C VAL K 184 -26.39 -4.25 -46.21
N PHE K 185 -27.56 -4.15 -46.83
CA PHE K 185 -28.82 -3.97 -46.11
C PHE K 185 -29.44 -5.24 -45.52
N PRO K 186 -29.70 -6.27 -46.34
CA PRO K 186 -30.77 -7.22 -45.96
C PRO K 186 -30.41 -8.22 -44.88
N ASP K 187 -29.23 -8.85 -44.95
CA ASP K 187 -29.01 -10.08 -44.21
C ASP K 187 -28.75 -9.81 -42.73
N ARG K 188 -28.60 -10.90 -41.97
CA ARG K 188 -28.40 -10.78 -40.53
C ARG K 188 -27.11 -10.05 -40.20
N ASP K 189 -26.02 -10.37 -40.89
CA ASP K 189 -24.73 -9.72 -40.68
C ASP K 189 -24.57 -8.49 -41.55
N HIS K 190 -25.66 -7.88 -41.96
CA HIS K 190 -25.64 -6.67 -42.76
C HIS K 190 -25.86 -5.45 -41.85
N PHE K 191 -26.04 -4.28 -42.45
CA PHE K 191 -26.01 -3.04 -41.69
C PHE K 191 -26.96 -3.04 -40.52
N GLY K 192 -28.12 -3.69 -40.66
CA GLY K 192 -29.09 -3.69 -39.58
C GLY K 192 -28.54 -4.25 -38.28
N ARG K 193 -27.58 -5.17 -38.36
CA ARG K 193 -27.01 -5.76 -37.16
C ARG K 193 -26.26 -4.74 -36.30
N THR K 194 -25.84 -3.61 -36.89
CA THR K 194 -25.11 -2.61 -36.13
C THR K 194 -25.97 -2.07 -34.98
N PHE K 195 -27.24 -1.78 -35.26
CA PHE K 195 -28.11 -1.26 -34.21
C PHE K 195 -28.49 -2.35 -33.21
N TYR K 196 -28.63 -3.59 -33.69
CA TYR K 196 -28.92 -4.70 -32.79
C TYR K 196 -27.81 -4.86 -31.77
N ASN K 197 -26.55 -4.77 -32.20
CA ASN K 197 -25.43 -4.88 -31.27
C ASN K 197 -25.45 -3.76 -30.25
N GLN K 198 -25.77 -2.54 -30.67
CA GLN K 198 -25.82 -1.43 -29.74
C GLN K 198 -26.87 -1.66 -28.66
N ALA K 199 -28.05 -2.14 -29.07
CA ALA K 199 -29.11 -2.39 -28.09
C ALA K 199 -28.71 -3.48 -27.10
N ILE K 200 -28.08 -4.55 -27.58
CA ILE K 200 -27.70 -5.65 -26.69
C ILE K 200 -26.61 -5.20 -25.73
N MET K 201 -25.59 -4.50 -26.23
CA MET K 201 -24.52 -4.04 -25.35
C MET K 201 -25.05 -3.06 -24.30
N SER K 202 -25.99 -2.19 -24.70
CA SER K 202 -26.59 -1.27 -23.74
C SER K 202 -27.31 -2.03 -22.62
N SER K 203 -28.01 -3.12 -22.98
CA SER K 203 -28.75 -3.88 -21.98
C SER K 203 -27.81 -4.57 -20.99
N LYS K 204 -26.54 -4.76 -21.36
CA LYS K 204 -25.56 -5.42 -20.51
C LYS K 204 -24.67 -4.42 -19.77
N ASN K 205 -24.99 -3.13 -19.83
CA ASN K 205 -24.21 -2.09 -19.16
C ASN K 205 -22.83 -1.92 -19.79
N ILE K 206 -22.72 -2.13 -21.10
CA ILE K 206 -21.53 -1.81 -21.85
C ILE K 206 -21.80 -0.48 -22.54
N ALA K 207 -21.23 0.60 -22.02
CA ALA K 207 -21.63 1.94 -22.42
C ALA K 207 -21.47 2.14 -23.92
N GLN K 208 -22.46 2.79 -24.52
CA GLN K 208 -22.43 3.17 -25.93
C GLN K 208 -22.46 4.68 -26.01
N ILE K 209 -21.39 5.27 -26.56
CA ILE K 209 -21.25 6.72 -26.67
C ILE K 209 -21.08 7.07 -28.14
N ALA K 210 -21.92 7.98 -28.62
CA ALA K 210 -21.89 8.42 -30.02
C ALA K 210 -21.47 9.88 -30.07
N VAL K 211 -20.49 10.17 -30.91
CA VAL K 211 -20.00 11.53 -31.13
C VAL K 211 -20.28 11.87 -32.59
N VAL K 212 -21.33 12.65 -32.82
CA VAL K 212 -21.72 13.04 -34.18
C VAL K 212 -20.82 14.19 -34.59
N MET K 213 -19.81 13.90 -35.41
CA MET K 213 -18.81 14.88 -35.81
C MET K 213 -18.99 15.26 -37.28
N GLY K 214 -20.14 14.93 -37.84
CA GLY K 214 -20.41 15.18 -39.24
C GLY K 214 -21.84 14.84 -39.58
N SER K 215 -22.04 14.51 -40.85
CA SER K 215 -23.38 14.15 -41.33
C SER K 215 -23.66 12.68 -41.09
N CYS K 216 -24.88 12.38 -40.67
CA CYS K 216 -25.38 11.01 -40.55
C CYS K 216 -26.81 10.98 -41.05
N THR K 217 -27.09 10.11 -42.02
CA THR K 217 -28.36 10.11 -42.72
C THR K 217 -28.94 8.70 -42.76
N ALA K 218 -30.26 8.61 -42.81
CA ALA K 218 -30.98 7.34 -42.91
C ALA K 218 -30.58 6.47 -41.73
N GLY K 219 -29.96 5.30 -41.94
CA GLY K 219 -29.57 4.47 -40.82
C GLY K 219 -28.58 5.16 -39.90
N GLY K 220 -27.71 5.99 -40.46
CA GLY K 220 -26.71 6.67 -39.65
C GLY K 220 -27.33 7.49 -38.52
N ALA K 221 -28.51 8.06 -38.77
CA ALA K 221 -29.16 8.84 -37.72
C ALA K 221 -29.54 7.98 -36.52
N TYR K 222 -29.65 6.67 -36.71
CA TYR K 222 -30.02 5.79 -35.61
C TYR K 222 -28.89 5.64 -34.60
N VAL K 223 -27.65 5.67 -35.08
CA VAL K 223 -26.51 5.47 -34.17
C VAL K 223 -26.52 6.47 -33.02
N PRO K 224 -26.62 7.78 -33.26
CA PRO K 224 -26.73 8.72 -32.13
C PRO K 224 -27.97 8.46 -31.28
N ALA K 225 -29.05 7.99 -31.89
CA ALA K 225 -30.29 7.77 -31.14
C ALA K 225 -30.20 6.52 -30.28
N MET K 226 -29.47 5.50 -30.74
CA MET K 226 -29.37 4.25 -30.00
C MET K 226 -28.36 4.31 -28.87
N ALA K 227 -27.49 5.32 -28.83
CA ALA K 227 -26.43 5.38 -27.83
C ALA K 227 -26.98 5.81 -26.47
N ASP K 228 -26.27 5.39 -25.42
CA ASP K 228 -26.65 5.79 -24.07
C ASP K 228 -26.46 7.29 -23.87
N GLU K 229 -25.30 7.82 -24.25
CA GLU K 229 -25.05 9.25 -24.20
C GLU K 229 -24.53 9.69 -25.57
N ASN K 230 -24.88 10.92 -25.96
CA ASN K 230 -24.68 11.37 -27.32
C ASN K 230 -24.10 12.79 -27.30
N ILE K 231 -23.20 13.07 -28.23
CA ILE K 231 -22.56 14.38 -28.38
C ILE K 231 -22.59 14.77 -29.84
N ILE K 232 -22.96 16.02 -30.11
CA ILE K 232 -23.09 16.54 -31.47
C ILE K 232 -22.38 17.87 -31.56
N VAL K 233 -21.67 18.09 -32.67
CA VAL K 233 -20.97 19.33 -32.91
C VAL K 233 -21.94 20.38 -33.46
N ARG K 234 -21.61 21.65 -33.23
CA ARG K 234 -22.58 22.72 -33.46
C ARG K 234 -23.10 22.73 -34.89
N LYS K 235 -22.21 22.75 -35.87
CA LYS K 235 -22.62 22.89 -37.26
C LYS K 235 -22.28 21.71 -38.14
N GLN K 236 -21.17 21.01 -37.87
CA GLN K 236 -20.82 19.86 -38.69
C GLN K 236 -21.86 18.74 -38.54
N GLY K 237 -22.33 18.49 -37.33
CA GLY K 237 -23.23 17.39 -37.07
C GLY K 237 -24.64 17.60 -37.58
N THR K 238 -25.14 16.64 -38.36
CA THR K 238 -26.51 16.66 -38.85
C THR K 238 -27.10 15.27 -38.69
N ILE K 239 -28.34 15.20 -38.19
CA ILE K 239 -29.04 13.94 -37.97
C ILE K 239 -30.45 14.07 -38.51
N PHE K 240 -30.82 13.16 -39.43
CA PHE K 240 -32.19 13.15 -40.00
C PHE K 240 -32.48 11.77 -40.59
N LEU K 241 -33.63 11.18 -40.24
CA LEU K 241 -34.01 9.91 -40.86
C LEU K 241 -34.06 10.03 -42.38
N ALA K 242 -34.66 11.11 -42.88
CA ALA K 242 -34.75 11.37 -44.31
C ALA K 242 -33.95 12.63 -44.63
N GLY K 243 -33.06 12.52 -45.60
CA GLY K 243 -32.25 13.65 -46.01
C GLY K 243 -33.05 14.67 -46.78
N PRO K 244 -32.44 15.84 -46.97
CA PRO K 244 -33.12 16.91 -47.72
C PRO K 244 -33.55 16.43 -49.10
N PRO K 245 -32.71 15.66 -49.80
CA PRO K 245 -33.14 15.16 -51.12
C PRO K 245 -34.42 14.34 -51.07
N LEU K 246 -34.59 13.51 -50.03
CA LEU K 246 -35.82 12.72 -49.94
C LEU K 246 -36.98 13.59 -49.52
N VAL K 247 -36.75 14.57 -48.66
CA VAL K 247 -37.82 15.48 -48.23
C VAL K 247 -38.39 16.23 -49.42
N LYS K 248 -37.51 16.74 -50.28
CA LYS K 248 -37.96 17.47 -51.46
C LYS K 248 -38.79 16.58 -52.38
N ALA K 249 -38.29 15.37 -52.65
CA ALA K 249 -39.01 14.45 -53.53
C ALA K 249 -40.33 14.03 -52.91
N ALA K 250 -40.34 13.77 -51.61
CA ALA K 250 -41.54 13.27 -50.95
C ALA K 250 -42.58 14.38 -50.77
N THR K 251 -42.15 15.56 -50.36
CA THR K 251 -43.07 16.64 -50.02
C THR K 251 -42.79 17.94 -50.76
N GLY K 252 -41.79 17.98 -51.63
CA GLY K 252 -41.52 19.19 -52.40
C GLY K 252 -41.16 20.39 -51.56
N GLU K 253 -40.32 20.20 -50.53
CA GLU K 253 -39.87 21.28 -49.67
C GLU K 253 -38.35 21.34 -49.70
N GLU K 254 -37.81 22.55 -49.79
CA GLU K 254 -36.36 22.76 -49.80
C GLU K 254 -35.93 23.22 -48.40
N VAL K 255 -35.08 22.43 -47.76
CA VAL K 255 -34.58 22.73 -46.43
C VAL K 255 -33.11 22.33 -46.35
N SER K 256 -32.31 23.16 -45.71
CA SER K 256 -30.90 22.87 -45.53
C SER K 256 -30.72 21.74 -44.52
N ALA K 257 -29.58 21.06 -44.61
CA ALA K 257 -29.29 19.96 -43.69
C ALA K 257 -29.25 20.45 -42.25
N GLU K 258 -28.65 21.62 -42.01
CA GLU K 258 -28.57 22.14 -40.65
C GLU K 258 -29.96 22.36 -40.06
N ASP K 259 -30.88 22.94 -40.84
CA ASP K 259 -32.23 23.17 -40.35
C ASP K 259 -32.95 21.85 -40.11
N LEU K 260 -32.85 20.91 -41.06
CA LEU K 260 -33.47 19.61 -40.87
C LEU K 260 -32.87 18.87 -39.69
N GLY K 261 -31.55 18.92 -39.55
CA GLY K 261 -30.88 18.33 -38.40
C GLY K 261 -30.17 19.36 -37.56
N GLY K 262 -28.86 19.28 -37.49
CA GLY K 262 -28.10 20.30 -36.77
C GLY K 262 -28.09 20.07 -35.28
N ALA K 263 -27.02 20.54 -34.64
CA ALA K 263 -26.89 20.39 -33.19
C ALA K 263 -27.98 21.17 -32.45
N ASP K 264 -28.27 22.38 -32.89
CA ASP K 264 -29.25 23.21 -32.19
C ASP K 264 -30.63 22.57 -32.20
N LEU K 265 -31.06 22.05 -33.35
CA LEU K 265 -32.38 21.42 -33.43
C LEU K 265 -32.47 20.22 -32.50
N HIS K 266 -31.46 19.35 -32.54
CA HIS K 266 -31.50 18.15 -31.71
C HIS K 266 -31.19 18.48 -30.25
N CYS K 267 -30.26 19.40 -30.01
CA CYS K 267 -29.88 19.74 -28.65
C CYS K 267 -31.02 20.41 -27.90
N ARG K 268 -31.73 21.34 -28.55
CA ARG K 268 -32.67 22.21 -27.85
C ARG K 268 -34.14 21.87 -28.09
N LYS K 269 -34.51 21.44 -29.30
CA LYS K 269 -35.91 21.13 -29.59
C LYS K 269 -36.16 19.64 -29.75
N SER K 270 -35.43 18.95 -30.63
CA SER K 270 -35.68 17.53 -30.82
C SER K 270 -35.32 16.73 -29.57
N GLY K 271 -34.27 17.15 -28.86
CA GLY K 271 -33.81 16.45 -27.68
C GLY K 271 -32.97 15.24 -27.94
N VAL K 272 -32.61 14.96 -29.20
CA VAL K 272 -31.81 13.79 -29.51
C VAL K 272 -30.38 13.96 -28.99
N SER K 273 -29.91 15.19 -28.85
CA SER K 273 -28.54 15.46 -28.46
C SER K 273 -28.46 15.66 -26.95
N ASP K 274 -27.51 14.97 -26.32
CA ASP K 274 -27.31 15.12 -24.88
C ASP K 274 -26.27 16.18 -24.55
N HIS K 275 -25.24 16.33 -25.38
CA HIS K 275 -24.20 17.33 -25.19
C HIS K 275 -23.98 18.09 -26.49
N TRP K 276 -23.79 19.39 -26.36
CA TRP K 276 -23.60 20.28 -27.49
C TRP K 276 -22.16 20.79 -27.50
N ALA K 277 -21.46 20.55 -28.60
CA ALA K 277 -20.03 20.85 -28.71
C ALA K 277 -19.80 21.96 -29.72
N LEU K 278 -18.79 22.78 -29.46
CA LEU K 278 -18.49 23.89 -30.36
C LEU K 278 -17.74 23.40 -31.60
N ASP K 279 -16.71 22.57 -31.42
CA ASP K 279 -15.90 22.08 -32.54
C ASP K 279 -15.44 20.67 -32.21
N ASP K 280 -14.59 20.13 -33.08
CA ASP K 280 -14.12 18.77 -32.91
C ASP K 280 -13.32 18.62 -31.61
N HIS K 281 -12.46 19.59 -31.31
CA HIS K 281 -11.68 19.52 -30.08
C HIS K 281 -12.59 19.51 -28.86
N HIS K 282 -13.61 20.37 -28.85
CA HIS K 282 -14.55 20.40 -27.74
C HIS K 282 -15.30 19.08 -27.62
N ALA K 283 -15.72 18.51 -28.75
CA ALA K 283 -16.44 17.24 -28.71
C ALA K 283 -15.58 16.13 -28.11
N LEU K 284 -14.31 16.06 -28.51
CA LEU K 284 -13.42 15.05 -27.96
C LEU K 284 -13.19 15.26 -26.47
N HIS K 285 -13.08 16.52 -26.05
CA HIS K 285 -12.91 16.81 -24.63
C HIS K 285 -14.12 16.34 -23.83
N LEU K 286 -15.33 16.59 -24.34
CA LEU K 286 -16.54 16.15 -23.66
C LEU K 286 -16.59 14.63 -23.59
N THR K 287 -16.15 13.94 -24.64
CA THR K 287 -16.18 12.48 -24.64
C THR K 287 -15.36 11.91 -23.50
N ARG K 288 -14.17 12.46 -23.26
CA ARG K 288 -13.36 11.97 -22.15
C ARG K 288 -14.06 12.17 -20.81
N LYS K 289 -14.79 13.27 -20.67
CA LYS K 289 -15.56 13.49 -19.44
C LYS K 289 -16.65 12.44 -19.29
N VAL K 290 -17.34 12.11 -20.39
CA VAL K 290 -18.43 11.13 -20.31
C VAL K 290 -17.91 9.79 -19.84
N VAL K 291 -16.76 9.35 -20.38
CA VAL K 291 -16.21 8.07 -19.99
C VAL K 291 -15.80 8.07 -18.51
N ARG K 292 -15.29 9.21 -18.03
CA ARG K 292 -14.87 9.29 -16.63
C ARG K 292 -16.03 9.11 -15.66
N ASN K 293 -17.27 9.30 -16.12
CA ASN K 293 -18.45 9.21 -15.26
C ASN K 293 -19.13 7.85 -15.35
N LEU K 294 -18.51 6.88 -16.01
CA LEU K 294 -19.09 5.54 -16.15
C LEU K 294 -19.10 4.75 -14.85
N ASN K 295 -18.32 5.17 -13.85
CA ASN K 295 -18.27 4.48 -12.56
C ASN K 295 -17.82 3.04 -12.73
N TYR K 296 -16.81 2.84 -13.57
CA TYR K 296 -16.27 1.52 -13.86
C TYR K 296 -14.86 1.40 -13.32
N GLN K 297 -14.55 0.26 -12.71
CA GLN K 297 -13.22 -0.04 -12.22
C GLN K 297 -12.84 -1.45 -12.64
N LYS K 298 -11.67 -1.59 -13.26
CA LYS K 298 -11.25 -2.88 -13.77
C LYS K 298 -10.81 -3.79 -12.62
N LYS K 299 -11.28 -5.04 -12.65
CA LYS K 299 -10.90 -6.05 -11.67
C LYS K 299 -10.38 -7.28 -12.38
N LEU K 300 -9.26 -7.81 -11.92
CA LEU K 300 -8.59 -8.94 -12.55
C LEU K 300 -8.97 -10.23 -11.83
N ASP K 301 -9.31 -11.26 -12.60
CA ASP K 301 -9.64 -12.56 -12.06
C ASP K 301 -8.44 -13.48 -11.95
N VAL K 302 -7.29 -13.09 -12.48
CA VAL K 302 -6.12 -13.95 -12.57
C VAL K 302 -5.04 -13.44 -11.64
N THR K 303 -4.16 -14.34 -11.22
CA THR K 303 -3.00 -13.97 -10.43
C THR K 303 -2.00 -13.22 -11.29
N ILE K 304 -1.30 -12.27 -10.68
CA ILE K 304 -0.37 -11.40 -11.38
C ILE K 304 1.01 -11.50 -10.75
N GLU K 305 2.03 -11.46 -11.59
CA GLU K 305 3.42 -11.45 -11.16
C GLU K 305 4.16 -10.35 -11.90
N PRO K 306 5.24 -9.83 -11.34
CA PRO K 306 5.96 -8.74 -11.98
C PRO K 306 6.44 -9.13 -13.38
N SER K 307 6.37 -8.17 -14.29
CA SER K 307 6.73 -8.43 -15.68
C SER K 307 8.24 -8.48 -15.85
N GLU K 308 8.67 -9.22 -16.87
CA GLU K 308 10.07 -9.31 -17.25
C GLU K 308 10.18 -9.41 -18.75
N GLU K 309 11.23 -8.82 -19.31
CA GLU K 309 11.47 -8.91 -20.73
C GLU K 309 12.05 -10.26 -21.11
N PRO K 310 11.81 -10.72 -22.34
CA PRO K 310 12.41 -11.97 -22.80
C PRO K 310 13.93 -11.87 -22.85
N LEU K 311 14.58 -13.02 -22.73
CA LEU K 311 16.03 -13.07 -22.67
C LEU K 311 16.70 -12.98 -24.04
N PHE K 312 15.92 -12.97 -25.12
CA PHE K 312 16.49 -12.91 -26.45
C PHE K 312 15.82 -11.81 -27.26
N PRO K 313 16.55 -11.21 -28.20
CA PRO K 313 15.97 -10.13 -29.02
C PRO K 313 14.82 -10.64 -29.86
N ALA K 314 13.83 -9.77 -30.07
CA ALA K 314 12.66 -10.14 -30.87
C ALA K 314 13.00 -10.19 -32.36
N ASP K 315 13.88 -9.30 -32.82
CA ASP K 315 14.18 -9.22 -34.24
C ASP K 315 14.89 -10.47 -34.75
N GLU K 316 15.46 -11.29 -33.85
CA GLU K 316 16.04 -12.55 -34.29
C GLU K 316 15.00 -13.47 -34.90
N LEU K 317 13.72 -13.23 -34.64
CA LEU K 317 12.67 -14.05 -35.25
C LEU K 317 12.71 -13.97 -36.77
N TYR K 318 13.27 -12.90 -37.32
CA TYR K 318 13.41 -12.80 -38.78
C TYR K 318 14.27 -13.93 -39.32
N GLY K 319 15.46 -14.11 -38.76
CA GLY K 319 16.35 -15.16 -39.23
C GLY K 319 15.81 -16.54 -38.91
N ILE K 320 15.21 -16.72 -37.73
CA ILE K 320 14.77 -18.04 -37.33
C ILE K 320 13.65 -18.55 -38.23
N VAL K 321 12.69 -17.69 -38.54
CA VAL K 321 11.47 -18.10 -39.25
C VAL K 321 11.61 -17.97 -40.75
N GLY K 322 12.08 -16.82 -41.23
CA GLY K 322 12.19 -16.64 -42.66
C GLY K 322 10.83 -16.53 -43.33
N ALA K 323 10.82 -16.77 -44.64
CA ALA K 323 9.61 -16.68 -45.44
C ALA K 323 9.29 -17.97 -46.19
N ASN K 324 10.10 -19.02 -46.03
CA ASN K 324 9.89 -20.29 -46.72
C ASN K 324 9.16 -21.24 -45.78
N LEU K 325 7.95 -21.65 -46.17
CA LEU K 325 7.16 -22.53 -45.32
C LEU K 325 7.58 -23.99 -45.40
N LYS K 326 8.36 -24.35 -46.42
CA LYS K 326 8.79 -25.74 -46.54
C LYS K 326 9.83 -26.09 -45.48
N ARG K 327 10.70 -25.14 -45.15
CA ARG K 327 11.62 -25.34 -44.04
C ARG K 327 10.86 -25.31 -42.72
N SER K 328 11.43 -25.97 -41.72
CA SER K 328 10.82 -26.08 -40.40
C SER K 328 11.71 -25.43 -39.35
N PHE K 329 11.08 -24.92 -38.29
CA PHE K 329 11.78 -24.32 -37.17
C PHE K 329 11.13 -24.78 -35.88
N ASP K 330 11.89 -24.69 -34.79
CA ASP K 330 11.38 -25.06 -33.48
C ASP K 330 10.54 -23.93 -32.92
N VAL K 331 9.26 -24.21 -32.67
CA VAL K 331 8.37 -23.19 -32.14
C VAL K 331 8.82 -22.70 -30.77
N ARG K 332 9.59 -23.53 -30.04
CA ARG K 332 10.11 -23.09 -28.76
C ARG K 332 10.97 -21.84 -28.91
N GLU K 333 11.64 -21.69 -30.04
CA GLU K 333 12.43 -20.48 -30.29
C GLU K 333 11.53 -19.25 -30.35
N VAL K 334 10.36 -19.38 -30.98
CA VAL K 334 9.42 -18.27 -31.02
C VAL K 334 8.92 -17.95 -29.62
N ILE K 335 8.59 -18.99 -28.84
CA ILE K 335 8.11 -18.78 -27.48
C ILE K 335 9.15 -18.08 -26.63
N ALA K 336 10.42 -18.47 -26.79
CA ALA K 336 11.47 -17.94 -25.92
C ALA K 336 11.60 -16.43 -26.07
N ARG K 337 11.12 -15.86 -27.17
CA ARG K 337 11.32 -14.45 -27.46
C ARG K 337 10.07 -13.61 -27.25
N ILE K 338 9.01 -14.16 -26.64
CA ILE K 338 7.82 -13.37 -26.34
C ILE K 338 7.34 -13.51 -24.91
N VAL K 339 7.76 -14.53 -24.17
CA VAL K 339 7.29 -14.75 -22.81
C VAL K 339 8.25 -14.06 -21.84
N ASP K 340 7.73 -13.76 -20.65
CA ASP K 340 8.53 -13.08 -19.64
C ASP K 340 9.73 -13.93 -19.25
N GLY K 341 10.92 -13.33 -19.26
CA GLY K 341 12.13 -14.03 -18.88
C GLY K 341 12.43 -15.28 -19.65
N SER K 342 11.72 -15.54 -20.75
CA SER K 342 11.91 -16.76 -21.52
C SER K 342 11.76 -17.99 -20.63
N ARG K 343 10.79 -17.94 -19.72
CA ARG K 343 10.52 -19.02 -18.79
C ARG K 343 9.27 -19.77 -19.26
N PHE K 344 9.39 -21.10 -19.37
CA PHE K 344 8.34 -21.93 -19.95
C PHE K 344 8.37 -23.30 -19.31
N THR K 345 7.23 -23.71 -18.76
CA THR K 345 7.06 -25.03 -18.16
C THR K 345 6.29 -25.91 -19.14
N GLU K 346 7.01 -26.80 -19.82
CA GLU K 346 6.39 -27.63 -20.84
C GLU K 346 5.61 -28.77 -20.20
N PHE K 347 4.49 -29.12 -20.84
CA PHE K 347 3.60 -30.17 -20.37
C PHE K 347 3.61 -31.32 -21.37
N LYS K 348 3.88 -32.52 -20.88
CA LYS K 348 3.96 -33.71 -21.74
C LYS K 348 4.95 -33.49 -22.88
N ALA K 349 6.19 -33.17 -22.49
CA ALA K 349 7.18 -32.77 -23.48
C ALA K 349 7.50 -33.90 -24.46
N PHE K 350 7.64 -35.12 -23.96
CA PHE K 350 8.10 -36.24 -24.79
C PHE K 350 6.97 -37.04 -25.40
N TYR K 351 5.71 -36.65 -25.18
CA TYR K 351 4.57 -37.35 -25.73
C TYR K 351 3.87 -36.46 -26.74
N GLY K 352 3.66 -36.97 -27.95
CA GLY K 352 3.09 -36.16 -29.01
C GLY K 352 3.96 -34.96 -29.30
N ASP K 353 5.24 -35.18 -29.57
CA ASP K 353 6.20 -34.09 -29.62
C ASP K 353 5.95 -33.13 -30.77
N THR K 354 5.08 -33.48 -31.72
CA THR K 354 4.77 -32.53 -32.80
C THR K 354 3.95 -31.36 -32.32
N LEU K 355 3.44 -31.41 -31.09
CA LEU K 355 2.69 -30.32 -30.49
C LEU K 355 3.38 -29.89 -29.20
N VAL K 356 3.44 -28.58 -28.97
CA VAL K 356 4.11 -28.01 -27.81
C VAL K 356 3.06 -27.31 -26.96
N THR K 357 2.99 -27.70 -25.69
CA THR K 357 2.08 -27.09 -24.72
C THR K 357 2.84 -26.80 -23.44
N GLY K 358 2.48 -25.72 -22.76
CA GLY K 358 3.14 -25.37 -21.52
C GLY K 358 2.57 -24.09 -20.95
N PHE K 359 3.07 -23.73 -19.77
CA PHE K 359 2.62 -22.55 -19.04
C PHE K 359 3.72 -21.49 -19.07
N ALA K 360 3.29 -20.23 -19.18
CA ALA K 360 4.21 -19.10 -19.20
C ALA K 360 3.46 -17.87 -18.71
N ARG K 361 4.12 -16.72 -18.80
CA ARG K 361 3.52 -15.46 -18.43
C ARG K 361 3.95 -14.37 -19.39
N ILE K 362 2.98 -13.57 -19.83
CA ILE K 362 3.23 -12.44 -20.74
C ILE K 362 2.80 -11.18 -20.02
N PHE K 363 3.74 -10.26 -19.82
CA PHE K 363 3.48 -9.02 -19.09
C PHE K 363 2.85 -9.29 -17.73
N GLY K 364 3.21 -10.43 -17.13
CA GLY K 364 2.70 -10.80 -15.82
C GLY K 364 1.42 -11.63 -15.85
N TYR K 365 0.77 -11.75 -16.99
CA TYR K 365 -0.45 -12.55 -17.05
C TYR K 365 -0.10 -14.03 -17.26
N PRO K 366 -0.88 -14.95 -16.69
CA PRO K 366 -0.66 -16.37 -16.95
C PRO K 366 -1.29 -16.79 -18.26
N VAL K 367 -0.56 -17.60 -19.03
CA VAL K 367 -1.02 -18.03 -20.35
C VAL K 367 -0.60 -19.47 -20.57
N GLY K 368 -1.47 -20.24 -21.21
CA GLY K 368 -1.15 -21.57 -21.72
C GLY K 368 -0.98 -21.50 -23.23
N ILE K 369 0.15 -22.01 -23.70
CA ILE K 369 0.55 -21.87 -25.10
C ILE K 369 0.47 -23.22 -25.77
N VAL K 370 -0.20 -23.25 -26.94
CA VAL K 370 -0.29 -24.44 -27.77
C VAL K 370 0.28 -24.08 -29.13
N GLY K 371 1.33 -24.79 -29.55
CA GLY K 371 1.98 -24.49 -30.81
C GLY K 371 2.33 -25.71 -31.62
N ASN K 372 2.19 -25.61 -32.94
CA ASN K 372 2.51 -26.72 -33.82
C ASN K 372 4.00 -26.84 -34.05
N ASN K 373 4.49 -28.07 -34.05
CA ASN K 373 5.90 -28.35 -34.34
C ASN K 373 6.01 -29.51 -35.30
N GLY K 374 5.07 -29.61 -36.23
CA GLY K 374 5.05 -30.72 -37.17
C GLY K 374 3.62 -31.12 -37.47
N VAL K 375 3.49 -32.32 -38.03
CA VAL K 375 2.17 -32.83 -38.40
C VAL K 375 1.44 -33.31 -37.16
N LEU K 376 0.13 -33.10 -37.12
CA LEU K 376 -0.67 -33.54 -35.99
C LEU K 376 -0.87 -35.04 -36.02
N PHE K 377 -0.69 -35.68 -34.87
CA PHE K 377 -0.88 -37.11 -34.71
C PHE K 377 -1.99 -37.36 -33.70
N SER K 378 -2.31 -38.63 -33.49
CA SER K 378 -3.28 -38.99 -32.47
C SER K 378 -2.78 -38.58 -31.09
N GLU K 379 -1.50 -38.83 -30.80
CA GLU K 379 -0.95 -38.45 -29.51
C GLU K 379 -0.98 -36.94 -29.31
N SER K 380 -0.66 -36.19 -30.36
CA SER K 380 -0.66 -34.73 -30.25
C SER K 380 -2.06 -34.22 -29.91
N ALA K 381 -3.09 -34.73 -30.58
CA ALA K 381 -4.45 -34.30 -30.30
C ALA K 381 -4.85 -34.66 -28.87
N LYS K 382 -4.53 -35.88 -28.43
CA LYS K 382 -4.82 -36.28 -27.06
C LYS K 382 -4.09 -35.38 -26.07
N LYS K 383 -2.82 -35.07 -26.36
CA LYS K 383 -2.07 -34.18 -25.50
C LYS K 383 -2.69 -32.79 -25.46
N GLY K 384 -3.10 -32.28 -26.61
CA GLY K 384 -3.74 -30.97 -26.65
C GLY K 384 -5.06 -30.93 -25.90
N THR K 385 -5.88 -31.97 -26.07
CA THR K 385 -7.16 -32.02 -25.37
C THR K 385 -6.96 -32.04 -23.86
N HIS K 386 -5.96 -32.78 -23.38
CA HIS K 386 -5.67 -32.79 -21.96
C HIS K 386 -5.26 -31.41 -21.47
N PHE K 387 -4.42 -30.72 -22.24
CA PHE K 387 -3.93 -29.41 -21.83
C PHE K 387 -5.07 -28.39 -21.74
N VAL K 388 -5.98 -28.40 -22.71
CA VAL K 388 -7.05 -27.42 -22.74
C VAL K 388 -7.94 -27.55 -21.51
N GLN K 389 -8.19 -28.79 -21.07
CA GLN K 389 -8.98 -28.99 -19.86
C GLN K 389 -8.27 -28.38 -18.66
N LEU K 390 -6.96 -28.52 -18.58
CA LEU K 390 -6.21 -27.94 -17.46
C LEU K 390 -6.36 -26.43 -17.42
N CYS K 391 -6.17 -25.76 -18.56
CA CYS K 391 -6.29 -24.31 -18.59
C CYS K 391 -7.70 -23.86 -18.24
N CYS K 392 -8.72 -24.55 -18.75
CA CYS K 392 -10.09 -24.18 -18.43
C CYS K 392 -10.38 -24.36 -16.95
N GLN K 393 -9.85 -25.42 -16.35
CA GLN K 393 -10.10 -25.67 -14.93
C GLN K 393 -9.52 -24.55 -14.07
N ARG K 394 -8.32 -24.08 -14.40
CA ARG K 394 -7.64 -23.06 -13.61
C ARG K 394 -7.92 -21.65 -14.10
N ASN K 395 -8.77 -21.48 -15.12
CA ASN K 395 -9.12 -20.16 -15.65
C ASN K 395 -7.87 -19.43 -16.14
N ILE K 396 -7.12 -20.08 -17.03
CA ILE K 396 -5.87 -19.55 -17.55
C ILE K 396 -6.10 -19.22 -19.03
N PRO K 397 -5.81 -18.00 -19.47
CA PRO K 397 -5.97 -17.66 -20.89
C PRO K 397 -5.13 -18.55 -21.78
N LEU K 398 -5.61 -18.78 -22.99
CA LEU K 398 -5.00 -19.69 -23.95
C LEU K 398 -4.45 -18.93 -25.13
N LEU K 399 -3.27 -19.31 -25.59
CA LEU K 399 -2.63 -18.72 -26.76
C LEU K 399 -2.28 -19.83 -27.74
N PHE K 400 -2.69 -19.66 -28.99
CA PHE K 400 -2.46 -20.65 -30.04
C PHE K 400 -1.49 -20.10 -31.07
N LEU K 401 -0.50 -20.90 -31.44
CA LEU K 401 0.47 -20.56 -32.47
C LEU K 401 0.35 -21.56 -33.61
N GLN K 402 -0.39 -21.19 -34.65
CA GLN K 402 -0.67 -22.09 -35.77
C GLN K 402 0.48 -22.06 -36.77
N ASN K 403 1.18 -23.19 -36.90
CA ASN K 403 2.02 -23.46 -38.06
C ASN K 403 1.78 -24.93 -38.41
N ILE K 404 0.81 -25.17 -39.27
CA ILE K 404 0.34 -26.52 -39.55
C ILE K 404 0.76 -26.93 -40.95
N THR K 405 0.83 -28.24 -41.16
CA THR K 405 1.06 -28.82 -42.48
C THR K 405 0.09 -29.97 -42.76
N GLY K 406 -0.87 -30.21 -41.89
CA GLY K 406 -1.88 -31.23 -42.10
C GLY K 406 -1.90 -32.25 -40.98
N PHE K 407 -2.75 -33.25 -41.14
CA PHE K 407 -2.86 -34.39 -40.25
C PHE K 407 -2.07 -35.57 -40.81
N MET K 408 -1.74 -36.51 -39.93
CA MET K 408 -1.07 -37.72 -40.37
C MET K 408 -1.99 -38.50 -41.31
N VAL K 409 -1.42 -38.98 -42.41
CA VAL K 409 -2.15 -39.72 -43.43
C VAL K 409 -1.63 -41.14 -43.43
N GLY K 410 -2.52 -42.11 -43.22
CA GLY K 410 -2.14 -43.50 -43.22
C GLY K 410 -3.31 -44.39 -42.87
N ARG K 411 -3.27 -45.61 -43.42
CA ARG K 411 -4.33 -46.57 -43.14
C ARG K 411 -4.39 -46.91 -41.65
N GLU K 412 -3.22 -47.11 -41.02
CA GLU K 412 -3.20 -47.45 -39.61
C GLU K 412 -3.77 -46.32 -38.75
N TYR K 413 -3.41 -45.08 -39.07
CA TYR K 413 -3.87 -43.95 -38.26
C TYR K 413 -5.39 -43.84 -38.29
N GLU K 414 -6.00 -44.01 -39.47
CA GLU K 414 -7.45 -44.00 -39.55
C GLU K 414 -8.05 -45.18 -38.77
N ALA K 415 -7.41 -46.34 -38.84
CA ALA K 415 -7.91 -47.50 -38.10
C ALA K 415 -7.89 -47.25 -36.61
N GLU K 416 -6.95 -46.42 -36.14
CA GLU K 416 -6.86 -46.08 -34.72
C GLU K 416 -7.65 -44.83 -34.37
N GLY K 417 -8.51 -44.36 -35.27
CA GLY K 417 -9.37 -43.23 -34.98
C GLY K 417 -8.66 -41.90 -34.86
N ILE K 418 -7.77 -41.59 -35.81
CA ILE K 418 -7.16 -40.26 -35.84
C ILE K 418 -8.24 -39.19 -35.94
N ALA K 419 -9.25 -39.43 -36.78
CA ALA K 419 -10.38 -38.50 -36.84
C ALA K 419 -11.06 -38.39 -35.47
N LYS K 420 -11.23 -39.53 -34.79
CA LYS K 420 -11.82 -39.50 -33.46
C LYS K 420 -10.94 -38.70 -32.49
N ASP K 421 -9.62 -38.73 -32.72
CA ASP K 421 -8.71 -37.97 -31.86
C ASP K 421 -8.71 -36.49 -32.24
N GLY K 422 -8.65 -36.20 -33.54
CA GLY K 422 -8.69 -34.81 -33.97
C GLY K 422 -9.96 -34.11 -33.54
N ALA K 423 -11.09 -34.80 -33.61
CA ALA K 423 -12.35 -34.21 -33.18
C ALA K 423 -12.34 -33.88 -31.69
N LYS K 424 -11.60 -34.66 -30.90
CA LYS K 424 -11.53 -34.39 -29.48
C LYS K 424 -10.98 -32.99 -29.20
N MET K 425 -9.89 -32.62 -29.89
CA MET K 425 -9.32 -31.30 -29.70
C MET K 425 -10.29 -30.21 -30.15
N VAL K 426 -10.98 -30.43 -31.27
CA VAL K 426 -11.92 -29.45 -31.78
C VAL K 426 -13.04 -29.20 -30.77
N ALA K 427 -13.59 -30.27 -30.20
CA ALA K 427 -14.66 -30.13 -29.22
C ALA K 427 -14.18 -29.35 -28.00
N ALA K 428 -13.00 -29.69 -27.49
CA ALA K 428 -12.49 -28.99 -26.31
C ALA K 428 -12.21 -27.52 -26.60
N VAL K 429 -11.63 -27.22 -27.74
CA VAL K 429 -11.30 -25.84 -28.07
C VAL K 429 -12.57 -24.99 -28.18
N ALA K 430 -13.60 -25.53 -28.83
CA ALA K 430 -14.83 -24.77 -29.02
C ALA K 430 -15.48 -24.43 -27.69
N CYS K 431 -15.53 -25.38 -26.76
CA CYS K 431 -16.25 -25.17 -25.51
C CYS K 431 -15.48 -24.32 -24.52
N ALA K 432 -14.16 -24.19 -24.68
CA ALA K 432 -13.37 -23.44 -23.72
C ALA K 432 -13.88 -22.01 -23.58
N GLN K 433 -14.05 -21.57 -22.34
CA GLN K 433 -14.58 -20.24 -22.04
C GLN K 433 -13.49 -19.27 -21.60
N VAL K 434 -12.24 -19.71 -21.51
CA VAL K 434 -11.14 -18.81 -21.18
C VAL K 434 -10.87 -17.93 -22.40
N PRO K 435 -10.30 -16.74 -22.23
CA PRO K 435 -9.93 -15.94 -23.41
C PRO K 435 -8.94 -16.70 -24.28
N LYS K 436 -9.15 -16.61 -25.59
CA LYS K 436 -8.33 -17.34 -26.56
C LYS K 436 -7.84 -16.37 -27.63
N ILE K 437 -6.54 -16.39 -27.87
CA ILE K 437 -5.92 -15.57 -28.91
C ILE K 437 -5.12 -16.49 -29.82
N THR K 438 -5.30 -16.33 -31.12
CA THR K 438 -4.65 -17.17 -32.12
C THR K 438 -3.72 -16.33 -32.97
N LEU K 439 -2.51 -16.85 -33.19
CA LEU K 439 -1.50 -16.19 -34.02
C LEU K 439 -1.01 -17.18 -35.07
N ILE K 440 -1.23 -16.86 -36.33
CA ILE K 440 -0.83 -17.73 -37.43
C ILE K 440 0.58 -17.31 -37.86
N ILE K 441 1.57 -18.13 -37.51
CA ILE K 441 2.96 -17.84 -37.85
C ILE K 441 3.45 -18.66 -39.04
N GLY K 442 2.54 -19.40 -39.69
CA GLY K 442 2.92 -20.23 -40.81
C GLY K 442 1.72 -20.71 -41.60
N GLY K 443 1.74 -21.97 -42.02
CA GLY K 443 0.63 -22.50 -42.79
C GLY K 443 -0.60 -22.74 -41.91
N SER K 444 -1.77 -22.71 -42.55
CA SER K 444 -3.04 -22.96 -41.89
C SER K 444 -3.96 -23.64 -42.90
N TYR K 445 -4.02 -24.96 -42.85
CA TYR K 445 -4.73 -25.73 -43.86
C TYR K 445 -5.67 -26.74 -43.22
N GLY K 446 -6.83 -26.93 -43.85
CA GLY K 446 -7.73 -28.02 -43.53
C GLY K 446 -8.21 -28.01 -42.09
N ALA K 447 -8.53 -29.20 -41.59
CA ALA K 447 -9.04 -29.36 -40.24
C ALA K 447 -8.01 -29.00 -39.17
N GLY K 448 -6.73 -28.92 -39.54
CA GLY K 448 -5.73 -28.44 -38.59
C GLY K 448 -6.02 -27.02 -38.15
N ASN K 449 -6.59 -26.21 -39.04
CA ASN K 449 -7.00 -24.86 -38.66
C ASN K 449 -8.06 -24.89 -37.57
N TYR K 450 -9.05 -25.77 -37.70
CA TYR K 450 -10.12 -25.83 -36.71
C TYR K 450 -9.59 -26.26 -35.34
N GLY K 451 -8.70 -27.26 -35.33
CA GLY K 451 -8.20 -27.77 -34.07
C GLY K 451 -7.35 -26.76 -33.31
N MET K 452 -6.80 -25.78 -34.03
CA MET K 452 -5.96 -24.75 -33.42
C MET K 452 -6.68 -23.40 -33.31
N CYS K 453 -7.98 -23.43 -33.06
CA CYS K 453 -8.77 -22.22 -32.81
C CYS K 453 -8.69 -21.25 -33.99
N GLY K 454 -9.27 -21.70 -35.10
CA GLY K 454 -9.41 -20.86 -36.27
C GLY K 454 -10.43 -19.76 -36.04
N ARG K 455 -10.65 -18.96 -37.09
CA ARG K 455 -11.60 -17.86 -36.99
C ARG K 455 -12.99 -18.35 -36.62
N ALA K 456 -13.36 -19.54 -37.09
CA ALA K 456 -14.71 -20.05 -36.84
C ALA K 456 -14.96 -20.39 -35.37
N TYR K 457 -13.91 -20.45 -34.56
CA TYR K 457 -14.03 -20.86 -33.16
C TYR K 457 -13.97 -19.69 -32.19
N SER K 458 -14.21 -18.47 -32.66
CA SER K 458 -14.39 -17.28 -31.83
C SER K 458 -13.23 -17.02 -30.87
N PRO K 459 -11.98 -17.03 -31.34
CA PRO K 459 -10.91 -16.48 -30.51
C PRO K 459 -11.11 -14.98 -30.33
N ARG K 460 -10.69 -14.47 -29.16
CA ARG K 460 -10.86 -13.05 -28.89
C ARG K 460 -10.17 -12.21 -29.96
N PHE K 461 -8.98 -12.64 -30.40
CA PHE K 461 -8.26 -11.98 -31.46
C PHE K 461 -7.58 -13.02 -32.34
N LEU K 462 -7.37 -12.66 -33.61
CA LEU K 462 -6.65 -13.53 -34.53
C LEU K 462 -5.69 -12.67 -35.35
N TYR K 463 -4.40 -12.94 -35.21
CA TYR K 463 -3.37 -12.21 -35.92
C TYR K 463 -2.58 -13.16 -36.80
N ILE K 464 -1.96 -12.61 -37.84
CA ILE K 464 -1.18 -13.40 -38.79
C ILE K 464 0.12 -12.68 -39.09
N TRP K 465 1.20 -13.44 -39.24
CA TRP K 465 2.47 -12.89 -39.66
C TRP K 465 2.49 -12.70 -41.17
N PRO K 466 3.38 -11.84 -41.68
CA PRO K 466 3.36 -11.53 -43.12
C PRO K 466 3.69 -12.72 -43.99
N ASN K 467 4.25 -13.80 -43.44
CA ASN K 467 4.63 -14.98 -44.19
C ASN K 467 3.58 -16.08 -44.15
N ALA K 468 2.41 -15.82 -43.57
CA ALA K 468 1.41 -16.86 -43.36
C ALA K 468 0.72 -17.24 -44.67
N ARG K 469 0.07 -18.40 -44.64
CA ARG K 469 -0.73 -18.90 -45.74
C ARG K 469 -1.89 -19.70 -45.16
N ILE K 470 -3.10 -19.46 -45.67
CA ILE K 470 -4.30 -20.11 -45.18
C ILE K 470 -5.19 -20.51 -46.36
N SER K 471 -5.69 -21.74 -46.33
CA SER K 471 -6.60 -22.24 -47.35
C SER K 471 -7.11 -23.61 -46.89
N VAL K 472 -8.05 -24.15 -47.67
CA VAL K 472 -8.62 -25.46 -47.32
C VAL K 472 -7.53 -26.52 -47.32
N MET K 473 -6.58 -26.43 -48.25
CA MET K 473 -5.43 -27.32 -48.29
C MET K 473 -4.29 -26.59 -48.97
N GLY K 474 -3.08 -27.11 -48.81
CA GLY K 474 -1.94 -26.51 -49.46
C GLY K 474 -2.10 -26.50 -50.98
N GLY K 475 -1.52 -25.48 -51.60
CA GLY K 475 -1.64 -25.36 -53.04
C GLY K 475 -1.11 -26.58 -53.77
N GLU K 476 0.01 -27.13 -53.30
CA GLU K 476 0.58 -28.31 -53.94
C GLU K 476 -0.35 -29.51 -53.82
N GLN K 477 -0.94 -29.72 -52.64
CA GLN K 477 -1.84 -30.86 -52.47
C GLN K 477 -3.01 -30.82 -53.44
N ALA K 478 -3.62 -29.64 -53.61
CA ALA K 478 -4.71 -29.51 -54.55
C ALA K 478 -4.24 -29.82 -55.97
N ALA K 479 -3.04 -29.35 -56.34
CA ALA K 479 -2.51 -29.64 -57.65
C ALA K 479 -2.24 -31.13 -57.82
N ASN K 480 -1.57 -31.74 -56.84
CA ASN K 480 -1.27 -33.17 -56.94
C ASN K 480 -2.54 -34.01 -56.94
N VAL K 481 -3.51 -33.64 -56.11
CA VAL K 481 -4.77 -34.39 -56.08
C VAL K 481 -5.46 -34.35 -57.44
N LEU K 482 -5.54 -33.17 -58.05
CA LEU K 482 -6.15 -33.06 -59.36
C LEU K 482 -5.35 -33.82 -60.41
N ALA K 483 -4.02 -33.79 -60.30
CA ALA K 483 -3.19 -34.54 -61.24
C ALA K 483 -3.48 -36.03 -61.17
N THR K 484 -3.60 -36.58 -59.96
CA THR K 484 -3.92 -37.99 -59.82
C THR K 484 -5.30 -38.30 -60.36
N ILE K 485 -6.28 -37.45 -60.05
CA ILE K 485 -7.66 -37.70 -60.48
C ILE K 485 -7.75 -37.68 -62.00
N THR K 486 -7.21 -36.65 -62.63
CA THR K 486 -7.26 -36.55 -64.09
C THR K 486 -6.47 -37.69 -64.72
N LYS K 487 -5.31 -38.03 -64.16
CA LYS K 487 -4.51 -39.12 -64.71
C LYS K 487 -5.30 -40.41 -64.76
N ASP K 488 -5.93 -40.78 -63.65
CA ASP K 488 -6.74 -42.00 -63.64
C ASP K 488 -7.96 -41.87 -64.54
N GLN K 489 -8.59 -40.70 -64.54
CA GLN K 489 -9.79 -40.51 -65.37
C GLN K 489 -9.45 -40.65 -66.85
N ARG K 490 -8.29 -40.12 -67.27
CA ARG K 490 -7.88 -40.28 -68.66
C ARG K 490 -7.68 -41.76 -69.00
N ALA K 491 -7.08 -42.52 -68.08
CA ALA K 491 -6.91 -43.95 -68.32
C ALA K 491 -8.25 -44.65 -68.47
N ARG K 492 -9.22 -44.29 -67.63
CA ARG K 492 -10.55 -44.89 -67.75
C ARG K 492 -11.17 -44.59 -69.11
N GLU K 493 -11.06 -43.34 -69.56
CA GLU K 493 -11.56 -42.99 -70.89
C GLU K 493 -10.69 -43.60 -71.99
N GLY K 494 -9.50 -44.09 -71.63
CA GLY K 494 -8.54 -44.59 -72.59
C GLY K 494 -7.63 -43.53 -73.16
N LYS K 495 -7.90 -42.25 -72.93
CA LYS K 495 -7.05 -41.18 -73.41
C LYS K 495 -5.80 -41.07 -72.55
N GLN K 496 -4.80 -40.36 -73.06
CA GLN K 496 -3.50 -40.23 -72.42
C GLN K 496 -3.33 -38.82 -71.89
N PHE K 497 -2.85 -38.71 -70.65
CA PHE K 497 -2.53 -37.43 -70.03
C PHE K 497 -1.02 -37.32 -69.92
N SER K 498 -0.42 -36.44 -70.72
CA SER K 498 1.03 -36.34 -70.80
C SER K 498 1.57 -35.52 -69.65
N SER K 499 2.90 -35.56 -69.51
CA SER K 499 3.56 -34.74 -68.49
C SER K 499 3.29 -33.26 -68.71
N ALA K 500 3.38 -32.80 -69.96
CA ALA K 500 2.99 -31.43 -70.26
C ALA K 500 1.52 -31.20 -69.93
N ASP K 501 0.68 -32.23 -70.11
CA ASP K 501 -0.72 -32.13 -69.70
C ASP K 501 -0.82 -31.95 -68.19
N GLU K 502 -0.01 -32.68 -67.42
CA GLU K 502 -0.04 -32.54 -65.98
C GLU K 502 0.35 -31.12 -65.56
N ALA K 503 1.41 -30.58 -66.16
CA ALA K 503 1.85 -29.23 -65.82
C ALA K 503 0.79 -28.19 -66.15
N ALA K 504 0.13 -28.35 -67.31
CA ALA K 504 -0.92 -27.41 -67.69
C ALA K 504 -2.05 -27.40 -66.67
N LEU K 505 -2.40 -28.58 -66.14
CA LEU K 505 -3.45 -28.66 -65.14
C LEU K 505 -2.99 -28.04 -63.81
N LYS K 506 -1.79 -28.40 -63.36
CA LYS K 506 -1.34 -27.96 -62.04
C LYS K 506 -1.18 -26.45 -61.96
N GLU K 507 -0.64 -25.83 -63.02
CA GLU K 507 -0.22 -24.44 -62.92
C GLU K 507 -1.34 -23.51 -62.48
N PRO K 508 -2.53 -23.52 -63.09
CA PRO K 508 -3.57 -22.58 -62.65
C PRO K 508 -3.99 -22.78 -61.21
N ILE K 509 -4.02 -24.03 -60.72
CA ILE K 509 -4.44 -24.28 -59.35
C ILE K 509 -3.44 -23.70 -58.36
N ILE K 510 -2.14 -23.92 -58.61
CA ILE K 510 -1.13 -23.40 -57.70
C ILE K 510 -1.17 -21.89 -57.65
N LYS K 511 -1.41 -21.24 -58.79
CA LYS K 511 -1.52 -19.79 -58.80
C LYS K 511 -2.73 -19.33 -57.98
N LYS K 512 -3.87 -20.02 -58.12
CA LYS K 512 -5.07 -19.61 -57.41
C LYS K 512 -4.89 -19.70 -55.90
N PHE K 513 -4.31 -20.81 -55.42
CA PHE K 513 -4.15 -20.99 -53.98
C PHE K 513 -3.10 -20.04 -53.43
N GLU K 514 -2.13 -19.64 -54.25
CA GLU K 514 -1.15 -18.66 -53.81
C GLU K 514 -1.79 -17.29 -53.64
N GLU K 515 -2.69 -16.91 -54.55
CA GLU K 515 -3.33 -15.60 -54.45
C GLU K 515 -4.32 -15.55 -53.29
N GLU K 516 -5.10 -16.61 -53.10
CA GLU K 516 -6.15 -16.62 -52.09
C GLU K 516 -5.62 -17.02 -50.71
N GLY K 517 -4.39 -17.50 -50.61
CA GLY K 517 -3.81 -17.83 -49.33
C GLY K 517 -2.90 -16.73 -48.80
N ASN K 518 -2.70 -15.70 -49.61
CA ASN K 518 -1.80 -14.62 -49.23
C ASN K 518 -2.37 -13.89 -48.01
N PRO K 519 -1.52 -13.42 -47.10
CA PRO K 519 -2.03 -12.67 -45.94
C PRO K 519 -2.86 -11.47 -46.32
N TYR K 520 -2.46 -10.74 -47.37
CA TYR K 520 -3.21 -9.55 -47.77
C TYR K 520 -4.60 -9.92 -48.30
N TYR K 521 -4.70 -11.04 -49.02
CA TYR K 521 -6.01 -11.54 -49.43
C TYR K 521 -6.85 -11.88 -48.22
N SER K 522 -6.26 -12.56 -47.23
CA SER K 522 -7.00 -12.95 -46.04
C SER K 522 -7.36 -11.72 -45.19
N SER K 523 -6.50 -10.70 -45.19
CA SER K 523 -6.74 -9.53 -44.36
C SER K 523 -7.59 -8.48 -45.05
N ALA K 524 -7.57 -8.40 -46.38
CA ALA K 524 -8.44 -7.45 -47.08
C ALA K 524 -9.89 -7.71 -46.72
N ARG K 525 -10.34 -8.96 -46.90
CA ARG K 525 -11.52 -9.43 -46.20
C ARG K 525 -11.18 -9.58 -44.74
N VAL K 526 -12.18 -9.43 -43.87
CA VAL K 526 -11.89 -9.50 -42.45
C VAL K 526 -11.95 -10.96 -42.01
N TRP K 527 -10.86 -11.69 -42.24
CA TRP K 527 -10.67 -13.01 -41.67
C TRP K 527 -9.77 -13.00 -40.46
N ASP K 528 -8.95 -11.96 -40.31
CA ASP K 528 -8.06 -11.80 -39.17
C ASP K 528 -8.14 -10.36 -38.71
N ASP K 529 -7.62 -10.10 -37.52
CA ASP K 529 -7.67 -8.77 -36.93
C ASP K 529 -6.46 -7.92 -37.30
N GLY K 530 -5.54 -8.43 -38.12
CA GLY K 530 -4.44 -7.60 -38.59
C GLY K 530 -3.22 -8.43 -38.92
N ILE K 531 -2.40 -7.87 -39.80
CA ILE K 531 -1.08 -8.40 -40.12
C ILE K 531 -0.06 -7.63 -39.31
N ILE K 532 0.73 -8.34 -38.51
CA ILE K 532 1.59 -7.71 -37.53
C ILE K 532 3.04 -8.10 -37.78
N ASP K 533 3.93 -7.15 -37.58
CA ASP K 533 5.36 -7.42 -37.68
C ASP K 533 5.78 -8.38 -36.57
N PRO K 534 6.54 -9.43 -36.90
CA PRO K 534 6.95 -10.38 -35.85
C PRO K 534 7.64 -9.73 -34.66
N ALA K 535 8.43 -8.67 -34.89
CA ALA K 535 9.09 -8.00 -33.78
C ALA K 535 8.09 -7.37 -32.82
N ASP K 536 6.86 -7.13 -33.28
CA ASP K 536 5.82 -6.52 -32.46
C ASP K 536 4.91 -7.55 -31.79
N THR K 537 5.24 -8.83 -31.90
CA THR K 537 4.33 -9.87 -31.42
C THR K 537 4.08 -9.75 -29.92
N ARG K 538 5.13 -9.56 -29.13
CA ARG K 538 4.96 -9.49 -27.68
C ARG K 538 4.08 -8.33 -27.27
N LEU K 539 4.30 -7.16 -27.88
CA LEU K 539 3.50 -5.99 -27.54
C LEU K 539 2.04 -6.19 -27.90
N VAL K 540 1.77 -6.72 -29.09
CA VAL K 540 0.38 -6.89 -29.53
C VAL K 540 -0.34 -7.88 -28.62
N LEU K 541 0.32 -8.99 -28.29
CA LEU K 541 -0.28 -9.96 -27.38
C LEU K 541 -0.54 -9.35 -26.02
N GLY K 542 0.40 -8.57 -25.50
CA GLY K 542 0.21 -7.94 -24.20
C GLY K 542 -0.98 -7.01 -24.18
N LEU K 543 -1.13 -6.18 -25.22
CA LEU K 543 -2.30 -5.31 -25.30
C LEU K 543 -3.58 -6.11 -25.43
N SER K 544 -3.57 -7.15 -26.27
CA SER K 544 -4.80 -7.92 -26.50
C SER K 544 -5.24 -8.65 -25.24
N PHE K 545 -4.32 -9.32 -24.55
CA PHE K 545 -4.68 -10.03 -23.33
C PHE K 545 -5.15 -9.06 -22.26
N SER K 546 -4.53 -7.89 -22.17
CA SER K 546 -4.96 -6.91 -21.19
C SER K 546 -6.40 -6.48 -21.44
N ALA K 547 -6.76 -6.22 -22.70
CA ALA K 547 -8.13 -5.86 -23.03
C ALA K 547 -9.09 -7.02 -22.76
N ALA K 548 -8.68 -8.24 -23.12
CA ALA K 548 -9.57 -9.39 -22.96
C ALA K 548 -9.90 -9.67 -21.51
N LEU K 549 -9.08 -9.17 -20.58
CA LEU K 549 -9.29 -9.43 -19.16
C LEU K 549 -10.30 -8.48 -18.52
N ASN K 550 -10.85 -7.54 -19.29
CA ASN K 550 -11.89 -6.67 -18.76
C ASN K 550 -13.16 -7.45 -18.43
N ALA K 551 -13.38 -8.61 -19.05
CA ALA K 551 -14.59 -9.34 -18.72
C ALA K 551 -14.26 -10.51 -17.80
N PRO K 552 -15.13 -10.80 -16.84
CA PRO K 552 -14.88 -11.93 -15.94
C PRO K 552 -14.86 -13.25 -16.70
N ILE K 553 -14.00 -14.16 -16.25
CA ILE K 553 -13.87 -15.46 -16.88
C ILE K 553 -14.94 -16.39 -16.34
N GLU K 554 -15.69 -17.01 -17.24
CA GLU K 554 -16.79 -17.88 -16.87
C GLU K 554 -16.32 -19.33 -16.77
N LYS K 555 -17.10 -20.14 -16.06
CA LYS K 555 -16.83 -21.56 -15.96
C LYS K 555 -17.12 -22.25 -17.29
N THR K 556 -16.29 -23.24 -17.62
CA THR K 556 -16.37 -23.94 -18.89
C THR K 556 -17.21 -25.19 -18.74
N ASP K 557 -18.18 -25.36 -19.63
CA ASP K 557 -19.01 -26.56 -19.70
C ASP K 557 -18.67 -27.31 -20.97
N PHE K 558 -18.22 -28.55 -20.83
CA PHE K 558 -17.79 -29.36 -21.96
C PHE K 558 -18.91 -30.29 -22.40
N GLY K 559 -18.86 -30.67 -23.68
CA GLY K 559 -19.72 -31.70 -24.22
C GLY K 559 -19.21 -33.08 -23.88
N ILE K 560 -19.76 -34.07 -24.57
CA ILE K 560 -19.33 -35.44 -24.35
C ILE K 560 -18.00 -35.67 -25.04
N PHE K 561 -17.02 -36.14 -24.29
CA PHE K 561 -15.72 -36.52 -24.82
C PHE K 561 -15.81 -37.94 -25.37
N ARG K 562 -15.75 -38.06 -26.69
CA ARG K 562 -15.81 -39.37 -27.33
C ARG K 562 -14.49 -40.09 -27.09
N MET K 563 -14.43 -40.89 -26.05
CA MET K 563 -13.18 -41.52 -25.62
C MET K 563 -12.72 -42.57 -26.62
N LEU L 31 -7.09 -11.44 30.49
CA LEU L 31 -7.31 -12.63 31.29
C LEU L 31 -6.00 -13.12 31.89
N GLY L 32 -6.10 -14.07 32.81
CA GLY L 32 -4.95 -14.75 33.34
C GLY L 32 -4.45 -14.14 34.64
N THR L 33 -3.85 -14.98 35.46
CA THR L 33 -3.19 -14.56 36.69
C THR L 33 -1.87 -15.29 36.82
N GLN L 34 -0.95 -14.69 37.56
CA GLN L 34 0.37 -15.30 37.75
C GLN L 34 0.25 -16.46 38.73
N PRO L 35 0.60 -17.69 38.32
CA PRO L 35 0.49 -18.83 39.23
C PRO L 35 1.56 -18.79 40.31
N ASP L 36 1.29 -19.51 41.39
CA ASP L 36 2.21 -19.59 42.52
C ASP L 36 3.23 -20.67 42.22
N LEU L 37 4.42 -20.27 41.75
CA LEU L 37 5.44 -21.25 41.39
C LEU L 37 5.95 -22.00 42.61
N GLY L 38 5.91 -21.37 43.78
CA GLY L 38 6.40 -22.02 44.98
C GLY L 38 5.45 -23.05 45.54
N SER L 39 4.17 -22.98 45.17
CA SER L 39 3.19 -23.91 45.71
C SER L 39 3.54 -25.35 45.35
N ALA L 40 3.29 -26.25 46.31
CA ALA L 40 3.59 -27.66 46.08
C ALA L 40 2.77 -28.23 44.94
N LEU L 41 1.49 -27.83 44.84
CA LEU L 41 0.64 -28.32 43.77
C LEU L 41 1.22 -27.97 42.40
N TYR L 42 1.67 -26.73 42.23
CA TYR L 42 2.27 -26.33 40.97
C TYR L 42 3.54 -27.12 40.69
N GLN L 43 4.38 -27.31 41.70
CA GLN L 43 5.60 -28.09 41.51
C GLN L 43 5.28 -29.51 41.09
N GLU L 44 4.31 -30.15 41.74
CA GLU L 44 3.94 -31.51 41.38
C GLU L 44 3.34 -31.57 39.98
N ASN L 45 2.45 -30.64 39.66
CA ASN L 45 1.81 -30.65 38.35
C ASN L 45 2.84 -30.45 37.23
N TYR L 46 3.76 -29.52 37.41
CA TYR L 46 4.80 -29.30 36.41
C TYR L 46 5.65 -30.54 36.20
N LYS L 47 6.02 -31.21 37.29
CA LYS L 47 6.86 -32.40 37.18
C LYS L 47 6.16 -33.50 36.40
N GLN L 48 4.88 -33.75 36.72
CA GLN L 48 4.16 -34.82 36.05
C GLN L 48 3.95 -34.50 34.56
N MET L 49 3.48 -33.29 34.25
CA MET L 49 3.25 -32.93 32.86
C MET L 49 4.54 -32.95 32.07
N LYS L 50 5.63 -32.45 32.64
CA LYS L 50 6.91 -32.46 31.95
C LYS L 50 7.32 -33.88 31.58
N ALA L 51 7.12 -34.83 32.49
CA ALA L 51 7.46 -36.21 32.19
C ALA L 51 6.66 -36.73 31.00
N LEU L 52 5.37 -36.39 30.94
CA LEU L 52 4.54 -36.83 29.82
C LEU L 52 5.05 -36.26 28.51
N VAL L 53 5.45 -34.99 28.51
CA VAL L 53 5.97 -34.36 27.29
C VAL L 53 7.26 -35.03 26.86
N ASN L 54 8.16 -35.29 27.82
CA ASN L 54 9.41 -35.96 27.48
C ASN L 54 9.15 -37.34 26.88
N GLN L 55 8.18 -38.07 27.45
CA GLN L 55 7.81 -39.36 26.89
C GLN L 55 7.31 -39.21 25.46
N LEU L 56 6.48 -38.20 25.21
CA LEU L 56 5.98 -37.97 23.86
C LEU L 56 7.11 -37.65 22.88
N HIS L 57 8.06 -36.81 23.31
CA HIS L 57 9.12 -36.38 22.40
C HIS L 57 9.99 -37.56 21.96
N GLU L 58 10.42 -38.40 22.91
CA GLU L 58 11.35 -39.47 22.57
C GLU L 58 10.68 -40.54 21.71
N ARG L 59 9.39 -40.80 21.95
CA ARG L 59 8.69 -41.78 21.12
C ARG L 59 8.60 -41.30 19.67
N VAL L 60 8.38 -40.00 19.46
CA VAL L 60 8.37 -39.46 18.11
C VAL L 60 9.76 -39.60 17.47
N GLU L 61 10.81 -39.45 18.27
CA GLU L 61 12.16 -39.63 17.74
C GLU L 61 12.33 -41.03 17.16
N HIS L 62 11.83 -42.05 17.86
CA HIS L 62 11.89 -43.40 17.33
C HIS L 62 11.06 -43.55 16.06
N ILE L 63 9.86 -42.97 16.05
CA ILE L 63 9.02 -43.04 14.85
C ILE L 63 9.67 -42.27 13.71
N LYS L 64 10.47 -41.26 14.01
CA LYS L 64 11.14 -40.49 12.97
C LYS L 64 12.04 -41.39 12.12
N LEU L 65 12.54 -42.48 12.69
CA LEU L 65 13.48 -43.34 12.00
C LEU L 65 12.81 -44.34 11.05
N GLY L 66 11.49 -44.45 11.09
CA GLY L 66 10.81 -45.33 10.15
C GLY L 66 11.18 -46.79 10.31
N GLY L 67 11.50 -47.43 9.19
CA GLY L 67 11.73 -48.87 9.20
C GLY L 67 12.95 -49.27 10.01
N GLY L 68 14.02 -48.47 9.92
CA GLY L 68 15.24 -48.78 10.64
C GLY L 68 16.49 -48.49 9.85
N GLU L 69 17.66 -48.75 10.45
CA GLU L 69 18.92 -48.45 9.79
C GLU L 69 19.07 -49.32 8.54
N LYS L 70 18.83 -50.63 8.66
CA LYS L 70 19.01 -51.50 7.52
C LYS L 70 18.11 -51.09 6.36
N ALA L 71 16.83 -50.84 6.64
CA ALA L 71 15.91 -50.38 5.60
C ALA L 71 16.32 -49.03 5.05
N ARG L 72 16.74 -48.11 5.92
CA ARG L 72 17.15 -46.79 5.47
C ARG L 72 18.40 -46.86 4.59
N ALA L 73 19.37 -47.69 4.99
CA ALA L 73 20.58 -47.86 4.19
C ALA L 73 20.25 -48.42 2.81
N LEU L 74 19.36 -49.42 2.76
CA LEU L 74 18.93 -49.97 1.47
C LEU L 74 18.23 -48.91 0.64
N HIS L 75 17.37 -48.11 1.28
CA HIS L 75 16.64 -47.07 0.55
C HIS L 75 17.59 -46.08 -0.10
N ILE L 76 18.60 -45.62 0.65
CA ILE L 76 19.54 -44.65 0.09
C ILE L 76 20.41 -45.29 -0.97
N SER L 77 20.76 -46.57 -0.80
CA SER L 77 21.62 -47.24 -1.76
C SER L 77 21.04 -47.24 -3.16
N ARG L 78 19.72 -47.13 -3.29
CA ARG L 78 19.07 -47.06 -4.59
C ARG L 78 19.03 -45.64 -5.15
N GLY L 79 19.68 -44.68 -4.48
CA GLY L 79 19.68 -43.31 -4.93
C GLY L 79 18.45 -42.51 -4.57
N LYS L 80 17.53 -43.08 -3.79
CA LYS L 80 16.30 -42.41 -3.43
C LYS L 80 16.48 -41.62 -2.15
N LEU L 81 15.77 -40.50 -2.06
CA LEU L 81 15.77 -39.71 -0.83
C LEU L 81 14.90 -40.36 0.22
N LEU L 82 15.22 -40.12 1.49
CA LEU L 82 14.39 -40.60 2.57
C LEU L 82 13.06 -39.83 2.57
N PRO L 83 11.97 -40.48 3.00
CA PRO L 83 10.65 -39.85 2.86
C PRO L 83 10.56 -38.47 3.50
N ARG L 84 11.18 -38.28 4.66
CA ARG L 84 11.08 -36.98 5.34
C ARG L 84 12.01 -35.95 4.70
N GLU L 85 13.11 -36.39 4.09
CA GLU L 85 13.96 -35.46 3.36
C GLU L 85 13.25 -34.95 2.11
N ARG L 86 12.39 -35.77 1.51
CA ARG L 86 11.63 -35.32 0.36
C ARG L 86 10.72 -34.16 0.74
N ILE L 87 10.03 -34.26 1.88
CA ILE L 87 9.15 -33.19 2.31
C ILE L 87 9.95 -31.93 2.60
N ASP L 88 11.10 -32.08 3.26
CA ASP L 88 11.93 -30.92 3.56
C ASP L 88 12.32 -30.18 2.28
N ASN L 89 12.64 -30.92 1.22
CA ASN L 89 13.03 -30.28 -0.03
C ASN L 89 11.82 -29.74 -0.78
N LEU L 90 10.65 -30.34 -0.56
CA LEU L 90 9.46 -29.92 -1.27
C LEU L 90 8.93 -28.58 -0.76
N ILE L 91 8.89 -28.40 0.56
CA ILE L 91 8.24 -27.21 1.11
C ILE L 91 9.18 -26.02 1.04
N ASP L 92 8.61 -24.84 1.25
CA ASP L 92 9.38 -23.61 1.15
C ASP L 92 10.46 -23.59 2.23
N PRO L 93 11.63 -22.99 1.95
CA PRO L 93 12.73 -23.03 2.91
C PRO L 93 12.33 -22.37 4.23
N GLY L 94 12.50 -23.12 5.32
CA GLY L 94 12.25 -22.63 6.65
C GLY L 94 10.81 -22.58 7.07
N SER L 95 9.88 -23.00 6.21
CA SER L 95 8.47 -22.94 6.56
C SER L 95 8.13 -24.06 7.55
N PRO L 96 7.25 -23.80 8.50
CA PRO L 96 6.82 -24.87 9.41
C PRO L 96 6.00 -25.92 8.68
N PHE L 97 6.06 -27.15 9.20
CA PHE L 97 5.33 -28.28 8.63
C PHE L 97 4.44 -28.88 9.70
N LEU L 98 3.15 -28.93 9.43
CA LEU L 98 2.17 -29.46 10.39
C LEU L 98 1.89 -30.92 10.07
N GLU L 99 2.68 -31.82 10.66
CA GLU L 99 2.45 -33.23 10.47
C GLU L 99 1.22 -33.69 11.24
N LEU L 100 0.55 -34.71 10.72
CA LEU L 100 -0.69 -35.22 11.28
C LEU L 100 -0.57 -36.70 11.57
N SER L 101 -1.17 -37.13 12.69
CA SER L 101 -1.27 -38.54 13.05
C SER L 101 0.10 -39.21 13.04
N GLN L 102 1.04 -38.65 13.82
CA GLN L 102 2.36 -39.24 13.90
C GLN L 102 2.33 -40.62 14.54
N PHE L 103 1.35 -40.87 15.41
CA PHE L 103 1.30 -42.09 16.20
C PHE L 103 0.37 -43.15 15.62
N ALA L 104 -0.09 -42.97 14.38
CA ALA L 104 -0.93 -43.99 13.76
C ALA L 104 -0.19 -45.32 13.70
N GLY L 105 -0.86 -46.39 14.11
CA GLY L 105 -0.27 -47.71 14.12
C GLY L 105 0.65 -47.99 15.28
N TYR L 106 0.74 -47.10 16.26
CA TYR L 106 1.58 -47.30 17.43
C TYR L 106 1.01 -48.45 18.26
N GLN L 107 1.69 -49.59 18.24
CA GLN L 107 1.26 -50.78 18.96
C GLN L 107 -0.12 -51.27 18.54
N LEU L 108 -0.54 -50.93 17.32
CA LEU L 108 -1.86 -51.33 16.85
C LEU L 108 -1.90 -52.81 16.51
N TYR L 109 -0.82 -53.34 15.93
CA TYR L 109 -0.74 -54.73 15.52
C TYR L 109 0.18 -55.50 16.44
N ASP L 110 -0.16 -56.77 16.68
CA ASP L 110 0.40 -57.48 17.82
C ASP L 110 1.93 -57.53 17.78
N ASN L 111 2.49 -58.01 16.67
CA ASN L 111 3.93 -58.23 16.58
C ASN L 111 4.60 -57.43 15.46
N GLU L 112 3.85 -56.58 14.78
CA GLU L 112 4.37 -55.79 13.67
C GLU L 112 4.47 -54.33 14.10
N GLU L 113 5.65 -53.73 13.87
CA GLU L 113 5.87 -52.32 14.13
C GLU L 113 5.72 -51.56 12.82
N VAL L 114 4.80 -50.60 12.80
CA VAL L 114 4.51 -49.83 11.60
C VAL L 114 4.63 -48.35 11.95
N PRO L 115 5.83 -47.80 12.07
CA PRO L 115 5.98 -46.40 12.50
C PRO L 115 5.21 -45.45 11.60
N GLY L 116 4.38 -44.61 12.21
CA GLY L 116 3.60 -43.64 11.48
C GLY L 116 2.56 -44.23 10.54
N GLY L 117 2.28 -45.53 10.64
CA GLY L 117 1.35 -46.17 9.74
C GLY L 117 1.89 -46.44 8.35
N GLY L 118 3.19 -46.24 8.13
CA GLY L 118 3.76 -46.42 6.81
C GLY L 118 3.53 -45.27 5.86
N ILE L 119 3.06 -44.13 6.36
CA ILE L 119 2.75 -42.98 5.52
C ILE L 119 2.91 -41.71 6.35
N ILE L 120 3.38 -40.65 5.70
CA ILE L 120 3.58 -39.35 6.34
C ILE L 120 2.65 -38.36 5.67
N THR L 121 1.82 -37.69 6.47
CA THR L 121 0.87 -36.70 5.98
C THR L 121 0.99 -35.43 6.82
N GLY L 122 0.78 -34.30 6.18
CA GLY L 122 0.88 -33.02 6.87
C GLY L 122 0.57 -31.89 5.92
N ILE L 123 0.55 -30.68 6.48
CA ILE L 123 0.24 -29.46 5.73
C ILE L 123 1.48 -28.57 5.74
N GLY L 124 1.90 -28.15 4.56
CA GLY L 124 3.03 -27.24 4.44
C GLY L 124 2.79 -26.27 3.29
N ARG L 125 3.74 -25.34 3.14
CA ARG L 125 3.65 -24.32 2.12
C ARG L 125 4.58 -24.68 0.96
N VAL L 126 4.01 -24.79 -0.24
CA VAL L 126 4.77 -25.04 -1.46
C VAL L 126 4.52 -23.89 -2.41
N SER L 127 5.58 -23.18 -2.79
CA SER L 127 5.47 -22.03 -3.67
C SER L 127 4.48 -21.01 -3.12
N GLY L 128 4.45 -20.88 -1.80
CA GLY L 128 3.56 -19.93 -1.15
C GLY L 128 2.12 -20.38 -1.02
N VAL L 129 1.81 -21.63 -1.33
CA VAL L 129 0.46 -22.15 -1.27
C VAL L 129 0.41 -23.27 -0.25
N GLU L 130 -0.58 -23.24 0.62
CA GLU L 130 -0.75 -24.30 1.61
C GLU L 130 -1.29 -25.55 0.93
N CYS L 131 -0.53 -26.64 1.04
CA CYS L 131 -0.86 -27.87 0.36
C CYS L 131 -0.83 -29.04 1.35
N MET L 132 -1.60 -30.07 1.05
CA MET L 132 -1.59 -31.31 1.83
C MET L 132 -0.67 -32.31 1.15
N ILE L 133 0.30 -32.82 1.91
CA ILE L 133 1.34 -33.70 1.38
C ILE L 133 1.12 -35.10 1.92
N ILE L 134 1.08 -36.07 1.01
CA ILE L 134 0.86 -37.48 1.35
C ILE L 134 2.00 -38.27 0.74
N ALA L 135 2.92 -38.76 1.58
CA ALA L 135 4.09 -39.48 1.14
C ALA L 135 4.13 -40.87 1.76
N ASN L 136 4.29 -41.88 0.92
CA ASN L 136 4.48 -43.23 1.40
C ASN L 136 5.89 -43.41 1.95
N ASP L 137 6.01 -44.19 3.02
CA ASP L 137 7.30 -44.47 3.63
C ASP L 137 7.75 -45.86 3.19
N ALA L 138 8.60 -45.92 2.18
CA ALA L 138 9.04 -47.20 1.62
C ALA L 138 9.88 -48.00 2.61
N THR L 139 10.47 -47.35 3.62
CA THR L 139 11.30 -48.08 4.56
C THR L 139 10.47 -48.96 5.48
N VAL L 140 9.19 -48.63 5.64
CA VAL L 140 8.31 -49.35 6.55
C VAL L 140 7.57 -50.43 5.75
N LYS L 141 7.95 -51.68 5.97
CA LYS L 141 7.28 -52.82 5.33
C LYS L 141 7.24 -52.65 3.81
N GLY L 142 8.28 -52.05 3.26
CA GLY L 142 8.34 -51.82 1.83
C GLY L 142 7.23 -50.95 1.29
N GLY L 143 6.60 -50.14 2.13
CA GLY L 143 5.52 -49.28 1.69
C GLY L 143 4.18 -49.95 1.52
N ALA L 144 3.97 -51.10 2.15
CA ALA L 144 2.69 -51.78 2.05
C ALA L 144 1.60 -50.99 2.76
N TYR L 145 0.36 -51.19 2.32
CA TYR L 145 -0.79 -50.47 2.88
C TYR L 145 -1.46 -51.35 3.93
N TYR L 146 -1.21 -51.05 5.20
CA TYR L 146 -1.93 -51.66 6.30
C TYR L 146 -3.28 -50.98 6.47
N PRO L 147 -4.21 -51.61 7.18
CA PRO L 147 -5.53 -50.99 7.35
C PRO L 147 -5.46 -49.59 7.92
N VAL L 148 -4.54 -49.34 8.86
CA VAL L 148 -4.38 -48.00 9.40
C VAL L 148 -3.84 -47.05 8.33
N THR L 149 -2.98 -47.57 7.44
CA THR L 149 -2.43 -46.72 6.39
C THR L 149 -3.52 -46.13 5.53
N VAL L 150 -4.51 -46.94 5.15
CA VAL L 150 -5.63 -46.43 4.37
C VAL L 150 -6.41 -45.38 5.15
N LYS L 151 -6.68 -45.64 6.43
CA LYS L 151 -7.44 -44.69 7.22
C LYS L 151 -6.71 -43.36 7.35
N LYS L 152 -5.40 -43.40 7.60
CA LYS L 152 -4.65 -42.16 7.71
C LYS L 152 -4.70 -41.36 6.42
N GLN L 153 -4.54 -42.03 5.27
CA GLN L 153 -4.61 -41.33 3.99
C GLN L 153 -6.00 -40.74 3.77
N LEU L 154 -7.05 -41.51 4.06
CA LEU L 154 -8.40 -41.01 3.86
C LEU L 154 -8.67 -39.79 4.73
N ARG L 155 -8.17 -39.79 5.96
CA ARG L 155 -8.31 -38.61 6.81
C ARG L 155 -7.59 -37.42 6.20
N ALA L 156 -6.40 -37.63 5.65
CA ALA L 156 -5.67 -36.54 5.00
C ALA L 156 -6.44 -35.99 3.82
N GLN L 157 -7.00 -36.88 2.99
CA GLN L 157 -7.81 -36.42 1.86
C GLN L 157 -9.04 -35.66 2.32
N GLU L 158 -9.67 -36.13 3.40
CA GLU L 158 -10.84 -35.43 3.94
C GLU L 158 -10.49 -34.02 4.38
N ILE L 159 -9.34 -33.85 5.04
CA ILE L 159 -8.93 -32.52 5.47
C ILE L 159 -8.70 -31.61 4.27
N ALA L 160 -8.05 -32.13 3.22
CA ALA L 160 -7.77 -31.31 2.04
C ALA L 160 -9.07 -30.87 1.36
N MET L 161 -10.03 -31.79 1.23
CA MET L 161 -11.28 -31.44 0.57
C MET L 161 -12.04 -30.37 1.33
N GLN L 162 -12.12 -30.49 2.65
CA GLN L 162 -12.90 -29.53 3.44
C GLN L 162 -12.27 -28.15 3.42
N ASN L 163 -10.94 -28.08 3.33
CA ASN L 163 -10.23 -26.81 3.37
C ASN L 163 -9.71 -26.38 2.01
N ARG L 164 -10.03 -27.12 0.96
CA ARG L 164 -9.60 -26.79 -0.40
C ARG L 164 -8.08 -26.66 -0.49
N LEU L 165 -7.40 -27.70 -0.03
CA LEU L 165 -5.94 -27.69 -0.10
C LEU L 165 -5.46 -28.60 -1.21
N PRO L 166 -4.62 -28.12 -2.12
CA PRO L 166 -4.09 -29.00 -3.16
C PRO L 166 -3.36 -30.19 -2.54
N CYS L 167 -3.52 -31.35 -3.17
CA CYS L 167 -2.98 -32.60 -2.67
C CYS L 167 -1.76 -33.00 -3.49
N ILE L 168 -0.67 -33.32 -2.81
CA ILE L 168 0.57 -33.78 -3.45
C ILE L 168 0.87 -35.17 -2.93
N TYR L 169 0.94 -36.14 -3.83
CA TYR L 169 1.19 -37.53 -3.48
C TYR L 169 2.61 -37.90 -3.89
N LEU L 170 3.45 -38.18 -2.91
CA LEU L 170 4.79 -38.72 -3.16
C LEU L 170 4.69 -40.24 -3.11
N VAL L 171 4.45 -40.85 -4.27
CA VAL L 171 4.05 -42.25 -4.35
C VAL L 171 5.30 -43.12 -4.35
N ASP L 172 5.45 -43.92 -3.31
CA ASP L 172 6.41 -45.02 -3.27
C ASP L 172 5.83 -46.12 -2.40
N SER L 173 5.14 -47.08 -3.02
CA SER L 173 4.32 -48.04 -2.30
C SER L 173 4.52 -49.45 -2.84
N GLY L 174 4.22 -50.43 -1.99
CA GLY L 174 4.27 -51.83 -2.34
C GLY L 174 2.94 -52.53 -2.46
N GLY L 175 1.83 -51.79 -2.51
CA GLY L 175 0.53 -52.39 -2.61
C GLY L 175 -0.10 -52.74 -1.29
N ALA L 176 -1.24 -53.40 -1.37
CA ALA L 176 -2.00 -53.76 -0.17
C ALA L 176 -1.33 -54.90 0.58
N TYR L 177 -1.57 -54.94 1.88
CA TYR L 177 -1.03 -56.00 2.74
C TYR L 177 -2.01 -57.17 2.71
N LEU L 178 -1.65 -58.22 1.98
CA LEU L 178 -2.59 -59.32 1.75
C LEU L 178 -3.12 -59.97 3.02
N PRO L 179 -2.31 -60.24 4.05
CA PRO L 179 -2.87 -60.93 5.23
C PRO L 179 -4.04 -60.21 5.86
N ARG L 180 -4.25 -58.93 5.56
CA ARG L 180 -5.34 -58.14 6.10
C ARG L 180 -6.15 -57.50 5.00
N GLN L 181 -6.32 -58.21 3.88
CA GLN L 181 -7.02 -57.63 2.74
C GLN L 181 -8.46 -57.30 3.06
N ALA L 182 -9.11 -58.12 3.88
CA ALA L 182 -10.51 -57.91 4.20
C ALA L 182 -10.76 -56.55 4.85
N ASP L 183 -9.74 -55.95 5.46
CA ASP L 183 -9.85 -54.64 6.08
C ASP L 183 -9.23 -53.52 5.25
N VAL L 184 -8.92 -53.80 3.98
CA VAL L 184 -8.27 -52.82 3.12
C VAL L 184 -9.07 -52.59 1.84
N PHE L 185 -9.45 -53.67 1.18
CA PHE L 185 -10.06 -53.61 -0.15
C PHE L 185 -11.55 -53.27 -0.17
N PRO L 186 -12.40 -54.03 0.53
CA PRO L 186 -13.81 -54.11 0.11
C PRO L 186 -14.67 -52.89 0.43
N ASP L 187 -14.59 -52.36 1.64
CA ASP L 187 -15.64 -51.50 2.16
C ASP L 187 -15.55 -50.09 1.57
N ARG L 188 -16.54 -49.26 1.92
CA ARG L 188 -16.59 -47.90 1.40
C ARG L 188 -15.39 -47.08 1.85
N ASP L 189 -15.00 -47.19 3.12
CA ASP L 189 -13.86 -46.45 3.64
C ASP L 189 -12.57 -47.24 3.52
N HIS L 190 -12.51 -48.15 2.55
CA HIS L 190 -11.31 -48.94 2.30
C HIS L 190 -10.56 -48.34 1.11
N PHE L 191 -9.54 -49.05 0.62
CA PHE L 191 -8.61 -48.47 -0.34
C PHE L 191 -9.31 -47.83 -1.52
N GLY L 192 -10.39 -48.45 -2.00
CA GLY L 192 -11.07 -47.90 -3.17
C GLY L 192 -11.50 -46.46 -3.00
N ARG L 193 -11.80 -46.05 -1.76
CA ARG L 193 -12.24 -44.68 -1.52
C ARG L 193 -11.16 -43.65 -1.85
N THR L 194 -9.89 -44.06 -1.89
CA THR L 194 -8.82 -43.12 -2.19
C THR L 194 -8.98 -42.52 -3.57
N PHE L 195 -9.28 -43.37 -4.57
CA PHE L 195 -9.47 -42.86 -5.92
C PHE L 195 -10.75 -42.05 -6.05
N TYR L 196 -11.79 -42.44 -5.31
CA TYR L 196 -13.02 -41.66 -5.31
C TYR L 196 -12.77 -40.24 -4.82
N ASN L 197 -11.96 -40.10 -3.77
CA ASN L 197 -11.65 -38.76 -3.25
C ASN L 197 -10.89 -37.94 -4.29
N GLN L 198 -9.94 -38.56 -4.99
CA GLN L 198 -9.19 -37.84 -6.01
C GLN L 198 -10.11 -37.30 -7.09
N ALA L 199 -11.01 -38.14 -7.59
CA ALA L 199 -11.91 -37.70 -8.66
C ALA L 199 -12.82 -36.56 -8.19
N ILE L 200 -13.35 -36.66 -6.98
CA ILE L 200 -14.25 -35.62 -6.49
C ILE L 200 -13.49 -34.31 -6.30
N MET L 201 -12.31 -34.37 -5.69
CA MET L 201 -11.51 -33.15 -5.51
C MET L 201 -11.15 -32.53 -6.85
N SER L 202 -10.81 -33.36 -7.84
CA SER L 202 -10.48 -32.83 -9.16
C SER L 202 -11.66 -32.08 -9.76
N SER L 203 -12.87 -32.62 -9.61
CA SER L 203 -14.05 -31.97 -10.17
C SER L 203 -14.33 -30.64 -9.49
N LYS L 204 -13.77 -30.42 -8.31
CA LYS L 204 -13.96 -29.17 -7.58
C LYS L 204 -12.83 -28.18 -7.78
N ASN L 205 -11.89 -28.50 -8.66
CA ASN L 205 -10.74 -27.62 -8.94
C ASN L 205 -9.76 -27.60 -7.78
N ILE L 206 -9.68 -28.68 -7.02
CA ILE L 206 -8.65 -28.85 -6.00
C ILE L 206 -7.56 -29.72 -6.61
N ALA L 207 -6.44 -29.09 -6.94
CA ALA L 207 -5.43 -29.75 -7.76
C ALA L 207 -4.94 -31.04 -7.12
N GLN L 208 -4.76 -32.06 -7.94
CA GLN L 208 -4.19 -33.34 -7.52
C GLN L 208 -2.90 -33.57 -8.30
N ILE L 209 -1.78 -33.63 -7.59
CA ILE L 209 -0.46 -33.79 -8.19
C ILE L 209 0.17 -35.06 -7.62
N ALA L 210 0.61 -35.94 -8.51
CA ALA L 210 1.24 -37.20 -8.14
C ALA L 210 2.70 -37.20 -8.56
N VAL L 211 3.58 -37.56 -7.64
CA VAL L 211 5.00 -37.66 -7.90
C VAL L 211 5.41 -39.11 -7.67
N VAL L 212 5.60 -39.84 -8.76
CA VAL L 212 5.97 -41.26 -8.69
C VAL L 212 7.47 -41.34 -8.47
N MET L 213 7.88 -41.55 -7.21
CA MET L 213 9.29 -41.63 -6.85
C MET L 213 9.69 -43.06 -6.52
N GLY L 214 8.94 -44.03 -7.05
CA GLY L 214 9.20 -45.41 -6.76
C GLY L 214 8.22 -46.30 -7.49
N SER L 215 8.07 -47.52 -6.98
CA SER L 215 7.16 -48.48 -7.58
C SER L 215 5.73 -48.26 -7.09
N CYS L 216 4.79 -48.37 -8.02
CA CYS L 216 3.36 -48.35 -7.71
C CYS L 216 2.69 -49.41 -8.55
N THR L 217 2.00 -50.33 -7.89
CA THR L 217 1.47 -51.53 -8.53
C THR L 217 0.00 -51.71 -8.19
N ALA L 218 -0.74 -52.34 -9.11
CA ALA L 218 -2.16 -52.64 -8.93
C ALA L 218 -2.89 -51.33 -8.64
N GLY L 219 -3.53 -51.16 -7.49
CA GLY L 219 -4.23 -49.91 -7.23
C GLY L 219 -3.32 -48.71 -7.24
N GLY L 220 -2.06 -48.90 -6.81
CA GLY L 220 -1.14 -47.78 -6.77
C GLY L 220 -0.96 -47.11 -8.12
N ALA L 221 -0.97 -47.90 -9.20
CA ALA L 221 -0.79 -47.33 -10.53
C ALA L 221 -1.92 -46.36 -10.88
N TYR L 222 -3.06 -46.48 -10.22
CA TYR L 222 -4.19 -45.58 -10.50
C TYR L 222 -3.91 -44.18 -10.00
N VAL L 223 -3.17 -44.05 -8.90
CA VAL L 223 -2.94 -42.73 -8.31
C VAL L 223 -2.30 -41.78 -9.32
N PRO L 224 -1.20 -42.11 -9.98
CA PRO L 224 -0.68 -41.20 -11.02
C PRO L 224 -1.65 -41.01 -12.17
N ALA L 225 -2.46 -42.02 -12.47
CA ALA L 225 -3.41 -41.90 -13.58
C ALA L 225 -4.56 -40.96 -13.22
N MET L 226 -4.98 -40.96 -11.95
CA MET L 226 -6.09 -40.13 -11.52
C MET L 226 -5.70 -38.68 -11.30
N ALA L 227 -4.40 -38.37 -11.26
CA ALA L 227 -3.96 -37.02 -10.94
C ALA L 227 -4.12 -36.09 -12.14
N ASP L 228 -4.30 -34.80 -11.83
CA ASP L 228 -4.38 -33.79 -12.89
C ASP L 228 -3.04 -33.64 -13.59
N GLU L 229 -1.94 -33.54 -12.84
CA GLU L 229 -0.60 -33.50 -13.39
C GLU L 229 0.25 -34.53 -12.67
N ASN L 230 1.17 -35.15 -13.40
CA ASN L 230 1.89 -36.32 -12.90
C ASN L 230 3.37 -36.18 -13.22
N ILE L 231 4.21 -36.58 -12.27
CA ILE L 231 5.66 -36.53 -12.39
C ILE L 231 6.22 -37.89 -12.01
N ILE L 232 7.14 -38.40 -12.83
CA ILE L 232 7.73 -39.72 -12.64
C ILE L 232 9.24 -39.61 -12.78
N VAL L 233 9.97 -40.29 -11.90
CA VAL L 233 11.43 -40.29 -11.94
C VAL L 233 11.90 -41.30 -12.99
N ARG L 234 13.11 -41.08 -13.50
CA ARG L 234 13.57 -41.80 -14.69
C ARG L 234 13.53 -43.30 -14.49
N LYS L 235 14.18 -43.79 -13.43
CA LYS L 235 14.30 -45.23 -13.23
C LYS L 235 13.61 -45.74 -11.98
N GLN L 236 13.50 -44.92 -10.93
CA GLN L 236 12.84 -45.35 -9.72
C GLN L 236 11.35 -45.60 -9.95
N GLY L 237 10.70 -44.73 -10.71
CA GLY L 237 9.25 -44.82 -10.89
C GLY L 237 8.81 -45.90 -11.84
N THR L 238 7.91 -46.77 -11.37
CA THR L 238 7.32 -47.82 -12.19
C THR L 238 5.81 -47.82 -11.97
N ILE L 239 5.06 -47.89 -13.06
CA ILE L 239 3.60 -47.89 -13.02
C ILE L 239 3.09 -49.02 -13.90
N PHE L 240 2.24 -49.88 -13.33
CA PHE L 240 1.64 -50.97 -14.08
C PHE L 240 0.45 -51.51 -13.32
N LEU L 241 -0.65 -51.75 -14.02
CA LEU L 241 -1.82 -52.36 -13.39
C LEU L 241 -1.49 -53.74 -12.86
N ALA L 242 -0.79 -54.54 -13.67
CA ALA L 242 -0.38 -55.89 -13.27
C ALA L 242 1.14 -55.94 -13.22
N GLY L 243 1.68 -56.39 -12.08
CA GLY L 243 3.10 -56.49 -11.92
C GLY L 243 3.70 -57.62 -12.73
N PRO L 244 5.01 -57.62 -12.83
CA PRO L 244 5.70 -58.68 -13.58
C PRO L 244 5.32 -60.06 -13.07
N PRO L 245 5.23 -60.24 -11.75
CA PRO L 245 4.81 -61.57 -11.24
C PRO L 245 3.46 -62.01 -11.77
N LEU L 246 2.49 -61.10 -11.88
CA LEU L 246 1.19 -61.48 -12.42
C LEU L 246 1.27 -61.71 -13.92
N VAL L 247 2.06 -60.90 -14.62
CA VAL L 247 2.21 -61.08 -16.06
C VAL L 247 2.77 -62.45 -16.38
N LYS L 248 3.79 -62.88 -15.64
CA LYS L 248 4.36 -64.20 -15.89
C LYS L 248 3.35 -65.31 -15.63
N ALA L 249 2.61 -65.21 -14.52
CA ALA L 249 1.63 -66.23 -14.20
C ALA L 249 0.51 -66.28 -15.23
N ALA L 250 0.03 -65.10 -15.65
CA ALA L 250 -1.11 -65.06 -16.57
C ALA L 250 -0.69 -65.43 -17.99
N THR L 251 0.46 -64.94 -18.45
CA THR L 251 0.88 -65.13 -19.83
C THR L 251 2.25 -65.78 -19.97
N GLY L 252 2.93 -66.09 -18.88
CA GLY L 252 4.22 -66.76 -18.98
C GLY L 252 5.28 -65.96 -19.69
N GLU L 253 5.36 -64.65 -19.41
CA GLU L 253 6.36 -63.77 -20.00
C GLU L 253 7.18 -63.13 -18.90
N GLU L 254 8.49 -63.08 -19.11
CA GLU L 254 9.42 -62.47 -18.16
C GLU L 254 9.79 -61.08 -18.66
N VAL L 255 9.41 -60.05 -17.89
CA VAL L 255 9.71 -58.68 -18.24
C VAL L 255 10.09 -57.92 -16.98
N SER L 256 11.09 -57.05 -17.08
CA SER L 256 11.51 -56.25 -15.94
C SER L 256 10.48 -55.17 -15.63
N ALA L 257 10.51 -54.69 -14.39
CA ALA L 257 9.56 -53.66 -13.99
C ALA L 257 9.75 -52.38 -14.79
N GLU L 258 11.00 -52.01 -15.07
CA GLU L 258 11.25 -50.81 -15.85
C GLU L 258 10.66 -50.92 -17.25
N ASP L 259 10.83 -52.07 -17.89
CA ASP L 259 10.26 -52.24 -19.23
C ASP L 259 8.74 -52.25 -19.19
N LEU L 260 8.15 -52.96 -18.22
CA LEU L 260 6.70 -52.96 -18.09
C LEU L 260 6.18 -51.57 -17.76
N GLY L 261 6.84 -50.87 -16.84
CA GLY L 261 6.48 -49.50 -16.51
C GLY L 261 7.59 -48.54 -16.89
N GLY L 262 8.16 -47.87 -15.91
CA GLY L 262 9.28 -46.99 -16.19
C GLY L 262 8.85 -45.64 -16.71
N ALA L 263 9.69 -44.63 -16.44
CA ALA L 263 9.39 -43.28 -16.89
C ALA L 263 9.37 -43.18 -18.41
N ASP L 264 10.34 -43.81 -19.07
CA ASP L 264 10.44 -43.68 -20.53
C ASP L 264 9.22 -44.24 -21.23
N LEU L 265 8.75 -45.42 -20.80
CA LEU L 265 7.57 -46.00 -21.43
C LEU L 265 6.35 -45.11 -21.23
N HIS L 266 6.11 -44.66 -19.99
CA HIS L 266 4.94 -43.85 -19.71
C HIS L 266 5.11 -42.43 -20.24
N CYS L 267 6.30 -41.85 -20.08
CA CYS L 267 6.54 -40.49 -20.55
C CYS L 267 6.41 -40.38 -22.06
N ARG L 268 6.98 -41.34 -22.80
CA ARG L 268 7.13 -41.21 -24.24
C ARG L 268 6.18 -42.09 -25.04
N LYS L 269 5.75 -43.23 -24.50
CA LYS L 269 4.92 -44.16 -25.26
C LYS L 269 3.51 -44.27 -24.69
N SER L 270 3.37 -44.60 -23.40
CA SER L 270 2.03 -44.72 -22.82
C SER L 270 1.38 -43.34 -22.67
N GLY L 271 2.19 -42.31 -22.40
CA GLY L 271 1.66 -40.99 -22.16
C GLY L 271 1.08 -40.76 -20.79
N VAL L 272 1.23 -41.73 -19.88
CA VAL L 272 0.69 -41.57 -18.54
C VAL L 272 1.44 -40.50 -17.76
N SER L 273 2.67 -40.21 -18.15
CA SER L 273 3.53 -39.28 -17.42
C SER L 273 3.46 -37.90 -18.07
N ASP L 274 3.24 -36.88 -17.24
CA ASP L 274 3.20 -35.51 -17.75
C ASP L 274 4.57 -34.84 -17.66
N HIS L 275 5.39 -35.22 -16.70
CA HIS L 275 6.74 -34.68 -16.57
C HIS L 275 7.71 -35.82 -16.28
N TRP L 276 8.93 -35.66 -16.76
CA TRP L 276 9.99 -36.67 -16.63
C TRP L 276 11.12 -36.08 -15.81
N ALA L 277 11.52 -36.78 -14.75
CA ALA L 277 12.48 -36.28 -13.79
C ALA L 277 13.70 -37.19 -13.73
N LEU L 278 14.88 -36.57 -13.60
CA LEU L 278 16.12 -37.34 -13.55
C LEU L 278 16.27 -38.06 -12.22
N ASP L 279 16.02 -37.36 -11.10
CA ASP L 279 16.17 -37.94 -9.78
C ASP L 279 15.14 -37.32 -8.85
N ASP L 280 15.25 -37.66 -7.57
CA ASP L 280 14.29 -37.17 -6.58
C ASP L 280 14.38 -35.65 -6.45
N HIS L 281 15.58 -35.10 -6.44
CA HIS L 281 15.72 -33.64 -6.35
C HIS L 281 15.07 -32.95 -7.53
N HIS L 282 15.28 -33.48 -8.74
CA HIS L 282 14.64 -32.90 -9.91
C HIS L 282 13.12 -33.00 -9.82
N ALA L 283 12.61 -34.14 -9.38
CA ALA L 283 11.17 -34.32 -9.28
C ALA L 283 10.56 -33.31 -8.31
N LEU L 284 11.19 -33.13 -7.15
CA LEU L 284 10.68 -32.16 -6.18
C LEU L 284 10.75 -30.74 -6.75
N HIS L 285 11.82 -30.42 -7.48
CA HIS L 285 11.91 -29.11 -8.11
C HIS L 285 10.78 -28.90 -9.11
N LEU L 286 10.48 -29.94 -9.92
CA LEU L 286 9.38 -29.84 -10.86
C LEU L 286 8.05 -29.67 -10.14
N THR L 287 7.86 -30.37 -9.02
CA THR L 287 6.60 -30.26 -8.28
C THR L 287 6.35 -28.83 -7.84
N ARG L 288 7.38 -28.13 -7.39
CA ARG L 288 7.21 -26.75 -6.97
C ARG L 288 6.79 -25.87 -8.14
N LYS L 289 7.32 -26.14 -9.34
CA LYS L 289 6.90 -25.39 -10.51
C LYS L 289 5.43 -25.64 -10.84
N VAL L 290 4.98 -26.88 -10.70
CA VAL L 290 3.59 -27.21 -11.03
C VAL L 290 2.64 -26.45 -10.12
N VAL L 291 2.95 -26.39 -8.82
CA VAL L 291 2.08 -25.69 -7.89
C VAL L 291 2.03 -24.20 -8.20
N ARG L 292 3.16 -23.63 -8.64
CA ARG L 292 3.19 -22.21 -8.95
C ARG L 292 2.32 -21.85 -10.15
N ASN L 293 1.93 -22.82 -10.97
CA ASN L 293 1.13 -22.58 -12.15
C ASN L 293 -0.35 -22.86 -11.91
N LEU L 294 -0.74 -23.09 -10.67
CA LEU L 294 -2.14 -23.37 -10.34
C LEU L 294 -3.04 -22.15 -10.50
N ASN L 295 -2.46 -20.95 -10.55
CA ASN L 295 -3.24 -19.72 -10.72
C ASN L 295 -4.23 -19.54 -9.57
N TYR L 296 -3.75 -19.80 -8.36
CA TYR L 296 -4.56 -19.69 -7.15
C TYR L 296 -4.00 -18.59 -6.25
N GLN L 297 -4.90 -17.79 -5.68
CA GLN L 297 -4.54 -16.77 -4.70
C GLN L 297 -5.49 -16.88 -3.52
N LYS L 298 -4.93 -16.90 -2.32
CA LYS L 298 -5.75 -17.06 -1.11
C LYS L 298 -6.50 -15.78 -0.79
N LYS L 299 -7.78 -15.91 -0.51
CA LYS L 299 -8.63 -14.79 -0.11
C LYS L 299 -9.27 -15.09 1.24
N LEU L 300 -9.31 -14.09 2.11
CA LEU L 300 -9.82 -14.24 3.47
C LEU L 300 -11.22 -13.66 3.57
N ASP L 301 -12.13 -14.40 4.18
CA ASP L 301 -13.49 -13.94 4.42
C ASP L 301 -13.66 -13.26 5.77
N VAL L 302 -12.63 -13.27 6.62
CA VAL L 302 -12.75 -12.80 7.99
C VAL L 302 -11.93 -11.52 8.15
N THR L 303 -12.36 -10.68 9.09
CA THR L 303 -11.59 -9.51 9.45
C THR L 303 -10.29 -9.91 10.14
N ILE L 304 -9.26 -9.10 9.95
CA ILE L 304 -7.93 -9.39 10.46
C ILE L 304 -7.42 -8.20 11.26
N GLU L 305 -6.72 -8.49 12.34
CA GLU L 305 -6.08 -7.50 13.19
C GLU L 305 -4.64 -7.92 13.46
N PRO L 306 -3.76 -6.98 13.74
CA PRO L 306 -2.36 -7.33 13.98
C PRO L 306 -2.22 -8.31 15.12
N SER L 307 -1.30 -9.25 14.96
CA SER L 307 -1.10 -10.30 15.95
C SER L 307 -0.39 -9.77 17.19
N GLU L 308 -0.60 -10.46 18.32
CA GLU L 308 0.07 -10.16 19.56
C GLU L 308 0.30 -11.45 20.32
N GLU L 309 1.42 -11.52 21.04
CA GLU L 309 1.71 -12.70 21.84
C GLU L 309 0.91 -12.66 23.14
N PRO L 310 0.60 -13.83 23.69
CA PRO L 310 -0.10 -13.87 24.99
C PRO L 310 0.77 -13.27 26.09
N LEU L 311 0.11 -12.73 27.11
CA LEU L 311 0.79 -12.04 28.19
C LEU L 311 1.43 -12.99 29.20
N PHE L 312 1.22 -14.29 29.06
CA PHE L 312 1.77 -15.25 30.01
C PHE L 312 2.51 -16.36 29.27
N PRO L 313 3.56 -16.91 29.87
CA PRO L 313 4.30 -17.99 29.21
C PRO L 313 3.44 -19.23 29.01
N ALA L 314 3.70 -19.95 27.92
CA ALA L 314 2.93 -21.16 27.63
C ALA L 314 3.34 -22.31 28.54
N ASP L 315 4.63 -22.41 28.88
CA ASP L 315 5.09 -23.54 29.68
C ASP L 315 4.47 -23.55 31.07
N GLU L 316 3.90 -22.44 31.53
CA GLU L 316 3.18 -22.45 32.80
C GLU L 316 1.99 -23.39 32.78
N LEU L 317 1.51 -23.75 31.58
CA LEU L 317 0.39 -24.68 31.48
C LEU L 317 0.72 -26.02 32.12
N TYR L 318 2.01 -26.37 32.20
CA TYR L 318 2.39 -27.62 32.85
C TYR L 318 1.98 -27.63 34.31
N GLY L 319 2.34 -26.57 35.05
CA GLY L 319 1.98 -26.50 36.45
C GLY L 319 0.49 -26.33 36.67
N ILE L 320 -0.17 -25.56 35.80
CA ILE L 320 -1.59 -25.28 36.00
C ILE L 320 -2.43 -26.53 35.82
N VAL L 321 -2.15 -27.32 34.79
CA VAL L 321 -2.99 -28.44 34.40
C VAL L 321 -2.55 -29.74 35.06
N GLY L 322 -1.26 -30.07 34.97
CA GLY L 322 -0.81 -31.32 35.54
C GLY L 322 -1.32 -32.53 34.76
N ALA L 323 -1.31 -33.67 35.45
CA ALA L 323 -1.73 -34.94 34.86
C ALA L 323 -2.86 -35.63 35.63
N ASN L 324 -3.33 -35.03 36.71
CA ASN L 324 -4.40 -35.62 37.53
C ASN L 324 -5.73 -35.01 37.10
N LEU L 325 -6.59 -35.84 36.48
CA LEU L 325 -7.87 -35.36 36.00
C LEU L 325 -8.87 -35.13 37.13
N LYS L 326 -8.66 -35.73 38.29
CA LYS L 326 -9.58 -35.51 39.41
C LYS L 326 -9.53 -34.08 39.90
N ARG L 327 -8.34 -33.48 39.96
CA ARG L 327 -8.23 -32.07 40.28
C ARG L 327 -8.80 -31.23 39.15
N SER L 328 -9.31 -30.05 39.51
CA SER L 328 -9.92 -29.13 38.57
C SER L 328 -9.12 -27.85 38.48
N PHE L 329 -9.14 -27.23 37.30
CA PHE L 329 -8.47 -25.96 37.07
C PHE L 329 -9.41 -25.04 36.30
N ASP L 330 -9.05 -23.77 36.24
CA ASP L 330 -9.85 -22.78 35.53
C ASP L 330 -9.43 -22.75 34.07
N VAL L 331 -10.38 -23.04 33.18
CA VAL L 331 -10.08 -23.04 31.75
C VAL L 331 -9.66 -21.66 31.28
N ARG L 332 -10.06 -20.61 31.98
CA ARG L 332 -9.65 -19.26 31.60
C ARG L 332 -8.13 -19.12 31.63
N GLU L 333 -7.47 -19.84 32.54
CA GLU L 333 -6.01 -19.81 32.58
C GLU L 333 -5.41 -20.37 31.31
N VAL L 334 -6.01 -21.44 30.77
CA VAL L 334 -5.55 -21.99 29.50
C VAL L 334 -5.77 -20.97 28.38
N ILE L 335 -6.94 -20.34 28.37
CA ILE L 335 -7.25 -19.36 27.33
C ILE L 335 -6.29 -18.18 27.40
N ALA L 336 -5.93 -17.76 28.62
CA ALA L 336 -5.09 -16.58 28.78
C ALA L 336 -3.72 -16.77 28.14
N ARG L 337 -3.31 -18.01 27.92
CA ARG L 337 -1.95 -18.30 27.45
C ARG L 337 -1.90 -18.74 25.99
N ILE L 338 -2.98 -18.60 25.23
CA ILE L 338 -2.97 -18.94 23.81
C ILE L 338 -3.55 -17.85 22.92
N VAL L 339 -4.31 -16.91 23.44
CA VAL L 339 -4.97 -15.91 22.62
C VAL L 339 -4.09 -14.66 22.56
N ASP L 340 -4.30 -13.86 21.52
CA ASP L 340 -3.49 -12.66 21.30
C ASP L 340 -3.69 -11.69 22.46
N GLY L 341 -2.59 -11.29 23.10
CA GLY L 341 -2.63 -10.33 24.17
C GLY L 341 -3.42 -10.76 25.40
N SER L 342 -3.78 -12.03 25.49
CA SER L 342 -4.58 -12.53 26.61
C SER L 342 -5.86 -11.70 26.77
N ARG L 343 -6.45 -11.31 25.64
CA ARG L 343 -7.68 -10.54 25.62
C ARG L 343 -8.84 -11.46 25.29
N PHE L 344 -9.91 -11.36 26.07
CA PHE L 344 -11.04 -12.28 25.97
C PHE L 344 -12.31 -11.58 26.43
N THR L 345 -13.35 -11.65 25.60
CA THR L 345 -14.64 -11.03 25.90
C THR L 345 -15.63 -12.15 26.23
N GLU L 346 -15.86 -12.38 27.51
CA GLU L 346 -16.72 -13.46 27.94
C GLU L 346 -18.18 -13.12 27.67
N PHE L 347 -18.94 -14.14 27.28
CA PHE L 347 -20.35 -14.01 26.96
C PHE L 347 -21.18 -14.78 27.98
N LYS L 348 -22.15 -14.12 28.59
CA LYS L 348 -22.98 -14.72 29.64
C LYS L 348 -22.10 -15.31 30.75
N ALA L 349 -21.26 -14.44 31.32
CA ALA L 349 -20.25 -14.91 32.26
C ALA L 349 -20.86 -15.58 33.48
N PHE L 350 -21.93 -14.99 34.03
CA PHE L 350 -22.50 -15.47 35.28
C PHE L 350 -23.64 -16.45 35.09
N TYR L 351 -23.95 -16.84 33.87
CA TYR L 351 -25.03 -17.78 33.58
C TYR L 351 -24.43 -19.07 33.04
N GLY L 352 -24.78 -20.18 33.66
CA GLY L 352 -24.20 -21.46 33.27
C GLY L 352 -22.69 -21.45 33.43
N ASP L 353 -22.21 -21.08 34.62
CA ASP L 353 -20.79 -20.81 34.80
C ASP L 353 -19.91 -22.03 34.56
N THR L 354 -20.49 -23.23 34.52
CA THR L 354 -19.68 -24.42 34.25
C THR L 354 -19.18 -24.45 32.82
N LEU L 355 -19.68 -23.57 31.95
CA LEU L 355 -19.23 -23.45 30.58
C LEU L 355 -18.76 -22.03 30.33
N VAL L 356 -17.64 -21.89 29.62
CA VAL L 356 -17.04 -20.60 29.33
C VAL L 356 -17.06 -20.39 27.84
N THR L 357 -17.62 -19.25 27.40
CA THR L 357 -17.69 -18.88 26.00
C THR L 357 -17.34 -17.41 25.86
N GLY L 358 -16.63 -17.06 24.79
CA GLY L 358 -16.26 -15.68 24.58
C GLY L 358 -15.55 -15.51 23.26
N PHE L 359 -15.26 -14.26 22.93
CA PHE L 359 -14.62 -13.89 21.67
C PHE L 359 -13.17 -13.50 21.92
N ALA L 360 -12.27 -14.03 21.09
CA ALA L 360 -10.86 -13.72 21.19
C ALA L 360 -10.27 -13.74 19.78
N ARG L 361 -8.95 -13.59 19.70
CA ARG L 361 -8.24 -13.61 18.44
C ARG L 361 -6.94 -14.38 18.57
N ILE L 362 -6.66 -15.24 17.59
CA ILE L 362 -5.44 -16.02 17.55
C ILE L 362 -4.71 -15.66 16.25
N PHE L 363 -3.50 -15.10 16.39
CA PHE L 363 -2.72 -14.67 15.24
C PHE L 363 -3.51 -13.70 14.36
N GLY L 364 -4.40 -12.92 14.98
CA GLY L 364 -5.21 -11.97 14.27
C GLY L 364 -6.52 -12.51 13.75
N TYR L 365 -6.74 -13.82 13.81
CA TYR L 365 -8.00 -14.40 13.37
C TYR L 365 -9.05 -14.30 14.47
N PRO L 366 -10.30 -14.00 14.12
CA PRO L 366 -11.37 -14.01 15.13
C PRO L 366 -11.84 -15.43 15.41
N VAL L 367 -11.95 -15.76 16.70
CA VAL L 367 -12.32 -17.10 17.12
C VAL L 367 -13.31 -17.01 18.28
N GLY L 368 -14.33 -17.85 18.25
CA GLY L 368 -15.22 -18.05 19.38
C GLY L 368 -14.83 -19.32 20.12
N ILE L 369 -14.65 -19.18 21.43
CA ILE L 369 -14.08 -20.24 22.26
C ILE L 369 -15.17 -20.79 23.17
N VAL L 370 -15.29 -22.11 23.19
CA VAL L 370 -16.21 -22.81 24.08
C VAL L 370 -15.39 -23.82 24.87
N GLY L 371 -15.38 -23.67 26.20
CA GLY L 371 -14.59 -24.56 27.03
C GLY L 371 -15.31 -25.01 28.29
N ASN L 372 -15.09 -26.27 28.69
CA ASN L 372 -15.73 -26.81 29.87
C ASN L 372 -15.05 -26.30 31.13
N ASN L 373 -15.84 -26.06 32.17
CA ASN L 373 -15.33 -25.64 33.47
C ASN L 373 -16.06 -26.39 34.57
N GLY L 374 -16.49 -27.60 34.30
CA GLY L 374 -17.24 -28.38 35.26
C GLY L 374 -18.32 -29.18 34.57
N VAL L 375 -19.19 -29.75 35.40
CA VAL L 375 -20.29 -30.59 34.89
C VAL L 375 -21.24 -29.73 34.06
N LEU L 376 -21.74 -30.30 32.96
CA LEU L 376 -22.70 -29.60 32.13
C LEU L 376 -24.08 -29.59 32.78
N PHE L 377 -24.74 -28.45 32.73
CA PHE L 377 -26.08 -28.27 33.29
C PHE L 377 -27.03 -27.84 32.18
N SER L 378 -28.31 -27.70 32.54
CA SER L 378 -29.27 -27.17 31.59
C SER L 378 -28.92 -25.75 31.18
N GLU L 379 -28.51 -24.93 32.15
CA GLU L 379 -28.12 -23.56 31.84
C GLU L 379 -26.90 -23.52 30.94
N SER L 380 -25.93 -24.40 31.20
CA SER L 380 -24.72 -24.42 30.39
C SER L 380 -25.03 -24.77 28.94
N ALA L 381 -25.88 -25.78 28.73
CA ALA L 381 -26.23 -26.16 27.37
C ALA L 381 -26.95 -25.03 26.64
N LYS L 382 -27.91 -24.38 27.31
CA LYS L 382 -28.60 -23.25 26.71
C LYS L 382 -27.63 -22.13 26.36
N LYS L 383 -26.69 -21.84 27.28
CA LYS L 383 -25.70 -20.81 27.01
C LYS L 383 -24.84 -21.16 25.81
N GLY L 384 -24.42 -22.42 25.71
CA GLY L 384 -23.63 -22.84 24.55
C GLY L 384 -24.41 -22.75 23.25
N THR L 385 -25.67 -23.17 23.27
CA THR L 385 -26.48 -23.12 22.06
C THR L 385 -26.65 -21.69 21.57
N HIS L 386 -26.88 -20.75 22.50
CA HIS L 386 -27.00 -19.35 22.11
C HIS L 386 -25.71 -18.84 21.49
N PHE L 387 -24.56 -19.19 22.09
CA PHE L 387 -23.28 -18.68 21.60
C PHE L 387 -22.99 -19.18 20.19
N VAL L 388 -23.27 -20.47 19.93
CA VAL L 388 -22.95 -21.04 18.63
C VAL L 388 -23.72 -20.33 17.52
N GLN L 389 -24.97 -19.96 17.79
CA GLN L 389 -25.74 -19.22 16.80
C GLN L 389 -25.10 -17.87 16.50
N LEU L 390 -24.59 -17.20 17.54
CA LEU L 390 -23.93 -15.92 17.34
C LEU L 390 -22.72 -16.06 16.43
N CYS L 391 -21.87 -17.06 16.69
CA CYS L 391 -20.68 -17.24 15.86
C CYS L 391 -21.06 -17.60 14.43
N CYS L 392 -22.06 -18.45 14.26
CA CYS L 392 -22.48 -18.84 12.91
C CYS L 392 -23.04 -17.63 12.15
N GLN L 393 -23.78 -16.77 12.84
CA GLN L 393 -24.35 -15.60 12.18
C GLN L 393 -23.27 -14.68 11.63
N ARG L 394 -22.21 -14.47 12.40
CA ARG L 394 -21.14 -13.56 12.01
C ARG L 394 -20.00 -14.24 11.27
N ASN L 395 -20.10 -15.55 11.03
CA ASN L 395 -19.07 -16.29 10.30
C ASN L 395 -17.74 -16.26 11.04
N ILE L 396 -17.76 -16.64 12.30
CA ILE L 396 -16.59 -16.62 13.17
C ILE L 396 -16.18 -18.06 13.45
N PRO L 397 -14.92 -18.42 13.27
CA PRO L 397 -14.50 -19.80 13.57
C PRO L 397 -14.70 -20.14 15.03
N LEU L 398 -14.89 -21.43 15.30
CA LEU L 398 -15.19 -21.93 16.64
C LEU L 398 -14.08 -22.85 17.10
N LEU L 399 -13.65 -22.67 18.35
CA LEU L 399 -12.66 -23.53 18.99
C LEU L 399 -13.27 -24.12 20.25
N PHE L 400 -13.20 -25.44 20.38
CA PHE L 400 -13.75 -26.16 21.51
C PHE L 400 -12.62 -26.72 22.37
N LEU L 401 -12.70 -26.51 23.68
CA LEU L 401 -11.75 -27.04 24.63
C LEU L 401 -12.47 -28.03 25.53
N GLN L 402 -12.30 -29.31 25.27
CA GLN L 402 -13.03 -30.37 25.98
C GLN L 402 -12.27 -30.78 27.22
N ASN L 403 -12.85 -30.51 28.40
CA ASN L 403 -12.49 -31.17 29.64
C ASN L 403 -13.80 -31.45 30.37
N ILE L 404 -14.35 -32.61 30.12
CA ILE L 404 -15.68 -32.97 30.58
C ILE L 404 -15.59 -33.96 31.73
N THR L 405 -16.64 -33.99 32.55
CA THR L 405 -16.81 -34.99 33.58
C THR L 405 -18.22 -35.57 33.58
N GLY L 406 -19.03 -35.26 32.58
CA GLY L 406 -20.38 -35.79 32.46
C GLY L 406 -21.42 -34.69 32.53
N PHE L 407 -22.68 -35.13 32.51
CA PHE L 407 -23.84 -34.26 32.67
C PHE L 407 -24.33 -34.33 34.11
N MET L 408 -25.03 -33.28 34.53
CA MET L 408 -25.63 -33.28 35.85
C MET L 408 -26.67 -34.40 35.95
N VAL L 409 -26.63 -35.12 37.06
CA VAL L 409 -27.49 -36.28 37.28
C VAL L 409 -28.43 -35.94 38.44
N GLY L 410 -29.73 -36.07 38.19
CA GLY L 410 -30.72 -35.81 39.21
C GLY L 410 -32.11 -35.96 38.67
N ARG L 411 -33.03 -36.32 39.56
CA ARG L 411 -34.43 -36.48 39.16
C ARG L 411 -35.01 -35.16 38.68
N GLU L 412 -34.71 -34.06 39.38
CA GLU L 412 -35.22 -32.76 38.99
C GLU L 412 -34.70 -32.34 37.63
N TYR L 413 -33.41 -32.57 37.37
CA TYR L 413 -32.81 -32.14 36.11
C TYR L 413 -33.47 -32.83 34.92
N GLU L 414 -33.73 -34.14 35.04
CA GLU L 414 -34.44 -34.85 33.99
C GLU L 414 -35.85 -34.31 33.82
N ALA L 415 -36.52 -33.99 34.93
CA ALA L 415 -37.87 -33.45 34.84
C ALA L 415 -37.90 -32.12 34.11
N GLU L 416 -36.80 -31.36 34.18
CA GLU L 416 -36.70 -30.09 33.48
C GLU L 416 -36.11 -30.23 32.08
N GLY L 417 -35.93 -31.46 31.60
CA GLY L 417 -35.45 -31.69 30.25
C GLY L 417 -33.98 -31.38 30.03
N ILE L 418 -33.12 -31.88 30.91
CA ILE L 418 -31.68 -31.75 30.68
C ILE L 418 -31.30 -32.41 29.36
N ALA L 419 -31.88 -33.58 29.09
CA ALA L 419 -31.67 -34.22 27.78
C ALA L 419 -32.15 -33.32 26.66
N LYS L 420 -33.30 -32.67 26.85
CA LYS L 420 -33.79 -31.74 25.84
C LYS L 420 -32.82 -30.57 25.66
N ASP L 421 -32.19 -30.13 26.75
CA ASP L 421 -31.23 -29.05 26.66
C ASP L 421 -29.91 -29.52 26.04
N GLY L 422 -29.42 -30.68 26.49
CA GLY L 422 -28.19 -31.21 25.91
C GLY L 422 -28.32 -31.46 24.42
N ALA L 423 -29.49 -31.94 23.98
CA ALA L 423 -29.71 -32.16 22.55
C ALA L 423 -29.61 -30.86 21.78
N LYS L 424 -30.06 -29.75 22.38
CA LYS L 424 -30.00 -28.46 21.69
C LYS L 424 -28.58 -28.12 21.25
N MET L 425 -27.62 -28.28 22.17
CA MET L 425 -26.23 -27.98 21.83
C MET L 425 -25.72 -28.91 20.73
N VAL L 426 -26.07 -30.19 20.80
CA VAL L 426 -25.62 -31.14 19.79
C VAL L 426 -26.15 -30.76 18.42
N ALA L 427 -27.44 -30.41 18.34
CA ALA L 427 -28.02 -30.03 17.06
C ALA L 427 -27.36 -28.79 16.50
N ALA L 428 -27.13 -27.78 17.34
CA ALA L 428 -26.49 -26.56 16.86
C ALA L 428 -25.07 -26.80 16.41
N VAL L 429 -24.30 -27.58 17.18
CA VAL L 429 -22.89 -27.81 16.85
C VAL L 429 -22.78 -28.56 15.53
N ALA L 430 -23.66 -29.55 15.31
CA ALA L 430 -23.58 -30.34 14.09
C ALA L 430 -23.84 -29.48 12.85
N CYS L 431 -24.84 -28.60 12.92
CA CYS L 431 -25.22 -27.83 11.74
C CYS L 431 -24.29 -26.66 11.45
N ALA L 432 -23.49 -26.23 12.43
CA ALA L 432 -22.62 -25.08 12.23
C ALA L 432 -21.69 -25.32 11.05
N GLN L 433 -21.61 -24.32 10.16
CA GLN L 433 -20.78 -24.42 8.95
C GLN L 433 -19.49 -23.63 9.07
N VAL L 434 -19.25 -22.95 10.18
CA VAL L 434 -18.00 -22.24 10.38
C VAL L 434 -16.91 -23.28 10.68
N PRO L 435 -15.65 -22.98 10.39
CA PRO L 435 -14.59 -23.94 10.75
C PRO L 435 -14.58 -24.21 12.24
N LYS L 436 -14.43 -25.48 12.59
CA LYS L 436 -14.44 -25.91 13.98
C LYS L 436 -13.18 -26.72 14.27
N ILE L 437 -12.49 -26.37 15.35
CA ILE L 437 -11.32 -27.09 15.81
C ILE L 437 -11.55 -27.51 17.25
N THR L 438 -11.25 -28.77 17.56
CA THR L 438 -11.47 -29.33 18.89
C THR L 438 -10.14 -29.71 19.51
N LEU L 439 -9.96 -29.34 20.77
CA LEU L 439 -8.76 -29.66 21.53
C LEU L 439 -9.17 -30.26 22.87
N ILE L 440 -8.85 -31.53 23.07
CA ILE L 440 -9.19 -32.23 24.30
C ILE L 440 -8.04 -32.05 25.28
N ILE L 441 -8.27 -31.24 26.32
CA ILE L 441 -7.26 -30.97 27.33
C ILE L 441 -7.50 -31.77 28.60
N GLY L 442 -8.42 -32.73 28.57
CA GLY L 442 -8.75 -33.51 29.75
C GLY L 442 -9.68 -34.66 29.44
N GLY L 443 -10.66 -34.89 30.30
CA GLY L 443 -11.58 -35.98 30.09
C GLY L 443 -12.54 -35.71 28.94
N SER L 444 -13.00 -36.80 28.31
CA SER L 444 -13.98 -36.74 27.23
C SER L 444 -14.83 -38.00 27.33
N TYR L 445 -16.01 -37.87 27.93
CA TYR L 445 -16.82 -39.03 28.25
C TYR L 445 -18.26 -38.81 27.79
N GLY L 446 -18.92 -39.91 27.40
CA GLY L 446 -20.34 -39.94 27.12
C GLY L 446 -20.80 -38.87 26.16
N ALA L 447 -22.06 -38.46 26.33
CA ALA L 447 -22.67 -37.47 25.45
C ALA L 447 -22.01 -36.11 25.55
N GLY L 448 -21.24 -35.86 26.61
CA GLY L 448 -20.48 -34.61 26.68
C GLY L 448 -19.51 -34.47 25.54
N ASN L 449 -18.96 -35.60 25.07
CA ASN L 449 -18.08 -35.57 23.91
C ASN L 449 -18.83 -35.05 22.68
N TYR L 450 -20.06 -35.54 22.46
CA TYR L 450 -20.82 -35.10 21.29
C TYR L 450 -21.14 -33.61 21.36
N GLY L 451 -21.54 -33.14 22.55
CA GLY L 451 -21.93 -31.74 22.68
C GLY L 451 -20.79 -30.78 22.41
N MET L 452 -19.55 -31.20 22.65
CA MET L 452 -18.39 -30.34 22.47
C MET L 452 -17.62 -30.66 21.19
N CYS L 453 -18.33 -31.03 20.13
CA CYS L 453 -17.74 -31.25 18.81
C CYS L 453 -16.69 -32.36 18.86
N GLY L 454 -17.17 -33.57 19.09
CA GLY L 454 -16.34 -34.75 19.03
C GLY L 454 -15.94 -35.08 17.59
N ARG L 455 -15.21 -36.18 17.45
CA ARG L 455 -14.75 -36.60 16.13
C ARG L 455 -15.94 -36.85 15.20
N ALA L 456 -17.06 -37.34 15.75
CA ALA L 456 -18.21 -37.67 14.92
C ALA L 456 -18.87 -36.45 14.32
N TYR L 457 -18.54 -35.25 14.80
CA TYR L 457 -19.19 -34.03 14.36
C TYR L 457 -18.34 -33.22 13.39
N SER L 458 -17.33 -33.84 12.78
CA SER L 458 -16.55 -33.28 11.68
C SER L 458 -15.91 -31.94 12.00
N PRO L 459 -15.19 -31.81 13.11
CA PRO L 459 -14.32 -30.64 13.27
C PRO L 459 -13.20 -30.68 12.24
N ARG L 460 -12.76 -29.50 11.81
CA ARG L 460 -11.71 -29.45 10.81
C ARG L 460 -10.45 -30.17 11.31
N PHE L 461 -10.13 -29.99 12.59
CA PHE L 461 -9.01 -30.69 13.21
C PHE L 461 -9.41 -31.08 14.62
N LEU L 462 -8.80 -32.16 15.12
CA LEU L 462 -9.00 -32.59 16.50
C LEU L 462 -7.66 -32.97 17.10
N TYR L 463 -7.29 -32.31 18.20
CA TYR L 463 -6.04 -32.56 18.89
C TYR L 463 -6.31 -32.92 20.34
N ILE L 464 -5.36 -33.63 20.94
CA ILE L 464 -5.47 -34.07 22.32
C ILE L 464 -4.15 -33.84 23.02
N TRP L 465 -4.20 -33.40 24.27
CA TRP L 465 -3.02 -33.24 25.09
C TRP L 465 -2.58 -34.59 25.64
N PRO L 466 -1.32 -34.69 26.09
CA PRO L 466 -0.81 -36.00 26.52
C PRO L 466 -1.50 -36.57 27.74
N ASN L 467 -2.24 -35.76 28.49
CA ASN L 467 -2.90 -36.19 29.71
C ASN L 467 -4.37 -36.53 29.52
N ALA L 468 -4.87 -36.52 28.28
CA ALA L 468 -6.29 -36.68 28.04
C ALA L 468 -6.74 -38.12 28.24
N ARG L 469 -8.06 -38.29 28.36
CA ARG L 469 -8.70 -39.59 28.44
C ARG L 469 -10.05 -39.50 27.75
N ILE L 470 -10.37 -40.51 26.93
CA ILE L 470 -11.62 -40.54 26.18
C ILE L 470 -12.20 -41.94 26.23
N SER L 471 -13.50 -42.04 26.48
CA SER L 471 -14.21 -43.31 26.50
C SER L 471 -15.69 -43.02 26.67
N VAL L 472 -16.49 -44.08 26.57
CA VAL L 472 -17.94 -43.93 26.68
C VAL L 472 -18.31 -43.36 28.04
N MET L 473 -17.61 -43.78 29.09
CA MET L 473 -17.79 -43.23 30.42
C MET L 473 -16.46 -43.34 31.17
N GLY L 474 -16.38 -42.63 32.29
CA GLY L 474 -15.19 -42.74 33.12
C GLY L 474 -14.99 -44.16 33.60
N GLY L 475 -13.72 -44.54 33.74
CA GLY L 475 -13.42 -45.89 34.17
C GLY L 475 -14.05 -46.23 35.51
N GLU L 476 -14.04 -45.28 36.44
CA GLU L 476 -14.65 -45.51 37.74
C GLU L 476 -16.17 -45.71 37.62
N GLN L 477 -16.83 -44.90 36.80
CA GLN L 477 -18.28 -45.04 36.66
C GLN L 477 -18.65 -46.42 36.16
N ALA L 478 -17.94 -46.95 35.17
CA ALA L 478 -18.21 -48.30 34.69
C ALA L 478 -17.99 -49.32 35.79
N ALA L 479 -16.94 -49.14 36.59
CA ALA L 479 -16.69 -50.05 37.70
C ALA L 479 -17.80 -49.98 38.74
N ASN L 480 -18.15 -48.77 39.17
CA ASN L 480 -19.19 -48.61 40.16
C ASN L 480 -20.54 -49.12 39.66
N VAL L 481 -20.86 -48.83 38.39
CA VAL L 481 -22.14 -49.29 37.85
C VAL L 481 -22.22 -50.81 37.89
N LEU L 482 -21.15 -51.49 37.48
CA LEU L 482 -21.14 -52.95 37.53
C LEU L 482 -21.20 -53.44 38.97
N ALA L 483 -20.53 -52.75 39.89
CA ALA L 483 -20.60 -53.13 41.29
C ALA L 483 -22.03 -53.06 41.83
N THR L 484 -22.75 -51.99 41.49
CA THR L 484 -24.14 -51.87 41.92
C THR L 484 -25.01 -52.95 41.28
N ILE L 485 -24.82 -53.17 39.98
CA ILE L 485 -25.66 -54.14 39.27
C ILE L 485 -25.44 -55.54 39.81
N THR L 486 -24.17 -55.95 39.93
CA THR L 486 -23.87 -57.29 40.42
C THR L 486 -24.34 -57.47 41.86
N LYS L 487 -24.15 -56.45 42.71
CA LYS L 487 -24.57 -56.57 44.10
C LYS L 487 -26.06 -56.80 44.21
N ASP L 488 -26.86 -56.04 43.45
CA ASP L 488 -28.31 -56.26 43.44
C ASP L 488 -28.64 -57.63 42.87
N GLN L 489 -27.97 -58.03 41.80
CA GLN L 489 -28.26 -59.32 41.17
C GLN L 489 -27.97 -60.46 42.13
N ARG L 490 -26.87 -60.37 42.89
CA ARG L 490 -26.56 -61.39 43.89
C ARG L 490 -27.65 -61.48 44.94
N ALA L 491 -28.16 -60.34 45.40
CA ALA L 491 -29.25 -60.34 46.37
C ALA L 491 -30.49 -61.02 45.79
N ARG L 492 -30.82 -60.73 44.54
CA ARG L 492 -31.97 -61.38 43.91
C ARG L 492 -31.79 -62.89 43.86
N GLU L 493 -30.60 -63.35 43.48
CA GLU L 493 -30.33 -64.79 43.50
C GLU L 493 -30.23 -65.31 44.92
N GLY L 494 -30.13 -64.42 45.91
CA GLY L 494 -29.90 -64.80 47.29
C GLY L 494 -28.45 -65.00 47.65
N LYS L 495 -27.54 -65.03 46.68
CA LYS L 495 -26.12 -65.17 46.96
C LYS L 495 -25.55 -63.86 47.46
N GLN L 496 -24.35 -63.94 48.05
CA GLN L 496 -23.70 -62.81 48.68
C GLN L 496 -22.49 -62.40 47.85
N PHE L 497 -22.37 -61.10 47.59
CA PHE L 497 -21.21 -60.53 46.91
C PHE L 497 -20.39 -59.75 47.93
N SER L 498 -19.21 -60.27 48.26
CA SER L 498 -18.40 -59.68 49.33
C SER L 498 -17.63 -58.46 48.83
N SER L 499 -17.01 -57.76 49.78
CA SER L 499 -16.18 -56.62 49.43
C SER L 499 -15.01 -57.06 48.55
N ALA L 500 -14.38 -58.19 48.88
CA ALA L 500 -13.36 -58.76 48.00
C ALA L 500 -13.96 -59.10 46.64
N ASP L 501 -15.20 -59.59 46.63
CA ASP L 501 -15.89 -59.83 45.36
C ASP L 501 -16.06 -58.54 44.58
N GLU L 502 -16.36 -57.43 45.28
CA GLU L 502 -16.49 -56.15 44.61
C GLU L 502 -15.18 -55.74 43.94
N ALA L 503 -14.06 -55.87 44.66
CA ALA L 503 -12.78 -55.47 44.10
C ALA L 503 -12.41 -56.33 42.89
N ALA L 504 -12.68 -57.63 42.95
CA ALA L 504 -12.35 -58.50 41.84
C ALA L 504 -13.09 -58.08 40.58
N LEU L 505 -14.35 -57.68 40.71
CA LEU L 505 -15.12 -57.22 39.57
C LEU L 505 -14.57 -55.89 39.04
N LYS L 506 -14.32 -54.94 39.94
CA LYS L 506 -13.94 -53.60 39.53
C LYS L 506 -12.60 -53.58 38.82
N GLU L 507 -11.61 -54.33 39.33
CA GLU L 507 -10.25 -54.16 38.85
C GLU L 507 -10.10 -54.37 37.35
N PRO L 508 -10.60 -55.46 36.75
CA PRO L 508 -10.44 -55.61 35.30
C PRO L 508 -11.10 -54.50 34.51
N ILE L 509 -12.23 -53.97 34.98
CA ILE L 509 -12.91 -52.90 34.25
C ILE L 509 -12.08 -51.63 34.27
N ILE L 510 -11.55 -51.27 35.43
CA ILE L 510 -10.75 -50.05 35.54
C ILE L 510 -9.50 -50.18 34.67
N LYS L 511 -8.89 -51.35 34.63
CA LYS L 511 -7.73 -51.56 33.77
C LYS L 511 -8.10 -51.41 32.30
N LYS L 512 -9.26 -51.94 31.91
CA LYS L 512 -9.64 -51.90 30.50
C LYS L 512 -9.83 -50.46 30.03
N PHE L 513 -10.50 -49.64 30.84
CA PHE L 513 -10.79 -48.27 30.44
C PHE L 513 -9.53 -47.41 30.45
N GLU L 514 -8.56 -47.75 31.30
CA GLU L 514 -7.32 -47.00 31.33
C GLU L 514 -6.50 -47.23 30.06
N GLU L 515 -6.43 -48.47 29.60
CA GLU L 515 -5.66 -48.77 28.38
C GLU L 515 -6.34 -48.21 27.14
N GLU L 516 -7.67 -48.31 27.06
CA GLU L 516 -8.38 -47.87 25.85
C GLU L 516 -8.74 -46.40 25.87
N GLY L 517 -8.54 -45.70 26.98
CA GLY L 517 -8.78 -44.27 27.03
C GLY L 517 -7.49 -43.48 26.94
N ASN L 518 -6.37 -44.18 26.90
CA ASN L 518 -5.08 -43.51 26.86
C ASN L 518 -4.93 -42.74 25.55
N PRO L 519 -4.26 -41.58 25.58
CA PRO L 519 -4.09 -40.82 24.32
C PRO L 519 -3.39 -41.61 23.23
N TYR L 520 -2.40 -42.43 23.59
CA TYR L 520 -1.70 -43.22 22.58
C TYR L 520 -2.62 -44.25 21.95
N TYR L 521 -3.46 -44.89 22.75
CA TYR L 521 -4.46 -45.80 22.20
C TYR L 521 -5.41 -45.06 21.26
N SER L 522 -5.87 -43.88 21.67
CA SER L 522 -6.77 -43.11 20.81
C SER L 522 -6.07 -42.64 19.55
N SER L 523 -4.79 -42.24 19.66
CA SER L 523 -4.07 -41.72 18.51
C SER L 523 -3.46 -42.80 17.63
N ALA L 524 -3.17 -43.99 18.19
CA ALA L 524 -2.67 -45.08 17.36
C ALA L 524 -3.66 -45.39 16.23
N ARG L 525 -4.92 -45.60 16.59
CA ARG L 525 -6.01 -45.48 15.64
C ARG L 525 -6.23 -44.00 15.34
N VAL L 526 -6.77 -43.71 14.18
CA VAL L 526 -6.95 -42.30 13.84
C VAL L 526 -8.29 -41.82 14.39
N TRP L 527 -8.30 -41.49 15.68
CA TRP L 527 -9.42 -40.79 16.30
C TRP L 527 -9.14 -39.31 16.44
N ASP L 528 -7.87 -38.90 16.38
CA ASP L 528 -7.48 -37.51 16.46
C ASP L 528 -6.38 -37.26 15.45
N ASP L 529 -6.08 -35.99 15.22
CA ASP L 529 -5.06 -35.61 14.25
C ASP L 529 -3.67 -35.48 14.85
N GLY L 530 -3.51 -35.77 16.13
CA GLY L 530 -2.18 -35.80 16.73
C GLY L 530 -2.22 -35.48 18.19
N ILE L 531 -1.16 -35.90 18.88
CA ILE L 531 -0.91 -35.56 20.27
C ILE L 531 0.12 -34.44 20.30
N ILE L 532 -0.21 -33.33 20.95
CA ILE L 532 0.59 -32.13 20.87
C ILE L 532 1.03 -31.71 22.26
N ASP L 533 2.24 -31.16 22.32
CA ASP L 533 2.74 -30.60 23.57
C ASP L 533 1.93 -29.36 23.93
N PRO L 534 1.48 -29.24 25.18
CA PRO L 534 0.71 -28.05 25.57
C PRO L 534 1.40 -26.74 25.26
N ALA L 535 2.74 -26.70 25.31
CA ALA L 535 3.45 -25.48 24.99
C ALA L 535 3.31 -25.10 23.52
N ASP L 536 2.97 -26.06 22.66
CA ASP L 536 2.83 -25.83 21.24
C ASP L 536 1.38 -25.56 20.83
N THR L 537 0.47 -25.42 21.80
CA THR L 537 -0.94 -25.29 21.46
C THR L 537 -1.21 -24.08 20.58
N ARG L 538 -0.64 -22.92 20.93
CA ARG L 538 -0.91 -21.71 20.17
C ARG L 538 -0.42 -21.84 18.74
N LEU L 539 0.79 -22.39 18.55
CA LEU L 539 1.33 -22.53 17.20
C LEU L 539 0.49 -23.50 16.38
N VAL L 540 0.08 -24.62 16.97
CA VAL L 540 -0.71 -25.61 16.23
C VAL L 540 -2.05 -25.01 15.82
N LEU L 541 -2.71 -24.31 16.75
CA LEU L 541 -3.99 -23.70 16.43
C LEU L 541 -3.82 -22.64 15.35
N GLY L 542 -2.77 -21.84 15.42
CA GLY L 542 -2.54 -20.82 14.40
C GLY L 542 -2.36 -21.42 13.02
N LEU L 543 -1.56 -22.48 12.92
CA LEU L 543 -1.37 -23.15 11.63
C LEU L 543 -2.67 -23.79 11.16
N SER L 544 -3.42 -24.40 12.07
CA SER L 544 -4.65 -25.10 11.67
C SER L 544 -5.71 -24.11 11.20
N PHE L 545 -5.96 -23.04 11.96
CA PHE L 545 -6.96 -22.06 11.55
C PHE L 545 -6.56 -21.40 10.25
N SER L 546 -5.27 -21.14 10.05
CA SER L 546 -4.81 -20.54 8.81
C SER L 546 -5.14 -21.43 7.62
N ALA L 547 -4.88 -22.73 7.74
CA ALA L 547 -5.21 -23.66 6.65
C ALA L 547 -6.71 -23.75 6.44
N ALA L 548 -7.49 -23.76 7.53
CA ALA L 548 -8.93 -23.92 7.40
C ALA L 548 -9.58 -22.73 6.69
N LEU L 549 -8.87 -21.60 6.60
CA LEU L 549 -9.41 -20.41 5.98
C LEU L 549 -9.23 -20.38 4.47
N ASN L 550 -8.58 -21.39 3.89
CA ASN L 550 -8.47 -21.45 2.43
C ASN L 550 -9.81 -21.67 1.76
N ALA L 551 -10.80 -22.20 2.48
CA ALA L 551 -12.09 -22.38 1.84
C ALA L 551 -13.06 -21.30 2.29
N PRO L 552 -13.92 -20.82 1.40
CA PRO L 552 -14.91 -19.81 1.79
C PRO L 552 -15.87 -20.36 2.82
N ILE L 553 -16.32 -19.49 3.73
CA ILE L 553 -17.23 -19.87 4.79
C ILE L 553 -18.66 -19.81 4.26
N GLU L 554 -19.38 -20.91 4.39
CA GLU L 554 -20.75 -21.00 3.89
C GLU L 554 -21.74 -20.56 4.96
N LYS L 555 -22.95 -20.23 4.51
CA LYS L 555 -24.03 -19.88 5.43
C LYS L 555 -24.54 -21.13 6.13
N THR L 556 -24.92 -20.96 7.41
CA THR L 556 -25.34 -22.07 8.24
C THR L 556 -26.86 -22.19 8.20
N ASP L 557 -27.35 -23.41 7.94
CA ASP L 557 -28.77 -23.72 7.98
C ASP L 557 -29.01 -24.66 9.15
N PHE L 558 -29.88 -24.26 10.07
CA PHE L 558 -30.17 -25.03 11.26
C PHE L 558 -31.46 -25.82 11.11
N GLY L 559 -31.56 -26.88 11.89
CA GLY L 559 -32.79 -27.64 12.02
C GLY L 559 -33.74 -26.99 12.99
N ILE L 560 -34.75 -27.76 13.41
CA ILE L 560 -35.72 -27.25 14.35
C ILE L 560 -35.12 -27.26 15.76
N PHE L 561 -35.19 -26.12 16.43
CA PHE L 561 -34.76 -25.99 17.81
C PHE L 561 -35.90 -26.42 18.72
N ARG L 562 -35.75 -27.57 19.37
CA ARG L 562 -36.76 -28.07 20.29
C ARG L 562 -36.71 -27.22 21.55
N MET L 563 -37.55 -26.19 21.61
CA MET L 563 -37.49 -25.21 22.68
C MET L 563 -38.02 -25.77 24.00
#